data_8GK3
#
_entry.id   8GK3
#
_cell.length_a   114.516
_cell.length_b   219.381
_cell.length_c   130.447
_cell.angle_alpha   90.000
_cell.angle_beta   102.165
_cell.angle_gamma   90.000
#
_symmetry.space_group_name_H-M   'P 1 21 1'
#
loop_
_entity.id
_entity.type
_entity.pdbx_description
1 polymer 'Cytochrome P450 3A7'
2 non-polymer 'PROTOPORPHYRIN IX CONTAINING FE'
3 non-polymer '17-oxoandrost-5-en-3beta-yl hydrogen sulfate'
4 water water
#
_entity_poly.entity_id   1
_entity_poly.type   'polypeptide(L)'
_entity_poly.pdbx_seq_one_letter_code
;MALYGTRTHGLFKKLGIPGPTPLPFLGNALSFRKGYWTFDMECYKKYGKVWGIYDGQQPMLAITDPDMIKTVLVKECYSV
FTNRRPFGPVGFMKNAISIAEDEEWKRIRSLLSPTFTSGKLKEMVPIIAQYGDVLVRNLRREAETGKPVTLKHVFGAYSM
DVITSTSFGVSIDSLNNPQDPFVENTKKLLRFNPLDPFVLSIKVFPFLTPILEALNITVFPREVISFLTKSVKQIKEGRL
KETQKHRVDFLQLMIDSQNSKDSETHKALSDLELMAQSIIFIFAGYETTSSVLSFIIYELATHPDVQQKVQKEIDTVLPN
KAPPTYDTVLQLEYLDMVVNETLRLFPVAMRLERVCKKDVEINGMFIPKGVVVMIPSYVLHHDPKYWTEPEKFLPERFSA
ANADNIDPYIYTPFGSGPRNCIGMRFALVNMKLALVRVLQNFSFKPCKETQIPLKLRFGGLLLTEKPIVLKAESRDETVS
GAHHHH
;
_entity_poly.pdbx_strand_id   A,B,C,D,E,F,G,H,I,J,K,L
#
loop_
_chem_comp.id
_chem_comp.type
_chem_comp.name
_chem_comp.formula
HEM non-polymer 'PROTOPORPHYRIN IX CONTAINING FE' 'C34 H32 Fe N4 O4'
ZWY non-polymer '17-oxoandrost-5-en-3beta-yl hydrogen sulfate' 'C19 H28 O5 S'
#
# COMPACT_ATOMS: atom_id res chain seq x y z
N TYR A 4 -19.49 32.47 -8.05
CA TYR A 4 -18.20 31.93 -8.41
C TYR A 4 -17.19 33.06 -8.71
N GLY A 5 -17.71 34.18 -9.18
CA GLY A 5 -16.86 35.23 -9.73
C GLY A 5 -16.06 36.02 -8.73
N THR A 6 -16.35 35.90 -7.44
CA THR A 6 -15.64 36.69 -6.43
C THR A 6 -15.50 35.89 -5.14
N ARG A 7 -15.04 34.66 -5.36
CA ARG A 7 -14.87 33.61 -4.37
C ARG A 7 -13.57 33.63 -3.62
N THR A 8 -12.53 33.44 -4.39
CA THR A 8 -11.13 33.41 -3.96
C THR A 8 -10.52 34.79 -3.86
N HIS A 9 -11.30 35.85 -4.06
CA HIS A 9 -10.77 37.20 -4.15
C HIS A 9 -10.46 37.82 -2.79
N GLY A 10 -10.77 37.14 -1.69
CA GLY A 10 -10.39 37.62 -0.38
C GLY A 10 -9.20 36.88 0.18
N LEU A 11 -8.50 36.15 -0.69
CA LEU A 11 -7.46 35.24 -0.22
C LEU A 11 -6.25 36.02 0.31
N PHE A 12 -5.71 36.92 -0.50
CA PHE A 12 -4.52 37.66 -0.08
C PHE A 12 -4.82 38.57 1.09
N LYS A 13 -6.01 39.17 1.12
CA LYS A 13 -6.32 40.11 2.21
C LYS A 13 -6.43 39.38 3.53
N LYS A 14 -6.77 38.12 3.48
CA LYS A 14 -6.80 37.35 4.71
C LYS A 14 -5.37 36.96 5.11
N LEU A 15 -4.47 36.92 4.15
CA LEU A 15 -3.09 36.52 4.40
C LEU A 15 -2.20 37.70 4.72
N GLY A 16 -2.73 38.90 4.69
CA GLY A 16 -1.92 40.08 4.90
C GLY A 16 -1.02 40.49 3.74
N ILE A 17 -1.27 39.96 2.55
CA ILE A 17 -0.43 40.27 1.39
C ILE A 17 -1.05 41.42 0.61
N PRO A 18 -0.28 42.47 0.31
CA PRO A 18 -0.84 43.56 -0.50
C PRO A 18 -1.05 43.13 -1.94
N GLY A 19 -1.95 43.85 -2.60
CA GLY A 19 -2.22 43.63 -4.00
C GLY A 19 -3.33 44.54 -4.48
N PRO A 20 -3.39 44.77 -5.79
CA PRO A 20 -4.51 45.54 -6.35
C PRO A 20 -5.82 44.77 -6.25
N THR A 21 -6.91 45.50 -6.28
CA THR A 21 -8.23 44.95 -5.98
C THR A 21 -8.84 44.34 -7.23
N PRO A 22 -9.17 43.05 -7.23
CA PRO A 22 -9.68 42.41 -8.45
C PRO A 22 -11.12 42.79 -8.75
N LEU A 23 -11.50 42.54 -9.99
CA LEU A 23 -12.88 42.66 -10.45
C LEU A 23 -13.55 41.31 -10.42
N PRO A 24 -14.88 41.27 -10.40
CA PRO A 24 -15.58 39.99 -10.54
C PRO A 24 -15.17 39.31 -11.84
N PHE A 25 -14.85 38.01 -11.74
CA PHE A 25 -14.60 37.16 -12.89
C PHE A 25 -13.22 37.36 -13.52
N LEU A 26 -12.88 38.60 -13.86
CA LEU A 26 -11.65 38.86 -14.60
C LEU A 26 -10.43 39.02 -13.70
N GLY A 27 -10.62 39.10 -12.39
CA GLY A 27 -9.48 39.30 -11.51
C GLY A 27 -8.86 40.65 -11.77
N ASN A 28 -7.54 40.66 -11.96
CA ASN A 28 -6.82 41.85 -12.40
C ASN A 28 -6.48 41.80 -13.89
N ALA A 29 -7.08 40.86 -14.62
CA ALA A 29 -6.64 40.57 -15.99
C ALA A 29 -6.56 41.84 -16.84
N LEU A 30 -7.53 42.75 -16.69
CA LEU A 30 -7.53 43.93 -17.53
C LEU A 30 -6.27 44.76 -17.32
N SER A 31 -5.86 44.96 -16.07
CA SER A 31 -4.65 45.70 -15.77
C SER A 31 -3.42 45.10 -16.42
N PHE A 32 -3.54 43.94 -17.07
CA PHE A 32 -2.40 43.36 -17.79
C PHE A 32 -2.24 44.00 -19.18
N ARG A 33 -3.33 44.48 -19.77
CA ARG A 33 -3.34 44.93 -21.16
C ARG A 33 -2.41 46.10 -21.41
N LYS A 34 -1.93 46.77 -20.36
CA LYS A 34 -0.85 47.73 -20.43
C LYS A 34 0.52 47.07 -20.53
N GLY A 35 0.59 45.75 -20.42
CA GLY A 35 1.85 45.04 -20.50
C GLY A 35 2.28 44.41 -19.20
N TYR A 36 2.59 43.11 -19.22
CA TYR A 36 3.01 42.43 -17.99
C TYR A 36 4.22 43.10 -17.38
N TRP A 37 5.15 43.57 -18.21
CA TRP A 37 6.36 44.20 -17.68
C TRP A 37 6.01 45.48 -16.92
N THR A 38 5.03 46.25 -17.40
CA THR A 38 4.67 47.50 -16.73
C THR A 38 3.89 47.20 -15.45
N PHE A 39 2.80 46.47 -15.57
CA PHE A 39 1.96 46.15 -14.42
C PHE A 39 2.80 45.63 -13.25
N ASP A 40 3.67 44.65 -13.51
CA ASP A 40 4.49 44.10 -12.44
C ASP A 40 5.34 45.19 -11.80
N MET A 41 5.99 46.02 -12.62
CA MET A 41 6.80 47.11 -12.08
C MET A 41 5.99 47.97 -11.14
N GLU A 42 4.87 48.52 -11.65
CA GLU A 42 4.01 49.38 -10.84
C GLU A 42 3.65 48.72 -9.51
N CYS A 43 3.20 47.47 -9.55
CA CYS A 43 2.81 46.78 -8.32
C CYS A 43 3.98 46.73 -7.34
N TYR A 44 5.19 46.50 -7.84
CA TYR A 44 6.35 46.32 -6.97
C TYR A 44 6.69 47.62 -6.23
N LYS A 45 6.74 48.74 -6.95
CA LYS A 45 7.05 50.00 -6.30
C LYS A 45 5.99 50.38 -5.27
N LYS A 46 4.74 49.98 -5.50
CA LYS A 46 3.62 50.38 -4.66
C LYS A 46 3.41 49.45 -3.48
N TYR A 47 3.41 48.14 -3.72
CA TYR A 47 3.19 47.16 -2.67
C TYR A 47 4.47 46.56 -2.13
N GLY A 48 5.57 46.68 -2.87
CA GLY A 48 6.87 46.35 -2.33
C GLY A 48 7.35 44.93 -2.57
N LYS A 49 7.69 44.26 -1.48
CA LYS A 49 8.56 43.11 -1.46
C LYS A 49 7.85 41.87 -1.98
N VAL A 50 6.52 41.90 -1.96
CA VAL A 50 5.63 40.77 -2.18
C VAL A 50 4.25 41.34 -2.43
N TRP A 51 3.57 40.81 -3.44
CA TRP A 51 2.21 41.21 -3.72
C TRP A 51 1.47 40.02 -4.31
N GLY A 52 0.16 40.17 -4.42
CA GLY A 52 -0.68 39.12 -4.97
C GLY A 52 -1.68 39.70 -5.94
N ILE A 53 -2.01 38.91 -6.97
CA ILE A 53 -2.94 39.31 -8.00
C ILE A 53 -3.82 38.13 -8.37
N TYR A 54 -4.85 38.42 -9.17
CA TYR A 54 -5.84 37.43 -9.58
C TYR A 54 -5.97 37.48 -11.09
N ASP A 55 -5.69 36.35 -11.75
CA ASP A 55 -5.89 36.20 -13.19
C ASP A 55 -7.08 35.25 -13.37
N GLY A 56 -8.25 35.82 -13.65
CA GLY A 56 -9.47 35.05 -13.58
C GLY A 56 -9.81 34.79 -12.13
N GLN A 57 -9.95 33.52 -11.75
CA GLN A 57 -10.04 33.14 -10.35
C GLN A 57 -8.71 32.70 -9.78
N GLN A 58 -7.62 32.78 -10.56
CA GLN A 58 -6.35 32.22 -10.16
C GLN A 58 -5.58 33.23 -9.32
N PRO A 59 -5.36 32.98 -8.04
CA PRO A 59 -4.44 33.83 -7.26
C PRO A 59 -3.01 33.58 -7.67
N MET A 60 -2.26 34.66 -7.90
CA MET A 60 -0.84 34.59 -8.22
C MET A 60 -0.09 35.40 -7.17
N LEU A 61 0.88 34.78 -6.51
CA LEU A 61 1.69 35.45 -5.50
C LEU A 61 3.04 35.80 -6.12
N ALA A 62 3.22 37.07 -6.46
CA ALA A 62 4.51 37.56 -6.94
C ALA A 62 5.47 37.72 -5.78
N ILE A 63 6.68 37.17 -5.93
CA ILE A 63 7.72 37.29 -4.92
C ILE A 63 8.98 37.84 -5.59
N THR A 64 9.88 38.38 -4.76
CA THR A 64 11.09 39.00 -5.29
C THR A 64 12.34 38.74 -4.46
N ASP A 65 12.26 37.96 -3.38
CA ASP A 65 13.44 37.67 -2.58
C ASP A 65 14.17 36.48 -3.19
N PRO A 66 15.45 36.61 -3.54
CA PRO A 66 16.16 35.47 -4.16
C PRO A 66 16.14 34.22 -3.32
N ASP A 67 16.13 34.36 -1.99
CA ASP A 67 16.09 33.20 -1.11
C ASP A 67 14.77 32.45 -1.24
N MET A 68 13.66 33.19 -1.32
CA MET A 68 12.37 32.60 -1.66
C MET A 68 12.38 32.04 -3.08
N ILE A 69 12.94 32.80 -4.02
CA ILE A 69 12.99 32.35 -5.41
C ILE A 69 13.81 31.07 -5.51
N LYS A 70 14.97 31.04 -4.88
CA LYS A 70 15.79 29.83 -4.90
C LYS A 70 15.01 28.65 -4.33
N THR A 71 14.30 28.87 -3.22
CA THR A 71 13.51 27.80 -2.62
C THR A 71 12.49 27.26 -3.61
N VAL A 72 11.82 28.15 -4.35
CA VAL A 72 10.73 27.73 -5.23
C VAL A 72 11.27 26.98 -6.43
N LEU A 73 12.36 27.47 -7.04
CA LEU A 73 12.79 26.95 -8.31
C LEU A 73 13.73 25.75 -8.21
N VAL A 74 14.34 25.53 -7.05
CA VAL A 74 15.35 24.47 -6.94
C VAL A 74 14.95 23.44 -5.89
N LYS A 75 14.96 23.84 -4.62
CA LYS A 75 14.78 22.87 -3.54
C LYS A 75 13.38 22.27 -3.57
N GLU A 76 12.35 23.10 -3.40
CA GLU A 76 10.97 22.63 -3.41
C GLU A 76 10.41 22.53 -4.83
N CYS A 77 11.24 22.23 -5.82
CA CYS A 77 10.75 22.08 -7.18
C CYS A 77 9.94 20.81 -7.33
N TYR A 78 10.58 19.65 -7.11
CA TYR A 78 9.89 18.38 -7.31
C TYR A 78 8.74 18.17 -6.33
N SER A 79 8.79 18.81 -5.16
CA SER A 79 7.89 18.48 -4.06
C SER A 79 6.69 19.40 -3.95
N VAL A 80 6.79 20.65 -4.40
CA VAL A 80 5.68 21.58 -4.27
C VAL A 80 5.48 22.36 -5.56
N PHE A 81 6.56 22.90 -6.10
CA PHE A 81 6.49 23.86 -7.20
C PHE A 81 7.00 23.21 -8.48
N THR A 82 6.20 22.29 -9.02
CA THR A 82 6.64 21.46 -10.12
C THR A 82 6.00 21.80 -11.46
N ASN A 83 4.83 22.43 -11.46
CA ASN A 83 4.03 22.54 -12.67
C ASN A 83 3.73 24.00 -13.01
N ARG A 84 3.58 24.24 -14.31
CA ARG A 84 3.09 25.51 -14.83
C ARG A 84 1.57 25.51 -14.82
N ARG A 85 1.00 26.69 -14.95
CA ARG A 85 -0.45 26.76 -15.02
C ARG A 85 -0.95 25.96 -16.22
N PRO A 86 -2.07 25.25 -16.09
CA PRO A 86 -2.81 24.83 -17.29
C PRO A 86 -3.37 26.03 -18.02
N PHE A 87 -3.63 25.84 -19.31
CA PHE A 87 -4.26 26.89 -20.11
C PHE A 87 -5.35 26.31 -20.97
N GLY A 88 -6.12 25.38 -20.42
CA GLY A 88 -7.31 24.88 -21.07
C GLY A 88 -7.18 23.46 -21.55
N PRO A 89 -8.14 23.02 -22.34
CA PRO A 89 -8.10 21.65 -22.85
C PRO A 89 -7.02 21.46 -23.91
N VAL A 90 -5.90 20.85 -23.54
CA VAL A 90 -4.97 20.32 -24.53
C VAL A 90 -5.53 18.94 -24.87
N GLY A 91 -4.86 18.23 -25.77
CA GLY A 91 -5.22 16.86 -26.02
C GLY A 91 -4.06 15.95 -25.68
N PHE A 92 -3.54 15.26 -26.70
CA PHE A 92 -2.28 14.55 -26.54
C PHE A 92 -1.14 15.49 -26.16
N MET A 93 -1.26 16.79 -26.49
CA MET A 93 -0.22 17.75 -26.12
C MET A 93 0.03 17.79 -24.62
N LYS A 94 -0.87 17.22 -23.81
CA LYS A 94 -0.54 16.87 -22.44
C LYS A 94 0.81 16.19 -22.30
N ASN A 95 1.30 15.52 -23.33
CA ASN A 95 2.59 14.86 -23.25
C ASN A 95 3.75 15.80 -23.56
N ALA A 96 3.50 17.01 -24.08
CA ALA A 96 4.58 17.94 -24.36
C ALA A 96 5.31 18.29 -23.07
N ILE A 97 6.63 18.45 -23.18
CA ILE A 97 7.47 18.54 -21.99
C ILE A 97 7.02 19.69 -21.09
N SER A 98 6.65 20.82 -21.70
CA SER A 98 6.31 22.01 -20.93
C SER A 98 4.90 21.99 -20.39
N ILE A 99 4.06 21.05 -20.81
CA ILE A 99 2.70 20.93 -20.31
C ILE A 99 2.53 19.76 -19.34
N ALA A 100 3.30 18.68 -19.53
CA ALA A 100 3.19 17.54 -18.62
C ALA A 100 3.47 17.99 -17.19
N GLU A 101 2.90 17.26 -16.23
CA GLU A 101 3.00 17.62 -14.84
C GLU A 101 3.56 16.47 -14.02
N ASP A 102 4.16 16.82 -12.92
CA ASP A 102 4.53 15.83 -11.98
C ASP A 102 5.35 14.71 -12.52
N GLU A 103 4.89 13.48 -12.42
CA GLU A 103 5.82 12.41 -12.73
C GLU A 103 5.95 12.29 -14.23
N GLU A 104 4.81 12.37 -14.94
CA GLU A 104 4.81 12.41 -16.39
C GLU A 104 5.89 13.35 -16.90
N TRP A 105 5.90 14.58 -16.37
CA TRP A 105 6.92 15.54 -16.78
C TRP A 105 8.30 15.02 -16.46
N LYS A 106 8.50 14.56 -15.22
CA LYS A 106 9.83 14.14 -14.79
C LYS A 106 10.39 13.05 -15.69
N ARG A 107 9.52 12.25 -16.31
CA ARG A 107 10.00 11.22 -17.22
C ARG A 107 10.33 11.81 -18.60
N ILE A 108 9.46 12.68 -19.11
CA ILE A 108 9.69 13.26 -20.42
C ILE A 108 10.96 14.09 -20.42
N ARG A 109 11.15 14.91 -19.39
CA ARG A 109 12.39 15.65 -19.26
C ARG A 109 13.58 14.70 -19.26
N SER A 110 13.49 13.63 -18.47
CA SER A 110 14.59 12.68 -18.39
C SER A 110 14.89 12.05 -19.75
N LEU A 111 13.85 11.77 -20.53
CA LEU A 111 14.07 11.16 -21.83
C LEU A 111 14.66 12.15 -22.82
N LEU A 112 14.32 13.43 -22.69
CA LEU A 112 14.80 14.44 -23.62
C LEU A 112 16.19 14.94 -23.27
N SER A 113 16.64 14.74 -22.03
CA SER A 113 17.94 15.28 -21.63
C SER A 113 19.08 14.78 -22.50
N PRO A 114 19.17 13.50 -22.86
CA PRO A 114 20.24 13.09 -23.79
C PRO A 114 20.19 13.87 -25.10
N THR A 115 19.00 14.05 -25.68
CA THR A 115 18.85 14.77 -26.94
C THR A 115 19.29 16.23 -26.83
N PHE A 116 19.55 16.73 -25.62
CA PHE A 116 19.94 18.12 -25.43
C PHE A 116 21.32 18.27 -24.83
N THR A 117 22.15 17.22 -24.91
CA THR A 117 23.53 17.33 -24.44
C THR A 117 24.32 18.26 -25.34
N SER A 118 25.32 18.92 -24.76
CA SER A 118 26.16 19.84 -25.52
C SER A 118 26.86 19.12 -26.68
N GLY A 119 27.29 17.88 -26.45
CA GLY A 119 27.92 17.12 -27.51
C GLY A 119 27.00 16.78 -28.65
N LYS A 120 25.72 16.52 -28.34
CA LYS A 120 24.72 16.37 -29.39
C LYS A 120 24.43 17.70 -30.06
N LEU A 121 24.59 18.80 -29.33
CA LEU A 121 24.42 20.13 -29.92
C LEU A 121 25.55 20.44 -30.89
N LYS A 122 26.78 20.11 -30.51
CA LYS A 122 27.92 20.31 -31.40
C LYS A 122 27.80 19.47 -32.66
N GLU A 123 27.22 18.28 -32.56
CA GLU A 123 27.03 17.45 -33.74
C GLU A 123 26.04 18.08 -34.71
N MET A 124 25.07 18.85 -34.20
CA MET A 124 23.97 19.36 -34.98
C MET A 124 24.27 20.70 -35.64
N VAL A 125 25.29 21.41 -35.18
CA VAL A 125 25.57 22.76 -35.66
C VAL A 125 25.76 22.81 -37.17
N PRO A 126 26.46 21.83 -37.78
CA PRO A 126 26.72 21.95 -39.22
C PRO A 126 25.48 21.90 -40.09
N ILE A 127 24.40 21.29 -39.60
CA ILE A 127 23.13 21.28 -40.32
C ILE A 127 22.47 22.64 -40.20
N ILE A 128 22.73 23.34 -39.09
CA ILE A 128 22.15 24.66 -38.85
C ILE A 128 22.88 25.71 -39.67
N ALA A 129 24.19 25.53 -39.84
CA ALA A 129 25.00 26.51 -40.57
C ALA A 129 24.37 26.89 -41.90
N GLN A 130 23.82 25.91 -42.62
CA GLN A 130 23.22 26.20 -43.92
C GLN A 130 22.14 27.26 -43.82
N TYR A 131 21.37 27.28 -42.73
CA TYR A 131 20.36 28.31 -42.56
C TYR A 131 20.98 29.67 -42.26
N GLY A 132 22.25 29.70 -41.87
CA GLY A 132 22.96 30.97 -41.82
C GLY A 132 23.29 31.50 -43.19
N ASP A 133 23.63 30.60 -44.13
CA ASP A 133 23.76 31.00 -45.52
C ASP A 133 22.53 31.78 -45.96
N VAL A 134 21.35 31.26 -45.61
CA VAL A 134 20.11 31.83 -46.13
C VAL A 134 19.81 33.17 -45.48
N LEU A 135 20.14 33.33 -44.20
CA LEU A 135 19.93 34.62 -43.55
C LEU A 135 20.70 35.72 -44.26
N VAL A 136 21.95 35.44 -44.64
CA VAL A 136 22.75 36.46 -45.31
C VAL A 136 22.17 36.79 -46.67
N ARG A 137 21.70 35.79 -47.41
CA ARG A 137 21.00 36.06 -48.66
C ARG A 137 19.82 36.98 -48.42
N ASN A 138 18.88 36.54 -47.58
CA ASN A 138 17.67 37.32 -47.33
C ASN A 138 18.01 38.74 -46.91
N LEU A 139 19.03 38.91 -46.07
CA LEU A 139 19.37 40.25 -45.60
C LEU A 139 20.06 41.07 -46.68
N ARG A 140 20.87 40.42 -47.52
CA ARG A 140 21.55 41.16 -48.59
C ARG A 140 20.54 41.72 -49.59
N ARG A 141 19.51 40.94 -49.89
CA ARG A 141 18.49 41.40 -50.84
C ARG A 141 17.76 42.62 -50.32
N GLU A 142 17.35 42.60 -49.05
CA GLU A 142 16.64 43.74 -48.49
C GLU A 142 17.56 44.96 -48.37
N ALA A 143 18.83 44.73 -48.03
CA ALA A 143 19.72 45.84 -47.69
C ALA A 143 20.26 46.55 -48.93
N GLU A 144 20.53 45.80 -50.01
CA GLU A 144 21.06 46.42 -51.22
C GLU A 144 20.07 47.40 -51.85
N THR A 145 18.81 47.34 -51.45
CA THR A 145 17.81 48.28 -51.95
C THR A 145 17.86 49.63 -51.25
N GLY A 146 18.81 49.84 -50.34
CA GLY A 146 18.82 51.09 -49.58
C GLY A 146 17.50 51.37 -48.91
N LYS A 147 16.81 50.34 -48.44
CA LYS A 147 15.52 50.46 -47.77
C LYS A 147 15.63 49.82 -46.41
N PRO A 148 15.36 50.57 -45.32
CA PRO A 148 15.42 49.99 -43.97
C PRO A 148 14.93 48.56 -43.88
N VAL A 149 15.65 47.77 -43.10
CA VAL A 149 15.36 46.35 -42.91
C VAL A 149 14.46 46.20 -41.70
N THR A 150 13.48 45.31 -41.79
CA THR A 150 12.65 44.93 -40.66
C THR A 150 13.27 43.68 -40.04
N LEU A 151 13.89 43.84 -38.88
CA LEU A 151 14.63 42.74 -38.26
C LEU A 151 13.78 41.48 -38.18
N LYS A 152 12.66 41.57 -37.48
CA LYS A 152 11.80 40.42 -37.35
C LYS A 152 11.44 39.73 -38.67
N HIS A 153 11.44 40.44 -39.79
CA HIS A 153 11.18 39.79 -41.03
C HIS A 153 12.20 38.71 -41.29
N VAL A 154 13.48 39.07 -41.24
CA VAL A 154 14.53 38.12 -41.51
C VAL A 154 14.93 37.22 -40.38
N PHE A 155 14.91 37.69 -39.15
CA PHE A 155 15.27 36.83 -38.02
C PHE A 155 14.17 35.81 -37.73
N GLY A 156 12.91 36.25 -37.80
CA GLY A 156 11.81 35.30 -37.71
C GLY A 156 11.94 34.21 -38.77
N ALA A 157 12.23 34.62 -40.00
CA ALA A 157 12.51 33.65 -41.05
C ALA A 157 13.62 32.69 -40.64
N TYR A 158 14.70 33.22 -40.05
CA TYR A 158 15.77 32.35 -39.56
C TYR A 158 15.28 31.48 -38.41
N SER A 159 14.52 32.07 -37.48
CA SER A 159 14.08 31.31 -36.31
C SER A 159 13.22 30.13 -36.72
N MET A 160 12.16 30.38 -37.49
CA MET A 160 11.31 29.28 -37.94
C MET A 160 12.10 28.30 -38.80
N ASP A 161 12.94 28.81 -39.69
CA ASP A 161 13.73 27.93 -40.55
C ASP A 161 14.49 26.91 -39.74
N VAL A 162 15.19 27.35 -38.69
CA VAL A 162 15.99 26.41 -37.89
C VAL A 162 15.09 25.51 -37.06
N ILE A 163 14.23 26.12 -36.22
CA ILE A 163 13.52 25.33 -35.22
C ILE A 163 12.58 24.33 -35.88
N THR A 164 11.94 24.72 -36.98
CA THR A 164 11.05 23.79 -37.67
C THR A 164 11.84 22.66 -38.33
N SER A 165 12.85 23.03 -39.07
CA SER A 165 13.67 22.06 -39.76
C SER A 165 14.20 20.97 -38.88
N THR A 166 14.88 21.35 -37.82
CA THR A 166 15.45 20.43 -36.92
C THR A 166 14.45 19.69 -36.03
N SER A 167 13.30 20.26 -35.69
CA SER A 167 12.32 19.52 -34.93
C SER A 167 11.57 18.55 -35.80
N PHE A 168 11.12 18.96 -36.98
CA PHE A 168 10.43 18.07 -37.88
C PHE A 168 11.25 17.31 -38.93
N GLY A 169 12.57 17.34 -38.91
CA GLY A 169 13.33 16.61 -39.90
C GLY A 169 13.24 16.99 -41.35
N VAL A 170 12.86 18.21 -41.67
CA VAL A 170 12.79 18.60 -43.05
C VAL A 170 13.38 19.95 -43.21
N SER A 171 14.16 20.16 -44.26
CA SER A 171 14.68 21.49 -44.48
C SER A 171 13.59 22.36 -45.11
N ILE A 172 13.59 23.65 -44.74
CA ILE A 172 12.60 24.60 -45.24
C ILE A 172 13.25 25.98 -45.38
N ASP A 173 12.56 26.87 -46.11
CA ASP A 173 12.99 28.26 -46.32
C ASP A 173 11.72 29.10 -46.34
N SER A 174 11.25 29.49 -45.16
CA SER A 174 9.97 30.17 -45.00
C SER A 174 9.89 31.48 -45.81
N LEU A 175 11.00 32.03 -46.26
CA LEU A 175 10.90 33.26 -47.01
C LEU A 175 10.98 33.10 -48.52
N ASN A 176 11.78 32.16 -49.02
CA ASN A 176 11.90 31.95 -50.44
C ASN A 176 11.09 30.76 -50.91
N ASN A 177 10.23 30.22 -50.05
CA ASN A 177 9.41 29.07 -50.42
C ASN A 177 8.21 28.93 -49.51
N PRO A 178 7.46 30.01 -49.23
CA PRO A 178 6.32 29.89 -48.31
C PRO A 178 5.22 28.94 -48.81
N GLN A 179 5.31 28.41 -50.04
CA GLN A 179 4.22 27.55 -50.50
C GLN A 179 4.33 26.19 -49.81
N ASP A 180 5.56 25.80 -49.47
CA ASP A 180 5.88 24.56 -48.80
C ASP A 180 4.87 24.33 -47.67
N PRO A 181 4.02 23.30 -47.78
CA PRO A 181 2.98 23.12 -46.75
C PRO A 181 3.49 23.20 -45.33
N PHE A 182 4.76 22.88 -45.09
CA PHE A 182 5.28 22.95 -43.73
C PHE A 182 5.37 24.40 -43.24
N VAL A 183 5.74 25.32 -44.13
CA VAL A 183 5.79 26.72 -43.75
C VAL A 183 4.39 27.24 -43.47
N GLU A 184 3.46 27.01 -44.39
CA GLU A 184 2.08 27.48 -44.21
C GLU A 184 1.45 26.85 -42.98
N ASN A 185 1.61 25.53 -42.82
CA ASN A 185 0.99 24.85 -41.68
C ASN A 185 1.65 25.26 -40.36
N THR A 186 2.98 25.35 -40.33
CA THR A 186 3.66 25.75 -39.12
C THR A 186 3.28 27.18 -38.73
N LYS A 187 3.21 28.08 -39.71
CA LYS A 187 2.72 29.42 -39.42
C LYS A 187 1.32 29.37 -38.82
N LYS A 188 0.45 28.54 -39.39
CA LYS A 188 -0.90 28.39 -38.83
C LYS A 188 -0.83 27.93 -37.37
N LEU A 189 0.11 27.04 -37.05
CA LEU A 189 0.24 26.55 -35.68
C LEU A 189 0.74 27.65 -34.75
N LEU A 190 1.81 28.32 -35.14
CA LEU A 190 2.42 29.39 -34.36
C LEU A 190 1.53 30.61 -34.22
N ARG A 191 0.30 30.56 -34.73
CA ARG A 191 -0.65 31.63 -34.50
C ARG A 191 -1.46 31.40 -33.24
N PHE A 192 -1.59 30.15 -32.77
CA PHE A 192 -2.12 29.95 -31.44
C PHE A 192 -1.21 30.60 -30.41
N ASN A 193 -1.82 31.19 -29.38
CA ASN A 193 -1.07 31.96 -28.42
C ASN A 193 -1.94 32.08 -27.18
N PRO A 194 -1.33 32.21 -26.00
CA PRO A 194 -2.15 32.19 -24.77
C PRO A 194 -3.11 33.37 -24.62
N LEU A 195 -3.10 34.38 -25.50
CA LEU A 195 -4.02 35.50 -25.39
C LEU A 195 -5.16 35.40 -26.40
N ASP A 196 -5.42 34.20 -26.92
CA ASP A 196 -6.63 33.97 -27.69
C ASP A 196 -7.85 34.16 -26.80
N PRO A 197 -8.98 34.61 -27.37
CA PRO A 197 -10.19 34.73 -26.52
C PRO A 197 -10.59 33.41 -25.90
N PHE A 198 -10.43 32.30 -26.62
CA PHE A 198 -10.82 31.00 -26.06
C PHE A 198 -10.04 30.70 -24.79
N VAL A 199 -8.77 31.11 -24.73
CA VAL A 199 -7.97 30.87 -23.53
C VAL A 199 -8.39 31.83 -22.41
N LEU A 200 -8.56 33.12 -22.74
CA LEU A 200 -8.96 34.07 -21.72
C LEU A 200 -10.27 33.65 -21.06
N SER A 201 -11.17 33.03 -21.83
CA SER A 201 -12.44 32.57 -21.29
C SER A 201 -12.26 31.32 -20.43
N ILE A 202 -11.39 30.40 -20.86
CA ILE A 202 -11.07 29.25 -20.02
C ILE A 202 -10.35 29.70 -18.76
N LYS A 203 -9.52 30.73 -18.85
CA LYS A 203 -8.89 31.29 -17.66
C LYS A 203 -9.95 31.79 -16.68
N VAL A 204 -11.06 32.32 -17.19
CA VAL A 204 -12.11 32.85 -16.32
C VAL A 204 -12.91 31.71 -15.70
N PHE A 205 -13.25 30.69 -16.50
CA PHE A 205 -14.06 29.55 -16.06
C PHE A 205 -13.27 28.27 -16.27
N PRO A 206 -12.25 28.02 -15.45
CA PRO A 206 -11.41 26.84 -15.69
C PRO A 206 -12.16 25.53 -15.59
N PHE A 207 -13.26 25.48 -14.83
CA PHE A 207 -13.99 24.23 -14.64
C PHE A 207 -14.60 23.71 -15.94
N LEU A 208 -14.48 24.45 -17.05
CA LEU A 208 -14.98 23.97 -18.33
C LEU A 208 -14.00 23.02 -19.00
N THR A 209 -12.74 23.02 -18.59
CA THR A 209 -11.73 22.23 -19.29
C THR A 209 -12.03 20.74 -19.25
N PRO A 210 -12.30 20.14 -18.08
CA PRO A 210 -12.58 18.69 -18.07
C PRO A 210 -13.60 18.28 -19.12
N ILE A 211 -14.66 19.03 -19.26
CA ILE A 211 -15.69 18.71 -20.21
C ILE A 211 -15.22 18.73 -21.64
N LEU A 212 -14.54 19.79 -22.02
CA LEU A 212 -14.07 19.91 -23.39
C LEU A 212 -13.06 18.82 -23.71
N GLU A 213 -12.22 18.46 -22.74
CA GLU A 213 -11.33 17.33 -22.97
C GLU A 213 -12.10 16.01 -23.03
N ALA A 214 -13.28 15.95 -22.42
CA ALA A 214 -14.14 14.80 -22.66
C ALA A 214 -14.66 14.76 -24.09
N LEU A 215 -14.69 15.90 -24.77
CA LEU A 215 -15.24 16.02 -26.11
C LEU A 215 -14.17 16.22 -27.18
N ASN A 216 -12.91 16.00 -26.84
CA ASN A 216 -11.79 16.23 -27.76
C ASN A 216 -11.88 17.61 -28.42
N ILE A 217 -12.22 18.62 -27.63
CA ILE A 217 -12.18 20.01 -28.07
C ILE A 217 -10.91 20.62 -27.47
N THR A 218 -9.87 20.73 -28.29
CA THR A 218 -8.56 21.17 -27.86
C THR A 218 -8.35 22.64 -28.19
N VAL A 219 -7.41 23.26 -27.46
CA VAL A 219 -7.07 24.66 -27.72
C VAL A 219 -6.10 24.81 -28.88
N PHE A 220 -5.47 23.73 -29.30
CA PHE A 220 -4.56 23.74 -30.44
C PHE A 220 -5.32 23.47 -31.72
N PRO A 221 -4.77 23.91 -32.87
CA PRO A 221 -5.47 23.66 -34.15
C PRO A 221 -5.58 22.17 -34.44
N ARG A 222 -6.83 21.69 -34.58
CA ARG A 222 -7.03 20.27 -34.82
C ARG A 222 -6.31 19.85 -36.09
N GLU A 223 -6.63 20.55 -37.19
CA GLU A 223 -6.28 20.09 -38.53
C GLU A 223 -4.80 20.25 -38.80
N VAL A 224 -4.23 21.41 -38.47
CA VAL A 224 -2.79 21.62 -38.60
C VAL A 224 -2.03 20.44 -38.00
N ILE A 225 -2.38 20.07 -36.78
CA ILE A 225 -1.62 19.04 -36.07
C ILE A 225 -1.83 17.68 -36.72
N SER A 226 -3.00 17.43 -37.30
CA SER A 226 -3.20 16.18 -38.03
C SER A 226 -2.30 16.12 -39.25
N PHE A 227 -2.12 17.26 -39.92
CA PHE A 227 -1.23 17.34 -41.08
C PHE A 227 0.21 17.06 -40.67
N LEU A 228 0.75 17.91 -39.79
CA LEU A 228 2.14 17.75 -39.36
C LEU A 228 2.42 16.33 -38.91
N THR A 229 1.46 15.72 -38.22
CA THR A 229 1.64 14.37 -37.70
C THR A 229 1.83 13.37 -38.83
N LYS A 230 0.94 13.41 -39.83
CA LYS A 230 1.10 12.51 -40.97
C LYS A 230 2.36 12.86 -41.76
N SER A 231 2.62 14.15 -41.96
CA SER A 231 3.82 14.55 -42.68
C SER A 231 5.07 14.05 -41.97
N VAL A 232 5.05 14.04 -40.63
CA VAL A 232 6.20 13.52 -39.89
C VAL A 232 6.23 12.01 -39.95
N LYS A 233 5.09 11.37 -39.99
CA LYS A 233 5.09 9.93 -40.05
C LYS A 233 5.83 9.50 -41.29
N GLN A 234 5.40 9.98 -42.42
CA GLN A 234 6.08 9.63 -43.66
C GLN A 234 7.59 9.82 -43.54
N ILE A 235 8.01 10.93 -42.94
CA ILE A 235 9.44 11.18 -42.79
C ILE A 235 10.12 10.02 -42.06
N LYS A 236 9.61 9.68 -40.87
CA LYS A 236 10.23 8.61 -40.09
C LYS A 236 10.36 7.32 -40.90
N GLU A 237 9.37 7.02 -41.74
CA GLU A 237 9.35 5.77 -42.48
C GLU A 237 10.26 5.83 -43.71
N GLY A 238 10.11 6.86 -44.53
CA GLY A 238 11.08 7.11 -45.58
C GLY A 238 12.49 7.30 -45.06
N ARG A 239 12.61 7.30 -43.75
CA ARG A 239 13.89 7.49 -43.10
C ARG A 239 14.44 6.16 -42.66
N LEU A 240 13.58 5.21 -42.38
CA LEU A 240 14.01 3.85 -42.09
C LEU A 240 14.59 3.19 -43.32
N LYS A 241 13.95 3.40 -44.48
CA LYS A 241 14.45 2.73 -45.68
C LYS A 241 15.83 3.20 -46.05
N GLU A 242 16.14 4.48 -45.81
CA GLU A 242 17.48 5.01 -46.09
C GLU A 242 18.33 4.92 -44.83
N THR A 243 18.68 3.67 -44.52
CA THR A 243 19.62 3.35 -43.45
C THR A 243 20.86 4.23 -43.53
N GLN A 244 21.56 4.14 -44.66
CA GLN A 244 22.82 4.82 -44.93
C GLN A 244 23.00 6.18 -44.29
N LYS A 245 21.97 7.02 -44.32
CA LYS A 245 22.17 8.39 -43.86
C LYS A 245 22.06 8.51 -42.36
N HIS A 246 22.94 9.33 -41.81
CA HIS A 246 23.02 9.64 -40.39
C HIS A 246 22.50 11.05 -40.22
N ARG A 247 21.37 11.19 -39.54
CA ARG A 247 20.78 12.48 -39.23
C ARG A 247 21.09 12.89 -37.79
N VAL A 248 21.05 14.21 -37.57
CA VAL A 248 21.48 14.69 -36.28
C VAL A 248 20.48 15.74 -35.81
N ASP A 249 19.38 15.89 -36.54
CA ASP A 249 18.35 16.85 -36.13
C ASP A 249 17.62 16.31 -34.89
N PHE A 250 16.71 17.13 -34.35
CA PHE A 250 16.01 16.74 -33.13
C PHE A 250 15.16 15.51 -33.34
N LEU A 251 14.52 15.40 -34.52
CA LEU A 251 13.72 14.23 -34.83
C LEU A 251 14.56 12.97 -34.75
N GLN A 252 15.76 12.99 -35.32
CA GLN A 252 16.58 11.79 -35.38
C GLN A 252 17.06 11.36 -33.99
N LEU A 253 17.35 12.32 -33.12
CA LEU A 253 17.80 11.97 -31.78
C LEU A 253 16.66 11.42 -30.94
N MET A 254 15.43 11.87 -31.19
CA MET A 254 14.27 11.36 -30.46
C MET A 254 13.81 10.02 -30.99
N ILE A 255 14.10 9.69 -32.25
CA ILE A 255 13.83 8.34 -32.74
C ILE A 255 14.86 7.36 -32.17
N ASP A 256 16.14 7.74 -32.23
CA ASP A 256 17.16 6.90 -31.62
C ASP A 256 16.86 6.62 -30.16
N SER A 257 16.25 7.57 -29.45
CA SER A 257 15.92 7.36 -28.05
C SER A 257 14.77 6.39 -27.89
N GLN A 258 13.91 6.28 -28.91
CA GLN A 258 12.81 5.34 -28.86
C GLN A 258 13.31 3.90 -28.79
N ASN A 259 14.26 3.54 -29.66
CA ASN A 259 14.91 2.25 -29.59
C ASN A 259 16.12 2.35 -28.67
N SER A 260 16.41 1.25 -27.98
CA SER A 260 17.51 1.24 -27.03
C SER A 260 17.17 2.04 -25.78
N LYS A 261 16.94 1.38 -24.65
CA LYS A 261 16.66 2.09 -23.41
C LYS A 261 17.91 2.16 -22.55
N ASP A 262 18.53 3.34 -22.55
CA ASP A 262 19.38 3.80 -21.47
C ASP A 262 18.51 4.24 -20.30
N SER A 263 19.04 4.07 -19.10
CA SER A 263 18.28 4.38 -17.89
C SER A 263 16.93 3.66 -17.90
N GLU A 264 17.00 2.36 -17.64
CA GLU A 264 15.85 1.49 -17.82
C GLU A 264 14.77 1.76 -16.76
N THR A 265 15.00 2.76 -15.89
CA THR A 265 13.95 3.34 -15.05
C THR A 265 12.72 3.80 -15.83
N HIS A 266 12.90 4.39 -17.01
CA HIS A 266 11.78 4.96 -17.74
C HIS A 266 11.50 4.20 -19.03
N LYS A 267 10.21 4.11 -19.37
CA LYS A 267 9.81 3.58 -20.66
C LYS A 267 10.03 4.62 -21.75
N ALA A 268 10.40 4.15 -22.94
CA ALA A 268 10.79 5.06 -23.99
C ALA A 268 9.58 5.85 -24.51
N LEU A 269 9.89 6.88 -25.30
CA LEU A 269 8.88 7.74 -25.86
C LEU A 269 7.96 6.99 -26.81
N SER A 270 6.66 7.20 -26.67
CA SER A 270 5.73 6.77 -27.71
C SER A 270 5.85 7.70 -28.92
N ASP A 271 5.31 7.23 -30.05
CA ASP A 271 5.24 8.10 -31.22
C ASP A 271 4.43 9.36 -30.92
N LEU A 272 3.40 9.23 -30.07
CA LEU A 272 2.54 10.36 -29.76
C LEU A 272 3.27 11.39 -28.92
N GLU A 273 3.81 10.96 -27.76
CA GLU A 273 4.60 11.87 -26.94
C GLU A 273 5.68 12.55 -27.77
N LEU A 274 6.21 11.85 -28.77
CA LEU A 274 7.27 12.41 -29.59
C LEU A 274 6.76 13.54 -30.49
N MET A 275 5.52 13.48 -30.92
CA MET A 275 4.99 14.55 -31.70
C MET A 275 4.88 15.75 -30.79
N ALA A 276 4.40 15.56 -29.56
CA ALA A 276 4.21 16.68 -28.62
C ALA A 276 5.51 17.44 -28.43
N GLN A 277 6.64 16.75 -28.36
CA GLN A 277 7.92 17.42 -28.18
C GLN A 277 8.28 18.26 -29.39
N SER A 278 8.15 17.69 -30.59
CA SER A 278 8.53 18.43 -31.79
C SER A 278 7.67 19.67 -31.96
N ILE A 279 6.37 19.56 -31.66
CA ILE A 279 5.50 20.73 -31.76
C ILE A 279 5.88 21.77 -30.71
N ILE A 280 6.14 21.31 -29.48
CA ILE A 280 6.39 22.26 -28.39
C ILE A 280 7.74 22.93 -28.56
N PHE A 281 8.74 22.21 -29.10
CA PHE A 281 10.02 22.83 -29.39
C PHE A 281 9.84 24.08 -30.25
N ILE A 282 8.92 24.02 -31.22
CA ILE A 282 8.72 25.15 -32.12
C ILE A 282 8.05 26.30 -31.38
N PHE A 283 6.93 26.03 -30.71
CA PHE A 283 6.28 27.06 -29.90
C PHE A 283 7.30 27.76 -29.01
N ALA A 284 8.15 26.99 -28.37
CA ALA A 284 9.10 27.56 -27.47
C ALA A 284 10.30 28.22 -28.11
N GLY A 285 10.69 27.78 -29.29
CA GLY A 285 11.88 28.29 -29.91
C GLY A 285 11.67 29.44 -30.89
N TYR A 286 10.58 29.41 -31.60
CA TYR A 286 10.37 30.37 -32.62
C TYR A 286 10.40 31.83 -32.29
N GLU A 287 9.43 32.33 -31.55
CA GLU A 287 9.34 33.75 -31.27
C GLU A 287 10.31 34.29 -30.25
N THR A 288 10.65 33.51 -29.27
CA THR A 288 11.69 33.93 -28.34
C THR A 288 12.96 34.29 -29.10
N THR A 289 13.43 33.38 -29.95
CA THR A 289 14.67 33.61 -30.68
C THR A 289 14.55 34.80 -31.61
N SER A 290 13.47 34.87 -32.35
CA SER A 290 13.25 35.96 -33.24
C SER A 290 13.30 37.29 -32.54
N SER A 291 12.75 37.36 -31.35
CA SER A 291 12.75 38.60 -30.60
C SER A 291 14.14 38.94 -30.08
N VAL A 292 14.79 37.98 -29.43
CA VAL A 292 16.08 38.27 -28.78
C VAL A 292 17.10 38.71 -29.82
N LEU A 293 17.12 38.06 -30.99
CA LEU A 293 18.05 38.48 -32.03
C LEU A 293 17.76 39.91 -32.48
N SER A 294 16.47 40.24 -32.67
CA SER A 294 16.10 41.61 -33.02
C SER A 294 16.58 42.59 -31.97
N PHE A 295 16.31 42.31 -30.69
CA PHE A 295 16.75 43.22 -29.63
C PHE A 295 18.26 43.37 -29.60
N ILE A 296 18.98 42.32 -29.99
CA ILE A 296 20.45 42.38 -29.94
C ILE A 296 20.98 43.26 -31.05
N ILE A 297 20.47 43.08 -32.24
CA ILE A 297 20.87 43.93 -33.32
C ILE A 297 20.54 45.37 -32.94
N TYR A 298 19.33 45.63 -32.44
CA TYR A 298 18.99 46.97 -32.03
C TYR A 298 19.96 47.52 -31.03
N GLU A 299 20.21 46.84 -29.94
CA GLU A 299 21.17 47.40 -28.98
C GLU A 299 22.49 47.71 -29.68
N LEU A 300 22.94 46.81 -30.55
CA LEU A 300 24.21 47.02 -31.24
C LEU A 300 24.17 48.25 -32.14
N ALA A 301 23.03 48.48 -32.80
CA ALA A 301 22.93 49.64 -33.70
C ALA A 301 23.02 50.94 -32.92
N THR A 302 22.34 51.03 -31.79
CA THR A 302 22.36 52.23 -30.95
C THR A 302 23.55 52.26 -29.99
N HIS A 303 24.48 51.32 -30.13
CA HIS A 303 25.72 51.31 -29.36
C HIS A 303 26.85 50.91 -30.31
N PRO A 304 27.24 51.83 -31.20
CA PRO A 304 28.14 51.42 -32.31
C PRO A 304 29.51 50.98 -31.82
N ASP A 305 29.98 51.46 -30.68
CA ASP A 305 31.27 50.99 -30.16
C ASP A 305 31.18 49.54 -29.71
N VAL A 306 30.01 49.10 -29.23
CA VAL A 306 29.83 47.71 -28.84
C VAL A 306 29.79 46.81 -30.08
N GLN A 307 29.07 47.26 -31.07
CA GLN A 307 29.03 46.59 -32.31
C GLN A 307 30.46 46.39 -32.78
N GLN A 308 31.30 47.40 -32.73
CA GLN A 308 32.66 47.25 -33.12
C GLN A 308 33.46 46.22 -32.35
N LYS A 309 33.28 46.11 -31.06
CA LYS A 309 34.01 45.16 -30.30
C LYS A 309 33.57 43.79 -30.63
N VAL A 310 32.31 43.63 -30.86
CA VAL A 310 31.82 42.33 -31.29
C VAL A 310 32.45 41.95 -32.62
N GLN A 311 32.42 42.88 -33.58
CA GLN A 311 32.99 42.62 -34.91
C GLN A 311 34.47 42.29 -34.83
N LYS A 312 35.20 42.96 -33.96
CA LYS A 312 36.63 42.67 -33.82
C LYS A 312 36.85 41.26 -33.29
N GLU A 313 36.19 40.91 -32.19
CA GLU A 313 36.29 39.57 -31.64
C GLU A 313 35.92 38.52 -32.68
N ILE A 314 34.83 38.76 -33.42
CA ILE A 314 34.44 37.84 -34.49
C ILE A 314 35.58 37.71 -35.49
N ASP A 315 36.17 38.82 -35.90
CA ASP A 315 37.24 38.79 -36.89
C ASP A 315 38.51 38.16 -36.32
N THR A 316 38.77 38.37 -35.02
CA THR A 316 39.91 37.71 -34.40
C THR A 316 39.73 36.21 -34.36
N VAL A 317 38.59 35.75 -33.86
CA VAL A 317 38.36 34.32 -33.68
C VAL A 317 38.07 33.62 -35.00
N LEU A 318 37.51 34.33 -35.97
CA LEU A 318 37.21 33.78 -37.30
C LEU A 318 37.80 34.70 -38.36
N PRO A 319 39.09 34.58 -38.63
CA PRO A 319 39.72 35.49 -39.60
C PRO A 319 39.14 35.31 -41.00
N ASN A 320 39.01 36.44 -41.71
CA ASN A 320 38.50 36.50 -43.08
C ASN A 320 37.20 35.72 -43.24
N LYS A 321 36.16 36.25 -42.60
CA LYS A 321 34.81 35.70 -42.67
C LYS A 321 34.77 34.17 -42.58
N ALA A 322 35.63 33.58 -41.75
CA ALA A 322 35.63 32.13 -41.60
C ALA A 322 34.27 31.66 -41.10
N PRO A 323 33.75 30.54 -41.62
CA PRO A 323 32.41 30.08 -41.20
C PRO A 323 32.38 29.73 -39.73
N PRO A 324 31.34 30.15 -39.00
CA PRO A 324 31.28 29.82 -37.57
C PRO A 324 31.02 28.34 -37.34
N THR A 325 31.55 27.86 -36.21
CA THR A 325 31.39 26.47 -35.79
C THR A 325 31.08 26.46 -34.30
N TYR A 326 30.66 25.30 -33.80
CA TYR A 326 30.36 25.17 -32.38
C TYR A 326 31.55 25.62 -31.53
N ASP A 327 32.77 25.20 -31.91
CA ASP A 327 33.94 25.45 -31.10
C ASP A 327 34.43 26.90 -31.18
N THR A 328 34.09 27.62 -32.24
CA THR A 328 34.47 29.03 -32.36
C THR A 328 33.43 29.95 -31.75
N VAL A 329 32.15 29.64 -31.92
CA VAL A 329 31.09 30.31 -31.17
C VAL A 329 31.42 30.29 -29.69
N LEU A 330 31.96 29.17 -29.21
CA LEU A 330 32.26 29.01 -27.79
C LEU A 330 33.35 29.95 -27.31
N GLN A 331 34.07 30.61 -28.21
CA GLN A 331 35.16 31.51 -27.87
C GLN A 331 34.77 32.98 -27.88
N LEU A 332 33.52 33.29 -28.24
CA LEU A 332 33.08 34.69 -28.39
C LEU A 332 32.65 35.24 -27.03
N GLU A 333 33.66 35.40 -26.16
CA GLU A 333 33.39 35.81 -24.79
C GLU A 333 32.64 37.14 -24.74
N TYR A 334 33.06 38.12 -25.54
CA TYR A 334 32.38 39.41 -25.49
C TYR A 334 31.01 39.34 -26.15
N LEU A 335 30.79 38.41 -27.07
CA LEU A 335 29.46 38.25 -27.65
C LEU A 335 28.49 37.65 -26.65
N ASP A 336 28.96 36.70 -25.83
CA ASP A 336 28.13 36.17 -24.76
C ASP A 336 27.68 37.28 -23.81
N MET A 337 28.59 38.21 -23.51
CA MET A 337 28.24 39.33 -22.63
C MET A 337 27.19 40.22 -23.29
N VAL A 338 27.35 40.49 -24.59
CA VAL A 338 26.36 41.28 -25.31
C VAL A 338 25.00 40.60 -25.26
N VAL A 339 24.97 39.31 -25.56
CA VAL A 339 23.71 38.55 -25.53
C VAL A 339 23.12 38.59 -24.12
N ASN A 340 23.94 38.29 -23.12
CA ASN A 340 23.46 38.24 -21.74
C ASN A 340 22.91 39.59 -21.31
N GLU A 341 23.53 40.69 -21.72
CA GLU A 341 23.05 42.00 -21.34
C GLU A 341 21.75 42.35 -22.05
N THR A 342 21.59 41.91 -23.31
CA THR A 342 20.34 42.18 -24.02
C THR A 342 19.17 41.45 -23.38
N LEU A 343 19.42 40.27 -22.80
CA LEU A 343 18.38 39.51 -22.14
C LEU A 343 18.05 40.05 -20.75
N ARG A 344 18.99 40.76 -20.12
CA ARG A 344 18.68 41.44 -18.87
C ARG A 344 17.67 42.56 -19.10
N LEU A 345 17.92 43.40 -20.11
CA LEU A 345 16.98 44.46 -20.41
C LEU A 345 15.70 43.96 -21.07
N PHE A 346 15.75 42.78 -21.71
CA PHE A 346 14.64 42.29 -22.52
C PHE A 346 14.42 40.79 -22.26
N PRO A 347 14.15 40.40 -21.01
CA PRO A 347 13.70 39.02 -20.76
C PRO A 347 12.35 38.79 -21.42
N VAL A 348 12.31 38.07 -22.54
CA VAL A 348 11.09 38.02 -23.33
C VAL A 348 9.99 37.25 -22.61
N ALA A 349 10.35 36.32 -21.73
CA ALA A 349 9.33 35.60 -20.98
C ALA A 349 8.61 36.53 -20.02
N MET A 350 9.34 37.46 -19.41
CA MET A 350 8.80 38.50 -18.53
C MET A 350 8.58 37.97 -17.13
N ARG A 351 8.05 36.75 -17.03
CA ARG A 351 7.69 36.16 -15.75
C ARG A 351 8.00 34.67 -15.74
N LEU A 352 8.42 34.17 -14.59
CA LEU A 352 8.42 32.73 -14.33
C LEU A 352 7.25 32.41 -13.40
N GLU A 353 6.64 31.24 -13.61
CA GLU A 353 5.43 30.86 -12.90
C GLU A 353 5.55 29.44 -12.38
N ARG A 354 5.03 29.19 -11.18
CA ARG A 354 4.99 27.85 -10.62
C ARG A 354 3.76 27.67 -9.76
N VAL A 355 3.16 26.48 -9.84
CA VAL A 355 1.95 26.16 -9.10
C VAL A 355 2.34 25.54 -7.77
N CYS A 356 1.68 25.99 -6.70
CA CYS A 356 1.87 25.42 -5.38
C CYS A 356 1.02 24.17 -5.24
N LYS A 357 1.67 23.01 -5.08
CA LYS A 357 0.96 21.74 -5.02
C LYS A 357 0.29 21.48 -3.67
N LYS A 358 0.69 22.19 -2.62
CA LYS A 358 0.22 21.90 -1.28
C LYS A 358 0.50 23.10 -0.40
N ASP A 359 -0.16 23.14 0.75
CA ASP A 359 0.14 24.19 1.73
C ASP A 359 1.62 24.13 2.07
N VAL A 360 2.29 25.29 2.09
CA VAL A 360 3.70 25.35 2.45
C VAL A 360 4.00 26.67 3.13
N GLU A 361 5.11 26.68 3.86
CA GLU A 361 5.72 27.88 4.41
C GLU A 361 7.18 27.87 3.99
N ILE A 362 7.63 28.94 3.35
CA ILE A 362 8.97 29.03 2.78
C ILE A 362 9.54 30.38 3.16
N ASN A 363 10.74 30.38 3.74
CA ASN A 363 11.40 31.61 4.16
C ASN A 363 10.42 32.50 4.94
N GLY A 364 9.72 31.88 5.89
CA GLY A 364 8.86 32.62 6.78
C GLY A 364 7.58 33.15 6.17
N MET A 365 7.01 32.45 5.20
CA MET A 365 5.78 32.90 4.57
C MET A 365 4.93 31.71 4.15
N PHE A 366 3.65 31.77 4.49
CA PHE A 366 2.72 30.72 4.17
C PHE A 366 2.16 30.88 2.76
N ILE A 367 2.15 29.77 2.01
CA ILE A 367 1.58 29.74 0.67
C ILE A 367 0.56 28.60 0.61
N PRO A 368 -0.71 28.87 0.32
CA PRO A 368 -1.68 27.77 0.25
C PRO A 368 -1.66 27.03 -1.07
N LYS A 369 -1.99 25.75 -1.00
CA LYS A 369 -2.23 24.92 -2.17
C LYS A 369 -3.11 25.64 -3.17
N GLY A 370 -2.73 25.56 -4.45
CA GLY A 370 -3.49 26.13 -5.53
C GLY A 370 -2.98 27.46 -6.04
N VAL A 371 -2.16 28.16 -5.28
CA VAL A 371 -1.64 29.45 -5.70
C VAL A 371 -0.54 29.25 -6.73
N VAL A 372 -0.42 30.21 -7.64
CA VAL A 372 0.67 30.25 -8.61
C VAL A 372 1.71 31.24 -8.07
N VAL A 373 2.89 30.73 -7.75
CA VAL A 373 3.99 31.62 -7.40
C VAL A 373 4.57 32.20 -8.68
N MET A 374 4.63 33.51 -8.75
CA MET A 374 5.12 34.23 -9.93
C MET A 374 6.38 34.97 -9.55
N ILE A 375 7.42 34.83 -10.37
CA ILE A 375 8.66 35.56 -10.21
C ILE A 375 8.73 36.62 -11.30
N PRO A 376 8.66 37.92 -10.97
CA PRO A 376 8.66 38.95 -12.03
C PRO A 376 10.09 39.22 -12.53
N SER A 377 10.52 38.38 -13.46
CA SER A 377 11.92 38.46 -13.91
C SER A 377 12.24 39.82 -14.51
N TYR A 378 11.29 40.39 -15.27
CA TYR A 378 11.53 41.72 -15.81
C TYR A 378 11.80 42.73 -14.70
N VAL A 379 11.04 42.66 -13.61
CA VAL A 379 11.21 43.60 -12.50
C VAL A 379 12.59 43.45 -11.89
N LEU A 380 12.97 42.23 -11.55
CA LEU A 380 14.26 41.99 -10.92
C LEU A 380 15.43 42.33 -11.84
N HIS A 381 15.20 42.34 -13.16
CA HIS A 381 16.27 42.67 -14.09
C HIS A 381 16.56 44.16 -14.12
N HIS A 382 15.54 45.00 -13.87
CA HIS A 382 15.68 46.45 -13.91
C HIS A 382 15.72 47.07 -12.52
N ASP A 383 16.09 46.30 -11.49
CA ASP A 383 15.98 46.77 -10.12
C ASP A 383 17.26 47.48 -9.69
N PRO A 384 17.21 48.79 -9.39
CA PRO A 384 18.42 49.47 -8.93
C PRO A 384 19.04 48.82 -7.70
N LYS A 385 18.24 48.00 -7.01
CA LYS A 385 18.69 47.32 -5.81
C LYS A 385 19.81 46.34 -6.10
N TYR A 386 19.81 45.73 -7.29
CA TYR A 386 20.81 44.75 -7.66
C TYR A 386 21.67 45.17 -8.85
N TRP A 387 21.23 46.15 -9.65
CA TRP A 387 21.94 46.57 -10.84
C TRP A 387 22.21 48.07 -10.76
N THR A 388 23.49 48.44 -10.82
CA THR A 388 23.83 49.86 -10.86
C THR A 388 23.38 50.47 -12.19
N GLU A 389 22.65 51.59 -12.12
CA GLU A 389 22.31 52.31 -13.34
C GLU A 389 21.57 51.36 -14.28
N PRO A 390 20.41 50.85 -13.86
CA PRO A 390 19.90 49.60 -14.45
C PRO A 390 19.36 49.71 -15.86
N GLU A 391 18.99 50.89 -16.35
CA GLU A 391 18.39 50.99 -17.69
C GLU A 391 19.44 51.14 -18.78
N LYS A 392 20.71 51.03 -18.46
CA LYS A 392 21.77 51.19 -19.44
C LYS A 392 22.26 49.84 -19.95
N PHE A 393 22.52 49.78 -21.25
CA PHE A 393 23.16 48.63 -21.89
C PHE A 393 24.66 48.70 -21.60
N LEU A 394 25.16 47.75 -20.82
CA LEU A 394 26.57 47.75 -20.41
C LEU A 394 27.08 46.31 -20.34
N PRO A 395 27.45 45.73 -21.48
CA PRO A 395 27.84 44.31 -21.48
C PRO A 395 28.93 43.93 -20.50
N GLU A 396 29.72 44.89 -20.02
CA GLU A 396 30.75 44.56 -19.05
C GLU A 396 30.15 44.06 -17.74
N ARG A 397 28.87 44.32 -17.50
CA ARG A 397 28.19 43.74 -16.36
C ARG A 397 28.44 42.24 -16.26
N PHE A 398 28.46 41.57 -17.41
CA PHE A 398 28.60 40.12 -17.48
C PHE A 398 30.02 39.69 -17.80
N SER A 399 31.01 40.43 -17.32
CA SER A 399 32.39 40.05 -17.52
C SER A 399 32.76 38.93 -16.56
N ALA A 400 33.84 38.22 -16.92
CA ALA A 400 34.37 37.22 -15.99
C ALA A 400 34.61 37.82 -14.62
N ALA A 401 34.95 39.11 -14.56
CA ALA A 401 35.29 39.74 -13.28
C ALA A 401 34.05 39.99 -12.44
N ASN A 402 32.93 40.36 -13.07
CA ASN A 402 31.69 40.56 -12.33
C ASN A 402 30.85 39.29 -12.23
N ALA A 403 31.47 38.11 -12.29
CA ALA A 403 30.71 36.87 -12.25
C ALA A 403 30.04 36.68 -10.89
N ASP A 404 30.76 36.96 -9.81
CA ASP A 404 30.20 36.81 -8.47
C ASP A 404 29.13 37.84 -8.17
N ASN A 405 29.14 38.98 -8.87
CA ASN A 405 28.14 40.02 -8.63
C ASN A 405 26.79 39.69 -9.26
N ILE A 406 26.58 38.48 -9.75
CA ILE A 406 25.41 38.13 -10.53
C ILE A 406 24.70 36.97 -9.85
N ASP A 407 23.52 37.24 -9.31
CA ASP A 407 22.72 36.25 -8.59
C ASP A 407 21.84 35.49 -9.59
N PRO A 408 21.99 34.16 -9.71
CA PRO A 408 21.17 33.44 -10.69
C PRO A 408 19.70 33.33 -10.33
N TYR A 409 19.26 33.93 -9.22
CA TYR A 409 17.85 34.01 -8.87
C TYR A 409 17.31 35.42 -9.02
N ILE A 410 18.15 36.38 -9.36
CA ILE A 410 17.70 37.67 -9.87
C ILE A 410 17.67 37.67 -11.39
N TYR A 411 18.78 37.28 -12.02
CA TYR A 411 18.88 37.20 -13.47
C TYR A 411 18.41 35.82 -13.91
N THR A 412 17.23 35.75 -14.53
CA THR A 412 16.60 34.47 -14.86
C THR A 412 15.90 34.57 -16.22
N PRO A 413 16.65 34.94 -17.27
CA PRO A 413 16.02 35.01 -18.60
C PRO A 413 15.66 33.64 -19.17
N PHE A 414 16.29 32.59 -18.67
CA PHE A 414 15.95 31.22 -19.03
C PHE A 414 15.40 30.46 -17.84
N GLY A 415 14.84 31.17 -16.87
CA GLY A 415 14.45 30.53 -15.63
C GLY A 415 15.67 29.93 -14.95
N SER A 416 15.38 29.13 -13.93
CA SER A 416 16.43 28.40 -13.22
C SER A 416 15.85 27.14 -12.63
N GLY A 417 16.73 26.18 -12.37
CA GLY A 417 16.38 24.98 -11.66
C GLY A 417 16.06 23.81 -12.58
N PRO A 418 15.33 22.83 -12.05
CA PRO A 418 15.06 21.62 -12.84
C PRO A 418 14.04 21.84 -13.96
N ARG A 419 13.31 22.93 -13.92
CA ARG A 419 12.33 23.17 -14.96
C ARG A 419 12.65 24.42 -15.73
N ASN A 420 13.93 24.69 -15.91
CA ASN A 420 14.39 25.84 -16.67
C ASN A 420 14.35 25.52 -18.16
N CYS A 421 14.72 26.51 -18.99
CA CYS A 421 14.74 26.30 -20.42
C CYS A 421 15.65 25.14 -20.81
N ILE A 422 15.05 24.05 -21.30
CA ILE A 422 15.86 22.92 -21.73
C ILE A 422 16.63 23.22 -23.01
N GLY A 423 16.19 24.21 -23.77
CA GLY A 423 16.85 24.59 -25.01
C GLY A 423 17.81 25.75 -24.89
N MET A 424 18.15 26.17 -23.67
CA MET A 424 19.01 27.33 -23.48
C MET A 424 20.28 27.24 -24.31
N ARG A 425 21.04 26.15 -24.13
CA ARG A 425 22.31 26.02 -24.82
C ARG A 425 22.12 26.05 -26.34
N PHE A 426 21.10 25.37 -26.84
CA PHE A 426 20.77 25.44 -28.26
C PHE A 426 20.44 26.86 -28.67
N ALA A 427 19.60 27.54 -27.88
CA ALA A 427 19.20 28.90 -28.23
C ALA A 427 20.41 29.83 -28.29
N LEU A 428 21.38 29.65 -27.40
CA LEU A 428 22.52 30.56 -27.37
C LEU A 428 23.48 30.29 -28.52
N VAL A 429 23.79 29.02 -28.79
CA VAL A 429 24.58 28.69 -29.97
C VAL A 429 23.89 29.19 -31.22
N ASN A 430 22.62 28.83 -31.39
CA ASN A 430 21.89 29.18 -32.60
C ASN A 430 21.87 30.69 -32.82
N MET A 431 21.63 31.45 -31.75
CA MET A 431 21.61 32.91 -31.90
C MET A 431 22.98 33.44 -32.28
N LYS A 432 24.05 32.78 -31.86
CA LYS A 432 25.40 33.28 -32.15
C LYS A 432 25.82 32.91 -33.57
N LEU A 433 25.45 31.72 -34.04
CA LEU A 433 25.63 31.39 -35.45
C LEU A 433 25.00 32.46 -36.34
N ALA A 434 23.79 32.89 -36.00
CA ALA A 434 23.13 33.94 -36.77
C ALA A 434 23.90 35.26 -36.67
N LEU A 435 24.25 35.66 -35.45
CA LEU A 435 24.85 36.97 -35.25
C LEU A 435 26.21 37.08 -35.94
N VAL A 436 27.01 36.01 -35.89
CA VAL A 436 28.33 36.07 -36.51
C VAL A 436 28.20 36.25 -38.01
N ARG A 437 27.39 35.38 -38.64
CA ARG A 437 27.19 35.44 -40.07
C ARG A 437 26.66 36.79 -40.55
N VAL A 438 25.82 37.42 -39.74
CA VAL A 438 25.24 38.70 -40.11
C VAL A 438 26.26 39.81 -39.92
N LEU A 439 26.90 39.85 -38.76
CA LEU A 439 27.86 40.92 -38.46
C LEU A 439 29.16 40.75 -39.24
N GLN A 440 29.44 39.55 -39.73
CA GLN A 440 30.59 39.36 -40.63
C GLN A 440 30.40 40.14 -41.92
N ASN A 441 29.16 40.26 -42.38
CA ASN A 441 28.85 40.85 -43.68
C ASN A 441 28.29 42.26 -43.59
N PHE A 442 27.63 42.60 -42.49
CA PHE A 442 26.88 43.85 -42.40
C PHE A 442 27.18 44.58 -41.11
N SER A 443 26.78 45.85 -41.10
CA SER A 443 26.79 46.69 -39.91
C SER A 443 25.48 47.45 -39.91
N PHE A 444 24.98 47.74 -38.70
CA PHE A 444 23.65 48.28 -38.52
C PHE A 444 23.74 49.61 -37.78
N LYS A 445 22.98 50.57 -38.28
CA LYS A 445 22.91 51.92 -37.75
C LYS A 445 21.48 52.37 -37.80
N PRO A 446 21.08 53.28 -36.90
CA PRO A 446 19.71 53.77 -36.98
C PRO A 446 19.40 54.51 -38.28
N CYS A 447 18.10 54.63 -38.56
CA CYS A 447 17.61 55.34 -39.73
C CYS A 447 16.45 56.24 -39.28
N LYS A 448 15.90 57.01 -40.21
CA LYS A 448 14.78 57.91 -39.90
C LYS A 448 13.63 57.20 -39.18
N GLU A 449 13.19 56.07 -39.75
CA GLU A 449 12.09 55.30 -39.17
C GLU A 449 12.35 54.66 -37.78
N THR A 450 13.53 54.11 -37.65
CA THR A 450 13.85 53.41 -36.46
C THR A 450 13.20 54.21 -35.32
N GLN A 451 12.33 53.59 -34.52
CA GLN A 451 11.71 54.14 -33.31
C GLN A 451 12.78 54.50 -32.29
N ILE A 452 12.85 55.79 -31.92
CA ILE A 452 14.03 56.37 -31.24
C ILE A 452 14.26 55.57 -29.95
N PRO A 453 13.69 55.93 -28.80
CA PRO A 453 13.73 54.92 -27.71
C PRO A 453 12.68 53.86 -27.99
N LEU A 454 13.04 52.60 -27.71
CA LEU A 454 12.23 51.46 -28.08
C LEU A 454 11.04 51.41 -27.16
N LYS A 455 9.83 51.02 -27.66
CA LYS A 455 8.58 50.97 -26.94
C LYS A 455 7.92 49.61 -26.98
N LEU A 456 7.80 48.99 -25.82
CA LEU A 456 7.18 47.72 -25.68
C LEU A 456 5.70 47.76 -25.85
N ARG A 457 5.13 46.59 -26.10
CA ARG A 457 3.71 46.43 -26.36
C ARG A 457 3.21 45.22 -25.65
N PHE A 458 1.93 45.16 -25.41
CA PHE A 458 1.35 44.07 -24.71
C PHE A 458 1.41 42.77 -25.46
N GLY A 459 1.85 41.71 -24.81
CA GLY A 459 1.86 40.44 -25.47
C GLY A 459 2.28 39.37 -24.52
N GLY A 460 2.18 38.14 -24.97
CA GLY A 460 2.65 37.02 -24.21
C GLY A 460 4.14 37.13 -24.04
N LEU A 461 4.88 37.50 -25.09
CA LEU A 461 6.27 37.77 -24.98
C LEU A 461 6.47 39.27 -25.06
N LEU A 462 7.68 39.71 -24.84
CA LEU A 462 7.96 41.11 -24.96
C LEU A 462 7.93 41.50 -26.41
N LEU A 463 7.00 42.35 -26.82
CA LEU A 463 6.98 42.80 -28.18
C LEU A 463 7.12 44.29 -28.24
N THR A 464 7.36 44.83 -29.41
CA THR A 464 7.52 46.24 -29.58
C THR A 464 6.32 46.85 -30.21
N GLU A 465 6.12 48.14 -30.04
CA GLU A 465 4.98 48.81 -30.60
C GLU A 465 5.16 48.84 -32.08
N LYS A 466 6.09 49.68 -32.49
CA LYS A 466 6.49 49.73 -33.90
C LYS A 466 7.55 48.68 -34.18
N PRO A 467 7.56 48.04 -35.35
CA PRO A 467 8.64 47.09 -35.65
C PRO A 467 9.98 47.80 -35.52
N ILE A 468 11.04 47.01 -35.51
CA ILE A 468 12.39 47.54 -35.45
C ILE A 468 12.91 47.63 -36.88
N VAL A 469 13.17 48.86 -37.32
CA VAL A 469 13.73 49.12 -38.64
C VAL A 469 15.14 49.65 -38.45
N LEU A 470 16.09 49.07 -39.19
CA LEU A 470 17.45 49.57 -39.23
C LEU A 470 17.91 49.51 -40.68
N LYS A 471 18.94 50.27 -41.00
CA LYS A 471 19.67 50.07 -42.23
C LYS A 471 20.84 49.13 -41.98
N ALA A 472 21.08 48.23 -42.92
CA ALA A 472 22.27 47.39 -42.92
C ALA A 472 23.15 47.81 -44.09
N GLU A 473 24.39 48.20 -43.79
CA GLU A 473 25.37 48.58 -44.80
C GLU A 473 26.39 47.47 -44.94
N SER A 474 26.62 47.04 -46.17
CA SER A 474 27.57 45.96 -46.42
C SER A 474 28.97 46.39 -45.98
N ARG A 475 29.76 45.41 -45.54
CA ARG A 475 31.15 45.63 -45.14
C ARG A 475 32.01 45.50 -46.39
N ASP A 476 32.43 46.65 -46.92
CA ASP A 476 33.08 46.71 -48.23
C ASP A 476 32.16 46.16 -49.31
N TYR B 4 -15.94 10.72 -25.45
CA TYR B 4 -16.08 10.01 -24.18
C TYR B 4 -16.63 8.64 -24.58
N GLY B 5 -17.23 7.93 -23.64
CA GLY B 5 -18.09 6.80 -24.01
C GLY B 5 -17.48 5.43 -23.92
N THR B 6 -16.42 5.16 -24.68
CA THR B 6 -15.74 3.87 -24.73
C THR B 6 -14.24 4.07 -24.60
N ARG B 7 -13.93 5.24 -24.09
CA ARG B 7 -12.59 5.79 -24.00
C ARG B 7 -11.50 4.95 -23.41
N THR B 8 -11.77 4.40 -22.27
CA THR B 8 -10.81 3.56 -21.55
C THR B 8 -11.10 2.06 -21.68
N HIS B 9 -12.14 1.67 -22.42
CA HIS B 9 -12.56 0.28 -22.40
C HIS B 9 -11.61 -0.67 -23.14
N GLY B 10 -10.38 -0.24 -23.37
CA GLY B 10 -9.40 -1.12 -24.00
C GLY B 10 -8.15 -1.27 -23.17
N LEU B 11 -8.12 -0.60 -22.02
CA LEU B 11 -6.91 -0.57 -21.19
C LEU B 11 -6.50 -1.97 -20.75
N PHE B 12 -7.45 -2.80 -20.33
CA PHE B 12 -7.10 -4.12 -19.84
C PHE B 12 -6.76 -5.08 -20.98
N LYS B 13 -7.55 -5.07 -22.06
CA LYS B 13 -7.19 -5.86 -23.23
C LYS B 13 -5.75 -5.59 -23.65
N LYS B 14 -5.33 -4.35 -23.50
CA LYS B 14 -4.00 -3.94 -23.90
C LYS B 14 -2.96 -4.48 -22.95
N LEU B 15 -3.12 -4.23 -21.66
CA LEU B 15 -2.18 -4.80 -20.69
C LEU B 15 -2.31 -6.31 -20.57
N GLY B 16 -3.22 -6.94 -21.30
CA GLY B 16 -3.36 -8.38 -21.27
C GLY B 16 -4.09 -8.92 -20.07
N ILE B 17 -4.98 -8.13 -19.46
CA ILE B 17 -5.67 -8.49 -18.23
C ILE B 17 -7.10 -8.87 -18.58
N PRO B 18 -7.57 -10.06 -18.20
CA PRO B 18 -8.93 -10.45 -18.59
C PRO B 18 -9.97 -9.62 -17.84
N GLY B 19 -11.22 -9.79 -18.26
CA GLY B 19 -12.31 -9.08 -17.66
C GLY B 19 -13.58 -9.16 -18.48
N PRO B 20 -14.72 -8.89 -17.85
CA PRO B 20 -15.98 -8.88 -18.60
C PRO B 20 -16.01 -7.72 -19.59
N THR B 21 -16.61 -7.97 -20.75
CA THR B 21 -16.66 -6.95 -21.78
C THR B 21 -17.50 -5.77 -21.27
N PRO B 22 -16.95 -4.56 -21.23
CA PRO B 22 -17.72 -3.42 -20.73
C PRO B 22 -18.73 -2.91 -21.75
N LEU B 23 -19.78 -2.30 -21.25
CA LEU B 23 -20.73 -1.63 -22.12
C LEU B 23 -20.35 -0.16 -22.28
N PRO B 24 -20.83 0.48 -23.34
CA PRO B 24 -20.60 1.92 -23.50
C PRO B 24 -21.20 2.69 -22.33
N PHE B 25 -20.40 3.61 -21.77
CA PHE B 25 -20.82 4.56 -20.74
C PHE B 25 -20.84 3.96 -19.34
N LEU B 26 -21.50 2.81 -19.18
CA LEU B 26 -21.65 2.21 -17.86
C LEU B 26 -20.47 1.32 -17.47
N GLY B 27 -19.72 0.83 -18.46
CA GLY B 27 -18.72 -0.19 -18.15
C GLY B 27 -19.42 -1.48 -17.78
N ASN B 28 -18.97 -2.12 -16.71
CA ASN B 28 -19.57 -3.35 -16.21
C ASN B 28 -20.63 -3.08 -15.14
N ALA B 29 -21.21 -1.88 -15.11
CA ALA B 29 -21.99 -1.47 -13.94
C ALA B 29 -23.30 -2.23 -13.80
N LEU B 30 -23.95 -2.58 -14.92
CA LEU B 30 -25.17 -3.37 -14.81
C LEU B 30 -24.91 -4.73 -14.16
N SER B 31 -23.71 -5.27 -14.37
CA SER B 31 -23.36 -6.55 -13.76
C SER B 31 -23.18 -6.45 -12.25
N PHE B 32 -23.15 -5.23 -11.71
CA PHE B 32 -22.97 -5.08 -10.26
C PHE B 32 -24.25 -5.35 -9.48
N ARG B 33 -25.40 -5.05 -10.07
CA ARG B 33 -26.65 -4.89 -9.36
C ARG B 33 -27.31 -6.23 -9.03
N LYS B 34 -26.72 -7.34 -9.47
CA LYS B 34 -26.94 -8.62 -8.82
C LYS B 34 -26.22 -8.70 -7.47
N GLY B 35 -25.38 -7.72 -7.14
CA GLY B 35 -24.60 -7.72 -5.90
C GLY B 35 -23.12 -7.73 -6.18
N TYR B 36 -22.41 -6.78 -5.56
CA TYR B 36 -20.95 -6.73 -5.72
C TYR B 36 -20.31 -8.03 -5.26
N TRP B 37 -20.83 -8.64 -4.20
CA TRP B 37 -20.20 -9.84 -3.65
C TRP B 37 -20.25 -10.99 -4.65
N THR B 38 -21.27 -11.01 -5.50
CA THR B 38 -21.51 -12.22 -6.27
C THR B 38 -20.65 -12.11 -7.53
N PHE B 39 -20.70 -10.91 -8.12
CA PHE B 39 -19.91 -10.53 -9.28
C PHE B 39 -18.42 -10.76 -9.06
N ASP B 40 -17.86 -10.10 -8.04
CA ASP B 40 -16.44 -10.32 -7.73
C ASP B 40 -16.13 -11.81 -7.68
N MET B 41 -17.03 -12.59 -7.07
CA MET B 41 -16.80 -14.02 -6.95
C MET B 41 -16.87 -14.72 -8.30
N GLU B 42 -17.84 -14.36 -9.14
CA GLU B 42 -17.96 -15.00 -10.45
C GLU B 42 -16.78 -14.61 -11.33
N CYS B 43 -16.32 -13.36 -11.24
CA CYS B 43 -15.15 -12.94 -12.01
C CYS B 43 -13.92 -13.75 -11.62
N TYR B 44 -13.66 -13.86 -10.31
CA TYR B 44 -12.55 -14.67 -9.83
C TYR B 44 -12.58 -16.07 -10.44
N LYS B 45 -13.75 -16.68 -10.51
CA LYS B 45 -13.84 -18.06 -10.94
C LYS B 45 -13.48 -18.20 -12.42
N LYS B 46 -13.90 -17.25 -13.24
CA LYS B 46 -13.79 -17.39 -14.69
C LYS B 46 -12.69 -16.53 -15.30
N TYR B 47 -11.96 -15.75 -14.51
CA TYR B 47 -10.81 -15.02 -15.03
C TYR B 47 -9.54 -15.28 -14.23
N GLY B 48 -9.70 -15.57 -12.94
CA GLY B 48 -8.57 -15.94 -12.11
C GLY B 48 -8.01 -14.89 -11.17
N LYS B 49 -6.71 -14.98 -10.94
CA LYS B 49 -5.94 -14.27 -9.92
C LYS B 49 -6.07 -12.76 -10.04
N VAL B 50 -6.38 -12.27 -11.23
CA VAL B 50 -6.53 -10.85 -11.47
C VAL B 50 -7.48 -10.66 -12.64
N TRP B 51 -8.21 -9.56 -12.63
CA TRP B 51 -9.13 -9.22 -13.70
C TRP B 51 -9.49 -7.75 -13.59
N GLY B 52 -10.05 -7.22 -14.67
CA GLY B 52 -10.32 -5.79 -14.77
C GLY B 52 -11.74 -5.50 -15.19
N ILE B 53 -12.32 -4.44 -14.61
CA ILE B 53 -13.70 -4.05 -14.84
C ILE B 53 -13.76 -2.53 -14.93
N TYR B 54 -14.93 -2.03 -15.30
CA TYR B 54 -15.13 -0.60 -15.51
C TYR B 54 -16.38 -0.14 -14.78
N ASP B 55 -16.19 0.79 -13.84
CA ASP B 55 -17.29 1.54 -13.25
C ASP B 55 -17.46 2.80 -14.10
N GLY B 56 -18.30 2.70 -15.14
CA GLY B 56 -18.36 3.74 -16.13
C GLY B 56 -17.06 3.76 -16.92
N GLN B 57 -16.32 4.87 -16.87
CA GLN B 57 -15.00 4.92 -17.47
C GLN B 57 -13.90 4.53 -16.49
N GLN B 58 -14.19 4.44 -15.21
CA GLN B 58 -13.14 4.20 -14.22
C GLN B 58 -12.69 2.74 -14.29
N PRO B 59 -11.48 2.45 -14.77
CA PRO B 59 -11.00 1.07 -14.78
C PRO B 59 -10.58 0.62 -13.40
N MET B 60 -10.99 -0.59 -13.03
CA MET B 60 -10.74 -1.14 -11.70
C MET B 60 -10.05 -2.49 -11.86
N LEU B 61 -8.96 -2.68 -11.14
CA LEU B 61 -8.12 -3.89 -11.26
C LEU B 61 -8.24 -4.68 -9.97
N ALA B 62 -8.84 -5.87 -10.06
CA ALA B 62 -9.01 -6.73 -8.90
C ALA B 62 -7.76 -7.58 -8.71
N ILE B 63 -7.12 -7.45 -7.55
CA ILE B 63 -5.96 -8.25 -7.20
C ILE B 63 -6.30 -9.14 -6.02
N THR B 64 -5.67 -10.31 -5.97
CA THR B 64 -5.91 -11.28 -4.90
C THR B 64 -4.65 -11.84 -4.26
N ASP B 65 -3.49 -11.75 -4.90
CA ASP B 65 -2.27 -12.26 -4.32
C ASP B 65 -1.95 -11.50 -3.04
N PRO B 66 -1.83 -12.17 -1.89
CA PRO B 66 -1.55 -11.43 -0.65
C PRO B 66 -0.33 -10.51 -0.72
N ASP B 67 0.78 -10.97 -1.30
CA ASP B 67 1.98 -10.13 -1.33
C ASP B 67 1.71 -8.83 -2.10
N MET B 68 1.00 -8.93 -3.22
CA MET B 68 0.57 -7.73 -3.93
C MET B 68 -0.36 -6.89 -3.08
N ILE B 69 -1.35 -7.53 -2.45
CA ILE B 69 -2.29 -6.82 -1.60
C ILE B 69 -1.53 -6.01 -0.55
N LYS B 70 -0.55 -6.63 0.11
CA LYS B 70 0.22 -5.91 1.12
C LYS B 70 0.91 -4.70 0.51
N THR B 71 1.51 -4.87 -0.67
CA THR B 71 2.19 -3.75 -1.32
C THR B 71 1.24 -2.56 -1.50
N VAL B 72 0.04 -2.84 -2.01
CA VAL B 72 -0.92 -1.77 -2.26
C VAL B 72 -1.31 -1.08 -0.96
N LEU B 73 -1.63 -1.87 0.05
CA LEU B 73 -2.28 -1.33 1.25
C LEU B 73 -1.32 -0.85 2.31
N VAL B 74 -0.16 -1.50 2.45
CA VAL B 74 0.81 -1.16 3.50
C VAL B 74 2.03 -0.46 2.91
N LYS B 75 2.79 -1.17 2.07
CA LYS B 75 4.11 -0.68 1.69
C LYS B 75 4.02 0.61 0.87
N GLU B 76 3.13 0.64 -0.12
CA GLU B 76 3.10 1.77 -1.04
C GLU B 76 1.83 2.60 -0.87
N CYS B 77 1.49 2.93 0.37
CA CYS B 77 0.23 3.61 0.66
C CYS B 77 0.35 5.12 0.53
N TYR B 78 1.41 5.71 1.09
CA TYR B 78 1.54 7.17 1.08
C TYR B 78 1.99 7.69 -0.27
N SER B 79 2.70 6.88 -1.05
CA SER B 79 3.32 7.36 -2.28
C SER B 79 2.46 7.11 -3.51
N VAL B 80 1.79 5.96 -3.59
CA VAL B 80 1.08 5.56 -4.79
C VAL B 80 -0.40 5.41 -4.50
N PHE B 81 -0.75 4.44 -3.65
CA PHE B 81 -2.14 4.09 -3.38
C PHE B 81 -2.58 4.77 -2.09
N THR B 82 -2.83 6.07 -2.19
CA THR B 82 -3.17 6.82 -0.99
C THR B 82 -4.65 7.14 -0.87
N ASN B 83 -5.36 7.28 -1.98
CA ASN B 83 -6.67 7.91 -1.91
C ASN B 83 -7.79 6.95 -2.28
N ARG B 84 -8.98 7.33 -1.82
CA ARG B 84 -10.21 6.64 -2.14
C ARG B 84 -10.81 7.24 -3.42
N ARG B 85 -11.72 6.50 -4.00
CA ARG B 85 -12.43 6.97 -5.17
C ARG B 85 -13.36 8.12 -4.80
N PRO B 86 -13.29 9.27 -5.49
CA PRO B 86 -14.28 10.32 -5.24
C PRO B 86 -15.64 9.88 -5.75
N PHE B 87 -16.67 10.59 -5.30
CA PHE B 87 -18.04 10.19 -5.64
C PHE B 87 -18.91 11.43 -5.79
N GLY B 88 -18.40 12.44 -6.48
CA GLY B 88 -19.18 13.61 -6.80
C GLY B 88 -18.67 14.87 -6.14
N PRO B 89 -19.40 15.97 -6.32
CA PRO B 89 -19.03 17.24 -5.69
C PRO B 89 -19.44 17.25 -4.23
N VAL B 90 -18.45 17.24 -3.34
CA VAL B 90 -18.65 17.43 -1.92
C VAL B 90 -18.22 18.86 -1.60
N GLY B 91 -19.01 19.56 -0.82
CA GLY B 91 -18.62 20.90 -0.42
C GLY B 91 -17.48 20.80 0.56
N PHE B 92 -17.73 21.29 1.78
CA PHE B 92 -16.72 21.23 2.82
C PHE B 92 -16.42 19.80 3.28
N MET B 93 -17.14 18.79 2.79
CA MET B 93 -16.91 17.44 3.28
C MET B 93 -15.58 16.86 2.81
N LYS B 94 -14.88 17.54 1.90
CA LYS B 94 -13.54 17.11 1.52
C LYS B 94 -12.62 16.95 2.73
N ASN B 95 -12.95 17.59 3.86
CA ASN B 95 -12.11 17.46 5.03
C ASN B 95 -12.40 16.19 5.84
N ALA B 96 -13.54 15.55 5.61
CA ALA B 96 -13.80 14.28 6.27
C ALA B 96 -12.65 13.32 6.01
N ILE B 97 -12.07 12.79 7.04
CA ILE B 97 -10.92 11.93 6.92
C ILE B 97 -10.96 10.90 5.84
N SER B 98 -12.15 10.49 5.46
CA SER B 98 -12.33 9.40 4.51
C SER B 98 -12.49 9.90 3.09
N ILE B 99 -12.69 11.20 2.91
CA ILE B 99 -12.78 11.81 1.60
C ILE B 99 -11.50 12.53 1.23
N ALA B 100 -10.88 13.20 2.20
CA ALA B 100 -9.64 13.92 1.98
C ALA B 100 -8.63 13.06 1.25
N GLU B 101 -7.75 13.70 0.50
CA GLU B 101 -6.73 13.04 -0.29
C GLU B 101 -5.34 13.49 0.15
N ASP B 102 -4.36 12.63 -0.11
CA ASP B 102 -2.95 12.98 0.02
C ASP B 102 -2.61 13.66 1.34
N GLU B 103 -1.71 14.65 1.33
CA GLU B 103 -1.25 15.23 2.57
C GLU B 103 -2.40 15.76 3.42
N GLU B 104 -3.50 16.16 2.79
CA GLU B 104 -4.61 16.75 3.54
C GLU B 104 -5.40 15.72 4.32
N TRP B 105 -5.52 14.49 3.81
CA TRP B 105 -6.02 13.40 4.64
C TRP B 105 -5.01 13.05 5.73
N LYS B 106 -3.75 12.84 5.33
CA LYS B 106 -2.70 12.45 6.27
C LYS B 106 -2.63 13.40 7.45
N ARG B 107 -2.88 14.69 7.24
CA ARG B 107 -2.93 15.61 8.36
C ARG B 107 -4.04 15.23 9.33
N ILE B 108 -5.20 14.87 8.81
CA ILE B 108 -6.35 14.77 9.70
C ILE B 108 -6.41 13.40 10.36
N ARG B 109 -5.89 12.34 9.71
CA ARG B 109 -5.72 11.06 10.39
C ARG B 109 -4.82 11.21 11.61
N SER B 110 -3.73 11.95 11.46
CA SER B 110 -2.83 12.17 12.59
C SER B 110 -3.54 12.90 13.72
N LEU B 111 -4.18 14.02 13.40
CA LEU B 111 -4.88 14.81 14.42
C LEU B 111 -5.96 14.02 15.13
N LEU B 112 -6.36 12.87 14.60
CA LEU B 112 -7.41 12.06 15.21
C LEU B 112 -6.89 10.84 15.95
N SER B 113 -5.72 10.33 15.58
CA SER B 113 -5.15 9.17 16.27
C SER B 113 -5.24 9.28 17.79
N PRO B 114 -5.00 10.44 18.41
CA PRO B 114 -5.24 10.55 19.86
C PRO B 114 -6.64 10.15 20.28
N THR B 115 -7.66 10.53 19.52
CA THR B 115 -9.04 10.26 19.95
C THR B 115 -9.39 8.79 19.90
N PHE B 116 -8.67 7.99 19.11
CA PHE B 116 -8.99 6.58 18.90
C PHE B 116 -7.96 5.65 19.55
N THR B 117 -7.32 6.11 20.62
CA THR B 117 -6.42 5.26 21.36
C THR B 117 -7.21 4.31 22.25
N SER B 118 -6.67 3.09 22.45
CA SER B 118 -7.29 2.16 23.37
C SER B 118 -7.56 2.83 24.72
N GLY B 119 -6.67 3.72 25.14
CA GLY B 119 -6.86 4.47 26.36
C GLY B 119 -8.16 5.23 26.39
N LYS B 120 -8.36 6.14 25.44
CA LYS B 120 -9.57 6.93 25.40
C LYS B 120 -10.81 6.09 25.14
N LEU B 121 -10.65 4.90 24.57
CA LEU B 121 -11.78 3.99 24.40
C LEU B 121 -12.22 3.44 25.74
N LYS B 122 -11.25 3.05 26.59
CA LYS B 122 -11.57 2.58 27.93
C LYS B 122 -12.27 3.67 28.74
N GLU B 123 -11.88 4.94 28.54
CA GLU B 123 -12.57 6.04 29.22
C GLU B 123 -13.97 6.26 28.67
N MET B 124 -14.28 5.72 27.48
CA MET B 124 -15.59 5.97 26.89
C MET B 124 -16.62 4.90 27.27
N VAL B 125 -16.19 3.68 27.55
CA VAL B 125 -17.13 2.60 27.88
C VAL B 125 -18.20 3.09 28.86
N PRO B 126 -17.86 3.70 30.00
CA PRO B 126 -18.88 4.25 30.90
C PRO B 126 -20.10 4.86 30.22
N ILE B 127 -19.87 5.77 29.27
CA ILE B 127 -20.99 6.53 28.72
C ILE B 127 -21.80 5.69 27.74
N ILE B 128 -21.20 4.66 27.14
CA ILE B 128 -21.91 3.84 26.16
C ILE B 128 -22.97 3.00 26.86
N ALA B 129 -22.63 2.43 28.02
CA ALA B 129 -23.47 1.42 28.66
C ALA B 129 -24.93 1.86 28.81
N GLN B 130 -25.19 3.16 28.97
CA GLN B 130 -26.57 3.58 29.11
C GLN B 130 -27.38 3.23 27.87
N TYR B 131 -26.77 3.35 26.69
CA TYR B 131 -27.45 2.92 25.47
C TYR B 131 -27.57 1.41 25.40
N GLY B 132 -26.75 0.68 26.15
CA GLY B 132 -26.99 -0.73 26.35
C GLY B 132 -28.29 -0.99 27.12
N ASP B 133 -28.53 -0.17 28.13
CA ASP B 133 -29.76 -0.30 28.92
C ASP B 133 -30.98 -0.17 28.02
N VAL B 134 -31.00 0.87 27.19
CA VAL B 134 -32.13 1.11 26.28
C VAL B 134 -32.34 -0.09 25.37
N LEU B 135 -31.25 -0.66 24.85
CA LEU B 135 -31.37 -1.79 23.94
C LEU B 135 -32.09 -2.95 24.61
N VAL B 136 -31.67 -3.32 25.83
CA VAL B 136 -32.33 -4.40 26.54
C VAL B 136 -33.82 -4.09 26.73
N ARG B 137 -34.12 -2.87 27.18
CA ARG B 137 -35.52 -2.52 27.41
C ARG B 137 -36.32 -2.59 26.12
N ASN B 138 -35.76 -2.07 25.01
CA ASN B 138 -36.51 -2.09 23.76
C ASN B 138 -36.67 -3.51 23.22
N LEU B 139 -35.67 -4.37 23.42
CA LEU B 139 -35.81 -5.76 23.00
C LEU B 139 -36.82 -6.50 23.86
N ARG B 140 -36.85 -6.19 25.15
CA ARG B 140 -37.83 -6.82 26.03
C ARG B 140 -39.25 -6.53 25.55
N ARG B 141 -39.54 -5.27 25.21
CA ARG B 141 -40.89 -4.90 24.83
C ARG B 141 -41.32 -5.57 23.54
N GLU B 142 -40.37 -5.81 22.63
CA GLU B 142 -40.68 -6.58 21.43
C GLU B 142 -40.89 -8.05 21.74
N ALA B 143 -39.96 -8.63 22.51
CA ALA B 143 -40.03 -10.07 22.76
C ALA B 143 -41.23 -10.44 23.63
N GLU B 144 -41.63 -9.58 24.55
CA GLU B 144 -42.62 -9.98 25.55
C GLU B 144 -44.03 -10.06 24.97
N THR B 145 -44.27 -9.47 23.80
CA THR B 145 -45.51 -9.70 23.08
C THR B 145 -45.50 -11.03 22.32
N GLY B 146 -44.38 -11.73 22.32
CA GLY B 146 -44.24 -12.98 21.60
C GLY B 146 -43.86 -12.85 20.14
N LYS B 147 -44.04 -11.68 19.54
CA LYS B 147 -43.82 -11.53 18.11
C LYS B 147 -42.33 -11.63 17.78
N PRO B 148 -42.00 -12.11 16.58
CA PRO B 148 -40.59 -12.18 16.18
C PRO B 148 -39.97 -10.79 16.05
N VAL B 149 -38.70 -10.69 16.41
CA VAL B 149 -38.00 -9.42 16.46
C VAL B 149 -37.22 -9.20 15.17
N THR B 150 -37.37 -8.01 14.59
CA THR B 150 -36.59 -7.61 13.42
C THR B 150 -35.28 -6.97 13.90
N LEU B 151 -34.12 -7.59 13.64
CA LEU B 151 -33.00 -7.20 14.51
C LEU B 151 -32.42 -5.86 14.09
N LYS B 152 -32.27 -5.62 12.77
CA LYS B 152 -31.73 -4.31 12.38
C LYS B 152 -32.54 -3.16 12.97
N HIS B 153 -33.74 -3.43 13.49
CA HIS B 153 -34.54 -2.37 14.09
C HIS B 153 -34.11 -2.07 15.52
N VAL B 154 -33.89 -3.11 16.34
CA VAL B 154 -33.40 -2.84 17.68
C VAL B 154 -31.90 -2.58 17.66
N PHE B 155 -31.16 -3.22 16.75
CA PHE B 155 -29.72 -2.99 16.67
C PHE B 155 -29.40 -1.72 15.88
N GLY B 156 -30.22 -1.38 14.93
CA GLY B 156 -30.03 -0.15 14.23
C GLY B 156 -30.17 0.98 15.23
N ALA B 157 -31.20 0.96 16.05
CA ALA B 157 -31.40 1.92 17.07
C ALA B 157 -30.24 1.98 18.00
N TYR B 158 -29.74 0.86 18.46
CA TYR B 158 -28.57 0.88 19.32
C TYR B 158 -27.39 1.51 18.59
N SER B 159 -27.25 1.23 17.29
CA SER B 159 -26.12 1.71 16.52
C SER B 159 -26.16 3.23 16.35
N MET B 160 -27.33 3.76 15.98
CA MET B 160 -27.45 5.21 15.87
C MET B 160 -27.30 5.87 17.23
N ASP B 161 -27.93 5.29 18.24
CA ASP B 161 -27.86 5.93 19.51
C ASP B 161 -26.44 6.13 19.92
N VAL B 162 -25.63 5.10 19.87
CA VAL B 162 -24.28 5.25 20.31
C VAL B 162 -23.47 6.17 19.47
N ILE B 163 -23.36 5.91 18.19
CA ILE B 163 -22.53 6.72 17.32
C ILE B 163 -22.97 8.16 17.20
N THR B 164 -24.26 8.44 17.11
CA THR B 164 -24.68 9.82 17.02
C THR B 164 -24.38 10.56 18.29
N SER B 165 -24.84 10.02 19.41
CA SER B 165 -24.61 10.63 20.70
C SER B 165 -23.17 10.95 20.94
N THR B 166 -22.30 9.98 20.77
CA THR B 166 -20.89 10.28 20.99
C THR B 166 -20.17 11.10 19.94
N SER B 167 -20.73 11.34 18.77
CA SER B 167 -20.04 12.12 17.77
C SER B 167 -20.45 13.55 17.92
N PHE B 168 -21.69 13.73 18.34
CA PHE B 168 -22.27 15.02 18.61
C PHE B 168 -22.48 15.43 20.07
N GLY B 169 -22.02 14.67 21.06
CA GLY B 169 -22.23 15.04 22.44
C GLY B 169 -23.68 15.15 22.89
N VAL B 170 -24.62 14.41 22.30
CA VAL B 170 -25.98 14.53 22.74
C VAL B 170 -26.52 13.16 22.96
N SER B 171 -27.01 12.82 24.13
CA SER B 171 -27.56 11.51 24.29
C SER B 171 -28.88 11.48 23.55
N ILE B 172 -29.18 10.40 22.86
CA ILE B 172 -30.43 10.30 22.14
C ILE B 172 -31.01 8.91 22.26
N ASP B 173 -32.30 8.79 22.08
CA ASP B 173 -32.98 7.53 22.13
C ASP B 173 -33.78 7.49 20.84
N SER B 174 -33.23 6.91 19.80
CA SER B 174 -33.86 6.90 18.51
C SER B 174 -35.18 6.22 18.48
N LEU B 175 -35.37 5.22 19.32
CA LEU B 175 -36.60 4.46 19.31
C LEU B 175 -37.78 5.12 20.03
N ASN B 176 -37.50 5.88 21.08
CA ASN B 176 -38.56 6.47 21.87
C ASN B 176 -38.61 7.98 21.82
N ASN B 177 -37.81 8.52 20.96
CA ASN B 177 -37.66 9.92 20.57
C ASN B 177 -37.46 10.03 19.07
N PRO B 178 -38.31 9.43 18.23
CA PRO B 178 -38.21 9.70 16.79
C PRO B 178 -38.65 11.10 16.41
N GLN B 179 -39.21 11.86 17.35
CA GLN B 179 -39.58 13.24 17.10
C GLN B 179 -38.38 14.16 17.24
N ASP B 180 -37.56 13.90 18.25
CA ASP B 180 -36.40 14.70 18.50
C ASP B 180 -35.85 15.08 17.20
N PRO B 181 -35.79 16.35 16.90
CA PRO B 181 -35.26 16.72 15.61
C PRO B 181 -33.86 16.19 15.35
N PHE B 182 -33.01 16.16 16.35
CA PHE B 182 -31.74 15.46 16.20
C PHE B 182 -31.76 14.07 15.62
N VAL B 183 -32.69 13.26 16.02
CA VAL B 183 -32.78 11.98 15.47
C VAL B 183 -33.21 12.14 14.06
N GLU B 184 -34.38 12.72 13.85
CA GLU B 184 -34.92 12.93 12.52
C GLU B 184 -33.92 13.47 11.49
N ASN B 185 -33.11 14.47 11.88
CA ASN B 185 -32.20 15.06 10.97
C ASN B 185 -31.11 14.10 10.75
N THR B 186 -30.58 13.50 11.82
CA THR B 186 -29.53 12.50 11.63
C THR B 186 -30.01 11.36 10.77
N LYS B 187 -31.23 10.87 11.03
CA LYS B 187 -31.83 9.87 10.15
C LYS B 187 -31.90 10.39 8.72
N LYS B 188 -32.38 11.62 8.55
CA LYS B 188 -32.59 12.14 7.20
C LYS B 188 -31.26 12.37 6.48
N LEU B 189 -30.16 12.46 7.22
CA LEU B 189 -28.83 12.58 6.63
C LEU B 189 -28.33 11.23 6.10
N LEU B 190 -28.51 10.17 6.89
CA LEU B 190 -27.97 8.86 6.54
C LEU B 190 -28.58 8.29 5.25
N ARG B 191 -29.79 8.74 4.94
CA ARG B 191 -30.50 8.35 3.73
C ARG B 191 -29.58 8.43 2.54
N PHE B 192 -28.75 9.49 2.48
CA PHE B 192 -27.83 9.58 1.38
C PHE B 192 -26.92 8.37 1.37
N ASN B 193 -26.67 7.82 0.19
CA ASN B 193 -25.77 6.68 0.09
C ASN B 193 -25.17 6.65 -1.30
N PRO B 194 -24.12 5.85 -1.51
CA PRO B 194 -23.45 5.83 -2.83
C PRO B 194 -24.35 5.34 -3.96
N LEU B 195 -25.41 4.58 -3.67
CA LEU B 195 -26.31 4.17 -4.73
C LEU B 195 -27.41 5.18 -5.02
N ASP B 196 -27.32 6.40 -4.52
CA ASP B 196 -28.28 7.38 -4.96
C ASP B 196 -28.03 7.69 -6.43
N PRO B 197 -29.10 7.93 -7.21
CA PRO B 197 -28.92 8.14 -8.65
C PRO B 197 -28.01 9.31 -8.99
N PHE B 198 -28.06 10.39 -8.20
CA PHE B 198 -27.15 11.50 -8.47
C PHE B 198 -25.70 11.03 -8.46
N VAL B 199 -25.33 10.24 -7.46
CA VAL B 199 -23.96 9.73 -7.40
C VAL B 199 -23.65 8.87 -8.61
N LEU B 200 -24.59 8.00 -8.99
CA LEU B 200 -24.34 7.10 -10.11
C LEU B 200 -24.17 7.86 -11.41
N SER B 201 -24.95 8.92 -11.61
CA SER B 201 -24.82 9.72 -12.83
C SER B 201 -23.47 10.43 -12.86
N ILE B 202 -23.00 10.91 -11.70
CA ILE B 202 -21.66 11.48 -11.63
C ILE B 202 -20.62 10.44 -12.00
N LYS B 203 -20.78 9.21 -11.50
CA LYS B 203 -19.83 8.15 -11.81
C LYS B 203 -19.63 8.03 -13.32
N VAL B 204 -20.72 8.12 -14.07
CA VAL B 204 -20.64 7.99 -15.52
C VAL B 204 -19.95 9.20 -16.14
N PHE B 205 -20.18 10.38 -15.57
CA PHE B 205 -19.66 11.64 -16.11
C PHE B 205 -18.96 12.42 -15.01
N PRO B 206 -17.80 11.93 -14.56
CA PRO B 206 -17.09 12.63 -13.47
C PRO B 206 -16.74 14.07 -13.79
N PHE B 207 -16.65 14.43 -15.08
CA PHE B 207 -16.18 15.75 -15.46
C PHE B 207 -17.17 16.87 -15.16
N LEU B 208 -18.37 16.54 -14.67
CA LEU B 208 -19.29 17.56 -14.23
C LEU B 208 -19.05 17.98 -12.79
N THR B 209 -18.28 17.21 -12.03
CA THR B 209 -18.06 17.56 -10.62
C THR B 209 -17.45 18.93 -10.46
N PRO B 210 -16.36 19.28 -11.15
CA PRO B 210 -15.79 20.63 -10.98
C PRO B 210 -16.83 21.74 -11.15
N ILE B 211 -17.75 21.59 -12.10
CA ILE B 211 -18.74 22.62 -12.34
C ILE B 211 -19.75 22.66 -11.20
N LEU B 212 -20.23 21.50 -10.77
CA LEU B 212 -21.15 21.45 -9.65
C LEU B 212 -20.51 22.04 -8.39
N GLU B 213 -19.22 21.75 -8.18
CA GLU B 213 -18.51 22.37 -7.06
C GLU B 213 -18.55 23.89 -7.17
N ALA B 214 -18.31 24.43 -8.36
CA ALA B 214 -18.28 25.89 -8.53
C ALA B 214 -19.64 26.52 -8.28
N LEU B 215 -20.72 25.78 -8.43
CA LEU B 215 -22.06 26.27 -8.15
C LEU B 215 -22.54 25.91 -6.75
N ASN B 216 -21.68 25.31 -5.93
CA ASN B 216 -22.05 24.85 -4.59
C ASN B 216 -23.26 23.92 -4.65
N ILE B 217 -23.15 22.89 -5.49
CA ILE B 217 -24.14 21.83 -5.56
C ILE B 217 -23.46 20.55 -5.08
N THR B 218 -23.88 20.07 -3.91
CA THR B 218 -23.19 19.03 -3.18
C THR B 218 -24.08 17.81 -3.05
N VAL B 219 -23.45 16.63 -3.04
CA VAL B 219 -24.19 15.38 -2.90
C VAL B 219 -24.87 15.33 -1.53
N PHE B 220 -24.33 16.01 -0.54
CA PHE B 220 -24.81 15.90 0.82
C PHE B 220 -25.99 16.83 1.07
N PRO B 221 -26.93 16.44 1.98
CA PRO B 221 -28.15 17.22 2.19
C PRO B 221 -27.96 18.57 2.84
N ARG B 222 -27.48 19.55 2.10
CA ARG B 222 -27.18 20.85 2.65
C ARG B 222 -27.85 21.30 3.94
N GLU B 223 -29.18 21.39 3.97
CA GLU B 223 -29.86 21.94 5.15
C GLU B 223 -29.59 21.10 6.38
N VAL B 224 -29.88 19.81 6.30
CA VAL B 224 -29.67 18.88 7.41
C VAL B 224 -28.31 19.16 8.02
N ILE B 225 -27.34 19.41 7.18
CA ILE B 225 -26.04 19.74 7.67
C ILE B 225 -26.10 21.07 8.38
N SER B 226 -26.74 22.09 7.79
CA SER B 226 -26.88 23.36 8.46
C SER B 226 -27.50 23.20 9.84
N PHE B 227 -28.59 22.48 9.93
CA PHE B 227 -29.18 22.26 11.23
C PHE B 227 -28.21 21.57 12.15
N LEU B 228 -27.55 20.52 11.69
CA LEU B 228 -26.63 19.84 12.56
C LEU B 228 -25.53 20.76 12.98
N THR B 229 -24.87 21.40 12.05
CA THR B 229 -23.78 22.26 12.46
C THR B 229 -24.22 23.33 13.46
N LYS B 230 -25.37 23.96 13.26
CA LYS B 230 -25.86 24.94 14.22
C LYS B 230 -26.03 24.28 15.57
N SER B 231 -26.75 23.18 15.63
CA SER B 231 -26.97 22.46 16.87
C SER B 231 -25.68 22.12 17.56
N VAL B 232 -24.71 21.59 16.84
CA VAL B 232 -23.46 21.29 17.51
C VAL B 232 -22.80 22.56 18.04
N LYS B 233 -22.89 23.66 17.28
CA LYS B 233 -22.37 24.93 17.77
C LYS B 233 -22.97 25.25 19.14
N GLN B 234 -24.23 25.01 19.32
CA GLN B 234 -24.81 25.28 20.60
C GLN B 234 -24.22 24.44 21.66
N ILE B 235 -23.64 23.33 21.31
CA ILE B 235 -23.31 22.39 22.38
C ILE B 235 -21.88 22.63 22.82
N LYS B 236 -21.07 23.23 21.94
CA LYS B 236 -19.74 23.65 22.32
C LYS B 236 -19.78 24.83 23.28
N GLU B 237 -20.77 25.70 23.11
CA GLU B 237 -20.89 26.87 23.95
C GLU B 237 -21.38 26.45 25.30
N GLY B 238 -22.56 25.87 25.36
CA GLY B 238 -23.09 25.40 26.62
C GLY B 238 -22.13 24.48 27.35
N ARG B 239 -21.56 23.50 26.65
CA ARG B 239 -20.62 22.58 27.25
C ARG B 239 -19.48 23.16 28.06
N LEU B 240 -18.92 24.30 27.70
CA LEU B 240 -17.84 24.87 28.50
C LEU B 240 -18.39 25.78 29.59
N LYS B 241 -19.14 25.21 30.54
CA LYS B 241 -19.78 25.97 31.57
C LYS B 241 -20.15 25.04 32.71
N VAL B 248 -16.46 12.77 27.89
CA VAL B 248 -15.36 12.00 27.29
C VAL B 248 -15.83 11.36 25.98
N ASP B 249 -16.89 11.93 25.39
CA ASP B 249 -17.35 11.50 24.08
C ASP B 249 -16.45 12.08 22.99
N PHE B 250 -16.50 11.44 21.81
CA PHE B 250 -15.67 11.85 20.68
C PHE B 250 -15.60 13.37 20.56
N LEU B 251 -16.77 14.00 20.41
CA LEU B 251 -16.83 15.45 20.22
C LEU B 251 -15.96 16.18 21.24
N GLN B 252 -15.91 15.67 22.46
CA GLN B 252 -15.04 16.27 23.47
C GLN B 252 -13.57 16.10 23.08
N LEU B 253 -13.14 14.85 22.84
CA LEU B 253 -11.74 14.59 22.57
C LEU B 253 -11.23 15.42 21.39
N MET B 254 -12.08 15.64 20.38
CA MET B 254 -11.67 16.45 19.25
C MET B 254 -11.56 17.92 19.64
N ILE B 255 -12.45 18.39 20.50
CA ILE B 255 -12.31 19.74 21.03
C ILE B 255 -11.04 19.83 21.87
N ASP B 256 -10.81 18.83 22.73
CA ASP B 256 -9.61 18.82 23.54
C ASP B 256 -8.35 18.88 22.69
N SER B 257 -8.40 18.34 21.46
CA SER B 257 -7.24 18.31 20.58
C SER B 257 -7.00 19.63 19.85
N GLN B 258 -7.89 20.61 20.00
CA GLN B 258 -7.77 21.89 19.31
C GLN B 258 -6.69 22.79 19.93
N ASN B 259 -5.78 22.22 20.71
CA ASN B 259 -4.65 22.96 21.26
C ASN B 259 -3.54 21.99 21.70
N THR B 265 2.54 18.09 16.37
CA THR B 265 3.14 19.00 15.40
C THR B 265 2.09 19.72 14.57
N HIS B 266 1.22 18.95 13.94
CA HIS B 266 0.17 19.47 13.05
C HIS B 266 -0.68 20.62 13.56
N LYS B 267 -1.15 21.41 12.62
CA LYS B 267 -1.96 22.57 12.91
C LYS B 267 -3.35 22.01 13.21
N ALA B 268 -3.84 22.27 14.41
CA ALA B 268 -5.11 21.71 14.85
C ALA B 268 -6.26 21.86 13.87
N LEU B 269 -7.33 21.11 14.14
CA LEU B 269 -8.50 21.09 13.29
C LEU B 269 -9.30 22.35 13.34
N SER B 270 -9.85 22.77 12.21
CA SER B 270 -10.65 23.95 12.22
C SER B 270 -12.02 23.57 12.70
N ASP B 271 -12.75 24.51 13.24
CA ASP B 271 -14.10 24.17 13.66
C ASP B 271 -14.85 23.44 12.55
N LEU B 272 -14.67 23.88 11.31
CA LEU B 272 -15.37 23.25 10.19
C LEU B 272 -14.85 21.84 9.95
N GLU B 273 -13.52 21.67 9.94
CA GLU B 273 -12.94 20.35 9.77
C GLU B 273 -13.46 19.38 10.83
N LEU B 274 -13.58 19.87 12.07
CA LEU B 274 -14.08 19.02 13.15
C LEU B 274 -15.48 18.49 12.84
N MET B 275 -16.38 19.32 12.39
CA MET B 275 -17.66 18.82 12.02
C MET B 275 -17.45 17.69 11.03
N ALA B 276 -16.80 17.96 9.91
CA ALA B 276 -16.63 16.94 8.89
C ALA B 276 -16.41 15.57 9.50
N GLN B 277 -15.59 15.49 10.54
CA GLN B 277 -15.32 14.20 11.17
C GLN B 277 -16.55 13.67 11.89
N SER B 278 -17.18 14.51 12.73
CA SER B 278 -18.37 14.07 13.45
C SER B 278 -19.42 13.52 12.51
N ILE B 279 -19.53 14.09 11.31
CA ILE B 279 -20.52 13.61 10.34
C ILE B 279 -20.12 12.26 9.77
N ILE B 280 -18.84 12.10 9.45
CA ILE B 280 -18.40 10.90 8.74
C ILE B 280 -18.30 9.70 9.69
N PHE B 281 -18.06 9.95 10.99
CA PHE B 281 -18.11 8.87 11.96
C PHE B 281 -19.47 8.18 11.93
N ILE B 282 -20.53 8.96 11.75
CA ILE B 282 -21.89 8.42 11.71
C ILE B 282 -22.08 7.55 10.47
N PHE B 283 -21.78 8.13 9.29
CA PHE B 283 -21.86 7.34 8.06
C PHE B 283 -21.03 6.07 8.17
N ALA B 284 -19.84 6.19 8.68
CA ALA B 284 -18.97 5.05 8.71
C ALA B 284 -19.30 3.98 9.72
N GLY B 285 -19.94 4.36 10.80
CA GLY B 285 -20.17 3.40 11.87
C GLY B 285 -21.61 3.04 12.15
N TYR B 286 -22.56 3.67 11.48
CA TYR B 286 -23.95 3.36 11.79
C TYR B 286 -24.36 2.01 11.23
N GLU B 287 -24.50 1.92 9.92
CA GLU B 287 -24.95 0.70 9.28
C GLU B 287 -24.02 -0.47 9.38
N THR B 288 -22.74 -0.22 9.38
CA THR B 288 -21.76 -1.30 9.56
C THR B 288 -21.97 -1.99 10.89
N THR B 289 -22.10 -1.21 11.96
CA THR B 289 -22.37 -1.79 13.27
C THR B 289 -23.73 -2.47 13.30
N SER B 290 -24.76 -1.79 12.79
CA SER B 290 -26.10 -2.38 12.78
C SER B 290 -26.12 -3.70 12.02
N SER B 291 -25.47 -3.74 10.85
CA SER B 291 -25.54 -4.94 10.02
C SER B 291 -24.78 -6.10 10.65
N VAL B 292 -23.60 -5.84 11.19
CA VAL B 292 -22.77 -6.92 11.74
C VAL B 292 -23.44 -7.52 12.96
N LEU B 293 -23.90 -6.68 13.89
CA LEU B 293 -24.57 -7.18 15.08
C LEU B 293 -25.71 -8.13 14.71
N SER B 294 -26.48 -7.78 13.68
CA SER B 294 -27.55 -8.67 13.23
C SER B 294 -26.99 -9.97 12.66
N PHE B 295 -25.90 -9.87 11.90
CA PHE B 295 -25.29 -11.07 11.34
C PHE B 295 -24.73 -11.97 12.43
N ILE B 296 -24.27 -11.39 13.53
CA ILE B 296 -23.73 -12.19 14.62
C ILE B 296 -24.84 -12.95 15.32
N ILE B 297 -25.96 -12.25 15.61
CA ILE B 297 -27.07 -12.91 16.28
C ILE B 297 -27.67 -13.97 15.37
N TYR B 298 -27.70 -13.71 14.08
CA TYR B 298 -28.23 -14.65 13.13
C TYR B 298 -27.40 -15.91 13.15
N GLU B 299 -26.10 -15.74 13.21
CA GLU B 299 -25.20 -16.90 13.30
C GLU B 299 -25.38 -17.64 14.60
N LEU B 300 -25.64 -16.92 15.69
CA LEU B 300 -25.82 -17.55 16.99
C LEU B 300 -27.18 -18.20 17.16
N ALA B 301 -28.19 -17.75 16.41
CA ALA B 301 -29.50 -18.39 16.44
C ALA B 301 -29.57 -19.61 15.53
N THR B 302 -28.67 -19.72 14.55
CA THR B 302 -28.57 -20.90 13.70
C THR B 302 -27.49 -21.86 14.15
N HIS B 303 -26.79 -21.56 15.25
CA HIS B 303 -25.78 -22.44 15.83
C HIS B 303 -25.95 -22.41 17.33
N PRO B 304 -27.00 -23.06 17.84
CA PRO B 304 -27.37 -22.90 19.25
C PRO B 304 -26.26 -23.26 20.23
N ASP B 305 -25.45 -24.27 19.92
CA ASP B 305 -24.35 -24.61 20.80
C ASP B 305 -23.33 -23.48 20.86
N VAL B 306 -23.09 -22.81 19.74
CA VAL B 306 -22.23 -21.62 19.76
C VAL B 306 -22.85 -20.57 20.65
N GLN B 307 -24.17 -20.35 20.52
CA GLN B 307 -24.83 -19.38 21.38
C GLN B 307 -24.64 -19.72 22.84
N GLN B 308 -24.73 -21.00 23.22
CA GLN B 308 -24.69 -21.19 24.66
C GLN B 308 -23.28 -20.98 25.21
N LYS B 309 -22.26 -21.47 24.49
CA LYS B 309 -20.88 -21.30 24.92
C LYS B 309 -20.55 -19.82 25.05
N VAL B 310 -21.11 -18.98 24.19
CA VAL B 310 -20.90 -17.54 24.32
C VAL B 310 -21.47 -17.06 25.65
N GLN B 311 -22.63 -17.58 26.04
CA GLN B 311 -23.23 -17.19 27.31
C GLN B 311 -22.47 -17.80 28.49
N LYS B 312 -22.15 -19.09 28.42
CA LYS B 312 -21.26 -19.70 29.40
C LYS B 312 -19.92 -19.00 29.53
N GLU B 313 -19.47 -18.27 28.52
CA GLU B 313 -18.32 -17.41 28.73
C GLU B 313 -18.71 -16.12 29.43
N ILE B 314 -19.79 -15.49 28.98
CA ILE B 314 -20.26 -14.24 29.59
C ILE B 314 -20.49 -14.46 31.09
N ASP B 315 -21.35 -15.43 31.43
CA ASP B 315 -21.67 -15.68 32.82
C ASP B 315 -20.44 -16.01 33.65
N THR B 316 -19.44 -16.66 33.04
CA THR B 316 -18.20 -16.92 33.76
C THR B 316 -17.45 -15.64 34.05
N VAL B 317 -17.37 -14.73 33.07
CA VAL B 317 -16.58 -13.52 33.23
C VAL B 317 -17.38 -12.42 33.93
N LEU B 318 -18.70 -12.40 33.76
CA LEU B 318 -19.56 -11.39 34.38
C LEU B 318 -20.70 -12.08 35.11
N PRO B 319 -20.39 -12.76 36.21
CA PRO B 319 -21.42 -13.54 36.92
C PRO B 319 -22.57 -12.66 37.40
N ASN B 320 -23.78 -13.16 37.18
CA ASN B 320 -25.00 -12.53 37.68
C ASN B 320 -25.29 -11.21 36.98
N LYS B 321 -25.39 -11.25 35.66
CA LYS B 321 -25.74 -10.08 34.86
C LYS B 321 -24.89 -8.87 35.25
N ALA B 322 -23.61 -9.11 35.51
CA ALA B 322 -22.71 -8.01 35.86
C ALA B 322 -22.57 -7.10 34.65
N PRO B 323 -22.74 -5.78 34.82
CA PRO B 323 -22.60 -4.87 33.66
C PRO B 323 -21.22 -5.00 33.03
N PRO B 324 -21.13 -4.94 31.71
CA PRO B 324 -19.83 -5.13 31.06
C PRO B 324 -18.95 -3.89 31.17
N THR B 325 -17.64 -4.14 31.23
CA THR B 325 -16.64 -3.09 31.30
C THR B 325 -15.65 -3.30 30.17
N TYR B 326 -14.75 -2.33 29.99
CA TYR B 326 -13.70 -2.50 28.99
C TYR B 326 -12.86 -3.75 29.29
N ASP B 327 -12.42 -3.89 30.54
CA ASP B 327 -11.48 -4.96 30.87
C ASP B 327 -12.11 -6.34 30.79
N THR B 328 -13.43 -6.41 30.99
CA THR B 328 -14.10 -7.71 31.03
C THR B 328 -14.42 -8.22 29.64
N VAL B 329 -14.76 -7.31 28.76
CA VAL B 329 -15.02 -7.67 27.40
C VAL B 329 -13.76 -8.19 26.80
N LEU B 330 -12.67 -7.54 27.07
CA LEU B 330 -11.38 -7.93 26.52
C LEU B 330 -11.04 -9.38 26.86
N GLN B 331 -11.69 -9.94 27.88
CA GLN B 331 -11.48 -11.34 28.23
C GLN B 331 -12.40 -12.30 27.50
N LEU B 332 -13.47 -11.81 26.88
CA LEU B 332 -14.39 -12.68 26.14
C LEU B 332 -13.66 -13.18 24.89
N GLU B 333 -12.85 -14.23 25.10
CA GLU B 333 -12.01 -14.75 24.03
C GLU B 333 -12.83 -15.48 22.98
N TYR B 334 -13.85 -16.21 23.39
CA TYR B 334 -14.66 -16.96 22.43
C TYR B 334 -15.61 -16.04 21.68
N LEU B 335 -16.16 -15.02 22.37
CA LEU B 335 -16.94 -14.01 21.66
C LEU B 335 -16.11 -13.36 20.57
N ASP B 336 -14.87 -12.98 20.89
CA ASP B 336 -13.91 -12.54 19.88
C ASP B 336 -13.95 -13.42 18.65
N MET B 337 -13.84 -14.74 18.86
CA MET B 337 -13.81 -15.67 17.74
C MET B 337 -15.11 -15.62 16.96
N VAL B 338 -16.24 -15.53 17.65
CA VAL B 338 -17.53 -15.50 16.96
C VAL B 338 -17.64 -14.25 16.09
N VAL B 339 -17.22 -13.10 16.62
CA VAL B 339 -17.27 -11.87 15.85
C VAL B 339 -16.39 -11.99 14.60
N ASN B 340 -15.12 -12.37 14.81
CA ASN B 340 -14.18 -12.46 13.70
C ASN B 340 -14.69 -13.40 12.61
N GLU B 341 -15.28 -14.53 13.01
CA GLU B 341 -15.82 -15.45 12.00
C GLU B 341 -17.08 -14.91 11.35
N THR B 342 -17.89 -14.15 12.09
CA THR B 342 -19.04 -13.50 11.48
C THR B 342 -18.59 -12.51 10.42
N LEU B 343 -17.46 -11.82 10.67
CA LEU B 343 -16.95 -10.85 9.71
C LEU B 343 -16.28 -11.53 8.52
N ARG B 344 -15.77 -12.75 8.70
CA ARG B 344 -15.24 -13.50 7.55
C ARG B 344 -16.38 -13.87 6.60
N LEU B 345 -17.46 -14.45 7.14
CA LEU B 345 -18.59 -14.81 6.29
C LEU B 345 -19.24 -13.57 5.68
N PHE B 346 -19.20 -12.44 6.39
CA PHE B 346 -19.96 -11.24 6.02
C PHE B 346 -19.09 -10.00 6.19
N PRO B 347 -18.07 -9.82 5.35
CA PRO B 347 -17.31 -8.57 5.39
C PRO B 347 -18.10 -7.45 4.72
N VAL B 348 -18.84 -6.69 5.52
CA VAL B 348 -19.93 -5.88 4.99
C VAL B 348 -19.44 -4.84 3.99
N ALA B 349 -18.18 -4.39 4.11
CA ALA B 349 -17.66 -3.47 3.12
C ALA B 349 -17.49 -4.14 1.76
N MET B 350 -17.19 -5.45 1.76
CA MET B 350 -17.05 -6.28 0.57
C MET B 350 -15.74 -6.06 -0.17
N ARG B 351 -15.34 -4.81 -0.36
CA ARG B 351 -14.16 -4.50 -1.15
C ARG B 351 -13.28 -3.49 -0.44
N LEU B 352 -12.01 -3.49 -0.82
CA LEU B 352 -11.10 -2.38 -0.59
C LEU B 352 -10.76 -1.75 -1.93
N GLU B 353 -10.46 -0.45 -1.90
CA GLU B 353 -10.25 0.33 -3.10
C GLU B 353 -9.14 1.33 -2.85
N ARG B 354 -8.26 1.49 -3.83
CA ARG B 354 -7.17 2.45 -3.77
C ARG B 354 -7.00 3.06 -5.15
N VAL B 355 -6.72 4.36 -5.19
CA VAL B 355 -6.42 5.03 -6.45
C VAL B 355 -4.92 5.00 -6.67
N CYS B 356 -4.50 4.51 -7.83
CA CYS B 356 -3.09 4.54 -8.19
C CYS B 356 -2.74 5.95 -8.66
N LYS B 357 -1.79 6.59 -7.99
CA LYS B 357 -1.47 7.98 -8.27
C LYS B 357 -0.48 8.12 -9.43
N LYS B 358 0.33 7.11 -9.68
CA LYS B 358 1.37 7.22 -10.70
C LYS B 358 1.66 5.86 -11.31
N ASP B 359 2.13 5.78 -12.54
CA ASP B 359 2.34 4.46 -13.09
C ASP B 359 3.25 3.73 -12.16
N VAL B 360 3.14 2.42 -12.10
CA VAL B 360 4.03 1.66 -11.20
C VAL B 360 4.05 0.19 -11.58
N GLU B 361 5.11 -0.52 -11.19
CA GLU B 361 5.14 -1.98 -11.14
C GLU B 361 5.25 -2.44 -9.70
N ILE B 362 4.33 -3.31 -9.27
CA ILE B 362 4.38 -3.94 -7.95
C ILE B 362 4.35 -5.45 -8.16
N ASN B 363 5.26 -6.16 -7.49
CA ASN B 363 5.30 -7.62 -7.53
C ASN B 363 5.10 -8.15 -8.95
N GLY B 364 5.72 -7.51 -9.92
CA GLY B 364 5.76 -8.01 -11.29
C GLY B 364 4.64 -7.57 -12.19
N MET B 365 3.77 -6.65 -11.74
CA MET B 365 2.62 -6.22 -12.52
C MET B 365 2.66 -4.71 -12.72
N PHE B 366 2.27 -4.27 -13.91
CA PHE B 366 2.23 -2.84 -14.22
C PHE B 366 0.82 -2.30 -13.96
N ILE B 367 0.72 -1.27 -13.13
CA ILE B 367 -0.56 -0.63 -12.82
C ILE B 367 -0.47 0.82 -13.27
N PRO B 368 -1.18 1.22 -14.32
CA PRO B 368 -1.07 2.61 -14.80
C PRO B 368 -1.73 3.60 -13.85
N LYS B 369 -1.38 4.87 -14.07
CA LYS B 369 -1.88 5.95 -13.23
C LYS B 369 -3.39 6.09 -13.39
N GLY B 370 -4.05 6.43 -12.28
CA GLY B 370 -5.48 6.66 -12.28
C GLY B 370 -6.34 5.42 -12.23
N VAL B 371 -5.75 4.23 -12.37
CA VAL B 371 -6.52 3.00 -12.21
C VAL B 371 -6.85 2.82 -10.73
N VAL B 372 -8.03 2.28 -10.46
CA VAL B 372 -8.43 1.92 -9.11
C VAL B 372 -8.08 0.46 -8.88
N VAL B 373 -7.24 0.21 -7.87
CA VAL B 373 -6.94 -1.16 -7.44
C VAL B 373 -8.02 -1.58 -6.46
N MET B 374 -8.63 -2.73 -6.72
CA MET B 374 -9.73 -3.25 -5.90
C MET B 374 -9.32 -4.58 -5.29
N ILE B 375 -9.58 -4.75 -4.00
CA ILE B 375 -9.23 -5.94 -3.26
C ILE B 375 -10.52 -6.61 -2.80
N PRO B 376 -10.93 -7.71 -3.46
CA PRO B 376 -12.23 -8.33 -3.13
C PRO B 376 -12.18 -9.13 -1.83
N SER B 377 -12.36 -8.42 -0.72
CA SER B 377 -12.28 -9.06 0.59
C SER B 377 -13.25 -10.23 0.70
N TYR B 378 -14.49 -10.03 0.26
CA TYR B 378 -15.48 -11.10 0.35
C TYR B 378 -15.04 -12.34 -0.43
N VAL B 379 -14.30 -12.15 -1.52
CA VAL B 379 -13.84 -13.28 -2.31
C VAL B 379 -12.76 -14.05 -1.58
N LEU B 380 -11.82 -13.33 -0.97
CA LEU B 380 -10.73 -13.98 -0.24
C LEU B 380 -11.25 -14.67 1.01
N HIS B 381 -12.27 -14.11 1.66
CA HIS B 381 -12.86 -14.73 2.84
C HIS B 381 -13.56 -16.03 2.50
N HIS B 382 -13.97 -16.22 1.25
CA HIS B 382 -14.72 -17.39 0.84
C HIS B 382 -13.92 -18.29 -0.10
N ASP B 383 -12.60 -18.17 -0.10
CA ASP B 383 -11.76 -18.88 -1.05
C ASP B 383 -11.33 -20.22 -0.46
N PRO B 384 -11.69 -21.36 -1.07
CA PRO B 384 -11.23 -22.64 -0.54
C PRO B 384 -9.72 -22.76 -0.52
N LYS B 385 -9.03 -21.92 -1.28
CA LYS B 385 -7.57 -21.88 -1.24
C LYS B 385 -7.07 -21.56 0.16
N TYR B 386 -7.80 -20.75 0.92
CA TYR B 386 -7.36 -20.28 2.22
C TYR B 386 -8.24 -20.74 3.37
N TRP B 387 -9.44 -21.24 3.10
CA TRP B 387 -10.39 -21.58 4.15
C TRP B 387 -11.05 -22.92 3.81
N THR B 388 -10.85 -23.91 4.65
CA THR B 388 -11.41 -25.23 4.40
C THR B 388 -12.89 -25.17 4.70
N GLU B 389 -13.74 -25.63 3.77
CA GLU B 389 -15.18 -25.48 3.98
C GLU B 389 -15.49 -24.02 4.32
N PRO B 390 -15.46 -23.13 3.32
CA PRO B 390 -15.48 -21.68 3.62
C PRO B 390 -16.84 -21.14 4.01
N GLU B 391 -17.92 -21.83 3.67
CA GLU B 391 -19.27 -21.34 4.00
C GLU B 391 -19.74 -21.78 5.38
N LYS B 392 -18.97 -22.61 6.08
CA LYS B 392 -19.37 -23.12 7.38
C LYS B 392 -18.97 -22.15 8.47
N PHE B 393 -19.92 -21.80 9.33
CA PHE B 393 -19.64 -20.98 10.49
C PHE B 393 -18.81 -21.79 11.49
N LEU B 394 -17.52 -21.49 11.60
CA LEU B 394 -16.61 -22.23 12.47
C LEU B 394 -15.77 -21.25 13.27
N PRO B 395 -16.29 -20.77 14.41
CA PRO B 395 -15.50 -19.87 15.26
C PRO B 395 -14.09 -20.39 15.54
N GLU B 396 -13.90 -21.70 15.57
CA GLU B 396 -12.61 -22.26 15.96
C GLU B 396 -11.48 -21.85 15.01
N ARG B 397 -11.80 -21.45 13.78
CA ARG B 397 -10.76 -20.98 12.87
C ARG B 397 -9.91 -19.91 13.52
N PHE B 398 -10.50 -19.12 14.43
CA PHE B 398 -9.85 -17.94 14.99
C PHE B 398 -9.29 -18.17 16.39
N SER B 399 -9.21 -19.43 16.82
CA SER B 399 -8.61 -19.73 18.10
C SER B 399 -7.14 -19.31 18.12
N ALA B 400 -6.62 -19.07 19.33
CA ALA B 400 -5.21 -18.74 19.47
C ALA B 400 -4.32 -19.87 18.97
N ALA B 401 -4.89 -21.07 18.83
CA ALA B 401 -4.14 -22.14 18.18
C ALA B 401 -3.98 -21.84 16.70
N ASN B 402 -5.07 -21.56 15.97
CA ASN B 402 -4.91 -21.78 14.56
C ASN B 402 -4.54 -20.45 13.91
N ALA B 403 -4.40 -19.40 14.73
CA ALA B 403 -4.14 -18.03 14.31
C ALA B 403 -3.05 -17.91 13.27
N ASP B 404 -1.97 -18.68 13.43
CA ASP B 404 -0.89 -18.59 12.44
C ASP B 404 -1.42 -18.68 11.03
N ASN B 405 -2.49 -19.45 10.81
CA ASN B 405 -2.73 -19.80 9.42
C ASN B 405 -3.57 -18.71 8.74
N ILE B 406 -3.65 -17.54 9.37
CA ILE B 406 -4.58 -16.47 8.95
C ILE B 406 -3.75 -15.27 8.51
N ASP B 407 -3.64 -15.09 7.20
CA ASP B 407 -2.91 -13.99 6.59
C ASP B 407 -3.71 -12.69 6.71
N PRO B 408 -3.13 -11.62 7.28
CA PRO B 408 -3.91 -10.38 7.43
C PRO B 408 -4.26 -9.68 6.12
N TYR B 409 -3.72 -10.12 4.97
CA TYR B 409 -4.12 -9.55 3.69
C TYR B 409 -5.14 -10.37 2.95
N ILE B 410 -5.38 -11.59 3.42
CA ILE B 410 -6.50 -12.38 2.97
C ILE B 410 -7.77 -12.02 3.75
N TYR B 411 -7.64 -11.94 5.08
CA TYR B 411 -8.72 -11.59 5.98
C TYR B 411 -8.67 -10.09 6.24
N THR B 412 -9.59 -9.34 5.62
CA THR B 412 -9.52 -7.88 5.65
C THR B 412 -10.87 -7.22 5.86
N PRO B 413 -11.57 -7.56 6.95
CA PRO B 413 -12.91 -6.96 7.15
C PRO B 413 -12.87 -5.51 7.58
N PHE B 414 -11.80 -5.08 8.25
CA PHE B 414 -11.60 -3.67 8.60
C PHE B 414 -10.52 -3.02 7.75
N GLY B 415 -10.04 -3.72 6.72
CA GLY B 415 -8.96 -3.20 5.90
C GLY B 415 -7.59 -3.58 6.47
N SER B 416 -6.60 -2.81 6.04
CA SER B 416 -5.22 -3.02 6.47
C SER B 416 -4.42 -1.78 6.08
N GLY B 417 -3.41 -1.48 6.89
CA GLY B 417 -2.54 -0.38 6.61
C GLY B 417 -3.07 0.97 7.02
N PRO B 418 -2.34 2.02 6.67
CA PRO B 418 -2.66 3.35 7.22
C PRO B 418 -4.07 3.83 6.96
N ARG B 419 -4.76 3.27 6.01
CA ARG B 419 -6.10 3.69 5.78
C ARG B 419 -7.10 2.60 6.08
N ASN B 420 -6.93 1.89 7.18
CA ASN B 420 -7.92 0.90 7.57
C ASN B 420 -8.93 1.55 8.50
N CYS B 421 -9.98 0.80 8.82
CA CYS B 421 -11.00 1.36 9.70
C CYS B 421 -10.34 1.96 10.95
N ILE B 422 -10.39 3.28 11.06
CA ILE B 422 -9.85 3.92 12.25
C ILE B 422 -10.70 3.62 13.47
N GLY B 423 -11.98 3.27 13.27
CA GLY B 423 -12.88 2.95 14.35
C GLY B 423 -12.93 1.49 14.73
N MET B 424 -12.06 0.67 14.14
CA MET B 424 -12.09 -0.78 14.37
C MET B 424 -12.19 -1.13 15.84
N ARG B 425 -11.30 -0.58 16.66
CA ARG B 425 -11.29 -0.95 18.08
C ARG B 425 -12.55 -0.47 18.78
N PHE B 426 -13.01 0.74 18.47
CA PHE B 426 -14.29 1.20 19.00
C PHE B 426 -15.42 0.27 18.56
N ALA B 427 -15.50 -0.02 17.26
CA ALA B 427 -16.61 -0.82 16.76
C ALA B 427 -16.62 -2.20 17.40
N LEU B 428 -15.46 -2.80 17.61
CA LEU B 428 -15.40 -4.14 18.20
C LEU B 428 -15.87 -4.11 19.64
N VAL B 429 -15.29 -3.23 20.45
CA VAL B 429 -15.76 -3.02 21.82
C VAL B 429 -17.26 -2.76 21.82
N ASN B 430 -17.68 -1.68 21.16
CA ASN B 430 -19.08 -1.27 21.24
C ASN B 430 -20.01 -2.41 20.89
N MET B 431 -19.62 -3.22 19.91
CA MET B 431 -20.47 -4.35 19.52
C MET B 431 -20.51 -5.41 20.62
N LYS B 432 -19.40 -5.64 21.31
CA LYS B 432 -19.44 -6.63 22.39
C LYS B 432 -20.29 -6.14 23.54
N LEU B 433 -20.21 -4.85 23.85
CA LEU B 433 -21.07 -4.28 24.89
C LEU B 433 -22.53 -4.61 24.62
N ALA B 434 -22.96 -4.48 23.37
CA ALA B 434 -24.33 -4.79 23.03
C ALA B 434 -24.58 -6.29 23.07
N LEU B 435 -23.68 -7.07 22.47
CA LEU B 435 -23.85 -8.52 22.44
C LEU B 435 -23.94 -9.08 23.86
N VAL B 436 -23.03 -8.64 24.74
CA VAL B 436 -23.06 -9.11 26.12
C VAL B 436 -24.43 -8.84 26.73
N ARG B 437 -24.82 -7.61 26.66
CA ARG B 437 -26.06 -7.17 27.22
C ARG B 437 -27.26 -7.99 26.80
N VAL B 438 -27.44 -8.17 25.51
CA VAL B 438 -28.58 -8.88 24.97
C VAL B 438 -28.48 -10.37 25.29
N LEU B 439 -27.27 -10.92 25.40
CA LEU B 439 -27.11 -12.35 25.63
C LEU B 439 -27.14 -12.71 27.10
N GLN B 440 -26.84 -11.79 28.01
CA GLN B 440 -27.12 -12.01 29.42
C GLN B 440 -28.61 -12.22 29.64
N ASN B 441 -29.43 -11.45 28.92
CA ASN B 441 -30.87 -11.39 29.17
C ASN B 441 -31.69 -12.22 28.21
N PHE B 442 -31.10 -12.75 27.13
CA PHE B 442 -31.92 -13.36 26.10
C PHE B 442 -31.20 -14.52 25.41
N SER B 443 -31.99 -15.30 24.68
CA SER B 443 -31.52 -16.35 23.79
C SER B 443 -32.37 -16.29 22.53
N PHE B 444 -31.74 -16.42 21.37
CA PHE B 444 -32.40 -16.23 20.10
C PHE B 444 -32.53 -17.54 19.35
N LYS B 445 -33.64 -17.67 18.62
CA LYS B 445 -33.83 -18.83 17.78
C LYS B 445 -34.43 -18.42 16.45
N PRO B 446 -34.46 -19.31 15.46
CA PRO B 446 -35.31 -19.09 14.29
C PRO B 446 -36.79 -19.17 14.66
N CYS B 447 -37.62 -18.79 13.69
CA CYS B 447 -39.06 -18.97 13.76
C CYS B 447 -39.58 -19.03 12.33
N LYS B 448 -40.91 -19.07 12.17
CA LYS B 448 -41.47 -19.31 10.85
C LYS B 448 -41.07 -18.22 9.87
N GLU B 449 -40.88 -16.99 10.36
CA GLU B 449 -40.57 -15.87 9.47
C GLU B 449 -39.11 -15.83 9.06
N THR B 450 -38.22 -16.48 9.80
CA THR B 450 -36.80 -16.37 9.50
C THR B 450 -36.50 -16.96 8.13
N GLN B 451 -35.54 -16.37 7.45
CA GLN B 451 -35.09 -16.88 6.18
C GLN B 451 -33.87 -17.58 6.62
N ILE B 452 -33.93 -18.90 6.89
CA ILE B 452 -32.78 -19.67 7.44
C ILE B 452 -31.57 -19.53 6.56
N PRO B 453 -31.55 -20.12 5.36
CA PRO B 453 -30.33 -19.92 4.59
C PRO B 453 -30.52 -18.53 4.17
N LEU B 454 -29.70 -17.65 4.70
CA LEU B 454 -29.87 -16.25 4.45
C LEU B 454 -29.43 -15.85 3.07
N LYS B 455 -30.21 -15.00 2.44
CA LYS B 455 -29.95 -14.53 1.08
C LYS B 455 -29.56 -13.07 1.12
N LEU B 456 -28.55 -12.71 0.35
CA LEU B 456 -28.06 -11.34 0.30
C LEU B 456 -28.69 -10.59 -0.86
N ARG B 457 -28.59 -9.26 -0.80
CA ARG B 457 -29.17 -8.40 -1.82
C ARG B 457 -28.17 -7.30 -2.16
N PHE B 458 -28.48 -6.55 -3.21
CA PHE B 458 -27.58 -5.54 -3.73
C PHE B 458 -27.63 -4.29 -2.87
N GLY B 459 -26.45 -3.74 -2.58
CA GLY B 459 -26.35 -2.53 -1.81
C GLY B 459 -24.92 -2.10 -1.64
N GLY B 460 -24.75 -0.90 -1.09
CA GLY B 460 -23.41 -0.41 -0.79
C GLY B 460 -22.68 -1.29 0.19
N LEU B 461 -23.41 -1.84 1.16
CA LEU B 461 -22.89 -2.86 2.05
C LEU B 461 -23.57 -4.19 1.78
N LEU B 462 -23.07 -5.23 2.41
CA LEU B 462 -23.79 -6.50 2.43
C LEU B 462 -25.15 -6.29 3.09
N LEU B 463 -26.21 -6.54 2.32
CA LEU B 463 -27.58 -6.38 2.78
C LEU B 463 -28.32 -7.70 2.58
N THR B 464 -29.38 -7.89 3.36
CA THR B 464 -30.16 -9.13 3.31
C THR B 464 -31.38 -8.94 2.40
N GLU B 465 -31.81 -10.04 1.78
CA GLU B 465 -32.95 -9.97 0.89
C GLU B 465 -34.23 -9.70 1.66
N LYS B 466 -34.50 -10.50 2.70
CA LYS B 466 -35.49 -10.18 3.72
C LYS B 466 -34.78 -9.71 4.98
N PRO B 467 -35.50 -9.07 5.90
CA PRO B 467 -34.88 -8.72 7.19
C PRO B 467 -34.70 -9.96 8.05
N ILE B 468 -33.64 -9.93 8.86
CA ILE B 468 -33.41 -11.00 9.83
C ILE B 468 -34.42 -10.82 10.96
N VAL B 469 -35.43 -11.69 11.00
CA VAL B 469 -36.38 -11.73 12.10
C VAL B 469 -36.13 -13.00 12.89
N LEU B 470 -36.25 -12.90 14.21
CA LEU B 470 -35.99 -14.04 15.09
C LEU B 470 -36.90 -13.94 16.30
N LYS B 471 -36.95 -15.03 17.06
CA LYS B 471 -37.71 -15.12 18.30
C LYS B 471 -36.75 -14.91 19.47
N ALA B 472 -37.09 -13.98 20.34
CA ALA B 472 -36.29 -13.67 21.52
C ALA B 472 -37.00 -14.18 22.76
N GLU B 473 -36.40 -15.15 23.44
CA GLU B 473 -36.94 -15.71 24.67
C GLU B 473 -36.16 -15.16 25.85
N SER B 474 -36.87 -14.84 26.93
CA SER B 474 -36.21 -14.32 28.12
C SER B 474 -35.47 -15.43 28.85
N ARG B 475 -34.35 -15.07 29.47
CA ARG B 475 -33.49 -16.03 30.15
C ARG B 475 -33.91 -16.13 31.61
N ASP B 476 -34.48 -17.28 31.99
CA ASP B 476 -34.84 -17.53 33.37
C ASP B 476 -35.85 -16.51 33.88
N THR C 8 -9.73 -28.65 66.54
CA THR C 8 -9.27 -27.27 66.47
C THR C 8 -10.22 -26.41 65.64
N HIS C 9 -11.20 -27.04 65.01
CA HIS C 9 -12.11 -26.34 64.11
C HIS C 9 -13.13 -25.46 64.83
N GLY C 10 -13.06 -25.34 66.15
CA GLY C 10 -13.89 -24.39 66.86
C GLY C 10 -13.06 -23.26 67.43
N LEU C 11 -11.76 -23.29 67.13
CA LEU C 11 -10.81 -22.38 67.76
C LEU C 11 -11.10 -20.92 67.40
N PHE C 12 -11.23 -20.62 66.10
CA PHE C 12 -11.40 -19.23 65.71
C PHE C 12 -12.78 -18.71 66.08
N LYS C 13 -13.83 -19.50 65.87
CA LYS C 13 -15.16 -19.05 66.29
C LYS C 13 -15.26 -19.06 67.79
N LYS C 14 -14.41 -19.84 68.43
CA LYS C 14 -14.33 -19.86 69.88
C LYS C 14 -13.67 -18.58 70.45
N LEU C 15 -12.58 -18.10 69.83
CA LEU C 15 -11.88 -16.91 70.33
C LEU C 15 -12.33 -15.54 69.79
N GLY C 16 -13.44 -15.47 69.06
CA GLY C 16 -13.94 -14.20 68.56
C GLY C 16 -13.32 -13.76 67.26
N ILE C 17 -12.82 -14.69 66.46
CA ILE C 17 -12.18 -14.39 65.17
C ILE C 17 -13.11 -14.86 64.07
N PRO C 18 -13.49 -14.01 63.13
CA PRO C 18 -14.32 -14.45 62.01
C PRO C 18 -13.51 -15.25 61.00
N GLY C 19 -14.24 -15.87 60.07
CA GLY C 19 -13.60 -16.62 59.01
C GLY C 19 -14.58 -17.49 58.24
N PRO C 20 -14.12 -18.01 57.10
CA PRO C 20 -14.96 -18.98 56.37
C PRO C 20 -15.23 -20.20 57.23
N THR C 21 -16.46 -20.67 57.18
CA THR C 21 -16.81 -21.89 57.91
C THR C 21 -16.05 -23.07 57.31
N PRO C 22 -15.37 -23.88 58.11
CA PRO C 22 -14.55 -24.96 57.56
C PRO C 22 -15.41 -26.18 57.20
N LEU C 23 -14.76 -27.18 56.65
CA LEU C 23 -15.33 -28.49 56.40
C LEU C 23 -14.69 -29.51 57.32
N PRO C 24 -15.37 -30.62 57.60
CA PRO C 24 -14.72 -31.73 58.29
C PRO C 24 -13.38 -32.08 57.68
N PHE C 25 -12.31 -32.02 58.47
CA PHE C 25 -10.97 -32.41 58.03
C PHE C 25 -10.37 -31.40 57.06
N LEU C 26 -10.99 -31.24 55.89
CA LEU C 26 -10.42 -30.41 54.83
C LEU C 26 -10.26 -28.96 55.26
N GLY C 27 -11.04 -28.49 56.23
CA GLY C 27 -10.98 -27.09 56.60
C GLY C 27 -11.44 -26.22 55.45
N ASN C 28 -10.72 -25.11 55.23
CA ASN C 28 -10.97 -24.24 54.09
C ASN C 28 -10.00 -24.52 52.95
N ALA C 29 -9.29 -25.65 52.99
CA ALA C 29 -8.17 -25.87 52.08
C ALA C 29 -8.61 -26.16 50.65
N LEU C 30 -9.85 -26.58 50.45
CA LEU C 30 -10.35 -26.72 49.08
C LEU C 30 -10.58 -25.36 48.44
N SER C 31 -10.87 -24.35 49.26
CA SER C 31 -11.07 -22.99 48.76
C SER C 31 -9.76 -22.28 48.46
N PHE C 32 -8.62 -22.87 48.82
CA PHE C 32 -7.35 -22.30 48.40
C PHE C 32 -7.15 -22.48 46.89
N ARG C 33 -7.59 -23.62 46.37
CA ARG C 33 -7.26 -24.06 45.02
C ARG C 33 -7.83 -23.15 43.94
N LYS C 34 -8.59 -22.12 44.30
CA LYS C 34 -8.94 -21.06 43.36
C LYS C 34 -7.87 -19.99 43.28
N GLY C 35 -6.80 -20.13 44.05
CA GLY C 35 -5.78 -19.11 44.16
C GLY C 35 -5.75 -18.49 45.54
N TYR C 36 -4.61 -18.59 46.22
CA TYR C 36 -4.45 -17.86 47.48
C TYR C 36 -4.85 -16.41 47.29
N TRP C 37 -4.42 -15.80 46.17
CA TRP C 37 -4.62 -14.37 45.97
C TRP C 37 -6.11 -14.04 45.94
N THR C 38 -6.88 -14.76 45.12
CA THR C 38 -8.31 -14.50 45.04
C THR C 38 -8.98 -14.77 46.38
N PHE C 39 -8.71 -15.94 46.96
CA PHE C 39 -9.41 -16.36 48.17
C PHE C 39 -9.09 -15.45 49.34
N ASP C 40 -7.81 -15.09 49.51
CA ASP C 40 -7.43 -14.17 50.57
C ASP C 40 -8.11 -12.82 50.41
N MET C 41 -8.21 -12.34 49.17
CA MET C 41 -8.88 -11.06 48.94
C MET C 41 -10.34 -11.13 49.37
N GLU C 42 -11.01 -12.26 49.10
CA GLU C 42 -12.40 -12.40 49.49
C GLU C 42 -12.55 -12.38 51.01
N CYS C 43 -11.64 -13.03 51.72
CA CYS C 43 -11.74 -13.06 53.18
C CYS C 43 -11.51 -11.68 53.77
N TYR C 44 -10.52 -10.95 53.26
CA TYR C 44 -10.29 -9.58 53.70
C TYR C 44 -11.53 -8.74 53.46
N LYS C 45 -12.20 -8.89 52.28
CA LYS C 45 -13.26 -7.92 52.01
C LYS C 45 -14.51 -8.22 52.81
N LYS C 46 -14.78 -9.46 53.21
CA LYS C 46 -16.02 -9.71 53.94
C LYS C 46 -15.81 -9.89 55.46
N TYR C 47 -14.64 -10.33 55.91
CA TYR C 47 -14.38 -10.50 57.34
C TYR C 47 -13.54 -9.39 57.95
N GLY C 48 -13.10 -8.44 57.14
CA GLY C 48 -12.34 -7.33 57.69
C GLY C 48 -10.86 -7.60 57.78
N LYS C 49 -10.23 -6.97 58.76
CA LYS C 49 -8.77 -7.00 58.95
C LYS C 49 -8.12 -8.23 59.50
N VAL C 50 -8.87 -9.08 60.15
CA VAL C 50 -8.36 -10.33 60.71
C VAL C 50 -9.40 -11.40 60.48
N TRP C 51 -8.94 -12.60 60.10
CA TRP C 51 -9.81 -13.73 59.88
C TRP C 51 -9.00 -15.00 60.02
N GLY C 52 -9.68 -16.08 60.40
CA GLY C 52 -9.05 -17.36 60.62
C GLY C 52 -9.47 -18.36 59.56
N ILE C 53 -8.56 -19.29 59.24
CA ILE C 53 -8.84 -20.35 58.27
C ILE C 53 -8.11 -21.60 58.75
N TYR C 54 -8.51 -22.75 58.21
CA TYR C 54 -7.92 -24.03 58.54
C TYR C 54 -7.37 -24.66 57.28
N ASP C 55 -6.09 -24.96 57.27
CA ASP C 55 -5.46 -25.63 56.16
C ASP C 55 -5.51 -27.04 56.62
N GLY C 56 -6.61 -27.71 56.31
CA GLY C 56 -6.88 -29.01 56.88
C GLY C 56 -7.12 -28.89 58.38
N GLN C 57 -6.20 -29.41 59.17
CA GLN C 57 -6.24 -29.43 60.63
C GLN C 57 -5.30 -28.39 61.25
N GLN C 58 -4.65 -27.56 60.42
CA GLN C 58 -3.75 -26.54 60.92
C GLN C 58 -4.43 -25.18 60.86
N PRO C 59 -4.75 -24.55 61.99
CA PRO C 59 -5.38 -23.23 61.94
C PRO C 59 -4.37 -22.15 61.56
N MET C 60 -4.84 -21.22 60.72
CA MET C 60 -4.04 -20.12 60.19
C MET C 60 -4.74 -18.82 60.51
N LEU C 61 -4.01 -17.87 61.08
CA LEU C 61 -4.55 -16.57 61.48
C LEU C 61 -3.96 -15.50 60.57
N ALA C 62 -4.81 -14.91 59.73
CA ALA C 62 -4.38 -13.89 58.79
C ALA C 62 -4.49 -12.52 59.43
N ILE C 63 -3.44 -11.70 59.27
CA ILE C 63 -3.39 -10.38 59.87
C ILE C 63 -3.04 -9.36 58.78
N THR C 64 -3.66 -8.17 58.89
CA THR C 64 -3.43 -7.11 57.92
C THR C 64 -2.92 -5.81 58.55
N ASP C 65 -2.97 -5.66 59.86
CA ASP C 65 -2.53 -4.41 60.47
C ASP C 65 -1.00 -4.33 60.45
N PRO C 66 -0.41 -3.32 59.82
CA PRO C 66 1.05 -3.23 59.79
C PRO C 66 1.70 -3.36 61.16
N ASP C 67 1.06 -2.87 62.22
CA ASP C 67 1.69 -2.91 63.53
C ASP C 67 1.84 -4.34 64.03
N MET C 68 0.79 -5.16 63.88
CA MET C 68 0.95 -6.58 64.17
C MET C 68 2.00 -7.20 63.25
N ILE C 69 1.88 -6.94 61.94
CA ILE C 69 2.83 -7.49 60.97
C ILE C 69 4.25 -7.17 61.40
N LYS C 70 4.48 -5.97 61.93
CA LYS C 70 5.81 -5.60 62.38
C LYS C 70 6.18 -6.33 63.67
N THR C 71 5.22 -6.48 64.58
CA THR C 71 5.49 -7.20 65.81
C THR C 71 5.81 -8.66 65.51
N VAL C 72 5.13 -9.25 64.53
CA VAL C 72 5.35 -10.65 64.20
C VAL C 72 6.70 -10.85 63.52
N LEU C 73 6.95 -10.09 62.46
CA LEU C 73 8.14 -10.36 61.64
C LEU C 73 9.41 -9.82 62.28
N VAL C 74 9.33 -8.71 63.02
CA VAL C 74 10.51 -8.02 63.54
C VAL C 74 10.66 -8.23 65.04
N LYS C 75 9.72 -7.71 65.83
CA LYS C 75 9.93 -7.54 67.26
C LYS C 75 9.77 -8.85 68.02
N GLU C 76 8.91 -9.76 67.57
CA GLU C 76 8.72 -11.05 68.21
C GLU C 76 9.28 -12.20 67.38
N CYS C 77 10.17 -11.89 66.43
CA CYS C 77 10.64 -12.89 65.47
C CYS C 77 11.39 -14.02 66.16
N TYR C 78 12.45 -13.69 66.90
CA TYR C 78 13.30 -14.72 67.50
C TYR C 78 12.51 -15.59 68.47
N SER C 79 11.70 -14.96 69.33
CA SER C 79 11.17 -15.64 70.50
C SER C 79 9.91 -16.43 70.22
N VAL C 80 9.19 -16.14 69.14
CA VAL C 80 7.85 -16.68 68.98
C VAL C 80 7.55 -17.07 67.54
N PHE C 81 7.89 -16.19 66.60
CA PHE C 81 7.54 -16.39 65.20
C PHE C 81 8.77 -16.59 64.35
N THR C 82 9.52 -17.66 64.60
CA THR C 82 10.82 -17.82 63.97
C THR C 82 10.78 -18.60 62.68
N ASN C 83 9.91 -19.60 62.57
CA ASN C 83 10.05 -20.61 61.53
C ASN C 83 8.80 -20.74 60.67
N ARG C 84 9.02 -21.26 59.45
CA ARG C 84 7.94 -21.67 58.57
C ARG C 84 7.45 -23.05 58.98
N ARG C 85 6.48 -23.57 58.29
CA ARG C 85 5.97 -24.85 58.69
C ARG C 85 6.77 -26.01 58.21
N PRO C 86 6.84 -27.05 59.03
CA PRO C 86 7.44 -28.28 58.53
C PRO C 86 6.62 -28.83 57.38
N PHE C 87 7.28 -29.59 56.51
CA PHE C 87 6.61 -30.12 55.33
C PHE C 87 6.94 -31.58 55.05
N GLY C 88 7.82 -32.20 55.84
CA GLY C 88 8.09 -33.61 55.69
C GLY C 88 9.50 -33.96 56.10
N PRO C 89 9.88 -35.21 55.90
CA PRO C 89 11.26 -35.62 56.22
C PRO C 89 12.26 -34.99 55.26
N VAL C 90 12.85 -33.88 55.66
CA VAL C 90 14.10 -33.41 55.08
C VAL C 90 15.16 -34.34 55.65
N GLY C 91 16.43 -34.10 55.34
CA GLY C 91 17.46 -34.94 55.91
C GLY C 91 18.55 -34.11 56.54
N PHE C 92 19.79 -34.30 56.07
CA PHE C 92 20.83 -33.32 56.34
C PHE C 92 20.38 -31.92 55.94
N MET C 93 19.36 -31.82 55.06
CA MET C 93 18.81 -30.53 54.65
C MET C 93 18.09 -29.81 55.78
N LYS C 94 17.98 -30.43 56.96
CA LYS C 94 17.57 -29.68 58.14
C LYS C 94 18.48 -28.48 58.38
N ASN C 95 19.68 -28.48 57.78
CA ASN C 95 20.64 -27.41 57.99
C ASN C 95 20.51 -26.29 56.96
N ALA C 96 19.84 -26.52 55.84
CA ALA C 96 19.57 -25.44 54.90
C ALA C 96 19.04 -24.23 55.66
N ILE C 97 19.36 -23.03 55.18
CA ILE C 97 19.03 -21.84 55.95
C ILE C 97 17.52 -21.69 56.09
N SER C 98 16.78 -21.95 55.01
CA SER C 98 15.34 -21.74 55.03
C SER C 98 14.58 -22.87 55.72
N ILE C 99 15.27 -23.96 56.11
CA ILE C 99 14.62 -25.09 56.73
C ILE C 99 14.92 -25.10 58.23
N ALA C 100 16.12 -24.68 58.60
CA ALA C 100 16.52 -24.72 60.00
C ALA C 100 15.64 -23.82 60.86
N GLU C 101 15.53 -24.17 62.14
CA GLU C 101 14.64 -23.47 63.06
C GLU C 101 15.44 -22.90 64.24
N ASP C 102 14.81 -21.94 64.88
CA ASP C 102 15.26 -21.36 66.11
C ASP C 102 16.74 -21.11 66.11
N GLU C 103 17.46 -21.13 67.23
CA GLU C 103 18.89 -20.98 67.30
C GLU C 103 19.76 -21.59 66.23
N GLU C 104 19.48 -22.79 65.76
CA GLU C 104 20.29 -23.35 64.72
C GLU C 104 20.15 -22.47 63.52
N TRP C 105 18.95 -22.05 63.19
CA TRP C 105 18.76 -21.13 62.07
C TRP C 105 19.58 -19.87 62.26
N LYS C 106 19.55 -19.28 63.47
CA LYS C 106 20.27 -18.02 63.64
C LYS C 106 21.72 -18.20 63.25
N ARG C 107 22.34 -19.24 63.80
CA ARG C 107 23.76 -19.48 63.54
C ARG C 107 24.05 -19.50 62.05
N ILE C 108 23.26 -20.25 61.29
CA ILE C 108 23.52 -20.40 59.86
C ILE C 108 23.29 -19.07 59.14
N ARG C 109 22.21 -18.37 59.47
CA ARG C 109 22.04 -17.01 58.95
C ARG C 109 23.22 -16.14 59.35
N SER C 110 23.73 -16.35 60.54
CA SER C 110 24.88 -15.60 60.97
C SER C 110 26.10 -15.97 60.14
N LEU C 111 26.36 -17.25 59.93
CA LEU C 111 27.50 -17.66 59.15
C LEU C 111 27.46 -17.31 57.68
N LEU C 112 26.32 -16.93 57.14
CA LEU C 112 26.26 -16.63 55.71
C LEU C 112 26.22 -15.14 55.40
N SER C 113 25.80 -14.31 56.36
CA SER C 113 25.57 -12.90 56.08
C SER C 113 26.75 -12.20 55.43
N PRO C 114 28.00 -12.49 55.81
CA PRO C 114 29.13 -11.98 55.00
C PRO C 114 28.99 -12.28 53.52
N THR C 115 28.48 -13.46 53.17
CA THR C 115 28.43 -13.87 51.77
C THR C 115 27.50 -12.98 50.95
N PHE C 116 26.51 -12.36 51.58
CA PHE C 116 25.48 -11.62 50.88
C PHE C 116 25.60 -10.12 51.07
N THR C 117 26.73 -9.63 51.55
CA THR C 117 26.97 -8.20 51.61
C THR C 117 27.15 -7.64 50.20
N SER C 118 26.71 -6.39 50.03
CA SER C 118 26.95 -5.68 48.78
C SER C 118 28.42 -5.74 48.38
N GLY C 119 29.32 -5.70 49.36
CA GLY C 119 30.74 -5.78 49.05
C GLY C 119 31.10 -6.99 48.22
N LYS C 120 30.65 -8.17 48.65
CA LYS C 120 30.85 -9.38 47.86
C LYS C 120 29.97 -9.42 46.63
N LEU C 121 28.83 -8.71 46.66
CA LEU C 121 27.94 -8.69 45.51
C LEU C 121 28.58 -7.96 44.33
N LYS C 122 29.10 -6.76 44.56
CA LYS C 122 29.83 -6.04 43.52
C LYS C 122 30.95 -6.91 42.96
N GLU C 123 31.63 -7.65 43.82
CA GLU C 123 32.77 -8.47 43.44
C GLU C 123 32.36 -9.73 42.69
N MET C 124 31.06 -10.01 42.59
CA MET C 124 30.56 -11.22 41.95
C MET C 124 29.98 -10.98 40.57
N VAL C 125 29.56 -9.75 40.26
CA VAL C 125 28.89 -9.46 38.99
C VAL C 125 29.72 -9.91 37.81
N PRO C 126 31.05 -9.68 37.80
CA PRO C 126 31.85 -10.11 36.65
C PRO C 126 31.62 -11.54 36.19
N ILE C 127 31.47 -12.51 37.11
CA ILE C 127 31.23 -13.89 36.66
C ILE C 127 29.81 -14.09 36.14
N ILE C 128 28.91 -13.14 36.38
CA ILE C 128 27.51 -13.36 36.04
C ILE C 128 27.11 -12.65 34.74
N ALA C 129 27.74 -11.51 34.44
CA ALA C 129 27.50 -10.84 33.17
C ALA C 129 27.69 -11.80 32.01
N GLN C 130 28.65 -12.70 32.14
CA GLN C 130 28.85 -13.86 31.27
C GLN C 130 27.53 -14.41 30.74
N TYR C 131 26.59 -14.71 31.64
CA TYR C 131 25.37 -15.39 31.24
C TYR C 131 24.31 -14.44 30.71
N GLY C 132 24.42 -13.14 31.01
CA GLY C 132 23.59 -12.17 30.33
C GLY C 132 23.86 -12.13 28.84
N ASP C 133 25.07 -12.51 28.43
CA ASP C 133 25.39 -12.59 27.00
C ASP C 133 24.71 -13.80 26.37
N VAL C 134 24.87 -14.96 26.98
CA VAL C 134 24.16 -16.15 26.53
C VAL C 134 22.69 -15.84 26.36
N LEU C 135 22.15 -15.00 27.25
CA LEU C 135 20.73 -14.65 27.19
C LEU C 135 20.41 -13.89 25.91
N VAL C 136 21.23 -12.91 25.56
CA VAL C 136 20.95 -12.09 24.38
C VAL C 136 21.01 -12.93 23.12
N ARG C 137 22.02 -13.80 23.00
CA ARG C 137 22.08 -14.69 21.86
C ARG C 137 20.88 -15.62 21.81
N ASN C 138 20.46 -16.12 22.99
CA ASN C 138 19.28 -16.99 23.03
C ASN C 138 18.04 -16.26 22.56
N LEU C 139 17.94 -14.96 22.86
CA LEU C 139 16.73 -14.21 22.52
C LEU C 139 16.74 -13.78 21.06
N ARG C 140 17.81 -13.15 20.60
CA ARG C 140 17.95 -12.84 19.18
C ARG C 140 17.73 -14.08 18.32
N ARG C 141 18.07 -15.26 18.85
CA ARG C 141 17.97 -16.49 18.08
C ARG C 141 16.53 -16.92 17.93
N GLU C 142 15.76 -16.89 19.02
CA GLU C 142 14.35 -17.22 18.96
C GLU C 142 13.51 -16.15 18.28
N ALA C 143 14.08 -14.95 18.07
CA ALA C 143 13.31 -13.80 17.62
C ALA C 143 13.59 -13.39 16.18
N GLU C 144 14.81 -13.59 15.67
CA GLU C 144 15.08 -13.24 14.29
C GLU C 144 14.23 -14.06 13.33
N THR C 145 13.65 -15.16 13.81
CA THR C 145 12.62 -15.89 13.08
C THR C 145 11.25 -15.22 13.17
N GLY C 146 11.19 -14.00 13.69
CA GLY C 146 9.92 -13.30 13.80
C GLY C 146 8.86 -14.01 14.59
N LYS C 147 9.24 -15.04 15.39
CA LYS C 147 8.26 -15.78 16.16
C LYS C 147 8.10 -15.21 17.57
N PRO C 148 6.92 -15.39 18.16
CA PRO C 148 6.72 -14.95 19.55
C PRO C 148 7.61 -15.72 20.51
N VAL C 149 8.13 -15.02 21.50
CA VAL C 149 9.00 -15.61 22.52
C VAL C 149 8.16 -16.06 23.70
N THR C 150 8.44 -17.27 24.19
CA THR C 150 8.05 -17.69 25.55
C THR C 150 9.09 -17.21 26.54
N LEU C 151 8.72 -16.18 27.31
CA LEU C 151 9.68 -15.49 28.16
C LEU C 151 10.27 -16.43 29.21
N LYS C 152 9.41 -17.08 29.99
CA LYS C 152 9.91 -17.91 31.09
C LYS C 152 10.92 -18.94 30.59
N HIS C 153 10.76 -19.41 29.35
CA HIS C 153 11.69 -20.39 28.79
C HIS C 153 13.11 -19.84 28.75
N VAL C 154 13.28 -18.66 28.15
CA VAL C 154 14.62 -18.09 28.02
C VAL C 154 15.07 -17.47 29.34
N PHE C 155 14.17 -16.76 30.03
CA PHE C 155 14.52 -16.23 31.35
C PHE C 155 14.72 -17.34 32.36
N GLY C 156 14.06 -18.48 32.17
CA GLY C 156 14.37 -19.64 32.98
C GLY C 156 15.79 -20.13 32.75
N ALA C 157 16.15 -20.32 31.47
CA ALA C 157 17.51 -20.73 31.14
C ALA C 157 18.53 -19.77 31.74
N TYR C 158 18.22 -18.47 31.74
CA TYR C 158 19.14 -17.51 32.32
C TYR C 158 19.23 -17.68 33.83
N SER C 159 18.08 -17.74 34.50
CA SER C 159 18.08 -17.89 35.95
C SER C 159 18.84 -19.13 36.36
N MET C 160 18.78 -20.18 35.52
CA MET C 160 19.44 -21.40 35.95
C MET C 160 20.92 -21.31 35.67
N ASP C 161 21.26 -20.71 34.56
CA ASP C 161 22.63 -20.53 34.26
C ASP C 161 23.22 -19.87 35.44
N VAL C 162 22.74 -18.71 35.84
CA VAL C 162 23.31 -18.03 36.98
C VAL C 162 23.25 -18.75 38.32
N ILE C 163 22.06 -18.98 38.90
CA ILE C 163 21.95 -19.59 40.22
C ILE C 163 22.69 -20.88 40.41
N THR C 164 22.74 -21.74 39.41
CA THR C 164 23.50 -22.92 39.48
C THR C 164 24.98 -22.69 39.22
N SER C 165 25.38 -21.74 38.39
CA SER C 165 26.80 -21.50 38.24
C SER C 165 27.38 -21.06 39.53
N THR C 166 26.77 -20.07 40.14
CA THR C 166 27.33 -19.47 41.35
C THR C 166 27.16 -20.37 42.57
N SER C 167 26.06 -21.14 42.65
CA SER C 167 25.88 -21.99 43.83
C SER C 167 26.81 -23.21 43.84
N PHE C 168 27.13 -23.77 42.67
CA PHE C 168 28.02 -24.91 42.59
C PHE C 168 29.33 -24.59 41.90
N GLY C 169 29.52 -23.36 41.45
CA GLY C 169 30.75 -22.97 40.80
C GLY C 169 31.03 -23.78 39.55
N VAL C 170 30.12 -23.72 38.59
CA VAL C 170 30.30 -24.38 37.31
C VAL C 170 29.56 -23.61 36.23
N SER C 171 30.28 -23.03 35.27
CA SER C 171 29.62 -22.47 34.10
C SER C 171 28.72 -23.51 33.47
N ILE C 172 27.49 -23.12 33.17
CA ILE C 172 26.51 -24.00 32.56
C ILE C 172 25.64 -23.19 31.60
N ASP C 173 25.22 -23.84 30.52
CA ASP C 173 24.29 -23.27 29.56
C ASP C 173 23.09 -24.20 29.48
N SER C 174 21.91 -23.68 29.82
CA SER C 174 20.73 -24.52 29.89
C SER C 174 20.13 -24.76 28.52
N LEU C 175 19.96 -23.70 27.72
CA LEU C 175 19.31 -23.84 26.42
C LEU C 175 20.11 -24.77 25.52
N ASN C 176 21.41 -24.54 25.41
CA ASN C 176 22.25 -25.24 24.45
C ASN C 176 23.08 -26.37 25.07
N ASN C 177 22.76 -26.79 26.31
CA ASN C 177 23.22 -28.08 26.86
C ASN C 177 22.16 -28.69 27.79
N PRO C 178 20.96 -29.01 27.32
CA PRO C 178 20.04 -29.72 28.24
C PRO C 178 20.70 -30.97 28.84
N GLN C 179 21.44 -31.70 28.00
CA GLN C 179 22.10 -32.96 28.34
C GLN C 179 23.15 -32.84 29.45
N ASP C 180 23.71 -31.66 29.71
CA ASP C 180 24.70 -31.54 30.77
C ASP C 180 24.14 -32.14 32.06
N PRO C 181 24.80 -33.12 32.69
CA PRO C 181 24.22 -33.75 33.89
C PRO C 181 23.70 -32.74 34.90
N PHE C 182 24.50 -31.71 35.17
CA PHE C 182 24.05 -30.65 36.07
C PHE C 182 22.66 -30.18 35.70
N VAL C 183 22.47 -29.82 34.43
CA VAL C 183 21.17 -29.31 34.00
C VAL C 183 20.08 -30.35 34.24
N GLU C 184 20.34 -31.61 33.89
CA GLU C 184 19.37 -32.67 34.16
C GLU C 184 19.08 -32.85 35.65
N ASN C 185 20.09 -32.87 36.49
CA ASN C 185 19.81 -33.13 37.89
C ASN C 185 19.19 -31.92 38.57
N THR C 186 19.73 -30.73 38.29
CA THR C 186 19.13 -29.51 38.81
C THR C 186 17.63 -29.48 38.52
N LYS C 187 17.24 -29.83 37.29
CA LYS C 187 15.83 -29.84 36.95
C LYS C 187 15.09 -30.95 37.70
N LYS C 188 15.72 -32.11 37.88
CA LYS C 188 15.09 -33.18 38.64
C LYS C 188 14.88 -32.77 40.09
N LEU C 189 15.79 -31.97 40.64
CA LEU C 189 15.64 -31.49 42.01
C LEU C 189 14.57 -30.41 42.11
N LEU C 190 14.47 -29.56 41.10
CA LEU C 190 13.59 -28.41 41.15
C LEU C 190 12.14 -28.75 40.83
N ARG C 191 11.81 -30.02 40.67
CA ARG C 191 10.42 -30.41 40.54
C ARG C 191 9.79 -30.72 41.90
N PHE C 192 10.58 -30.77 42.95
CA PHE C 192 10.01 -31.01 44.24
C PHE C 192 9.19 -29.80 44.60
N ASN C 193 7.91 -29.83 44.25
CA ASN C 193 7.03 -28.70 44.50
C ASN C 193 6.18 -28.86 45.75
N PRO C 194 5.90 -27.74 46.42
CA PRO C 194 5.10 -27.82 47.64
C PRO C 194 3.79 -28.59 47.48
N LEU C 195 3.34 -28.81 46.24
CA LEU C 195 2.12 -29.49 46.04
C LEU C 195 2.47 -30.91 45.68
N ASP C 196 3.66 -31.38 46.04
CA ASP C 196 4.01 -32.77 45.74
C ASP C 196 3.21 -33.71 46.65
N PRO C 197 2.73 -34.84 46.13
CA PRO C 197 1.94 -35.75 46.97
C PRO C 197 2.58 -36.04 48.30
N PHE C 198 3.90 -36.20 48.33
CA PHE C 198 4.57 -36.52 49.59
C PHE C 198 4.17 -35.52 50.68
N VAL C 199 4.32 -34.22 50.38
CA VAL C 199 3.97 -33.16 51.32
C VAL C 199 2.49 -33.24 51.68
N LEU C 200 1.64 -33.38 50.66
CA LEU C 200 0.22 -33.54 50.93
C LEU C 200 -0.04 -34.73 51.84
N SER C 201 0.79 -35.76 51.76
CA SER C 201 0.63 -36.92 52.63
C SER C 201 1.10 -36.64 54.04
N ILE C 202 2.06 -35.73 54.21
CA ILE C 202 2.52 -35.38 55.55
C ILE C 202 1.55 -34.41 56.22
N LYS C 203 0.82 -33.65 55.44
CA LYS C 203 -0.15 -32.77 56.01
C LYS C 203 -1.23 -33.65 56.56
N VAL C 204 -1.50 -34.75 55.89
CA VAL C 204 -2.48 -35.71 56.38
C VAL C 204 -1.94 -36.46 57.59
N PHE C 205 -0.73 -36.99 57.43
CA PHE C 205 -0.10 -37.76 58.46
C PHE C 205 1.15 -37.10 58.99
N PRO C 206 1.02 -36.07 59.82
CA PRO C 206 2.22 -35.43 60.34
C PRO C 206 3.24 -36.30 61.07
N PHE C 207 2.88 -37.40 61.70
CA PHE C 207 3.86 -38.23 62.37
C PHE C 207 4.53 -39.33 61.57
N LEU C 208 4.68 -39.18 60.26
CA LEU C 208 5.32 -40.15 59.47
C LEU C 208 6.72 -39.64 59.27
N THR C 209 6.89 -38.36 59.46
CA THR C 209 8.17 -37.69 59.28
C THR C 209 9.25 -38.28 60.17
N PRO C 210 9.04 -38.45 61.47
CA PRO C 210 10.07 -39.15 62.28
C PRO C 210 10.36 -40.55 61.80
N ILE C 211 9.39 -41.27 61.23
CA ILE C 211 9.70 -42.65 60.89
C ILE C 211 10.56 -42.67 59.64
N LEU C 212 10.19 -41.83 58.67
CA LEU C 212 10.91 -41.77 57.39
C LEU C 212 12.31 -41.20 57.59
N GLU C 213 12.46 -40.20 58.46
CA GLU C 213 13.81 -39.71 58.76
C GLU C 213 14.62 -40.74 59.55
N ALA C 214 13.95 -41.69 60.21
CA ALA C 214 14.67 -42.82 60.79
C ALA C 214 15.11 -43.81 59.71
N LEU C 215 14.30 -43.97 58.66
CA LEU C 215 14.62 -44.84 57.54
C LEU C 215 15.42 -44.13 56.45
N ASN C 216 15.87 -42.90 56.72
CA ASN C 216 16.62 -42.12 55.74
C ASN C 216 15.85 -42.01 54.42
N ILE C 217 14.54 -41.80 54.52
CA ILE C 217 13.70 -41.52 53.37
C ILE C 217 13.32 -40.04 53.44
N THR C 218 13.97 -39.24 52.62
CA THR C 218 13.77 -37.80 52.56
C THR C 218 12.89 -37.46 51.35
N VAL C 219 12.27 -36.28 51.40
CA VAL C 219 11.43 -35.83 50.30
C VAL C 219 12.25 -35.40 49.09
N PHE C 220 13.56 -35.25 49.25
CA PHE C 220 14.44 -34.80 48.19
C PHE C 220 14.99 -35.99 47.42
N PRO C 221 15.01 -35.95 46.09
CA PRO C 221 15.47 -37.13 45.32
C PRO C 221 16.90 -37.49 45.69
N ARG C 222 17.06 -38.70 46.23
CA ARG C 222 18.36 -39.15 46.74
C ARG C 222 19.43 -39.27 45.63
N GLU C 223 19.10 -39.97 44.55
CA GLU C 223 20.04 -40.13 43.45
C GLU C 223 20.60 -38.79 42.95
N VAL C 224 19.73 -37.80 42.74
CA VAL C 224 20.17 -36.49 42.25
C VAL C 224 20.79 -35.57 43.30
N ILE C 225 20.71 -35.91 44.58
CA ILE C 225 21.28 -35.06 45.59
C ILE C 225 22.60 -35.68 46.06
N SER C 226 22.72 -36.99 45.88
CA SER C 226 23.98 -37.70 45.86
C SER C 226 24.72 -37.57 44.51
N PHE C 227 24.11 -36.97 43.47
CA PHE C 227 24.94 -36.47 42.39
C PHE C 227 25.60 -35.15 42.77
N LEU C 228 24.80 -34.20 43.25
CA LEU C 228 25.33 -32.87 43.54
C LEU C 228 26.41 -32.92 44.61
N THR C 229 26.19 -33.73 45.65
CA THR C 229 27.23 -33.93 46.66
C THR C 229 28.51 -34.45 46.01
N LYS C 230 28.45 -35.66 45.43
CA LYS C 230 29.60 -36.21 44.74
C LYS C 230 30.22 -35.19 43.81
N SER C 231 29.40 -34.40 43.12
CA SER C 231 29.91 -33.32 42.28
C SER C 231 30.65 -32.30 43.15
N VAL C 232 29.90 -31.40 43.77
CA VAL C 232 30.46 -30.38 44.61
C VAL C 232 31.76 -30.78 45.22
N LYS C 233 31.76 -31.93 45.90
CA LYS C 233 32.96 -32.43 46.54
C LYS C 233 34.18 -32.51 45.62
N GLN C 234 34.02 -32.93 44.38
CA GLN C 234 35.14 -32.93 43.48
C GLN C 234 35.69 -31.51 43.36
N ILE C 235 34.84 -30.57 42.93
CA ILE C 235 35.17 -29.18 42.69
C ILE C 235 36.06 -28.60 43.75
N LYS C 236 35.57 -28.62 44.97
CA LYS C 236 36.39 -28.14 46.07
C LYS C 236 37.83 -28.63 45.93
N GLU C 237 38.01 -29.92 45.67
CA GLU C 237 39.35 -30.51 45.55
C GLU C 237 40.18 -29.83 44.47
N GLY C 238 39.85 -30.07 43.21
CA GLY C 238 40.59 -29.45 42.12
C GLY C 238 40.66 -27.94 42.21
N ARG C 239 39.85 -27.32 43.06
CA ARG C 239 39.82 -25.87 43.15
C ARG C 239 40.99 -25.34 43.96
N LEU C 240 41.34 -26.00 45.06
CA LEU C 240 42.53 -25.62 45.82
C LEU C 240 43.77 -26.34 45.26
N LYS C 241 44.06 -26.02 44.00
CA LYS C 241 45.24 -26.50 43.31
C LYS C 241 45.63 -25.49 42.23
N VAL C 248 35.06 -16.57 42.96
CA VAL C 248 34.26 -15.57 43.67
C VAL C 248 32.77 -15.87 43.65
N ASP C 249 32.43 -17.13 43.54
CA ASP C 249 31.04 -17.47 43.52
C ASP C 249 30.57 -17.81 44.93
N PHE C 250 29.28 -17.96 45.14
CA PHE C 250 28.78 -18.27 46.48
C PHE C 250 29.57 -19.42 47.09
N LEU C 251 29.95 -20.41 46.27
CA LEU C 251 30.65 -21.58 46.78
C LEU C 251 32.00 -21.18 47.38
N GLN C 252 32.80 -20.44 46.63
CA GLN C 252 34.10 -20.01 47.15
C GLN C 252 33.93 -19.19 48.42
N LEU C 253 32.98 -18.25 48.42
CA LEU C 253 32.70 -17.45 49.61
C LEU C 253 32.42 -18.34 50.80
N MET C 254 31.60 -19.38 50.62
CA MET C 254 31.26 -20.26 51.73
C MET C 254 32.44 -21.15 52.13
N ILE C 255 33.29 -21.53 51.17
CA ILE C 255 34.50 -22.25 51.52
C ILE C 255 35.44 -21.34 52.32
N ASP C 256 35.52 -20.13 51.88
CA ASP C 256 36.29 -19.16 52.56
C ASP C 256 35.76 -18.96 53.93
N SER C 257 34.45 -18.93 54.14
CA SER C 257 33.90 -18.85 55.49
C SER C 257 34.30 -19.98 56.44
N GLN C 258 34.54 -21.14 55.91
CA GLN C 258 34.96 -22.22 56.72
C GLN C 258 36.22 -21.96 57.48
N ASN C 259 37.04 -21.08 56.95
CA ASN C 259 38.27 -20.75 57.62
C ASN C 259 38.46 -19.31 57.99
N SER C 260 37.42 -18.51 58.11
CA SER C 260 37.65 -17.17 58.52
C SER C 260 37.62 -17.17 60.00
N LYS C 261 38.34 -16.25 60.62
CA LYS C 261 38.28 -16.21 62.05
C LYS C 261 36.85 -15.84 62.40
N ASP C 262 36.35 -14.79 61.79
CA ASP C 262 34.99 -14.38 62.04
C ASP C 262 33.97 -15.50 62.12
N SER C 263 33.99 -16.41 61.16
CA SER C 263 33.06 -17.53 61.14
C SER C 263 33.30 -18.27 62.42
N GLU C 264 34.55 -18.53 62.72
CA GLU C 264 34.87 -19.15 64.00
C GLU C 264 34.14 -18.63 65.24
N THR C 265 33.80 -17.33 65.33
CA THR C 265 32.93 -16.79 66.41
C THR C 265 31.82 -17.78 66.75
N HIS C 266 31.11 -18.23 65.72
CA HIS C 266 30.16 -19.30 65.77
C HIS C 266 30.89 -20.54 65.21
N LYS C 267 30.34 -21.70 65.41
CA LYS C 267 30.98 -22.89 64.88
C LYS C 267 30.90 -22.85 63.36
N ALA C 268 32.06 -22.83 62.70
CA ALA C 268 32.09 -22.62 61.26
C ALA C 268 31.30 -23.70 60.52
N LEU C 269 30.95 -23.41 59.28
CA LEU C 269 30.17 -24.33 58.48
C LEU C 269 30.92 -25.65 58.29
N SER C 270 30.20 -26.76 58.47
CA SER C 270 30.70 -28.06 58.04
C SER C 270 30.42 -28.24 56.55
N ASP C 271 31.22 -29.07 55.90
CA ASP C 271 31.03 -29.30 54.47
C ASP C 271 29.63 -29.81 54.15
N LEU C 272 28.95 -30.44 55.12
CA LEU C 272 27.58 -30.88 54.90
C LEU C 272 26.60 -29.71 55.04
N GLU C 273 26.81 -28.84 56.04
CA GLU C 273 25.97 -27.66 56.19
C GLU C 273 26.10 -26.76 54.97
N LEU C 274 27.35 -26.53 54.52
CA LEU C 274 27.59 -25.76 53.31
C LEU C 274 26.85 -26.35 52.13
N MET C 275 26.86 -27.67 52.00
CA MET C 275 26.23 -28.30 50.84
C MET C 275 24.75 -27.98 50.77
N ALA C 276 24.04 -28.04 51.90
CA ALA C 276 22.61 -27.78 51.90
C ALA C 276 22.30 -26.33 51.57
N GLN C 277 23.22 -25.40 51.88
CA GLN C 277 23.03 -24.02 51.45
C GLN C 277 23.07 -23.91 49.94
N SER C 278 24.10 -24.48 49.32
CA SER C 278 24.21 -24.47 47.86
C SER C 278 22.92 -25.00 47.22
N ILE C 279 22.34 -26.05 47.81
CA ILE C 279 21.15 -26.64 47.22
C ILE C 279 19.95 -25.72 47.39
N ILE C 280 19.80 -25.14 48.59
CA ILE C 280 18.60 -24.36 48.87
C ILE C 280 18.62 -23.02 48.15
N PHE C 281 19.82 -22.47 47.91
CA PHE C 281 19.91 -21.26 47.09
C PHE C 281 19.25 -21.47 45.73
N ILE C 282 19.31 -22.69 45.22
CA ILE C 282 18.72 -23.00 43.92
C ILE C 282 17.20 -23.00 44.02
N PHE C 283 16.66 -23.66 45.05
CA PHE C 283 15.23 -23.61 45.28
C PHE C 283 14.74 -22.17 45.41
N ALA C 284 15.46 -21.36 46.18
CA ALA C 284 15.00 -20.00 46.45
C ALA C 284 15.15 -19.10 45.22
N GLY C 285 16.22 -19.28 44.47
CA GLY C 285 16.62 -18.28 43.49
C GLY C 285 16.23 -18.52 42.05
N TYR C 286 15.85 -19.75 41.71
CA TYR C 286 15.63 -20.07 40.31
C TYR C 286 14.30 -19.52 39.80
N GLU C 287 13.20 -20.18 40.15
CA GLU C 287 11.92 -19.86 39.55
C GLU C 287 11.39 -18.49 39.98
N THR C 288 11.86 -17.96 41.11
CA THR C 288 11.51 -16.60 41.49
C THR C 288 12.09 -15.60 40.47
N THR C 289 13.42 -15.64 40.29
CA THR C 289 14.06 -14.73 39.34
C THR C 289 13.47 -14.88 37.95
N SER C 290 13.40 -16.12 37.46
CA SER C 290 12.83 -16.36 36.14
C SER C 290 11.41 -15.81 36.04
N SER C 291 10.60 -16.03 37.07
CA SER C 291 9.19 -15.64 36.99
C SER C 291 9.05 -14.12 37.00
N VAL C 292 9.76 -13.44 37.92
CA VAL C 292 9.63 -11.99 38.00
C VAL C 292 10.15 -11.34 36.73
N LEU C 293 11.29 -11.81 36.22
CA LEU C 293 11.81 -11.27 34.96
C LEU C 293 10.76 -11.37 33.86
N SER C 294 10.01 -12.48 33.84
CA SER C 294 8.96 -12.65 32.83
C SER C 294 7.84 -11.64 33.02
N PHE C 295 7.51 -11.31 34.27
CA PHE C 295 6.42 -10.38 34.53
C PHE C 295 6.83 -8.94 34.30
N ILE C 296 8.09 -8.60 34.62
CA ILE C 296 8.58 -7.26 34.34
C ILE C 296 8.53 -6.98 32.85
N ILE C 297 8.95 -7.95 32.03
CA ILE C 297 8.93 -7.74 30.59
C ILE C 297 7.50 -7.73 30.07
N TYR C 298 6.61 -8.41 30.78
CA TYR C 298 5.21 -8.44 30.40
C TYR C 298 4.58 -7.06 30.60
N GLU C 299 4.87 -6.43 31.73
CA GLU C 299 4.31 -5.13 32.04
C GLU C 299 4.89 -4.04 31.14
N LEU C 300 6.12 -4.22 30.66
CA LEU C 300 6.71 -3.23 29.76
C LEU C 300 6.15 -3.35 28.35
N ALA C 301 5.93 -4.59 27.87
CA ALA C 301 5.33 -4.76 26.56
C ALA C 301 3.94 -4.15 26.51
N THR C 302 3.22 -4.15 27.63
CA THR C 302 1.88 -3.60 27.69
C THR C 302 1.86 -2.12 28.08
N HIS C 303 3.01 -1.56 28.32
CA HIS C 303 3.10 -0.16 28.64
C HIS C 303 4.28 0.38 27.87
N PRO C 304 4.13 0.59 26.56
CA PRO C 304 5.29 1.04 25.80
C PRO C 304 5.96 2.28 26.25
N ASP C 305 5.28 3.25 26.79
CA ASP C 305 5.95 4.39 27.32
C ASP C 305 7.04 4.00 28.34
N VAL C 306 6.75 3.12 29.28
CA VAL C 306 7.73 2.76 30.28
C VAL C 306 8.92 2.06 29.68
N GLN C 307 8.68 1.12 28.85
CA GLN C 307 9.78 0.46 28.14
C GLN C 307 10.80 1.48 27.66
N GLN C 308 10.33 2.50 26.92
CA GLN C 308 11.24 3.48 26.35
C GLN C 308 11.93 4.30 27.43
N LYS C 309 11.15 4.84 28.38
CA LYS C 309 11.78 5.56 29.49
C LYS C 309 12.83 4.69 30.17
N VAL C 310 12.57 3.39 30.28
CA VAL C 310 13.57 2.47 30.79
C VAL C 310 14.70 2.34 29.78
N GLN C 311 14.37 2.00 28.53
CA GLN C 311 15.39 1.85 27.51
C GLN C 311 16.28 3.08 27.43
N LYS C 312 15.70 4.27 27.64
CA LYS C 312 16.56 5.43 27.49
C LYS C 312 17.50 5.59 28.67
N GLU C 313 16.96 5.58 29.89
CA GLU C 313 17.80 5.66 31.07
C GLU C 313 18.96 4.66 30.97
N ILE C 314 18.72 3.50 30.36
CA ILE C 314 19.80 2.53 30.17
C ILE C 314 20.86 3.11 29.23
N ASP C 315 20.42 3.73 28.13
CA ASP C 315 21.37 4.34 27.20
C ASP C 315 22.08 5.52 27.86
N THR C 316 21.38 6.27 28.71
CA THR C 316 22.01 7.39 29.39
C THR C 316 23.11 6.94 30.35
N VAL C 317 22.96 5.75 30.93
CA VAL C 317 23.94 5.27 31.90
C VAL C 317 24.98 4.38 31.23
N LEU C 318 24.57 3.57 30.25
CA LEU C 318 25.45 2.66 29.53
C LEU C 318 25.43 3.01 28.06
N PRO C 319 26.18 4.04 27.65
CA PRO C 319 26.17 4.44 26.24
C PRO C 319 27.00 3.50 25.38
N ASN C 320 26.56 3.36 24.13
CA ASN C 320 27.22 2.45 23.19
C ASN C 320 27.15 1.01 23.67
N LYS C 321 25.99 0.64 24.22
CA LYS C 321 25.72 -0.71 24.69
C LYS C 321 26.82 -1.21 25.62
N ALA C 322 27.21 -0.37 26.57
CA ALA C 322 28.22 -0.77 27.54
C ALA C 322 27.69 -1.92 28.39
N PRO C 323 28.51 -2.93 28.67
CA PRO C 323 28.02 -4.06 29.48
C PRO C 323 27.76 -3.63 30.91
N PRO C 324 26.65 -4.05 31.50
CA PRO C 324 26.29 -3.57 32.84
C PRO C 324 27.24 -4.04 33.91
N THR C 325 27.30 -3.27 34.98
CA THR C 325 28.14 -3.58 36.14
C THR C 325 27.31 -3.37 37.41
N TYR C 326 27.92 -3.66 38.55
CA TYR C 326 27.30 -3.32 39.83
C TYR C 326 27.10 -1.82 39.93
N ASP C 327 28.16 -1.04 39.72
CA ASP C 327 28.08 0.40 39.94
C ASP C 327 27.10 1.09 38.99
N THR C 328 26.96 0.56 37.77
CA THR C 328 26.08 1.19 36.80
C THR C 328 24.62 0.90 37.11
N VAL C 329 24.23 -0.36 37.09
CA VAL C 329 22.93 -0.79 37.58
C VAL C 329 22.40 0.01 38.76
N LEU C 330 23.22 0.18 39.81
CA LEU C 330 22.63 0.83 40.96
C LEU C 330 22.22 2.27 40.66
N GLN C 331 22.57 2.79 39.48
CA GLN C 331 22.14 4.13 39.07
C GLN C 331 20.78 4.14 38.38
N LEU C 332 20.29 2.97 37.98
CA LEU C 332 19.03 2.87 37.22
C LEU C 332 17.86 3.05 38.18
N GLU C 333 17.65 4.31 38.61
CA GLU C 333 16.57 4.58 39.55
C GLU C 333 15.21 4.23 38.96
N TYR C 334 15.04 4.40 37.64
CA TYR C 334 13.73 4.13 37.05
C TYR C 334 13.49 2.64 36.84
N LEU C 335 14.51 1.91 36.39
CA LEU C 335 14.38 0.46 36.33
C LEU C 335 14.12 -0.12 37.72
N ASP C 336 14.63 0.53 38.76
CA ASP C 336 14.34 0.08 40.12
C ASP C 336 12.86 0.25 40.46
N MET C 337 12.23 1.29 39.91
CA MET C 337 10.81 1.51 40.16
C MET C 337 9.96 0.47 39.43
N VAL C 338 10.23 0.26 38.14
CA VAL C 338 9.42 -0.67 37.36
C VAL C 338 9.46 -2.06 37.96
N VAL C 339 10.59 -2.45 38.56
CA VAL C 339 10.67 -3.74 39.24
C VAL C 339 9.76 -3.73 40.47
N ASN C 340 10.03 -2.83 41.41
CA ASN C 340 9.24 -2.75 42.63
C ASN C 340 7.75 -2.67 42.32
N GLU C 341 7.37 -1.93 41.28
CA GLU C 341 5.96 -1.86 40.93
C GLU C 341 5.45 -3.17 40.36
N THR C 342 6.30 -3.92 39.65
CA THR C 342 5.88 -5.24 39.18
C THR C 342 5.78 -6.22 40.34
N LEU C 343 6.67 -6.10 41.32
CA LEU C 343 6.62 -6.99 42.48
C LEU C 343 5.47 -6.65 43.42
N ARG C 344 4.90 -5.45 43.30
CA ARG C 344 3.70 -5.13 44.05
C ARG C 344 2.50 -5.86 43.47
N LEU C 345 2.32 -5.77 42.14
CA LEU C 345 1.19 -6.40 41.49
C LEU C 345 1.32 -7.92 41.43
N PHE C 346 2.55 -8.44 41.51
CA PHE C 346 2.81 -9.87 41.39
C PHE C 346 3.89 -10.27 42.38
N PRO C 347 3.56 -10.27 43.67
CA PRO C 347 4.53 -10.77 44.66
C PRO C 347 4.67 -12.27 44.51
N VAL C 348 5.92 -12.76 44.59
CA VAL C 348 6.13 -14.19 44.41
C VAL C 348 5.49 -14.97 45.54
N ALA C 349 5.69 -14.52 46.78
CA ALA C 349 5.29 -15.31 47.95
C ALA C 349 3.77 -15.34 48.10
N MET C 350 3.14 -14.18 47.99
CA MET C 350 1.71 -14.00 48.22
C MET C 350 1.29 -14.12 49.68
N ARG C 351 1.81 -15.10 50.38
CA ARG C 351 1.63 -15.14 51.82
C ARG C 351 2.98 -15.33 52.49
N LEU C 352 3.16 -14.66 53.62
CA LEU C 352 4.22 -14.97 54.56
C LEU C 352 3.61 -15.70 55.73
N GLU C 353 4.33 -16.69 56.26
CA GLU C 353 3.77 -17.59 57.25
C GLU C 353 4.80 -17.88 58.32
N ARG C 354 4.37 -17.82 59.58
CA ARG C 354 5.24 -18.10 60.71
C ARG C 354 4.50 -18.97 61.71
N VAL C 355 5.22 -19.93 62.28
CA VAL C 355 4.65 -20.78 63.32
C VAL C 355 4.72 -20.05 64.65
N CYS C 356 3.61 -20.06 65.39
CA CYS C 356 3.57 -19.45 66.72
C CYS C 356 4.11 -20.47 67.72
N LYS C 357 5.26 -20.16 68.33
CA LYS C 357 5.95 -21.11 69.18
C LYS C 357 5.37 -21.20 70.59
N LYS C 358 4.63 -20.18 71.03
CA LYS C 358 4.18 -20.13 72.41
C LYS C 358 3.03 -19.13 72.50
N ASP C 359 2.09 -19.42 73.39
CA ASP C 359 1.01 -18.49 73.68
C ASP C 359 1.56 -17.07 73.76
N VAL C 360 0.86 -16.12 73.12
CA VAL C 360 1.23 -14.71 73.21
C VAL C 360 0.02 -13.85 72.95
N GLU C 361 0.08 -12.61 73.45
CA GLU C 361 -0.86 -11.55 73.14
C GLU C 361 -0.09 -10.48 72.38
N ILE C 362 -0.58 -10.14 71.20
CA ILE C 362 0.09 -9.16 70.36
C ILE C 362 -0.88 -8.08 69.92
N ASN C 363 -0.52 -6.85 70.19
CA ASN C 363 -1.41 -5.72 69.92
C ASN C 363 -2.85 -6.08 70.31
N GLY C 364 -3.01 -6.57 71.53
CA GLY C 364 -4.33 -6.80 72.08
C GLY C 364 -5.07 -8.00 71.53
N MET C 365 -4.36 -8.94 70.90
CA MET C 365 -4.95 -10.16 70.39
C MET C 365 -4.14 -11.34 70.85
N PHE C 366 -4.82 -12.35 71.38
CA PHE C 366 -4.16 -13.55 71.87
C PHE C 366 -3.97 -14.56 70.74
N ILE C 367 -2.82 -15.23 70.75
CA ILE C 367 -2.49 -16.24 69.75
C ILE C 367 -1.97 -17.49 70.46
N PRO C 368 -2.64 -18.62 70.34
CA PRO C 368 -2.17 -19.83 71.03
C PRO C 368 -0.98 -20.47 70.33
N LYS C 369 -0.20 -21.19 71.12
CA LYS C 369 0.89 -21.99 70.61
C LYS C 369 0.37 -22.94 69.54
N GLY C 370 1.02 -22.94 68.38
CA GLY C 370 0.74 -23.86 67.31
C GLY C 370 0.06 -23.26 66.10
N VAL C 371 -0.63 -22.12 66.26
CA VAL C 371 -1.27 -21.50 65.12
C VAL C 371 -0.21 -20.97 64.16
N VAL C 372 -0.55 -20.95 62.88
CA VAL C 372 0.26 -20.29 61.87
C VAL C 372 -0.28 -18.88 61.68
N VAL C 373 0.58 -17.88 61.82
CA VAL C 373 0.23 -16.51 61.50
C VAL C 373 0.57 -16.29 60.03
N MET C 374 -0.45 -16.00 59.23
CA MET C 374 -0.29 -15.75 57.81
C MET C 374 -0.43 -14.26 57.54
N ILE C 375 0.40 -13.75 56.63
CA ILE C 375 0.36 -12.35 56.23
C ILE C 375 0.04 -12.31 54.74
N PRO C 376 -1.17 -11.91 54.35
CA PRO C 376 -1.52 -11.98 52.91
C PRO C 376 -0.90 -10.82 52.11
N SER C 377 0.40 -10.92 51.88
CA SER C 377 1.15 -9.92 51.15
C SER C 377 0.39 -9.46 49.92
N TYR C 378 -0.23 -10.41 49.20
CA TYR C 378 -0.96 -10.04 48.00
C TYR C 378 -2.06 -9.04 48.31
N VAL C 379 -2.84 -9.30 49.38
CA VAL C 379 -3.97 -8.43 49.69
C VAL C 379 -3.47 -7.03 50.04
N LEU C 380 -2.36 -6.95 50.77
CA LEU C 380 -1.83 -5.63 51.15
C LEU C 380 -1.31 -4.89 49.92
N HIS C 381 -0.66 -5.60 48.99
CA HIS C 381 -0.16 -4.96 47.79
C HIS C 381 -1.28 -4.43 46.90
N HIS C 382 -2.48 -4.99 47.01
CA HIS C 382 -3.62 -4.56 46.23
C HIS C 382 -4.69 -3.89 47.07
N ASP C 383 -4.43 -3.65 48.34
CA ASP C 383 -5.41 -3.01 49.21
C ASP C 383 -5.62 -1.57 48.76
N PRO C 384 -6.79 -1.20 48.24
CA PRO C 384 -6.99 0.20 47.83
C PRO C 384 -6.83 1.18 48.98
N LYS C 385 -6.88 0.68 50.22
CA LYS C 385 -6.65 1.51 51.39
C LYS C 385 -5.24 2.08 51.42
N TYR C 386 -4.28 1.45 50.75
CA TYR C 386 -2.91 1.94 50.73
C TYR C 386 -2.41 2.30 49.34
N TRP C 387 -3.19 2.05 48.28
CA TRP C 387 -2.74 2.36 46.92
C TRP C 387 -3.98 2.76 46.11
N THR C 388 -4.07 4.03 45.71
CA THR C 388 -5.07 4.39 44.71
C THR C 388 -4.80 3.68 43.38
N GLU C 389 -5.86 3.11 42.79
CA GLU C 389 -5.73 2.38 41.55
C GLU C 389 -4.62 1.33 41.69
N PRO C 390 -4.81 0.38 42.62
CA PRO C 390 -3.82 -0.69 42.86
C PRO C 390 -3.77 -1.70 41.74
N GLU C 391 -4.78 -1.76 40.88
CA GLU C 391 -4.78 -2.71 39.77
C GLU C 391 -4.02 -2.19 38.55
N LYS C 392 -3.57 -0.94 38.57
CA LYS C 392 -2.86 -0.37 37.43
C LYS C 392 -1.36 -0.32 37.68
N PHE C 393 -0.61 -0.38 36.58
CA PHE C 393 0.85 -0.41 36.61
C PHE C 393 1.39 1.02 36.57
N LEU C 394 1.79 1.52 37.74
CA LEU C 394 2.29 2.89 37.87
C LEU C 394 3.64 2.87 38.56
N PRO C 395 4.74 2.79 37.81
CA PRO C 395 6.07 2.86 38.45
C PRO C 395 6.27 4.09 39.32
N GLU C 396 5.55 5.18 39.06
CA GLU C 396 5.80 6.43 39.76
C GLU C 396 5.47 6.35 41.25
N ARG C 397 4.72 5.33 41.67
CA ARG C 397 4.50 5.16 43.12
C ARG C 397 5.81 5.12 43.87
N PHE C 398 6.85 4.57 43.24
CA PHE C 398 8.12 4.30 43.91
C PHE C 398 9.18 5.35 43.64
N SER C 399 8.80 6.48 43.04
CA SER C 399 9.73 7.59 42.91
C SER C 399 10.18 8.05 44.29
N ALA C 400 11.41 8.57 44.35
CA ALA C 400 11.92 9.08 45.62
C ALA C 400 10.98 10.12 46.21
N ALA C 401 10.25 10.85 45.37
CA ALA C 401 9.22 11.76 45.83
C ALA C 401 8.23 11.01 46.73
N ASN C 402 7.46 10.09 46.14
CA ASN C 402 6.45 9.34 46.87
C ASN C 402 7.02 8.25 47.75
N ALA C 403 8.33 7.98 47.65
CA ALA C 403 8.96 6.91 48.42
C ALA C 403 8.51 6.90 49.87
N ASP C 404 8.44 8.08 50.49
CA ASP C 404 8.09 8.19 51.90
C ASP C 404 6.66 7.77 52.19
N ASN C 405 5.88 7.35 51.20
CA ASN C 405 4.52 6.87 51.44
C ASN C 405 4.41 5.39 51.07
N ILE C 406 5.29 4.57 51.63
CA ILE C 406 5.29 3.14 51.37
C ILE C 406 5.69 2.41 52.65
N ASP C 407 4.71 1.87 53.37
CA ASP C 407 5.01 1.12 54.58
C ASP C 407 5.77 -0.16 54.22
N PRO C 408 6.92 -0.44 54.84
CA PRO C 408 7.61 -1.71 54.59
C PRO C 408 6.97 -2.92 55.26
N TYR C 409 5.80 -2.76 55.87
CA TYR C 409 5.01 -3.88 56.38
C TYR C 409 3.71 -4.05 55.61
N ILE C 410 3.43 -3.16 54.66
CA ILE C 410 2.42 -3.39 53.65
C ILE C 410 3.05 -3.94 52.38
N TYR C 411 4.24 -3.46 52.04
CA TYR C 411 4.97 -3.87 50.84
C TYR C 411 6.07 -4.82 51.27
N THR C 412 5.89 -6.11 50.96
CA THR C 412 6.75 -7.16 51.48
C THR C 412 7.09 -8.16 50.37
N PRO C 413 7.58 -7.68 49.22
CA PRO C 413 7.89 -8.62 48.14
C PRO C 413 9.05 -9.53 48.48
N PHE C 414 9.97 -9.07 49.35
CA PHE C 414 11.08 -9.87 49.84
C PHE C 414 10.96 -10.15 51.32
N GLY C 415 9.76 -10.08 51.88
CA GLY C 415 9.57 -10.28 53.30
C GLY C 415 9.90 -9.04 54.11
N SER C 416 10.23 -9.28 55.37
CA SER C 416 10.63 -8.20 56.26
C SER C 416 11.12 -8.80 57.57
N GLY C 417 12.07 -8.11 58.20
CA GLY C 417 12.57 -8.51 59.49
C GLY C 417 13.81 -9.36 59.38
N PRO C 418 14.30 -9.86 60.53
CA PRO C 418 15.55 -10.63 60.50
C PRO C 418 15.51 -11.84 59.59
N ARG C 419 14.33 -12.35 59.26
CA ARG C 419 14.22 -13.53 58.40
C ARG C 419 13.51 -13.18 57.09
N ASN C 420 13.92 -12.09 56.46
CA ASN C 420 13.41 -11.73 55.15
C ASN C 420 14.16 -12.55 54.10
N CYS C 421 14.05 -12.14 52.84
CA CYS C 421 14.83 -12.76 51.77
C CYS C 421 16.29 -12.37 51.92
N ILE C 422 17.17 -13.36 52.07
CA ILE C 422 18.58 -13.05 52.25
C ILE C 422 19.26 -12.71 50.94
N GLY C 423 18.70 -13.14 49.81
CA GLY C 423 19.31 -12.90 48.52
C GLY C 423 18.68 -11.74 47.77
N MET C 424 17.99 -10.87 48.51
CA MET C 424 17.29 -9.74 47.89
C MET C 424 18.26 -8.90 47.07
N ARG C 425 19.32 -8.39 47.71
CA ARG C 425 20.32 -7.61 46.99
C ARG C 425 20.78 -8.36 45.73
N PHE C 426 21.11 -9.64 45.89
CA PHE C 426 21.55 -10.43 44.74
C PHE C 426 20.44 -10.55 43.71
N ALA C 427 19.22 -10.87 44.16
CA ALA C 427 18.12 -11.05 43.22
C ALA C 427 17.89 -9.79 42.39
N LEU C 428 17.86 -8.63 43.04
CA LEU C 428 17.56 -7.40 42.34
C LEU C 428 18.64 -7.07 41.32
N VAL C 429 19.91 -7.08 41.75
CA VAL C 429 21.01 -6.84 40.82
C VAL C 429 20.92 -7.81 39.65
N ASN C 430 20.85 -9.11 39.95
CA ASN C 430 20.88 -10.09 38.89
C ASN C 430 19.78 -9.84 37.86
N MET C 431 18.58 -9.48 38.32
CA MET C 431 17.48 -9.23 37.40
C MET C 431 17.80 -8.06 36.47
N LYS C 432 18.45 -7.02 37.00
CA LYS C 432 18.72 -5.84 36.20
C LYS C 432 19.81 -6.11 35.16
N LEU C 433 20.86 -6.83 35.55
CA LEU C 433 21.89 -7.24 34.58
C LEU C 433 21.24 -7.89 33.37
N ALA C 434 20.29 -8.80 33.61
CA ALA C 434 19.61 -9.46 32.49
C ALA C 434 18.66 -8.50 31.78
N LEU C 435 17.90 -7.71 32.55
CA LEU C 435 16.97 -6.77 31.95
C LEU C 435 17.72 -5.72 31.14
N VAL C 436 18.88 -5.27 31.63
CA VAL C 436 19.66 -4.29 30.88
C VAL C 436 20.12 -4.86 29.55
N ARG C 437 20.75 -6.02 29.56
CA ARG C 437 21.19 -6.62 28.33
C ARG C 437 20.02 -6.78 27.41
N VAL C 438 18.95 -7.40 27.86
CA VAL C 438 17.81 -7.57 27.00
C VAL C 438 17.22 -6.27 26.44
N LEU C 439 17.06 -5.26 27.26
CA LEU C 439 16.49 -4.00 26.78
C LEU C 439 17.50 -3.16 26.01
N GLN C 440 18.79 -3.50 26.08
CA GLN C 440 19.77 -2.85 25.21
C GLN C 440 19.60 -3.30 23.77
N ASN C 441 19.06 -4.50 23.55
CA ASN C 441 19.05 -5.13 22.25
C ASN C 441 17.65 -5.39 21.70
N PHE C 442 16.60 -5.27 22.50
CA PHE C 442 15.28 -5.64 22.06
C PHE C 442 14.23 -4.70 22.65
N SER C 443 13.17 -4.52 21.87
CA SER C 443 11.92 -3.93 22.33
C SER C 443 10.85 -5.00 22.23
N PHE C 444 10.05 -5.15 23.27
CA PHE C 444 9.00 -6.16 23.31
C PHE C 444 7.65 -5.50 23.11
N LYS C 445 6.77 -6.19 22.39
CA LYS C 445 5.44 -5.67 22.14
C LYS C 445 4.45 -6.82 22.09
N PRO C 446 3.19 -6.59 22.44
CA PRO C 446 2.20 -7.68 22.44
C PRO C 446 2.08 -8.32 21.07
N CYS C 447 1.48 -9.48 21.02
CA CYS C 447 1.22 -10.11 19.75
C CYS C 447 -0.10 -10.88 19.83
N LYS C 448 -0.49 -11.59 18.79
CA LYS C 448 -1.73 -12.35 18.84
C LYS C 448 -1.86 -13.27 20.04
N GLU C 449 -0.81 -14.00 20.35
CA GLU C 449 -0.82 -14.94 21.45
C GLU C 449 -0.81 -14.39 22.87
N THR C 450 -0.33 -13.18 23.10
CA THR C 450 -0.30 -12.63 24.43
C THR C 450 -1.70 -12.48 25.03
N GLN C 451 -1.91 -12.93 26.26
CA GLN C 451 -3.20 -12.81 26.88
C GLN C 451 -3.15 -11.46 27.53
N ILE C 452 -3.92 -10.50 27.00
CA ILE C 452 -3.91 -9.13 27.51
C ILE C 452 -4.08 -9.06 29.03
N PRO C 453 -5.32 -9.16 29.56
CA PRO C 453 -5.35 -9.13 31.03
C PRO C 453 -4.71 -10.42 31.51
N LEU C 454 -3.51 -10.35 32.08
CA LEU C 454 -2.87 -11.57 32.46
C LEU C 454 -3.71 -12.25 33.50
N LYS C 455 -3.89 -13.55 33.38
CA LYS C 455 -4.69 -14.24 34.35
C LYS C 455 -3.84 -15.22 35.08
N LEU C 456 -3.87 -15.19 36.40
CA LEU C 456 -3.08 -16.14 37.16
C LEU C 456 -3.83 -17.47 37.29
N ARG C 457 -3.13 -18.45 37.85
CA ARG C 457 -3.63 -19.82 38.04
C ARG C 457 -3.07 -20.38 39.33
N PHE C 458 -3.80 -21.25 40.00
CA PHE C 458 -3.34 -21.77 41.28
C PHE C 458 -2.19 -22.76 41.10
N GLY C 459 -1.31 -22.87 42.06
CA GLY C 459 -0.34 -23.94 41.97
C GLY C 459 1.01 -23.67 41.41
N GLY C 460 1.87 -23.09 42.22
CA GLY C 460 3.20 -22.77 41.78
C GLY C 460 3.40 -21.30 41.83
N LEU C 461 4.65 -20.91 41.64
CA LEU C 461 5.02 -19.51 41.69
C LEU C 461 4.46 -18.72 40.53
N LEU C 462 3.51 -17.82 40.78
CA LEU C 462 2.94 -16.96 39.76
C LEU C 462 2.59 -17.65 38.47
N LEU C 463 1.68 -18.61 38.54
CA LEU C 463 1.30 -19.32 37.35
C LEU C 463 0.27 -18.52 36.64
N THR C 464 0.10 -18.82 35.37
CA THR C 464 -0.80 -18.10 34.50
C THR C 464 -1.63 -19.07 33.68
N GLU C 465 -2.86 -18.67 33.39
CA GLU C 465 -3.71 -19.43 32.49
C GLU C 465 -2.94 -19.79 31.23
N LYS C 466 -2.37 -18.79 30.56
CA LYS C 466 -1.56 -19.12 29.41
C LYS C 466 -0.13 -18.62 29.54
N PRO C 467 0.81 -19.24 28.85
CA PRO C 467 2.19 -18.76 28.90
C PRO C 467 2.32 -17.34 28.37
N ILE C 468 3.15 -16.55 29.04
CA ILE C 468 3.35 -15.15 28.66
C ILE C 468 4.34 -15.01 27.50
N VAL C 469 3.80 -14.97 26.29
CA VAL C 469 4.59 -14.84 25.08
C VAL C 469 4.48 -13.46 24.42
N LEU C 470 5.58 -12.96 23.86
CA LEU C 470 5.64 -11.66 23.22
C LEU C 470 6.51 -11.66 21.99
N LYS C 471 6.65 -10.50 21.37
CA LYS C 471 7.48 -10.33 20.18
C LYS C 471 8.71 -9.52 20.57
N ALA C 472 9.89 -10.07 20.32
CA ALA C 472 11.16 -9.37 20.54
C ALA C 472 11.62 -8.79 19.20
N GLU C 473 11.68 -7.46 19.14
CA GLU C 473 12.18 -6.75 17.96
C GLU C 473 13.62 -6.31 18.21
N SER C 474 14.52 -6.71 17.33
CA SER C 474 15.91 -6.31 17.49
C SER C 474 16.05 -4.81 17.23
N ARG C 475 16.87 -4.15 18.05
CA ARG C 475 17.12 -2.72 17.88
C ARG C 475 18.22 -2.57 16.84
N ASP C 476 17.80 -2.40 15.59
CA ASP C 476 18.73 -2.27 14.47
C ASP C 476 19.43 -3.60 14.21
N ARG D 7 -15.85 -28.93 -34.62
CA ARG D 7 -17.21 -28.55 -35.02
C ARG D 7 -17.82 -27.61 -34.00
N THR D 8 -17.97 -28.09 -32.76
CA THR D 8 -18.65 -27.32 -31.72
C THR D 8 -17.93 -27.31 -30.38
N HIS D 9 -16.81 -28.03 -30.23
CA HIS D 9 -16.08 -27.98 -28.97
C HIS D 9 -15.58 -26.57 -28.66
N GLY D 10 -15.62 -25.66 -29.62
CA GLY D 10 -15.36 -24.27 -29.37
C GLY D 10 -16.60 -23.42 -29.13
N LEU D 11 -17.74 -24.07 -28.87
CA LEU D 11 -19.01 -23.33 -28.83
C LEU D 11 -19.10 -22.46 -27.59
N PHE D 12 -18.78 -23.01 -26.42
CA PHE D 12 -18.86 -22.21 -25.20
C PHE D 12 -17.73 -21.20 -25.10
N LYS D 13 -16.61 -21.43 -25.80
CA LYS D 13 -15.53 -20.46 -25.77
C LYS D 13 -15.95 -19.13 -26.39
N LYS D 14 -16.73 -19.18 -27.47
CA LYS D 14 -17.18 -17.96 -28.13
C LYS D 14 -18.48 -17.41 -27.60
N LEU D 15 -19.14 -18.13 -26.69
CA LEU D 15 -20.25 -17.59 -25.92
C LEU D 15 -19.82 -17.13 -24.55
N GLY D 16 -18.52 -17.19 -24.26
CA GLY D 16 -17.99 -16.69 -23.01
C GLY D 16 -18.37 -17.51 -21.80
N ILE D 17 -18.85 -18.73 -21.99
CA ILE D 17 -19.25 -19.60 -20.88
C ILE D 17 -18.05 -20.47 -20.50
N PRO D 18 -17.68 -20.54 -19.23
CA PRO D 18 -16.54 -21.36 -18.82
C PRO D 18 -16.90 -22.84 -18.82
N GLY D 19 -15.90 -23.66 -18.54
CA GLY D 19 -16.11 -25.09 -18.46
C GLY D 19 -14.81 -25.86 -18.63
N PRO D 20 -14.82 -27.13 -18.23
CA PRO D 20 -13.63 -27.95 -18.39
C PRO D 20 -13.31 -28.17 -19.87
N THR D 21 -12.04 -28.44 -20.13
CA THR D 21 -11.58 -28.53 -21.52
C THR D 21 -11.97 -29.87 -22.12
N PRO D 22 -12.71 -29.89 -23.23
CA PRO D 22 -13.08 -31.17 -23.83
C PRO D 22 -11.93 -31.79 -24.61
N LEU D 23 -11.88 -33.12 -24.59
CA LEU D 23 -11.03 -33.85 -25.50
C LEU D 23 -11.68 -33.91 -26.87
N PRO D 24 -10.90 -34.11 -27.93
CA PRO D 24 -11.50 -34.19 -29.27
C PRO D 24 -12.46 -35.37 -29.35
N PHE D 25 -13.65 -35.11 -29.90
CA PHE D 25 -14.69 -36.10 -30.10
C PHE D 25 -15.40 -36.52 -28.81
N LEU D 26 -14.63 -36.92 -27.79
CA LEU D 26 -15.24 -37.44 -26.58
C LEU D 26 -15.76 -36.34 -25.67
N GLY D 27 -15.22 -35.13 -25.78
CA GLY D 27 -15.68 -34.05 -24.92
C GLY D 27 -15.19 -34.25 -23.50
N ASN D 28 -16.10 -34.05 -22.54
CA ASN D 28 -15.84 -34.28 -21.13
C ASN D 28 -16.39 -35.60 -20.62
N ALA D 29 -16.84 -36.48 -21.53
CA ALA D 29 -17.66 -37.61 -21.12
C ALA D 29 -16.86 -38.63 -20.29
N LEU D 30 -15.56 -38.77 -20.55
CA LEU D 30 -14.76 -39.66 -19.71
C LEU D 30 -14.76 -39.20 -18.26
N SER D 31 -14.89 -37.89 -18.03
CA SER D 31 -14.99 -37.35 -16.68
C SER D 31 -16.36 -37.58 -16.06
N PHE D 32 -17.36 -37.95 -16.85
CA PHE D 32 -18.66 -38.29 -16.27
C PHE D 32 -18.58 -39.58 -15.47
N ARG D 33 -17.69 -40.49 -15.86
CA ARG D 33 -17.69 -41.85 -15.34
C ARG D 33 -17.28 -41.93 -13.87
N LYS D 34 -16.82 -40.84 -13.27
CA LYS D 34 -16.60 -40.81 -11.83
C LYS D 34 -17.87 -40.48 -11.05
N GLY D 35 -19.01 -40.46 -11.71
CA GLY D 35 -20.26 -40.09 -11.08
C GLY D 35 -20.68 -38.69 -11.46
N TYR D 36 -21.83 -38.56 -12.13
CA TYR D 36 -22.35 -37.25 -12.49
C TYR D 36 -22.32 -36.31 -11.30
N TRP D 37 -22.79 -36.79 -10.15
CA TRP D 37 -22.92 -35.93 -8.98
C TRP D 37 -21.59 -35.29 -8.61
N THR D 38 -20.51 -36.06 -8.66
CA THR D 38 -19.24 -35.52 -8.19
C THR D 38 -18.67 -34.54 -9.20
N PHE D 39 -18.70 -34.92 -10.47
CA PHE D 39 -18.14 -34.09 -11.53
C PHE D 39 -18.91 -32.78 -11.68
N ASP D 40 -20.24 -32.86 -11.75
CA ASP D 40 -21.05 -31.65 -11.78
C ASP D 40 -20.72 -30.74 -10.62
N MET D 41 -20.53 -31.32 -9.48
CA MET D 41 -20.18 -30.56 -8.35
C MET D 41 -18.80 -29.98 -8.47
N GLU D 42 -17.84 -30.61 -9.13
CA GLU D 42 -16.57 -29.98 -9.31
C GLU D 42 -16.69 -28.75 -10.16
N CYS D 43 -17.36 -28.80 -11.28
CA CYS D 43 -17.47 -27.67 -12.10
C CYS D 43 -18.12 -26.54 -11.42
N TYR D 44 -19.17 -26.80 -10.68
CA TYR D 44 -19.92 -25.73 -10.03
C TYR D 44 -19.02 -24.89 -9.14
N LYS D 45 -18.22 -25.54 -8.28
CA LYS D 45 -17.34 -24.77 -7.42
C LYS D 45 -16.24 -24.07 -8.21
N LYS D 46 -15.81 -24.66 -9.32
CA LYS D 46 -14.66 -24.15 -10.06
C LYS D 46 -15.08 -23.10 -11.10
N TYR D 47 -16.10 -23.41 -11.90
CA TYR D 47 -16.53 -22.55 -12.98
C TYR D 47 -17.73 -21.69 -12.63
N GLY D 48 -18.37 -21.97 -11.50
CA GLY D 48 -19.41 -21.09 -11.02
C GLY D 48 -20.82 -21.44 -11.41
N LYS D 49 -21.63 -20.40 -11.60
CA LYS D 49 -23.09 -20.47 -11.63
C LYS D 49 -23.63 -21.02 -12.94
N VAL D 50 -22.87 -20.90 -14.03
CA VAL D 50 -23.21 -21.49 -15.31
C VAL D 50 -21.92 -21.99 -15.93
N TRP D 51 -21.97 -23.18 -16.54
CA TRP D 51 -20.78 -23.74 -17.16
C TRP D 51 -21.20 -24.65 -18.31
N GLY D 52 -20.22 -24.99 -19.13
CA GLY D 52 -20.47 -25.77 -20.34
C GLY D 52 -19.61 -27.01 -20.38
N ILE D 53 -20.19 -28.08 -20.91
CA ILE D 53 -19.52 -29.37 -21.04
C ILE D 53 -19.99 -30.01 -22.34
N TYR D 54 -19.28 -31.04 -22.78
CA TYR D 54 -19.59 -31.73 -24.03
C TYR D 54 -19.73 -33.21 -23.75
N ASP D 55 -20.93 -33.75 -23.99
CA ASP D 55 -21.16 -35.18 -23.92
C ASP D 55 -20.83 -35.75 -25.29
N GLY D 56 -19.56 -36.08 -25.49
CA GLY D 56 -19.08 -36.34 -26.83
C GLY D 56 -19.15 -35.08 -27.65
N GLN D 57 -20.04 -35.04 -28.64
CA GLN D 57 -20.20 -33.88 -29.50
C GLN D 57 -21.49 -33.11 -29.20
N GLN D 58 -22.30 -33.58 -28.27
CA GLN D 58 -23.45 -32.84 -27.78
C GLN D 58 -23.01 -31.86 -26.70
N PRO D 59 -23.06 -30.56 -26.93
CA PRO D 59 -22.73 -29.61 -25.86
C PRO D 59 -23.90 -29.48 -24.89
N MET D 60 -23.57 -29.39 -23.61
CA MET D 60 -24.56 -29.30 -22.54
C MET D 60 -24.30 -28.02 -21.75
N LEU D 61 -25.36 -27.26 -21.51
CA LEU D 61 -25.28 -25.98 -20.80
C LEU D 61 -25.89 -26.16 -19.41
N ALA D 62 -25.10 -25.91 -18.38
CA ALA D 62 -25.50 -26.14 -17.00
C ALA D 62 -25.98 -24.84 -16.37
N ILE D 63 -27.20 -24.85 -15.83
CA ILE D 63 -27.79 -23.67 -15.22
C ILE D 63 -28.10 -23.97 -13.76
N THR D 64 -28.00 -22.94 -12.92
CA THR D 64 -28.23 -23.10 -11.48
C THR D 64 -28.97 -21.92 -10.87
N ASP D 65 -29.51 -21.02 -11.67
CA ASP D 65 -30.27 -19.89 -11.14
C ASP D 65 -31.75 -20.25 -11.10
N PRO D 66 -32.43 -20.11 -9.96
CA PRO D 66 -33.87 -20.44 -9.93
C PRO D 66 -34.67 -19.75 -11.00
N ASP D 67 -34.43 -18.44 -11.22
CA ASP D 67 -35.11 -17.72 -12.30
C ASP D 67 -34.92 -18.44 -13.62
N MET D 68 -33.67 -18.78 -13.95
CA MET D 68 -33.38 -19.41 -15.23
C MET D 68 -33.98 -20.81 -15.30
N ILE D 69 -33.96 -21.54 -14.18
CA ILE D 69 -34.53 -22.88 -14.17
C ILE D 69 -36.05 -22.82 -14.33
N LYS D 70 -36.70 -21.86 -13.65
CA LYS D 70 -38.13 -21.71 -13.84
C LYS D 70 -38.47 -21.38 -15.29
N THR D 71 -37.59 -20.66 -15.97
CA THR D 71 -37.85 -20.32 -17.36
C THR D 71 -37.77 -21.54 -18.26
N VAL D 72 -36.82 -22.44 -17.98
CA VAL D 72 -36.66 -23.63 -18.81
C VAL D 72 -37.81 -24.61 -18.60
N LEU D 73 -38.08 -24.94 -17.34
CA LEU D 73 -39.00 -26.03 -17.04
C LEU D 73 -40.47 -25.61 -17.12
N VAL D 74 -40.76 -24.34 -16.81
CA VAL D 74 -42.15 -23.88 -16.78
C VAL D 74 -42.46 -23.02 -17.99
N LYS D 75 -41.74 -21.91 -18.14
CA LYS D 75 -42.19 -20.86 -19.05
C LYS D 75 -41.91 -21.19 -20.50
N GLU D 76 -40.77 -21.79 -20.81
CA GLU D 76 -40.44 -22.13 -22.19
C GLU D 76 -40.51 -23.64 -22.45
N CYS D 77 -41.11 -24.39 -21.52
CA CYS D 77 -41.31 -25.82 -21.72
C CYS D 77 -41.90 -26.12 -23.11
N TYR D 78 -43.06 -25.53 -23.40
CA TYR D 78 -43.76 -25.88 -24.64
C TYR D 78 -43.01 -25.36 -25.85
N SER D 79 -42.65 -24.07 -25.84
CA SER D 79 -42.10 -23.45 -27.04
C SER D 79 -40.71 -24.01 -27.37
N VAL D 80 -39.82 -24.07 -26.37
CA VAL D 80 -38.40 -24.21 -26.61
C VAL D 80 -37.84 -25.49 -26.00
N PHE D 81 -38.21 -25.82 -24.77
CA PHE D 81 -37.54 -26.91 -24.06
C PHE D 81 -38.48 -28.06 -23.74
N THR D 82 -39.08 -28.60 -24.74
CA THR D 82 -40.04 -29.60 -24.53
C THR D 82 -39.58 -31.00 -24.33
N ASN D 83 -38.57 -31.45 -25.07
CA ASN D 83 -38.20 -32.85 -24.94
C ASN D 83 -36.81 -33.18 -24.43
N ARG D 84 -36.64 -34.44 -24.03
CA ARG D 84 -35.39 -34.92 -23.56
C ARG D 84 -34.58 -35.35 -24.73
N ARG D 85 -33.40 -35.87 -24.48
CA ARG D 85 -32.55 -36.30 -25.58
C ARG D 85 -33.02 -37.54 -26.30
N PRO D 86 -32.66 -37.68 -27.56
CA PRO D 86 -33.01 -38.95 -28.18
C PRO D 86 -31.99 -40.01 -27.83
N PHE D 87 -32.23 -41.25 -28.14
CA PHE D 87 -31.29 -42.28 -27.71
C PHE D 87 -31.30 -43.53 -28.57
N GLY D 88 -31.98 -43.53 -29.69
CA GLY D 88 -31.94 -44.71 -30.51
C GLY D 88 -33.22 -44.96 -31.26
N PRO D 89 -33.27 -46.03 -32.01
CA PRO D 89 -34.50 -46.26 -32.72
C PRO D 89 -35.53 -46.97 -31.91
N VAL D 90 -36.54 -46.24 -31.49
CA VAL D 90 -37.69 -46.81 -30.86
C VAL D 90 -38.66 -47.14 -32.00
N GLY D 91 -39.65 -47.96 -31.73
CA GLY D 91 -40.58 -48.26 -32.79
C GLY D 91 -41.88 -47.61 -32.41
N PHE D 92 -42.85 -48.39 -31.98
CA PHE D 92 -44.09 -47.87 -31.53
C PHE D 92 -43.85 -47.16 -30.23
N MET D 93 -42.79 -47.49 -29.51
CA MET D 93 -42.56 -46.79 -28.31
C MET D 93 -42.32 -45.27 -28.41
N LYS D 94 -42.35 -44.64 -29.59
CA LYS D 94 -42.38 -43.23 -29.67
C LYS D 94 -43.66 -42.62 -29.13
N ASN D 95 -44.76 -43.33 -28.92
CA ASN D 95 -45.89 -42.82 -28.30
C ASN D 95 -45.80 -42.85 -26.78
N ALA D 96 -44.88 -43.57 -26.18
CA ALA D 96 -44.76 -43.54 -24.73
C ALA D 96 -44.61 -42.10 -24.25
N ILE D 97 -45.20 -41.80 -23.10
CA ILE D 97 -45.30 -40.41 -22.66
C ILE D 97 -43.92 -39.80 -22.49
N SER D 98 -42.98 -40.55 -21.92
CA SER D 98 -41.66 -39.99 -21.67
C SER D 98 -40.79 -39.91 -22.92
N ILE D 99 -41.26 -40.46 -24.04
CA ILE D 99 -40.51 -40.44 -25.28
C ILE D 99 -41.09 -39.49 -26.31
N ALA D 100 -42.40 -39.32 -26.34
CA ALA D 100 -43.05 -38.44 -27.31
C ALA D 100 -42.45 -37.03 -27.25
N GLU D 101 -42.63 -36.26 -28.31
CA GLU D 101 -42.10 -34.91 -28.38
C GLU D 101 -43.18 -33.95 -28.82
N ASP D 102 -43.09 -32.71 -28.32
CA ASP D 102 -43.86 -31.56 -28.82
C ASP D 102 -45.35 -31.91 -28.76
N GLU D 103 -46.10 -31.77 -29.85
CA GLU D 103 -47.56 -31.88 -29.77
C GLU D 103 -48.00 -33.30 -29.47
N GLU D 104 -47.27 -34.31 -29.99
CA GLU D 104 -47.64 -35.69 -29.70
C GLU D 104 -47.49 -36.00 -28.21
N TRP D 105 -46.42 -35.50 -27.59
CA TRP D 105 -46.26 -35.69 -26.15
C TRP D 105 -47.40 -35.02 -25.39
N LYS D 106 -47.72 -33.78 -25.75
CA LYS D 106 -48.70 -33.01 -24.99
C LYS D 106 -50.07 -33.65 -25.05
N ARG D 107 -50.43 -34.22 -26.21
CA ARG D 107 -51.71 -34.90 -26.32
C ARG D 107 -51.79 -36.10 -25.38
N ILE D 108 -50.70 -36.88 -25.29
CA ILE D 108 -50.74 -38.08 -24.46
C ILE D 108 -50.67 -37.72 -22.98
N ARG D 109 -49.84 -36.72 -22.63
CA ARG D 109 -49.86 -36.23 -21.26
C ARG D 109 -51.26 -35.82 -20.85
N SER D 110 -52.09 -35.39 -21.81
CA SER D 110 -53.47 -35.04 -21.52
C SER D 110 -54.31 -36.28 -21.25
N LEU D 111 -54.33 -37.22 -22.20
CA LEU D 111 -55.15 -38.41 -22.04
C LEU D 111 -54.76 -39.21 -20.81
N LEU D 112 -53.51 -39.09 -20.36
CA LEU D 112 -53.10 -39.80 -19.16
C LEU D 112 -53.48 -39.03 -17.90
N SER D 113 -53.53 -37.70 -17.98
CA SER D 113 -53.80 -36.88 -16.80
C SER D 113 -55.00 -37.36 -15.99
N PRO D 114 -56.15 -37.70 -16.60
CA PRO D 114 -57.26 -38.27 -15.80
C PRO D 114 -56.82 -39.50 -15.02
N THR D 115 -55.96 -40.33 -15.60
CA THR D 115 -55.58 -41.57 -14.94
C THR D 115 -54.81 -41.31 -13.65
N PHE D 116 -54.11 -40.19 -13.54
CA PHE D 116 -53.28 -39.91 -12.38
C PHE D 116 -53.87 -38.83 -11.47
N THR D 117 -55.20 -38.71 -11.43
CA THR D 117 -55.82 -37.83 -10.46
C THR D 117 -55.71 -38.43 -9.07
N SER D 118 -55.74 -37.56 -8.06
CA SER D 118 -55.70 -38.06 -6.68
C SER D 118 -56.93 -38.90 -6.37
N GLY D 119 -58.08 -38.55 -6.96
CA GLY D 119 -59.28 -39.34 -6.75
C GLY D 119 -59.10 -40.78 -7.17
N LYS D 120 -58.64 -41.00 -8.39
CA LYS D 120 -58.52 -42.38 -8.83
C LYS D 120 -57.40 -43.08 -8.08
N LEU D 121 -56.40 -42.31 -7.63
CA LEU D 121 -55.34 -42.88 -6.79
C LEU D 121 -55.91 -43.45 -5.51
N LYS D 122 -56.91 -42.78 -4.92
CA LYS D 122 -57.51 -43.31 -3.69
C LYS D 122 -58.25 -44.62 -3.95
N GLU D 123 -58.85 -44.79 -5.13
CA GLU D 123 -59.48 -46.06 -5.50
C GLU D 123 -58.47 -47.18 -5.74
N MET D 124 -57.18 -46.86 -5.85
CA MET D 124 -56.16 -47.83 -6.18
C MET D 124 -55.43 -48.38 -4.96
N VAL D 125 -55.38 -47.61 -3.86
CA VAL D 125 -54.70 -48.05 -2.65
C VAL D 125 -55.11 -49.47 -2.28
N PRO D 126 -56.40 -49.82 -2.28
CA PRO D 126 -56.76 -51.17 -1.83
C PRO D 126 -56.05 -52.27 -2.61
N ILE D 127 -56.02 -52.19 -3.95
CA ILE D 127 -55.46 -53.30 -4.70
C ILE D 127 -53.94 -53.25 -4.66
N ILE D 128 -53.38 -52.18 -4.10
CA ILE D 128 -51.96 -52.13 -3.82
C ILE D 128 -51.67 -52.63 -2.40
N ALA D 129 -52.62 -52.47 -1.49
CA ALA D 129 -52.42 -52.96 -0.12
C ALA D 129 -52.03 -54.42 -0.10
N GLN D 130 -52.51 -55.20 -1.07
CA GLN D 130 -52.24 -56.64 -1.07
C GLN D 130 -50.75 -56.93 -1.23
N TYR D 131 -50.05 -56.17 -2.08
CA TYR D 131 -48.63 -56.39 -2.27
C TYR D 131 -47.81 -55.91 -1.07
N GLY D 132 -48.42 -55.12 -0.18
CA GLY D 132 -47.72 -54.72 1.04
C GLY D 132 -47.56 -55.88 1.99
N ASP D 133 -48.61 -56.69 2.15
CA ASP D 133 -48.51 -57.90 2.95
C ASP D 133 -47.34 -58.77 2.51
N VAL D 134 -47.22 -59.01 1.19
CA VAL D 134 -46.13 -59.86 0.72
C VAL D 134 -44.79 -59.36 1.26
N LEU D 135 -44.56 -58.04 1.16
CA LEU D 135 -43.32 -57.48 1.66
C LEU D 135 -43.13 -57.80 3.14
N VAL D 136 -44.18 -57.61 3.94
CA VAL D 136 -44.10 -57.97 5.36
C VAL D 136 -43.67 -59.41 5.51
N ARG D 137 -44.07 -60.27 4.59
CA ARG D 137 -43.63 -61.66 4.63
C ARG D 137 -42.18 -61.78 4.17
N ASN D 138 -41.87 -61.34 2.95
CA ASN D 138 -40.62 -61.79 2.36
C ASN D 138 -39.46 -61.24 3.18
N LEU D 139 -39.71 -60.09 3.82
CA LEU D 139 -38.79 -59.52 4.79
C LEU D 139 -38.70 -60.38 6.04
N ARG D 140 -39.84 -60.60 6.69
CA ARG D 140 -39.92 -61.42 7.89
C ARG D 140 -39.13 -62.69 7.77
N ARG D 141 -39.32 -63.41 6.67
CA ARG D 141 -38.60 -64.64 6.38
C ARG D 141 -37.12 -64.42 6.57
N GLU D 142 -36.56 -63.46 5.86
CA GLU D 142 -35.17 -63.16 6.00
C GLU D 142 -34.74 -62.49 7.32
N ALA D 143 -35.62 -61.79 8.03
CA ALA D 143 -35.21 -61.13 9.25
C ALA D 143 -34.85 -62.05 10.38
N GLU D 144 -35.76 -62.91 10.74
CA GLU D 144 -35.58 -63.82 11.87
C GLU D 144 -34.25 -64.55 11.92
N THR D 145 -33.83 -65.15 10.81
CA THR D 145 -32.61 -65.90 10.82
C THR D 145 -31.47 -64.98 11.11
N GLY D 146 -31.70 -63.87 11.80
CA GLY D 146 -30.60 -62.98 12.09
C GLY D 146 -29.57 -62.68 11.01
N LYS D 147 -29.92 -62.75 9.74
CA LYS D 147 -28.97 -62.54 8.71
C LYS D 147 -29.26 -61.20 8.10
N PRO D 148 -28.21 -60.52 7.65
CA PRO D 148 -28.41 -59.20 7.10
C PRO D 148 -29.35 -59.23 5.92
N VAL D 149 -30.26 -58.28 5.91
CA VAL D 149 -31.21 -58.17 4.82
C VAL D 149 -30.66 -57.21 3.78
N THR D 150 -30.94 -57.50 2.50
CA THR D 150 -30.52 -56.67 1.38
C THR D 150 -31.72 -55.85 0.93
N LEU D 151 -31.71 -54.54 1.17
CA LEU D 151 -32.96 -53.80 1.05
C LEU D 151 -33.43 -53.74 -0.40
N LYS D 152 -32.55 -53.39 -1.34
CA LYS D 152 -32.97 -53.27 -2.73
C LYS D 152 -33.62 -54.56 -3.23
N HIS D 153 -33.24 -55.70 -2.62
CA HIS D 153 -33.80 -56.98 -3.04
C HIS D 153 -35.25 -57.10 -2.62
N VAL D 154 -35.53 -57.00 -1.32
CA VAL D 154 -36.91 -57.11 -0.85
C VAL D 154 -37.74 -55.93 -1.38
N PHE D 155 -37.13 -54.76 -1.51
CA PHE D 155 -37.87 -53.59 -1.99
C PHE D 155 -38.00 -53.57 -3.51
N GLY D 156 -36.99 -54.10 -4.22
CA GLY D 156 -37.14 -54.25 -5.65
C GLY D 156 -38.34 -55.11 -6.02
N ALA D 157 -38.51 -56.24 -5.32
CA ALA D 157 -39.63 -57.12 -5.60
C ALA D 157 -40.96 -56.44 -5.27
N TYR D 158 -40.99 -55.65 -4.19
CA TYR D 158 -42.21 -54.89 -3.91
C TYR D 158 -42.52 -53.93 -5.04
N SER D 159 -41.52 -53.17 -5.49
CA SER D 159 -41.74 -52.19 -6.55
C SER D 159 -42.19 -52.87 -7.83
N MET D 160 -41.52 -53.95 -8.22
CA MET D 160 -41.93 -54.67 -9.43
C MET D 160 -43.34 -55.23 -9.26
N ASP D 161 -43.54 -55.88 -8.13
CA ASP D 161 -44.81 -56.43 -7.80
C ASP D 161 -45.84 -55.38 -8.07
N VAL D 162 -45.73 -54.24 -7.40
CA VAL D 162 -46.72 -53.20 -7.56
C VAL D 162 -46.82 -52.66 -8.97
N ILE D 163 -45.79 -52.00 -9.48
CA ILE D 163 -45.89 -51.42 -10.81
C ILE D 163 -46.25 -52.40 -11.91
N THR D 164 -45.73 -53.61 -11.90
CA THR D 164 -46.08 -54.54 -12.92
C THR D 164 -47.56 -54.89 -12.91
N SER D 165 -48.11 -55.21 -11.75
CA SER D 165 -49.52 -55.54 -11.70
C SER D 165 -50.39 -54.39 -12.09
N THR D 166 -50.21 -53.24 -11.49
CA THR D 166 -51.07 -52.14 -11.84
C THR D 166 -50.97 -51.68 -13.29
N SER D 167 -49.81 -51.76 -13.91
CA SER D 167 -49.68 -51.40 -15.31
C SER D 167 -50.35 -52.41 -16.22
N PHE D 168 -50.16 -53.71 -15.98
CA PHE D 168 -50.79 -54.74 -16.77
C PHE D 168 -52.01 -55.47 -16.21
N GLY D 169 -52.55 -55.13 -15.05
CA GLY D 169 -53.69 -55.86 -14.54
C GLY D 169 -53.42 -57.32 -14.35
N VAL D 170 -52.34 -57.65 -13.67
CA VAL D 170 -51.96 -59.03 -13.48
C VAL D 170 -51.22 -59.17 -12.18
N SER D 171 -51.75 -59.86 -11.20
CA SER D 171 -51.04 -59.99 -9.95
C SER D 171 -49.80 -60.83 -10.10
N ILE D 172 -48.66 -60.40 -9.56
CA ILE D 172 -47.44 -61.20 -9.63
C ILE D 172 -46.81 -61.26 -8.25
N ASP D 173 -45.82 -62.11 -8.07
CA ASP D 173 -45.13 -62.23 -6.79
C ASP D 173 -43.70 -62.54 -7.12
N SER D 174 -42.98 -61.55 -7.62
CA SER D 174 -41.60 -61.72 -8.05
C SER D 174 -40.66 -62.48 -7.14
N LEU D 175 -40.83 -62.41 -5.84
CA LEU D 175 -39.94 -63.13 -4.97
C LEU D 175 -40.30 -64.59 -4.86
N ASN D 176 -41.55 -64.90 -4.56
CA ASN D 176 -41.97 -66.27 -4.45
C ASN D 176 -42.38 -67.00 -5.69
N ASN D 177 -42.74 -66.25 -6.72
CA ASN D 177 -43.17 -66.84 -7.95
C ASN D 177 -42.35 -66.29 -9.05
N PRO D 178 -41.03 -66.40 -8.96
CA PRO D 178 -40.23 -65.85 -10.05
C PRO D 178 -40.18 -66.59 -11.37
N GLN D 179 -40.89 -67.69 -11.59
CA GLN D 179 -40.84 -68.38 -12.84
C GLN D 179 -41.88 -67.75 -13.71
N ASP D 180 -42.82 -67.07 -13.09
CA ASP D 180 -43.88 -66.37 -13.81
C ASP D 180 -43.35 -65.70 -15.07
N PRO D 181 -43.87 -66.08 -16.25
CA PRO D 181 -43.38 -65.44 -17.49
C PRO D 181 -43.37 -63.92 -17.44
N PHE D 182 -44.46 -63.29 -17.00
CA PHE D 182 -44.44 -61.84 -16.80
C PHE D 182 -43.23 -61.37 -15.99
N VAL D 183 -42.78 -62.17 -15.04
CA VAL D 183 -41.68 -61.72 -14.20
C VAL D 183 -40.34 -61.99 -14.87
N GLU D 184 -40.21 -63.11 -15.58
CA GLU D 184 -39.04 -63.30 -16.42
C GLU D 184 -38.96 -62.20 -17.49
N ASN D 185 -40.08 -61.92 -18.15
CA ASN D 185 -40.08 -60.97 -19.26
C ASN D 185 -39.89 -59.54 -18.76
N THR D 186 -40.67 -59.14 -17.75
CA THR D 186 -40.52 -57.79 -17.21
C THR D 186 -39.07 -57.49 -16.88
N LYS D 187 -38.37 -58.46 -16.29
CA LYS D 187 -36.95 -58.28 -15.97
C LYS D 187 -36.13 -58.15 -17.26
N LYS D 188 -36.44 -58.99 -18.22
CA LYS D 188 -35.78 -58.92 -19.50
C LYS D 188 -35.99 -57.51 -20.04
N LEU D 189 -37.22 -57.06 -20.13
CA LEU D 189 -37.51 -55.72 -20.58
C LEU D 189 -36.72 -54.66 -19.85
N LEU D 190 -36.66 -54.72 -18.54
CA LEU D 190 -35.94 -53.72 -17.80
C LEU D 190 -34.43 -53.68 -17.89
N ARG D 191 -33.75 -54.57 -18.58
CA ARG D 191 -32.33 -54.47 -18.63
C ARG D 191 -31.87 -53.44 -19.63
N PHE D 192 -32.75 -52.77 -20.36
CA PHE D 192 -32.30 -51.78 -21.26
C PHE D 192 -32.21 -50.46 -20.54
N ASN D 193 -31.05 -49.85 -20.49
CA ASN D 193 -30.88 -48.59 -19.81
C ASN D 193 -30.02 -47.68 -20.67
N PRO D 194 -29.79 -46.41 -20.28
CA PRO D 194 -28.95 -45.59 -21.16
C PRO D 194 -27.48 -45.95 -21.36
N LEU D 195 -26.89 -46.92 -20.67
CA LEU D 195 -25.55 -47.27 -20.94
C LEU D 195 -25.36 -48.60 -21.63
N ASP D 196 -26.37 -49.24 -22.20
CA ASP D 196 -26.03 -50.50 -22.84
C ASP D 196 -25.38 -50.09 -24.16
N PRO D 197 -24.66 -50.99 -24.81
CA PRO D 197 -23.86 -50.56 -25.97
C PRO D 197 -24.67 -50.01 -27.15
N PHE D 198 -25.94 -50.38 -27.31
CA PHE D 198 -26.71 -49.96 -28.47
C PHE D 198 -27.19 -48.51 -28.30
N VAL D 199 -27.24 -47.99 -27.08
CA VAL D 199 -27.44 -46.56 -26.88
C VAL D 199 -26.12 -45.81 -27.06
N LEU D 200 -25.00 -46.42 -26.70
CA LEU D 200 -23.70 -45.76 -26.87
C LEU D 200 -23.27 -45.73 -28.31
N SER D 201 -23.59 -46.78 -29.08
CA SER D 201 -23.31 -46.76 -30.52
C SER D 201 -24.04 -45.61 -31.20
N ILE D 202 -25.26 -45.32 -30.75
CA ILE D 202 -26.05 -44.27 -31.41
C ILE D 202 -25.48 -42.89 -31.10
N LYS D 203 -24.87 -42.74 -29.96
CA LYS D 203 -24.26 -41.48 -29.65
C LYS D 203 -23.15 -41.27 -30.65
N VAL D 204 -22.41 -42.32 -30.96
CA VAL D 204 -21.36 -42.24 -31.97
C VAL D 204 -21.96 -42.02 -33.35
N PHE D 205 -23.07 -42.66 -33.63
CA PHE D 205 -23.65 -42.72 -34.98
C PHE D 205 -25.10 -42.27 -34.97
N PRO D 206 -25.35 -41.02 -34.64
CA PRO D 206 -26.74 -40.62 -34.67
C PRO D 206 -27.40 -40.87 -36.01
N PHE D 207 -26.74 -40.63 -37.12
CA PHE D 207 -27.38 -40.86 -38.38
C PHE D 207 -27.79 -42.29 -38.58
N LEU D 208 -27.31 -43.20 -37.76
CA LEU D 208 -27.74 -44.58 -37.93
C LEU D 208 -29.21 -44.81 -37.60
N THR D 209 -29.84 -43.90 -36.86
CA THR D 209 -31.14 -44.23 -36.27
C THR D 209 -32.23 -44.45 -37.33
N PRO D 210 -32.50 -43.49 -38.22
CA PRO D 210 -33.57 -43.71 -39.21
C PRO D 210 -33.41 -45.00 -40.01
N ILE D 211 -32.18 -45.38 -40.37
CA ILE D 211 -31.98 -46.64 -41.09
C ILE D 211 -32.54 -47.80 -40.28
N LEU D 212 -32.11 -47.90 -39.05
CA LEU D 212 -32.59 -48.95 -38.20
C LEU D 212 -34.09 -48.86 -37.99
N GLU D 213 -34.67 -47.68 -37.82
CA GLU D 213 -36.10 -47.62 -37.66
C GLU D 213 -36.78 -48.13 -38.90
N ALA D 214 -36.34 -47.74 -40.08
CA ALA D 214 -36.96 -48.25 -41.30
C ALA D 214 -36.85 -49.76 -41.38
N LEU D 215 -35.78 -50.34 -40.84
CA LEU D 215 -35.58 -51.78 -40.85
C LEU D 215 -36.23 -52.48 -39.66
N ASN D 216 -36.96 -51.74 -38.83
CA ASN D 216 -37.65 -52.31 -37.68
C ASN D 216 -36.67 -52.94 -36.69
N ILE D 217 -35.46 -52.40 -36.59
CA ILE D 217 -34.52 -52.80 -35.55
C ILE D 217 -34.65 -51.81 -34.40
N THR D 218 -35.64 -52.04 -33.55
CA THR D 218 -35.90 -51.24 -32.37
C THR D 218 -34.79 -51.44 -31.33
N VAL D 219 -34.74 -50.53 -30.35
CA VAL D 219 -33.73 -50.66 -29.30
C VAL D 219 -34.26 -51.59 -28.20
N PHE D 220 -35.57 -51.87 -28.18
CA PHE D 220 -36.30 -52.76 -27.27
C PHE D 220 -36.37 -54.16 -27.86
N PRO D 221 -36.13 -55.22 -27.07
CA PRO D 221 -36.20 -56.58 -27.62
C PRO D 221 -37.61 -56.91 -28.08
N ARG D 222 -37.74 -57.35 -29.34
CA ARG D 222 -39.06 -57.62 -29.89
C ARG D 222 -39.73 -58.79 -29.18
N GLU D 223 -39.01 -59.89 -28.99
CA GLU D 223 -39.64 -61.08 -28.41
C GLU D 223 -40.28 -60.77 -27.07
N VAL D 224 -39.73 -59.84 -26.34
CA VAL D 224 -40.31 -59.48 -25.10
C VAL D 224 -41.49 -58.62 -25.29
N ILE D 225 -41.36 -57.61 -26.12
CA ILE D 225 -42.49 -56.80 -26.40
C ILE D 225 -43.56 -57.60 -27.04
N SER D 226 -43.25 -58.46 -27.98
CA SER D 226 -44.24 -59.33 -28.55
C SER D 226 -45.04 -60.10 -27.53
N PHE D 227 -44.41 -60.68 -26.55
CA PHE D 227 -45.09 -61.37 -25.51
C PHE D 227 -46.03 -60.51 -24.72
N LEU D 228 -45.59 -59.37 -24.26
CA LEU D 228 -46.41 -58.49 -23.48
C LEU D 228 -47.65 -58.03 -24.17
N THR D 229 -47.54 -57.56 -25.40
CA THR D 229 -48.69 -57.13 -26.12
C THR D 229 -49.67 -58.25 -26.23
N LYS D 230 -49.21 -59.46 -26.52
CA LYS D 230 -50.13 -60.55 -26.64
C LYS D 230 -50.68 -61.03 -25.33
N SER D 231 -50.02 -60.76 -24.23
CA SER D 231 -50.52 -61.15 -22.97
C SER D 231 -51.49 -60.14 -22.50
N VAL D 232 -51.44 -58.93 -22.99
CA VAL D 232 -52.36 -57.94 -22.43
C VAL D 232 -53.72 -57.94 -23.14
N LYS D 233 -53.75 -58.32 -24.43
CA LYS D 233 -55.01 -58.32 -25.18
C LYS D 233 -55.90 -59.47 -24.77
N GLN D 234 -55.29 -60.62 -24.53
CA GLN D 234 -55.81 -61.67 -23.68
C GLN D 234 -56.52 -61.13 -22.46
N ILE D 235 -55.91 -60.18 -21.76
CA ILE D 235 -56.52 -59.69 -20.54
C ILE D 235 -57.66 -58.74 -20.89
N LYS D 236 -57.35 -57.72 -21.69
CA LYS D 236 -58.37 -56.83 -22.22
C LYS D 236 -59.60 -57.63 -22.66
N GLU D 237 -59.38 -58.58 -23.58
CA GLU D 237 -60.46 -59.44 -24.03
C GLU D 237 -61.17 -60.11 -22.86
N GLY D 238 -60.43 -60.89 -22.07
CA GLY D 238 -61.06 -61.66 -21.02
C GLY D 238 -61.69 -60.81 -19.93
N ARG D 239 -61.16 -59.60 -19.71
CA ARG D 239 -61.58 -58.79 -18.57
C ARG D 239 -63.03 -58.33 -18.73
N LEU D 240 -63.39 -57.86 -19.92
CA LEU D 240 -64.75 -57.41 -20.20
C LEU D 240 -65.80 -58.50 -20.21
N LYS D 241 -65.86 -59.29 -19.15
CA LYS D 241 -66.84 -60.36 -19.07
C LYS D 241 -67.30 -60.60 -17.63
N VAL D 248 -59.40 -51.84 -11.20
CA VAL D 248 -59.15 -50.42 -11.11
C VAL D 248 -57.64 -50.14 -11.22
N ASP D 249 -57.03 -50.74 -12.24
CA ASP D 249 -55.60 -50.69 -12.45
C ASP D 249 -55.25 -49.38 -13.15
N PHE D 250 -53.98 -49.21 -13.52
CA PHE D 250 -53.67 -48.23 -14.56
C PHE D 250 -54.21 -48.69 -15.91
N LEU D 251 -54.23 -50.00 -16.13
CA LEU D 251 -54.75 -50.55 -17.38
C LEU D 251 -56.22 -50.22 -17.55
N GLN D 252 -57.03 -50.49 -16.51
CA GLN D 252 -58.47 -50.21 -16.62
C GLN D 252 -58.73 -48.72 -16.73
N LEU D 253 -57.93 -47.90 -16.05
CA LEU D 253 -58.08 -46.45 -16.23
C LEU D 253 -57.79 -46.05 -17.67
N MET D 254 -56.72 -46.59 -18.25
CA MET D 254 -56.38 -46.23 -19.63
C MET D 254 -57.36 -46.81 -20.63
N ILE D 255 -57.96 -47.96 -20.30
CA ILE D 255 -58.90 -48.60 -21.21
C ILE D 255 -60.27 -47.93 -21.13
N ASP D 256 -60.68 -47.51 -19.94
CA ASP D 256 -61.89 -46.70 -19.82
C ASP D 256 -61.71 -45.35 -20.50
N SER D 257 -60.50 -44.80 -20.45
CA SER D 257 -60.21 -43.54 -21.13
C SER D 257 -60.38 -43.64 -22.64
N GLN D 258 -60.49 -44.85 -23.19
CA GLN D 258 -60.65 -45.03 -24.63
C GLN D 258 -62.09 -44.80 -25.10
N ASN D 259 -62.93 -44.15 -24.31
CA ASN D 259 -64.32 -43.95 -24.69
C ASN D 259 -64.85 -42.57 -24.29
N THR D 265 -61.69 -34.29 -26.17
CA THR D 265 -61.03 -33.28 -26.99
C THR D 265 -60.06 -33.91 -27.98
N HIS D 266 -59.04 -34.59 -27.47
CA HIS D 266 -58.15 -35.37 -28.33
C HIS D 266 -58.82 -36.67 -28.72
N LYS D 267 -58.19 -37.41 -29.63
CA LYS D 267 -58.73 -38.70 -29.96
C LYS D 267 -58.10 -39.74 -29.03
N ALA D 268 -58.94 -40.66 -28.53
CA ALA D 268 -58.53 -41.58 -27.48
C ALA D 268 -57.25 -42.33 -27.81
N LEU D 269 -56.60 -42.88 -26.78
CA LEU D 269 -55.43 -43.72 -26.99
C LEU D 269 -55.81 -44.92 -27.84
N SER D 270 -55.04 -45.17 -28.89
CA SER D 270 -55.14 -46.44 -29.57
C SER D 270 -54.73 -47.56 -28.63
N ASP D 271 -54.97 -48.80 -29.04
CA ASP D 271 -54.44 -49.93 -28.30
C ASP D 271 -52.91 -49.85 -28.21
N LEU D 272 -52.26 -49.53 -29.33
CA LEU D 272 -50.80 -49.49 -29.36
C LEU D 272 -50.27 -48.37 -28.48
N GLU D 273 -50.80 -47.16 -28.63
CA GLU D 273 -50.39 -46.06 -27.75
C GLU D 273 -50.57 -46.45 -26.29
N LEU D 274 -51.74 -47.01 -25.96
CA LEU D 274 -51.99 -47.50 -24.60
C LEU D 274 -50.88 -48.44 -24.16
N MET D 275 -50.56 -49.43 -25.00
CA MET D 275 -49.48 -50.36 -24.69
C MET D 275 -48.22 -49.62 -24.27
N ALA D 276 -47.83 -48.60 -25.05
CA ALA D 276 -46.59 -47.89 -24.76
C ALA D 276 -46.60 -47.29 -23.37
N GLN D 277 -47.73 -46.70 -22.95
CA GLN D 277 -47.81 -46.13 -21.61
C GLN D 277 -47.59 -47.19 -20.55
N SER D 278 -48.14 -48.39 -20.75
CA SER D 278 -48.00 -49.44 -19.75
C SER D 278 -46.56 -49.87 -19.59
N ILE D 279 -45.85 -50.07 -20.71
CA ILE D 279 -44.46 -50.50 -20.63
C ILE D 279 -43.59 -49.42 -20.01
N ILE D 280 -43.93 -48.15 -20.26
CA ILE D 280 -43.02 -47.09 -19.87
C ILE D 280 -43.20 -46.78 -18.38
N PHE D 281 -44.39 -47.02 -17.84
CA PHE D 281 -44.61 -46.85 -16.40
C PHE D 281 -43.67 -47.77 -15.62
N ILE D 282 -43.41 -48.97 -16.15
CA ILE D 282 -42.51 -49.90 -15.49
C ILE D 282 -41.08 -49.36 -15.48
N PHE D 283 -40.63 -48.82 -16.63
CA PHE D 283 -39.31 -48.22 -16.70
C PHE D 283 -39.19 -47.06 -15.71
N ALA D 284 -40.21 -46.20 -15.67
CA ALA D 284 -40.15 -45.04 -14.79
C ALA D 284 -40.39 -45.41 -13.34
N GLY D 285 -41.23 -46.40 -13.09
CA GLY D 285 -41.69 -46.67 -11.75
C GLY D 285 -40.87 -47.66 -10.95
N TYR D 286 -40.21 -48.60 -11.62
CA TYR D 286 -39.63 -49.73 -10.89
C TYR D 286 -38.40 -49.35 -10.08
N GLU D 287 -37.29 -49.05 -10.76
CA GLU D 287 -36.01 -48.90 -10.07
C GLU D 287 -35.91 -47.59 -9.31
N THR D 288 -36.77 -46.62 -9.62
CA THR D 288 -36.83 -45.39 -8.83
C THR D 288 -37.45 -45.64 -7.46
N THR D 289 -38.65 -46.25 -7.45
CA THR D 289 -39.32 -46.52 -6.19
C THR D 289 -38.50 -47.45 -5.30
N SER D 290 -37.84 -48.45 -5.90
CA SER D 290 -37.07 -49.39 -5.12
C SER D 290 -35.85 -48.72 -4.48
N SER D 291 -35.13 -47.90 -5.25
CA SER D 291 -33.92 -47.29 -4.74
C SER D 291 -34.22 -46.31 -3.61
N VAL D 292 -35.19 -45.41 -3.81
CA VAL D 292 -35.57 -44.49 -2.76
C VAL D 292 -35.91 -45.24 -1.48
N LEU D 293 -36.80 -46.23 -1.59
CA LEU D 293 -37.21 -46.97 -0.41
C LEU D 293 -36.00 -47.47 0.36
N SER D 294 -35.04 -48.08 -0.34
CA SER D 294 -33.83 -48.58 0.31
C SER D 294 -33.06 -47.44 0.97
N PHE D 295 -33.11 -46.24 0.39
CA PHE D 295 -32.36 -45.12 0.94
C PHE D 295 -33.07 -44.52 2.15
N ILE D 296 -34.41 -44.47 2.12
CA ILE D 296 -35.14 -44.01 3.29
C ILE D 296 -34.85 -44.90 4.48
N ILE D 297 -34.89 -46.22 4.29
CA ILE D 297 -34.63 -47.14 5.38
C ILE D 297 -33.19 -47.00 5.86
N TYR D 298 -32.27 -46.76 4.99
CA TYR D 298 -30.91 -46.63 5.42
C TYR D 298 -30.75 -45.39 6.24
N GLU D 299 -31.36 -44.32 5.84
CA GLU D 299 -31.27 -43.11 6.65
C GLU D 299 -31.88 -43.34 8.03
N LEU D 300 -33.03 -44.01 8.09
CA LEU D 300 -33.66 -44.28 9.37
C LEU D 300 -32.79 -45.20 10.23
N ALA D 301 -32.20 -46.22 9.63
CA ALA D 301 -31.36 -47.14 10.40
C ALA D 301 -30.10 -46.47 10.91
N THR D 302 -29.63 -45.41 10.25
CA THR D 302 -28.47 -44.66 10.73
C THR D 302 -28.84 -43.47 11.61
N HIS D 303 -30.12 -43.09 11.64
CA HIS D 303 -30.62 -42.01 12.49
C HIS D 303 -31.73 -42.58 13.35
N PRO D 304 -31.36 -43.44 14.31
CA PRO D 304 -32.39 -44.16 15.10
C PRO D 304 -33.39 -43.22 15.77
N ASP D 305 -32.91 -42.07 16.25
CA ASP D 305 -33.82 -41.04 16.74
C ASP D 305 -34.96 -40.81 15.76
N VAL D 306 -34.68 -40.86 14.46
CA VAL D 306 -35.69 -40.56 13.46
C VAL D 306 -36.63 -41.74 13.26
N GLN D 307 -36.10 -42.97 13.28
CA GLN D 307 -36.95 -44.15 13.26
C GLN D 307 -38.07 -44.02 14.29
N GLN D 308 -37.68 -43.91 15.56
CA GLN D 308 -38.65 -43.83 16.64
C GLN D 308 -39.66 -42.73 16.37
N LYS D 309 -39.18 -41.53 16.04
CA LYS D 309 -40.10 -40.46 15.72
C LYS D 309 -41.03 -40.84 14.58
N VAL D 310 -40.50 -41.55 13.57
CA VAL D 310 -41.36 -42.07 12.52
C VAL D 310 -42.36 -42.95 13.25
N GLN D 311 -41.92 -44.13 13.69
CA GLN D 311 -42.81 -45.13 14.29
C GLN D 311 -43.87 -44.55 15.21
N LYS D 312 -43.50 -43.53 15.99
CA LYS D 312 -44.45 -42.91 16.91
C LYS D 312 -45.64 -42.31 16.16
N GLU D 313 -45.37 -41.63 15.05
CA GLU D 313 -46.46 -41.05 14.26
C GLU D 313 -47.40 -42.14 13.76
N ILE D 314 -46.84 -43.27 13.35
CA ILE D 314 -47.63 -44.31 12.70
C ILE D 314 -48.45 -45.08 13.71
N ASP D 315 -47.83 -45.41 14.86
CA ASP D 315 -48.60 -45.90 16.01
C ASP D 315 -49.75 -44.95 16.33
N THR D 316 -49.45 -43.65 16.43
CA THR D 316 -50.51 -42.67 16.67
C THR D 316 -51.60 -42.78 15.61
N VAL D 317 -51.22 -42.64 14.34
CA VAL D 317 -52.20 -42.58 13.27
C VAL D 317 -52.79 -43.96 13.01
N LEU D 318 -51.95 -45.00 13.03
CA LEU D 318 -52.37 -46.37 12.78
C LEU D 318 -51.96 -47.24 13.96
N PRO D 319 -52.62 -47.08 15.10
CA PRO D 319 -52.27 -47.91 16.27
C PRO D 319 -52.67 -49.35 15.99
N ASN D 320 -51.94 -50.27 16.61
CA ASN D 320 -52.32 -51.67 16.56
C ASN D 320 -52.25 -52.21 15.12
N LYS D 321 -51.11 -51.94 14.46
CA LYS D 321 -50.82 -52.48 13.14
C LYS D 321 -52.00 -52.34 12.18
N ALA D 322 -52.68 -51.19 12.24
CA ALA D 322 -53.80 -50.98 11.35
C ALA D 322 -53.30 -50.95 9.90
N PRO D 323 -54.11 -51.44 8.96
CA PRO D 323 -53.72 -51.36 7.53
C PRO D 323 -53.73 -49.91 7.07
N PRO D 324 -52.64 -49.45 6.44
CA PRO D 324 -52.59 -48.04 6.01
C PRO D 324 -53.59 -47.79 4.88
N THR D 325 -54.24 -46.64 4.93
CA THR D 325 -55.19 -46.21 3.92
C THR D 325 -54.73 -44.88 3.35
N TYR D 326 -55.39 -44.46 2.28
CA TYR D 326 -54.99 -43.24 1.59
C TYR D 326 -55.03 -42.03 2.52
N ASP D 327 -55.99 -41.99 3.44
CA ASP D 327 -56.15 -40.82 4.30
C ASP D 327 -55.39 -40.93 5.62
N THR D 328 -54.84 -42.10 5.97
CA THR D 328 -53.83 -42.16 7.02
C THR D 328 -52.43 -41.81 6.52
N VAL D 329 -51.97 -42.41 5.42
CA VAL D 329 -50.67 -42.01 4.89
C VAL D 329 -50.60 -40.50 4.76
N LEU D 330 -51.69 -39.88 4.30
CA LEU D 330 -51.74 -38.44 4.13
C LEU D 330 -51.25 -37.71 5.38
N GLN D 331 -51.72 -38.14 6.55
CA GLN D 331 -51.39 -37.44 7.79
C GLN D 331 -50.02 -37.79 8.33
N LEU D 332 -49.27 -38.66 7.66
CA LEU D 332 -47.89 -38.95 8.04
C LEU D 332 -46.99 -37.81 7.60
N GLU D 333 -47.37 -36.59 7.99
CA GLU D 333 -46.62 -35.38 7.74
C GLU D 333 -45.13 -35.55 8.04
N TYR D 334 -44.78 -36.20 9.15
CA TYR D 334 -43.35 -36.34 9.46
C TYR D 334 -42.68 -37.39 8.59
N LEU D 335 -43.44 -38.38 8.11
CA LEU D 335 -42.89 -39.31 7.14
C LEU D 335 -42.66 -38.62 5.80
N ASP D 336 -43.66 -37.86 5.34
CA ASP D 336 -43.50 -37.00 4.18
C ASP D 336 -42.18 -36.23 4.24
N MET D 337 -41.87 -35.66 5.41
CA MET D 337 -40.61 -34.94 5.56
C MET D 337 -39.42 -35.87 5.38
N VAL D 338 -39.49 -37.06 5.99
CA VAL D 338 -38.35 -37.98 5.92
C VAL D 338 -38.12 -38.43 4.49
N VAL D 339 -39.20 -38.68 3.74
CA VAL D 339 -39.07 -39.01 2.33
C VAL D 339 -38.43 -37.85 1.59
N ASN D 340 -38.97 -36.64 1.78
CA ASN D 340 -38.46 -35.48 1.06
C ASN D 340 -36.98 -35.25 1.36
N GLU D 341 -36.55 -35.52 2.59
CA GLU D 341 -35.15 -35.29 2.93
C GLU D 341 -34.24 -36.37 2.36
N THR D 342 -34.74 -37.59 2.18
CA THR D 342 -33.93 -38.60 1.51
C THR D 342 -33.77 -38.27 0.04
N LEU D 343 -34.82 -37.76 -0.60
CA LEU D 343 -34.76 -37.42 -2.01
C LEU D 343 -33.84 -36.22 -2.26
N ARG D 344 -33.71 -35.32 -1.29
CA ARG D 344 -32.76 -34.23 -1.44
C ARG D 344 -31.34 -34.77 -1.49
N LEU D 345 -30.96 -35.59 -0.50
CA LEU D 345 -29.59 -36.09 -0.45
C LEU D 345 -29.33 -37.12 -1.54
N PHE D 346 -30.36 -37.83 -2.00
CA PHE D 346 -30.21 -38.90 -2.98
C PHE D 346 -31.32 -38.78 -4.02
N PRO D 347 -31.27 -37.75 -4.87
CA PRO D 347 -32.23 -37.67 -5.97
C PRO D 347 -32.02 -38.80 -6.95
N VAL D 348 -33.10 -39.21 -7.62
CA VAL D 348 -32.99 -40.27 -8.62
C VAL D 348 -32.35 -39.70 -9.88
N ALA D 349 -32.79 -38.50 -10.26
CA ALA D 349 -32.35 -37.89 -11.51
C ALA D 349 -30.89 -37.47 -11.42
N MET D 350 -30.59 -36.57 -10.47
CA MET D 350 -29.28 -35.92 -10.36
C MET D 350 -29.12 -34.84 -11.42
N ARG D 351 -29.57 -35.13 -12.64
CA ARG D 351 -29.65 -34.14 -13.70
C ARG D 351 -31.04 -34.19 -14.32
N LEU D 352 -31.53 -33.02 -14.72
CA LEU D 352 -32.71 -32.87 -15.56
C LEU D 352 -32.26 -32.17 -16.84
N GLU D 353 -32.71 -32.69 -17.99
CA GLU D 353 -32.19 -32.25 -19.28
C GLU D 353 -33.31 -31.90 -20.23
N ARG D 354 -33.08 -30.89 -21.07
CA ARG D 354 -34.01 -30.53 -22.13
C ARG D 354 -33.24 -30.09 -23.36
N VAL D 355 -33.64 -30.62 -24.53
CA VAL D 355 -33.08 -30.14 -25.79
C VAL D 355 -33.69 -28.79 -26.11
N CYS D 356 -32.85 -27.84 -26.52
CA CYS D 356 -33.29 -26.51 -26.92
C CYS D 356 -33.72 -26.57 -28.39
N LYS D 357 -35.01 -26.34 -28.64
CA LYS D 357 -35.57 -26.51 -29.97
C LYS D 357 -35.28 -25.35 -30.90
N LYS D 358 -34.71 -24.24 -30.41
CA LYS D 358 -34.54 -23.06 -31.22
C LYS D 358 -33.73 -22.03 -30.45
N ASP D 359 -32.99 -21.20 -31.19
CA ASP D 359 -32.22 -20.13 -30.55
C ASP D 359 -33.12 -19.35 -29.60
N VAL D 360 -32.60 -19.06 -28.40
CA VAL D 360 -33.35 -18.31 -27.41
C VAL D 360 -32.43 -17.46 -26.55
N GLU D 361 -33.04 -16.51 -25.84
CA GLU D 361 -32.37 -15.68 -24.84
C GLU D 361 -33.21 -15.77 -23.57
N ILE D 362 -32.59 -16.18 -22.48
CA ILE D 362 -33.30 -16.33 -21.21
C ILE D 362 -32.49 -15.66 -20.10
N ASN D 363 -33.17 -14.87 -19.28
CA ASN D 363 -32.57 -14.19 -18.14
C ASN D 363 -31.17 -13.68 -18.45
N GLY D 364 -30.97 -13.13 -19.64
CA GLY D 364 -29.73 -12.48 -19.98
C GLY D 364 -28.65 -13.43 -20.49
N MET D 365 -29.03 -14.36 -21.36
CA MET D 365 -28.09 -15.36 -21.82
C MET D 365 -28.64 -16.02 -23.08
N PHE D 366 -27.83 -16.05 -24.13
CA PHE D 366 -28.22 -16.68 -25.38
C PHE D 366 -27.96 -18.18 -25.33
N ILE D 367 -28.81 -18.94 -26.00
CA ILE D 367 -28.69 -20.39 -26.06
C ILE D 367 -28.98 -20.83 -27.50
N PRO D 368 -27.98 -21.29 -28.24
CA PRO D 368 -28.24 -21.72 -29.62
C PRO D 368 -29.08 -22.99 -29.70
N LYS D 369 -29.82 -23.09 -30.80
CA LYS D 369 -30.61 -24.27 -31.09
C LYS D 369 -29.77 -25.54 -30.98
N GLY D 370 -30.35 -26.57 -30.38
CA GLY D 370 -29.72 -27.87 -30.32
C GLY D 370 -28.83 -28.11 -29.11
N VAL D 371 -28.56 -27.09 -28.30
CA VAL D 371 -27.86 -27.31 -27.04
C VAL D 371 -28.79 -28.07 -26.11
N VAL D 372 -28.19 -28.88 -25.24
CA VAL D 372 -28.92 -29.53 -24.15
C VAL D 372 -28.76 -28.66 -22.92
N VAL D 373 -29.88 -28.23 -22.35
CA VAL D 373 -29.89 -27.45 -21.13
C VAL D 373 -30.04 -28.42 -19.96
N MET D 374 -29.07 -28.41 -19.06
CA MET D 374 -28.95 -29.39 -18.00
C MET D 374 -29.05 -28.69 -16.64
N ILE D 375 -29.94 -29.18 -15.79
CA ILE D 375 -30.07 -28.69 -14.42
C ILE D 375 -29.40 -29.71 -13.50
N PRO D 376 -28.30 -29.35 -12.82
CA PRO D 376 -27.64 -30.33 -11.94
C PRO D 376 -28.39 -30.47 -10.61
N SER D 377 -29.50 -31.19 -10.66
CA SER D 377 -30.37 -31.30 -9.49
C SER D 377 -29.59 -31.70 -8.25
N TYR D 378 -28.66 -32.64 -8.39
CA TYR D 378 -27.85 -33.04 -7.25
C TYR D 378 -27.12 -31.84 -6.65
N VAL D 379 -26.43 -31.06 -7.50
CA VAL D 379 -25.64 -29.95 -6.99
C VAL D 379 -26.52 -28.94 -6.26
N LEU D 380 -27.70 -28.66 -6.81
CA LEU D 380 -28.61 -27.74 -6.13
C LEU D 380 -29.04 -28.30 -4.79
N HIS D 381 -29.35 -29.59 -4.72
CA HIS D 381 -29.84 -30.20 -3.49
C HIS D 381 -28.80 -30.15 -2.38
N HIS D 382 -27.51 -30.09 -2.73
CA HIS D 382 -26.43 -30.08 -1.76
C HIS D 382 -25.76 -28.72 -1.65
N ASP D 383 -26.38 -27.66 -2.16
CA ASP D 383 -25.73 -26.37 -2.28
C ASP D 383 -25.92 -25.56 -1.02
N PRO D 384 -24.85 -25.20 -0.30
CA PRO D 384 -25.03 -24.40 0.93
C PRO D 384 -25.82 -23.12 0.70
N LYS D 385 -25.80 -22.57 -0.50
CA LYS D 385 -26.58 -21.37 -0.78
C LYS D 385 -28.04 -21.57 -0.43
N TYR D 386 -28.55 -22.80 -0.56
CA TYR D 386 -29.96 -23.08 -0.44
C TYR D 386 -30.33 -23.98 0.72
N TRP D 387 -29.36 -24.67 1.33
CA TRP D 387 -29.61 -25.54 2.48
C TRP D 387 -28.50 -25.35 3.50
N THR D 388 -28.87 -25.35 4.77
CA THR D 388 -27.90 -25.32 5.85
C THR D 388 -27.54 -26.75 6.24
N GLU D 389 -26.27 -26.98 6.53
CA GLU D 389 -25.75 -28.31 6.83
C GLU D 389 -26.22 -29.30 5.75
N PRO D 390 -25.84 -29.06 4.48
CA PRO D 390 -26.50 -29.77 3.38
C PRO D 390 -26.16 -31.25 3.28
N GLU D 391 -25.05 -31.70 3.85
CA GLU D 391 -24.64 -33.09 3.75
C GLU D 391 -25.26 -33.97 4.84
N LYS D 392 -26.20 -33.43 5.61
CA LYS D 392 -26.77 -34.12 6.75
C LYS D 392 -28.24 -34.43 6.50
N PHE D 393 -28.78 -35.33 7.32
CA PHE D 393 -30.15 -35.81 7.20
C PHE D 393 -30.99 -35.11 8.26
N LEU D 394 -31.66 -34.04 7.85
CA LEU D 394 -32.40 -33.17 8.76
C LEU D 394 -33.83 -33.04 8.26
N PRO D 395 -34.68 -34.02 8.55
CA PRO D 395 -36.06 -33.98 8.05
C PRO D 395 -36.79 -32.68 8.39
N GLU D 396 -36.36 -32.00 9.45
CA GLU D 396 -37.04 -30.79 9.87
C GLU D 396 -37.02 -29.71 8.80
N ARG D 397 -36.00 -29.73 7.95
CA ARG D 397 -35.93 -28.86 6.78
C ARG D 397 -37.31 -28.68 6.15
N PHE D 398 -38.05 -29.78 6.07
CA PHE D 398 -39.33 -29.82 5.38
C PHE D 398 -40.51 -29.70 6.34
N SER D 399 -40.26 -29.29 7.58
CA SER D 399 -41.34 -28.88 8.46
C SER D 399 -42.12 -27.76 7.80
N ALA D 400 -43.44 -27.72 8.06
CA ALA D 400 -44.26 -26.66 7.49
C ALA D 400 -43.80 -25.29 7.95
N ALA D 401 -43.16 -25.23 9.12
CA ALA D 401 -42.57 -23.97 9.58
C ALA D 401 -41.60 -23.42 8.54
N ASN D 402 -40.84 -24.31 7.89
CA ASN D 402 -39.79 -23.93 6.97
C ASN D 402 -40.22 -23.98 5.51
N ALA D 403 -41.53 -24.11 5.25
CA ALA D 403 -42.01 -24.21 3.88
C ALA D 403 -41.49 -23.07 3.01
N ASP D 404 -41.21 -21.92 3.61
CA ASP D 404 -40.84 -20.73 2.84
C ASP D 404 -39.36 -20.67 2.50
N ASN D 405 -38.53 -21.54 3.07
CA ASN D 405 -37.11 -21.59 2.75
C ASN D 405 -36.76 -22.74 1.81
N ILE D 406 -37.72 -23.23 1.03
CA ILE D 406 -37.49 -24.30 0.07
C ILE D 406 -37.99 -23.83 -1.29
N ASP D 407 -37.05 -23.62 -2.21
CA ASP D 407 -37.33 -23.15 -3.57
C ASP D 407 -37.79 -24.31 -4.44
N PRO D 408 -38.94 -24.21 -5.11
CA PRO D 408 -39.40 -25.33 -5.95
C PRO D 408 -38.64 -25.48 -7.26
N TYR D 409 -37.66 -24.63 -7.55
CA TYR D 409 -36.79 -24.78 -8.70
C TYR D 409 -35.37 -25.10 -8.29
N ILE D 410 -35.09 -25.13 -6.99
CA ILE D 410 -33.87 -25.71 -6.46
C ILE D 410 -34.08 -27.16 -6.06
N TYR D 411 -35.18 -27.42 -5.35
CA TYR D 411 -35.56 -28.76 -4.93
C TYR D 411 -36.44 -29.37 -6.02
N THR D 412 -35.88 -30.32 -6.76
CA THR D 412 -36.50 -30.83 -7.97
C THR D 412 -36.42 -32.36 -8.03
N PRO D 413 -36.89 -33.05 -6.99
CA PRO D 413 -36.77 -34.53 -6.99
C PRO D 413 -37.65 -35.20 -8.03
N PHE D 414 -38.76 -34.57 -8.42
CA PHE D 414 -39.59 -35.07 -9.52
C PHE D 414 -39.66 -34.07 -10.66
N GLY D 415 -38.58 -33.31 -10.88
CA GLY D 415 -38.64 -32.29 -11.89
C GLY D 415 -39.64 -31.20 -11.51
N SER D 416 -40.13 -30.51 -12.54
CA SER D 416 -41.02 -29.38 -12.31
C SER D 416 -41.50 -28.87 -13.66
N GLY D 417 -42.63 -28.16 -13.63
CA GLY D 417 -43.25 -27.68 -14.84
C GLY D 417 -44.16 -28.73 -15.44
N PRO D 418 -44.69 -28.45 -16.63
CA PRO D 418 -45.65 -29.41 -17.23
C PRO D 418 -45.06 -30.80 -17.44
N ARG D 419 -43.81 -30.90 -17.88
CA ARG D 419 -43.21 -32.21 -18.14
C ARG D 419 -42.44 -32.74 -16.93
N ASN D 420 -42.99 -32.57 -15.73
CA ASN D 420 -42.40 -33.17 -14.54
C ASN D 420 -42.90 -34.62 -14.42
N CYS D 421 -42.69 -35.22 -13.26
CA CYS D 421 -43.10 -36.60 -13.05
C CYS D 421 -44.62 -36.71 -12.94
N ILE D 422 -45.22 -37.53 -13.79
CA ILE D 422 -46.67 -37.69 -13.79
C ILE D 422 -47.10 -38.67 -12.69
N GLY D 423 -46.28 -39.64 -12.35
CA GLY D 423 -46.59 -40.63 -11.34
C GLY D 423 -46.20 -40.21 -9.93
N MET D 424 -45.83 -38.95 -9.75
CA MET D 424 -45.27 -38.52 -8.47
C MET D 424 -46.20 -38.82 -7.30
N ARG D 425 -47.48 -38.44 -7.42
CA ARG D 425 -48.40 -38.69 -6.32
C ARG D 425 -48.52 -40.18 -6.05
N PHE D 426 -48.59 -40.98 -7.11
CA PHE D 426 -48.65 -42.43 -6.95
C PHE D 426 -47.39 -42.95 -6.26
N ALA D 427 -46.22 -42.51 -6.73
CA ALA D 427 -44.97 -43.01 -6.16
C ALA D 427 -44.87 -42.66 -4.68
N LEU D 428 -45.47 -41.55 -4.26
CA LEU D 428 -45.37 -41.13 -2.87
C LEU D 428 -46.29 -41.96 -1.98
N VAL D 429 -47.55 -42.13 -2.40
CA VAL D 429 -48.46 -42.99 -1.64
C VAL D 429 -47.90 -44.39 -1.54
N ASN D 430 -47.54 -44.99 -2.68
CA ASN D 430 -47.04 -46.35 -2.70
C ASN D 430 -45.86 -46.52 -1.76
N MET D 431 -44.91 -45.59 -1.80
CA MET D 431 -43.75 -45.69 -0.93
C MET D 431 -44.13 -45.58 0.53
N LYS D 432 -45.15 -44.79 0.85
CA LYS D 432 -45.57 -44.63 2.24
C LYS D 432 -46.39 -45.82 2.72
N LEU D 433 -47.13 -46.46 1.83
CA LEU D 433 -47.75 -47.74 2.17
C LEU D 433 -46.68 -48.75 2.61
N ALA D 434 -45.72 -49.03 1.73
CA ALA D 434 -44.67 -50.00 2.04
C ALA D 434 -43.94 -49.62 3.32
N LEU D 435 -43.63 -48.34 3.49
CA LEU D 435 -42.89 -47.92 4.67
C LEU D 435 -43.72 -48.09 5.94
N VAL D 436 -45.03 -47.91 5.85
CA VAL D 436 -45.89 -48.09 7.02
C VAL D 436 -45.80 -49.53 7.50
N ARG D 437 -46.14 -50.49 6.64
CA ARG D 437 -46.17 -51.88 7.09
C ARG D 437 -44.78 -52.37 7.45
N VAL D 438 -43.77 -52.00 6.68
CA VAL D 438 -42.41 -52.41 7.02
C VAL D 438 -42.06 -51.97 8.43
N LEU D 439 -42.32 -50.70 8.76
CA LEU D 439 -41.91 -50.15 10.04
C LEU D 439 -42.90 -50.47 11.14
N GLN D 440 -44.17 -50.70 10.80
CA GLN D 440 -45.12 -51.23 11.77
C GLN D 440 -44.57 -52.51 12.39
N ASN D 441 -44.01 -53.39 11.57
CA ASN D 441 -43.59 -54.71 12.00
C ASN D 441 -42.12 -54.78 12.38
N PHE D 442 -41.32 -53.79 12.02
CA PHE D 442 -39.88 -53.98 12.07
C PHE D 442 -39.14 -52.70 12.43
N SER D 443 -37.87 -52.89 12.80
CA SER D 443 -36.91 -51.83 13.08
C SER D 443 -35.57 -52.26 12.48
N PHE D 444 -34.71 -51.29 12.20
CA PHE D 444 -33.53 -51.54 11.39
C PHE D 444 -32.27 -50.98 12.06
N LYS D 445 -31.16 -51.68 11.84
CA LYS D 445 -29.90 -51.33 12.48
C LYS D 445 -28.70 -51.67 11.62
N PRO D 446 -27.64 -50.85 11.68
CA PRO D 446 -26.38 -51.23 11.01
C PRO D 446 -25.82 -52.51 11.61
N CYS D 447 -25.58 -53.49 10.75
CA CYS D 447 -24.84 -54.69 11.10
C CYS D 447 -23.43 -54.60 10.51
N LYS D 448 -22.63 -55.62 10.75
CA LYS D 448 -21.22 -55.57 10.36
C LYS D 448 -21.06 -55.14 8.90
N GLU D 449 -21.84 -55.74 8.01
CA GLU D 449 -21.66 -55.54 6.59
C GLU D 449 -22.00 -54.11 6.17
N THR D 450 -22.96 -53.50 6.82
CA THR D 450 -23.40 -52.20 6.40
C THR D 450 -22.31 -51.19 6.21
N GLN D 451 -22.02 -50.71 5.03
CA GLN D 451 -20.97 -49.68 4.93
C GLN D 451 -21.58 -48.36 5.32
N ILE D 452 -21.04 -47.79 6.41
CA ILE D 452 -21.55 -46.55 6.99
C ILE D 452 -21.44 -45.39 6.02
N PRO D 453 -20.22 -44.99 5.66
CA PRO D 453 -20.13 -43.91 4.69
C PRO D 453 -20.72 -44.41 3.38
N LEU D 454 -22.01 -44.16 3.15
CA LEU D 454 -22.68 -44.57 1.92
C LEU D 454 -21.87 -44.04 0.76
N LYS D 455 -21.49 -44.92 -0.17
CA LYS D 455 -20.63 -44.46 -1.25
C LYS D 455 -21.30 -44.76 -2.58
N LEU D 456 -21.69 -43.72 -3.30
CA LEU D 456 -22.33 -43.88 -4.59
C LEU D 456 -21.31 -44.28 -5.66
N ARG D 457 -21.83 -44.88 -6.71
CA ARG D 457 -21.02 -45.39 -7.81
C ARG D 457 -21.65 -45.11 -9.17
N PHE D 458 -20.85 -44.89 -10.18
CA PHE D 458 -21.40 -44.58 -11.46
C PHE D 458 -21.96 -45.83 -12.14
N GLY D 459 -23.12 -45.73 -12.77
CA GLY D 459 -23.62 -46.87 -13.53
C GLY D 459 -25.07 -47.27 -13.38
N GLY D 460 -25.98 -46.32 -13.29
CA GLY D 460 -27.36 -46.66 -13.11
C GLY D 460 -27.99 -45.79 -12.06
N LEU D 461 -29.13 -46.22 -11.57
CA LEU D 461 -29.88 -45.47 -10.58
C LEU D 461 -29.39 -45.69 -9.17
N LEU D 462 -28.85 -44.64 -8.59
CA LEU D 462 -28.37 -44.69 -7.21
C LEU D 462 -27.58 -45.94 -6.88
N LEU D 463 -26.55 -46.23 -7.67
CA LEU D 463 -25.72 -47.37 -7.39
C LEU D 463 -24.85 -47.10 -6.20
N THR D 464 -24.51 -48.12 -5.46
CA THR D 464 -23.65 -47.93 -4.36
C THR D 464 -22.53 -48.89 -4.44
N GLU D 465 -21.39 -48.50 -3.92
CA GLU D 465 -20.24 -49.34 -3.95
C GLU D 465 -20.54 -50.68 -3.36
N LYS D 466 -21.04 -50.70 -2.14
CA LYS D 466 -21.37 -51.97 -1.54
C LYS D 466 -22.87 -52.00 -1.37
N PRO D 467 -23.46 -53.19 -1.40
CA PRO D 467 -24.92 -53.26 -1.25
C PRO D 467 -25.36 -52.73 0.10
N ILE D 468 -26.59 -52.23 0.15
CA ILE D 468 -27.15 -51.63 1.35
C ILE D 468 -27.82 -52.75 2.13
N VAL D 469 -27.11 -53.30 3.12
CA VAL D 469 -27.61 -54.38 3.96
C VAL D 469 -27.71 -53.87 5.39
N LEU D 470 -28.82 -54.18 6.04
CA LEU D 470 -29.04 -53.86 7.44
C LEU D 470 -29.57 -55.11 8.14
N LYS D 471 -29.56 -55.11 9.46
CA LYS D 471 -30.22 -56.17 10.23
C LYS D 471 -31.60 -55.62 10.57
N ALA D 472 -32.61 -56.49 10.56
CA ALA D 472 -33.98 -56.05 10.84
C ALA D 472 -34.57 -56.88 11.99
N GLU D 473 -34.94 -56.20 13.07
CA GLU D 473 -35.62 -56.83 14.20
C GLU D 473 -37.13 -56.68 14.05
N SER D 474 -37.86 -57.51 14.80
CA SER D 474 -39.31 -57.46 14.80
C SER D 474 -39.82 -56.68 16.01
N ARG D 475 -40.81 -55.83 15.76
CA ARG D 475 -41.52 -55.15 16.85
C ARG D 475 -42.47 -56.17 17.48
N ASP D 476 -42.16 -56.59 18.70
CA ASP D 476 -42.79 -57.74 19.34
C ASP D 476 -42.30 -59.03 18.69
N THR E 8 68.37 10.56 -17.64
CA THR E 8 68.15 10.75 -16.22
C THR E 8 69.01 9.76 -15.42
N HIS E 9 69.53 8.76 -16.12
CA HIS E 9 70.31 7.70 -15.47
C HIS E 9 71.69 8.16 -15.04
N GLY E 10 72.11 9.35 -15.46
CA GLY E 10 73.29 9.95 -14.87
C GLY E 10 73.01 10.88 -13.72
N LEU E 11 71.74 10.98 -13.32
CA LEU E 11 71.34 12.04 -12.39
C LEU E 11 72.03 11.93 -11.05
N PHE E 12 71.95 10.77 -10.40
CA PHE E 12 72.53 10.64 -9.07
C PHE E 12 74.05 10.69 -9.13
N LYS E 13 74.64 10.12 -10.18
CA LYS E 13 76.09 10.23 -10.35
C LYS E 13 76.52 11.68 -10.48
N LYS E 14 75.69 12.52 -11.09
CA LYS E 14 76.05 13.94 -11.26
C LYS E 14 75.96 14.69 -9.94
N LEU E 15 74.86 14.51 -9.21
CA LEU E 15 74.69 15.23 -7.94
C LEU E 15 75.65 14.75 -6.87
N GLY E 16 76.26 13.58 -7.06
CA GLY E 16 77.18 13.04 -6.10
C GLY E 16 76.61 12.00 -5.16
N ILE E 17 75.50 11.38 -5.53
CA ILE E 17 74.77 10.46 -4.66
C ILE E 17 75.11 9.04 -5.08
N PRO E 18 75.63 8.19 -4.18
CA PRO E 18 75.91 6.81 -4.56
C PRO E 18 74.62 6.04 -4.84
N GLY E 19 74.79 4.83 -5.37
CA GLY E 19 73.68 3.97 -5.65
C GLY E 19 74.05 2.85 -6.59
N PRO E 20 73.25 1.79 -6.62
CA PRO E 20 73.53 0.69 -7.56
C PRO E 20 73.53 1.20 -8.99
N THR E 21 74.18 0.45 -9.85
CA THR E 21 74.31 0.90 -11.24
C THR E 21 73.08 0.48 -12.03
N PRO E 22 72.40 1.40 -12.71
CA PRO E 22 71.15 1.04 -13.40
C PRO E 22 71.41 0.41 -14.75
N LEU E 23 70.42 -0.36 -15.19
CA LEU E 23 70.38 -0.91 -16.53
C LEU E 23 69.80 0.13 -17.48
N PRO E 24 70.02 -0.02 -18.79
CA PRO E 24 69.35 0.88 -19.74
C PRO E 24 67.85 0.70 -19.65
N PHE E 25 67.16 1.80 -19.40
CA PHE E 25 65.72 1.84 -19.32
C PHE E 25 65.12 1.21 -18.05
N LEU E 26 65.46 -0.05 -17.76
CA LEU E 26 64.86 -0.70 -16.60
C LEU E 26 65.37 -0.10 -15.29
N GLY E 27 66.50 0.59 -15.30
CA GLY E 27 67.07 1.08 -14.06
C GLY E 27 67.44 -0.07 -13.15
N ASN E 28 67.07 0.07 -11.87
CA ASN E 28 67.27 -0.99 -10.89
C ASN E 28 66.02 -1.83 -10.68
N ALA E 29 64.99 -1.61 -11.50
CA ALA E 29 63.68 -2.20 -11.22
C ALA E 29 63.75 -3.71 -11.01
N LEU E 30 64.67 -4.39 -11.70
CA LEU E 30 64.72 -5.84 -11.60
C LEU E 30 65.19 -6.30 -10.22
N SER E 31 66.16 -5.59 -9.63
CA SER E 31 66.63 -5.93 -8.30
C SER E 31 65.55 -5.74 -7.23
N PHE E 32 64.37 -5.24 -7.59
CA PHE E 32 63.28 -5.14 -6.65
C PHE E 32 62.55 -6.47 -6.48
N ARG E 33 62.54 -7.30 -7.52
CA ARG E 33 61.74 -8.51 -7.52
C ARG E 33 62.21 -9.54 -6.50
N LYS E 34 63.28 -9.20 -5.81
CA LYS E 34 63.88 -10.00 -4.76
C LYS E 34 63.29 -9.63 -3.42
N GLY E 35 62.56 -8.52 -3.39
CA GLY E 35 62.02 -7.97 -2.17
C GLY E 35 62.54 -6.57 -1.91
N TYR E 36 61.64 -5.59 -1.89
CA TYR E 36 62.03 -4.23 -1.51
C TYR E 36 62.88 -4.26 -0.25
N TRP E 37 62.49 -5.09 0.72
CA TRP E 37 63.15 -5.08 2.02
C TRP E 37 64.61 -5.49 1.91
N THR E 38 64.89 -6.59 1.21
CA THR E 38 66.27 -7.03 1.07
C THR E 38 67.09 -6.03 0.26
N PHE E 39 66.56 -5.60 -0.88
CA PHE E 39 67.30 -4.69 -1.74
C PHE E 39 67.60 -3.37 -1.02
N ASP E 40 66.58 -2.80 -0.38
CA ASP E 40 66.80 -1.55 0.35
C ASP E 40 67.82 -1.74 1.47
N MET E 41 67.76 -2.88 2.14
CA MET E 41 68.71 -3.18 3.19
C MET E 41 70.10 -3.29 2.59
N GLU E 42 70.26 -4.05 1.51
CA GLU E 42 71.52 -4.16 0.82
C GLU E 42 72.09 -2.79 0.49
N CYS E 43 71.32 -1.96 -0.18
CA CYS E 43 71.78 -0.65 -0.53
C CYS E 43 72.21 0.17 0.65
N TYR E 44 71.41 0.20 1.69
CA TYR E 44 71.76 0.93 2.88
C TYR E 44 73.12 0.57 3.42
N LYS E 45 73.35 -0.71 3.62
CA LYS E 45 74.59 -1.18 4.16
C LYS E 45 75.83 -0.84 3.37
N LYS E 46 75.72 -0.84 2.06
CA LYS E 46 76.90 -0.62 1.25
C LYS E 46 77.03 0.81 0.71
N TYR E 47 75.94 1.58 0.64
CA TYR E 47 76.02 2.99 0.28
C TYR E 47 75.84 3.94 1.44
N GLY E 48 74.98 3.60 2.40
CA GLY E 48 74.84 4.41 3.59
C GLY E 48 73.55 5.17 3.73
N LYS E 49 73.61 6.29 4.45
CA LYS E 49 72.41 7.04 4.83
C LYS E 49 71.63 7.57 3.65
N VAL E 50 72.27 7.73 2.49
CA VAL E 50 71.62 8.25 1.30
C VAL E 50 72.03 7.39 0.12
N TRP E 51 71.10 7.17 -0.81
CA TRP E 51 71.44 6.48 -2.05
C TRP E 51 70.33 6.68 -3.06
N GLY E 52 70.67 6.48 -4.32
CA GLY E 52 69.75 6.68 -5.42
C GLY E 52 69.50 5.38 -6.17
N ILE E 53 68.31 5.28 -6.75
CA ILE E 53 67.91 4.11 -7.54
C ILE E 53 66.93 4.60 -8.59
N TYR E 54 66.75 3.81 -9.64
CA TYR E 54 65.84 4.14 -10.72
C TYR E 54 64.80 3.04 -10.87
N ASP E 55 63.53 3.43 -10.84
CA ASP E 55 62.41 2.50 -11.06
C ASP E 55 62.05 2.63 -12.53
N GLY E 56 62.75 1.85 -13.36
CA GLY E 56 62.83 2.13 -14.78
C GLY E 56 63.49 3.47 -14.97
N GLN E 57 62.67 4.48 -15.19
CA GLN E 57 63.14 5.79 -15.49
C GLN E 57 62.90 6.84 -14.42
N GLN E 58 62.21 6.48 -13.33
CA GLN E 58 61.93 7.38 -12.24
C GLN E 58 63.09 7.32 -11.25
N PRO E 59 63.88 8.37 -11.10
CA PRO E 59 64.92 8.36 -10.06
C PRO E 59 64.30 8.48 -8.67
N MET E 60 64.75 7.64 -7.75
CA MET E 60 64.28 7.63 -6.38
C MET E 60 65.45 7.90 -5.46
N LEU E 61 65.31 8.90 -4.59
CA LEU E 61 66.30 9.19 -3.57
C LEU E 61 65.85 8.57 -2.25
N ALA E 62 66.69 7.69 -1.71
CA ALA E 62 66.44 7.09 -0.41
C ALA E 62 67.19 7.86 0.67
N ILE E 63 66.51 8.11 1.79
CA ILE E 63 67.11 8.79 2.93
C ILE E 63 66.82 7.99 4.18
N THR E 64 67.74 8.08 5.15
CA THR E 64 67.58 7.37 6.42
C THR E 64 67.86 8.27 7.63
N ASP E 65 68.09 9.56 7.43
CA ASP E 65 68.39 10.45 8.55
C ASP E 65 67.09 10.94 9.17
N PRO E 66 66.87 10.70 10.46
CA PRO E 66 65.59 11.09 11.07
C PRO E 66 65.25 12.55 10.90
N ASP E 67 66.25 13.40 10.93
CA ASP E 67 65.95 14.80 10.75
C ASP E 67 65.50 15.01 9.33
N MET E 68 66.20 14.50 8.35
CA MET E 68 65.77 14.61 6.97
C MET E 68 64.39 14.04 6.78
N ILE E 69 64.13 12.86 7.32
CA ILE E 69 62.79 12.29 7.25
C ILE E 69 61.77 13.27 7.82
N LYS E 70 62.04 13.78 9.01
CA LYS E 70 61.15 14.74 9.64
C LYS E 70 60.88 15.87 8.66
N THR E 71 61.94 16.50 8.17
CA THR E 71 61.83 17.57 7.20
C THR E 71 60.94 17.22 6.01
N VAL E 72 61.10 16.02 5.44
CA VAL E 72 60.30 15.67 4.30
C VAL E 72 58.84 15.40 4.65
N LEU E 73 58.56 14.61 5.67
CA LEU E 73 57.18 14.28 5.99
C LEU E 73 56.38 15.27 6.76
N VAL E 74 57.03 16.20 7.40
CA VAL E 74 56.34 17.16 8.26
C VAL E 74 56.53 18.58 7.75
N LYS E 75 57.71 19.11 7.94
CA LYS E 75 57.96 20.50 7.60
C LYS E 75 57.60 20.93 6.21
N GLU E 76 58.04 20.18 5.22
CA GLU E 76 57.85 20.55 3.82
C GLU E 76 56.78 19.71 3.14
N CYS E 77 55.90 19.08 3.92
CA CYS E 77 54.90 18.20 3.34
C CYS E 77 53.96 18.95 2.40
N TYR E 78 53.47 20.12 2.83
CA TYR E 78 52.47 20.83 2.04
C TYR E 78 53.08 21.50 0.83
N SER E 79 54.30 22.02 0.96
CA SER E 79 54.89 22.85 -0.08
C SER E 79 55.60 22.03 -1.16
N VAL E 80 56.14 20.86 -0.81
CA VAL E 80 57.07 20.19 -1.70
C VAL E 80 56.76 18.72 -1.85
N PHE E 81 56.69 17.99 -0.74
CA PHE E 81 56.51 16.54 -0.82
C PHE E 81 55.10 16.14 -0.41
N THR E 82 54.11 16.57 -1.20
CA THR E 82 52.72 16.40 -0.81
C THR E 82 52.15 15.06 -1.23
N ASN E 83 52.55 14.54 -2.38
CA ASN E 83 51.80 13.48 -3.04
C ASN E 83 52.65 12.24 -3.30
N ARG E 84 51.96 11.12 -3.42
CA ARG E 84 52.55 9.87 -3.87
C ARG E 84 52.66 9.88 -5.39
N ARG E 85 53.24 8.81 -5.93
CA ARG E 85 53.36 8.70 -7.38
C ARG E 85 52.01 8.43 -8.01
N PRO E 86 51.70 9.03 -9.15
CA PRO E 86 50.55 8.58 -9.93
C PRO E 86 50.78 7.18 -10.46
N PHE E 87 49.70 6.53 -10.88
CA PHE E 87 49.80 5.14 -11.32
C PHE E 87 48.95 4.81 -12.53
N GLY E 88 48.12 5.71 -13.03
CA GLY E 88 47.34 5.45 -14.21
C GLY E 88 46.06 6.27 -14.24
N PRO E 89 45.25 6.06 -15.27
CA PRO E 89 43.96 6.74 -15.32
C PRO E 89 43.06 6.31 -14.18
N VAL E 90 42.91 7.16 -13.19
CA VAL E 90 41.82 7.05 -12.22
C VAL E 90 40.65 7.85 -12.78
N GLY E 91 39.46 7.56 -12.28
CA GLY E 91 38.30 8.31 -12.74
C GLY E 91 37.93 9.39 -11.77
N PHE E 92 36.66 9.42 -11.36
CA PHE E 92 36.27 10.22 -10.20
C PHE E 92 37.11 9.86 -8.99
N MET E 93 37.79 8.72 -9.01
CA MET E 93 38.64 8.31 -7.91
C MET E 93 39.83 9.24 -7.69
N LYS E 94 40.06 10.19 -8.61
CA LYS E 94 40.97 11.29 -8.28
C LYS E 94 40.54 11.99 -7.01
N ASN E 95 39.25 11.92 -6.67
CA ASN E 95 38.75 12.56 -5.46
C ASN E 95 39.04 11.74 -4.21
N ALA E 96 39.19 10.43 -4.33
CA ALA E 96 39.53 9.60 -3.18
C ALA E 96 40.73 10.17 -2.46
N ILE E 97 40.73 10.04 -1.13
CA ILE E 97 41.71 10.77 -0.32
C ILE E 97 43.13 10.33 -0.64
N SER E 98 43.33 9.03 -0.85
CA SER E 98 44.68 8.52 -1.10
C SER E 98 45.23 8.97 -2.45
N ILE E 99 44.35 9.37 -3.37
CA ILE E 99 44.75 9.70 -4.73
C ILE E 99 44.79 11.21 -4.96
N ALA E 100 43.90 11.98 -4.34
CA ALA E 100 43.89 13.43 -4.49
C ALA E 100 45.26 13.99 -4.17
N GLU E 101 45.59 15.11 -4.80
CA GLU E 101 46.89 15.73 -4.66
C GLU E 101 46.74 17.19 -4.25
N ASP E 102 47.82 17.71 -3.67
CA ASP E 102 47.96 19.14 -3.41
C ASP E 102 46.75 19.70 -2.67
N GLU E 103 46.25 20.86 -3.07
CA GLU E 103 45.20 21.51 -2.30
C GLU E 103 43.88 20.75 -2.36
N GLU E 104 43.66 19.94 -3.39
CA GLU E 104 42.45 19.12 -3.42
C GLU E 104 42.51 18.02 -2.38
N TRP E 105 43.71 17.48 -2.12
CA TRP E 105 43.86 16.53 -1.03
C TRP E 105 43.62 17.19 0.32
N LYS E 106 44.19 18.39 0.51
CA LYS E 106 44.03 19.09 1.79
C LYS E 106 42.55 19.26 2.11
N ARG E 107 41.76 19.73 1.14
CA ARG E 107 40.35 19.94 1.38
C ARG E 107 39.66 18.65 1.81
N ILE E 108 39.99 17.53 1.18
CA ILE E 108 39.28 16.29 1.46
C ILE E 108 39.75 15.67 2.76
N ARG E 109 41.05 15.70 3.04
CA ARG E 109 41.55 15.24 4.33
C ARG E 109 40.90 16.01 5.46
N SER E 110 40.67 17.32 5.26
CA SER E 110 40.03 18.13 6.29
C SER E 110 38.57 17.72 6.47
N LEU E 111 37.86 17.48 5.38
CA LEU E 111 36.45 17.11 5.47
C LEU E 111 36.26 15.74 6.12
N LEU E 112 37.30 14.90 6.16
CA LEU E 112 37.19 13.57 6.72
C LEU E 112 37.70 13.48 8.15
N SER E 113 38.39 14.50 8.65
CA SER E 113 38.92 14.41 10.00
C SER E 113 37.83 14.28 11.06
N PRO E 114 36.68 14.98 10.96
CA PRO E 114 35.60 14.72 11.93
C PRO E 114 35.20 13.26 12.02
N THR E 115 35.41 12.48 10.96
CA THR E 115 34.95 11.10 10.92
C THR E 115 35.92 10.12 11.57
N PHE E 116 37.17 10.53 11.81
CA PHE E 116 38.19 9.64 12.34
C PHE E 116 38.66 10.08 13.72
N THR E 117 37.78 10.75 14.47
CA THR E 117 38.08 11.15 15.82
C THR E 117 37.98 9.96 16.78
N SER E 118 38.64 10.09 17.93
CA SER E 118 38.50 9.08 18.97
C SER E 118 37.07 9.03 19.49
N GLY E 119 36.43 10.19 19.59
CA GLY E 119 35.06 10.23 20.10
C GLY E 119 34.08 9.49 19.22
N LYS E 120 34.29 9.55 17.91
CA LYS E 120 33.42 8.84 16.96
C LYS E 120 33.82 7.38 16.80
N LEU E 121 35.07 7.03 17.08
CA LEU E 121 35.48 5.64 17.09
C LEU E 121 34.82 4.90 18.26
N LYS E 122 34.86 5.50 19.45
CA LYS E 122 34.14 5.00 20.61
C LYS E 122 32.72 4.62 20.25
N GLU E 123 32.04 5.48 19.49
CA GLU E 123 30.66 5.22 19.12
C GLU E 123 30.52 4.10 18.09
N MET E 124 31.58 3.81 17.34
CA MET E 124 31.51 2.79 16.29
C MET E 124 31.77 1.39 16.81
N VAL E 125 32.48 1.25 17.92
CA VAL E 125 32.92 -0.06 18.41
C VAL E 125 31.76 -1.03 18.51
N PRO E 126 30.58 -0.61 19.00
CA PRO E 126 29.48 -1.58 19.17
C PRO E 126 29.14 -2.39 17.92
N ILE E 127 29.30 -1.81 16.72
CA ILE E 127 28.97 -2.48 15.46
C ILE E 127 30.14 -3.30 14.94
N ILE E 128 31.34 -3.10 15.48
CA ILE E 128 32.48 -3.91 15.11
C ILE E 128 32.56 -5.17 15.97
N ALA E 129 32.12 -5.10 17.23
CA ALA E 129 32.10 -6.28 18.08
C ALA E 129 31.26 -7.38 17.45
N GLN E 130 30.10 -7.02 16.91
CA GLN E 130 29.24 -7.95 16.19
C GLN E 130 30.03 -8.86 15.26
N TYR E 131 31.02 -8.32 14.55
CA TYR E 131 31.81 -9.14 13.64
C TYR E 131 32.88 -9.93 14.38
N GLY E 132 33.33 -9.45 15.53
CA GLY E 132 34.24 -10.23 16.34
C GLY E 132 33.68 -11.60 16.67
N ASP E 133 32.38 -11.72 16.75
CA ASP E 133 31.78 -12.96 17.08
C ASP E 133 31.79 -13.90 15.93
N VAL E 134 31.56 -13.38 14.76
CA VAL E 134 31.54 -14.24 13.57
C VAL E 134 32.89 -14.88 13.37
N LEU E 135 33.97 -14.13 13.62
CA LEU E 135 35.31 -14.67 13.50
C LEU E 135 35.52 -15.84 14.44
N VAL E 136 34.85 -15.82 15.59
CA VAL E 136 35.15 -16.81 16.62
C VAL E 136 34.61 -18.16 16.17
N ARG E 137 33.41 -18.14 15.61
CA ARG E 137 32.81 -19.34 15.01
C ARG E 137 33.65 -19.85 13.86
N ASN E 138 33.90 -18.99 12.86
CA ASN E 138 34.67 -19.39 11.68
C ASN E 138 35.95 -20.13 12.06
N LEU E 139 36.47 -19.89 13.25
CA LEU E 139 37.67 -20.54 13.77
C LEU E 139 37.32 -21.85 14.47
N ARG E 140 36.39 -21.79 15.42
CA ARG E 140 35.90 -22.98 16.11
C ARG E 140 35.43 -24.04 15.12
N ARG E 141 34.77 -23.61 14.04
CA ARG E 141 34.47 -24.49 12.91
C ARG E 141 35.77 -25.12 12.41
N GLU E 142 36.65 -24.29 11.84
CA GLU E 142 37.86 -24.77 11.20
C GLU E 142 38.76 -25.53 12.17
N ALA E 143 38.67 -25.23 13.47
CA ALA E 143 39.70 -25.68 14.41
C ALA E 143 39.23 -26.77 15.36
N GLU E 144 37.94 -26.83 15.73
CA GLU E 144 37.49 -27.90 16.61
C GLU E 144 37.73 -29.26 15.97
N THR E 145 37.81 -29.30 14.64
CA THR E 145 38.14 -30.57 13.99
C THR E 145 39.52 -31.01 14.46
N GLY E 146 40.43 -30.06 14.58
CA GLY E 146 41.82 -30.31 14.91
C GLY E 146 42.79 -29.99 13.81
N LYS E 147 42.33 -29.48 12.68
CA LYS E 147 43.20 -29.27 11.53
C LYS E 147 43.79 -27.87 11.56
N PRO E 148 44.93 -27.69 10.90
CA PRO E 148 45.59 -26.38 10.91
C PRO E 148 44.74 -25.33 10.22
N VAL E 149 44.61 -24.18 10.85
CA VAL E 149 43.90 -23.05 10.30
C VAL E 149 44.88 -22.15 9.58
N THR E 150 44.40 -21.48 8.54
CA THR E 150 45.23 -20.72 7.62
C THR E 150 44.81 -19.28 7.84
N LEU E 151 45.64 -18.49 8.52
CA LEU E 151 45.13 -17.33 9.23
C LEU E 151 44.54 -16.28 8.28
N LYS E 152 45.31 -15.87 7.26
CA LYS E 152 44.80 -14.85 6.34
C LYS E 152 43.39 -15.18 5.84
N HIS E 153 43.00 -16.45 5.87
CA HIS E 153 41.67 -16.79 5.35
C HIS E 153 40.57 -16.37 6.32
N VAL E 154 40.73 -16.66 7.61
CA VAL E 154 39.72 -16.25 8.58
C VAL E 154 39.87 -14.77 8.89
N PHE E 155 41.09 -14.31 9.15
CA PHE E 155 41.31 -12.91 9.45
C PHE E 155 41.00 -12.03 8.24
N GLY E 156 41.25 -12.54 7.03
CA GLY E 156 40.81 -11.83 5.84
C GLY E 156 39.32 -11.58 5.84
N ALA E 157 38.55 -12.65 6.07
CA ALA E 157 37.10 -12.50 6.15
C ALA E 157 36.68 -11.52 7.23
N TYR E 158 37.26 -11.65 8.43
CA TYR E 158 36.98 -10.66 9.46
C TYR E 158 37.28 -9.26 8.95
N SER E 159 38.49 -9.07 8.42
CA SER E 159 38.91 -7.77 7.91
C SER E 159 37.88 -7.24 6.90
N MET E 160 37.49 -8.09 5.99
CA MET E 160 36.54 -7.69 5.01
C MET E 160 35.26 -7.27 5.63
N ASP E 161 34.68 -8.12 6.44
CA ASP E 161 33.46 -7.83 7.12
C ASP E 161 33.42 -6.48 7.77
N VAL E 162 34.41 -6.15 8.55
CA VAL E 162 34.40 -4.88 9.19
C VAL E 162 34.52 -3.73 8.23
N ILE E 163 35.59 -3.66 7.48
CA ILE E 163 35.80 -2.54 6.61
C ILE E 163 34.77 -2.41 5.54
N THR E 164 34.30 -3.46 4.94
CA THR E 164 33.30 -3.30 3.94
C THR E 164 32.07 -2.75 4.57
N SER E 165 31.58 -3.31 5.64
CA SER E 165 30.39 -2.80 6.25
C SER E 165 30.41 -1.38 6.61
N THR E 166 31.28 -1.00 7.47
CA THR E 166 31.24 0.39 7.91
C THR E 166 31.45 1.35 6.75
N SER E 167 32.24 0.96 5.74
CA SER E 167 32.50 1.84 4.62
C SER E 167 31.30 1.95 3.68
N PHE E 168 30.52 0.87 3.54
CA PHE E 168 29.33 0.88 2.71
C PHE E 168 28.03 0.78 3.50
N GLY E 169 28.10 0.60 4.81
CA GLY E 169 26.92 0.60 5.65
C GLY E 169 26.01 -0.58 5.44
N VAL E 170 26.56 -1.79 5.50
CA VAL E 170 25.82 -3.02 5.26
C VAL E 170 26.52 -4.15 6.00
N SER E 171 25.81 -4.90 6.84
CA SER E 171 26.40 -6.18 7.28
C SER E 171 26.56 -7.15 6.13
N ILE E 172 27.69 -7.84 6.19
CA ILE E 172 28.04 -8.91 5.26
C ILE E 172 28.64 -10.02 6.12
N ASP E 173 28.64 -11.23 5.58
CA ASP E 173 29.39 -12.33 6.18
C ASP E 173 30.25 -12.94 5.10
N SER E 174 31.56 -12.77 5.21
CA SER E 174 32.46 -13.22 4.16
C SER E 174 32.40 -14.74 3.99
N LEU E 175 32.67 -15.48 5.06
CA LEU E 175 32.79 -16.92 4.94
C LEU E 175 31.43 -17.59 4.72
N ASN E 176 30.43 -17.18 5.47
CA ASN E 176 29.17 -17.90 5.55
C ASN E 176 28.12 -17.41 4.55
N ASN E 177 28.43 -16.38 3.76
CA ASN E 177 27.51 -15.93 2.73
C ASN E 177 28.31 -15.31 1.58
N PRO E 178 29.16 -16.09 0.91
CA PRO E 178 30.06 -15.52 -0.10
C PRO E 178 29.41 -15.19 -1.44
N GLN E 179 28.08 -15.26 -1.55
CA GLN E 179 27.40 -14.89 -2.78
C GLN E 179 26.69 -13.55 -2.67
N ASP E 180 26.60 -12.95 -1.48
CA ASP E 180 26.23 -11.55 -1.35
C ASP E 180 26.90 -10.77 -2.46
N PRO E 181 26.11 -10.18 -3.34
CA PRO E 181 26.73 -9.39 -4.39
C PRO E 181 27.84 -8.50 -3.87
N PHE E 182 27.72 -7.89 -2.69
CA PHE E 182 28.78 -7.05 -2.17
C PHE E 182 30.11 -7.74 -1.98
N VAL E 183 30.08 -8.96 -1.51
CA VAL E 183 31.32 -9.74 -1.34
C VAL E 183 31.98 -9.99 -2.70
N GLU E 184 31.21 -10.42 -3.67
CA GLU E 184 31.73 -10.68 -4.98
C GLU E 184 32.28 -9.40 -5.57
N ASN E 185 31.48 -8.37 -5.54
CA ASN E 185 31.89 -7.10 -6.14
C ASN E 185 33.07 -6.51 -5.40
N THR E 186 33.03 -6.53 -4.07
CA THR E 186 34.17 -6.04 -3.30
C THR E 186 35.44 -6.80 -3.66
N LYS E 187 35.37 -8.12 -3.71
CA LYS E 187 36.57 -8.91 -4.04
C LYS E 187 37.10 -8.64 -5.47
N LYS E 188 36.15 -8.39 -6.35
CA LYS E 188 36.45 -8.08 -7.73
C LYS E 188 37.31 -6.83 -7.65
N LEU E 189 36.88 -5.85 -6.87
CA LEU E 189 37.65 -4.67 -6.78
C LEU E 189 38.98 -4.75 -6.17
N LEU E 190 39.12 -5.53 -5.14
CA LEU E 190 40.37 -5.53 -4.39
C LEU E 190 41.52 -6.21 -5.11
N ARG E 191 41.24 -6.89 -6.23
CA ARG E 191 42.33 -7.53 -6.96
C ARG E 191 43.30 -6.50 -7.50
N PHE E 192 42.80 -5.31 -7.77
CA PHE E 192 43.64 -4.31 -8.32
C PHE E 192 44.78 -4.00 -7.37
N ASN E 193 45.99 -4.01 -7.87
CA ASN E 193 47.13 -3.69 -7.06
C ASN E 193 48.20 -3.11 -7.96
N PRO E 194 49.28 -2.55 -7.40
CA PRO E 194 50.29 -2.00 -8.32
C PRO E 194 51.03 -2.92 -9.30
N LEU E 195 50.93 -4.24 -9.21
CA LEU E 195 51.57 -5.12 -10.15
C LEU E 195 50.66 -5.68 -11.23
N ASP E 196 49.39 -5.33 -11.28
CA ASP E 196 48.61 -5.86 -12.39
C ASP E 196 49.12 -5.24 -13.69
N PRO E 197 49.04 -5.96 -14.80
CA PRO E 197 49.71 -5.48 -16.03
C PRO E 197 49.40 -4.04 -16.39
N PHE E 198 48.27 -3.50 -15.97
CA PHE E 198 47.91 -2.17 -16.42
C PHE E 198 48.90 -1.15 -15.88
N VAL E 199 49.16 -1.22 -14.56
CA VAL E 199 50.05 -0.24 -13.94
C VAL E 199 51.47 -0.39 -14.48
N LEU E 200 51.89 -1.60 -14.83
CA LEU E 200 53.19 -1.78 -15.45
C LEU E 200 53.24 -1.15 -16.83
N SER E 201 52.09 -1.06 -17.51
CA SER E 201 52.06 -0.42 -18.81
C SER E 201 52.20 1.09 -18.71
N ILE E 202 51.56 1.68 -17.70
CA ILE E 202 51.67 3.12 -17.51
C ILE E 202 53.08 3.51 -17.08
N LYS E 203 53.75 2.63 -16.32
CA LYS E 203 55.16 2.88 -15.99
C LYS E 203 56.02 2.84 -17.24
N VAL E 204 55.62 2.09 -18.26
CA VAL E 204 56.31 2.12 -19.54
C VAL E 204 55.84 3.29 -20.38
N PHE E 205 54.54 3.61 -20.32
CA PHE E 205 53.93 4.67 -21.12
C PHE E 205 53.21 5.66 -20.23
N PRO E 206 53.93 6.45 -19.43
CA PRO E 206 53.24 7.46 -18.59
C PRO E 206 52.32 8.35 -19.41
N PHE E 207 52.82 8.77 -20.56
CA PHE E 207 52.09 9.40 -21.66
C PHE E 207 50.71 8.85 -21.96
N LEU E 208 50.46 7.59 -21.64
CA LEU E 208 49.22 6.98 -22.08
C LEU E 208 48.05 7.34 -21.18
N THR E 209 48.31 7.77 -19.93
CA THR E 209 47.22 7.99 -18.99
C THR E 209 46.21 9.04 -19.47
N PRO E 210 46.62 10.25 -19.85
CA PRO E 210 45.62 11.27 -20.22
C PRO E 210 44.68 10.82 -21.32
N ILE E 211 45.15 9.99 -22.25
CA ILE E 211 44.30 9.57 -23.36
C ILE E 211 43.16 8.70 -22.83
N LEU E 212 43.49 7.72 -21.98
CA LEU E 212 42.48 6.81 -21.43
C LEU E 212 41.50 7.56 -20.54
N GLU E 213 41.97 8.54 -19.77
CA GLU E 213 41.05 9.39 -19.03
C GLU E 213 40.01 10.00 -19.97
N ALA E 214 40.48 10.60 -21.07
CA ALA E 214 39.57 11.22 -22.02
C ALA E 214 38.57 10.22 -22.57
N LEU E 215 39.00 8.98 -22.78
CA LEU E 215 38.11 7.93 -23.26
C LEU E 215 37.35 7.23 -22.14
N ASN E 216 37.57 7.62 -20.89
CA ASN E 216 36.88 7.01 -19.75
C ASN E 216 37.19 5.52 -19.64
N ILE E 217 38.48 5.21 -19.61
CA ILE E 217 38.96 3.85 -19.38
C ILE E 217 39.88 3.90 -18.16
N THR E 218 39.38 3.56 -16.99
CA THR E 218 40.16 3.57 -15.77
C THR E 218 40.73 2.20 -15.53
N VAL E 219 41.67 2.11 -14.60
CA VAL E 219 42.17 0.91 -14.03
C VAL E 219 41.23 0.27 -12.98
N PHE E 220 40.02 0.76 -12.70
CA PHE E 220 39.15 0.22 -11.72
C PHE E 220 38.05 -0.36 -12.55
N PRO E 221 37.63 -1.56 -12.22
CA PRO E 221 36.57 -2.25 -12.98
C PRO E 221 35.30 -1.42 -13.00
N ARG E 222 34.93 -0.99 -14.18
CA ARG E 222 33.78 -0.15 -14.33
C ARG E 222 32.45 -0.70 -13.85
N GLU E 223 32.22 -1.99 -13.89
CA GLU E 223 30.97 -2.52 -13.45
C GLU E 223 30.93 -2.62 -11.97
N VAL E 224 32.03 -3.00 -11.39
CA VAL E 224 32.05 -3.04 -9.99
C VAL E 224 31.68 -1.67 -9.49
N ILE E 225 32.35 -0.62 -9.94
CA ILE E 225 32.06 0.71 -9.51
C ILE E 225 30.62 1.10 -9.67
N SER E 226 30.03 0.83 -10.83
CA SER E 226 28.63 1.18 -10.97
C SER E 226 27.78 0.45 -9.98
N PHE E 227 28.01 -0.83 -9.78
CA PHE E 227 27.25 -1.56 -8.81
C PHE E 227 27.38 -1.00 -7.42
N LEU E 228 28.59 -0.78 -6.95
CA LEU E 228 28.77 -0.19 -5.67
C LEU E 228 28.08 1.14 -5.63
N THR E 229 28.30 1.99 -6.60
CA THR E 229 27.63 3.26 -6.64
C THR E 229 26.12 3.16 -6.56
N LYS E 230 25.55 2.34 -7.40
CA LYS E 230 24.13 2.18 -7.39
C LYS E 230 23.73 1.60 -6.09
N SER E 231 24.44 0.62 -5.66
CA SER E 231 24.06 0.03 -4.38
C SER E 231 24.17 1.06 -3.25
N VAL E 232 25.29 1.76 -3.18
CA VAL E 232 25.45 2.76 -2.13
C VAL E 232 24.34 3.81 -2.23
N LYS E 233 23.98 4.20 -3.45
CA LYS E 233 22.86 5.10 -3.63
C LYS E 233 21.65 4.59 -2.85
N GLN E 234 21.13 3.43 -3.23
CA GLN E 234 19.95 2.88 -2.56
C GLN E 234 20.05 2.98 -1.05
N ILE E 235 21.20 2.63 -0.48
CA ILE E 235 21.36 2.67 0.97
C ILE E 235 21.11 4.08 1.48
N LYS E 236 21.82 5.07 0.93
CA LYS E 236 21.51 6.46 1.24
C LYS E 236 20.01 6.69 1.15
N GLU E 237 19.40 6.28 0.03
CA GLU E 237 17.99 6.57 -0.21
C GLU E 237 17.10 6.09 0.93
N GLY E 238 17.13 4.79 1.22
CA GLY E 238 16.26 4.26 2.26
C GLY E 238 16.58 4.80 3.64
N ARG E 239 17.86 4.77 4.00
CA ARG E 239 18.39 5.15 5.30
C ARG E 239 17.75 6.41 5.88
N LEU E 240 17.42 7.39 5.04
CA LEU E 240 16.72 8.58 5.54
C LEU E 240 15.20 8.39 5.44
N LYS E 241 14.74 7.35 6.14
CA LYS E 241 13.31 7.07 6.25
C LYS E 241 13.01 6.37 7.58
N VAL E 248 25.66 3.99 13.04
CA VAL E 248 26.81 4.87 13.13
C VAL E 248 28.03 4.31 12.43
N ASP E 249 27.95 4.22 11.12
CA ASP E 249 29.06 3.72 10.36
C ASP E 249 29.70 4.85 9.63
N PHE E 250 30.86 4.59 9.05
CA PHE E 250 31.56 5.61 8.29
C PHE E 250 30.67 6.29 7.30
N LEU E 251 29.86 5.56 6.57
CA LEU E 251 28.94 6.15 5.65
C LEU E 251 28.08 7.24 6.25
N GLN E 252 27.50 7.00 7.40
CA GLN E 252 26.68 8.01 8.01
C GLN E 252 27.53 9.19 8.35
N LEU E 253 28.64 8.96 8.95
CA LEU E 253 29.47 10.10 9.34
C LEU E 253 29.76 11.00 8.14
N MET E 254 29.82 10.42 6.96
CA MET E 254 30.07 11.21 5.78
C MET E 254 28.78 11.87 5.34
N ILE E 255 27.70 11.12 5.23
CA ILE E 255 26.41 11.70 4.92
C ILE E 255 26.08 12.81 5.91
N ASP E 256 26.21 12.55 7.21
CA ASP E 256 25.97 13.54 8.22
C ASP E 256 26.79 14.79 7.96
N SER E 257 28.07 14.65 7.72
CA SER E 257 28.89 15.79 7.39
C SER E 257 28.51 16.53 6.10
N GLN E 258 27.84 15.91 5.13
CA GLN E 258 27.41 16.61 3.96
C GLN E 258 26.50 17.78 4.27
N ASN E 259 26.04 17.90 5.50
CA ASN E 259 25.15 19.00 5.84
C ASN E 259 25.35 19.56 7.23
N SER E 260 26.59 19.91 7.55
CA SER E 260 26.93 20.47 8.85
C SER E 260 28.28 21.16 8.79
N GLU E 264 32.83 26.29 8.51
CA GLU E 264 32.76 25.54 7.28
C GLU E 264 33.79 26.02 6.28
N THR E 265 35.07 25.85 6.60
CA THR E 265 36.11 26.29 5.68
C THR E 265 36.10 25.66 4.27
N HIS E 266 35.65 24.43 4.13
CA HIS E 266 35.60 23.82 2.80
C HIS E 266 34.20 23.35 2.49
N LYS E 267 33.87 23.31 1.21
CA LYS E 267 32.58 22.77 0.79
C LYS E 267 32.45 21.33 1.29
N ALA E 268 31.22 20.86 1.36
CA ALA E 268 30.98 19.51 1.80
C ALA E 268 31.31 18.51 0.69
N LEU E 269 31.55 17.27 1.11
CA LEU E 269 31.78 16.19 0.16
C LEU E 269 30.62 16.09 -0.82
N SER E 270 30.93 16.16 -2.11
CA SER E 270 29.94 15.78 -3.11
C SER E 270 29.53 14.32 -2.90
N ASP E 271 28.41 13.94 -3.50
CA ASP E 271 28.03 12.53 -3.46
C ASP E 271 29.07 11.67 -4.17
N LEU E 272 29.71 12.22 -5.21
CA LEU E 272 30.76 11.49 -5.92
C LEU E 272 32.04 11.43 -5.10
N GLU E 273 32.39 12.54 -4.42
CA GLU E 273 33.57 12.53 -3.56
C GLU E 273 33.40 11.55 -2.41
N LEU E 274 32.24 11.61 -1.73
CA LEU E 274 31.94 10.66 -0.68
C LEU E 274 32.12 9.22 -1.15
N MET E 275 31.61 8.94 -2.32
CA MET E 275 31.66 7.62 -2.89
C MET E 275 33.05 7.14 -3.11
N ALA E 276 33.94 8.02 -3.47
CA ALA E 276 35.34 7.65 -3.63
C ALA E 276 35.99 7.32 -2.30
N GLN E 277 35.56 7.96 -1.21
CA GLN E 277 36.15 7.69 0.09
C GLN E 277 35.82 6.29 0.57
N SER E 278 34.56 5.85 0.38
CA SER E 278 34.18 4.51 0.80
C SER E 278 35.00 3.46 0.06
N ILE E 279 35.14 3.62 -1.26
CA ILE E 279 35.86 2.63 -2.05
C ILE E 279 37.31 2.54 -1.60
N ILE E 280 37.96 3.69 -1.39
CA ILE E 280 39.39 3.69 -1.08
C ILE E 280 39.66 3.23 0.34
N PHE E 281 38.69 3.39 1.25
CA PHE E 281 38.85 2.85 2.60
C PHE E 281 39.02 1.34 2.57
N ILE E 282 38.30 0.66 1.68
CA ILE E 282 38.44 -0.79 1.54
C ILE E 282 39.87 -1.14 1.15
N PHE E 283 40.37 -0.50 0.13
CA PHE E 283 41.72 -0.73 -0.33
C PHE E 283 42.68 -0.52 0.79
N ALA E 284 42.64 0.63 1.43
CA ALA E 284 43.51 0.95 2.52
C ALA E 284 43.44 -0.02 3.68
N GLY E 285 42.27 -0.49 4.06
CA GLY E 285 42.21 -1.36 5.21
C GLY E 285 41.99 -2.84 5.12
N TYR E 286 41.61 -3.39 3.98
CA TYR E 286 41.35 -4.82 3.93
C TYR E 286 42.60 -5.64 4.03
N GLU E 287 43.55 -5.44 3.16
CA GLU E 287 44.73 -6.24 3.20
C GLU E 287 45.68 -5.90 4.33
N THR E 288 45.75 -4.66 4.76
CA THR E 288 46.60 -4.32 5.84
C THR E 288 46.18 -4.96 7.13
N THR E 289 44.92 -4.85 7.49
CA THR E 289 44.46 -5.38 8.77
C THR E 289 44.56 -6.90 8.80
N SER E 290 44.15 -7.55 7.75
CA SER E 290 44.19 -8.98 7.72
C SER E 290 45.60 -9.47 7.83
N SER E 291 46.50 -8.99 7.02
CA SER E 291 47.88 -9.44 7.10
C SER E 291 48.51 -9.21 8.46
N VAL E 292 48.40 -8.00 8.98
CA VAL E 292 48.98 -7.73 10.26
C VAL E 292 48.44 -8.61 11.36
N LEU E 293 47.15 -8.91 11.39
CA LEU E 293 46.63 -9.80 12.40
C LEU E 293 47.35 -11.12 12.33
N SER E 294 47.34 -11.74 11.16
CA SER E 294 48.02 -12.99 10.94
C SER E 294 49.44 -12.97 11.38
N PHE E 295 50.14 -11.88 11.15
CA PHE E 295 51.52 -11.83 11.59
C PHE E 295 51.62 -11.75 13.11
N ILE E 296 50.69 -11.04 13.75
CA ILE E 296 50.68 -10.97 15.20
C ILE E 296 50.48 -12.37 15.79
N ILE E 297 49.46 -13.08 15.31
CA ILE E 297 49.20 -14.43 15.81
C ILE E 297 50.41 -15.32 15.60
N TYR E 298 51.03 -15.26 14.42
CA TYR E 298 52.22 -16.06 14.16
C TYR E 298 53.30 -15.76 15.19
N GLU E 299 53.47 -14.48 15.53
CA GLU E 299 54.52 -14.11 16.49
C GLU E 299 54.18 -14.58 17.90
N LEU E 300 52.90 -14.58 18.25
CA LEU E 300 52.50 -15.15 19.53
C LEU E 300 52.69 -16.67 19.54
N ALA E 301 52.26 -17.34 18.47
CA ALA E 301 52.41 -18.79 18.40
C ALA E 301 53.87 -19.19 18.43
N THR E 302 54.76 -18.37 17.87
CA THR E 302 56.18 -18.67 17.88
C THR E 302 56.85 -18.27 19.18
N HIS E 303 56.20 -17.45 20.01
CA HIS E 303 56.72 -17.03 21.29
C HIS E 303 55.62 -17.24 22.33
N PRO E 304 55.44 -18.49 22.81
CA PRO E 304 54.35 -18.76 23.77
C PRO E 304 54.32 -17.76 24.92
N ASP E 305 55.43 -17.66 25.66
CA ASP E 305 55.45 -16.82 26.86
C ASP E 305 54.89 -15.43 26.63
N VAL E 306 54.83 -14.97 25.37
CA VAL E 306 54.16 -13.71 25.08
C VAL E 306 52.66 -13.92 24.92
N GLN E 307 52.29 -14.95 24.18
CA GLN E 307 50.88 -15.33 24.06
C GLN E 307 50.24 -15.46 25.44
N GLN E 308 50.91 -16.18 26.34
CA GLN E 308 50.36 -16.37 27.68
C GLN E 308 50.24 -15.04 28.42
N LYS E 309 51.26 -14.19 28.31
CA LYS E 309 51.21 -12.92 29.01
C LYS E 309 50.18 -11.98 28.41
N VAL E 310 49.87 -12.14 27.12
CA VAL E 310 48.72 -11.45 26.53
C VAL E 310 47.42 -11.94 27.14
N GLN E 311 47.18 -13.25 27.08
CA GLN E 311 45.93 -13.80 27.59
C GLN E 311 45.72 -13.42 29.05
N LYS E 312 46.80 -13.28 29.81
CA LYS E 312 46.66 -12.86 31.21
C LYS E 312 46.13 -11.44 31.29
N GLU E 313 46.79 -10.50 30.61
CA GLU E 313 46.30 -9.12 30.60
C GLU E 313 44.85 -9.06 30.15
N ILE E 314 44.49 -9.92 29.19
CA ILE E 314 43.11 -9.94 28.71
C ILE E 314 42.17 -10.40 29.81
N ASP E 315 42.48 -11.54 30.44
CA ASP E 315 41.62 -12.05 31.49
C ASP E 315 41.56 -11.10 32.69
N THR E 316 42.64 -10.36 32.93
CA THR E 316 42.60 -9.39 34.02
C THR E 316 41.65 -8.24 33.71
N VAL E 317 41.61 -7.81 32.45
CA VAL E 317 40.79 -6.66 32.07
C VAL E 317 39.41 -7.10 31.61
N LEU E 318 39.34 -8.18 30.82
CA LEU E 318 38.09 -8.69 30.27
C LEU E 318 37.84 -10.09 30.82
N PRO E 319 37.67 -10.23 32.13
CA PRO E 319 37.53 -11.57 32.72
C PRO E 319 36.22 -12.24 32.33
N ASN E 320 36.28 -13.56 32.19
CA ASN E 320 35.10 -14.37 31.92
C ASN E 320 34.49 -14.00 30.57
N LYS E 321 35.35 -13.87 29.56
CA LYS E 321 34.93 -13.65 28.17
C LYS E 321 34.12 -12.37 28.02
N ALA E 322 34.33 -11.40 28.89
CA ALA E 322 33.68 -10.10 28.73
C ALA E 322 33.97 -9.56 27.33
N PRO E 323 32.95 -9.12 26.59
CA PRO E 323 33.19 -8.60 25.24
C PRO E 323 33.91 -7.26 25.29
N PRO E 324 34.90 -7.03 24.41
CA PRO E 324 35.70 -5.81 24.51
C PRO E 324 34.89 -4.57 24.22
N THR E 325 35.41 -3.43 24.69
CA THR E 325 34.77 -2.14 24.50
C THR E 325 35.85 -1.07 24.41
N TYR E 326 35.56 0.00 23.65
CA TYR E 326 36.59 1.00 23.36
C TYR E 326 37.44 1.35 24.58
N ASP E 327 36.79 1.54 25.73
CA ASP E 327 37.52 1.97 26.91
C ASP E 327 38.26 0.84 27.60
N THR E 328 37.85 -0.41 27.40
CA THR E 328 38.63 -1.53 27.91
C THR E 328 39.83 -1.84 27.03
N VAL E 329 39.70 -1.66 25.72
CA VAL E 329 40.77 -2.06 24.80
C VAL E 329 41.97 -1.13 24.95
N LEU E 330 41.72 0.16 25.12
CA LEU E 330 42.70 1.14 25.59
C LEU E 330 43.46 0.81 26.86
N GLN E 331 43.06 -0.23 27.59
CA GLN E 331 43.78 -0.62 28.79
C GLN E 331 44.78 -1.74 28.53
N LEU E 332 44.72 -2.38 27.36
CA LEU E 332 45.61 -3.50 27.04
C LEU E 332 46.96 -2.97 26.57
N GLU E 333 47.72 -2.43 27.52
CA GLU E 333 49.00 -1.82 27.18
C GLU E 333 49.99 -2.85 26.65
N TYR E 334 49.94 -4.08 27.16
CA TYR E 334 50.87 -5.09 26.68
C TYR E 334 50.47 -5.63 25.30
N LEU E 335 49.17 -5.73 25.02
CA LEU E 335 48.75 -6.03 23.66
C LEU E 335 49.16 -4.92 22.71
N ASP E 336 49.23 -3.69 23.20
CA ASP E 336 49.72 -2.59 22.36
C ASP E 336 51.18 -2.79 21.98
N MET E 337 51.98 -3.32 22.90
CA MET E 337 53.39 -3.55 22.60
C MET E 337 53.57 -4.65 21.57
N VAL E 338 52.89 -5.79 21.78
CA VAL E 338 53.01 -6.90 20.84
C VAL E 338 52.64 -6.46 19.43
N VAL E 339 51.71 -5.51 19.31
CA VAL E 339 51.32 -5.01 18.00
C VAL E 339 52.43 -4.13 17.42
N ASN E 340 52.81 -3.09 18.17
CA ASN E 340 53.87 -2.20 17.71
C ASN E 340 55.12 -2.97 17.32
N GLU E 341 55.44 -4.04 18.06
CA GLU E 341 56.63 -4.82 17.73
C GLU E 341 56.40 -5.67 16.49
N THR E 342 55.21 -6.25 16.34
CA THR E 342 54.93 -6.99 15.11
C THR E 342 55.01 -6.06 13.90
N LEU E 343 54.65 -4.78 14.08
CA LEU E 343 54.71 -3.84 12.97
C LEU E 343 56.14 -3.38 12.68
N ARG E 344 56.98 -3.29 13.71
CA ARG E 344 58.40 -3.07 13.49
C ARG E 344 58.99 -4.17 12.61
N LEU E 345 58.79 -5.43 13.00
CA LEU E 345 59.40 -6.54 12.28
C LEU E 345 58.84 -6.67 10.86
N PHE E 346 57.55 -6.41 10.69
CA PHE E 346 56.89 -6.53 9.40
C PHE E 346 56.04 -5.30 9.13
N PRO E 347 56.65 -4.17 8.78
CA PRO E 347 55.86 -3.02 8.34
C PRO E 347 55.11 -3.36 7.06
N VAL E 348 53.89 -2.89 6.92
CA VAL E 348 53.14 -3.20 5.73
C VAL E 348 53.62 -2.39 4.56
N ALA E 349 54.20 -1.24 4.83
CA ALA E 349 54.65 -0.37 3.74
C ALA E 349 56.02 -0.78 3.22
N MET E 350 57.02 -0.79 4.11
CA MET E 350 58.42 -0.99 3.76
C MET E 350 59.03 0.28 3.19
N ARG E 351 58.30 0.97 2.32
CA ARG E 351 58.76 2.26 1.83
C ARG E 351 57.61 3.26 1.85
N LEU E 352 57.92 4.48 2.28
CA LEU E 352 57.07 5.64 2.09
C LEU E 352 57.69 6.49 0.99
N GLU E 353 56.86 6.99 0.09
CA GLU E 353 57.34 7.70 -1.09
C GLU E 353 56.61 9.02 -1.24
N ARG E 354 57.36 10.05 -1.63
CA ARG E 354 56.78 11.35 -1.93
C ARG E 354 57.47 11.93 -3.16
N VAL E 355 56.67 12.53 -4.04
CA VAL E 355 57.20 13.22 -5.20
C VAL E 355 57.69 14.59 -4.78
N CYS E 356 58.89 14.95 -5.21
CA CYS E 356 59.41 16.30 -4.99
C CYS E 356 58.78 17.23 -6.01
N LYS E 357 57.96 18.17 -5.55
CA LYS E 357 57.23 19.04 -6.45
C LYS E 357 58.08 20.18 -7.00
N LYS E 358 59.22 20.47 -6.38
CA LYS E 358 60.04 21.59 -6.81
C LYS E 358 61.45 21.44 -6.24
N ASP E 359 62.43 21.94 -6.99
CA ASP E 359 63.80 21.94 -6.52
C ASP E 359 63.85 22.45 -5.09
N VAL E 360 64.60 21.75 -4.24
CA VAL E 360 64.73 22.16 -2.84
C VAL E 360 66.05 21.65 -2.29
N GLU E 361 66.56 22.35 -1.29
CA GLU E 361 67.80 21.96 -0.63
C GLU E 361 67.57 21.66 0.86
N ILE E 362 67.30 20.40 1.20
CA ILE E 362 67.04 20.01 2.59
C ILE E 362 68.30 19.47 3.28
N ASN E 363 68.54 19.92 4.51
CA ASN E 363 69.72 19.51 5.26
C ASN E 363 70.95 19.45 4.40
N GLY E 364 71.24 20.52 3.70
CA GLY E 364 72.39 20.58 2.85
C GLY E 364 72.41 19.61 1.71
N MET E 365 71.28 19.13 1.31
CA MET E 365 71.26 18.21 0.17
C MET E 365 70.24 18.72 -0.83
N PHE E 366 70.65 18.82 -2.09
CA PHE E 366 69.76 19.30 -3.13
C PHE E 366 68.93 18.15 -3.70
N ILE E 367 67.70 18.45 -4.06
CA ILE E 367 66.76 17.45 -4.58
C ILE E 367 65.98 18.08 -5.73
N PRO E 368 66.19 17.64 -6.97
CA PRO E 368 65.54 18.30 -8.10
C PRO E 368 64.06 17.94 -8.22
N LYS E 369 63.30 18.91 -8.73
CA LYS E 369 61.91 18.70 -9.06
C LYS E 369 61.73 17.42 -9.85
N GLY E 370 60.83 16.55 -9.37
CA GLY E 370 60.43 15.36 -10.08
C GLY E 370 60.93 14.06 -9.47
N VAL E 371 62.03 14.11 -8.72
CA VAL E 371 62.51 12.88 -8.09
C VAL E 371 61.50 12.42 -7.04
N VAL E 372 61.57 11.13 -6.72
CA VAL E 372 60.76 10.52 -5.68
C VAL E 372 61.66 10.32 -4.47
N VAL E 373 61.31 10.95 -3.35
CA VAL E 373 62.02 10.69 -2.10
C VAL E 373 61.40 9.46 -1.44
N MET E 374 62.23 8.49 -1.12
CA MET E 374 61.79 7.20 -0.61
C MET E 374 62.40 6.96 0.76
N ILE E 375 61.56 6.68 1.75
CA ILE E 375 61.98 6.45 3.12
C ILE E 375 61.90 4.95 3.39
N PRO E 376 63.03 4.23 3.49
CA PRO E 376 62.97 2.76 3.62
C PRO E 376 62.58 2.32 5.03
N SER E 377 61.27 2.30 5.27
CA SER E 377 60.76 2.02 6.61
C SER E 377 61.27 0.69 7.14
N TYR E 378 61.25 -0.35 6.29
CA TYR E 378 61.75 -1.65 6.72
C TYR E 378 63.19 -1.55 7.21
N VAL E 379 64.02 -0.75 6.52
CA VAL E 379 65.43 -0.71 6.83
C VAL E 379 65.67 -0.07 8.19
N LEU E 380 64.93 0.98 8.52
CA LEU E 380 65.11 1.64 9.80
C LEU E 380 64.52 0.82 10.94
N HIS E 381 63.46 0.05 10.67
CA HIS E 381 62.92 -0.83 11.69
C HIS E 381 63.88 -1.94 12.05
N HIS E 382 64.77 -2.30 11.13
CA HIS E 382 65.71 -3.39 11.33
C HIS E 382 67.16 -2.89 11.46
N ASP E 383 67.37 -1.60 11.51
CA ASP E 383 68.71 -1.05 11.62
C ASP E 383 69.28 -1.33 13.01
N PRO E 384 70.35 -2.12 13.13
CA PRO E 384 70.95 -2.33 14.47
C PRO E 384 71.36 -1.04 15.15
N LYS E 385 71.40 0.07 14.40
CA LYS E 385 71.78 1.35 14.96
C LYS E 385 70.71 1.89 15.91
N TYR E 386 69.44 1.61 15.63
CA TYR E 386 68.35 2.08 16.48
C TYR E 386 67.66 0.96 17.26
N TRP E 387 67.97 -0.30 16.97
CA TRP E 387 67.33 -1.43 17.64
C TRP E 387 68.37 -2.50 17.94
N THR E 388 68.64 -2.73 19.21
CA THR E 388 69.47 -3.85 19.62
C THR E 388 68.73 -5.15 19.38
N GLU E 389 69.44 -6.16 18.86
CA GLU E 389 68.86 -7.44 18.48
C GLU E 389 67.72 -7.19 17.51
N PRO E 390 67.93 -6.42 16.44
CA PRO E 390 66.77 -5.95 15.65
C PRO E 390 65.96 -7.04 15.00
N GLU E 391 66.56 -8.22 14.77
CA GLU E 391 65.84 -9.27 14.07
C GLU E 391 64.92 -10.07 14.97
N LYS E 392 64.92 -9.82 16.27
CA LYS E 392 64.17 -10.63 17.22
C LYS E 392 62.94 -9.88 17.73
N PHE E 393 61.98 -10.67 18.21
CA PHE E 393 60.65 -10.21 18.57
C PHE E 393 60.62 -9.95 20.08
N LEU E 394 60.71 -8.67 20.45
CA LEU E 394 60.76 -8.27 21.86
C LEU E 394 59.75 -7.16 22.12
N PRO E 395 58.53 -7.51 22.48
CA PRO E 395 57.57 -6.45 22.82
C PRO E 395 58.01 -5.49 23.92
N GLU E 396 58.96 -5.85 24.75
CA GLU E 396 59.42 -4.92 25.76
C GLU E 396 60.01 -3.60 25.27
N ARG E 397 60.49 -3.50 24.03
CA ARG E 397 61.03 -2.25 23.56
C ARG E 397 60.01 -1.17 23.66
N PHE E 398 58.76 -1.53 23.49
CA PHE E 398 57.67 -0.57 23.50
C PHE E 398 57.05 -0.37 24.88
N SER E 399 57.78 -0.70 25.94
CA SER E 399 57.30 -0.45 27.29
C SER E 399 57.41 1.03 27.63
N ALA E 400 56.49 1.49 28.48
CA ALA E 400 56.50 2.86 28.96
C ALA E 400 57.91 3.27 29.39
N ALA E 401 58.67 2.30 29.90
CA ALA E 401 60.06 2.56 30.26
C ALA E 401 60.86 3.00 29.04
N ASN E 402 60.94 2.16 28.02
CA ASN E 402 61.77 2.41 26.85
C ASN E 402 61.06 3.20 25.76
N ALA E 403 59.81 3.59 25.99
CA ALA E 403 59.12 4.44 25.01
C ALA E 403 60.00 5.61 24.59
N ASP E 404 60.71 6.20 25.55
CA ASP E 404 61.50 7.39 25.27
C ASP E 404 62.57 7.15 24.23
N ASN E 405 62.94 5.90 23.97
CA ASN E 405 64.11 5.65 23.14
C ASN E 405 63.69 5.20 21.74
N ILE E 406 62.55 5.70 21.27
CA ILE E 406 61.97 5.33 19.98
C ILE E 406 61.66 6.63 19.25
N ASP E 407 62.45 6.92 18.24
CA ASP E 407 62.23 8.10 17.48
C ASP E 407 61.07 7.86 16.56
N PRO E 408 60.10 8.76 16.55
CA PRO E 408 58.99 8.57 15.63
C PRO E 408 59.37 8.63 14.17
N TYR E 409 60.42 9.31 13.75
CA TYR E 409 60.80 9.19 12.37
C TYR E 409 61.53 7.90 12.03
N ILE E 410 62.01 7.11 12.96
CA ILE E 410 62.62 5.89 12.61
C ILE E 410 61.57 4.84 12.50
N TYR E 411 60.69 4.78 13.45
CA TYR E 411 59.54 3.90 13.52
C TYR E 411 58.34 4.61 12.88
N THR E 412 57.92 4.13 11.72
CA THR E 412 56.92 4.81 10.91
C THR E 412 55.92 3.82 10.34
N PRO E 413 55.42 2.87 11.13
CA PRO E 413 54.59 1.81 10.55
C PRO E 413 53.26 2.31 10.02
N PHE E 414 52.75 3.43 10.53
CA PHE E 414 51.59 4.10 9.97
C PHE E 414 51.97 5.37 9.23
N GLY E 415 53.26 5.60 9.02
CA GLY E 415 53.72 6.82 8.40
C GLY E 415 53.96 7.92 9.42
N SER E 416 53.92 9.15 8.93
CA SER E 416 54.23 10.29 9.78
C SER E 416 53.83 11.56 9.05
N GLY E 417 53.48 12.58 9.82
CA GLY E 417 53.14 13.87 9.28
C GLY E 417 51.71 13.99 8.81
N PRO E 418 51.34 15.15 8.27
CA PRO E 418 49.95 15.37 7.87
C PRO E 418 49.38 14.29 6.97
N ARG E 419 50.17 13.68 6.11
CA ARG E 419 49.67 12.65 5.19
C ARG E 419 50.01 11.25 5.68
N ASN E 420 49.79 11.00 6.96
CA ASN E 420 50.00 9.68 7.53
C ASN E 420 48.74 8.84 7.37
N CYS E 421 48.67 7.72 8.08
CA CYS E 421 47.47 6.91 8.07
C CYS E 421 46.35 7.63 8.80
N ILE E 422 45.28 7.97 8.08
CA ILE E 422 44.13 8.61 8.70
C ILE E 422 43.29 7.61 9.49
N GLY E 423 43.48 6.31 9.27
CA GLY E 423 42.68 5.30 9.93
C GLY E 423 43.46 4.51 10.95
N MET E 424 44.56 5.08 11.43
CA MET E 424 45.45 4.34 12.32
C MET E 424 44.73 3.86 13.57
N ARG E 425 44.09 4.79 14.30
CA ARG E 425 43.47 4.37 15.56
C ARG E 425 42.34 3.38 15.30
N PHE E 426 41.60 3.57 14.22
CA PHE E 426 40.60 2.57 13.84
C PHE E 426 41.26 1.22 13.61
N ALA E 427 42.32 1.19 12.81
CA ALA E 427 42.99 -0.07 12.52
C ALA E 427 43.54 -0.72 13.78
N LEU E 428 44.00 0.07 14.74
CA LEU E 428 44.55 -0.49 15.97
C LEU E 428 43.45 -1.04 16.86
N VAL E 429 42.44 -0.23 17.16
CA VAL E 429 41.30 -0.70 17.94
C VAL E 429 40.71 -1.95 17.29
N ASN E 430 40.53 -1.92 15.97
CA ASN E 430 39.84 -3.02 15.30
C ASN E 430 40.63 -4.32 15.41
N MET E 431 41.98 -4.28 15.28
CA MET E 431 42.74 -5.51 15.44
C MET E 431 42.72 -5.97 16.90
N LYS E 432 42.53 -5.06 17.87
CA LYS E 432 42.45 -5.49 19.26
C LYS E 432 41.11 -6.13 19.57
N LEU E 433 40.02 -5.55 19.07
CA LEU E 433 38.72 -6.20 19.15
C LEU E 433 38.80 -7.61 18.58
N ALA E 434 39.45 -7.76 17.43
CA ALA E 434 39.57 -9.07 16.81
C ALA E 434 40.51 -9.97 17.60
N LEU E 435 41.64 -9.41 18.05
CA LEU E 435 42.61 -10.21 18.81
C LEU E 435 42.06 -10.61 20.16
N VAL E 436 41.42 -9.68 20.87
CA VAL E 436 40.82 -10.00 22.16
C VAL E 436 39.90 -11.22 22.03
N ARG E 437 38.86 -11.08 21.27
CA ARG E 437 37.96 -12.17 21.12
C ARG E 437 38.62 -13.47 20.79
N VAL E 438 39.55 -13.48 19.88
CA VAL E 438 40.20 -14.72 19.48
C VAL E 438 40.98 -15.32 20.65
N LEU E 439 41.78 -14.49 21.33
CA LEU E 439 42.63 -15.00 22.40
C LEU E 439 41.83 -15.30 23.67
N GLN E 440 40.62 -14.78 23.79
CA GLN E 440 39.74 -15.17 24.88
C GLN E 440 39.30 -16.62 24.78
N ASN E 441 39.43 -17.23 23.60
CA ASN E 441 38.84 -18.53 23.33
C ASN E 441 39.81 -19.55 22.79
N PHE E 442 40.99 -19.13 22.31
CA PHE E 442 41.91 -20.03 21.65
C PHE E 442 43.33 -19.68 22.04
N SER E 443 44.20 -20.68 21.94
CA SER E 443 45.65 -20.50 21.90
C SER E 443 46.14 -21.05 20.57
N PHE E 444 47.22 -20.48 20.06
CA PHE E 444 47.75 -20.87 18.76
C PHE E 444 49.15 -21.46 18.94
N LYS E 445 49.38 -22.60 18.30
CA LYS E 445 50.66 -23.26 18.42
C LYS E 445 51.16 -23.69 17.07
N PRO E 446 52.46 -23.64 16.88
CA PRO E 446 52.93 -24.06 15.59
C PRO E 446 52.43 -25.42 15.30
N CYS E 447 52.65 -25.87 14.08
CA CYS E 447 52.19 -27.19 13.69
C CYS E 447 53.09 -27.72 12.57
N LYS E 448 52.77 -28.84 11.96
CA LYS E 448 53.67 -29.37 10.94
C LYS E 448 53.94 -28.43 9.79
N GLU E 449 52.89 -27.96 9.15
CA GLU E 449 53.04 -27.06 8.02
C GLU E 449 53.74 -25.71 8.27
N THR E 450 53.58 -25.11 9.44
CA THR E 450 54.18 -23.85 9.77
C THR E 450 55.61 -23.60 9.38
N GLN E 451 55.85 -22.64 8.49
CA GLN E 451 57.21 -22.30 8.08
C GLN E 451 57.97 -21.86 9.33
N ILE E 452 58.69 -22.80 9.94
CA ILE E 452 59.27 -22.57 11.26
C ILE E 452 59.95 -21.21 11.38
N PRO E 453 60.88 -20.84 10.49
CA PRO E 453 61.27 -19.41 10.39
C PRO E 453 60.59 -18.72 9.22
N LEU E 454 59.91 -17.61 9.45
CA LEU E 454 59.07 -17.06 8.40
C LEU E 454 59.91 -16.23 7.41
N LYS E 455 59.61 -16.44 6.12
CA LYS E 455 60.37 -15.86 5.03
C LYS E 455 59.40 -15.24 4.03
N LEU E 456 59.80 -14.08 3.52
CA LEU E 456 58.92 -13.13 2.83
C LEU E 456 59.04 -13.29 1.32
N ARG E 457 57.99 -12.86 0.63
CA ARG E 457 57.91 -12.98 -0.83
C ARG E 457 57.52 -11.65 -1.44
N PHE E 458 57.98 -11.43 -2.67
CA PHE E 458 57.78 -10.15 -3.33
C PHE E 458 56.39 -10.04 -3.94
N GLY E 459 55.90 -8.83 -4.07
CA GLY E 459 54.63 -8.62 -4.75
C GLY E 459 53.35 -8.74 -3.98
N GLY E 460 53.14 -7.83 -3.04
CA GLY E 460 51.93 -7.84 -2.25
C GLY E 460 52.18 -7.47 -0.82
N LEU E 461 51.11 -7.30 -0.07
CA LEU E 461 51.21 -6.97 1.33
C LEU E 461 51.75 -8.18 2.06
N LEU E 462 52.84 -7.98 2.77
CA LEU E 462 53.49 -9.00 3.52
C LEU E 462 53.26 -10.38 2.99
N LEU E 463 53.62 -10.57 1.76
CA LEU E 463 53.59 -11.89 1.13
C LEU E 463 54.63 -12.81 1.73
N THR E 464 54.22 -14.05 1.93
CA THR E 464 55.00 -15.09 2.57
C THR E 464 55.19 -16.22 1.58
N GLU E 465 56.35 -16.82 1.55
CA GLU E 465 56.57 -17.90 0.65
C GLU E 465 55.51 -18.95 0.86
N LYS E 466 55.38 -19.46 2.06
CA LYS E 466 54.36 -20.45 2.29
C LYS E 466 53.35 -19.92 3.22
N PRO E 467 52.10 -20.28 3.01
CA PRO E 467 51.01 -19.78 3.85
C PRO E 467 51.22 -19.82 5.33
N ILE E 468 50.66 -18.90 6.09
CA ILE E 468 50.84 -18.97 7.53
C ILE E 468 49.76 -19.87 8.10
N VAL E 469 50.16 -20.99 8.73
CA VAL E 469 49.20 -21.96 9.22
C VAL E 469 49.54 -22.29 10.66
N LEU E 470 48.51 -22.47 11.48
CA LEU E 470 48.70 -22.78 12.89
C LEU E 470 47.57 -23.67 13.37
N LYS E 471 47.66 -24.12 14.61
CA LYS E 471 46.60 -24.83 15.28
C LYS E 471 45.99 -23.95 16.36
N ALA E 472 44.66 -23.84 16.35
CA ALA E 472 43.92 -23.09 17.36
C ALA E 472 43.30 -24.10 18.32
N GLU E 473 43.75 -24.09 19.56
CA GLU E 473 43.23 -24.95 20.59
C GLU E 473 42.20 -24.20 21.41
N SER E 474 40.99 -24.74 21.53
CA SER E 474 40.00 -24.07 22.35
C SER E 474 40.48 -24.01 23.80
N ARG E 475 39.90 -23.08 24.55
CA ARG E 475 40.18 -22.93 25.98
C ARG E 475 38.97 -23.50 26.72
N ASP E 476 39.09 -24.75 27.17
CA ASP E 476 38.02 -25.45 27.84
C ASP E 476 36.82 -25.61 26.91
N TYR F 4 5.88 53.15 42.00
CA TYR F 4 6.02 51.91 42.74
C TYR F 4 4.74 51.42 43.31
N GLY F 5 4.00 52.27 43.99
CA GLY F 5 2.72 51.89 44.54
C GLY F 5 1.69 51.35 43.59
N THR F 6 1.69 51.75 42.33
CA THR F 6 0.83 51.22 41.37
C THR F 6 1.67 50.60 40.28
N ARG F 7 2.76 49.91 40.55
CA ARG F 7 3.60 49.38 39.50
C ARG F 7 3.08 48.13 38.90
N THR F 8 2.65 47.17 39.69
CA THR F 8 2.11 45.99 39.10
C THR F 8 0.62 46.01 39.05
N HIS F 9 -0.01 47.12 39.31
CA HIS F 9 -1.47 47.11 39.35
C HIS F 9 -2.11 47.00 37.97
N GLY F 10 -1.38 46.80 36.87
CA GLY F 10 -1.99 46.67 35.56
C GLY F 10 -1.89 45.28 34.97
N LEU F 11 -1.33 44.33 35.72
CA LEU F 11 -1.06 43.02 35.16
C LEU F 11 -2.33 42.35 34.63
N PHE F 12 -3.32 42.15 35.50
CA PHE F 12 -4.46 41.33 35.13
C PHE F 12 -5.27 41.98 34.02
N LYS F 13 -5.40 43.30 34.03
CA LYS F 13 -6.09 43.96 32.92
C LYS F 13 -5.41 43.60 31.59
N LYS F 14 -4.08 43.51 31.59
CA LYS F 14 -3.37 43.14 30.37
C LYS F 14 -3.68 41.70 29.99
N LEU F 15 -3.46 40.76 30.91
CA LEU F 15 -3.81 39.37 30.67
C LEU F 15 -5.29 39.18 30.37
N GLY F 16 -6.12 40.19 30.61
CA GLY F 16 -7.54 40.08 30.44
C GLY F 16 -8.30 39.55 31.63
N ILE F 17 -7.60 39.14 32.68
CA ILE F 17 -8.26 38.57 33.86
C ILE F 17 -8.93 39.68 34.64
N PRO F 18 -10.16 39.48 35.13
CA PRO F 18 -10.89 40.58 35.78
C PRO F 18 -10.71 40.57 37.28
N GLY F 19 -10.91 41.75 37.88
CA GLY F 19 -10.75 41.90 39.29
C GLY F 19 -11.18 43.24 39.86
N PRO F 20 -11.09 43.36 41.20
CA PRO F 20 -11.46 44.61 41.86
C PRO F 20 -10.29 45.58 41.95
N THR F 21 -10.49 46.79 41.42
CA THR F 21 -9.41 47.75 41.26
C THR F 21 -8.61 47.89 42.55
N PRO F 22 -7.27 47.80 42.49
CA PRO F 22 -6.47 47.98 43.70
C PRO F 22 -6.28 49.45 44.06
N LEU F 23 -5.93 49.68 45.31
CA LEU F 23 -5.49 50.98 45.79
C LEU F 23 -3.98 51.07 45.71
N PRO F 24 -3.42 52.29 45.62
CA PRO F 24 -1.96 52.41 45.68
C PRO F 24 -1.42 51.81 46.97
N PHE F 25 -0.29 51.12 46.84
CA PHE F 25 0.43 50.56 47.97
C PHE F 25 -0.28 49.37 48.61
N LEU F 26 -1.55 49.54 48.97
CA LEU F 26 -2.28 48.50 49.68
C LEU F 26 -2.91 47.47 48.75
N GLY F 27 -3.17 47.83 47.50
CA GLY F 27 -3.85 46.89 46.61
C GLY F 27 -5.28 46.69 47.04
N ASN F 28 -5.73 45.44 47.00
CA ASN F 28 -7.07 45.09 47.47
C ASN F 28 -7.09 44.78 48.97
N ALA F 29 -5.95 44.91 49.65
CA ALA F 29 -5.83 44.39 51.01
C ALA F 29 -6.92 44.94 51.93
N LEU F 30 -7.19 46.25 51.85
CA LEU F 30 -8.21 46.84 52.72
C LEU F 30 -9.54 46.10 52.57
N SER F 31 -9.84 45.64 51.36
CA SER F 31 -11.09 44.93 51.12
C SER F 31 -11.08 43.52 51.70
N PHE F 32 -9.92 43.02 52.14
CA PHE F 32 -9.91 41.75 52.86
C PHE F 32 -10.53 41.87 54.24
N ARG F 33 -10.57 43.08 54.81
CA ARG F 33 -11.01 43.27 56.19
C ARG F 33 -12.47 42.92 56.40
N LYS F 34 -13.25 42.84 55.31
CA LYS F 34 -14.58 42.26 55.42
C LYS F 34 -14.54 40.79 55.78
N GLY F 35 -13.36 40.20 55.79
CA GLY F 35 -13.22 38.76 55.91
C GLY F 35 -12.77 38.17 54.60
N TYR F 36 -11.78 37.28 54.63
CA TYR F 36 -11.36 36.62 53.39
C TYR F 36 -12.53 35.87 52.78
N TRP F 37 -13.26 35.11 53.59
CA TRP F 37 -14.37 34.30 53.09
C TRP F 37 -15.45 35.17 52.45
N THR F 38 -15.69 36.37 52.97
CA THR F 38 -16.69 37.25 52.37
C THR F 38 -16.19 37.81 51.04
N PHE F 39 -15.06 38.53 51.08
CA PHE F 39 -14.44 39.07 49.88
C PHE F 39 -14.42 38.05 48.76
N ASP F 40 -13.80 36.90 49.00
CA ASP F 40 -13.60 35.92 47.93
C ASP F 40 -14.92 35.48 47.32
N MET F 41 -15.97 35.37 48.13
CA MET F 41 -17.28 35.02 47.59
C MET F 41 -17.78 36.09 46.63
N GLU F 42 -17.64 37.36 47.01
CA GLU F 42 -18.12 38.45 46.17
C GLU F 42 -17.37 38.51 44.85
N CYS F 43 -16.04 38.45 44.91
CA CYS F 43 -15.25 38.42 43.68
C CYS F 43 -15.70 37.28 42.78
N TYR F 44 -15.98 36.12 43.36
CA TYR F 44 -16.42 34.99 42.57
C TYR F 44 -17.80 35.25 41.96
N LYS F 45 -18.71 35.84 42.71
CA LYS F 45 -20.03 36.08 42.13
C LYS F 45 -19.97 37.06 40.97
N LYS F 46 -19.23 38.15 41.10
CA LYS F 46 -19.27 39.16 40.05
C LYS F 46 -18.16 39.05 39.01
N TYR F 47 -17.08 38.30 39.27
CA TYR F 47 -16.05 38.10 38.27
C TYR F 47 -15.97 36.68 37.72
N GLY F 48 -16.35 35.67 38.50
CA GLY F 48 -16.57 34.35 37.95
C GLY F 48 -15.51 33.29 38.16
N LYS F 49 -15.31 32.46 37.13
CA LYS F 49 -14.45 31.27 37.23
C LYS F 49 -13.07 31.61 37.77
N VAL F 50 -12.50 32.75 37.36
CA VAL F 50 -11.17 33.15 37.79
C VAL F 50 -11.13 34.67 37.90
N TRP F 51 -10.34 35.16 38.85
CA TRP F 51 -10.22 36.59 39.07
C TRP F 51 -8.88 36.89 39.72
N GLY F 52 -8.49 38.17 39.67
CA GLY F 52 -7.20 38.59 40.17
C GLY F 52 -7.25 39.72 41.17
N ILE F 53 -6.52 39.56 42.28
CA ILE F 53 -6.44 40.57 43.33
C ILE F 53 -4.97 40.85 43.62
N TYR F 54 -4.74 41.94 44.36
CA TYR F 54 -3.40 42.36 44.75
C TYR F 54 -3.32 42.45 46.27
N ASP F 55 -2.27 41.87 46.84
CA ASP F 55 -1.96 41.97 48.27
C ASP F 55 -0.67 42.78 48.36
N GLY F 56 -0.81 44.09 48.54
CA GLY F 56 0.32 44.99 48.38
C GLY F 56 0.62 45.18 46.90
N GLN F 57 1.85 44.87 46.48
CA GLN F 57 2.13 44.74 45.06
C GLN F 57 1.96 43.31 44.55
N GLN F 58 1.72 42.36 45.43
CA GLN F 58 1.67 40.96 45.05
C GLN F 58 0.40 40.66 44.27
N PRO F 59 0.46 40.28 43.00
CA PRO F 59 -0.74 39.82 42.30
C PRO F 59 -1.06 38.38 42.67
N MET F 60 -2.31 38.13 43.05
CA MET F 60 -2.82 36.79 43.34
C MET F 60 -3.91 36.45 42.34
N LEU F 61 -3.84 35.26 41.76
CA LEU F 61 -4.83 34.78 40.80
C LEU F 61 -5.64 33.67 41.45
N ALA F 62 -6.96 33.82 41.42
CA ALA F 62 -7.88 32.85 42.01
C ALA F 62 -8.40 31.91 40.92
N ILE F 63 -8.35 30.61 41.20
CA ILE F 63 -8.72 29.58 40.23
C ILE F 63 -9.75 28.66 40.87
N THR F 64 -10.82 28.37 40.14
CA THR F 64 -11.93 27.56 40.64
C THR F 64 -12.15 26.27 39.87
N ASP F 65 -11.41 26.03 38.78
CA ASP F 65 -11.56 24.83 37.98
C ASP F 65 -10.78 23.69 38.61
N PRO F 66 -11.45 22.65 39.12
CA PRO F 66 -10.71 21.61 39.85
C PRO F 66 -9.61 20.94 39.02
N ASP F 67 -9.80 20.81 37.71
CA ASP F 67 -8.71 20.31 36.87
C ASP F 67 -7.51 21.24 36.95
N MET F 68 -7.75 22.55 36.95
CA MET F 68 -6.67 23.52 37.12
C MET F 68 -6.08 23.42 38.52
N ILE F 69 -6.94 23.21 39.53
CA ILE F 69 -6.44 23.07 40.89
C ILE F 69 -5.59 21.81 41.02
N LYS F 70 -5.97 20.74 40.32
CA LYS F 70 -5.17 19.52 40.34
C LYS F 70 -3.78 19.79 39.78
N THR F 71 -3.71 20.51 38.66
CA THR F 71 -2.42 20.80 38.04
C THR F 71 -1.54 21.62 38.97
N VAL F 72 -2.11 22.67 39.57
CA VAL F 72 -1.31 23.55 40.41
C VAL F 72 -0.85 22.82 41.67
N LEU F 73 -1.76 22.08 42.29
CA LEU F 73 -1.42 21.45 43.57
C LEU F 73 -0.63 20.16 43.40
N VAL F 74 -0.88 19.39 42.34
CA VAL F 74 -0.33 18.03 42.23
C VAL F 74 0.71 17.93 41.11
N LYS F 75 0.31 18.15 39.84
CA LYS F 75 1.17 17.68 38.75
C LYS F 75 2.40 18.58 38.67
N GLU F 76 2.17 19.89 38.49
CA GLU F 76 3.22 20.89 38.41
C GLU F 76 3.62 21.44 39.76
N CYS F 77 3.54 20.64 40.82
CA CYS F 77 3.90 21.13 42.15
C CYS F 77 5.40 21.37 42.26
N TYR F 78 6.19 20.31 42.07
CA TYR F 78 7.64 20.42 42.23
C TYR F 78 8.26 21.35 41.19
N SER F 79 7.67 21.42 40.01
CA SER F 79 8.30 22.17 38.91
C SER F 79 8.00 23.65 39.00
N VAL F 80 6.75 24.01 39.29
CA VAL F 80 6.29 25.39 39.11
C VAL F 80 5.73 25.97 40.40
N PHE F 81 4.74 25.30 40.99
CA PHE F 81 4.02 25.85 42.15
C PHE F 81 4.53 25.20 43.44
N THR F 82 5.83 25.34 43.68
CA THR F 82 6.45 24.59 44.77
C THR F 82 6.26 25.27 46.11
N ASN F 83 6.36 26.60 46.15
CA ASN F 83 6.58 27.31 47.40
C ASN F 83 5.37 28.12 47.84
N ARG F 84 5.43 28.56 49.07
CA ARG F 84 4.45 29.45 49.65
C ARG F 84 5.08 30.84 49.67
N ARG F 85 4.28 31.88 49.69
CA ARG F 85 4.86 33.20 49.68
C ARG F 85 5.46 33.53 51.00
N PRO F 86 6.55 34.27 50.99
CA PRO F 86 7.31 34.74 52.17
C PRO F 86 6.62 35.93 52.81
N PHE F 87 6.86 36.11 54.11
CA PHE F 87 6.16 37.16 54.84
C PHE F 87 7.12 38.01 55.68
N GLY F 88 8.34 38.20 55.22
CA GLY F 88 9.27 39.07 55.89
C GLY F 88 10.56 38.39 56.26
N PRO F 89 11.41 39.10 57.03
CA PRO F 89 12.71 38.53 57.42
C PRO F 89 12.53 37.53 58.56
N VAL F 90 12.91 36.29 58.31
CA VAL F 90 12.95 35.25 59.33
C VAL F 90 14.39 34.78 59.44
N GLY F 91 14.81 34.46 60.67
CA GLY F 91 16.17 34.02 60.89
C GLY F 91 16.33 32.55 60.56
N PHE F 92 16.62 31.74 61.57
CA PHE F 92 16.78 30.30 61.36
C PHE F 92 15.49 29.62 60.95
N MET F 93 14.35 30.31 61.03
CA MET F 93 13.08 29.69 60.67
C MET F 93 12.87 29.62 59.16
N LYS F 94 13.84 30.07 58.37
CA LYS F 94 13.87 29.69 56.96
C LYS F 94 13.65 28.19 56.83
N ASN F 95 14.29 27.41 57.70
CA ASN F 95 14.27 25.96 57.64
C ASN F 95 12.96 25.35 58.11
N ALA F 96 12.05 26.15 58.66
CA ALA F 96 10.73 25.63 59.01
C ALA F 96 10.06 25.08 57.76
N ILE F 97 9.57 23.84 57.86
CA ILE F 97 9.03 23.12 56.71
C ILE F 97 8.08 24.01 55.91
N SER F 98 7.22 24.77 56.60
CA SER F 98 6.22 25.58 55.91
C SER F 98 6.79 26.87 55.34
N ILE F 99 8.03 27.23 55.68
CA ILE F 99 8.68 28.39 55.12
C ILE F 99 9.74 28.03 54.09
N ALA F 100 10.40 26.87 54.24
CA ALA F 100 11.46 26.48 53.34
C ALA F 100 10.93 26.34 51.91
N GLU F 101 11.86 26.22 50.97
CA GLU F 101 11.52 26.27 49.55
C GLU F 101 12.30 25.21 48.78
N ASP F 102 11.81 24.95 47.58
CA ASP F 102 12.42 24.06 46.62
C ASP F 102 13.14 22.82 47.18
N GLU F 103 14.42 22.58 47.01
CA GLU F 103 14.99 21.33 47.46
C GLU F 103 15.10 21.43 48.93
N GLU F 104 15.39 22.61 49.40
CA GLU F 104 15.44 22.75 50.85
C GLU F 104 14.18 22.18 51.49
N TRP F 105 13.01 22.59 50.98
CA TRP F 105 11.76 22.09 51.51
C TRP F 105 11.65 20.58 51.30
N LYS F 106 11.97 20.10 50.09
CA LYS F 106 11.85 18.68 49.80
C LYS F 106 12.63 17.84 50.80
N ARG F 107 13.81 18.30 51.21
CA ARG F 107 14.63 17.54 52.14
C ARG F 107 13.96 17.42 53.50
N ILE F 108 13.38 18.54 53.97
CA ILE F 108 12.75 18.57 55.28
C ILE F 108 11.45 17.80 55.29
N ARG F 109 10.58 18.04 54.30
CA ARG F 109 9.36 17.26 54.23
C ARG F 109 9.67 15.77 54.30
N SER F 110 10.74 15.35 53.61
CA SER F 110 11.13 13.94 53.64
C SER F 110 11.64 13.55 55.03
N LEU F 111 12.58 14.32 55.57
CA LEU F 111 13.17 13.95 56.86
C LEU F 111 12.13 13.80 57.95
N LEU F 112 11.01 14.51 57.83
CA LEU F 112 9.99 14.50 58.88
C LEU F 112 8.88 13.48 58.63
N SER F 113 8.76 12.96 57.42
CA SER F 113 7.65 12.06 57.11
C SER F 113 7.63 10.82 58.01
N PRO F 114 8.75 10.15 58.29
CA PRO F 114 8.70 9.06 59.28
C PRO F 114 8.06 9.47 60.59
N THR F 115 8.15 10.75 60.94
CA THR F 115 7.65 11.24 62.21
C THR F 115 6.14 11.44 62.20
N PHE F 116 5.50 11.37 61.03
CA PHE F 116 4.06 11.55 60.90
C PHE F 116 3.38 10.28 60.39
N THR F 117 4.04 9.13 60.51
CA THR F 117 3.44 7.88 60.04
C THR F 117 2.34 7.44 60.97
N SER F 118 1.26 6.88 60.39
CA SER F 118 0.20 6.29 61.19
C SER F 118 0.75 5.35 62.26
N GLY F 119 1.92 4.76 62.00
CA GLY F 119 2.55 3.89 62.98
C GLY F 119 3.06 4.64 64.19
N LYS F 120 3.93 5.63 63.97
CA LYS F 120 4.48 6.38 65.09
C LYS F 120 3.40 7.22 65.77
N LEU F 121 2.38 7.52 65.00
CA LEU F 121 1.22 8.20 65.48
C LEU F 121 0.46 7.27 66.41
N LYS F 122 0.21 6.02 66.02
CA LYS F 122 -0.47 5.08 66.89
C LYS F 122 0.21 4.95 68.22
N GLU F 123 1.53 4.82 68.25
CA GLU F 123 2.25 4.81 69.52
C GLU F 123 2.16 6.08 70.39
N MET F 124 1.70 7.16 69.81
CA MET F 124 1.62 8.44 70.44
C MET F 124 0.32 8.72 71.15
N VAL F 125 -0.69 7.92 70.92
CA VAL F 125 -2.02 8.21 71.44
C VAL F 125 -2.08 7.98 72.95
N PRO F 126 -1.45 6.95 73.52
CA PRO F 126 -1.53 6.77 74.98
C PRO F 126 -1.10 8.01 75.74
N ILE F 127 -0.13 8.76 75.21
CA ILE F 127 0.45 9.91 75.90
C ILE F 127 -0.33 11.19 75.64
N ILE F 128 -1.30 11.17 74.73
CA ILE F 128 -2.11 12.34 74.43
C ILE F 128 -3.50 12.24 75.05
N ALA F 129 -3.95 11.04 75.40
CA ALA F 129 -5.24 10.91 76.09
C ALA F 129 -5.23 11.60 77.44
N GLN F 130 -4.06 11.81 78.04
CA GLN F 130 -3.99 12.41 79.36
C GLN F 130 -4.41 13.87 79.34
N TYR F 131 -4.08 14.60 78.27
CA TYR F 131 -4.63 15.94 78.11
C TYR F 131 -6.14 15.90 77.87
N GLY F 132 -6.65 14.76 77.41
CA GLY F 132 -8.08 14.53 77.47
C GLY F 132 -8.60 14.38 78.88
N ASP F 133 -7.78 13.82 79.77
CA ASP F 133 -8.15 13.77 81.19
C ASP F 133 -8.32 15.17 81.75
N VAL F 134 -7.28 16.00 81.61
CA VAL F 134 -7.39 17.40 82.00
C VAL F 134 -8.60 18.06 81.35
N LEU F 135 -8.75 17.87 80.04
CA LEU F 135 -9.84 18.57 79.34
C LEU F 135 -11.17 18.33 80.04
N VAL F 136 -11.44 17.10 80.45
CA VAL F 136 -12.73 16.78 81.07
C VAL F 136 -12.83 17.40 82.46
N ARG F 137 -11.77 17.26 83.26
CA ARG F 137 -11.73 17.92 84.56
C ARG F 137 -11.98 19.42 84.40
N ASN F 138 -11.26 20.06 83.49
CA ASN F 138 -11.47 21.48 83.23
C ASN F 138 -12.93 21.76 82.89
N LEU F 139 -13.46 21.07 81.88
CA LEU F 139 -14.82 21.33 81.43
C LEU F 139 -15.84 21.07 82.53
N ARG F 140 -15.59 20.09 83.40
CA ARG F 140 -16.55 19.78 84.46
C ARG F 140 -16.74 20.98 85.38
N ARG F 141 -15.64 21.58 85.84
CA ARG F 141 -15.74 22.72 86.75
C ARG F 141 -16.41 23.90 86.08
N GLU F 142 -15.98 24.23 84.86
CA GLU F 142 -16.54 25.36 84.13
C GLU F 142 -18.04 25.24 83.93
N ALA F 143 -18.61 24.04 84.09
CA ALA F 143 -19.98 23.77 83.69
C ALA F 143 -20.89 23.28 84.80
N GLU F 144 -20.29 22.76 85.86
CA GLU F 144 -21.05 22.39 87.02
C GLU F 144 -21.80 23.60 87.56
N THR F 145 -21.19 24.79 87.62
CA THR F 145 -21.87 25.98 88.11
C THR F 145 -23.00 26.57 87.24
N GLY F 146 -23.34 26.03 86.07
CA GLY F 146 -24.45 26.58 85.32
C GLY F 146 -24.18 27.60 84.25
N LYS F 147 -23.15 28.42 84.39
CA LYS F 147 -22.89 29.43 83.39
C LYS F 147 -22.45 28.79 82.09
N PRO F 148 -22.87 29.36 80.98
CA PRO F 148 -22.47 28.86 79.67
C PRO F 148 -20.96 28.74 79.57
N VAL F 149 -20.51 27.67 78.94
CA VAL F 149 -19.08 27.40 78.83
C VAL F 149 -18.56 28.12 77.59
N THR F 150 -17.37 28.71 77.69
CA THR F 150 -16.73 29.35 76.54
C THR F 150 -15.82 28.32 75.90
N LEU F 151 -16.30 27.68 74.85
CA LEU F 151 -15.62 26.50 74.31
C LEU F 151 -14.17 26.79 73.96
N LYS F 152 -13.93 27.91 73.26
CA LYS F 152 -12.57 28.24 72.85
C LYS F 152 -11.60 28.27 74.02
N HIS F 153 -12.11 28.34 75.24
CA HIS F 153 -11.26 28.38 76.43
C HIS F 153 -10.68 27.00 76.75
N VAL F 154 -11.54 25.99 76.85
CA VAL F 154 -11.06 24.65 77.20
C VAL F 154 -10.48 23.95 75.98
N PHE F 155 -11.02 24.19 74.78
CA PHE F 155 -10.47 23.54 73.59
C PHE F 155 -9.15 24.18 73.19
N GLY F 156 -9.10 25.51 73.17
CA GLY F 156 -7.84 26.18 72.93
C GLY F 156 -6.76 25.69 73.88
N ALA F 157 -7.13 25.47 75.14
CA ALA F 157 -6.18 25.02 76.15
C ALA F 157 -5.94 23.52 76.12
N TYR F 158 -6.74 22.78 75.38
CA TYR F 158 -6.49 21.38 75.18
C TYR F 158 -5.58 21.37 74.02
N SER F 159 -5.96 22.04 72.94
CA SER F 159 -5.11 22.21 71.78
C SER F 159 -3.69 22.60 72.02
N MET F 160 -3.41 23.47 72.97
CA MET F 160 -2.07 23.79 73.27
C MET F 160 -1.45 22.73 74.13
N ASP F 161 -2.15 22.29 75.13
CA ASP F 161 -1.58 21.26 75.96
C ASP F 161 -1.04 20.18 75.05
N VAL F 162 -1.86 19.66 74.15
CA VAL F 162 -1.40 18.60 73.29
C VAL F 162 -0.23 18.97 72.40
N ILE F 163 -0.44 19.92 71.51
CA ILE F 163 0.60 20.31 70.57
C ILE F 163 1.91 20.85 71.15
N THR F 164 1.91 21.52 72.28
CA THR F 164 3.13 22.05 72.84
C THR F 164 3.97 20.99 73.51
N SER F 165 3.37 20.22 74.39
CA SER F 165 4.10 19.15 75.04
C SER F 165 4.61 18.13 74.05
N THR F 166 3.81 17.75 73.06
CA THR F 166 4.26 16.81 72.09
C THR F 166 5.45 17.30 71.28
N SER F 167 5.46 18.58 70.94
CA SER F 167 6.51 19.19 70.13
C SER F 167 7.76 19.49 70.94
N PHE F 168 7.62 19.81 72.23
CA PHE F 168 8.77 20.12 73.07
C PHE F 168 9.12 19.02 74.07
N GLY F 169 8.30 18.01 74.16
CA GLY F 169 8.59 16.90 75.05
C GLY F 169 8.59 17.26 76.51
N VAL F 170 7.49 17.84 76.95
CA VAL F 170 7.32 18.22 78.32
C VAL F 170 5.84 18.35 78.47
N SER F 171 5.26 17.80 79.52
CA SER F 171 3.84 17.90 79.64
C SER F 171 3.54 19.21 80.31
N ILE F 172 2.49 19.85 79.83
CA ILE F 172 2.04 21.13 80.38
C ILE F 172 0.54 21.06 80.63
N ASP F 173 0.04 22.07 81.33
CA ASP F 173 -1.38 22.23 81.48
C ASP F 173 -1.60 23.71 81.33
N SER F 174 -2.26 24.17 80.28
CA SER F 174 -2.43 25.59 80.15
C SER F 174 -3.27 26.25 81.21
N LEU F 175 -4.44 25.72 81.52
CA LEU F 175 -5.29 26.34 82.53
C LEU F 175 -4.84 26.22 83.98
N ASN F 176 -4.50 25.02 84.41
CA ASN F 176 -4.11 24.84 85.78
C ASN F 176 -2.77 25.36 86.10
N ASN F 177 -1.90 25.48 85.13
CA ASN F 177 -0.62 25.89 85.51
C ASN F 177 -0.03 26.95 84.62
N PRO F 178 -0.71 28.08 84.41
CA PRO F 178 -0.10 29.10 83.55
C PRO F 178 1.25 29.64 83.95
N GLN F 179 1.64 29.63 85.20
CA GLN F 179 2.97 29.95 85.63
C GLN F 179 4.13 29.23 84.95
N ASP F 180 3.85 28.06 84.41
CA ASP F 180 4.83 27.27 83.74
C ASP F 180 5.45 28.13 82.68
N PRO F 181 6.75 28.41 82.78
CA PRO F 181 7.43 29.24 81.80
C PRO F 181 7.16 28.84 80.37
N PHE F 182 6.88 27.58 80.12
CA PHE F 182 6.57 27.21 78.77
C PHE F 182 5.26 27.72 78.29
N VAL F 183 4.23 27.66 79.08
CA VAL F 183 2.98 28.17 78.66
C VAL F 183 3.07 29.60 78.36
N GLU F 184 3.75 30.32 79.23
CA GLU F 184 3.83 31.76 79.11
C GLU F 184 4.73 32.18 77.95
N ASN F 185 5.83 31.45 77.72
CA ASN F 185 6.66 31.74 76.56
C ASN F 185 6.04 31.22 75.27
N THR F 186 5.29 30.11 75.35
CA THR F 186 4.60 29.59 74.18
C THR F 186 3.41 30.47 73.80
N LYS F 187 2.67 30.94 74.80
CA LYS F 187 1.64 31.93 74.54
C LYS F 187 2.24 33.22 73.98
N LYS F 188 3.46 33.57 74.42
CA LYS F 188 4.14 34.73 73.87
C LYS F 188 4.43 34.55 72.39
N LEU F 189 4.98 33.41 72.05
CA LEU F 189 5.31 33.10 70.69
C LEU F 189 4.08 33.05 69.81
N LEU F 190 3.06 32.32 70.24
CA LEU F 190 1.82 32.23 69.51
C LEU F 190 1.12 33.54 69.17
N ARG F 191 1.25 34.58 69.98
CA ARG F 191 0.66 35.85 69.63
C ARG F 191 1.13 36.45 68.30
N PHE F 192 2.35 36.20 67.85
CA PHE F 192 2.77 36.67 66.58
C PHE F 192 1.84 36.06 65.56
N ASN F 193 1.12 36.86 64.79
CA ASN F 193 0.25 36.29 63.80
C ASN F 193 0.46 36.95 62.48
N PRO F 194 -0.10 36.38 61.44
CA PRO F 194 0.13 36.89 60.08
C PRO F 194 -0.41 38.30 59.86
N LEU F 195 -1.11 38.88 60.85
CA LEU F 195 -1.75 40.18 60.67
C LEU F 195 -1.36 41.17 61.76
N ASP F 196 -0.11 41.05 62.34
CA ASP F 196 0.30 42.10 63.25
C ASP F 196 1.16 43.14 62.54
N PRO F 197 1.08 44.41 62.96
CA PRO F 197 1.49 45.51 62.08
C PRO F 197 2.78 45.33 61.27
N PHE F 198 3.80 44.68 61.84
CA PHE F 198 5.08 44.57 61.14
C PHE F 198 4.93 43.75 59.86
N VAL F 199 4.40 42.53 59.98
CA VAL F 199 4.19 41.68 58.81
C VAL F 199 3.41 42.41 57.74
N LEU F 200 2.45 43.25 58.14
CA LEU F 200 1.66 44.00 57.17
C LEU F 200 2.50 45.00 56.41
N SER F 201 3.49 45.60 57.08
CA SER F 201 4.35 46.59 56.43
C SER F 201 5.20 45.93 55.35
N ILE F 202 5.82 44.79 55.66
CA ILE F 202 6.68 44.13 54.68
C ILE F 202 5.86 43.72 53.46
N LYS F 203 4.60 43.32 53.66
CA LYS F 203 3.77 42.94 52.52
C LYS F 203 3.54 44.12 51.58
N VAL F 204 3.61 45.34 52.11
CA VAL F 204 3.45 46.53 51.28
C VAL F 204 4.75 46.86 50.57
N PHE F 205 5.88 46.77 51.28
CA PHE F 205 7.20 47.04 50.71
C PHE F 205 8.10 45.85 51.02
N PRO F 206 7.98 44.75 50.26
CA PRO F 206 8.80 43.56 50.57
C PRO F 206 10.29 43.78 50.31
N PHE F 207 10.67 44.79 49.53
CA PHE F 207 12.08 45.03 49.23
C PHE F 207 12.88 45.38 50.47
N LEU F 208 12.23 45.59 51.61
CA LEU F 208 12.94 45.84 52.86
C LEU F 208 13.44 44.56 53.51
N THR F 209 13.01 43.39 53.03
CA THR F 209 13.30 42.15 53.75
C THR F 209 14.78 41.82 53.74
N PRO F 210 15.50 41.90 52.61
CA PRO F 210 16.94 41.57 52.64
C PRO F 210 17.73 42.42 53.62
N ILE F 211 17.44 43.72 53.69
CA ILE F 211 18.17 44.60 54.61
C ILE F 211 17.97 44.15 56.05
N LEU F 212 16.72 43.88 56.41
CA LEU F 212 16.43 43.42 57.76
C LEU F 212 17.04 42.05 58.02
N GLU F 213 17.12 41.20 56.99
CA GLU F 213 17.78 39.91 57.16
C GLU F 213 19.27 40.08 57.43
N ALA F 214 19.91 41.04 56.74
CA ALA F 214 21.34 41.26 56.94
C ALA F 214 21.64 41.90 58.29
N LEU F 215 20.67 42.56 58.89
CA LEU F 215 20.81 43.12 60.23
C LEU F 215 20.29 42.18 61.32
N ASN F 216 19.84 40.99 60.94
CA ASN F 216 19.34 40.00 61.89
C ASN F 216 18.12 40.51 62.65
N ILE F 217 17.34 41.37 62.01
CA ILE F 217 16.01 41.72 62.50
C ILE F 217 15.02 40.74 61.89
N THR F 218 14.33 39.99 62.74
CA THR F 218 13.43 38.94 62.30
C THR F 218 12.02 39.23 62.77
N VAL F 219 11.05 38.63 62.12
CA VAL F 219 9.68 38.85 62.44
C VAL F 219 9.23 38.03 63.64
N PHE F 220 10.08 37.15 64.08
CA PHE F 220 9.80 36.26 65.19
C PHE F 220 10.39 36.81 66.48
N PRO F 221 9.72 36.56 67.61
CA PRO F 221 10.25 37.05 68.91
C PRO F 221 11.59 36.44 69.25
N ARG F 222 12.67 37.17 69.03
CA ARG F 222 14.01 36.60 69.18
C ARG F 222 14.28 36.18 70.63
N GLU F 223 13.65 36.83 71.60
CA GLU F 223 13.96 36.53 73.00
C GLU F 223 13.19 35.31 73.49
N VAL F 224 11.93 35.16 73.07
CA VAL F 224 11.18 33.97 73.45
C VAL F 224 11.85 32.72 72.90
N ILE F 225 12.37 32.79 71.67
CA ILE F 225 12.85 31.56 71.05
C ILE F 225 14.27 31.24 71.52
N SER F 226 15.07 32.26 71.83
CA SER F 226 16.30 32.01 72.58
C SER F 226 16.00 31.22 73.85
N PHE F 227 14.85 31.46 74.48
CA PHE F 227 14.44 30.72 75.67
C PHE F 227 13.97 29.32 75.31
N LEU F 228 12.98 29.23 74.42
CA LEU F 228 12.49 27.93 73.97
C LEU F 228 13.64 27.05 73.51
N THR F 229 14.56 27.60 72.72
CA THR F 229 15.68 26.80 72.23
C THR F 229 16.54 26.29 73.39
N LYS F 230 16.94 27.19 74.29
CA LYS F 230 17.82 26.78 75.38
C LYS F 230 17.10 25.95 76.44
N SER F 231 15.77 25.88 76.40
CA SER F 231 15.05 24.98 77.30
C SER F 231 15.09 23.56 76.77
N VAL F 232 14.62 23.34 75.54
CA VAL F 232 14.66 22.00 74.96
C VAL F 232 16.09 21.49 74.91
N LYS F 233 17.05 22.39 74.66
CA LYS F 233 18.46 22.00 74.67
C LYS F 233 18.78 21.17 75.89
N GLN F 234 18.14 21.47 77.04
CA GLN F 234 18.33 20.61 78.21
C GLN F 234 17.53 19.33 78.09
N ILE F 235 16.24 19.45 77.75
CA ILE F 235 15.41 18.27 77.64
C ILE F 235 16.15 17.21 76.83
N LYS F 236 16.74 17.63 75.72
CA LYS F 236 17.59 16.73 74.94
C LYS F 236 18.68 16.11 75.81
N GLU F 237 19.50 16.95 76.45
CA GLU F 237 20.55 16.49 77.35
C GLU F 237 20.03 15.42 78.29
N GLY F 238 19.10 15.80 79.18
CA GLY F 238 18.67 14.90 80.24
C GLY F 238 17.95 13.66 79.75
N ARG F 239 17.39 13.77 78.57
CA ARG F 239 16.77 12.62 77.97
C ARG F 239 17.74 11.51 77.50
N LEU F 240 19.06 11.68 77.58
CA LEU F 240 19.93 10.59 77.23
C LEU F 240 20.53 10.08 78.52
N LYS F 241 19.67 9.66 79.45
CA LYS F 241 20.11 9.19 80.74
C LYS F 241 19.20 8.07 81.21
N VAL F 248 8.33 9.00 73.40
CA VAL F 248 7.54 8.66 72.22
C VAL F 248 6.69 9.83 71.73
N ASP F 249 7.35 10.95 71.48
CA ASP F 249 6.70 12.17 71.03
C ASP F 249 7.50 12.79 69.91
N PHE F 250 6.91 13.77 69.25
CA PHE F 250 7.54 14.49 68.14
C PHE F 250 8.99 14.81 68.37
N LEU F 251 9.29 15.39 69.53
CA LEU F 251 10.65 15.68 69.87
C LEU F 251 11.50 14.43 69.76
N GLN F 252 11.09 13.35 70.41
CA GLN F 252 11.85 12.12 70.35
C GLN F 252 12.02 11.65 68.92
N LEU F 253 10.94 11.59 68.19
CA LEU F 253 10.99 11.14 66.82
C LEU F 253 12.05 11.82 66.00
N MET F 254 12.18 13.12 66.17
CA MET F 254 13.14 13.89 65.38
C MET F 254 14.56 13.72 65.92
N ILE F 255 14.72 13.70 67.24
CA ILE F 255 16.01 13.34 67.82
C ILE F 255 16.43 11.97 67.31
N ASP F 256 15.55 10.98 67.49
CA ASP F 256 15.78 9.66 66.91
C ASP F 256 16.23 9.77 65.46
N SER F 257 15.51 10.55 64.66
CA SER F 257 15.76 10.59 63.22
C SER F 257 17.11 11.19 62.85
N GLN F 258 17.86 11.73 63.81
CA GLN F 258 19.18 12.29 63.49
C GLN F 258 20.23 11.20 63.31
N ASN F 259 19.87 10.08 62.69
CA ASN F 259 20.73 8.89 62.64
C ASN F 259 19.98 7.69 62.09
N THR F 265 19.48 9.11 52.26
CA THR F 265 19.94 9.89 51.11
C THR F 265 20.12 11.36 51.49
N HIS F 266 19.38 11.80 52.51
CA HIS F 266 19.50 13.16 53.02
C HIS F 266 20.34 13.18 54.29
N LYS F 267 21.08 14.28 54.46
CA LYS F 267 21.67 14.55 55.77
C LYS F 267 20.57 14.90 56.75
N ALA F 268 20.69 14.39 57.98
CA ALA F 268 19.61 14.50 58.94
C ALA F 268 19.45 15.94 59.42
N LEU F 269 18.39 16.15 60.20
CA LEU F 269 18.12 17.48 60.74
C LEU F 269 19.25 17.94 61.64
N SER F 270 19.68 19.17 61.46
CA SER F 270 20.56 19.80 62.44
C SER F 270 19.76 20.11 63.71
N ASP F 271 20.50 20.33 64.81
CA ASP F 271 19.85 20.82 66.02
C ASP F 271 19.02 22.06 65.73
N LEU F 272 19.59 22.99 64.95
CA LEU F 272 18.85 24.17 64.53
C LEU F 272 17.58 23.79 63.77
N GLU F 273 17.73 23.00 62.70
CA GLU F 273 16.58 22.63 61.89
C GLU F 273 15.51 21.92 62.73
N LEU F 274 15.93 21.09 63.67
CA LEU F 274 14.97 20.38 64.51
C LEU F 274 14.18 21.35 65.38
N MET F 275 14.83 22.41 65.88
CA MET F 275 14.10 23.41 66.64
C MET F 275 13.10 24.14 65.76
N ALA F 276 13.50 24.53 64.55
CA ALA F 276 12.62 25.26 63.66
C ALA F 276 11.29 24.53 63.47
N GLN F 277 11.33 23.20 63.43
CA GLN F 277 10.11 22.43 63.19
C GLN F 277 9.23 22.38 64.43
N SER F 278 9.81 22.14 65.60
CA SER F 278 9.02 22.14 66.83
C SER F 278 8.23 23.44 66.95
N ILE F 279 8.87 24.57 66.67
CA ILE F 279 8.21 25.87 66.79
C ILE F 279 7.06 25.96 65.79
N ILE F 280 7.30 25.54 64.55
CA ILE F 280 6.29 25.74 63.51
C ILE F 280 5.11 24.80 63.70
N PHE F 281 5.33 23.62 64.29
CA PHE F 281 4.23 22.71 64.55
C PHE F 281 3.14 23.40 65.37
N ILE F 282 3.53 24.29 66.27
CA ILE F 282 2.58 24.94 67.17
C ILE F 282 1.82 26.04 66.45
N PHE F 283 2.49 26.76 65.59
CA PHE F 283 1.83 27.72 64.80
C PHE F 283 0.79 27.04 63.95
N ALA F 284 1.08 25.89 63.35
CA ALA F 284 0.11 25.22 62.53
C ALA F 284 -0.96 24.43 63.25
N GLY F 285 -0.62 23.76 64.34
CA GLY F 285 -1.60 22.94 65.01
C GLY F 285 -2.49 23.68 65.98
N TYR F 286 -1.90 24.47 66.87
CA TYR F 286 -2.61 25.00 68.01
C TYR F 286 -3.99 25.55 67.66
N GLU F 287 -4.06 26.70 67.02
CA GLU F 287 -5.32 27.42 66.94
C GLU F 287 -6.24 26.93 65.83
N THR F 288 -5.73 26.17 64.87
CA THR F 288 -6.63 25.50 63.95
C THR F 288 -7.44 24.43 64.67
N THR F 289 -6.76 23.49 65.32
CA THR F 289 -7.44 22.47 66.11
C THR F 289 -8.43 23.11 67.08
N SER F 290 -8.05 24.23 67.66
CA SER F 290 -8.89 24.91 68.64
C SER F 290 -10.12 25.52 67.99
N SER F 291 -9.97 26.19 66.88
CA SER F 291 -11.12 26.75 66.17
C SER F 291 -12.03 25.64 65.66
N VAL F 292 -11.45 24.61 65.03
CA VAL F 292 -12.25 23.55 64.44
C VAL F 292 -13.03 22.81 65.52
N LEU F 293 -12.35 22.45 66.62
CA LEU F 293 -13.03 21.77 67.71
C LEU F 293 -14.27 22.54 68.15
N SER F 294 -14.17 23.87 68.22
CA SER F 294 -15.29 24.68 68.70
C SER F 294 -16.38 24.85 67.64
N PHE F 295 -16.02 24.79 66.37
CA PHE F 295 -17.04 24.84 65.32
C PHE F 295 -17.87 23.57 65.29
N ILE F 296 -17.25 22.43 65.63
CA ILE F 296 -17.99 21.16 65.64
C ILE F 296 -18.99 21.15 66.78
N ILE F 297 -18.53 21.48 67.99
CA ILE F 297 -19.43 21.48 69.14
C ILE F 297 -20.57 22.46 68.92
N TYR F 298 -20.28 23.61 68.31
CA TYR F 298 -21.36 24.53 67.96
C TYR F 298 -22.34 23.86 67.00
N GLU F 299 -21.82 23.09 66.04
CA GLU F 299 -22.69 22.48 65.04
C GLU F 299 -23.51 21.33 65.62
N LEU F 300 -22.95 20.59 66.58
CA LEU F 300 -23.73 19.53 67.22
C LEU F 300 -24.80 20.12 68.14
N ALA F 301 -24.46 21.19 68.87
CA ALA F 301 -25.44 21.83 69.74
C ALA F 301 -26.56 22.47 68.93
N THR F 302 -26.25 23.00 67.76
CA THR F 302 -27.29 23.54 66.89
C THR F 302 -28.02 22.47 66.09
N HIS F 303 -27.58 21.21 66.19
CA HIS F 303 -28.16 20.09 65.44
C HIS F 303 -28.34 18.95 66.42
N PRO F 304 -29.26 19.10 67.37
CA PRO F 304 -29.32 18.19 68.53
C PRO F 304 -29.37 16.73 68.15
N ASP F 305 -30.03 16.40 67.04
CA ASP F 305 -30.17 15.00 66.65
C ASP F 305 -28.83 14.43 66.20
N VAL F 306 -28.05 15.20 65.45
CA VAL F 306 -26.71 14.77 65.08
C VAL F 306 -25.89 14.47 66.33
N GLN F 307 -26.05 15.30 67.37
CA GLN F 307 -25.31 15.06 68.60
C GLN F 307 -25.70 13.74 69.24
N GLN F 308 -26.99 13.38 69.15
CA GLN F 308 -27.41 12.06 69.59
C GLN F 308 -26.73 10.97 68.77
N LYS F 309 -26.90 11.04 67.45
CA LYS F 309 -26.38 9.98 66.58
C LYS F 309 -24.89 9.78 66.82
N VAL F 310 -24.12 10.87 66.87
CA VAL F 310 -22.73 10.76 67.31
C VAL F 310 -22.69 10.00 68.63
N GLN F 311 -23.29 10.59 69.68
CA GLN F 311 -23.13 10.08 71.03
C GLN F 311 -23.48 8.60 71.15
N LYS F 312 -24.45 8.12 70.37
CA LYS F 312 -24.77 6.70 70.41
C LYS F 312 -23.63 5.86 69.83
N GLU F 313 -23.03 6.32 68.75
CA GLU F 313 -21.93 5.59 68.14
C GLU F 313 -20.78 5.39 69.12
N ILE F 314 -20.41 6.44 69.86
CA ILE F 314 -19.32 6.31 70.83
C ILE F 314 -19.68 5.26 71.87
N ASP F 315 -20.91 5.34 72.40
CA ASP F 315 -21.39 4.32 73.33
C ASP F 315 -21.25 2.94 72.74
N THR F 316 -21.48 2.81 71.42
CA THR F 316 -21.39 1.50 70.79
C THR F 316 -19.94 1.01 70.72
N VAL F 317 -19.01 1.90 70.40
CA VAL F 317 -17.62 1.51 70.22
C VAL F 317 -16.86 1.54 71.53
N LEU F 318 -17.22 2.43 72.44
CA LEU F 318 -16.56 2.59 73.73
C LEU F 318 -17.66 2.61 74.79
N PRO F 319 -18.25 1.45 75.07
CA PRO F 319 -19.45 1.44 75.93
C PRO F 319 -19.12 1.97 77.31
N ASN F 320 -20.09 2.68 77.90
CA ASN F 320 -20.04 3.05 79.30
C ASN F 320 -18.95 4.08 79.58
N LYS F 321 -18.57 4.88 78.58
CA LYS F 321 -17.40 5.77 78.69
C LYS F 321 -16.07 5.03 78.66
N ALA F 322 -15.78 4.28 77.59
CA ALA F 322 -14.51 3.56 77.54
C ALA F 322 -13.38 4.51 77.17
N PRO F 323 -12.20 4.37 77.77
CA PRO F 323 -11.09 5.29 77.45
C PRO F 323 -10.68 5.16 76.00
N PRO F 324 -10.80 6.24 75.20
CA PRO F 324 -10.49 6.16 73.77
C PRO F 324 -9.08 5.72 73.41
N THR F 325 -8.96 5.07 72.26
CA THR F 325 -7.67 4.58 71.77
C THR F 325 -7.58 4.84 70.28
N TYR F 326 -6.40 4.59 69.71
CA TYR F 326 -6.18 4.81 68.29
C TYR F 326 -7.15 3.99 67.43
N ASP F 327 -7.20 2.69 67.70
CA ASP F 327 -8.07 1.80 66.97
C ASP F 327 -9.53 2.12 67.16
N THR F 328 -9.95 2.47 68.37
CA THR F 328 -11.32 2.83 68.57
C THR F 328 -11.63 4.12 67.87
N VAL F 329 -10.76 5.12 67.97
CA VAL F 329 -11.04 6.35 67.28
C VAL F 329 -11.24 6.13 65.80
N LEU F 330 -10.36 5.35 65.19
CA LEU F 330 -10.49 5.03 63.79
C LEU F 330 -11.85 4.50 63.36
N GLN F 331 -12.52 3.70 64.17
CA GLN F 331 -13.83 3.20 63.80
C GLN F 331 -15.01 4.14 63.92
N LEU F 332 -14.91 5.36 64.42
CA LEU F 332 -16.11 6.19 64.48
C LEU F 332 -16.45 6.77 63.14
N GLU F 333 -17.12 5.99 62.31
CA GLU F 333 -17.47 6.41 60.98
C GLU F 333 -18.26 7.69 61.04
N TYR F 334 -19.38 7.69 61.75
CA TYR F 334 -20.21 8.87 61.82
C TYR F 334 -19.50 10.08 62.34
N LEU F 335 -18.69 9.96 63.39
CA LEU F 335 -17.94 11.07 63.91
C LEU F 335 -17.13 11.69 62.79
N ASP F 336 -16.37 10.88 62.07
CA ASP F 336 -15.62 11.30 60.89
C ASP F 336 -16.47 12.13 59.94
N MET F 337 -17.67 11.68 59.63
CA MET F 337 -18.57 12.45 58.82
C MET F 337 -18.94 13.81 59.41
N VAL F 338 -19.08 13.97 60.72
CA VAL F 338 -19.46 15.27 61.25
C VAL F 338 -18.33 16.25 61.03
N VAL F 339 -17.16 15.90 61.53
CA VAL F 339 -15.97 16.73 61.34
C VAL F 339 -15.86 17.19 59.89
N ASN F 340 -15.77 16.23 58.96
CA ASN F 340 -15.61 16.56 57.55
C ASN F 340 -16.66 17.59 57.11
N GLU F 341 -17.92 17.36 57.46
CA GLU F 341 -18.95 18.34 57.12
C GLU F 341 -18.69 19.66 57.82
N THR F 342 -18.21 19.63 59.07
CA THR F 342 -17.91 20.87 59.76
C THR F 342 -16.78 21.62 59.08
N LEU F 343 -15.77 20.90 58.57
CA LEU F 343 -14.67 21.56 57.90
C LEU F 343 -15.08 22.11 56.54
N ARG F 344 -15.99 21.43 55.84
CA ARG F 344 -16.52 21.99 54.61
C ARG F 344 -17.09 23.39 54.86
N LEU F 345 -17.94 23.52 55.88
CA LEU F 345 -18.57 24.81 56.15
C LEU F 345 -17.57 25.81 56.70
N PHE F 346 -16.63 25.36 57.53
CA PHE F 346 -15.62 26.22 58.15
C PHE F 346 -14.22 25.70 57.84
N PRO F 347 -13.76 25.87 56.60
CA PRO F 347 -12.34 25.62 56.30
C PRO F 347 -11.48 26.74 56.86
N VAL F 348 -10.72 26.47 57.92
CA VAL F 348 -10.12 27.57 58.67
C VAL F 348 -8.96 28.23 57.93
N ALA F 349 -8.41 27.58 56.90
CA ALA F 349 -7.47 28.29 56.05
C ALA F 349 -8.20 29.25 55.11
N MET F 350 -9.36 28.84 54.60
CA MET F 350 -10.18 29.63 53.69
C MET F 350 -9.56 29.70 52.30
N ARG F 351 -8.24 29.61 52.23
CA ARG F 351 -7.50 29.78 50.99
C ARG F 351 -6.28 28.88 51.01
N LEU F 352 -5.93 28.32 49.85
CA LEU F 352 -4.63 27.72 49.62
C LEU F 352 -3.82 28.62 48.69
N GLU F 353 -2.51 28.60 48.84
CA GLU F 353 -1.66 29.47 48.03
C GLU F 353 -0.43 28.74 47.54
N ARG F 354 0.05 29.17 46.37
CA ARG F 354 1.30 28.67 45.80
C ARG F 354 1.94 29.77 44.98
N VAL F 355 3.27 29.78 44.94
CA VAL F 355 4.03 30.76 44.18
C VAL F 355 4.40 30.15 42.83
N CYS F 356 4.14 30.90 41.76
CA CYS F 356 4.46 30.46 40.41
C CYS F 356 5.94 30.75 40.14
N LYS F 357 6.75 29.69 40.03
CA LYS F 357 8.18 29.86 39.87
C LYS F 357 8.57 30.34 38.47
N LYS F 358 7.69 30.20 37.48
CA LYS F 358 8.06 30.42 36.09
C LYS F 358 6.82 30.49 35.23
N ASP F 359 6.91 31.24 34.13
CA ASP F 359 5.79 31.34 33.20
C ASP F 359 5.24 29.97 32.87
N VAL F 360 3.93 29.91 32.58
CA VAL F 360 3.33 28.62 32.22
C VAL F 360 1.87 28.74 31.78
N GLU F 361 1.44 27.78 30.97
CA GLU F 361 0.12 27.65 30.37
C GLU F 361 -0.49 26.38 30.95
N ILE F 362 -1.47 26.51 31.85
CA ILE F 362 -2.10 25.33 32.46
C ILE F 362 -3.60 25.34 32.18
N ASN F 363 -4.12 24.20 31.74
CA ASN F 363 -5.54 24.07 31.41
C ASN F 363 -6.01 25.31 30.66
N GLY F 364 -5.17 25.81 29.75
CA GLY F 364 -5.53 26.86 28.83
C GLY F 364 -5.19 28.27 29.25
N MET F 365 -4.64 28.47 30.44
CA MET F 365 -4.51 29.80 31.03
C MET F 365 -3.04 30.18 31.17
N PHE F 366 -2.70 31.38 30.69
CA PHE F 366 -1.36 31.90 30.87
C PHE F 366 -1.20 32.46 32.28
N ILE F 367 -0.11 32.09 32.95
CA ILE F 367 0.14 32.51 34.33
C ILE F 367 1.56 33.02 34.42
N PRO F 368 1.79 34.34 34.50
CA PRO F 368 3.16 34.86 34.50
C PRO F 368 3.91 34.47 35.75
N LYS F 369 5.23 34.55 35.64
CA LYS F 369 6.12 34.22 36.75
C LYS F 369 5.88 35.15 37.93
N GLY F 370 6.03 34.60 39.13
CA GLY F 370 5.93 35.39 40.34
C GLY F 370 4.52 35.70 40.80
N VAL F 371 3.51 35.46 39.96
CA VAL F 371 2.15 35.54 40.45
C VAL F 371 1.95 34.46 41.49
N VAL F 372 1.09 34.74 42.46
CA VAL F 372 0.67 33.74 43.45
C VAL F 372 -0.68 33.20 43.01
N VAL F 373 -0.78 31.89 42.88
CA VAL F 373 -2.05 31.23 42.56
C VAL F 373 -2.77 30.95 43.87
N MET F 374 -3.99 31.43 43.97
CA MET F 374 -4.80 31.34 45.19
C MET F 374 -6.00 30.44 44.91
N ILE F 375 -6.12 29.37 45.68
CA ILE F 375 -7.28 28.48 45.60
C ILE F 375 -8.23 28.84 46.73
N PRO F 376 -9.42 29.36 46.46
CA PRO F 376 -10.33 29.70 47.56
C PRO F 376 -11.07 28.48 48.10
N SER F 377 -10.47 27.81 49.09
CA SER F 377 -11.13 26.66 49.71
C SER F 377 -12.55 27.01 50.12
N TYR F 378 -12.73 28.13 50.83
CA TYR F 378 -14.05 28.47 51.36
C TYR F 378 -15.08 28.54 50.24
N VAL F 379 -14.76 29.30 49.19
CA VAL F 379 -15.72 29.54 48.11
C VAL F 379 -16.18 28.24 47.49
N LEU F 380 -15.26 27.28 47.31
CA LEU F 380 -15.63 26.02 46.69
C LEU F 380 -16.43 25.14 47.64
N HIS F 381 -16.21 25.30 48.95
CA HIS F 381 -16.98 24.53 49.93
C HIS F 381 -18.42 25.01 50.03
N HIS F 382 -18.72 26.22 49.56
CA HIS F 382 -20.06 26.79 49.63
C HIS F 382 -20.66 27.05 48.26
N ASP F 383 -20.00 26.62 47.20
CA ASP F 383 -20.52 26.81 45.85
C ASP F 383 -21.74 25.90 45.64
N PRO F 384 -22.88 26.44 45.22
CA PRO F 384 -24.03 25.56 44.92
C PRO F 384 -23.80 24.69 43.70
N LYS F 385 -22.83 25.02 42.84
CA LYS F 385 -22.55 24.17 41.69
C LYS F 385 -22.07 22.80 42.12
N TYR F 386 -21.43 22.70 43.28
CA TYR F 386 -20.82 21.46 43.74
C TYR F 386 -21.53 20.82 44.92
N TRP F 387 -22.26 21.61 45.72
CA TRP F 387 -22.97 21.09 46.88
C TRP F 387 -24.41 21.56 46.83
N THR F 388 -25.33 20.66 47.18
CA THR F 388 -26.74 21.00 47.26
C THR F 388 -27.02 21.55 48.66
N GLU F 389 -27.88 22.57 48.73
CA GLU F 389 -28.21 23.24 49.99
C GLU F 389 -26.90 23.53 50.78
N PRO F 390 -26.02 24.36 50.17
CA PRO F 390 -24.63 24.40 50.66
C PRO F 390 -24.44 25.06 52.02
N GLU F 391 -25.48 25.64 52.60
CA GLU F 391 -25.35 26.32 53.89
C GLU F 391 -25.82 25.47 55.07
N LYS F 392 -26.54 24.40 54.79
CA LYS F 392 -27.03 23.54 55.84
C LYS F 392 -25.93 22.55 56.22
N PHE F 393 -26.03 21.98 57.41
CA PHE F 393 -25.03 21.09 57.91
C PHE F 393 -25.44 19.62 57.86
N LEU F 394 -25.15 18.94 56.77
CA LEU F 394 -25.53 17.54 56.60
C LEU F 394 -24.44 16.49 56.62
N PRO F 395 -24.00 16.08 57.79
CA PRO F 395 -22.97 15.03 57.81
C PRO F 395 -23.19 13.91 56.81
N GLU F 396 -24.44 13.69 56.40
CA GLU F 396 -24.87 12.72 55.40
C GLU F 396 -24.30 13.02 54.02
N ARG F 397 -23.59 14.14 53.85
CA ARG F 397 -22.90 14.42 52.59
C ARG F 397 -21.70 13.49 52.39
N PHE F 398 -21.01 13.15 53.49
CA PHE F 398 -19.75 12.42 53.42
C PHE F 398 -19.93 10.93 53.74
N SER F 399 -21.12 10.40 53.51
CA SER F 399 -21.33 8.97 53.69
C SER F 399 -20.37 8.19 52.81
N ALA F 400 -19.83 7.09 53.34
CA ALA F 400 -19.11 6.15 52.50
C ALA F 400 -19.90 5.83 51.24
N ALA F 401 -21.24 5.89 51.34
CA ALA F 401 -22.08 5.71 50.17
C ALA F 401 -21.90 6.83 49.15
N ASN F 402 -21.61 8.04 49.60
CA ASN F 402 -21.63 9.23 48.74
C ASN F 402 -20.25 9.71 48.33
N ALA F 403 -19.26 8.93 48.76
CA ALA F 403 -17.84 9.19 48.60
C ALA F 403 -17.39 9.74 47.29
N ASP F 404 -17.85 9.18 46.19
CA ASP F 404 -17.40 9.66 44.90
C ASP F 404 -18.03 10.92 44.31
N ASN F 405 -18.71 11.74 45.09
CA ASN F 405 -19.19 12.97 44.59
C ASN F 405 -18.46 14.01 45.38
N ILE F 406 -17.29 13.65 45.91
CA ILE F 406 -16.49 14.61 46.66
C ILE F 406 -15.16 14.73 45.93
N ASP F 407 -15.06 15.73 45.07
CA ASP F 407 -13.80 15.98 44.37
C ASP F 407 -12.75 16.44 45.37
N PRO F 408 -11.58 15.79 45.41
CA PRO F 408 -10.53 16.20 46.37
C PRO F 408 -9.82 17.50 46.01
N TYR F 409 -10.20 18.16 44.91
CA TYR F 409 -9.71 19.49 44.59
C TYR F 409 -10.79 20.54 44.71
N ILE F 410 -11.99 20.15 45.10
CA ILE F 410 -13.03 21.09 45.52
C ILE F 410 -13.06 21.21 47.04
N TYR F 411 -13.17 20.08 47.74
CA TYR F 411 -13.14 20.04 49.20
C TYR F 411 -11.68 19.83 49.61
N THR F 412 -11.04 20.91 50.04
CA THR F 412 -9.60 20.91 50.35
C THR F 412 -9.36 21.62 51.68
N PRO F 413 -9.88 21.09 52.78
CA PRO F 413 -9.66 21.76 54.07
C PRO F 413 -8.25 21.59 54.58
N PHE F 414 -7.55 20.53 54.18
CA PHE F 414 -6.14 20.37 54.48
C PHE F 414 -5.28 20.59 53.24
N GLY F 415 -5.85 21.17 52.19
CA GLY F 415 -5.12 21.28 50.95
C GLY F 415 -5.07 19.94 50.23
N SER F 416 -4.12 19.83 49.31
CA SER F 416 -4.00 18.65 48.46
C SER F 416 -2.67 18.69 47.75
N GLY F 417 -2.01 17.54 47.70
CA GLY F 417 -0.77 17.40 46.97
C GLY F 417 0.43 17.30 47.87
N PRO F 418 1.63 17.33 47.27
CA PRO F 418 2.85 17.15 48.07
C PRO F 418 3.04 18.20 49.15
N ARG F 419 2.42 19.38 49.01
CA ARG F 419 2.55 20.46 49.98
C ARG F 419 1.32 20.61 50.86
N ASN F 420 0.58 19.52 51.08
CA ASN F 420 -0.63 19.61 51.88
C ASN F 420 -0.29 19.49 53.37
N CYS F 421 -1.31 19.68 54.21
CA CYS F 421 -1.12 19.60 55.64
C CYS F 421 -0.47 18.27 56.01
N ILE F 422 0.73 18.34 56.59
CA ILE F 422 1.46 17.13 56.96
C ILE F 422 1.04 16.60 58.32
N GLY F 423 0.30 17.38 59.10
CA GLY F 423 -0.16 16.92 60.40
C GLY F 423 -1.61 16.50 60.38
N MET F 424 -2.08 16.05 59.21
CA MET F 424 -3.50 15.79 59.08
C MET F 424 -3.91 14.56 59.88
N ARG F 425 -3.16 13.49 59.85
CA ARG F 425 -3.59 12.35 60.60
C ARG F 425 -3.74 12.79 62.04
N PHE F 426 -2.70 13.40 62.55
CA PHE F 426 -2.65 13.90 63.92
C PHE F 426 -3.82 14.81 64.22
N ALA F 427 -4.00 15.84 63.38
CA ALA F 427 -5.10 16.78 63.60
C ALA F 427 -6.42 16.06 63.83
N LEU F 428 -6.65 14.97 63.08
CA LEU F 428 -7.95 14.33 63.07
C LEU F 428 -8.11 13.34 64.22
N VAL F 429 -7.17 12.40 64.37
CA VAL F 429 -7.09 11.62 65.60
C VAL F 429 -7.14 12.54 66.82
N ASN F 430 -6.31 13.58 66.85
CA ASN F 430 -6.19 14.37 68.07
C ASN F 430 -7.51 15.03 68.41
N MET F 431 -8.12 15.71 67.46
CA MET F 431 -9.46 16.23 67.67
C MET F 431 -10.36 15.14 68.20
N LYS F 432 -10.45 14.03 67.47
CA LYS F 432 -11.44 13.00 67.79
C LYS F 432 -11.23 12.40 69.18
N LEU F 433 -9.98 12.33 69.65
CA LEU F 433 -9.76 11.94 71.04
C LEU F 433 -10.52 12.88 71.98
N ALA F 434 -10.47 14.18 71.71
CA ALA F 434 -11.08 15.16 72.60
C ALA F 434 -12.60 15.13 72.51
N LEU F 435 -13.15 15.13 71.29
CA LEU F 435 -14.59 15.16 71.15
C LEU F 435 -15.24 13.97 71.83
N VAL F 436 -14.73 12.77 71.57
CA VAL F 436 -15.19 11.58 72.29
C VAL F 436 -15.20 11.86 73.79
N ARG F 437 -14.06 12.27 74.33
CA ARG F 437 -13.95 12.41 75.77
C ARG F 437 -14.80 13.54 76.32
N VAL F 438 -15.23 14.45 75.47
CA VAL F 438 -16.08 15.51 75.93
C VAL F 438 -17.53 15.05 75.83
N LEU F 439 -17.87 14.43 74.72
CA LEU F 439 -19.23 13.97 74.49
C LEU F 439 -19.58 12.71 75.27
N GLN F 440 -18.59 12.01 75.83
CA GLN F 440 -18.91 10.91 76.73
C GLN F 440 -19.52 11.42 78.02
N ASN F 441 -19.04 12.57 78.50
CA ASN F 441 -19.45 13.10 79.80
C ASN F 441 -20.45 14.24 79.70
N PHE F 442 -20.65 14.84 78.52
CA PHE F 442 -21.51 16.00 78.43
C PHE F 442 -22.29 16.02 77.12
N SER F 443 -23.27 16.93 77.09
CA SER F 443 -24.09 17.21 75.93
C SER F 443 -24.12 18.73 75.80
N PHE F 444 -24.24 19.26 74.60
CA PHE F 444 -24.23 20.71 74.43
C PHE F 444 -25.53 21.29 73.91
N LYS F 445 -25.82 22.52 74.33
CA LYS F 445 -27.09 23.16 74.05
C LYS F 445 -27.02 24.67 74.05
N PRO F 446 -27.67 25.32 73.09
CA PRO F 446 -27.72 26.77 73.10
C PRO F 446 -28.26 27.28 74.42
N CYS F 447 -27.63 28.31 74.94
CA CYS F 447 -28.17 29.08 76.03
C CYS F 447 -28.77 30.36 75.44
N LYS F 448 -28.98 31.37 76.28
CA LYS F 448 -29.61 32.58 75.77
C LYS F 448 -28.67 33.35 74.86
N GLU F 449 -27.38 33.38 75.18
CA GLU F 449 -26.43 34.28 74.54
C GLU F 449 -25.59 33.63 73.44
N THR F 450 -25.83 32.35 73.13
CA THR F 450 -25.28 31.76 71.91
C THR F 450 -25.80 32.49 70.67
N GLN F 451 -24.88 33.18 70.00
CA GLN F 451 -25.19 33.84 68.73
C GLN F 451 -25.65 32.77 67.74
N ILE F 452 -26.94 32.50 67.66
CA ILE F 452 -27.39 31.42 66.80
C ILE F 452 -26.98 31.61 65.37
N PRO F 453 -27.40 32.71 64.73
CA PRO F 453 -26.90 32.81 63.36
C PRO F 453 -25.48 33.18 63.62
N LEU F 454 -24.59 32.19 63.65
CA LEU F 454 -23.21 32.48 63.97
C LEU F 454 -22.57 33.32 62.90
N LYS F 455 -21.69 34.24 63.29
CA LYS F 455 -21.02 35.09 62.34
C LYS F 455 -19.53 35.12 62.62
N LEU F 456 -18.76 34.85 61.58
CA LEU F 456 -17.31 34.82 61.61
C LEU F 456 -16.72 36.23 61.69
N ARG F 457 -15.44 36.38 61.38
CA ARG F 457 -14.74 37.62 61.68
C ARG F 457 -13.36 37.56 61.07
N PHE F 458 -12.82 38.74 60.75
CA PHE F 458 -11.59 38.84 59.97
C PHE F 458 -10.38 38.43 60.80
N GLY F 459 -9.71 37.36 60.36
CA GLY F 459 -8.45 36.96 60.95
C GLY F 459 -7.57 36.33 59.89
N GLY F 460 -6.36 35.96 60.29
CA GLY F 460 -5.58 35.05 59.45
C GLY F 460 -6.25 33.71 59.28
N LEU F 461 -7.16 33.41 60.20
CA LEU F 461 -7.94 32.18 60.26
C LEU F 461 -9.41 32.52 60.38
N LEU F 462 -10.28 31.57 60.15
CA LEU F 462 -11.71 31.78 60.26
C LEU F 462 -12.09 31.96 61.73
N LEU F 463 -12.55 33.16 62.13
CA LEU F 463 -12.90 33.45 63.51
C LEU F 463 -14.33 33.92 63.67
N THR F 464 -14.77 34.13 64.90
CA THR F 464 -16.16 34.48 65.19
C THR F 464 -16.31 35.93 65.68
N GLU F 465 -17.53 36.45 65.55
CA GLU F 465 -17.86 37.79 66.03
C GLU F 465 -17.75 37.84 67.56
N LYS F 466 -18.75 37.31 68.28
CA LYS F 466 -18.52 37.03 69.69
C LYS F 466 -17.97 35.62 69.86
N PRO F 467 -17.36 35.32 71.01
CA PRO F 467 -16.98 33.94 71.29
C PRO F 467 -18.18 33.01 71.27
N ILE F 468 -17.91 31.73 71.00
CA ILE F 468 -18.95 30.71 71.08
C ILE F 468 -19.11 30.29 72.53
N VAL F 469 -20.32 30.46 73.04
CA VAL F 469 -20.65 30.08 74.41
C VAL F 469 -21.87 29.14 74.43
N LEU F 470 -21.77 28.04 75.15
CA LEU F 470 -22.86 27.10 75.17
C LEU F 470 -23.00 26.49 76.53
N LYS F 471 -24.16 25.88 76.77
CA LYS F 471 -24.40 25.19 78.01
C LYS F 471 -24.00 23.73 77.86
N ALA F 472 -23.35 23.20 78.90
CA ALA F 472 -22.83 21.84 78.89
C ALA F 472 -23.44 21.08 80.05
N GLU F 473 -24.43 20.23 79.75
CA GLU F 473 -25.01 19.35 80.73
C GLU F 473 -24.12 18.14 80.94
N SER F 474 -24.14 17.59 82.15
CA SER F 474 -23.45 16.35 82.46
C SER F 474 -24.37 15.17 82.17
N ARG F 475 -23.79 14.02 81.85
CA ARG F 475 -24.52 12.89 81.32
C ARG F 475 -24.84 11.89 82.43
N TYR G 4 27.57 41.20 59.70
CA TYR G 4 27.37 41.00 58.27
C TYR G 4 28.65 41.23 57.48
N GLY G 5 29.39 42.28 57.86
CA GLY G 5 30.61 42.60 57.16
C GLY G 5 31.53 41.41 56.94
N THR G 6 31.40 40.38 57.79
CA THR G 6 32.22 39.18 57.69
C THR G 6 31.38 37.93 57.66
N ARG G 7 30.09 38.04 57.34
CA ARG G 7 29.18 36.94 57.64
C ARG G 7 29.62 35.66 56.94
N THR G 8 30.11 35.75 55.70
CA THR G 8 30.40 34.57 54.87
C THR G 8 31.87 34.16 54.88
N HIS G 9 32.74 34.93 55.51
CA HIS G 9 34.18 34.74 55.36
C HIS G 9 34.70 33.48 56.03
N GLY G 10 33.84 32.68 56.66
CA GLY G 10 34.24 31.38 57.16
C GLY G 10 33.86 30.24 56.27
N LEU G 11 33.18 30.50 55.15
CA LEU G 11 32.58 29.43 54.36
C LEU G 11 33.64 28.49 53.81
N PHE G 12 34.64 29.03 53.13
CA PHE G 12 35.64 28.18 52.48
C PHE G 12 36.44 27.39 53.51
N LYS G 13 36.67 27.94 54.69
CA LYS G 13 37.36 27.19 55.74
C LYS G 13 36.59 25.94 56.12
N LYS G 14 35.28 26.08 56.34
CA LYS G 14 34.47 24.94 56.77
C LYS G 14 34.31 23.89 55.67
N LEU G 15 34.94 24.13 54.54
CA LEU G 15 34.97 23.17 53.49
C LEU G 15 36.39 22.83 53.03
N GLY G 16 37.45 23.04 53.80
CA GLY G 16 38.78 22.74 53.34
C GLY G 16 39.21 23.26 51.98
N ILE G 17 38.82 24.49 51.64
CA ILE G 17 39.18 25.08 50.38
C ILE G 17 40.14 26.17 50.70
N PRO G 18 41.36 26.05 50.24
CA PRO G 18 42.33 27.09 50.57
C PRO G 18 41.97 28.40 49.89
N GLY G 19 42.61 29.47 50.33
CA GLY G 19 42.38 30.75 49.71
C GLY G 19 42.91 31.92 50.51
N PRO G 20 42.99 33.08 49.86
CA PRO G 20 43.49 34.27 50.55
C PRO G 20 42.52 34.75 51.61
N THR G 21 43.07 35.39 52.63
CA THR G 21 42.25 35.86 53.75
C THR G 21 41.39 37.03 53.31
N PRO G 22 40.07 36.89 53.27
CA PRO G 22 39.22 38.04 52.93
C PRO G 22 39.31 39.11 53.99
N LEU G 23 39.14 40.40 53.56
CA LEU G 23 39.02 41.33 54.68
C LEU G 23 37.55 41.63 54.91
N PRO G 24 37.21 42.29 56.02
CA PRO G 24 35.80 42.63 56.26
C PRO G 24 35.25 43.54 55.17
N PHE G 25 34.02 43.25 54.74
CA PHE G 25 33.30 44.03 53.74
C PHE G 25 33.85 43.85 52.33
N LEU G 26 35.14 44.14 52.14
CA LEU G 26 35.69 44.08 50.79
C LEU G 26 35.89 42.66 50.31
N GLY G 27 36.06 41.71 51.23
CA GLY G 27 36.44 40.38 50.82
C GLY G 27 37.88 40.39 50.35
N ASN G 28 38.12 39.86 49.15
CA ASN G 28 39.46 39.83 48.57
C ASN G 28 39.62 40.84 47.45
N ALA G 29 38.79 41.88 47.43
CA ALA G 29 38.69 42.73 46.24
C ALA G 29 39.84 43.72 46.12
N LEU G 30 40.47 44.10 47.23
CA LEU G 30 41.64 44.96 47.11
C LEU G 30 42.70 44.30 46.23
N SER G 31 42.81 42.97 46.31
CA SER G 31 43.82 42.24 45.55
C SER G 31 43.50 42.20 44.06
N PHE G 32 42.28 42.50 43.67
CA PHE G 32 41.99 42.52 42.25
C PHE G 32 42.73 43.64 41.54
N ARG G 33 43.04 44.69 42.27
CA ARG G 33 43.66 45.88 41.70
C ARG G 33 44.83 45.67 40.77
N LYS G 34 45.68 44.69 41.05
CA LYS G 34 46.79 44.45 40.19
C LYS G 34 46.40 43.69 38.92
N GLY G 35 45.13 43.37 38.75
CA GLY G 35 44.70 42.68 37.55
C GLY G 35 44.04 41.38 37.98
N TYR G 36 42.87 41.10 37.40
CA TYR G 36 42.30 39.78 37.53
C TYR G 36 43.27 38.72 37.02
N TRP G 37 44.06 39.05 36.00
CA TRP G 37 44.98 38.08 35.42
C TRP G 37 46.13 37.74 36.36
N THR G 38 46.68 38.76 37.04
CA THR G 38 47.73 38.50 38.02
C THR G 38 47.18 37.76 39.23
N PHE G 39 46.13 38.31 39.83
CA PHE G 39 45.58 37.73 41.06
C PHE G 39 45.34 36.23 40.92
N ASP G 40 44.77 35.81 39.78
CA ASP G 40 44.41 34.41 39.60
C ASP G 40 45.67 33.53 39.56
N MET G 41 46.60 33.86 38.66
CA MET G 41 47.83 33.08 38.52
C MET G 41 48.49 32.85 39.89
N GLU G 42 48.57 33.86 40.75
CA GLU G 42 49.12 33.63 42.08
C GLU G 42 48.31 32.56 42.83
N CYS G 43 46.99 32.71 42.86
CA CYS G 43 46.16 31.74 43.56
C CYS G 43 46.27 30.34 42.96
N TYR G 44 46.76 30.23 41.72
CA TYR G 44 47.05 28.92 41.15
C TYR G 44 48.35 28.37 41.70
N LYS G 45 49.39 29.21 41.82
CA LYS G 45 50.68 28.74 42.32
C LYS G 45 50.61 28.45 43.82
N LYS G 46 50.09 29.40 44.60
CA LYS G 46 50.18 29.45 46.05
C LYS G 46 49.09 28.64 46.74
N TYR G 47 48.08 28.15 46.00
CA TYR G 47 47.11 27.20 46.53
C TYR G 47 46.81 26.00 45.64
N GLY G 48 47.02 26.11 44.32
CA GLY G 48 46.89 24.97 43.44
C GLY G 48 45.58 24.82 42.69
N LYS G 49 45.22 23.57 42.38
CA LYS G 49 44.04 23.19 41.63
C LYS G 49 42.82 24.06 41.90
N VAL G 50 42.37 24.12 43.14
CA VAL G 50 41.14 24.78 43.52
C VAL G 50 41.40 25.71 44.69
N TRP G 51 40.81 26.90 44.65
CA TRP G 51 40.90 27.86 45.74
C TRP G 51 39.64 28.69 45.78
N GLY G 52 39.50 29.50 46.83
CA GLY G 52 38.29 30.27 47.03
C GLY G 52 38.58 31.69 47.47
N ILE G 53 37.81 32.63 46.91
CA ILE G 53 37.95 34.06 47.19
C ILE G 53 36.58 34.66 47.42
N TYR G 54 36.57 35.90 47.93
CA TYR G 54 35.35 36.60 48.26
C TYR G 54 35.34 37.96 47.57
N ASP G 55 34.28 38.22 46.79
CA ASP G 55 34.05 39.50 46.14
C ASP G 55 32.95 40.21 46.92
N GLY G 56 33.36 41.02 47.91
CA GLY G 56 32.38 41.51 48.86
C GLY G 56 31.98 40.36 49.77
N GLN G 57 30.68 40.12 49.89
CA GLN G 57 30.19 38.92 50.56
C GLN G 57 29.93 37.78 49.61
N GLN G 58 30.28 37.92 48.33
CA GLN G 58 30.00 36.88 47.35
C GLN G 58 31.15 35.89 47.33
N PRO G 59 30.96 34.64 47.75
CA PRO G 59 32.03 33.65 47.60
C PRO G 59 32.18 33.24 46.14
N MET G 60 33.42 33.18 45.69
CA MET G 60 33.77 32.67 44.37
C MET G 60 34.71 31.50 44.52
N LEU G 61 34.37 30.37 43.92
CA LEU G 61 35.19 29.17 43.93
C LEU G 61 35.81 29.00 42.55
N ALA G 62 37.14 28.98 42.49
CA ALA G 62 37.86 28.82 41.25
C ALA G 62 38.17 27.35 41.02
N ILE G 63 37.93 26.88 39.79
CA ILE G 63 38.17 25.49 39.41
C ILE G 63 39.03 25.49 38.14
N THR G 64 39.92 24.51 38.05
CA THR G 64 40.81 24.36 36.90
C THR G 64 40.61 23.07 36.13
N ASP G 65 40.17 22.00 36.78
CA ASP G 65 40.06 20.69 36.15
C ASP G 65 39.13 20.72 34.95
N PRO G 66 39.62 20.45 33.74
CA PRO G 66 38.74 20.53 32.56
C PRO G 66 37.55 19.58 32.62
N ASP G 67 37.66 18.45 33.32
CA ASP G 67 36.50 17.58 33.46
C ASP G 67 35.48 18.13 34.45
N MET G 68 35.92 18.98 35.38
CA MET G 68 34.98 19.70 36.22
C MET G 68 34.36 20.87 35.45
N ILE G 69 35.12 21.46 34.52
CA ILE G 69 34.66 22.60 33.75
C ILE G 69 33.56 22.18 32.78
N LYS G 70 33.73 21.02 32.13
CA LYS G 70 32.68 20.54 31.23
C LYS G 70 31.38 20.31 32.00
N THR G 71 31.48 19.81 33.23
CA THR G 71 30.29 19.61 34.05
C THR G 71 29.58 20.94 34.32
N VAL G 72 30.35 21.99 34.61
CA VAL G 72 29.76 23.26 35.01
C VAL G 72 29.23 24.03 33.81
N LEU G 73 29.85 23.89 32.64
CA LEU G 73 29.49 24.70 31.48
C LEU G 73 28.61 23.97 30.48
N VAL G 74 28.76 22.65 30.38
CA VAL G 74 27.92 21.84 29.51
C VAL G 74 26.80 21.09 30.23
N LYS G 75 27.14 20.02 30.93
CA LYS G 75 26.12 19.10 31.41
C LYS G 75 25.12 19.85 32.26
N GLU G 76 25.57 20.31 33.43
CA GLU G 76 24.68 20.91 34.42
C GLU G 76 24.45 22.40 34.21
N CYS G 77 24.56 22.88 32.96
CA CYS G 77 24.34 24.30 32.71
C CYS G 77 22.92 24.71 33.08
N TYR G 78 21.94 23.91 32.67
CA TYR G 78 20.54 24.26 32.86
C TYR G 78 20.06 23.94 34.27
N SER G 79 20.56 22.86 34.86
CA SER G 79 20.04 22.42 36.14
C SER G 79 20.67 23.14 37.32
N VAL G 80 21.91 23.61 37.18
CA VAL G 80 22.64 24.10 38.33
C VAL G 80 23.33 25.44 38.08
N PHE G 81 24.07 25.54 36.99
CA PHE G 81 24.93 26.70 36.72
C PHE G 81 24.41 27.44 35.50
N THR G 82 23.23 28.07 35.63
CA THR G 82 22.60 28.71 34.50
C THR G 82 22.93 30.19 34.37
N ASN G 83 23.35 30.84 35.45
CA ASN G 83 23.27 32.29 35.53
C ASN G 83 24.62 32.91 35.86
N ARG G 84 24.78 34.15 35.40
CA ARG G 84 25.92 34.99 35.75
C ARG G 84 25.62 35.77 37.02
N ARG G 85 26.63 36.44 37.55
CA ARG G 85 26.45 37.21 38.78
C ARG G 85 25.72 38.52 38.53
N PRO G 86 24.68 38.81 39.34
CA PRO G 86 23.98 40.08 39.15
C PRO G 86 24.89 41.22 39.56
N PHE G 87 24.89 42.32 38.82
CA PHE G 87 25.80 43.41 39.16
C PHE G 87 25.04 44.67 39.57
N GLY G 88 23.92 44.50 40.25
CA GLY G 88 23.22 45.63 40.84
C GLY G 88 21.87 45.89 40.18
N PRO G 89 21.30 47.05 40.47
CA PRO G 89 19.96 47.36 39.94
C PRO G 89 19.96 47.70 38.46
N VAL G 90 19.39 46.79 37.67
CA VAL G 90 19.07 47.03 36.27
C VAL G 90 17.58 47.31 36.23
N GLY G 91 17.02 47.53 35.05
CA GLY G 91 15.59 47.75 34.98
C GLY G 91 14.93 46.81 33.99
N PHE G 92 14.53 47.37 32.85
CA PHE G 92 14.07 46.54 31.75
C PHE G 92 15.21 45.70 31.17
N MET G 93 16.46 46.13 31.35
CA MET G 93 17.60 45.34 30.88
C MET G 93 17.67 43.98 31.56
N LYS G 94 16.86 43.74 32.59
CA LYS G 94 16.63 42.38 33.07
C LYS G 94 16.36 41.43 31.91
N ASN G 95 15.73 41.94 30.84
CA ASN G 95 15.43 41.11 29.68
C ASN G 95 16.64 40.88 28.79
N ALA G 96 17.69 41.71 28.91
CA ALA G 96 18.90 41.50 28.15
C ALA G 96 19.37 40.05 28.30
N ILE G 97 19.75 39.45 27.17
CA ILE G 97 20.11 38.03 27.15
C ILE G 97 21.17 37.73 28.19
N SER G 98 22.21 38.56 28.26
CA SER G 98 23.34 38.31 29.14
C SER G 98 23.05 38.65 30.59
N ILE G 99 21.90 39.27 30.89
CA ILE G 99 21.49 39.52 32.25
C ILE G 99 20.34 38.60 32.68
N ALA G 100 19.54 38.13 31.73
CA ALA G 100 18.40 37.28 32.04
C ALA G 100 18.79 36.04 32.83
N GLU G 101 17.80 35.33 33.37
CA GLU G 101 18.02 34.19 34.24
C GLU G 101 17.13 33.03 33.82
N ASP G 102 17.62 31.82 34.10
CA ASP G 102 16.86 30.58 33.95
C ASP G 102 16.00 30.59 32.69
N GLU G 103 14.71 30.29 32.80
CA GLU G 103 13.92 30.08 31.60
C GLU G 103 13.75 31.37 30.81
N GLU G 104 13.59 32.47 31.50
CA GLU G 104 13.54 33.72 30.81
C GLU G 104 14.73 33.78 29.87
N TRP G 105 15.93 33.45 30.33
CA TRP G 105 17.09 33.43 29.46
C TRP G 105 16.97 32.43 28.35
N LYS G 106 16.59 31.22 28.71
CA LYS G 106 16.43 30.16 27.73
C LYS G 106 15.49 30.64 26.65
N ARG G 107 14.33 31.14 26.99
CA ARG G 107 13.44 31.64 25.98
C ARG G 107 14.14 32.68 25.13
N ILE G 108 14.76 33.67 25.74
CA ILE G 108 15.40 34.68 24.95
C ILE G 108 16.52 34.11 24.11
N ARG G 109 17.35 33.26 24.66
CA ARG G 109 18.41 32.71 23.86
C ARG G 109 17.79 32.01 22.68
N SER G 110 16.91 31.08 22.92
CA SER G 110 16.27 30.40 21.80
C SER G 110 15.71 31.40 20.80
N LEU G 111 15.20 32.53 21.28
CA LEU G 111 14.53 33.48 20.40
C LEU G 111 15.49 34.23 19.48
N LEU G 112 16.78 34.28 19.83
CA LEU G 112 17.75 35.03 19.06
C LEU G 112 18.59 34.17 18.14
N SER G 113 18.76 32.89 18.47
CA SER G 113 19.68 32.03 17.72
C SER G 113 19.45 32.06 16.20
N PRO G 114 18.22 32.18 15.70
CA PRO G 114 18.06 32.38 14.24
C PRO G 114 18.91 33.51 13.70
N THR G 115 19.20 34.52 14.52
CA THR G 115 19.93 35.69 14.05
C THR G 115 21.43 35.43 13.93
N PHE G 116 21.97 34.52 14.73
CA PHE G 116 23.40 34.25 14.75
C PHE G 116 23.76 32.97 13.99
N THR G 117 22.88 32.54 13.08
CA THR G 117 23.22 31.43 12.21
C THR G 117 24.22 31.89 11.16
N SER G 118 25.20 31.02 10.87
CA SER G 118 26.18 31.33 9.84
C SER G 118 25.54 31.77 8.53
N GLY G 119 24.27 31.40 8.32
CA GLY G 119 23.57 31.80 7.11
C GLY G 119 23.15 33.25 7.10
N LYS G 120 22.55 33.72 8.19
CA LYS G 120 22.20 35.13 8.28
C LYS G 120 23.45 36.00 8.29
N LEU G 121 24.51 35.49 8.87
CA LEU G 121 25.75 36.20 8.90
C LEU G 121 26.17 36.50 7.52
N LYS G 122 26.28 35.51 6.65
CA LYS G 122 26.68 35.69 5.27
C LYS G 122 25.90 36.78 4.56
N GLU G 123 24.62 36.84 4.81
CA GLU G 123 23.82 37.90 4.27
C GLU G 123 24.30 39.25 4.79
N MET G 124 24.71 39.36 6.05
CA MET G 124 25.20 40.60 6.61
C MET G 124 26.54 41.14 6.19
N VAL G 125 27.47 40.31 5.74
CA VAL G 125 28.77 40.83 5.38
C VAL G 125 28.80 41.96 4.36
N PRO G 126 27.92 41.96 3.37
CA PRO G 126 27.96 43.08 2.44
C PRO G 126 27.70 44.40 3.08
N ILE G 127 26.90 44.45 4.12
CA ILE G 127 26.68 45.75 4.76
C ILE G 127 27.85 46.08 5.65
N ILE G 128 28.50 45.06 6.24
CA ILE G 128 29.64 45.33 7.10
C ILE G 128 30.82 45.81 6.28
N ALA G 129 30.78 45.56 4.96
CA ALA G 129 31.92 45.90 4.12
C ALA G 129 32.28 47.38 4.21
N GLN G 130 31.28 48.26 4.17
CA GLN G 130 31.57 49.68 4.07
C GLN G 130 32.42 50.18 5.24
N TYR G 131 32.25 49.60 6.43
CA TYR G 131 33.04 50.07 7.57
C TYR G 131 34.49 49.67 7.44
N GLY G 132 34.79 48.60 6.73
CA GLY G 132 36.16 48.32 6.35
C GLY G 132 36.73 49.41 5.45
N ASP G 133 35.89 50.00 4.60
CA ASP G 133 36.34 51.12 3.78
C ASP G 133 36.72 52.31 4.64
N VAL G 134 35.80 52.75 5.50
CA VAL G 134 36.05 53.88 6.38
C VAL G 134 37.33 53.65 7.18
N LEU G 135 37.50 52.43 7.69
CA LEU G 135 38.68 52.13 8.51
C LEU G 135 39.97 52.39 7.74
N VAL G 136 40.04 51.95 6.49
CA VAL G 136 41.22 52.20 5.68
C VAL G 136 41.44 53.69 5.49
N ARG G 137 40.37 54.41 5.18
CA ARG G 137 40.41 55.87 5.07
C ARG G 137 40.97 56.49 6.33
N ASN G 138 40.42 56.11 7.48
CA ASN G 138 40.93 56.64 8.74
C ASN G 138 42.34 56.17 9.05
N LEU G 139 42.84 55.15 8.36
CA LEU G 139 44.21 54.67 8.55
C LEU G 139 45.16 55.30 7.53
N ARG G 140 44.80 55.24 6.24
CA ARG G 140 45.27 56.16 5.21
C ARG G 140 45.61 57.52 5.79
N ARG G 141 44.62 58.21 6.34
CA ARG G 141 44.81 59.58 6.79
C ARG G 141 45.85 59.65 7.90
N GLU G 142 45.76 58.76 8.89
CA GLU G 142 46.70 58.81 10.01
C GLU G 142 48.09 58.35 9.57
N ALA G 143 48.16 57.41 8.64
CA ALA G 143 49.46 56.84 8.26
C ALA G 143 50.32 57.87 7.55
N GLU G 144 49.74 58.59 6.60
CA GLU G 144 50.56 59.42 5.70
C GLU G 144 51.06 60.67 6.39
N THR G 145 51.00 60.69 7.70
CA THR G 145 51.52 61.81 8.42
C THR G 145 52.91 61.63 9.00
N GLY G 146 53.36 60.41 9.28
CA GLY G 146 54.66 60.24 9.86
C GLY G 146 54.30 59.74 11.23
N LYS G 147 53.63 60.60 11.99
CA LYS G 147 53.13 60.30 13.30
C LYS G 147 52.44 58.95 13.36
N PRO G 148 52.83 58.15 14.34
CA PRO G 148 52.34 56.82 14.64
C PRO G 148 50.86 56.74 14.87
N VAL G 149 50.33 55.54 14.75
CA VAL G 149 48.92 55.31 14.89
C VAL G 149 48.57 54.66 16.20
N THR G 150 47.44 55.06 16.75
CA THR G 150 46.98 54.50 18.02
C THR G 150 45.84 53.53 17.72
N LEU G 151 46.10 52.23 17.97
CA LEU G 151 45.26 51.20 17.38
C LEU G 151 43.81 51.28 17.87
N LYS G 152 43.60 51.48 19.16
CA LYS G 152 42.22 51.53 19.67
C LYS G 152 41.41 52.66 19.02
N HIS G 153 42.09 53.70 18.51
CA HIS G 153 41.38 54.85 17.94
C HIS G 153 40.64 54.47 16.67
N VAL G 154 41.28 53.70 15.80
CA VAL G 154 40.64 53.28 14.56
C VAL G 154 39.99 51.90 14.65
N PHE G 155 40.54 51.00 15.46
CA PHE G 155 39.86 49.72 15.64
C PHE G 155 38.64 49.88 16.56
N GLY G 156 38.79 50.67 17.63
CA GLY G 156 37.62 50.98 18.44
C GLY G 156 36.52 51.64 17.64
N ALA G 157 36.89 52.54 16.73
CA ALA G 157 35.90 53.21 15.90
C ALA G 157 35.28 52.26 14.89
N TYR G 158 36.05 51.28 14.40
CA TYR G 158 35.48 50.27 13.52
C TYR G 158 34.52 49.37 14.27
N SER G 159 34.96 48.86 15.42
CA SER G 159 34.12 47.96 16.21
C SER G 159 32.78 48.61 16.52
N MET G 160 32.81 49.85 17.00
CA MET G 160 31.56 50.51 17.36
C MET G 160 30.75 50.88 16.13
N ASP G 161 31.42 51.41 15.15
CA ASP G 161 30.78 51.72 13.93
C ASP G 161 29.99 50.51 13.50
N VAL G 162 30.56 49.33 13.51
CA VAL G 162 29.84 48.18 13.07
C VAL G 162 28.79 47.67 14.01
N ILE G 163 29.13 47.43 15.26
CA ILE G 163 28.12 46.92 16.16
C ILE G 163 26.93 47.85 16.33
N THR G 164 27.11 49.14 16.35
CA THR G 164 26.01 50.01 16.45
C THR G 164 25.16 49.91 15.22
N SER G 165 25.78 50.26 14.11
CA SER G 165 25.18 50.22 12.84
C SER G 165 24.27 49.05 12.73
N THR G 166 24.73 47.86 13.02
CA THR G 166 23.87 46.72 12.91
C THR G 166 22.92 46.57 14.07
N SER G 167 23.34 46.80 15.30
CA SER G 167 22.43 46.65 16.42
C SER G 167 21.26 47.62 16.44
N PHE G 168 21.47 48.87 16.07
CA PHE G 168 20.37 49.82 16.05
C PHE G 168 19.71 50.11 14.71
N GLY G 169 20.34 49.86 13.58
CA GLY G 169 19.68 50.10 12.33
C GLY G 169 19.87 51.48 11.76
N VAL G 170 21.11 51.96 11.72
CA VAL G 170 21.44 53.25 11.16
C VAL G 170 22.93 53.21 11.11
N SER G 171 23.55 53.50 9.98
CA SER G 171 24.99 53.42 9.93
C SER G 171 25.60 54.71 10.36
N ILE G 172 26.74 54.63 11.03
CA ILE G 172 27.40 55.80 11.53
C ILE G 172 28.85 55.84 11.12
N ASP G 173 29.54 56.89 11.50
CA ASP G 173 30.93 57.04 11.19
C ASP G 173 31.44 57.63 12.44
N SER G 174 31.88 56.82 13.37
CA SER G 174 32.33 57.31 14.63
C SER G 174 33.35 58.36 14.59
N LEU G 175 34.24 58.32 13.65
CA LEU G 175 35.30 59.32 13.70
C LEU G 175 35.03 60.54 12.84
N ASN G 176 34.41 60.37 11.68
CA ASN G 176 34.22 61.49 10.74
C ASN G 176 32.88 62.17 10.92
N ASN G 177 32.02 61.65 11.78
CA ASN G 177 30.82 62.36 12.18
C ASN G 177 30.62 62.21 13.68
N PRO G 178 31.64 62.53 14.50
CA PRO G 178 31.47 62.42 15.96
C PRO G 178 30.35 63.27 16.48
N GLN G 179 29.83 64.19 15.67
CA GLN G 179 28.69 65.01 16.08
C GLN G 179 27.42 64.17 16.23
N ASP G 180 27.25 63.14 15.38
CA ASP G 180 26.00 62.41 15.30
C ASP G 180 25.47 62.16 16.70
N PRO G 181 24.36 62.80 17.08
CA PRO G 181 23.73 62.51 18.38
C PRO G 181 23.72 61.03 18.73
N PHE G 182 23.76 60.17 17.71
CA PHE G 182 23.69 58.74 17.95
C PHE G 182 24.99 58.21 18.47
N VAL G 183 26.05 58.68 17.86
CA VAL G 183 27.41 58.35 18.31
C VAL G 183 27.66 58.94 19.68
N GLU G 184 27.30 60.22 19.86
CA GLU G 184 27.52 60.85 21.16
C GLU G 184 26.87 60.03 22.27
N ASN G 185 25.64 59.56 22.01
CA ASN G 185 24.86 58.85 23.01
C ASN G 185 25.36 57.44 23.21
N THR G 186 25.75 56.77 22.12
CA THR G 186 26.19 55.39 22.21
C THR G 186 27.47 55.28 23.04
N LYS G 187 28.39 56.15 22.76
CA LYS G 187 29.57 56.23 23.54
C LYS G 187 29.22 56.48 24.97
N LYS G 188 28.26 57.35 25.22
CA LYS G 188 27.84 57.63 26.57
C LYS G 188 27.51 56.34 27.26
N LEU G 189 26.61 55.57 26.67
CA LEU G 189 26.19 54.29 27.17
C LEU G 189 27.36 53.41 27.48
N LEU G 190 28.30 53.29 26.59
CA LEU G 190 29.47 52.52 26.84
C LEU G 190 30.42 52.95 27.94
N ARG G 191 30.27 54.09 28.57
CA ARG G 191 31.13 54.41 29.63
C ARG G 191 30.70 53.63 30.85
N PHE G 192 29.45 53.25 31.02
CA PHE G 192 29.22 52.39 32.14
C PHE G 192 30.06 51.16 32.07
N ASN G 193 30.75 50.85 33.11
CA ASN G 193 31.49 49.63 33.10
C ASN G 193 31.43 49.08 34.50
N PRO G 194 31.69 47.81 34.66
CA PRO G 194 31.55 47.23 35.99
C PRO G 194 32.54 47.53 37.08
N LEU G 195 33.48 48.43 36.93
CA LEU G 195 34.30 48.79 38.01
C LEU G 195 34.04 50.21 38.38
N ASP G 196 33.03 50.88 37.86
CA ASP G 196 32.82 52.22 38.37
C ASP G 196 32.20 52.15 39.76
N PRO G 197 32.46 53.13 40.62
CA PRO G 197 32.28 52.92 42.06
C PRO G 197 30.88 52.52 42.48
N PHE G 198 29.85 52.91 41.75
CA PHE G 198 28.49 52.49 42.11
C PHE G 198 28.38 50.97 42.10
N VAL G 199 28.74 50.35 40.98
CA VAL G 199 28.64 48.90 40.86
C VAL G 199 29.37 48.21 42.00
N LEU G 200 30.52 48.76 42.40
CA LEU G 200 31.32 48.12 43.44
C LEU G 200 30.69 48.31 44.82
N SER G 201 30.11 49.49 45.08
CA SER G 201 29.37 49.67 46.32
C SER G 201 28.23 48.67 46.42
N ILE G 202 27.70 48.19 45.28
CA ILE G 202 26.60 47.25 45.32
C ILE G 202 27.10 45.82 45.47
N LYS G 203 28.29 45.51 44.97
CA LYS G 203 28.89 44.22 45.30
C LYS G 203 29.02 44.05 46.80
N VAL G 204 29.38 45.12 47.51
CA VAL G 204 29.60 45.04 48.95
C VAL G 204 28.28 44.86 49.67
N PHE G 205 27.31 45.72 49.39
CA PHE G 205 25.99 45.65 50.02
C PHE G 205 24.96 45.34 48.95
N PRO G 206 24.93 44.10 48.47
CA PRO G 206 23.98 43.75 47.40
C PRO G 206 22.52 43.86 47.84
N PHE G 207 22.24 43.80 49.14
CA PHE G 207 20.86 43.87 49.60
C PHE G 207 20.20 45.20 49.29
N LEU G 208 20.94 46.19 48.79
CA LEU G 208 20.36 47.46 48.42
C LEU G 208 19.70 47.43 47.05
N THR G 209 20.00 46.43 46.23
CA THR G 209 19.51 46.42 44.86
C THR G 209 17.98 46.40 44.78
N PRO G 210 17.25 45.60 45.56
CA PRO G 210 15.78 45.61 45.43
C PRO G 210 15.17 46.97 45.71
N ILE G 211 15.74 47.72 46.65
CA ILE G 211 15.20 49.03 46.99
C ILE G 211 15.41 50.01 45.84
N LEU G 212 16.61 50.02 45.27
CA LEU G 212 16.90 50.89 44.14
C LEU G 212 15.99 50.58 42.96
N GLU G 213 15.76 49.29 42.69
CA GLU G 213 14.85 48.91 41.63
C GLU G 213 13.46 49.52 41.85
N ALA G 214 12.99 49.49 43.10
CA ALA G 214 11.67 50.03 43.42
C ALA G 214 11.59 51.52 43.10
N LEU G 215 12.70 52.23 43.22
CA LEU G 215 12.76 53.66 42.93
C LEU G 215 13.18 53.94 41.49
N ASN G 216 13.28 52.90 40.65
CA ASN G 216 13.74 53.05 39.27
C ASN G 216 15.09 53.76 39.21
N ILE G 217 16.00 53.34 40.08
CA ILE G 217 17.38 53.81 40.09
C ILE G 217 18.23 52.69 39.50
N THR G 218 18.50 52.78 38.21
CA THR G 218 19.24 51.78 37.46
C THR G 218 20.69 52.18 37.28
N VAL G 219 21.54 51.16 37.15
CA VAL G 219 22.98 51.37 36.90
C VAL G 219 23.26 51.80 35.47
N PHE G 220 22.26 51.69 34.57
CA PHE G 220 22.36 52.18 33.21
C PHE G 220 21.81 53.60 33.12
N PRO G 221 22.39 54.49 32.31
CA PRO G 221 21.92 55.88 32.26
C PRO G 221 20.50 55.98 31.70
N ARG G 222 19.63 56.70 32.41
CA ARG G 222 18.25 56.83 31.95
C ARG G 222 18.17 57.59 30.64
N GLU G 223 18.79 58.77 30.58
CA GLU G 223 18.51 59.71 29.51
C GLU G 223 19.11 59.26 28.18
N VAL G 224 20.17 58.45 28.23
CA VAL G 224 20.71 57.88 27.01
C VAL G 224 19.81 56.77 26.49
N ILE G 225 19.27 55.94 27.39
CA ILE G 225 18.47 54.80 26.95
C ILE G 225 17.15 55.27 26.35
N SER G 226 16.57 56.34 26.92
CA SER G 226 15.32 56.86 26.35
C SER G 226 15.56 57.42 24.95
N PHE G 227 16.66 58.16 24.76
CA PHE G 227 17.04 58.60 23.43
C PHE G 227 17.11 57.41 22.46
N LEU G 228 17.69 56.30 22.92
CA LEU G 228 17.91 55.17 22.04
C LEU G 228 16.61 54.43 21.71
N THR G 229 15.86 54.04 22.76
CA THR G 229 14.52 53.50 22.53
C THR G 229 13.69 54.41 21.64
N LYS G 230 13.73 55.71 21.91
CA LYS G 230 13.01 56.66 21.08
C LYS G 230 13.45 56.54 19.63
N SER G 231 14.75 56.68 19.39
CA SER G 231 15.25 56.72 18.02
C SER G 231 15.11 55.38 17.31
N VAL G 232 15.07 54.27 18.06
CA VAL G 232 14.78 53.00 17.43
C VAL G 232 13.33 52.96 16.98
N LYS G 233 12.40 53.41 17.82
CA LYS G 233 11.00 53.49 17.40
C LYS G 233 10.86 54.35 16.16
N GLN G 234 11.57 55.49 16.12
CA GLN G 234 11.60 56.31 14.92
C GLN G 234 11.89 55.49 13.68
N ILE G 235 12.71 54.45 13.85
CA ILE G 235 13.22 53.67 12.73
C ILE G 235 12.49 52.35 12.57
N LYS G 236 12.01 51.73 13.65
CA LYS G 236 11.04 50.64 13.50
C LYS G 236 9.90 51.08 12.58
N GLU G 237 9.49 52.35 12.68
CA GLU G 237 8.42 52.87 11.85
C GLU G 237 8.91 53.17 10.43
N GLY G 238 10.13 53.71 10.30
CA GLY G 238 10.60 54.12 8.99
C GLY G 238 10.84 52.97 8.03
N ARG G 239 11.16 51.79 8.55
CA ARG G 239 11.65 50.71 7.69
C ARG G 239 10.53 50.00 6.96
N LEU G 240 9.41 49.73 7.64
CA LEU G 240 8.29 49.03 7.01
C LEU G 240 7.99 49.57 5.62
N LYS G 241 8.32 50.84 5.38
CA LYS G 241 8.21 51.44 4.06
C LYS G 241 9.38 51.06 3.16
N VAL G 248 19.00 44.02 6.40
CA VAL G 248 19.37 42.76 7.02
C VAL G 248 20.44 43.02 8.09
N ASP G 249 20.16 43.95 8.99
CA ASP G 249 20.97 44.12 10.19
C ASP G 249 20.37 43.31 11.33
N PHE G 250 21.09 43.24 12.45
CA PHE G 250 20.56 42.55 13.62
C PHE G 250 19.15 43.03 13.95
N LEU G 251 18.93 44.34 13.87
CA LEU G 251 17.62 44.90 14.16
C LEU G 251 16.54 44.22 13.33
N GLN G 252 16.71 44.22 12.00
CA GLN G 252 15.69 43.64 11.13
C GLN G 252 15.49 42.16 11.43
N LEU G 253 16.55 41.45 11.68
CA LEU G 253 16.42 40.05 12.03
C LEU G 253 15.51 39.89 13.21
N MET G 254 15.65 40.70 14.24
CA MET G 254 14.76 40.63 15.36
C MET G 254 13.35 41.07 15.03
N ILE G 255 13.18 42.16 14.31
CA ILE G 255 11.85 42.58 13.92
C ILE G 255 11.18 41.49 13.14
N ASP G 256 11.86 40.88 12.18
CA ASP G 256 11.32 39.75 11.47
C ASP G 256 10.83 38.60 12.39
N SER G 257 11.48 38.33 13.50
CA SER G 257 10.98 37.36 14.42
C SER G 257 9.82 37.77 15.32
N GLN G 258 9.37 39.00 15.23
CA GLN G 258 8.28 39.43 16.08
C GLN G 258 6.89 39.00 15.63
N ASN G 259 6.82 37.82 15.02
CA ASN G 259 5.59 37.23 14.55
C ASN G 259 5.90 35.95 13.81
N THR G 265 5.88 27.95 19.93
CA THR G 265 6.50 27.39 21.14
C THR G 265 6.76 28.50 22.15
N HIS G 266 7.66 29.40 21.82
CA HIS G 266 8.00 30.55 22.66
C HIS G 266 7.33 31.81 22.12
N LYS G 267 6.95 32.70 23.03
CA LYS G 267 6.23 33.90 22.65
C LYS G 267 7.25 34.92 22.12
N ALA G 268 6.95 35.51 20.97
CA ALA G 268 7.94 36.35 20.30
C ALA G 268 8.33 37.52 21.19
N LEU G 269 9.49 38.10 20.87
CA LEU G 269 10.01 39.21 21.67
C LEU G 269 9.00 40.33 21.79
N SER G 270 9.04 40.99 22.91
CA SER G 270 8.26 42.18 23.08
C SER G 270 9.21 43.31 22.68
N ASP G 271 8.64 44.44 22.28
CA ASP G 271 9.43 45.60 21.90
C ASP G 271 10.46 45.99 22.97
N LEU G 272 10.06 46.02 24.22
CA LEU G 272 10.99 46.29 25.28
C LEU G 272 12.14 45.30 25.25
N GLU G 273 11.87 44.00 25.18
CA GLU G 273 12.90 43.00 25.18
C GLU G 273 13.87 43.22 24.05
N LEU G 274 13.35 43.52 22.88
CA LEU G 274 14.17 43.74 21.70
C LEU G 274 15.22 44.82 21.95
N MET G 275 14.79 45.96 22.48
CA MET G 275 15.74 47.05 22.72
C MET G 275 16.82 46.63 23.71
N ALA G 276 16.48 45.76 24.66
CA ALA G 276 17.48 45.27 25.61
C ALA G 276 18.59 44.49 24.90
N GLN G 277 18.26 43.81 23.79
CA GLN G 277 19.27 43.06 23.06
C GLN G 277 20.16 43.99 22.25
N SER G 278 19.56 44.95 21.53
CA SER G 278 20.35 45.94 20.80
C SER G 278 21.36 46.62 21.73
N ILE G 279 20.92 47.00 22.93
CA ILE G 279 21.80 47.69 23.86
C ILE G 279 22.92 46.77 24.32
N ILE G 280 22.57 45.53 24.70
CA ILE G 280 23.59 44.63 25.25
C ILE G 280 24.51 44.12 24.16
N PHE G 281 24.03 44.03 22.91
CA PHE G 281 24.91 43.65 21.81
C PHE G 281 26.10 44.60 21.71
N ILE G 282 25.88 45.88 21.99
CA ILE G 282 26.95 46.87 21.88
C ILE G 282 27.94 46.70 23.03
N PHE G 283 27.43 46.55 24.25
CA PHE G 283 28.32 46.32 25.38
C PHE G 283 29.22 45.10 25.13
N ALA G 284 28.61 44.00 24.69
CA ALA G 284 29.38 42.77 24.50
C ALA G 284 30.37 42.90 23.35
N GLY G 285 29.94 43.49 22.24
CA GLY G 285 30.78 43.54 21.06
C GLY G 285 31.86 44.58 21.08
N TYR G 286 31.51 45.82 21.41
CA TYR G 286 32.39 46.95 21.17
C TYR G 286 33.81 46.75 21.67
N GLU G 287 34.03 46.87 22.98
CA GLU G 287 35.40 46.93 23.46
C GLU G 287 36.09 45.58 23.47
N THR G 288 35.35 44.47 23.39
CA THR G 288 35.98 43.18 23.15
C THR G 288 36.65 43.16 21.78
N THR G 289 35.84 43.38 20.73
CA THR G 289 36.36 43.35 19.36
C THR G 289 37.46 44.38 19.14
N SER G 290 37.43 45.48 19.88
CA SER G 290 38.44 46.51 19.69
C SER G 290 39.75 46.15 20.38
N SER G 291 39.68 45.56 21.58
CA SER G 291 40.89 45.18 22.28
C SER G 291 41.57 43.97 21.63
N VAL G 292 40.79 43.07 21.06
CA VAL G 292 41.37 41.89 20.41
C VAL G 292 42.07 42.31 19.12
N LEU G 293 41.37 43.05 18.25
CA LEU G 293 41.98 43.53 17.01
C LEU G 293 43.31 44.21 17.30
N SER G 294 43.34 45.10 18.29
CA SER G 294 44.55 45.84 18.59
C SER G 294 45.67 44.90 19.04
N PHE G 295 45.34 43.92 19.89
CA PHE G 295 46.35 42.96 20.32
C PHE G 295 46.92 42.20 19.13
N ILE G 296 46.06 41.80 18.19
CA ILE G 296 46.49 40.99 17.06
C ILE G 296 47.53 41.75 16.25
N ILE G 297 47.25 42.97 15.91
CA ILE G 297 48.18 43.77 15.18
C ILE G 297 49.44 44.03 15.96
N TYR G 298 49.35 44.14 17.25
CA TYR G 298 50.55 44.31 18.00
C TYR G 298 51.34 43.09 17.69
N GLU G 299 50.81 41.92 18.01
CA GLU G 299 51.53 40.69 17.83
C GLU G 299 52.16 40.57 16.46
N LEU G 300 51.48 40.98 15.41
CA LEU G 300 52.09 40.93 14.09
C LEU G 300 53.23 41.91 13.97
N ALA G 301 53.07 43.13 14.51
CA ALA G 301 54.12 44.14 14.38
C ALA G 301 55.39 43.72 15.08
N THR G 302 55.28 42.93 16.16
CA THR G 302 56.44 42.39 16.85
C THR G 302 56.80 40.99 16.37
N HIS G 303 56.16 40.51 15.31
CA HIS G 303 56.51 39.25 14.66
C HIS G 303 56.33 39.44 13.16
N PRO G 304 57.23 40.21 12.53
CA PRO G 304 57.05 40.48 11.09
C PRO G 304 57.06 39.24 10.24
N ASP G 305 57.79 38.20 10.68
CA ASP G 305 57.64 36.86 10.13
C ASP G 305 56.16 36.60 9.86
N VAL G 306 55.40 36.57 10.96
CA VAL G 306 53.99 36.18 10.92
C VAL G 306 53.18 37.20 10.13
N GLN G 307 53.44 38.49 10.34
CA GLN G 307 52.70 39.50 9.60
C GLN G 307 52.79 39.25 8.10
N GLN G 308 54.00 38.97 7.61
CA GLN G 308 54.18 38.78 6.17
C GLN G 308 53.60 37.44 5.71
N LYS G 309 53.66 36.40 6.54
CA LYS G 309 53.06 35.13 6.15
C LYS G 309 51.55 35.27 5.93
N VAL G 310 50.90 36.14 6.72
CA VAL G 310 49.46 36.32 6.57
C VAL G 310 49.14 37.16 5.35
N GLN G 311 49.97 38.17 5.08
CA GLN G 311 49.74 39.01 3.93
C GLN G 311 49.87 38.24 2.62
N LYS G 312 50.78 37.25 2.55
CA LYS G 312 50.79 36.40 1.37
C LYS G 312 49.54 35.55 1.27
N GLU G 313 49.10 34.97 2.40
CA GLU G 313 47.88 34.18 2.38
C GLU G 313 46.71 35.01 1.87
N ILE G 314 46.58 36.24 2.37
CA ILE G 314 45.50 37.11 1.92
C ILE G 314 45.69 37.46 0.44
N ASP G 315 46.93 37.69 0.03
CA ASP G 315 47.20 37.93 -1.39
C ASP G 315 46.79 36.73 -2.22
N THR G 316 46.93 35.52 -1.69
CA THR G 316 46.55 34.32 -2.44
C THR G 316 45.05 34.26 -2.64
N VAL G 317 44.28 34.41 -1.56
CA VAL G 317 42.82 34.30 -1.67
C VAL G 317 42.23 35.54 -2.30
N LEU G 318 42.76 36.72 -1.99
CA LEU G 318 42.18 38.00 -2.40
C LEU G 318 43.26 38.82 -3.10
N PRO G 319 43.61 38.43 -4.33
CA PRO G 319 44.73 39.09 -5.01
C PRO G 319 44.33 40.47 -5.52
N ASN G 320 45.34 41.31 -5.71
CA ASN G 320 45.16 42.73 -5.97
C ASN G 320 44.00 43.27 -5.14
N LYS G 321 44.12 43.11 -3.84
CA LYS G 321 43.36 43.88 -2.86
C LYS G 321 41.88 43.50 -2.84
N ALA G 322 41.54 42.30 -3.25
CA ALA G 322 40.16 42.01 -3.61
C ALA G 322 39.24 42.23 -2.42
N PRO G 323 38.04 42.77 -2.64
CA PRO G 323 37.06 42.88 -1.55
C PRO G 323 36.84 41.54 -0.86
N PRO G 324 36.93 41.50 0.47
CA PRO G 324 36.68 40.23 1.16
C PRO G 324 35.20 39.87 1.22
N THR G 325 34.94 38.57 1.25
CA THR G 325 33.60 38.02 1.39
C THR G 325 33.63 36.98 2.50
N TYR G 326 32.44 36.48 2.86
CA TYR G 326 32.34 35.42 3.85
C TYR G 326 33.12 34.19 3.40
N ASP G 327 32.91 33.77 2.15
CA ASP G 327 33.55 32.56 1.65
C ASP G 327 35.07 32.72 1.63
N THR G 328 35.56 33.87 1.13
CA THR G 328 37.00 34.08 1.08
C THR G 328 37.59 34.10 2.48
N VAL G 329 36.97 34.86 3.39
CA VAL G 329 37.38 34.87 4.79
C VAL G 329 37.52 33.47 5.34
N LEU G 330 36.48 32.64 5.22
CA LEU G 330 36.54 31.33 5.85
C LEU G 330 37.68 30.46 5.32
N GLN G 331 38.30 30.84 4.21
CA GLN G 331 39.44 30.09 3.70
C GLN G 331 40.76 30.46 4.38
N LEU G 332 40.79 31.56 5.14
CA LEU G 332 42.04 32.13 5.63
C LEU G 332 42.46 31.42 6.91
N GLU G 333 43.06 30.24 6.74
CA GLU G 333 43.32 29.36 7.87
C GLU G 333 44.47 29.91 8.74
N TYR G 334 45.55 30.36 8.13
CA TYR G 334 46.64 30.91 8.94
C TYR G 334 46.18 32.14 9.69
N LEU G 335 45.23 32.89 9.14
CA LEU G 335 44.63 34.00 9.88
C LEU G 335 43.96 33.50 11.15
N ASP G 336 43.06 32.52 11.02
CA ASP G 336 42.35 31.99 12.18
C ASP G 336 43.33 31.57 13.27
N MET G 337 44.48 31.03 12.86
CA MET G 337 45.47 30.55 13.83
C MET G 337 46.11 31.71 14.57
N VAL G 338 46.31 32.84 13.88
CA VAL G 338 46.90 34.01 14.50
C VAL G 338 45.91 34.68 15.43
N VAL G 339 44.63 34.66 15.05
CA VAL G 339 43.58 35.14 15.94
C VAL G 339 43.50 34.26 17.18
N ASN G 340 43.24 32.96 16.98
CA ASN G 340 43.04 32.08 18.12
C ASN G 340 44.24 32.06 19.06
N GLU G 341 45.44 32.38 18.55
CA GLU G 341 46.62 32.42 19.40
C GLU G 341 46.77 33.77 20.10
N THR G 342 46.29 34.86 19.49
CA THR G 342 46.22 36.11 20.25
C THR G 342 45.19 36.01 21.36
N LEU G 343 44.09 35.27 21.12
CA LEU G 343 43.09 35.07 22.14
C LEU G 343 43.57 34.14 23.24
N ARG G 344 44.46 33.19 22.92
CA ARG G 344 45.12 32.43 23.98
C ARG G 344 45.97 33.34 24.85
N LEU G 345 46.75 34.21 24.22
CA LEU G 345 47.55 35.17 24.99
C LEU G 345 46.68 36.24 25.62
N PHE G 346 45.55 36.58 24.99
CA PHE G 346 44.73 37.71 25.41
C PHE G 346 43.26 37.30 25.38
N PRO G 347 42.81 36.52 26.37
CA PRO G 347 41.38 36.27 26.53
C PRO G 347 40.73 37.43 27.26
N VAL G 348 40.09 38.35 26.52
CA VAL G 348 39.69 39.63 27.12
C VAL G 348 38.76 39.41 28.31
N ALA G 349 37.87 38.41 28.22
CA ALA G 349 36.98 38.13 29.33
C ALA G 349 37.75 37.77 30.59
N MET G 350 38.82 36.98 30.43
CA MET G 350 39.71 36.53 31.49
C MET G 350 39.08 35.42 32.33
N ARG G 351 37.84 35.63 32.76
CA ARG G 351 37.21 34.72 33.70
C ARG G 351 35.81 34.40 33.22
N LEU G 352 35.39 33.17 33.53
CA LEU G 352 34.07 32.70 33.18
C LEU G 352 33.35 32.47 34.49
N GLU G 353 32.09 32.88 34.59
CA GLU G 353 31.39 32.72 35.85
C GLU G 353 29.97 32.18 35.73
N ARG G 354 29.63 31.30 36.66
CA ARG G 354 28.31 30.72 36.76
C ARG G 354 27.94 30.60 38.22
N VAL G 355 26.67 30.83 38.54
CA VAL G 355 26.18 30.78 39.91
C VAL G 355 25.56 29.42 40.16
N CYS G 356 25.86 28.85 41.32
CA CYS G 356 25.28 27.57 41.73
C CYS G 356 23.87 27.79 42.25
N LYS G 357 22.89 27.22 41.59
CA LYS G 357 21.50 27.31 41.96
C LYS G 357 21.12 26.51 43.19
N LYS G 358 21.58 25.27 43.28
CA LYS G 358 21.27 24.40 44.39
C LYS G 358 22.54 23.71 44.84
N ASP G 359 22.47 23.03 45.98
CA ASP G 359 23.60 22.30 46.50
C ASP G 359 23.92 21.21 45.51
N VAL G 360 25.19 20.98 45.20
CA VAL G 360 25.54 19.94 44.27
C VAL G 360 26.94 19.45 44.51
N GLU G 361 27.21 18.22 44.14
CA GLU G 361 28.55 17.67 44.25
C GLU G 361 28.91 17.33 42.82
N ILE G 362 30.06 17.75 42.33
CA ILE G 362 30.41 17.45 40.96
C ILE G 362 31.86 17.05 40.87
N ASN G 363 32.16 15.95 40.19
CA ASN G 363 33.52 15.43 40.07
C ASN G 363 34.27 15.39 41.40
N GLY G 364 33.64 14.86 42.43
CA GLY G 364 34.24 14.77 43.74
C GLY G 364 34.39 16.06 44.51
N MET G 365 33.43 16.97 44.45
CA MET G 365 33.55 18.20 45.23
C MET G 365 32.20 18.82 45.52
N PHE G 366 31.93 19.15 46.78
CA PHE G 366 30.66 19.71 47.16
C PHE G 366 30.60 21.19 46.81
N ILE G 367 29.56 21.63 46.15
CA ILE G 367 29.44 23.03 45.81
C ILE G 367 28.11 23.48 46.36
N PRO G 368 28.12 24.40 47.33
CA PRO G 368 26.86 24.82 47.91
C PRO G 368 26.17 25.88 47.14
N LYS G 369 24.89 26.04 47.42
CA LYS G 369 24.08 27.01 46.75
C LYS G 369 24.55 28.40 47.03
N GLY G 370 24.49 29.23 46.02
CA GLY G 370 24.85 30.62 46.13
C GLY G 370 26.30 30.95 45.88
N VAL G 371 27.18 29.96 45.80
CA VAL G 371 28.57 30.23 45.44
C VAL G 371 28.65 30.42 43.94
N VAL G 372 29.54 31.31 43.51
CA VAL G 372 29.82 31.55 42.10
C VAL G 372 31.03 30.71 41.72
N VAL G 373 30.89 29.95 40.63
CA VAL G 373 31.99 29.15 40.10
C VAL G 373 32.71 29.96 39.05
N MET G 374 34.04 30.06 39.17
CA MET G 374 34.84 30.91 38.31
C MET G 374 35.90 30.06 37.62
N ILE G 375 35.78 29.93 36.29
CA ILE G 375 36.80 29.30 35.48
C ILE G 375 37.83 30.37 35.10
N PRO G 376 39.04 30.32 35.63
CA PRO G 376 40.03 31.34 35.25
C PRO G 376 40.64 31.09 33.88
N SER G 377 40.01 31.64 32.84
CA SER G 377 40.45 31.37 31.47
C SER G 377 41.89 31.79 31.26
N TYR G 378 42.25 33.00 31.71
CA TYR G 378 43.61 33.48 31.48
C TYR G 378 44.64 32.52 32.03
N VAL G 379 44.45 32.09 33.28
CA VAL G 379 45.35 31.10 33.88
C VAL G 379 45.44 29.86 33.00
N LEU G 380 44.29 29.27 32.67
CA LEU G 380 44.29 28.06 31.86
C LEU G 380 44.87 28.28 30.48
N HIS G 381 44.96 29.54 30.02
CA HIS G 381 45.57 29.84 28.73
C HIS G 381 47.07 30.06 28.82
N HIS G 382 47.59 30.40 30.01
CA HIS G 382 49.01 30.66 30.21
C HIS G 382 49.65 29.61 31.12
N ASP G 383 49.13 28.38 31.10
CA ASP G 383 49.54 27.35 32.04
C ASP G 383 50.53 26.41 31.38
N PRO G 384 51.77 26.31 31.88
CA PRO G 384 52.76 25.44 31.20
C PRO G 384 52.32 23.98 31.12
N LYS G 385 51.43 23.56 32.02
CA LYS G 385 50.94 22.18 32.00
C LYS G 385 50.37 21.83 30.63
N TYR G 386 49.54 22.72 30.07
CA TYR G 386 48.88 22.46 28.80
C TYR G 386 49.51 23.18 27.62
N TRP G 387 50.37 24.18 27.87
CA TRP G 387 51.03 24.92 26.80
C TRP G 387 52.52 25.03 27.15
N THR G 388 53.39 24.45 26.33
CA THR G 388 54.82 24.58 26.59
C THR G 388 55.35 25.91 26.06
N GLU G 389 56.18 26.57 26.87
CA GLU G 389 56.58 27.97 26.65
C GLU G 389 55.32 28.79 26.44
N PRO G 390 54.62 29.17 27.53
CA PRO G 390 53.25 29.67 27.40
C PRO G 390 53.12 31.16 27.12
N GLU G 391 54.21 31.93 27.19
CA GLU G 391 54.17 33.37 27.04
C GLU G 391 54.59 33.83 25.65
N LYS G 392 54.79 32.89 24.73
CA LYS G 392 55.39 33.14 23.42
C LYS G 392 54.35 32.97 22.33
N PHE G 393 54.34 33.89 21.37
CA PHE G 393 53.30 33.95 20.34
C PHE G 393 53.69 33.01 19.19
N LEU G 394 53.07 31.83 19.19
CA LEU G 394 53.23 30.79 18.17
C LEU G 394 51.91 30.44 17.52
N PRO G 395 51.57 31.09 16.41
CA PRO G 395 50.34 30.74 15.70
C PRO G 395 50.19 29.26 15.41
N GLU G 396 51.30 28.52 15.30
CA GLU G 396 51.21 27.12 14.90
C GLU G 396 50.54 26.25 15.94
N ARG G 397 50.31 26.76 17.16
CA ARG G 397 49.59 25.97 18.16
C ARG G 397 48.21 25.57 17.68
N PHE G 398 47.67 26.25 16.67
CA PHE G 398 46.32 25.99 16.17
C PHE G 398 46.32 25.48 14.74
N SER G 399 47.42 24.87 14.30
CA SER G 399 47.44 24.18 13.02
C SER G 399 46.43 23.02 13.04
N ALA G 400 45.96 22.66 11.85
CA ALA G 400 45.18 21.42 11.74
C ALA G 400 45.97 20.25 12.30
N ALA G 401 47.30 20.31 12.20
CA ALA G 401 48.20 19.28 12.70
C ALA G 401 48.35 19.29 14.22
N ASN G 402 47.62 20.17 14.92
CA ASN G 402 47.71 20.25 16.37
C ASN G 402 46.35 20.45 17.02
N ALA G 403 45.28 20.53 16.25
CA ALA G 403 43.98 20.93 16.77
C ALA G 403 43.34 19.89 17.68
N ASP G 404 43.87 18.67 17.74
CA ASP G 404 43.31 17.67 18.64
C ASP G 404 43.82 17.83 20.06
N ASN G 405 45.04 18.34 20.24
CA ASN G 405 45.61 18.55 21.57
C ASN G 405 45.14 19.85 22.22
N ILE G 406 44.04 20.43 21.74
CA ILE G 406 43.45 21.62 22.34
C ILE G 406 42.11 21.21 22.96
N ASP G 407 42.12 21.08 24.28
CA ASP G 407 40.91 20.78 25.05
C ASP G 407 39.99 21.98 25.05
N PRO G 408 38.74 21.85 24.58
CA PRO G 408 37.85 23.02 24.52
C PRO G 408 37.47 23.58 25.89
N TYR G 409 38.08 23.07 26.95
CA TYR G 409 37.82 23.52 28.31
C TYR G 409 39.04 24.13 28.97
N ILE G 410 40.23 23.98 28.38
CA ILE G 410 41.37 24.81 28.74
C ILE G 410 41.35 26.11 27.96
N TYR G 411 40.97 26.06 26.68
CA TYR G 411 40.95 27.20 25.78
C TYR G 411 39.50 27.66 25.64
N THR G 412 39.16 28.76 26.31
CA THR G 412 37.80 29.29 26.33
C THR G 412 37.85 30.81 26.33
N PRO G 413 38.27 31.41 25.21
CA PRO G 413 38.19 32.88 25.09
C PRO G 413 36.81 33.36 24.72
N PHE G 414 35.97 32.47 24.18
CA PHE G 414 34.55 32.74 23.96
C PHE G 414 33.68 31.95 24.91
N GLY G 415 34.25 31.47 26.01
CA GLY G 415 33.54 30.55 26.88
C GLY G 415 33.16 29.28 26.14
N SER G 416 32.50 28.36 26.84
CA SER G 416 32.01 27.14 26.22
C SER G 416 30.65 26.79 26.82
N GLY G 417 29.81 26.17 26.01
CA GLY G 417 28.57 25.64 26.49
C GLY G 417 27.34 26.32 25.92
N PRO G 418 26.18 26.05 26.52
CA PRO G 418 24.93 26.62 25.99
C PRO G 418 24.79 28.11 26.24
N ARG G 419 25.48 28.67 27.23
CA ARG G 419 25.57 30.11 27.41
C ARG G 419 26.99 30.61 27.09
N ASN G 420 27.60 30.04 26.06
CA ASN G 420 28.86 30.56 25.54
C ASN G 420 28.61 31.91 24.87
N CYS G 421 29.65 32.47 24.26
CA CYS G 421 29.48 33.69 23.49
C CYS G 421 28.60 33.40 22.28
N ILE G 422 27.43 34.07 22.23
CA ILE G 422 26.50 33.83 21.14
C ILE G 422 26.97 34.50 19.86
N GLY G 423 27.75 35.57 19.98
CA GLY G 423 28.17 36.32 18.80
C GLY G 423 29.56 35.97 18.33
N MET G 424 30.04 34.78 18.67
CA MET G 424 31.42 34.41 18.39
C MET G 424 31.68 34.34 16.88
N ARG G 425 30.92 33.50 16.18
CA ARG G 425 31.07 33.42 14.72
C ARG G 425 31.11 34.82 14.10
N PHE G 426 30.21 35.70 14.56
CA PHE G 426 30.15 37.06 14.05
C PHE G 426 31.38 37.86 14.50
N ALA G 427 31.73 37.77 15.78
CA ALA G 427 32.90 38.47 16.27
C ALA G 427 34.16 38.07 15.53
N LEU G 428 34.19 36.87 14.94
CA LEU G 428 35.36 36.39 14.21
C LEU G 428 35.35 36.84 12.76
N VAL G 429 34.26 36.59 12.05
CA VAL G 429 34.12 37.09 10.68
C VAL G 429 34.41 38.59 10.64
N ASN G 430 33.77 39.35 11.53
CA ASN G 430 33.90 40.80 11.48
C ASN G 430 35.34 41.23 11.73
N MET G 431 36.02 40.59 12.68
CA MET G 431 37.41 40.94 12.95
C MET G 431 38.30 40.65 11.74
N LYS G 432 37.97 39.60 10.97
CA LYS G 432 38.79 39.26 9.82
C LYS G 432 38.58 40.25 8.68
N LEU G 433 37.32 40.59 8.39
CA LEU G 433 37.03 41.59 7.37
C LEU G 433 37.88 42.84 7.58
N ALA G 434 37.90 43.35 8.82
CA ALA G 434 38.76 44.49 9.13
C ALA G 434 40.23 44.13 8.93
N LEU G 435 40.64 42.98 9.45
CA LEU G 435 42.05 42.60 9.37
C LEU G 435 42.49 42.41 7.93
N VAL G 436 41.58 42.01 7.04
CA VAL G 436 41.93 41.90 5.63
C VAL G 436 42.15 43.27 5.02
N ARG G 437 41.14 44.15 5.11
CA ARG G 437 41.26 45.48 4.50
C ARG G 437 42.49 46.20 5.02
N VAL G 438 42.73 46.16 6.33
CA VAL G 438 43.90 46.84 6.89
C VAL G 438 45.18 46.26 6.30
N LEU G 439 45.30 44.94 6.30
CA LEU G 439 46.53 44.30 5.85
C LEU G 439 46.66 44.24 4.34
N GLN G 440 45.56 44.45 3.61
CA GLN G 440 45.66 44.59 2.16
C GLN G 440 46.42 45.84 1.76
N ASN G 441 46.37 46.89 2.60
CA ASN G 441 46.88 48.20 2.22
C ASN G 441 47.98 48.74 3.13
N PHE G 442 48.24 48.12 4.28
CA PHE G 442 49.21 48.66 5.21
C PHE G 442 49.96 47.53 5.91
N SER G 443 51.17 47.87 6.37
CA SER G 443 51.98 47.01 7.23
C SER G 443 52.37 47.82 8.45
N PHE G 444 52.56 47.13 9.58
CA PHE G 444 52.71 47.78 10.87
C PHE G 444 54.06 47.46 11.48
N LYS G 445 54.56 48.39 12.28
CA LYS G 445 55.92 48.32 12.73
C LYS G 445 56.13 49.07 14.04
N PRO G 446 56.82 48.44 14.95
CA PRO G 446 57.14 49.06 16.20
C PRO G 446 57.81 50.38 15.95
N CYS G 447 57.50 51.40 16.73
CA CYS G 447 58.17 52.67 16.57
C CYS G 447 58.83 53.04 17.90
N LYS G 448 59.53 54.16 17.93
CA LYS G 448 60.19 54.60 19.16
C LYS G 448 59.26 54.62 20.36
N GLU G 449 58.05 55.09 20.15
CA GLU G 449 57.10 55.22 21.25
C GLU G 449 56.24 53.98 21.55
N THR G 450 56.23 52.98 20.69
CA THR G 450 55.45 51.81 21.01
C THR G 450 56.06 51.19 22.23
N GLN G 451 55.27 50.94 23.23
CA GLN G 451 55.83 50.34 24.43
C GLN G 451 55.90 48.92 23.96
N ILE G 452 57.11 48.40 23.76
CA ILE G 452 57.26 47.04 23.25
C ILE G 452 57.09 45.82 24.14
N PRO G 453 57.39 45.94 25.44
CA PRO G 453 56.99 44.81 26.27
C PRO G 453 55.63 45.25 26.67
N LEU G 454 54.58 44.67 26.16
CA LEU G 454 53.25 45.16 26.53
C LEU G 454 52.99 45.11 27.99
N LYS G 455 52.28 46.10 28.52
CA LYS G 455 51.92 46.11 29.92
C LYS G 455 50.41 46.24 30.05
N LEU G 456 49.82 45.31 30.77
CA LEU G 456 48.38 45.28 30.98
C LEU G 456 47.99 46.12 32.20
N ARG G 457 46.73 46.57 32.20
CA ARG G 457 46.20 47.48 33.20
C ARG G 457 44.88 46.91 33.73
N PHE G 458 44.49 47.39 34.91
CA PHE G 458 43.29 46.87 35.56
C PHE G 458 42.03 47.33 34.84
N GLY G 459 41.15 46.37 34.57
CA GLY G 459 39.85 46.67 33.99
C GLY G 459 38.99 45.43 33.97
N GLY G 460 37.75 45.62 33.53
CA GLY G 460 36.87 44.49 33.27
C GLY G 460 37.28 43.64 32.10
N LEU G 461 38.19 44.15 31.26
CA LEU G 461 38.80 43.39 30.19
C LEU G 461 40.32 43.54 30.29
N LEU G 462 41.02 42.90 29.35
CA LEU G 462 42.45 43.13 29.17
C LEU G 462 42.64 44.48 28.49
N LEU G 463 43.21 45.43 29.22
CA LEU G 463 43.48 46.77 28.74
C LEU G 463 44.96 47.07 28.94
N THR G 464 45.50 47.89 28.05
CA THR G 464 46.92 48.22 28.08
C THR G 464 47.16 49.40 29.01
N GLU G 465 48.35 49.44 29.61
CA GLU G 465 48.72 50.57 30.44
C GLU G 465 48.71 51.83 29.58
N LYS G 466 49.68 51.91 28.65
CA LYS G 466 49.75 52.94 27.64
C LYS G 466 49.14 52.44 26.34
N PRO G 467 48.54 53.31 25.54
CA PRO G 467 47.94 52.86 24.28
C PRO G 467 48.96 52.13 23.42
N ILE G 468 48.45 51.42 22.41
CA ILE G 468 49.28 50.68 21.49
C ILE G 468 49.51 51.57 20.28
N VAL G 469 50.71 52.14 20.17
CA VAL G 469 51.08 52.99 19.04
C VAL G 469 51.92 52.16 18.08
N LEU G 470 51.68 52.33 16.79
CA LEU G 470 52.46 51.67 15.76
C LEU G 470 52.55 52.55 14.53
N LYS G 471 53.67 52.44 13.82
CA LYS G 471 53.84 53.11 12.54
C LYS G 471 53.19 52.26 11.45
N ALA G 472 52.40 52.90 10.59
CA ALA G 472 51.67 52.22 9.52
C ALA G 472 52.21 52.67 8.18
N GLU G 473 52.62 51.70 7.35
CA GLU G 473 53.31 51.96 6.10
C GLU G 473 52.49 51.42 4.94
N SER G 474 52.11 52.30 4.03
CA SER G 474 51.29 51.90 2.89
C SER G 474 52.12 51.06 1.93
N ARG G 475 51.64 49.83 1.70
CA ARG G 475 52.14 49.00 0.60
C ARG G 475 52.14 49.79 -0.70
N ASP G 476 53.29 49.77 -1.37
CA ASP G 476 53.57 50.63 -2.51
C ASP G 476 53.15 52.08 -2.21
N THR H 8 -33.79 -37.53 -40.75
CA THR H 8 -34.13 -36.16 -41.17
C THR H 8 -34.55 -36.12 -42.64
N HIS H 9 -34.77 -37.29 -43.22
CA HIS H 9 -35.16 -37.39 -44.63
C HIS H 9 -36.65 -37.22 -44.84
N GLY H 10 -37.39 -36.83 -43.81
CA GLY H 10 -38.81 -36.57 -43.94
C GLY H 10 -39.13 -35.11 -43.77
N LEU H 11 -38.10 -34.29 -43.89
CA LEU H 11 -38.23 -32.86 -43.72
C LEU H 11 -38.94 -32.15 -44.85
N PHE H 12 -38.39 -32.17 -46.04
CA PHE H 12 -39.07 -31.47 -47.13
C PHE H 12 -40.49 -31.99 -47.32
N LYS H 13 -40.70 -33.29 -47.08
CA LYS H 13 -42.07 -33.81 -46.99
C LYS H 13 -42.82 -33.16 -45.84
N LYS H 14 -42.16 -33.00 -44.69
CA LYS H 14 -42.81 -32.36 -43.55
C LYS H 14 -43.23 -30.94 -43.91
N LEU H 15 -42.26 -30.12 -44.33
CA LEU H 15 -42.54 -28.70 -44.58
C LEU H 15 -43.36 -28.45 -45.84
N GLY H 16 -43.90 -29.50 -46.45
CA GLY H 16 -44.65 -29.33 -47.68
C GLY H 16 -43.84 -28.87 -48.87
N ILE H 17 -42.58 -29.29 -48.94
CA ILE H 17 -41.67 -28.94 -50.03
C ILE H 17 -41.45 -30.19 -50.87
N PRO H 18 -41.86 -30.21 -52.14
CA PRO H 18 -41.68 -31.42 -52.94
C PRO H 18 -40.22 -31.72 -53.23
N GLY H 19 -39.94 -32.82 -53.92
CA GLY H 19 -38.59 -33.17 -54.26
C GLY H 19 -38.43 -34.66 -54.50
N PRO H 20 -37.36 -35.02 -55.14
CA PRO H 20 -37.21 -36.42 -55.40
C PRO H 20 -37.09 -37.12 -54.09
N THR H 21 -37.52 -38.36 -54.08
CA THR H 21 -37.51 -39.17 -52.90
C THR H 21 -36.13 -39.64 -52.66
N PRO H 22 -35.62 -39.47 -51.45
CA PRO H 22 -34.26 -39.86 -51.15
C PRO H 22 -34.09 -41.28 -50.76
N LEU H 23 -32.86 -41.70 -50.56
CA LEU H 23 -32.59 -43.04 -50.11
C LEU H 23 -32.03 -42.99 -48.73
N PRO H 24 -32.02 -44.12 -48.08
CA PRO H 24 -31.35 -44.20 -46.77
C PRO H 24 -29.93 -43.68 -46.85
N PHE H 25 -29.60 -42.69 -46.02
CA PHE H 25 -28.26 -42.13 -45.92
C PHE H 25 -27.88 -41.33 -47.16
N LEU H 26 -27.77 -42.00 -48.31
CA LEU H 26 -27.26 -41.35 -49.51
C LEU H 26 -28.10 -40.15 -49.92
N GLY H 27 -29.39 -40.17 -49.59
CA GLY H 27 -30.27 -39.11 -50.07
C GLY H 27 -30.43 -39.23 -51.58
N ASN H 28 -30.30 -38.10 -52.27
CA ASN H 28 -30.32 -38.07 -53.73
C ASN H 28 -28.91 -38.02 -54.32
N ALA H 29 -27.89 -38.17 -53.48
CA ALA H 29 -26.52 -37.87 -53.92
C ALA H 29 -26.11 -38.68 -55.14
N LEU H 30 -26.58 -39.93 -55.25
CA LEU H 30 -26.24 -40.72 -56.43
C LEU H 30 -26.80 -40.08 -57.70
N SER H 31 -28.02 -39.52 -57.62
CA SER H 31 -28.62 -38.86 -58.76
C SER H 31 -27.84 -37.61 -59.17
N PHE H 32 -26.89 -37.15 -58.35
CA PHE H 32 -26.07 -36.01 -58.76
C PHE H 32 -25.06 -36.41 -59.82
N ARG H 33 -24.62 -37.67 -59.78
CA ARG H 33 -23.56 -38.16 -60.67
C ARG H 33 -23.86 -38.15 -62.15
N LYS H 34 -25.09 -37.86 -62.52
CA LYS H 34 -25.44 -37.66 -63.91
C LYS H 34 -25.18 -36.23 -64.38
N GLY H 35 -24.76 -35.35 -63.48
CA GLY H 35 -24.55 -33.95 -63.80
C GLY H 35 -25.53 -33.05 -63.08
N TYR H 36 -25.01 -32.14 -62.24
CA TYR H 36 -25.89 -31.19 -61.57
C TYR H 36 -26.85 -30.54 -62.58
N TRP H 37 -26.35 -30.22 -63.78
CA TRP H 37 -27.13 -29.43 -64.73
C TRP H 37 -28.41 -30.17 -65.14
N THR H 38 -28.29 -31.41 -65.62
CA THR H 38 -29.49 -32.19 -65.92
C THR H 38 -30.35 -32.44 -64.68
N PHE H 39 -29.79 -33.01 -63.61
CA PHE H 39 -30.63 -33.33 -62.45
C PHE H 39 -31.41 -32.11 -61.98
N ASP H 40 -30.72 -30.99 -61.79
CA ASP H 40 -31.40 -29.75 -61.40
C ASP H 40 -32.52 -29.42 -62.39
N MET H 41 -32.26 -29.57 -63.69
CA MET H 41 -33.27 -29.19 -64.66
C MET H 41 -34.45 -30.16 -64.63
N GLU H 42 -34.19 -31.45 -64.40
CA GLU H 42 -35.28 -32.40 -64.26
C GLU H 42 -36.16 -32.05 -63.06
N CYS H 43 -35.55 -31.78 -61.91
CA CYS H 43 -36.33 -31.52 -60.70
C CYS H 43 -37.13 -30.23 -60.83
N TYR H 44 -36.53 -29.17 -61.36
CA TYR H 44 -37.26 -27.94 -61.62
C TYR H 44 -38.51 -28.22 -62.43
N LYS H 45 -38.38 -29.00 -63.50
CA LYS H 45 -39.48 -29.26 -64.40
C LYS H 45 -40.60 -30.02 -63.70
N LYS H 46 -40.24 -30.98 -62.85
CA LYS H 46 -41.25 -31.81 -62.20
C LYS H 46 -41.88 -31.08 -61.02
N TYR H 47 -41.06 -30.53 -60.14
CA TYR H 47 -41.53 -29.99 -58.87
C TYR H 47 -41.73 -28.49 -58.88
N GLY H 48 -41.24 -27.79 -59.89
CA GLY H 48 -41.54 -26.38 -60.04
C GLY H 48 -40.54 -25.42 -59.44
N LYS H 49 -41.06 -24.38 -58.78
CA LYS H 49 -40.25 -23.23 -58.40
C LYS H 49 -39.35 -23.54 -57.21
N VAL H 50 -39.66 -24.57 -56.44
CA VAL H 50 -38.91 -24.91 -55.23
C VAL H 50 -38.94 -26.42 -55.08
N TRP H 51 -37.85 -26.97 -54.57
CA TRP H 51 -37.79 -28.41 -54.32
C TRP H 51 -36.63 -28.70 -53.38
N GLY H 52 -36.75 -29.81 -52.65
CA GLY H 52 -35.77 -30.21 -51.66
C GLY H 52 -35.03 -31.45 -52.12
N ILE H 53 -33.74 -31.50 -51.80
CA ILE H 53 -32.91 -32.66 -52.11
C ILE H 53 -31.91 -32.84 -50.98
N TYR H 54 -31.49 -34.07 -50.79
CA TYR H 54 -30.59 -34.38 -49.72
C TYR H 54 -29.24 -34.82 -50.23
N ASP H 55 -28.17 -34.09 -49.95
CA ASP H 55 -26.86 -34.49 -50.36
C ASP H 55 -26.47 -35.32 -49.19
N GLY H 56 -26.71 -36.60 -49.30
CA GLY H 56 -26.52 -37.49 -48.18
C GLY H 56 -27.43 -37.12 -47.02
N GLN H 57 -26.87 -36.51 -46.00
CA GLN H 57 -27.67 -36.10 -44.85
C GLN H 57 -27.97 -34.62 -44.81
N GLN H 58 -27.27 -33.83 -45.64
CA GLN H 58 -27.47 -32.40 -45.70
C GLN H 58 -28.66 -32.07 -46.59
N PRO H 59 -29.75 -31.55 -46.03
CA PRO H 59 -30.87 -31.11 -46.89
C PRO H 59 -30.53 -29.83 -47.63
N MET H 60 -30.87 -29.80 -48.92
CA MET H 60 -30.60 -28.67 -49.79
C MET H 60 -31.92 -28.17 -50.36
N LEU H 61 -32.19 -26.88 -50.17
CA LEU H 61 -33.40 -26.25 -50.68
C LEU H 61 -33.06 -25.45 -51.93
N ALA H 62 -33.62 -25.83 -53.07
CA ALA H 62 -33.43 -25.12 -54.33
C ALA H 62 -34.51 -24.06 -54.48
N ILE H 63 -34.14 -22.92 -55.08
CA ILE H 63 -35.05 -21.80 -55.27
C ILE H 63 -34.77 -21.17 -56.63
N THR H 64 -35.82 -20.88 -57.38
CA THR H 64 -35.71 -20.29 -58.71
C THR H 64 -36.33 -18.90 -58.80
N ASP H 65 -36.95 -18.40 -57.74
CA ASP H 65 -37.60 -17.10 -57.79
C ASP H 65 -36.56 -16.00 -57.58
N PRO H 66 -36.41 -15.07 -58.53
CA PRO H 66 -35.37 -14.03 -58.36
C PRO H 66 -35.54 -13.18 -57.11
N ASP H 67 -36.78 -12.93 -56.67
CA ASP H 67 -36.98 -12.15 -55.45
C ASP H 67 -36.49 -12.90 -54.23
N MET H 68 -36.74 -14.21 -54.18
CA MET H 68 -36.22 -15.02 -53.08
C MET H 68 -34.70 -15.14 -53.19
N ILE H 69 -34.19 -15.38 -54.39
CA ILE H 69 -32.73 -15.38 -54.60
C ILE H 69 -32.13 -14.09 -54.12
N LYS H 70 -32.76 -12.96 -54.44
CA LYS H 70 -32.22 -11.66 -54.07
C LYS H 70 -32.22 -11.48 -52.56
N THR H 71 -33.23 -12.01 -51.88
CA THR H 71 -33.26 -11.93 -50.42
C THR H 71 -32.12 -12.72 -49.81
N VAL H 72 -31.80 -13.88 -50.39
CA VAL H 72 -30.76 -14.74 -49.84
C VAL H 72 -29.37 -14.13 -50.11
N LEU H 73 -29.11 -13.77 -51.36
CA LEU H 73 -27.76 -13.36 -51.74
C LEU H 73 -27.45 -11.92 -51.35
N VAL H 74 -28.45 -11.08 -51.16
CA VAL H 74 -28.18 -9.66 -50.91
C VAL H 74 -28.61 -9.25 -49.51
N LYS H 75 -29.93 -9.16 -49.26
CA LYS H 75 -30.37 -8.58 -48.00
C LYS H 75 -29.97 -9.44 -46.81
N GLU H 76 -30.31 -10.72 -46.82
CA GLU H 76 -30.01 -11.59 -45.69
C GLU H 76 -28.63 -12.26 -45.82
N CYS H 77 -27.71 -11.64 -46.56
CA CYS H 77 -26.40 -12.24 -46.78
C CYS H 77 -25.58 -12.27 -45.50
N TYR H 78 -25.46 -11.13 -44.82
CA TYR H 78 -24.60 -11.08 -43.63
C TYR H 78 -25.22 -11.83 -42.47
N SER H 79 -26.54 -11.75 -42.31
CA SER H 79 -27.19 -12.24 -41.10
C SER H 79 -27.51 -13.72 -41.13
N VAL H 80 -27.65 -14.31 -42.31
CA VAL H 80 -28.19 -15.67 -42.40
C VAL H 80 -27.42 -16.50 -43.42
N PHE H 81 -27.31 -16.00 -44.65
CA PHE H 81 -26.79 -16.76 -45.77
C PHE H 81 -25.40 -16.23 -46.12
N THR H 82 -24.45 -16.47 -45.21
CA THR H 82 -23.13 -15.89 -45.32
C THR H 82 -22.10 -16.83 -45.92
N ASN H 83 -22.17 -18.13 -45.64
CA ASN H 83 -21.06 -19.03 -45.90
C ASN H 83 -21.47 -20.18 -46.80
N ARG H 84 -20.53 -20.58 -47.66
CA ARG H 84 -20.60 -21.82 -48.40
C ARG H 84 -20.17 -22.97 -47.49
N ARG H 85 -20.60 -24.16 -47.80
CA ARG H 85 -20.37 -25.28 -46.91
C ARG H 85 -18.95 -25.59 -46.55
N PRO H 86 -18.77 -26.14 -45.36
CA PRO H 86 -17.46 -26.69 -45.02
C PRO H 86 -17.17 -27.92 -45.85
N PHE H 87 -15.89 -28.30 -45.88
CA PHE H 87 -15.48 -29.45 -46.67
C PHE H 87 -14.35 -30.25 -46.03
N GLY H 88 -13.94 -29.91 -44.81
CA GLY H 88 -12.94 -30.67 -44.13
C GLY H 88 -11.92 -29.80 -43.43
N PRO H 89 -10.91 -30.42 -42.84
CA PRO H 89 -9.88 -29.64 -42.13
C PRO H 89 -9.03 -28.84 -43.09
N VAL H 90 -9.23 -27.55 -43.09
CA VAL H 90 -8.26 -26.69 -43.71
C VAL H 90 -7.28 -26.34 -42.56
N GLY H 91 -6.30 -25.49 -42.80
CA GLY H 91 -5.43 -25.12 -41.71
C GLY H 91 -5.51 -23.65 -41.65
N PHE H 92 -4.36 -23.02 -41.60
CA PHE H 92 -4.33 -21.58 -41.71
C PHE H 92 -5.22 -21.10 -42.85
N MET H 93 -5.54 -21.99 -43.79
CA MET H 93 -6.39 -21.63 -44.93
C MET H 93 -7.82 -21.32 -44.53
N LYS H 94 -8.18 -21.51 -43.25
CA LYS H 94 -9.42 -20.94 -42.73
C LYS H 94 -9.46 -19.44 -42.92
N ASN H 95 -8.31 -18.80 -43.21
CA ASN H 95 -8.25 -17.37 -43.43
C ASN H 95 -8.40 -16.98 -44.89
N ALA H 96 -8.23 -17.92 -45.82
CA ALA H 96 -8.49 -17.63 -47.23
C ALA H 96 -9.90 -17.05 -47.36
N ILE H 97 -10.06 -16.13 -48.31
CA ILE H 97 -11.29 -15.37 -48.38
C ILE H 97 -12.48 -16.29 -48.67
N SER H 98 -12.31 -17.23 -49.60
CA SER H 98 -13.43 -18.08 -49.98
C SER H 98 -13.75 -19.14 -48.93
N ILE H 99 -12.97 -19.24 -47.86
CA ILE H 99 -13.20 -20.21 -46.81
C ILE H 99 -13.63 -19.57 -45.49
N ALA H 100 -13.17 -18.35 -45.20
CA ALA H 100 -13.57 -17.68 -43.97
C ALA H 100 -15.08 -17.54 -43.90
N GLU H 101 -15.58 -17.42 -42.67
CA GLU H 101 -17.02 -17.30 -42.43
C GLU H 101 -17.30 -16.07 -41.57
N ASP H 102 -18.52 -15.57 -41.70
CA ASP H 102 -19.14 -14.63 -40.76
C ASP H 102 -18.28 -13.37 -40.65
N GLU H 103 -18.05 -12.88 -39.44
CA GLU H 103 -17.33 -11.63 -39.26
C GLU H 103 -15.92 -11.60 -39.77
N GLU H 104 -15.30 -12.75 -39.79
CA GLU H 104 -13.91 -12.86 -40.23
C GLU H 104 -13.89 -12.74 -41.72
N TRP H 105 -14.83 -13.39 -42.36
CA TRP H 105 -14.93 -13.25 -43.82
C TRP H 105 -15.14 -11.79 -44.21
N LYS H 106 -16.07 -11.11 -43.53
CA LYS H 106 -16.30 -9.69 -43.78
C LYS H 106 -15.01 -8.91 -43.67
N ARG H 107 -14.25 -9.15 -42.59
CA ARG H 107 -12.99 -8.42 -42.41
C ARG H 107 -12.07 -8.61 -43.61
N ILE H 108 -11.96 -9.84 -44.12
CA ILE H 108 -10.95 -10.11 -45.13
C ILE H 108 -11.43 -9.66 -46.51
N ARG H 109 -12.72 -9.82 -46.81
CA ARG H 109 -13.23 -9.22 -48.03
C ARG H 109 -13.00 -7.71 -48.03
N SER H 110 -13.16 -7.08 -46.86
CA SER H 110 -12.90 -5.65 -46.75
C SER H 110 -11.43 -5.34 -47.06
N LEU H 111 -10.52 -6.05 -46.41
CA LEU H 111 -9.09 -5.76 -46.56
C LEU H 111 -8.59 -6.02 -47.97
N LEU H 112 -9.36 -6.69 -48.83
CA LEU H 112 -8.92 -7.01 -50.16
C LEU H 112 -9.58 -6.17 -51.25
N SER H 113 -10.64 -5.45 -50.93
CA SER H 113 -11.40 -4.76 -51.96
C SER H 113 -10.62 -3.60 -52.59
N PRO H 114 -9.77 -2.91 -51.82
CA PRO H 114 -8.82 -1.99 -52.48
C PRO H 114 -8.00 -2.68 -53.57
N THR H 115 -7.70 -3.96 -53.39
CA THR H 115 -6.81 -4.66 -54.32
C THR H 115 -7.48 -4.94 -55.65
N PHE H 116 -8.81 -5.04 -55.67
CA PHE H 116 -9.54 -5.43 -56.86
C PHE H 116 -10.32 -4.28 -57.48
N THR H 117 -9.95 -3.04 -57.16
CA THR H 117 -10.57 -1.90 -57.82
C THR H 117 -10.18 -1.91 -59.30
N SER H 118 -11.10 -1.47 -60.15
CA SER H 118 -10.74 -1.22 -61.54
C SER H 118 -9.51 -0.34 -61.63
N GLY H 119 -9.31 0.55 -60.65
CA GLY H 119 -8.14 1.40 -60.66
C GLY H 119 -6.85 0.62 -60.66
N LYS H 120 -6.71 -0.33 -59.72
CA LYS H 120 -5.55 -1.19 -59.71
C LYS H 120 -5.57 -2.20 -60.86
N LEU H 121 -6.74 -2.47 -61.43
CA LEU H 121 -6.83 -3.38 -62.56
C LEU H 121 -6.18 -2.79 -63.80
N LYS H 122 -6.42 -1.49 -64.05
CA LYS H 122 -5.76 -0.80 -65.14
C LYS H 122 -4.24 -0.83 -64.96
N GLU H 123 -3.77 -0.52 -63.75
CA GLU H 123 -2.34 -0.49 -63.50
C GLU H 123 -1.67 -1.84 -63.73
N MET H 124 -2.45 -2.90 -63.80
CA MET H 124 -1.94 -4.26 -63.72
C MET H 124 -1.91 -4.96 -65.06
N VAL H 125 -2.69 -4.48 -66.04
CA VAL H 125 -2.69 -5.11 -67.34
C VAL H 125 -1.31 -5.19 -67.97
N PRO H 126 -0.48 -4.13 -67.88
CA PRO H 126 0.86 -4.22 -68.51
C PRO H 126 1.61 -5.49 -68.17
N ILE H 127 1.58 -5.93 -66.92
CA ILE H 127 2.32 -7.12 -66.53
C ILE H 127 1.74 -8.38 -67.15
N ILE H 128 0.50 -8.32 -67.64
CA ILE H 128 -0.22 -9.52 -68.03
C ILE H 128 -0.27 -9.66 -69.55
N ALA H 129 -0.32 -8.55 -70.27
CA ALA H 129 -0.20 -8.60 -71.72
C ALA H 129 1.01 -9.44 -72.12
N GLN H 130 2.08 -9.36 -71.33
CA GLN H 130 3.23 -10.25 -71.44
C GLN H 130 2.83 -11.69 -71.73
N TYR H 131 1.98 -12.27 -70.90
CA TYR H 131 1.63 -13.68 -71.03
C TYR H 131 0.73 -13.95 -72.22
N GLY H 132 -0.01 -12.95 -72.69
CA GLY H 132 -0.74 -13.09 -73.94
C GLY H 132 0.16 -13.27 -75.14
N ASP H 133 1.41 -12.83 -75.05
CA ASP H 133 2.37 -13.06 -76.12
C ASP H 133 2.92 -14.48 -76.08
N VAL H 134 3.24 -14.98 -74.89
CA VAL H 134 3.59 -16.39 -74.76
C VAL H 134 2.47 -17.25 -75.33
N LEU H 135 1.22 -16.89 -75.06
CA LEU H 135 0.09 -17.69 -75.52
C LEU H 135 0.09 -17.82 -77.03
N VAL H 136 0.25 -16.71 -77.75
CA VAL H 136 0.08 -16.74 -79.19
C VAL H 136 1.21 -17.53 -79.84
N ARG H 137 2.43 -17.45 -79.30
CA ARG H 137 3.53 -18.24 -79.84
C ARG H 137 3.29 -19.73 -79.62
N ASN H 138 2.93 -20.11 -78.40
CA ASN H 138 2.51 -21.48 -78.13
C ASN H 138 1.46 -21.94 -79.14
N LEU H 139 0.57 -21.06 -79.48
CA LEU H 139 -0.42 -21.42 -80.43
C LEU H 139 0.19 -21.63 -81.79
N ARG H 140 1.10 -20.73 -82.17
CA ARG H 140 1.75 -20.82 -83.46
C ARG H 140 2.50 -22.12 -83.63
N ARG H 141 3.25 -22.53 -82.60
CA ARG H 141 4.00 -23.77 -82.68
C ARG H 141 3.06 -24.93 -82.90
N GLU H 142 1.97 -25.03 -82.16
CA GLU H 142 1.02 -26.08 -82.45
C GLU H 142 0.42 -25.83 -83.86
N ALA H 143 0.09 -24.60 -84.22
CA ALA H 143 -0.40 -24.29 -85.56
C ALA H 143 0.61 -24.61 -86.68
N GLU H 144 1.90 -24.35 -86.45
CA GLU H 144 2.89 -24.64 -87.47
C GLU H 144 2.88 -26.12 -87.85
N THR H 145 2.73 -27.04 -86.89
CA THR H 145 2.56 -28.44 -87.27
C THR H 145 1.30 -28.63 -88.11
N GLY H 146 0.19 -27.95 -87.81
CA GLY H 146 -1.00 -28.13 -88.59
C GLY H 146 -1.88 -29.21 -88.03
N LYS H 147 -1.91 -29.37 -86.72
CA LYS H 147 -2.75 -30.39 -86.12
C LYS H 147 -3.84 -29.69 -85.33
N PRO H 148 -5.00 -30.34 -85.13
CA PRO H 148 -6.08 -29.78 -84.30
C PRO H 148 -5.53 -29.41 -82.95
N VAL H 149 -5.84 -28.24 -82.46
CA VAL H 149 -5.28 -27.87 -81.18
C VAL H 149 -6.19 -28.23 -80.05
N THR H 150 -5.60 -28.47 -78.89
CA THR H 150 -6.43 -28.76 -77.70
C THR H 150 -6.49 -27.48 -76.88
N LEU H 151 -7.60 -26.75 -76.99
CA LEU H 151 -7.71 -25.42 -76.39
C LEU H 151 -7.36 -25.44 -74.91
N LYS H 152 -8.10 -26.24 -74.13
CA LYS H 152 -7.92 -26.31 -72.69
C LYS H 152 -6.44 -26.41 -72.33
N HIS H 153 -5.65 -27.04 -73.20
CA HIS H 153 -4.22 -27.17 -72.95
C HIS H 153 -3.52 -25.83 -72.99
N VAL H 154 -3.69 -25.09 -74.09
CA VAL H 154 -2.95 -23.84 -74.28
C VAL H 154 -3.58 -22.72 -73.46
N PHE H 155 -4.91 -22.66 -73.40
CA PHE H 155 -5.56 -21.66 -72.56
C PHE H 155 -5.31 -21.94 -71.08
N GLY H 156 -5.05 -23.20 -70.73
CA GLY H 156 -4.71 -23.50 -69.35
C GLY H 156 -3.36 -22.92 -68.95
N ALA H 157 -2.33 -23.20 -69.76
CA ALA H 157 -1.02 -22.62 -69.49
C ALA H 157 -1.10 -21.10 -69.40
N TYR H 158 -1.92 -20.48 -70.25
CA TYR H 158 -2.11 -19.04 -70.12
C TYR H 158 -2.80 -18.71 -68.80
N SER H 159 -3.84 -19.46 -68.46
CA SER H 159 -4.57 -19.20 -67.22
C SER H 159 -3.64 -19.30 -66.02
N MET H 160 -2.77 -20.30 -66.00
CA MET H 160 -1.82 -20.41 -64.90
C MET H 160 -0.72 -19.35 -65.01
N ASP H 161 -0.05 -19.34 -66.14
CA ASP H 161 0.97 -18.35 -66.33
C ASP H 161 0.53 -17.09 -65.65
N VAL H 162 -0.68 -16.66 -65.94
CA VAL H 162 -1.16 -15.43 -65.39
C VAL H 162 -1.47 -15.47 -63.90
N ILE H 163 -2.44 -16.25 -63.47
CA ILE H 163 -2.79 -16.26 -62.06
C ILE H 163 -1.63 -16.64 -61.14
N THR H 164 -0.81 -17.59 -61.53
CA THR H 164 0.31 -17.92 -60.71
C THR H 164 1.23 -16.72 -60.56
N SER H 165 1.61 -16.10 -61.67
CA SER H 165 2.50 -14.95 -61.65
C SER H 165 2.02 -13.74 -60.86
N THR H 166 0.76 -13.41 -60.95
CA THR H 166 0.28 -12.26 -60.21
C THR H 166 0.06 -12.51 -58.72
N SER H 167 -0.37 -13.71 -58.36
CA SER H 167 -0.63 -14.07 -56.97
C SER H 167 0.66 -14.20 -56.18
N PHE H 168 1.69 -14.81 -56.76
CA PHE H 168 2.98 -14.97 -56.09
C PHE H 168 4.04 -14.00 -56.59
N GLY H 169 3.77 -13.28 -57.68
CA GLY H 169 4.76 -12.39 -58.24
C GLY H 169 5.98 -13.12 -58.76
N VAL H 170 5.80 -14.00 -59.74
CA VAL H 170 6.93 -14.71 -60.34
C VAL H 170 6.56 -14.93 -61.80
N SER H 171 7.36 -14.43 -62.74
CA SER H 171 7.05 -14.65 -64.15
C SER H 171 7.27 -16.12 -64.49
N ILE H 172 6.21 -16.84 -64.82
CA ILE H 172 6.30 -18.26 -65.17
C ILE H 172 5.91 -18.43 -66.64
N ASP H 173 6.37 -19.54 -67.22
CA ASP H 173 6.02 -19.96 -68.57
C ASP H 173 5.62 -21.43 -68.49
N SER H 174 4.31 -21.66 -68.33
CA SER H 174 3.83 -22.99 -67.96
C SER H 174 4.26 -24.06 -68.95
N LEU H 175 4.11 -23.80 -70.25
CA LEU H 175 4.44 -24.83 -71.23
C LEU H 175 5.94 -25.03 -71.39
N ASN H 176 6.68 -23.95 -71.58
CA ASN H 176 8.08 -24.08 -71.95
C ASN H 176 8.98 -24.32 -70.75
N ASN H 177 8.43 -24.29 -69.54
CA ASN H 177 9.14 -24.72 -68.33
C ASN H 177 8.24 -25.59 -67.47
N PRO H 178 7.99 -26.84 -67.88
CA PRO H 178 7.33 -27.78 -66.96
C PRO H 178 8.19 -28.14 -65.77
N GLN H 179 9.45 -27.67 -65.73
CA GLN H 179 10.32 -27.96 -64.61
C GLN H 179 10.07 -27.02 -63.43
N ASP H 180 9.88 -25.72 -63.71
CA ASP H 180 9.85 -24.68 -62.67
C ASP H 180 9.07 -25.17 -61.47
N PRO H 181 9.75 -25.46 -60.34
CA PRO H 181 9.05 -26.01 -59.18
C PRO H 181 7.82 -25.22 -58.77
N PHE H 182 7.75 -23.93 -59.14
CA PHE H 182 6.46 -23.23 -59.04
C PHE H 182 5.40 -23.95 -59.87
N VAL H 183 5.66 -24.13 -61.16
CA VAL H 183 4.67 -24.80 -62.01
C VAL H 183 4.27 -26.13 -61.41
N GLU H 184 5.26 -26.95 -61.01
CA GLU H 184 4.97 -28.29 -60.52
C GLU H 184 4.22 -28.23 -59.18
N ASN H 185 4.70 -27.43 -58.23
CA ASN H 185 4.05 -27.37 -56.92
C ASN H 185 2.66 -26.76 -57.03
N THR H 186 2.53 -25.66 -57.78
CA THR H 186 1.21 -25.11 -58.05
C THR H 186 0.26 -26.19 -58.53
N LYS H 187 0.71 -27.02 -59.47
CA LYS H 187 -0.18 -27.98 -60.10
C LYS H 187 -0.61 -29.07 -59.14
N LYS H 188 0.30 -29.52 -58.26
CA LYS H 188 -0.10 -30.48 -57.25
C LYS H 188 -1.20 -29.89 -56.37
N LEU H 189 -1.03 -28.64 -55.95
CA LEU H 189 -2.04 -27.95 -55.16
C LEU H 189 -3.40 -27.98 -55.86
N LEU H 190 -3.43 -27.62 -57.14
CA LEU H 190 -4.69 -27.61 -57.88
C LEU H 190 -5.27 -29.00 -58.09
N ARG H 191 -4.52 -30.05 -57.74
CA ARG H 191 -5.07 -31.40 -57.71
C ARG H 191 -6.29 -31.49 -56.80
N PHE H 192 -6.43 -30.59 -55.84
CA PHE H 192 -7.55 -30.64 -54.92
C PHE H 192 -8.86 -30.55 -55.66
N ASN H 193 -9.91 -31.10 -55.06
CA ASN H 193 -11.19 -31.18 -55.72
C ASN H 193 -12.31 -31.55 -54.81
N PRO H 194 -13.50 -31.03 -55.06
CA PRO H 194 -14.56 -31.45 -54.16
C PRO H 194 -14.72 -32.97 -54.17
N LEU H 195 -14.41 -33.67 -55.25
CA LEU H 195 -14.50 -35.10 -55.23
C LEU H 195 -13.27 -35.91 -54.77
N ASP H 196 -12.25 -35.36 -54.14
CA ASP H 196 -11.15 -36.21 -53.80
C ASP H 196 -11.61 -36.99 -52.58
N PRO H 197 -11.18 -38.24 -52.46
CA PRO H 197 -11.70 -39.07 -51.38
C PRO H 197 -11.74 -38.48 -49.99
N PHE H 198 -10.84 -37.57 -49.70
CA PHE H 198 -10.83 -36.91 -48.39
C PHE H 198 -12.13 -36.17 -48.14
N VAL H 199 -12.52 -35.30 -49.08
CA VAL H 199 -13.75 -34.52 -48.93
C VAL H 199 -14.95 -35.45 -48.81
N LEU H 200 -15.01 -36.47 -49.67
CA LEU H 200 -16.10 -37.42 -49.59
C LEU H 200 -16.13 -38.12 -48.24
N SER H 201 -14.97 -38.32 -47.63
CA SER H 201 -14.91 -38.98 -46.33
C SER H 201 -15.52 -38.10 -45.24
N ILE H 202 -15.36 -36.78 -45.33
CA ILE H 202 -15.88 -35.90 -44.29
C ILE H 202 -17.35 -35.54 -44.55
N LYS H 203 -17.79 -35.58 -45.81
CA LYS H 203 -19.23 -35.61 -46.06
C LYS H 203 -19.86 -36.89 -45.53
N VAL H 204 -19.06 -37.83 -45.06
CA VAL H 204 -19.55 -38.99 -44.32
C VAL H 204 -19.34 -38.83 -42.82
N PHE H 205 -18.22 -38.24 -42.42
CA PHE H 205 -17.85 -38.09 -41.00
C PHE H 205 -17.53 -36.63 -40.71
N PRO H 206 -18.55 -35.77 -40.64
CA PRO H 206 -18.28 -34.36 -40.31
C PRO H 206 -17.33 -34.16 -39.13
N PHE H 207 -17.51 -34.93 -38.07
CA PHE H 207 -16.77 -34.72 -36.83
C PHE H 207 -15.34 -35.25 -36.87
N LEU H 208 -14.82 -35.52 -38.04
CA LEU H 208 -13.44 -35.94 -38.14
C LEU H 208 -12.55 -34.72 -38.39
N THR H 209 -13.17 -33.60 -38.75
CA THR H 209 -12.42 -32.37 -39.02
C THR H 209 -11.70 -31.83 -37.79
N PRO H 210 -12.37 -31.59 -36.65
CA PRO H 210 -11.65 -31.05 -35.50
C PRO H 210 -10.58 -31.98 -34.97
N ILE H 211 -10.74 -33.30 -35.11
CA ILE H 211 -9.69 -34.22 -34.71
C ILE H 211 -8.45 -34.02 -35.57
N LEU H 212 -8.66 -34.00 -36.86
CA LEU H 212 -7.57 -33.80 -37.76
C LEU H 212 -6.97 -32.42 -37.63
N GLU H 213 -7.76 -31.36 -37.50
CA GLU H 213 -7.21 -30.04 -37.36
C GLU H 213 -6.34 -30.03 -36.14
N ALA H 214 -6.74 -30.74 -35.10
CA ALA H 214 -5.93 -30.83 -33.90
C ALA H 214 -4.63 -31.59 -34.13
N LEU H 215 -4.57 -32.44 -35.16
CA LEU H 215 -3.35 -33.14 -35.52
C LEU H 215 -2.60 -32.49 -36.68
N ASN H 216 -3.01 -31.29 -37.09
CA ASN H 216 -2.40 -30.61 -38.21
C ASN H 216 -2.42 -31.48 -39.46
N ILE H 217 -3.53 -32.21 -39.65
CA ILE H 217 -3.77 -32.97 -40.87
C ILE H 217 -4.81 -32.23 -41.69
N THR H 218 -4.39 -31.45 -42.64
CA THR H 218 -5.34 -30.74 -43.44
C THR H 218 -5.45 -31.33 -44.78
N VAL H 219 -6.49 -30.97 -45.49
CA VAL H 219 -6.66 -31.43 -46.82
C VAL H 219 -5.67 -30.91 -47.83
N PHE H 220 -4.94 -29.82 -47.60
CA PHE H 220 -4.05 -29.32 -48.58
C PHE H 220 -2.77 -30.00 -48.44
N PRO H 221 -2.20 -30.40 -49.55
CA PRO H 221 -0.91 -31.10 -49.52
C PRO H 221 0.14 -30.31 -48.76
N ARG H 222 0.51 -30.80 -47.57
CA ARG H 222 1.42 -30.05 -46.70
C ARG H 222 2.69 -29.65 -47.43
N GLU H 223 3.46 -30.66 -47.87
CA GLU H 223 4.74 -30.45 -48.54
C GLU H 223 4.66 -29.33 -49.56
N VAL H 224 3.58 -29.29 -50.33
CA VAL H 224 3.44 -28.24 -51.33
C VAL H 224 3.28 -26.87 -50.75
N ILE H 225 2.42 -26.70 -49.75
CA ILE H 225 2.25 -25.41 -49.13
C ILE H 225 3.54 -24.85 -48.56
N SER H 226 4.36 -25.68 -47.93
CA SER H 226 5.61 -25.21 -47.39
C SER H 226 6.43 -24.62 -48.50
N PHE H 227 6.37 -25.21 -49.68
CA PHE H 227 7.17 -24.68 -50.78
C PHE H 227 6.74 -23.25 -51.13
N LEU H 228 5.45 -23.06 -51.38
CA LEU H 228 4.83 -21.77 -51.63
C LEU H 228 5.08 -20.76 -50.51
N THR H 229 4.84 -21.17 -49.28
CA THR H 229 5.08 -20.27 -48.16
C THR H 229 6.56 -19.91 -48.07
N LYS H 230 7.45 -20.88 -48.37
CA LYS H 230 8.87 -20.51 -48.34
C LYS H 230 9.19 -19.53 -49.43
N SER H 231 8.79 -19.88 -50.65
CA SER H 231 9.05 -19.03 -51.80
C SER H 231 8.53 -17.62 -51.53
N VAL H 232 7.22 -17.48 -51.36
CA VAL H 232 6.61 -16.16 -51.17
C VAL H 232 7.42 -15.33 -50.18
N LYS H 233 7.70 -15.92 -49.04
CA LYS H 233 8.47 -15.22 -48.07
C LYS H 233 9.78 -14.75 -48.66
N GLN H 234 10.41 -15.47 -49.55
CA GLN H 234 11.61 -14.95 -50.15
C GLN H 234 11.35 -13.72 -51.00
N ILE H 235 10.43 -13.83 -51.96
CA ILE H 235 10.08 -12.79 -52.91
C ILE H 235 9.89 -11.52 -52.17
N LYS H 236 9.12 -11.58 -51.13
CA LYS H 236 9.02 -10.39 -50.28
C LYS H 236 10.40 -9.83 -49.96
N GLU H 237 11.21 -10.61 -49.23
CA GLU H 237 12.48 -10.11 -48.73
C GLU H 237 13.38 -9.55 -49.83
N GLY H 238 13.45 -10.23 -50.97
CA GLY H 238 14.23 -9.69 -52.06
C GLY H 238 13.59 -8.49 -52.72
N ARG H 239 12.28 -8.33 -52.58
CA ARG H 239 11.55 -7.32 -53.33
C ARG H 239 11.68 -5.91 -52.75
N LEU H 240 11.88 -5.87 -51.44
CA LEU H 240 11.99 -4.59 -50.75
C LEU H 240 13.46 -4.25 -50.54
N LYS H 241 14.15 -4.12 -51.67
CA LYS H 241 15.54 -3.79 -51.70
C LYS H 241 15.68 -2.83 -52.86
N VAL H 248 3.48 -4.70 -59.65
CA VAL H 248 2.22 -4.11 -59.28
C VAL H 248 1.27 -5.32 -59.45
N ASP H 249 1.57 -6.45 -58.80
CA ASP H 249 0.80 -7.68 -58.92
C ASP H 249 -0.17 -7.78 -57.75
N PHE H 250 -0.88 -8.90 -57.65
CA PHE H 250 -1.72 -9.10 -56.46
C PHE H 250 -0.87 -9.11 -55.20
N LEU H 251 0.28 -9.80 -55.26
CA LEU H 251 1.19 -9.85 -54.12
C LEU H 251 1.49 -8.44 -53.62
N GLN H 252 1.99 -7.58 -54.51
CA GLN H 252 2.37 -6.23 -54.10
C GLN H 252 1.19 -5.48 -53.50
N LEU H 253 0.05 -5.51 -54.19
CA LEU H 253 -1.12 -4.77 -53.70
C LEU H 253 -1.49 -5.22 -52.29
N MET H 254 -1.36 -6.51 -51.99
CA MET H 254 -1.64 -7.00 -50.65
C MET H 254 -0.53 -6.59 -49.69
N ILE H 255 0.73 -6.66 -50.13
CA ILE H 255 1.82 -6.17 -49.30
C ILE H 255 1.60 -4.71 -48.94
N ASP H 256 1.19 -3.90 -49.91
CA ASP H 256 0.96 -2.48 -49.68
C ASP H 256 -0.33 -2.22 -48.93
N SER H 257 -1.23 -3.19 -48.85
CA SER H 257 -2.40 -3.04 -48.00
C SER H 257 -2.06 -3.17 -46.52
N GLN H 258 -0.86 -3.67 -46.20
CA GLN H 258 -0.45 -3.94 -44.83
C GLN H 258 -0.03 -2.68 -44.08
N ASN H 259 -0.32 -1.50 -44.61
CA ASN H 259 0.22 -0.26 -44.05
C ASN H 259 -0.47 0.97 -44.61
N THR H 265 -9.84 0.74 -39.62
CA THR H 265 -11.00 -0.04 -39.23
C THR H 265 -10.75 -1.53 -38.98
N HIS H 266 -9.91 -2.17 -39.79
CA HIS H 266 -9.60 -3.57 -39.60
C HIS H 266 -8.11 -3.70 -39.46
N LYS H 267 -7.66 -4.77 -38.83
CA LYS H 267 -6.23 -4.98 -38.69
C LYS H 267 -5.72 -5.43 -40.02
N ALA H 268 -4.60 -4.87 -40.42
CA ALA H 268 -3.98 -5.18 -41.69
C ALA H 268 -3.77 -6.69 -41.81
N LEU H 269 -3.78 -7.17 -43.04
CA LEU H 269 -3.53 -8.59 -43.29
C LEU H 269 -2.23 -9.02 -42.63
N SER H 270 -2.30 -10.02 -41.76
CA SER H 270 -1.09 -10.70 -41.34
C SER H 270 -0.41 -11.32 -42.56
N ASP H 271 0.87 -11.62 -42.43
CA ASP H 271 1.56 -12.28 -43.54
C ASP H 271 0.93 -13.63 -43.85
N LEU H 272 0.46 -14.34 -42.82
CA LEU H 272 -0.11 -15.67 -43.03
C LEU H 272 -1.43 -15.58 -43.79
N GLU H 273 -2.29 -14.64 -43.38
CA GLU H 273 -3.53 -14.39 -44.11
C GLU H 273 -3.26 -14.02 -45.56
N LEU H 274 -2.32 -13.08 -45.77
CA LEU H 274 -1.89 -12.75 -47.12
C LEU H 274 -1.48 -13.98 -47.90
N MET H 275 -0.76 -14.89 -47.26
CA MET H 275 -0.34 -16.10 -47.95
C MET H 275 -1.52 -16.96 -48.35
N ALA H 276 -2.52 -17.10 -47.47
CA ALA H 276 -3.71 -17.86 -47.82
C ALA H 276 -4.44 -17.23 -49.00
N GLN H 277 -4.44 -15.90 -49.09
CA GLN H 277 -5.11 -15.24 -50.20
C GLN H 277 -4.46 -15.59 -51.53
N SER H 278 -3.12 -15.52 -51.59
CA SER H 278 -2.42 -15.88 -52.83
C SER H 278 -2.81 -17.28 -53.29
N ILE H 279 -2.76 -18.24 -52.37
CA ILE H 279 -3.08 -19.62 -52.71
C ILE H 279 -4.50 -19.73 -53.25
N ILE H 280 -5.45 -19.06 -52.59
CA ILE H 280 -6.85 -19.26 -52.94
C ILE H 280 -7.18 -18.59 -54.26
N PHE H 281 -6.52 -17.47 -54.59
CA PHE H 281 -6.73 -16.85 -55.89
C PHE H 281 -6.44 -17.84 -57.01
N ILE H 282 -5.44 -18.69 -56.83
CA ILE H 282 -5.07 -19.67 -57.85
C ILE H 282 -6.19 -20.67 -58.05
N PHE H 283 -6.70 -21.24 -56.94
CA PHE H 283 -7.86 -22.11 -57.03
C PHE H 283 -8.98 -21.44 -57.83
N ALA H 284 -9.32 -20.21 -57.45
CA ALA H 284 -10.49 -19.56 -58.02
C ALA H 284 -10.30 -19.22 -59.49
N GLY H 285 -9.10 -18.81 -59.87
CA GLY H 285 -8.90 -18.19 -61.17
C GLY H 285 -8.46 -19.10 -62.29
N TYR H 286 -7.96 -20.30 -61.96
CA TYR H 286 -7.31 -21.12 -62.97
C TYR H 286 -8.30 -21.86 -63.85
N GLU H 287 -8.92 -22.92 -63.32
CA GLU H 287 -9.80 -23.74 -64.14
C GLU H 287 -10.97 -22.94 -64.68
N THR H 288 -11.43 -21.93 -63.95
CA THR H 288 -12.44 -21.03 -64.48
C THR H 288 -11.88 -20.39 -65.74
N THR H 289 -11.01 -19.39 -65.60
CA THR H 289 -10.46 -18.68 -66.74
C THR H 289 -10.12 -19.62 -67.89
N SER H 290 -9.38 -20.70 -67.61
CA SER H 290 -9.02 -21.64 -68.66
C SER H 290 -10.26 -22.24 -69.32
N SER H 291 -11.18 -22.77 -68.51
CA SER H 291 -12.32 -23.47 -69.08
C SER H 291 -13.23 -22.53 -69.87
N VAL H 292 -13.41 -21.30 -69.39
CA VAL H 292 -14.36 -20.40 -70.04
C VAL H 292 -13.82 -19.92 -71.37
N LEU H 293 -12.55 -19.53 -71.41
CA LEU H 293 -11.90 -19.21 -72.67
C LEU H 293 -12.10 -20.33 -73.69
N SER H 294 -11.94 -21.58 -73.25
CA SER H 294 -12.08 -22.71 -74.16
C SER H 294 -13.48 -22.77 -74.76
N PHE H 295 -14.49 -22.41 -73.96
CA PHE H 295 -15.86 -22.50 -74.45
C PHE H 295 -16.23 -21.30 -75.31
N ILE H 296 -15.64 -20.13 -75.04
CA ILE H 296 -15.88 -18.98 -75.91
C ILE H 296 -15.35 -19.26 -77.31
N ILE H 297 -14.09 -19.71 -77.40
CA ILE H 297 -13.49 -19.99 -78.70
C ILE H 297 -14.29 -21.07 -79.43
N TYR H 298 -14.76 -22.08 -78.70
CA TYR H 298 -15.62 -23.08 -79.31
C TYR H 298 -16.85 -22.42 -79.92
N GLU H 299 -17.58 -21.63 -79.12
CA GLU H 299 -18.78 -20.98 -79.62
C GLU H 299 -18.48 -20.12 -80.85
N LEU H 300 -17.26 -19.61 -80.97
CA LEU H 300 -16.90 -18.81 -82.14
C LEU H 300 -16.52 -19.67 -83.33
N ALA H 301 -15.93 -20.85 -83.08
CA ALA H 301 -15.64 -21.76 -84.18
C ALA H 301 -16.91 -22.38 -84.75
N THR H 302 -17.94 -22.56 -83.92
CA THR H 302 -19.22 -23.09 -84.39
C THR H 302 -20.17 -21.99 -84.86
N HIS H 303 -19.73 -20.74 -84.87
CA HIS H 303 -20.53 -19.62 -85.38
C HIS H 303 -19.57 -18.64 -86.05
N PRO H 304 -19.08 -18.99 -87.24
CA PRO H 304 -17.97 -18.20 -87.84
C PRO H 304 -18.33 -16.74 -88.05
N ASP H 305 -19.58 -16.45 -88.38
CA ASP H 305 -20.00 -15.06 -88.50
C ASP H 305 -19.64 -14.27 -87.24
N VAL H 306 -19.85 -14.89 -86.08
CA VAL H 306 -19.74 -14.13 -84.84
C VAL H 306 -18.27 -13.85 -84.57
N GLN H 307 -17.43 -14.83 -84.93
CA GLN H 307 -15.98 -14.69 -84.89
C GLN H 307 -15.52 -13.56 -85.79
N GLN H 308 -16.22 -13.37 -86.91
CA GLN H 308 -15.76 -12.42 -87.90
C GLN H 308 -16.10 -11.02 -87.41
N LYS H 309 -17.30 -10.90 -86.84
CA LYS H 309 -17.75 -9.65 -86.20
C LYS H 309 -16.91 -9.33 -84.98
N VAL H 310 -16.51 -10.36 -84.22
CA VAL H 310 -15.56 -10.16 -83.14
C VAL H 310 -14.22 -9.72 -83.73
N GLN H 311 -13.67 -10.52 -84.64
CA GLN H 311 -12.38 -10.17 -85.25
C GLN H 311 -12.41 -8.79 -85.85
N LYS H 312 -13.48 -8.43 -86.56
CA LYS H 312 -13.57 -7.08 -87.09
C LYS H 312 -13.45 -6.07 -85.96
N GLU H 313 -14.37 -6.12 -85.00
CA GLU H 313 -14.36 -5.14 -83.92
C GLU H 313 -12.97 -4.98 -83.36
N ILE H 314 -12.25 -6.07 -83.18
CA ILE H 314 -10.94 -5.98 -82.57
C ILE H 314 -10.02 -5.15 -83.40
N ASP H 315 -10.02 -5.43 -84.68
CA ASP H 315 -9.17 -4.70 -85.62
C ASP H 315 -9.56 -3.23 -85.68
N THR H 316 -10.86 -2.94 -85.67
CA THR H 316 -11.29 -1.54 -85.59
C THR H 316 -10.74 -0.88 -84.35
N VAL H 317 -10.90 -1.53 -83.20
CA VAL H 317 -10.41 -0.95 -81.96
C VAL H 317 -8.89 -1.00 -81.91
N LEU H 318 -8.28 -2.11 -82.33
CA LEU H 318 -6.84 -2.24 -82.18
C LEU H 318 -6.26 -2.42 -83.59
N PRO H 319 -6.04 -1.34 -84.33
CA PRO H 319 -5.56 -1.50 -85.71
C PRO H 319 -4.10 -1.92 -85.77
N ASN H 320 -3.76 -2.69 -86.81
CA ASN H 320 -2.40 -3.18 -87.00
C ASN H 320 -1.93 -3.96 -85.78
N LYS H 321 -2.72 -4.95 -85.37
CA LYS H 321 -2.34 -5.88 -84.31
C LYS H 321 -1.81 -5.14 -83.08
N ALA H 322 -2.43 -4.02 -82.75
CA ALA H 322 -2.00 -3.26 -81.58
C ALA H 322 -2.12 -4.13 -80.33
N PRO H 323 -1.22 -3.99 -79.37
CA PRO H 323 -1.34 -4.75 -78.11
C PRO H 323 -2.51 -4.22 -77.29
N PRO H 324 -3.26 -5.10 -76.64
CA PRO H 324 -4.41 -4.63 -75.84
C PRO H 324 -3.97 -3.98 -74.53
N THR H 325 -4.86 -3.11 -74.03
CA THR H 325 -4.64 -2.42 -72.75
C THR H 325 -6.00 -2.11 -72.14
N TYR H 326 -6.02 -2.00 -70.81
CA TYR H 326 -7.27 -1.86 -70.08
C TYR H 326 -8.29 -0.97 -70.80
N ASP H 327 -7.86 0.22 -71.22
CA ASP H 327 -8.80 1.15 -71.87
C ASP H 327 -9.38 0.55 -73.13
N THR H 328 -8.52 0.06 -74.04
CA THR H 328 -9.01 -0.46 -75.30
C THR H 328 -9.85 -1.71 -75.12
N VAL H 329 -9.42 -2.61 -74.22
CA VAL H 329 -10.11 -3.88 -74.07
C VAL H 329 -11.54 -3.59 -73.60
N LEU H 330 -11.69 -2.52 -72.84
CA LEU H 330 -12.96 -2.15 -72.25
C LEU H 330 -13.99 -1.65 -73.23
N GLN H 331 -13.53 -1.41 -74.44
CA GLN H 331 -14.34 -0.86 -75.52
C GLN H 331 -14.97 -1.92 -76.40
N LEU H 332 -14.62 -3.20 -76.17
CA LEU H 332 -15.08 -4.28 -77.04
C LEU H 332 -16.48 -4.70 -76.61
N GLU H 333 -17.46 -3.91 -77.05
CA GLU H 333 -18.84 -4.14 -76.63
C GLU H 333 -19.39 -5.43 -77.19
N TYR H 334 -18.95 -5.84 -78.39
CA TYR H 334 -19.45 -7.10 -78.93
C TYR H 334 -18.77 -8.29 -78.25
N LEU H 335 -17.44 -8.25 -78.11
CA LEU H 335 -16.76 -9.31 -77.38
C LEU H 335 -17.34 -9.48 -75.99
N ASP H 336 -17.70 -8.36 -75.34
CA ASP H 336 -18.38 -8.44 -74.06
C ASP H 336 -19.63 -9.29 -74.15
N MET H 337 -20.35 -9.19 -75.28
CA MET H 337 -21.57 -9.97 -75.43
C MET H 337 -21.28 -11.44 -75.70
N VAL H 338 -20.26 -11.72 -76.50
CA VAL H 338 -19.91 -13.11 -76.77
C VAL H 338 -19.48 -13.80 -75.49
N VAL H 339 -18.84 -13.07 -74.58
CA VAL H 339 -18.44 -13.68 -73.31
C VAL H 339 -19.65 -13.97 -72.45
N ASN H 340 -20.49 -12.96 -72.22
CA ASN H 340 -21.68 -13.13 -71.41
C ASN H 340 -22.54 -14.28 -71.94
N GLU H 341 -22.76 -14.31 -73.25
CA GLU H 341 -23.62 -15.36 -73.81
C GLU H 341 -22.97 -16.73 -73.70
N THR H 342 -21.64 -16.82 -73.74
CA THR H 342 -21.00 -18.10 -73.50
C THR H 342 -21.12 -18.51 -72.04
N LEU H 343 -21.08 -17.54 -71.13
CA LEU H 343 -21.20 -17.84 -69.70
C LEU H 343 -22.63 -18.18 -69.32
N ARG H 344 -23.62 -17.64 -70.04
CA ARG H 344 -25.00 -18.06 -69.82
C ARG H 344 -25.16 -19.54 -70.12
N LEU H 345 -24.73 -19.96 -71.30
CA LEU H 345 -24.87 -21.36 -71.69
C LEU H 345 -23.98 -22.29 -70.87
N PHE H 346 -22.88 -21.79 -70.31
CA PHE H 346 -21.90 -22.62 -69.63
C PHE H 346 -21.43 -21.94 -68.36
N PRO H 347 -22.30 -21.84 -67.36
CA PRO H 347 -21.85 -21.29 -66.07
C PRO H 347 -20.88 -22.25 -65.41
N VAL H 348 -19.71 -21.76 -65.04
CA VAL H 348 -18.73 -22.61 -64.37
C VAL H 348 -19.30 -23.11 -63.06
N ALA H 349 -20.02 -22.26 -62.34
CA ALA H 349 -20.49 -22.59 -61.00
C ALA H 349 -21.61 -23.63 -61.05
N MET H 350 -22.70 -23.30 -61.75
CA MET H 350 -23.87 -24.16 -61.88
C MET H 350 -24.74 -24.17 -60.63
N ARG H 351 -24.12 -24.06 -59.46
CA ARG H 351 -24.89 -23.88 -58.24
C ARG H 351 -24.20 -22.87 -57.34
N LEU H 352 -25.01 -21.96 -56.79
CA LEU H 352 -24.62 -21.14 -55.66
C LEU H 352 -25.24 -21.76 -54.41
N GLU H 353 -24.43 -21.87 -53.35
CA GLU H 353 -24.83 -22.57 -52.14
C GLU H 353 -24.50 -21.70 -50.93
N ARG H 354 -25.47 -21.56 -50.03
CA ARG H 354 -25.27 -20.84 -48.79
C ARG H 354 -25.87 -21.60 -47.64
N VAL H 355 -25.12 -21.70 -46.55
CA VAL H 355 -25.62 -22.34 -45.33
C VAL H 355 -26.55 -21.36 -44.63
N CYS H 356 -27.74 -21.84 -44.28
CA CYS H 356 -28.67 -21.06 -43.45
C CYS H 356 -28.18 -21.09 -42.02
N LYS H 357 -27.87 -19.91 -41.47
CA LYS H 357 -27.28 -19.81 -40.14
C LYS H 357 -28.31 -19.79 -39.01
N LYS H 358 -29.58 -19.56 -39.32
CA LYS H 358 -30.61 -19.47 -38.28
C LYS H 358 -31.97 -19.68 -38.91
N ASP H 359 -32.89 -20.21 -38.10
CA ASP H 359 -34.29 -20.29 -38.51
C ASP H 359 -34.75 -18.94 -39.03
N VAL H 360 -35.27 -18.92 -40.26
CA VAL H 360 -35.79 -17.68 -40.83
C VAL H 360 -36.90 -17.98 -41.82
N GLU H 361 -37.59 -16.92 -42.17
CA GLU H 361 -38.65 -17.00 -43.14
C GLU H 361 -38.25 -15.99 -44.16
N ILE H 362 -38.29 -16.35 -45.42
CA ILE H 362 -37.92 -15.42 -46.46
C ILE H 362 -39.01 -15.47 -47.49
N ASN H 363 -39.64 -14.33 -47.72
CA ASN H 363 -40.73 -14.26 -48.63
C ASN H 363 -41.74 -15.34 -48.41
N GLY H 364 -42.10 -15.59 -47.15
CA GLY H 364 -43.10 -16.57 -46.79
C GLY H 364 -42.75 -18.04 -46.90
N MET H 365 -41.53 -18.36 -46.61
CA MET H 365 -41.05 -19.73 -46.65
C MET H 365 -40.08 -19.90 -45.49
N PHE H 366 -40.46 -20.73 -44.53
CA PHE H 366 -39.59 -20.99 -43.39
C PHE H 366 -38.40 -21.85 -43.82
N ILE H 367 -37.21 -21.44 -43.42
CA ILE H 367 -35.99 -22.19 -43.69
C ILE H 367 -35.33 -22.49 -42.35
N PRO H 368 -35.17 -23.76 -41.98
CA PRO H 368 -34.56 -24.07 -40.68
C PRO H 368 -33.05 -23.95 -40.70
N LYS H 369 -32.50 -23.70 -39.52
CA LYS H 369 -31.05 -23.67 -39.33
C LYS H 369 -30.40 -24.92 -39.91
N GLY H 370 -29.24 -24.71 -40.53
CA GLY H 370 -28.45 -25.81 -41.04
C GLY H 370 -28.73 -26.19 -42.47
N VAL H 371 -29.92 -25.87 -42.99
CA VAL H 371 -30.25 -26.21 -44.37
C VAL H 371 -29.38 -25.40 -45.31
N VAL H 372 -28.96 -26.01 -46.40
CA VAL H 372 -28.21 -25.33 -47.46
C VAL H 372 -29.22 -24.81 -48.47
N VAL H 373 -29.09 -23.54 -48.83
CA VAL H 373 -29.89 -22.94 -49.89
C VAL H 373 -29.10 -23.03 -51.20
N MET H 374 -29.68 -23.71 -52.19
CA MET H 374 -29.04 -23.90 -53.48
C MET H 374 -29.76 -23.08 -54.54
N ILE H 375 -28.99 -22.40 -55.38
CA ILE H 375 -29.55 -21.62 -56.48
C ILE H 375 -29.05 -22.24 -57.79
N PRO H 376 -29.91 -22.94 -58.54
CA PRO H 376 -29.42 -23.64 -59.74
C PRO H 376 -29.21 -22.70 -60.92
N SER H 377 -28.16 -21.91 -60.84
CA SER H 377 -27.85 -20.90 -61.85
C SER H 377 -27.99 -21.48 -63.26
N TYR H 378 -27.50 -22.70 -63.47
CA TYR H 378 -27.63 -23.32 -64.78
C TYR H 378 -29.07 -23.34 -65.24
N VAL H 379 -29.99 -23.72 -64.35
CA VAL H 379 -31.40 -23.80 -64.71
C VAL H 379 -31.90 -22.42 -65.12
N LEU H 380 -31.74 -21.44 -64.24
CA LEU H 380 -32.20 -20.09 -64.55
C LEU H 380 -31.60 -19.58 -65.85
N HIS H 381 -30.36 -20.00 -66.15
CA HIS H 381 -29.71 -19.58 -67.40
C HIS H 381 -30.37 -20.21 -68.61
N HIS H 382 -30.97 -21.39 -68.46
CA HIS H 382 -31.59 -22.10 -69.58
C HIS H 382 -33.11 -22.16 -69.44
N ASP H 383 -33.70 -21.34 -68.59
CA ASP H 383 -35.14 -21.36 -68.41
C ASP H 383 -35.81 -20.65 -69.57
N PRO H 384 -36.55 -21.36 -70.42
CA PRO H 384 -37.26 -20.67 -71.52
C PRO H 384 -38.16 -19.56 -71.02
N LYS H 385 -38.61 -19.64 -69.77
CA LYS H 385 -39.41 -18.58 -69.17
C LYS H 385 -38.69 -17.24 -69.25
N TYR H 386 -37.37 -17.25 -69.24
CA TYR H 386 -36.59 -16.01 -69.21
C TYR H 386 -35.72 -15.81 -70.44
N TRP H 387 -35.55 -16.81 -71.29
CA TRP H 387 -34.72 -16.70 -72.49
C TRP H 387 -35.37 -17.48 -73.62
N THR H 388 -35.72 -16.80 -74.72
CA THR H 388 -36.20 -17.48 -75.92
C THR H 388 -35.03 -18.18 -76.65
N GLU H 389 -35.31 -19.42 -77.03
CA GLU H 389 -34.35 -20.26 -77.68
C GLU H 389 -33.14 -20.25 -76.81
N PRO H 390 -33.24 -20.76 -75.60
CA PRO H 390 -32.13 -20.63 -74.66
C PRO H 390 -30.95 -21.50 -75.03
N GLU H 391 -31.20 -22.59 -75.76
CA GLU H 391 -30.14 -23.52 -76.13
C GLU H 391 -29.32 -23.04 -77.31
N LYS H 392 -29.56 -21.84 -77.82
CA LYS H 392 -28.86 -21.31 -78.97
C LYS H 392 -27.98 -20.14 -78.56
N PHE H 393 -26.80 -20.08 -79.18
CA PHE H 393 -25.77 -19.08 -78.89
C PHE H 393 -26.16 -17.79 -79.62
N LEU H 394 -26.65 -16.81 -78.86
CA LEU H 394 -27.17 -15.57 -79.43
C LEU H 394 -26.57 -14.38 -78.68
N PRO H 395 -25.40 -13.90 -79.10
CA PRO H 395 -24.78 -12.76 -78.40
C PRO H 395 -25.63 -11.50 -78.38
N GLU H 396 -26.64 -11.38 -79.23
CA GLU H 396 -27.45 -10.17 -79.23
C GLU H 396 -28.40 -10.08 -78.05
N ARG H 397 -28.54 -11.14 -77.24
CA ARG H 397 -29.31 -11.02 -76.02
C ARG H 397 -28.75 -9.94 -75.12
N PHE H 398 -27.43 -9.80 -75.09
CA PHE H 398 -26.75 -8.86 -74.21
C PHE H 398 -26.47 -7.52 -74.89
N SER H 399 -27.12 -7.24 -76.01
CA SER H 399 -27.04 -5.93 -76.63
C SER H 399 -27.60 -4.88 -75.67
N ALA H 400 -26.89 -3.75 -75.57
CA ALA H 400 -27.34 -2.67 -74.70
C ALA H 400 -28.79 -2.29 -74.97
N ALA H 401 -29.31 -2.62 -76.15
CA ALA H 401 -30.74 -2.51 -76.43
C ALA H 401 -31.53 -3.41 -75.48
N ASN H 402 -31.46 -4.72 -75.70
CA ASN H 402 -32.14 -5.72 -74.89
C ASN H 402 -31.52 -5.89 -73.50
N ALA H 403 -30.62 -5.01 -73.06
CA ALA H 403 -30.03 -5.18 -71.74
C ALA H 403 -31.07 -5.07 -70.64
N ASP H 404 -32.12 -4.29 -70.85
CA ASP H 404 -33.13 -4.07 -69.84
C ASP H 404 -34.06 -5.27 -69.64
N ASN H 405 -33.76 -6.45 -70.19
CA ASN H 405 -34.58 -7.63 -70.02
C ASN H 405 -33.76 -8.80 -69.45
N ILE H 406 -32.88 -8.50 -68.49
CA ILE H 406 -32.00 -9.50 -67.90
C ILE H 406 -32.01 -9.28 -66.40
N ASP H 407 -32.59 -10.21 -65.66
CA ASP H 407 -32.57 -10.13 -64.20
C ASP H 407 -31.17 -10.50 -63.69
N PRO H 408 -30.58 -9.70 -62.80
CA PRO H 408 -29.29 -10.09 -62.21
C PRO H 408 -29.41 -11.16 -61.13
N TYR H 409 -30.60 -11.75 -61.01
CA TYR H 409 -30.83 -12.90 -60.13
C TYR H 409 -31.35 -14.09 -60.91
N ILE H 410 -31.52 -13.95 -62.21
CA ILE H 410 -31.64 -15.06 -63.14
C ILE H 410 -30.30 -15.40 -63.77
N TYR H 411 -29.50 -14.38 -64.08
CA TYR H 411 -28.21 -14.51 -64.75
C TYR H 411 -27.14 -14.22 -63.71
N THR H 412 -26.45 -15.27 -63.26
CA THR H 412 -25.54 -15.19 -62.12
C THR H 412 -24.27 -15.97 -62.41
N PRO H 413 -23.53 -15.59 -63.46
CA PRO H 413 -22.32 -16.35 -63.79
C PRO H 413 -21.18 -16.10 -62.82
N PHE H 414 -21.12 -14.92 -62.22
CA PHE H 414 -20.15 -14.59 -61.19
C PHE H 414 -20.79 -14.49 -59.81
N GLY H 415 -21.98 -15.04 -59.66
CA GLY H 415 -22.70 -14.88 -58.41
C GLY H 415 -23.31 -13.48 -58.31
N SER H 416 -23.65 -13.13 -57.08
CA SER H 416 -24.37 -11.89 -56.83
C SER H 416 -24.32 -11.58 -55.34
N GLY H 417 -24.41 -10.30 -55.01
CA GLY H 417 -24.48 -9.88 -53.63
C GLY H 417 -23.12 -9.63 -53.02
N PRO H 418 -23.09 -9.35 -51.71
CA PRO H 418 -21.82 -9.02 -51.05
C PRO H 418 -20.78 -10.13 -51.15
N ARG H 419 -21.17 -11.36 -51.49
CA ARG H 419 -20.24 -12.47 -51.60
C ARG H 419 -20.27 -13.07 -53.00
N ASN H 420 -20.27 -12.22 -54.01
CA ASN H 420 -20.14 -12.67 -55.39
C ASN H 420 -18.66 -12.94 -55.68
N CYS H 421 -18.32 -13.14 -56.95
CA CYS H 421 -16.94 -13.29 -57.35
C CYS H 421 -16.19 -11.99 -57.17
N ILE H 422 -15.14 -12.00 -56.35
CA ILE H 422 -14.36 -10.79 -56.10
C ILE H 422 -13.39 -10.49 -57.23
N GLY H 423 -13.11 -11.46 -58.09
CA GLY H 423 -12.20 -11.29 -59.21
C GLY H 423 -12.87 -11.15 -60.56
N MET H 424 -14.19 -10.94 -60.58
CA MET H 424 -14.93 -10.82 -61.83
C MET H 424 -14.29 -9.79 -62.77
N ARG H 425 -14.16 -8.56 -62.31
CA ARG H 425 -13.48 -7.54 -63.11
C ARG H 425 -12.21 -8.10 -63.73
N PHE H 426 -11.26 -8.50 -62.88
CA PHE H 426 -10.01 -9.07 -63.35
C PHE H 426 -10.26 -10.18 -64.36
N ALA H 427 -11.03 -11.20 -63.97
CA ALA H 427 -11.26 -12.34 -64.84
C ALA H 427 -11.73 -11.90 -66.22
N LEU H 428 -12.63 -10.91 -66.27
CA LEU H 428 -13.18 -10.49 -67.56
C LEU H 428 -12.13 -9.82 -68.42
N VAL H 429 -11.46 -8.80 -67.88
CA VAL H 429 -10.36 -8.16 -68.59
C VAL H 429 -9.36 -9.19 -69.06
N ASN H 430 -8.87 -10.02 -68.13
CA ASN H 430 -7.86 -11.02 -68.46
C ASN H 430 -8.32 -11.88 -69.64
N MET H 431 -9.55 -12.38 -69.58
CA MET H 431 -10.05 -13.25 -70.64
C MET H 431 -9.98 -12.54 -71.99
N LYS H 432 -10.25 -11.24 -72.02
CA LYS H 432 -10.26 -10.50 -73.27
C LYS H 432 -8.84 -10.19 -73.77
N LEU H 433 -7.93 -9.85 -72.84
CA LEU H 433 -6.53 -9.71 -73.23
C LEU H 433 -6.06 -10.94 -74.00
N ALA H 434 -6.43 -12.13 -73.52
CA ALA H 434 -6.01 -13.36 -74.18
C ALA H 434 -6.79 -13.58 -75.48
N LEU H 435 -8.13 -13.48 -75.41
CA LEU H 435 -8.93 -13.65 -76.62
C LEU H 435 -8.48 -12.69 -77.71
N VAL H 436 -8.14 -11.45 -77.32
CA VAL H 436 -7.69 -10.46 -78.31
C VAL H 436 -6.43 -10.95 -79.01
N ARG H 437 -5.34 -11.15 -78.26
CA ARG H 437 -4.10 -11.60 -78.89
C ARG H 437 -4.32 -12.86 -79.72
N VAL H 438 -5.30 -13.69 -79.35
CA VAL H 438 -5.56 -14.91 -80.10
C VAL H 438 -6.26 -14.60 -81.42
N LEU H 439 -7.42 -13.95 -81.36
CA LEU H 439 -8.18 -13.67 -82.57
C LEU H 439 -7.54 -12.60 -83.44
N GLN H 440 -6.48 -11.95 -82.97
CA GLN H 440 -5.70 -11.05 -83.83
C GLN H 440 -4.82 -11.83 -84.79
N ASN H 441 -4.42 -13.05 -84.41
CA ASN H 441 -3.44 -13.83 -85.13
C ASN H 441 -4.00 -15.13 -85.68
N PHE H 442 -5.27 -15.43 -85.42
CA PHE H 442 -5.82 -16.71 -85.85
C PHE H 442 -7.32 -16.63 -86.10
N SER H 443 -7.83 -17.68 -86.74
CA SER H 443 -9.25 -17.95 -86.86
C SER H 443 -9.45 -19.43 -86.60
N PHE H 444 -10.54 -19.77 -85.93
CA PHE H 444 -10.78 -21.14 -85.47
C PHE H 444 -11.96 -21.74 -86.23
N LYS H 445 -11.82 -22.99 -86.63
CA LYS H 445 -12.84 -23.68 -87.40
C LYS H 445 -13.05 -25.08 -86.82
N PRO H 446 -14.28 -25.56 -86.95
CA PRO H 446 -14.65 -26.89 -86.53
C PRO H 446 -13.70 -27.86 -87.22
N CYS H 447 -12.87 -28.48 -86.42
CA CYS H 447 -11.86 -29.41 -86.86
C CYS H 447 -12.49 -30.69 -87.32
N LYS H 448 -11.68 -31.60 -87.79
CA LYS H 448 -12.17 -32.88 -88.20
C LYS H 448 -12.68 -33.59 -86.94
N GLU H 449 -11.80 -33.73 -85.95
CA GLU H 449 -12.13 -34.38 -84.70
C GLU H 449 -13.11 -33.70 -83.73
N THR H 450 -13.25 -32.38 -83.80
CA THR H 450 -14.15 -31.67 -82.91
C THR H 450 -15.56 -32.27 -82.82
N GLN H 451 -16.02 -32.66 -81.63
CA GLN H 451 -17.37 -33.17 -81.49
C GLN H 451 -18.23 -31.93 -81.50
N ILE H 452 -19.05 -31.75 -82.51
CA ILE H 452 -19.80 -30.51 -82.60
C ILE H 452 -20.77 -30.32 -81.45
N PRO H 453 -21.92 -31.00 -81.46
CA PRO H 453 -22.82 -30.70 -80.36
C PRO H 453 -22.10 -31.11 -79.09
N LEU H 454 -21.71 -30.15 -78.28
CA LEU H 454 -20.95 -30.41 -77.08
C LEU H 454 -21.76 -31.07 -76.00
N LYS H 455 -21.13 -31.95 -75.26
CA LYS H 455 -21.82 -32.66 -74.18
C LYS H 455 -20.93 -32.72 -72.94
N LEU H 456 -21.50 -32.26 -71.83
CA LEU H 456 -20.79 -32.14 -70.57
C LEU H 456 -20.79 -33.47 -69.83
N ARG H 457 -19.77 -33.64 -69.01
CA ARG H 457 -19.58 -34.82 -68.18
C ARG H 457 -19.57 -34.40 -66.73
N PHE H 458 -20.03 -35.30 -65.86
CA PHE H 458 -19.96 -35.02 -64.44
C PHE H 458 -18.52 -35.17 -63.95
N GLY H 459 -18.11 -34.28 -63.05
CA GLY H 459 -16.90 -34.52 -62.29
C GLY H 459 -15.80 -33.49 -62.49
N GLY H 460 -16.16 -32.23 -62.59
CA GLY H 460 -15.18 -31.18 -62.78
C GLY H 460 -15.82 -29.93 -63.34
N LEU H 461 -15.00 -28.88 -63.40
CA LEU H 461 -15.43 -27.58 -63.90
C LEU H 461 -15.66 -27.68 -65.40
N LEU H 462 -16.91 -27.84 -65.80
CA LEU H 462 -17.28 -27.91 -67.21
C LEU H 462 -16.47 -28.97 -67.95
N LEU H 463 -16.63 -30.21 -67.52
CA LEU H 463 -16.01 -31.30 -68.25
C LEU H 463 -16.85 -31.67 -69.45
N THR H 464 -16.20 -32.22 -70.46
CA THR H 464 -16.84 -32.62 -71.70
C THR H 464 -16.61 -34.10 -71.94
N GLU H 465 -17.60 -34.75 -72.56
CA GLU H 465 -17.42 -36.13 -72.98
C GLU H 465 -16.19 -36.30 -73.84
N LYS H 466 -15.79 -35.26 -74.58
CA LYS H 466 -14.56 -35.32 -75.35
C LYS H 466 -13.89 -33.96 -75.37
N PRO H 467 -12.56 -33.93 -75.50
CA PRO H 467 -11.85 -32.64 -75.44
C PRO H 467 -12.35 -31.69 -76.50
N ILE H 468 -12.18 -30.41 -76.25
CA ILE H 468 -12.54 -29.43 -77.23
C ILE H 468 -11.28 -29.25 -78.04
N VAL H 469 -11.28 -29.67 -79.30
CA VAL H 469 -10.13 -29.54 -80.15
C VAL H 469 -10.58 -28.90 -81.43
N LEU H 470 -9.86 -27.90 -81.90
CA LEU H 470 -10.23 -27.22 -83.12
C LEU H 470 -9.02 -27.06 -83.98
N LYS H 471 -9.17 -26.27 -85.04
CA LYS H 471 -8.03 -25.97 -85.90
C LYS H 471 -7.84 -24.47 -85.95
N ALA H 472 -6.60 -24.03 -85.75
CA ALA H 472 -6.27 -22.62 -85.70
C ALA H 472 -5.51 -22.26 -86.98
N GLU H 473 -6.21 -21.60 -87.91
CA GLU H 473 -5.58 -21.05 -89.09
C GLU H 473 -4.97 -19.70 -88.76
N SER H 474 -3.72 -19.50 -89.14
CA SER H 474 -3.12 -18.18 -88.99
C SER H 474 -3.69 -17.22 -90.02
N ARG H 475 -3.53 -15.94 -89.76
CA ARG H 475 -3.93 -14.93 -90.71
C ARG H 475 -2.63 -14.49 -91.35
N ASP H 476 -2.15 -15.31 -92.28
CA ASP H 476 -0.90 -15.08 -92.99
C ASP H 476 0.24 -14.74 -92.05
N THR I 8 -31.01 35.35 -22.98
CA THR I 8 -32.31 35.97 -23.02
C THR I 8 -32.81 36.62 -21.73
N HIS I 9 -31.92 37.17 -20.92
CA HIS I 9 -32.37 37.82 -19.72
C HIS I 9 -32.88 39.13 -20.21
N GLY I 10 -32.59 39.44 -21.46
CA GLY I 10 -33.07 40.69 -21.98
C GLY I 10 -34.41 40.52 -22.66
N LEU I 11 -35.18 39.56 -22.18
CA LEU I 11 -36.52 39.36 -22.73
C LEU I 11 -37.61 40.23 -22.10
N PHE I 12 -37.84 40.15 -20.80
CA PHE I 12 -38.92 40.97 -20.26
C PHE I 12 -38.68 42.46 -20.49
N LYS I 13 -37.41 42.87 -20.56
CA LYS I 13 -37.12 44.26 -20.93
C LYS I 13 -37.57 44.52 -22.37
N LYS I 14 -37.35 43.56 -23.27
CA LYS I 14 -37.68 43.73 -24.68
C LYS I 14 -39.18 43.78 -24.92
N LEU I 15 -39.93 42.91 -24.26
CA LEU I 15 -41.38 42.85 -24.40
C LEU I 15 -42.09 43.96 -23.65
N GLY I 16 -41.39 44.68 -22.77
CA GLY I 16 -41.99 45.76 -22.01
C GLY I 16 -42.60 45.35 -20.70
N ILE I 17 -42.08 44.30 -20.07
CA ILE I 17 -42.62 43.76 -18.83
C ILE I 17 -41.62 44.04 -17.70
N PRO I 18 -42.06 44.61 -16.58
CA PRO I 18 -41.10 44.94 -15.52
C PRO I 18 -40.59 43.72 -14.79
N GLY I 19 -39.69 43.92 -13.83
CA GLY I 19 -39.21 42.83 -13.01
C GLY I 19 -37.96 43.18 -12.24
N PRO I 20 -37.58 42.31 -11.31
CA PRO I 20 -36.28 42.49 -10.64
C PRO I 20 -35.15 42.23 -11.62
N THR I 21 -34.07 42.98 -11.46
CA THR I 21 -32.95 42.86 -12.39
C THR I 21 -32.25 41.52 -12.15
N PRO I 22 -32.03 40.71 -13.19
CA PRO I 22 -31.41 39.40 -12.98
C PRO I 22 -29.89 39.44 -13.02
N LEU I 23 -29.30 38.45 -12.37
CA LEU I 23 -27.86 38.25 -12.39
C LEU I 23 -27.45 37.45 -13.62
N PRO I 24 -26.16 37.45 -13.96
CA PRO I 24 -25.70 36.57 -15.03
C PRO I 24 -25.89 35.11 -14.65
N PHE I 25 -26.59 34.37 -15.53
CA PHE I 25 -26.87 32.95 -15.35
C PHE I 25 -27.88 32.69 -14.23
N LEU I 26 -27.53 33.07 -12.99
CA LEU I 26 -28.40 32.75 -11.86
C LEU I 26 -29.78 33.38 -12.02
N GLY I 27 -29.86 34.51 -12.71
CA GLY I 27 -31.13 35.21 -12.79
C GLY I 27 -31.55 35.71 -11.41
N ASN I 28 -32.82 35.54 -11.10
CA ASN I 28 -33.38 35.94 -9.81
C ASN I 28 -33.42 34.80 -8.81
N ALA I 29 -32.95 33.60 -9.20
CA ALA I 29 -33.25 32.40 -8.43
C ALA I 29 -32.65 32.43 -7.02
N LEU I 30 -31.59 33.22 -6.79
CA LEU I 30 -31.11 33.38 -5.43
C LEU I 30 -32.11 34.18 -4.59
N SER I 31 -32.89 35.04 -5.22
CA SER I 31 -33.94 35.75 -4.52
C SER I 31 -35.03 34.81 -4.04
N PHE I 32 -35.19 33.66 -4.71
CA PHE I 32 -36.23 32.73 -4.29
C PHE I 32 -35.96 32.17 -2.91
N ARG I 33 -34.69 32.08 -2.51
CA ARG I 33 -34.28 31.31 -1.33
C ARG I 33 -34.69 31.96 -0.01
N LYS I 34 -35.29 33.16 -0.03
CA LYS I 34 -36.02 33.70 1.13
C LYS I 34 -37.47 33.21 1.21
N GLY I 35 -37.95 32.48 0.20
CA GLY I 35 -39.33 32.04 0.18
C GLY I 35 -40.03 32.55 -1.06
N TYR I 36 -40.58 31.64 -1.86
CA TYR I 36 -41.44 32.06 -2.95
C TYR I 36 -42.49 33.03 -2.46
N TRP I 37 -43.08 32.74 -1.29
CA TRP I 37 -44.23 33.52 -0.82
C TRP I 37 -43.88 34.99 -0.65
N THR I 38 -42.73 35.27 -0.03
CA THR I 38 -42.40 36.68 0.23
C THR I 38 -41.83 37.36 -1.01
N PHE I 39 -40.96 36.68 -1.77
CA PHE I 39 -40.40 37.32 -2.96
C PHE I 39 -41.50 37.70 -3.95
N ASP I 40 -42.35 36.73 -4.31
CA ASP I 40 -43.42 37.01 -5.25
C ASP I 40 -44.29 38.17 -4.79
N MET I 41 -44.60 38.22 -3.49
CA MET I 41 -45.48 39.26 -2.96
C MET I 41 -44.86 40.64 -3.12
N GLU I 42 -43.54 40.75 -2.94
CA GLU I 42 -42.86 42.03 -3.20
C GLU I 42 -42.90 42.37 -4.68
N CYS I 43 -42.53 41.41 -5.54
CA CYS I 43 -42.60 41.64 -6.98
C CYS I 43 -44.01 42.01 -7.42
N TYR I 44 -45.02 41.62 -6.65
CA TYR I 44 -46.37 42.12 -6.91
C TYR I 44 -46.53 43.56 -6.47
N LYS I 45 -45.93 43.91 -5.34
CA LYS I 45 -46.20 45.22 -4.75
C LYS I 45 -45.48 46.33 -5.50
N LYS I 46 -44.27 46.08 -5.99
CA LYS I 46 -43.60 47.18 -6.68
C LYS I 46 -43.80 47.14 -8.20
N TYR I 47 -43.76 45.96 -8.83
CA TYR I 47 -43.94 45.89 -10.27
C TYR I 47 -45.40 45.76 -10.68
N GLY I 48 -46.29 45.42 -9.77
CA GLY I 48 -47.69 45.42 -10.12
C GLY I 48 -48.43 44.20 -10.58
N LYS I 49 -49.27 44.32 -11.61
CA LYS I 49 -50.09 43.22 -12.08
C LYS I 49 -49.36 42.15 -12.84
N VAL I 50 -48.21 42.47 -13.38
CA VAL I 50 -47.46 41.50 -14.15
C VAL I 50 -45.99 41.80 -13.97
N TRP I 51 -45.18 40.75 -13.87
CA TRP I 51 -43.74 40.94 -13.82
C TRP I 51 -43.06 39.70 -14.37
N GLY I 52 -41.77 39.87 -14.66
CA GLY I 52 -40.97 38.80 -15.23
C GLY I 52 -39.77 38.50 -14.34
N ILE I 53 -39.41 37.22 -14.31
CA ILE I 53 -38.30 36.72 -13.54
C ILE I 53 -37.67 35.57 -14.28
N TYR I 54 -36.42 35.28 -13.93
CA TYR I 54 -35.61 34.24 -14.54
C TYR I 54 -35.18 33.29 -13.45
N ASP I 55 -35.59 32.03 -13.57
CA ASP I 55 -35.06 30.96 -12.74
C ASP I 55 -33.84 30.41 -13.48
N GLY I 56 -32.66 30.83 -13.07
CA GLY I 56 -31.47 30.55 -13.85
C GLY I 56 -31.66 31.10 -15.25
N GLN I 57 -31.89 30.21 -16.21
CA GLN I 57 -32.05 30.61 -17.60
C GLN I 57 -33.49 30.58 -18.08
N GLN I 58 -34.41 30.07 -17.26
CA GLN I 58 -35.79 29.91 -17.69
C GLN I 58 -36.56 31.19 -17.37
N PRO I 59 -37.04 31.93 -18.37
CA PRO I 59 -37.87 33.10 -18.07
C PRO I 59 -39.23 32.67 -17.55
N MET I 60 -39.73 33.40 -16.55
CA MET I 60 -40.99 33.10 -15.90
C MET I 60 -41.86 34.35 -15.90
N LEU I 61 -43.09 34.21 -16.35
CA LEU I 61 -44.03 35.33 -16.43
C LEU I 61 -45.10 35.16 -15.35
N ALA I 62 -45.13 36.09 -14.40
CA ALA I 62 -46.08 36.05 -13.30
C ALA I 62 -47.31 36.89 -13.64
N ILE I 63 -48.50 36.33 -13.42
CA ILE I 63 -49.75 36.96 -13.79
C ILE I 63 -50.72 36.89 -12.62
N THR I 64 -51.52 37.95 -12.46
CA THR I 64 -52.48 38.04 -11.37
C THR I 64 -53.91 38.31 -11.83
N ASP I 65 -54.15 38.55 -13.11
CA ASP I 65 -55.50 38.85 -13.60
C ASP I 65 -56.32 37.58 -13.67
N PRO I 66 -57.49 37.51 -13.01
CA PRO I 66 -58.26 36.26 -13.05
C PRO I 66 -58.80 35.87 -14.42
N ASP I 67 -59.14 36.82 -15.30
CA ASP I 67 -59.48 36.41 -16.67
C ASP I 67 -58.27 35.80 -17.36
N MET I 68 -57.10 36.37 -17.13
CA MET I 68 -55.87 35.82 -17.67
C MET I 68 -55.59 34.45 -17.06
N ILE I 69 -55.64 34.36 -15.73
CA ILE I 69 -55.46 33.08 -15.06
C ILE I 69 -56.43 32.04 -15.61
N LYS I 70 -57.67 32.47 -15.92
CA LYS I 70 -58.67 31.52 -16.40
C LYS I 70 -58.33 31.04 -17.81
N THR I 71 -57.81 31.93 -18.66
CA THR I 71 -57.48 31.53 -20.02
C THR I 71 -56.29 30.59 -20.05
N VAL I 72 -55.36 30.72 -19.09
CA VAL I 72 -54.21 29.82 -19.05
C VAL I 72 -54.62 28.45 -18.55
N LEU I 73 -55.31 28.40 -17.41
CA LEU I 73 -55.65 27.13 -16.80
C LEU I 73 -56.86 26.45 -17.44
N VAL I 74 -57.72 27.19 -18.14
CA VAL I 74 -58.96 26.60 -18.61
C VAL I 74 -59.05 26.57 -20.14
N LYS I 75 -59.08 27.70 -20.78
CA LYS I 75 -59.20 27.67 -22.20
C LYS I 75 -58.00 27.19 -22.98
N GLU I 76 -56.81 27.66 -22.68
CA GLU I 76 -55.69 27.22 -23.49
C GLU I 76 -54.80 26.24 -22.81
N CYS I 77 -55.38 25.40 -22.01
CA CYS I 77 -54.63 24.36 -21.28
C CYS I 77 -54.24 23.22 -22.22
N TYR I 78 -55.19 22.77 -23.06
CA TYR I 78 -54.91 21.66 -23.96
C TYR I 78 -53.94 22.06 -25.06
N SER I 79 -54.12 23.26 -25.63
CA SER I 79 -53.39 23.65 -26.83
C SER I 79 -52.04 24.25 -26.53
N VAL I 80 -51.88 24.92 -25.39
CA VAL I 80 -50.73 25.78 -25.16
C VAL I 80 -50.10 25.51 -23.81
N PHE I 81 -50.91 25.56 -22.75
CA PHE I 81 -50.40 25.49 -21.39
C PHE I 81 -50.77 24.17 -20.74
N THR I 82 -50.25 23.07 -21.29
CA THR I 82 -50.63 21.74 -20.84
C THR I 82 -49.79 21.22 -19.68
N ASN I 83 -48.51 21.58 -19.63
CA ASN I 83 -47.55 20.88 -18.80
C ASN I 83 -46.84 21.81 -17.83
N ARG I 84 -46.54 21.26 -16.65
CA ARG I 84 -45.55 21.87 -15.76
C ARG I 84 -44.15 21.52 -16.26
N ARG I 85 -43.13 22.14 -15.70
CA ARG I 85 -41.80 21.91 -16.22
C ARG I 85 -41.23 20.57 -16.00
N PRO I 86 -40.39 20.14 -16.92
CA PRO I 86 -39.63 18.91 -16.70
C PRO I 86 -38.59 19.12 -15.61
N PHE I 87 -38.09 18.00 -15.08
CA PHE I 87 -37.15 18.09 -13.97
C PHE I 87 -36.08 17.02 -13.98
N GLY I 88 -35.98 16.20 -15.03
CA GLY I 88 -34.91 15.24 -15.12
C GLY I 88 -35.35 13.92 -15.71
N PRO I 89 -34.43 12.97 -15.76
CA PRO I 89 -34.77 11.65 -16.31
C PRO I 89 -35.70 10.87 -15.39
N VAL I 90 -36.99 10.84 -15.73
CA VAL I 90 -37.92 9.86 -15.18
C VAL I 90 -37.72 8.61 -16.03
N GLY I 91 -38.40 7.54 -15.68
CA GLY I 91 -38.31 6.35 -16.51
C GLY I 91 -39.65 6.03 -17.13
N PHE I 92 -40.23 4.90 -16.71
CA PHE I 92 -41.65 4.66 -16.97
C PHE I 92 -42.52 5.66 -16.26
N MET I 93 -41.99 6.32 -15.22
CA MET I 93 -42.73 7.37 -14.53
C MET I 93 -43.07 8.53 -15.43
N LYS I 94 -42.58 8.55 -16.67
CA LYS I 94 -43.12 9.48 -17.65
C LYS I 94 -44.63 9.33 -17.71
N ASN I 95 -45.13 8.14 -17.42
CA ASN I 95 -46.55 7.84 -17.57
C ASN I 95 -47.38 8.33 -16.37
N ALA I 96 -46.75 8.50 -15.21
CA ALA I 96 -47.47 9.04 -14.06
C ALA I 96 -48.22 10.31 -14.48
N ILE I 97 -49.47 10.42 -14.02
CA ILE I 97 -50.36 11.45 -14.53
C ILE I 97 -49.72 12.84 -14.42
N SER I 98 -49.08 13.12 -13.28
CA SER I 98 -48.54 14.45 -13.06
C SER I 98 -47.21 14.67 -13.77
N ILE I 99 -46.76 13.71 -14.59
CA ILE I 99 -45.50 13.85 -15.31
C ILE I 99 -45.76 13.82 -16.81
N ALA I 100 -46.79 13.09 -17.24
CA ALA I 100 -47.08 12.97 -18.67
C ALA I 100 -47.53 14.32 -19.23
N GLU I 101 -47.43 14.45 -20.55
CA GLU I 101 -47.67 15.72 -21.22
C GLU I 101 -48.55 15.53 -22.46
N ASP I 102 -49.16 16.61 -22.87
CA ASP I 102 -49.90 16.64 -24.09
C ASP I 102 -50.78 15.40 -24.19
N GLU I 103 -51.23 15.00 -25.39
CA GLU I 103 -52.01 13.80 -25.62
C GLU I 103 -51.78 12.65 -24.74
N GLU I 104 -50.55 12.40 -24.42
CA GLU I 104 -50.27 11.27 -23.55
C GLU I 104 -50.84 11.49 -22.15
N TRP I 105 -50.83 12.73 -21.71
CA TRP I 105 -51.42 13.06 -20.45
C TRP I 105 -52.89 12.95 -20.58
N LYS I 106 -53.48 13.63 -21.54
CA LYS I 106 -54.90 13.62 -21.79
C LYS I 106 -55.50 12.28 -21.71
N ARG I 107 -54.84 11.30 -22.27
CA ARG I 107 -55.34 9.93 -22.22
C ARG I 107 -55.40 9.41 -20.79
N ILE I 108 -54.33 9.64 -20.01
CA ILE I 108 -54.23 9.03 -18.69
C ILE I 108 -55.16 9.71 -17.70
N ARG I 109 -55.32 11.03 -17.81
CA ARG I 109 -56.31 11.72 -17.00
C ARG I 109 -57.71 11.22 -17.31
N SER I 110 -57.98 10.96 -18.59
CA SER I 110 -59.28 10.38 -18.96
C SER I 110 -59.48 9.01 -18.33
N LEU I 111 -58.44 8.17 -18.38
CA LEU I 111 -58.56 6.82 -17.86
C LEU I 111 -58.64 6.78 -16.34
N LEU I 112 -58.33 7.88 -15.65
CA LEU I 112 -58.34 7.90 -14.19
C LEU I 112 -59.56 8.57 -13.60
N SER I 113 -60.25 9.43 -14.35
CA SER I 113 -61.39 10.14 -13.79
C SER I 113 -62.46 9.21 -13.23
N PRO I 114 -62.67 7.99 -13.75
CA PRO I 114 -63.58 7.06 -13.06
C PRO I 114 -63.15 6.72 -11.65
N THR I 115 -61.87 6.44 -11.43
CA THR I 115 -61.41 6.05 -10.10
C THR I 115 -61.52 7.17 -9.08
N PHE I 116 -61.81 8.41 -9.52
CA PHE I 116 -61.90 9.54 -8.62
C PHE I 116 -63.30 10.15 -8.60
N THR I 117 -64.32 9.38 -8.95
CA THR I 117 -65.69 9.85 -8.80
C THR I 117 -66.08 9.83 -7.33
N SER I 118 -66.87 10.81 -6.91
CA SER I 118 -67.47 10.77 -5.58
C SER I 118 -68.08 9.41 -5.30
N GLY I 119 -68.73 8.82 -6.29
CA GLY I 119 -69.33 7.50 -6.15
C GLY I 119 -68.36 6.47 -5.62
N LYS I 120 -67.22 6.31 -6.29
CA LYS I 120 -66.20 5.38 -5.80
C LYS I 120 -65.62 5.85 -4.47
N LEU I 121 -65.58 7.16 -4.25
CA LEU I 121 -65.05 7.69 -3.00
C LEU I 121 -65.91 7.27 -1.82
N LYS I 122 -67.23 7.51 -1.91
CA LYS I 122 -68.15 7.05 -0.88
C LYS I 122 -67.87 5.62 -0.46
N GLU I 123 -67.70 4.72 -1.44
CA GLU I 123 -67.51 3.31 -1.14
C GLU I 123 -66.10 2.95 -0.71
N MET I 124 -65.25 3.92 -0.49
CA MET I 124 -63.87 3.68 -0.11
C MET I 124 -63.54 4.29 1.25
N VAL I 125 -64.43 5.11 1.79
CA VAL I 125 -64.34 5.62 3.16
C VAL I 125 -64.36 4.47 4.18
N PRO I 126 -65.13 3.40 3.96
CA PRO I 126 -65.08 2.28 4.92
C PRO I 126 -63.68 1.76 5.19
N ILE I 127 -62.89 1.51 4.14
CA ILE I 127 -61.54 0.99 4.36
C ILE I 127 -60.60 2.02 4.94
N ILE I 128 -61.01 3.29 5.01
CA ILE I 128 -60.12 4.36 5.42
C ILE I 128 -60.40 4.80 6.85
N ALA I 129 -61.63 4.59 7.32
CA ALA I 129 -61.95 4.92 8.71
C ALA I 129 -61.10 4.11 9.67
N GLN I 130 -60.59 2.95 9.24
CA GLN I 130 -59.60 2.21 10.01
C GLN I 130 -58.55 3.16 10.58
N TYR I 131 -57.74 3.72 9.69
CA TYR I 131 -56.59 4.53 10.07
C TYR I 131 -56.98 5.76 10.88
N GLY I 132 -58.27 6.08 10.93
CA GLY I 132 -58.75 7.03 11.91
C GLY I 132 -58.48 6.59 13.33
N ASP I 133 -58.85 5.34 13.66
CA ASP I 133 -58.64 4.88 15.03
C ASP I 133 -57.16 4.88 15.37
N VAL I 134 -56.33 4.27 14.51
CA VAL I 134 -54.90 4.19 14.80
C VAL I 134 -54.37 5.58 15.11
N LEU I 135 -54.86 6.61 14.42
CA LEU I 135 -54.44 7.97 14.72
C LEU I 135 -54.87 8.40 16.11
N VAL I 136 -56.04 7.95 16.59
CA VAL I 136 -56.54 8.48 17.85
C VAL I 136 -55.64 7.94 18.96
N ARG I 137 -55.32 6.65 18.85
CA ARG I 137 -54.46 5.96 19.80
C ARG I 137 -53.04 6.50 19.71
N ASN I 138 -52.49 6.58 18.50
CA ASN I 138 -51.19 7.22 18.33
C ASN I 138 -51.17 8.57 19.02
N LEU I 139 -52.28 9.31 18.94
CA LEU I 139 -52.33 10.63 19.53
C LEU I 139 -52.53 10.54 21.04
N ARG I 140 -53.41 9.64 21.49
CA ARG I 140 -53.67 9.55 22.92
C ARG I 140 -52.40 9.24 23.70
N ARG I 141 -51.58 8.32 23.20
CA ARG I 141 -50.35 7.98 23.91
C ARG I 141 -49.48 9.22 24.11
N GLU I 142 -49.37 10.07 23.10
CA GLU I 142 -48.47 11.21 23.20
C GLU I 142 -49.03 12.30 24.09
N ALA I 143 -50.36 12.47 24.09
CA ALA I 143 -50.95 13.46 24.96
C ALA I 143 -50.99 12.99 26.40
N GLU I 144 -51.13 11.70 26.62
CA GLU I 144 -51.65 11.31 27.92
C GLU I 144 -50.48 11.32 28.90
N THR I 145 -49.26 11.38 28.35
CA THR I 145 -48.03 11.72 29.08
C THR I 145 -47.94 13.21 29.42
N GLY I 146 -48.98 13.98 29.10
CA GLY I 146 -48.95 15.41 29.33
C GLY I 146 -47.97 16.18 28.49
N LYS I 147 -47.21 15.49 27.66
CA LYS I 147 -46.17 16.19 26.95
C LYS I 147 -46.63 16.71 25.62
N PRO I 148 -46.03 17.78 25.14
CA PRO I 148 -46.44 18.32 23.86
C PRO I 148 -46.45 17.34 22.69
N VAL I 149 -47.39 17.50 21.77
CA VAL I 149 -47.44 16.62 20.62
C VAL I 149 -46.94 17.34 19.38
N THR I 150 -46.11 16.66 18.59
CA THR I 150 -45.60 17.25 17.39
C THR I 150 -46.62 16.81 16.41
N LEU I 151 -47.33 17.71 15.79
CA LEU I 151 -48.40 17.32 14.91
C LEU I 151 -48.07 16.56 13.65
N LYS I 152 -47.29 17.17 12.81
CA LYS I 152 -46.96 16.53 11.54
C LYS I 152 -46.52 15.08 11.72
N HIS I 153 -45.83 14.79 12.83
CA HIS I 153 -45.36 13.43 13.08
C HIS I 153 -46.53 12.46 13.12
N VAL I 154 -47.60 12.81 13.83
CA VAL I 154 -48.73 11.89 13.97
C VAL I 154 -49.66 12.01 12.77
N PHE I 155 -49.93 13.23 12.30
CA PHE I 155 -50.72 13.38 11.09
C PHE I 155 -49.96 12.83 9.88
N GLY I 156 -48.63 12.95 9.87
CA GLY I 156 -47.85 12.32 8.82
C GLY I 156 -48.11 10.83 8.75
N ALA I 157 -48.05 10.15 9.90
CA ALA I 157 -48.28 8.71 9.92
C ALA I 157 -49.68 8.36 9.44
N TYR I 158 -50.66 9.24 9.68
CA TYR I 158 -52.00 9.00 9.16
C TYR I 158 -52.03 9.17 7.65
N SER I 159 -51.49 10.30 7.16
CA SER I 159 -51.52 10.58 5.73
C SER I 159 -50.95 9.43 4.91
N MET I 160 -49.86 8.84 5.39
CA MET I 160 -49.17 7.77 4.68
C MET I 160 -49.77 6.41 4.96
N ASP I 161 -50.28 6.20 6.18
CA ASP I 161 -51.12 5.03 6.41
C ASP I 161 -52.20 4.94 5.34
N VAL I 162 -52.86 6.05 5.10
CA VAL I 162 -53.95 6.07 4.17
C VAL I 162 -53.52 6.00 2.72
N ILE I 163 -52.74 6.98 2.26
CA ILE I 163 -52.33 6.97 0.87
C ILE I 163 -51.51 5.75 0.50
N THR I 164 -50.62 5.29 1.36
CA THR I 164 -49.89 4.11 1.04
C THR I 164 -50.77 2.89 0.95
N SER I 165 -51.69 2.69 1.88
CA SER I 165 -52.56 1.53 1.80
C SER I 165 -53.49 1.52 0.60
N THR I 166 -54.16 2.61 0.34
CA THR I 166 -55.11 2.70 -0.75
C THR I 166 -54.50 2.68 -2.15
N SER I 167 -53.25 3.08 -2.26
CA SER I 167 -52.53 3.10 -3.53
C SER I 167 -51.95 1.74 -3.87
N PHE I 168 -51.48 1.01 -2.85
CA PHE I 168 -50.85 -0.29 -3.05
C PHE I 168 -51.68 -1.44 -2.53
N GLY I 169 -52.83 -1.17 -1.93
CA GLY I 169 -53.68 -2.22 -1.42
C GLY I 169 -53.00 -3.05 -0.36
N VAL I 170 -52.49 -2.40 0.68
CA VAL I 170 -51.93 -3.09 1.83
C VAL I 170 -52.17 -2.23 3.08
N SER I 171 -52.60 -2.88 4.16
CA SER I 171 -52.66 -2.19 5.44
C SER I 171 -51.24 -1.97 5.97
N ILE I 172 -50.99 -0.77 6.47
CA ILE I 172 -49.69 -0.41 7.03
C ILE I 172 -49.92 0.43 8.28
N ASP I 173 -49.17 0.14 9.33
CA ASP I 173 -49.17 0.96 10.54
C ASP I 173 -47.83 1.69 10.57
N SER I 174 -47.84 2.94 10.13
CA SER I 174 -46.60 3.67 9.89
C SER I 174 -45.85 3.94 11.19
N LEU I 175 -46.55 4.34 12.24
CA LEU I 175 -45.88 4.63 13.50
C LEU I 175 -45.44 3.36 14.22
N ASN I 176 -46.31 2.38 14.36
CA ASN I 176 -46.07 1.26 15.30
C ASN I 176 -45.37 0.01 14.70
N ASN I 177 -45.18 0.02 13.40
CA ASN I 177 -44.58 -1.05 12.68
C ASN I 177 -43.81 -0.41 11.57
N PRO I 178 -42.75 0.30 11.87
CA PRO I 178 -41.91 1.04 10.92
C PRO I 178 -40.77 0.18 10.45
N GLN I 179 -40.83 -1.13 10.70
CA GLN I 179 -39.90 -2.07 10.08
C GLN I 179 -40.42 -2.59 8.75
N ASP I 180 -41.75 -2.58 8.57
CA ASP I 180 -42.42 -2.98 7.34
C ASP I 180 -41.68 -2.41 6.16
N PRO I 181 -41.11 -3.26 5.29
CA PRO I 181 -40.36 -2.73 4.14
C PRO I 181 -41.16 -1.76 3.29
N PHE I 182 -42.49 -1.78 3.38
CA PHE I 182 -43.28 -0.73 2.73
C PHE I 182 -43.01 0.63 3.37
N VAL I 183 -43.04 0.69 4.70
CA VAL I 183 -42.81 1.95 5.37
C VAL I 183 -41.39 2.45 5.11
N GLU I 184 -40.42 1.53 5.11
CA GLU I 184 -39.04 1.94 4.82
C GLU I 184 -38.91 2.40 3.37
N ASN I 185 -39.36 1.57 2.42
CA ASN I 185 -39.17 1.90 1.01
C ASN I 185 -40.04 3.07 0.59
N THR I 186 -41.27 3.16 1.11
CA THR I 186 -42.08 4.35 0.82
C THR I 186 -41.38 5.60 1.30
N LYS I 187 -40.69 5.54 2.44
CA LYS I 187 -40.01 6.71 2.96
C LYS I 187 -38.75 7.01 2.15
N LYS I 188 -37.98 5.98 1.78
CA LYS I 188 -36.86 6.18 0.88
C LYS I 188 -37.31 6.86 -0.41
N LEU I 189 -38.51 6.54 -0.86
CA LEU I 189 -39.03 7.10 -2.11
C LEU I 189 -39.35 8.58 -1.95
N LEU I 190 -40.15 8.92 -0.95
CA LEU I 190 -40.62 10.28 -0.77
C LEU I 190 -39.50 11.26 -0.49
N ARG I 191 -38.28 10.76 -0.35
CA ARG I 191 -37.14 11.65 -0.21
C ARG I 191 -36.98 12.52 -1.44
N PHE I 192 -37.20 11.96 -2.62
CA PHE I 192 -36.99 12.71 -3.85
C PHE I 192 -37.73 14.03 -3.75
N ASN I 193 -37.02 15.11 -4.05
CA ASN I 193 -37.38 16.43 -3.64
C ASN I 193 -37.03 17.35 -4.80
N PRO I 194 -37.91 18.28 -5.19
CA PRO I 194 -37.56 19.20 -6.28
C PRO I 194 -36.30 20.01 -5.98
N LEU I 195 -35.73 19.85 -4.78
CA LEU I 195 -34.53 20.57 -4.40
C LEU I 195 -33.30 19.70 -4.15
N ASP I 196 -33.36 18.39 -4.39
CA ASP I 196 -32.16 17.61 -4.19
C ASP I 196 -31.21 17.81 -5.36
N PRO I 197 -29.91 17.58 -5.16
CA PRO I 197 -28.92 18.05 -6.14
C PRO I 197 -29.13 17.50 -7.54
N PHE I 198 -29.84 16.39 -7.70
CA PHE I 198 -30.04 15.86 -9.05
C PHE I 198 -30.85 16.85 -9.89
N VAL I 199 -31.97 17.34 -9.34
CA VAL I 199 -32.84 18.24 -10.08
C VAL I 199 -32.17 19.58 -10.28
N LEU I 200 -31.40 20.05 -9.29
CA LEU I 200 -30.62 21.27 -9.47
C LEU I 200 -29.64 21.11 -10.62
N SER I 201 -29.15 19.91 -10.82
CA SER I 201 -28.16 19.63 -11.85
C SER I 201 -28.76 19.73 -13.22
N ILE I 202 -29.98 19.23 -13.34
CA ILE I 202 -30.67 19.24 -14.61
C ILE I 202 -31.18 20.63 -14.95
N LYS I 203 -31.45 21.42 -13.92
CA LYS I 203 -31.86 22.80 -14.12
C LYS I 203 -30.64 23.51 -14.72
N VAL I 204 -29.46 22.99 -14.39
CA VAL I 204 -28.19 23.51 -14.88
C VAL I 204 -27.80 22.96 -16.24
N PHE I 205 -27.88 21.65 -16.40
CA PHE I 205 -27.52 20.98 -17.63
C PHE I 205 -28.75 20.32 -18.22
N PRO I 206 -29.60 21.11 -18.85
CA PRO I 206 -30.82 20.58 -19.43
C PRO I 206 -30.60 19.40 -20.33
N PHE I 207 -29.61 19.42 -21.20
CA PHE I 207 -29.40 18.27 -22.05
C PHE I 207 -28.94 16.96 -21.42
N LEU I 208 -28.49 16.93 -20.17
CA LEU I 208 -28.15 15.69 -19.52
C LEU I 208 -29.27 14.66 -19.54
N THR I 209 -30.51 15.08 -19.29
CA THR I 209 -31.67 14.22 -19.25
C THR I 209 -31.77 13.13 -20.30
N PRO I 210 -31.82 13.47 -21.58
CA PRO I 210 -31.91 12.37 -22.55
C PRO I 210 -30.80 11.34 -22.53
N ILE I 211 -29.58 11.69 -22.19
CA ILE I 211 -28.55 10.71 -22.14
C ILE I 211 -28.80 9.82 -20.95
N LEU I 212 -29.15 10.38 -19.79
CA LEU I 212 -29.44 9.55 -18.64
C LEU I 212 -30.62 8.61 -18.89
N GLU I 213 -31.69 9.12 -19.50
CA GLU I 213 -32.83 8.24 -19.79
C GLU I 213 -32.45 7.17 -20.79
N ALA I 214 -31.56 7.48 -21.74
CA ALA I 214 -31.04 6.45 -22.62
C ALA I 214 -30.27 5.40 -21.83
N LEU I 215 -29.58 5.81 -20.76
CA LEU I 215 -28.80 4.86 -19.98
C LEU I 215 -29.64 4.16 -18.91
N ASN I 216 -30.93 4.46 -18.84
CA ASN I 216 -31.80 3.94 -17.77
C ASN I 216 -31.34 4.42 -16.39
N ILE I 217 -30.94 5.68 -16.31
CA ILE I 217 -30.61 6.33 -15.04
C ILE I 217 -31.68 7.39 -14.81
N THR I 218 -32.60 7.12 -13.89
CA THR I 218 -33.67 8.05 -13.56
C THR I 218 -33.44 8.65 -12.19
N VAL I 219 -34.19 9.71 -11.91
CA VAL I 219 -34.10 10.41 -10.64
C VAL I 219 -34.72 9.63 -9.49
N PHE I 220 -35.47 8.59 -9.77
CA PHE I 220 -36.16 7.85 -8.73
C PHE I 220 -35.29 6.72 -8.22
N PRO I 221 -35.15 6.55 -6.90
CA PRO I 221 -34.32 5.45 -6.38
C PRO I 221 -34.71 4.12 -7.01
N ARG I 222 -33.79 3.49 -7.73
CA ARG I 222 -34.15 2.31 -8.51
C ARG I 222 -34.48 1.13 -7.61
N GLU I 223 -33.62 0.86 -6.62
CA GLU I 223 -33.82 -0.28 -5.74
C GLU I 223 -35.20 -0.22 -5.08
N VAL I 224 -35.60 0.96 -4.64
CA VAL I 224 -36.96 1.15 -4.12
C VAL I 224 -37.99 0.80 -5.17
N ILE I 225 -37.88 1.40 -6.36
CA ILE I 225 -38.92 1.25 -7.37
C ILE I 225 -39.08 -0.21 -7.75
N SER I 226 -37.99 -0.99 -7.73
CA SER I 226 -38.10 -2.41 -8.00
C SER I 226 -38.78 -3.14 -6.85
N PHE I 227 -38.58 -2.66 -5.61
CA PHE I 227 -39.28 -3.27 -4.49
C PHE I 227 -40.79 -3.14 -4.66
N LEU I 228 -41.27 -1.92 -4.87
CA LEU I 228 -42.70 -1.71 -4.96
C LEU I 228 -43.30 -2.42 -6.17
N THR I 229 -42.64 -2.31 -7.32
CA THR I 229 -43.15 -2.99 -8.52
C THR I 229 -43.33 -4.48 -8.23
N LYS I 230 -42.32 -5.11 -7.62
CA LYS I 230 -42.42 -6.52 -7.31
C LYS I 230 -43.52 -6.80 -6.28
N SER I 231 -43.68 -5.90 -5.31
CA SER I 231 -44.74 -6.08 -4.32
C SER I 231 -46.11 -6.01 -4.98
N VAL I 232 -46.41 -4.88 -5.63
CA VAL I 232 -47.71 -4.68 -6.26
C VAL I 232 -48.05 -5.89 -7.15
N LYS I 233 -47.18 -6.19 -8.11
CA LYS I 233 -47.42 -7.34 -8.99
C LYS I 233 -47.78 -8.58 -8.19
N GLN I 234 -47.17 -8.74 -7.02
CA GLN I 234 -47.49 -9.86 -6.15
C GLN I 234 -48.88 -9.70 -5.53
N ILE I 235 -49.20 -8.50 -5.06
CA ILE I 235 -50.54 -8.22 -4.54
C ILE I 235 -51.59 -8.57 -5.59
N LYS I 236 -51.35 -8.14 -6.84
CA LYS I 236 -52.31 -8.39 -7.91
C LYS I 236 -52.59 -9.87 -8.08
N GLU I 237 -51.56 -10.69 -7.91
CA GLU I 237 -51.69 -12.12 -8.10
C GLU I 237 -52.57 -12.70 -7.03
N GLY I 238 -52.21 -12.48 -5.78
CA GLY I 238 -53.03 -12.95 -4.70
C GLY I 238 -54.47 -12.48 -4.77
N ARG I 239 -54.71 -11.22 -5.09
CA ARG I 239 -56.05 -10.68 -5.17
C ARG I 239 -57.03 -11.28 -6.18
N LEU I 240 -56.61 -12.04 -7.17
CA LEU I 240 -57.56 -12.63 -8.02
C LEU I 240 -57.51 -14.00 -7.53
N LYS I 241 -58.21 -14.26 -6.44
CA LYS I 241 -58.21 -15.56 -5.84
C LYS I 241 -59.13 -15.56 -4.63
N VAL I 248 -61.63 -2.46 -2.71
CA VAL I 248 -62.11 -1.20 -3.28
C VAL I 248 -61.15 -0.05 -3.00
N ASP I 249 -59.88 -0.31 -3.17
CA ASP I 249 -58.88 0.70 -2.99
C ASP I 249 -58.47 1.22 -4.35
N PHE I 250 -57.78 2.32 -4.40
CA PHE I 250 -57.38 2.87 -5.70
C PHE I 250 -56.81 1.77 -6.60
N LEU I 251 -55.97 0.90 -6.04
CA LEU I 251 -55.40 -0.19 -6.82
C LEU I 251 -56.48 -1.00 -7.51
N GLN I 252 -57.49 -1.45 -6.75
CA GLN I 252 -58.58 -2.22 -7.35
C GLN I 252 -59.32 -1.39 -8.40
N LEU I 253 -59.64 -0.14 -8.06
CA LEU I 253 -60.37 0.72 -8.99
C LEU I 253 -59.64 0.82 -10.33
N MET I 254 -58.30 0.85 -10.29
CA MET I 254 -57.52 0.89 -11.53
C MET I 254 -57.47 -0.48 -12.19
N ILE I 255 -57.37 -1.56 -11.39
CA ILE I 255 -57.35 -2.90 -11.97
C ILE I 255 -58.66 -3.19 -12.68
N ASP I 256 -59.78 -2.74 -12.10
CA ASP I 256 -61.07 -2.92 -12.75
C ASP I 256 -61.18 -2.06 -14.01
N SER I 257 -60.45 -0.95 -14.07
CA SER I 257 -60.46 -0.11 -15.26
C SER I 257 -59.67 -0.72 -16.41
N GLN I 258 -58.83 -1.72 -16.12
CA GLN I 258 -58.01 -2.31 -17.17
C GLN I 258 -58.85 -3.01 -18.22
N ASN I 259 -60.01 -3.54 -17.82
CA ASN I 259 -60.87 -4.34 -18.68
C ASN I 259 -62.29 -3.82 -18.62
N SER I 260 -62.43 -2.51 -18.84
CA SER I 260 -63.73 -1.86 -18.95
C SER I 260 -63.96 -1.61 -20.43
N LYS I 261 -64.82 -2.40 -21.04
CA LYS I 261 -65.13 -2.20 -22.44
C LYS I 261 -65.64 -0.78 -22.57
N ASP I 262 -66.59 -0.41 -21.71
CA ASP I 262 -67.13 0.93 -21.72
C ASP I 262 -66.02 1.96 -21.52
N SER I 263 -66.29 3.17 -21.99
CA SER I 263 -65.35 4.29 -21.97
C SER I 263 -63.98 3.85 -22.50
N GLU I 264 -63.92 3.54 -23.78
CA GLU I 264 -62.72 2.88 -24.24
C GLU I 264 -62.23 3.56 -25.52
N THR I 265 -62.08 4.90 -25.43
CA THR I 265 -61.44 5.64 -26.51
C THR I 265 -59.97 5.27 -26.61
N HIS I 266 -59.27 5.34 -25.47
CA HIS I 266 -57.85 5.03 -25.37
C HIS I 266 -57.69 3.59 -24.94
N LYS I 267 -56.59 2.98 -25.36
CA LYS I 267 -56.24 1.67 -24.82
C LYS I 267 -56.12 1.78 -23.30
N ALA I 268 -56.56 0.73 -22.60
CA ALA I 268 -56.61 0.78 -21.15
C ALA I 268 -55.20 0.81 -20.56
N LEU I 269 -55.13 1.21 -19.30
CA LEU I 269 -53.86 1.26 -18.59
C LEU I 269 -53.15 -0.08 -18.65
N SER I 270 -51.85 -0.04 -18.90
CA SER I 270 -51.01 -1.22 -18.76
C SER I 270 -50.61 -1.40 -17.29
N ASP I 271 -49.98 -2.53 -17.00
CA ASP I 271 -49.52 -2.77 -15.63
C ASP I 271 -48.52 -1.71 -15.18
N LEU I 272 -47.74 -1.18 -16.13
CA LEU I 272 -46.68 -0.22 -15.79
C LEU I 272 -47.24 1.19 -15.64
N GLU I 273 -48.09 1.61 -16.57
CA GLU I 273 -48.80 2.87 -16.40
C GLU I 273 -49.54 2.88 -15.06
N LEU I 274 -50.27 1.81 -14.77
CA LEU I 274 -50.97 1.70 -13.49
C LEU I 274 -50.01 1.85 -12.33
N MET I 275 -48.95 1.04 -12.32
CA MET I 275 -47.94 1.15 -11.27
C MET I 275 -47.47 2.58 -11.11
N ALA I 276 -47.22 3.27 -12.22
CA ALA I 276 -46.72 4.64 -12.14
C ALA I 276 -47.74 5.55 -11.48
N GLN I 277 -49.03 5.31 -11.69
CA GLN I 277 -50.04 6.13 -11.04
C GLN I 277 -50.03 5.92 -9.52
N SER I 278 -49.92 4.67 -9.07
CA SER I 278 -49.90 4.40 -7.64
C SER I 278 -48.75 5.14 -6.97
N ILE I 279 -47.57 5.13 -7.60
CA ILE I 279 -46.40 5.78 -7.00
C ILE I 279 -46.61 7.27 -6.88
N ILE I 280 -47.25 7.88 -7.89
CA ILE I 280 -47.35 9.33 -7.93
C ILE I 280 -48.42 9.81 -6.96
N PHE I 281 -49.49 9.04 -6.76
CA PHE I 281 -50.49 9.37 -5.76
C PHE I 281 -49.85 9.62 -4.40
N ILE I 282 -48.76 8.89 -4.10
CA ILE I 282 -48.11 9.02 -2.80
C ILE I 282 -47.39 10.34 -2.70
N PHE I 283 -46.52 10.64 -3.67
CA PHE I 283 -45.89 11.96 -3.72
C PHE I 283 -46.91 13.07 -3.51
N ALA I 284 -47.89 13.13 -4.42
CA ALA I 284 -48.86 14.22 -4.40
C ALA I 284 -49.66 14.23 -3.10
N GLY I 285 -50.03 13.06 -2.60
CA GLY I 285 -50.95 12.99 -1.49
C GLY I 285 -50.34 12.95 -0.11
N TYR I 286 -49.03 12.76 0.00
CA TYR I 286 -48.46 12.50 1.33
C TYR I 286 -48.26 13.77 2.14
N GLU I 287 -47.26 14.58 1.81
CA GLU I 287 -47.00 15.72 2.68
C GLU I 287 -48.12 16.76 2.65
N THR I 288 -48.80 16.90 1.51
CA THR I 288 -49.92 17.82 1.43
C THR I 288 -50.91 17.52 2.55
N THR I 289 -51.38 16.28 2.59
CA THR I 289 -52.44 15.93 3.53
C THR I 289 -51.94 16.12 4.95
N SER I 290 -50.71 15.67 5.17
CA SER I 290 -50.01 15.86 6.43
C SER I 290 -49.92 17.33 6.82
N SER I 291 -49.32 18.15 5.95
CA SER I 291 -49.08 19.55 6.32
C SER I 291 -50.38 20.27 6.64
N VAL I 292 -51.36 20.21 5.75
CA VAL I 292 -52.61 20.93 5.95
C VAL I 292 -53.24 20.54 7.29
N LEU I 293 -53.36 19.24 7.54
CA LEU I 293 -53.93 18.79 8.80
C LEU I 293 -53.22 19.44 9.99
N SER I 294 -51.90 19.59 9.90
CA SER I 294 -51.15 20.23 10.98
C SER I 294 -51.52 21.69 11.10
N PHE I 295 -51.70 22.38 9.96
CA PHE I 295 -52.01 23.81 9.98
C PHE I 295 -53.45 24.05 10.38
N ILE I 296 -54.37 23.17 9.96
CA ILE I 296 -55.75 23.27 10.42
C ILE I 296 -55.80 23.22 11.94
N ILE I 297 -55.14 22.24 12.50
CA ILE I 297 -55.09 22.16 13.91
C ILE I 297 -54.37 23.31 14.55
N TYR I 298 -53.42 23.98 13.92
CA TYR I 298 -52.79 25.10 14.57
C TYR I 298 -53.74 26.25 14.61
N GLU I 299 -54.36 26.53 13.52
CA GLU I 299 -55.31 27.65 13.54
C GLU I 299 -56.40 27.43 14.58
N LEU I 300 -56.75 26.18 14.88
CA LEU I 300 -57.85 25.92 15.80
C LEU I 300 -57.42 26.04 17.27
N ALA I 301 -56.15 25.80 17.57
CA ALA I 301 -55.66 26.01 18.93
C ALA I 301 -55.34 27.47 19.21
N THR I 302 -55.03 28.28 18.19
CA THR I 302 -54.99 29.73 18.26
C THR I 302 -56.31 30.43 17.91
N HIS I 303 -57.44 29.72 17.88
CA HIS I 303 -58.75 30.34 17.81
C HIS I 303 -59.75 29.42 18.50
N PRO I 304 -59.71 29.34 19.83
CA PRO I 304 -60.44 28.26 20.52
C PRO I 304 -61.94 28.33 20.33
N ASP I 305 -62.50 29.52 20.11
CA ASP I 305 -63.91 29.61 19.78
C ASP I 305 -64.23 28.76 18.55
N VAL I 306 -63.36 28.79 17.54
CA VAL I 306 -63.61 28.04 16.32
C VAL I 306 -63.54 26.54 16.59
N GLN I 307 -62.48 26.10 17.27
CA GLN I 307 -62.40 24.70 17.69
C GLN I 307 -63.73 24.24 18.26
N GLN I 308 -64.28 25.01 19.21
CA GLN I 308 -65.53 24.63 19.85
C GLN I 308 -66.68 24.62 18.86
N LYS I 309 -66.81 25.69 18.06
CA LYS I 309 -67.87 25.71 17.04
C LYS I 309 -67.80 24.47 16.18
N VAL I 310 -66.59 24.04 15.81
CA VAL I 310 -66.43 22.80 15.07
C VAL I 310 -66.84 21.62 15.93
N GLN I 311 -66.20 21.46 17.10
CA GLN I 311 -66.49 20.33 17.97
C GLN I 311 -68.00 20.15 18.15
N LYS I 312 -68.69 21.27 18.39
CA LYS I 312 -70.14 21.23 18.49
C LYS I 312 -70.75 20.62 17.23
N GLU I 313 -70.41 21.17 16.06
CA GLU I 313 -71.06 20.70 14.84
C GLU I 313 -70.85 19.21 14.64
N ILE I 314 -69.72 18.70 15.09
CA ILE I 314 -69.44 17.29 14.92
C ILE I 314 -70.35 16.47 15.81
N ASP I 315 -70.34 16.79 17.07
CA ASP I 315 -71.21 16.13 18.02
C ASP I 315 -72.66 16.22 17.58
N THR I 316 -73.04 17.32 16.93
CA THR I 316 -74.40 17.43 16.40
C THR I 316 -74.63 16.42 15.29
N VAL I 317 -73.65 16.23 14.41
CA VAL I 317 -73.83 15.35 13.25
C VAL I 317 -73.45 13.92 13.59
N LEU I 318 -72.46 13.72 14.47
CA LEU I 318 -72.04 12.40 14.93
C LEU I 318 -72.17 12.37 16.45
N PRO I 319 -73.38 12.24 16.98
CA PRO I 319 -73.55 12.19 18.43
C PRO I 319 -73.07 10.86 18.99
N ASN I 320 -72.61 10.89 20.24
CA ASN I 320 -72.10 9.70 20.90
C ASN I 320 -70.86 9.16 20.16
N LYS I 321 -69.94 10.07 19.87
CA LYS I 321 -68.65 9.74 19.26
C LYS I 321 -68.83 8.85 18.03
N ALA I 322 -69.87 9.11 17.25
CA ALA I 322 -70.21 8.21 16.15
C ALA I 322 -69.11 8.22 15.09
N PRO I 323 -68.82 7.09 14.46
CA PRO I 323 -67.77 7.04 13.43
C PRO I 323 -68.13 7.92 12.25
N PRO I 324 -67.16 8.67 11.71
CA PRO I 324 -67.46 9.49 10.53
C PRO I 324 -67.65 8.63 9.29
N THR I 325 -68.44 9.17 8.35
CA THR I 325 -68.76 8.50 7.11
C THR I 325 -68.76 9.52 5.99
N TYR I 326 -68.77 9.04 4.75
CA TYR I 326 -68.84 9.94 3.62
C TYR I 326 -70.05 10.86 3.70
N ASP I 327 -71.22 10.28 4.01
CA ASP I 327 -72.44 11.08 4.06
C ASP I 327 -72.42 12.07 5.21
N THR I 328 -71.78 11.71 6.33
CA THR I 328 -71.74 12.61 7.48
C THR I 328 -70.74 13.75 7.28
N VAL I 329 -69.52 13.43 6.83
CA VAL I 329 -68.51 14.48 6.67
C VAL I 329 -68.98 15.52 5.67
N LEU I 330 -69.72 15.08 4.63
CA LEU I 330 -70.26 16.03 3.67
C LEU I 330 -71.11 17.10 4.35
N GLN I 331 -71.72 16.76 5.49
CA GLN I 331 -72.60 17.68 6.18
C GLN I 331 -71.86 18.70 7.02
N LEU I 332 -70.60 18.44 7.36
CA LEU I 332 -69.83 19.33 8.24
C LEU I 332 -69.51 20.64 7.53
N GLU I 333 -70.54 21.42 7.26
CA GLU I 333 -70.39 22.65 6.55
C GLU I 333 -69.45 23.64 7.19
N TYR I 334 -69.42 23.72 8.51
CA TYR I 334 -68.49 24.63 9.16
C TYR I 334 -67.06 24.12 9.06
N LEU I 335 -66.87 22.81 9.17
CA LEU I 335 -65.52 22.24 8.99
C LEU I 335 -65.02 22.53 7.58
N ASP I 336 -65.91 22.51 6.59
CA ASP I 336 -65.52 22.83 5.22
C ASP I 336 -64.98 24.25 5.12
N MET I 337 -65.41 25.13 6.02
CA MET I 337 -64.97 26.52 5.96
C MET I 337 -63.59 26.70 6.59
N VAL I 338 -63.35 26.08 7.75
CA VAL I 338 -62.05 26.19 8.40
C VAL I 338 -60.97 25.55 7.54
N VAL I 339 -61.30 24.45 6.87
CA VAL I 339 -60.38 23.88 5.89
C VAL I 339 -60.08 24.89 4.80
N ASN I 340 -61.13 25.48 4.22
CA ASN I 340 -60.93 26.39 3.10
C ASN I 340 -60.22 27.66 3.52
N GLU I 341 -60.35 28.06 4.78
CA GLU I 341 -59.64 29.25 5.26
C GLU I 341 -58.19 28.97 5.60
N THR I 342 -57.89 27.75 6.06
CA THR I 342 -56.50 27.40 6.34
C THR I 342 -55.71 27.27 5.05
N LEU I 343 -56.35 26.74 4.00
CA LEU I 343 -55.69 26.62 2.70
C LEU I 343 -55.52 27.96 2.00
N ARG I 344 -56.35 28.95 2.35
CA ARG I 344 -56.11 30.30 1.85
C ARG I 344 -54.81 30.85 2.44
N LEU I 345 -54.71 30.87 3.77
CA LEU I 345 -53.52 31.41 4.41
C LEU I 345 -52.27 30.60 4.03
N PHE I 346 -52.40 29.28 3.96
CA PHE I 346 -51.27 28.39 3.71
C PHE I 346 -51.57 27.47 2.54
N PRO I 347 -51.55 27.99 1.31
CA PRO I 347 -51.66 27.12 0.15
C PRO I 347 -50.41 26.28 0.00
N VAL I 348 -50.59 24.98 -0.28
CA VAL I 348 -49.43 24.11 -0.39
C VAL I 348 -48.57 24.51 -1.58
N ALA I 349 -49.20 24.96 -2.68
CA ALA I 349 -48.47 25.18 -3.91
C ALA I 349 -47.76 26.51 -3.93
N MET I 350 -48.46 27.58 -3.66
CA MET I 350 -47.84 28.87 -3.63
C MET I 350 -47.71 29.44 -4.98
N ARG I 351 -47.40 28.62 -5.94
CA ARG I 351 -47.44 29.00 -7.34
C ARG I 351 -47.99 27.85 -8.16
N LEU I 352 -48.66 28.20 -9.26
CA LEU I 352 -49.01 27.26 -10.31
C LEU I 352 -48.20 27.63 -11.56
N GLU I 353 -47.69 26.62 -12.26
CA GLU I 353 -46.77 26.86 -13.36
C GLU I 353 -47.16 26.02 -14.57
N ARG I 354 -47.03 26.63 -15.74
CA ARG I 354 -47.27 25.94 -17.00
C ARG I 354 -46.24 26.42 -18.01
N VAL I 355 -45.85 25.51 -18.90
CA VAL I 355 -44.94 25.83 -19.99
C VAL I 355 -45.77 26.25 -21.19
N CYS I 356 -45.29 27.27 -21.91
CA CYS I 356 -45.99 27.81 -23.07
C CYS I 356 -45.54 27.03 -24.30
N LYS I 357 -46.45 26.24 -24.88
CA LYS I 357 -46.09 25.34 -25.96
C LYS I 357 -45.91 26.04 -27.30
N LYS I 358 -46.38 27.27 -27.44
CA LYS I 358 -46.36 27.93 -28.73
C LYS I 358 -46.61 29.41 -28.51
N ASP I 359 -46.05 30.22 -29.42
CA ASP I 359 -46.30 31.66 -29.37
C ASP I 359 -47.80 31.91 -29.39
N VAL I 360 -48.27 32.73 -28.44
CA VAL I 360 -49.65 33.19 -28.43
C VAL I 360 -49.77 34.53 -27.74
N GLU I 361 -50.86 35.23 -28.07
CA GLU I 361 -51.29 36.45 -27.44
C GLU I 361 -52.57 36.14 -26.68
N ILE I 362 -52.52 36.30 -25.37
CA ILE I 362 -53.68 36.14 -24.53
C ILE I 362 -54.01 37.50 -23.93
N ASN I 363 -55.32 37.79 -23.91
CA ASN I 363 -55.93 39.03 -23.45
C ASN I 363 -54.97 40.20 -23.64
N GLY I 364 -54.46 40.35 -24.85
CA GLY I 364 -53.62 41.49 -25.19
C GLY I 364 -52.17 41.39 -24.76
N MET I 365 -51.70 40.22 -24.33
CA MET I 365 -50.32 40.03 -23.92
C MET I 365 -49.72 38.90 -24.74
N PHE I 366 -48.64 39.18 -25.45
CA PHE I 366 -47.93 38.16 -26.20
C PHE I 366 -47.06 37.32 -25.27
N ILE I 367 -47.04 36.02 -25.49
CA ILE I 367 -46.26 35.09 -24.69
C ILE I 367 -45.46 34.21 -25.64
N PRO I 368 -44.13 34.23 -25.59
CA PRO I 368 -43.35 33.41 -26.52
C PRO I 368 -43.24 31.97 -26.07
N LYS I 369 -43.33 31.07 -27.05
CA LYS I 369 -43.06 29.65 -26.84
C LYS I 369 -41.92 29.44 -25.85
N GLY I 370 -42.17 28.64 -24.83
CA GLY I 370 -41.14 28.23 -23.90
C GLY I 370 -41.13 28.96 -22.57
N VAL I 371 -41.80 30.09 -22.45
CA VAL I 371 -41.83 30.79 -21.17
C VAL I 371 -42.74 30.04 -20.21
N VAL I 372 -42.34 30.01 -18.94
CA VAL I 372 -43.17 29.40 -17.90
C VAL I 372 -44.10 30.47 -17.36
N VAL I 373 -45.40 30.22 -17.47
CA VAL I 373 -46.42 31.11 -16.91
C VAL I 373 -46.63 30.71 -15.46
N MET I 374 -46.34 31.64 -14.55
CA MET I 374 -46.43 31.38 -13.12
C MET I 374 -47.57 32.20 -12.52
N ILE I 375 -48.47 31.52 -11.81
CA ILE I 375 -49.57 32.17 -11.13
C ILE I 375 -49.27 32.14 -9.64
N PRO I 376 -49.04 33.28 -8.99
CA PRO I 376 -48.63 33.26 -7.57
C PRO I 376 -49.82 33.10 -6.63
N SER I 377 -50.25 31.85 -6.44
CA SER I 377 -51.46 31.57 -5.67
C SER I 377 -51.37 32.14 -4.27
N TYR I 378 -50.20 32.02 -3.62
CA TYR I 378 -50.03 32.66 -2.31
C TYR I 378 -50.40 34.13 -2.36
N VAL I 379 -49.92 34.83 -3.40
CA VAL I 379 -50.06 36.29 -3.44
C VAL I 379 -51.53 36.66 -3.57
N LEU I 380 -52.26 35.98 -4.44
CA LEU I 380 -53.70 36.21 -4.56
C LEU I 380 -54.41 35.86 -3.26
N HIS I 381 -54.07 34.71 -2.65
CA HIS I 381 -54.71 34.33 -1.41
C HIS I 381 -54.47 35.33 -0.29
N HIS I 382 -53.41 36.13 -0.38
CA HIS I 382 -53.11 37.15 0.63
C HIS I 382 -53.27 38.55 0.09
N ASP I 383 -53.84 38.71 -1.09
CA ASP I 383 -54.00 40.02 -1.69
C ASP I 383 -55.04 40.81 -0.92
N PRO I 384 -54.66 41.96 -0.35
CA PRO I 384 -55.69 42.81 0.23
C PRO I 384 -56.74 43.32 -0.79
N LYS I 385 -56.41 43.43 -2.07
CA LYS I 385 -57.35 43.82 -3.10
C LYS I 385 -58.58 42.94 -3.10
N TYR I 386 -58.46 41.64 -2.95
CA TYR I 386 -59.63 40.83 -2.85
C TYR I 386 -59.98 40.25 -1.48
N TRP I 387 -59.24 40.48 -0.40
CA TRP I 387 -59.58 39.91 0.90
C TRP I 387 -59.40 40.92 2.01
N THR I 388 -60.44 41.25 2.73
CA THR I 388 -60.34 42.22 3.81
C THR I 388 -59.61 41.58 5.00
N GLU I 389 -58.62 42.28 5.54
CA GLU I 389 -57.84 41.73 6.64
C GLU I 389 -57.45 40.32 6.21
N PRO I 390 -56.58 40.19 5.20
CA PRO I 390 -56.20 38.87 4.70
C PRO I 390 -55.26 38.08 5.59
N GLU I 391 -54.59 38.74 6.53
CA GLU I 391 -53.66 38.03 7.41
C GLU I 391 -54.32 37.50 8.67
N LYS I 392 -55.65 37.49 8.74
CA LYS I 392 -56.35 36.99 9.92
C LYS I 392 -57.25 35.83 9.53
N PHE I 393 -57.35 34.86 10.45
CA PHE I 393 -58.05 33.60 10.23
C PHE I 393 -59.52 33.80 10.52
N LEU I 394 -60.33 33.87 9.45
CA LEU I 394 -61.75 34.18 9.53
C LEU I 394 -62.54 33.17 8.72
N PRO I 395 -62.94 32.05 9.33
CA PRO I 395 -63.67 31.03 8.57
C PRO I 395 -64.93 31.54 7.88
N GLU I 396 -65.50 32.64 8.36
CA GLU I 396 -66.79 33.09 7.86
C GLU I 396 -66.73 33.58 6.42
N ARG I 397 -65.54 33.87 5.89
CA ARG I 397 -65.45 34.28 4.49
C ARG I 397 -66.09 33.26 3.57
N PHE I 398 -66.01 31.98 3.92
CA PHE I 398 -66.49 30.89 3.08
C PHE I 398 -67.89 30.44 3.47
N SER I 399 -68.55 31.16 4.37
CA SER I 399 -69.96 30.93 4.63
C SER I 399 -70.74 31.04 3.33
N ALA I 400 -71.76 30.18 3.18
CA ALA I 400 -72.61 30.24 1.99
C ALA I 400 -73.17 31.64 1.77
N ALA I 401 -73.17 32.48 2.80
CA ALA I 401 -73.61 33.85 2.63
C ALA I 401 -72.60 34.61 1.80
N ASN I 402 -71.33 34.42 2.06
CA ASN I 402 -70.30 35.15 1.33
C ASN I 402 -69.62 34.32 0.29
N ALA I 403 -70.21 33.20 -0.06
CA ALA I 403 -69.59 32.29 -1.02
C ALA I 403 -69.45 32.93 -2.39
N ASP I 404 -70.36 33.84 -2.75
CA ASP I 404 -70.40 34.42 -4.08
C ASP I 404 -69.42 35.56 -4.27
N ASN I 405 -68.46 35.72 -3.35
CA ASN I 405 -67.50 36.81 -3.42
C ASN I 405 -66.06 36.29 -3.51
N ILE I 406 -65.89 35.03 -3.91
CA ILE I 406 -64.58 34.42 -4.04
C ILE I 406 -64.41 33.94 -5.47
N ASP I 407 -63.45 34.53 -6.18
CA ASP I 407 -63.14 34.10 -7.54
C ASP I 407 -62.41 32.76 -7.50
N PRO I 408 -62.86 31.75 -8.25
CA PRO I 408 -62.11 30.48 -8.28
C PRO I 408 -60.75 30.57 -8.97
N TYR I 409 -60.39 31.73 -9.53
CA TYR I 409 -59.08 31.95 -10.10
C TYR I 409 -58.22 32.88 -9.26
N ILE I 410 -58.78 33.50 -8.21
CA ILE I 410 -57.98 34.05 -7.10
C ILE I 410 -57.74 32.99 -6.03
N TYR I 411 -58.72 32.14 -5.73
CA TYR I 411 -58.60 31.11 -4.70
C TYR I 411 -58.38 29.78 -5.41
N THR I 412 -57.12 29.37 -5.49
CA THR I 412 -56.71 28.20 -6.28
C THR I 412 -55.89 27.27 -5.40
N PRO I 413 -56.44 26.83 -4.26
CA PRO I 413 -55.66 25.97 -3.37
C PRO I 413 -55.38 24.61 -3.97
N PHE I 414 -56.35 24.08 -4.73
CA PHE I 414 -56.18 22.84 -5.47
C PHE I 414 -55.95 23.08 -6.95
N GLY I 415 -55.65 24.31 -7.34
CA GLY I 415 -55.52 24.64 -8.74
C GLY I 415 -56.88 24.86 -9.38
N SER I 416 -56.87 24.84 -10.71
CA SER I 416 -58.08 25.10 -11.47
C SER I 416 -57.88 24.58 -12.90
N GLY I 417 -58.98 24.36 -13.59
CA GLY I 417 -58.95 23.92 -14.95
C GLY I 417 -58.89 22.40 -15.07
N PRO I 418 -58.76 21.91 -16.30
CA PRO I 418 -58.75 20.45 -16.52
C PRO I 418 -57.54 19.76 -15.90
N ARG I 419 -56.54 20.51 -15.45
CA ARG I 419 -55.35 19.96 -14.82
C ARG I 419 -55.21 20.46 -13.39
N ASN I 420 -56.34 20.50 -12.67
CA ASN I 420 -56.33 20.84 -11.25
C ASN I 420 -55.90 19.60 -10.46
N CYS I 421 -56.03 19.67 -9.14
CA CYS I 421 -55.82 18.49 -8.32
C CYS I 421 -56.91 17.46 -8.60
N ILE I 422 -56.50 16.28 -9.07
CA ILE I 422 -57.45 15.19 -9.28
C ILE I 422 -57.80 14.46 -8.00
N GLY I 423 -57.08 14.72 -6.91
CA GLY I 423 -57.34 14.08 -5.64
C GLY I 423 -58.08 14.95 -4.63
N MET I 424 -58.65 16.07 -5.06
CA MET I 424 -59.25 17.02 -4.13
C MET I 424 -60.40 16.40 -3.37
N ARG I 425 -61.35 15.75 -4.07
CA ARG I 425 -62.48 15.15 -3.39
C ARG I 425 -62.02 14.15 -2.35
N PHE I 426 -61.01 13.35 -2.67
CA PHE I 426 -60.44 12.42 -1.70
C PHE I 426 -59.77 13.17 -0.55
N ALA I 427 -58.87 14.11 -0.87
CA ALA I 427 -58.07 14.75 0.17
C ALA I 427 -58.94 15.47 1.19
N LEU I 428 -60.01 16.11 0.74
CA LEU I 428 -60.88 16.85 1.65
C LEU I 428 -61.60 15.89 2.60
N VAL I 429 -62.35 14.95 2.04
CA VAL I 429 -62.95 13.87 2.82
C VAL I 429 -61.93 13.26 3.76
N ASN I 430 -60.77 12.85 3.22
CA ASN I 430 -59.79 12.15 4.05
C ASN I 430 -59.29 13.03 5.20
N MET I 431 -59.19 14.34 4.98
CA MET I 431 -58.76 15.21 6.07
C MET I 431 -59.85 15.37 7.11
N LYS I 432 -61.12 15.39 6.67
CA LYS I 432 -62.22 15.51 7.62
C LYS I 432 -62.38 14.23 8.44
N LEU I 433 -62.30 13.07 7.79
CA LEU I 433 -62.34 11.81 8.52
C LEU I 433 -61.37 11.83 9.69
N ALA I 434 -60.12 12.23 9.43
CA ALA I 434 -59.13 12.28 10.48
C ALA I 434 -59.33 13.48 11.40
N LEU I 435 -59.77 14.61 10.85
CA LEU I 435 -60.04 15.77 11.68
C LEU I 435 -61.19 15.49 12.62
N VAL I 436 -62.19 14.79 12.14
CA VAL I 436 -63.32 14.49 12.96
C VAL I 436 -62.94 13.67 14.13
N ARG I 437 -62.35 12.51 13.88
CA ARG I 437 -61.95 11.64 14.95
C ARG I 437 -61.02 12.30 15.96
N VAL I 438 -60.07 13.11 15.53
CA VAL I 438 -59.20 13.71 16.49
C VAL I 438 -59.93 14.71 17.34
N LEU I 439 -60.89 15.43 16.80
CA LEU I 439 -61.63 16.40 17.58
C LEU I 439 -62.74 15.76 18.41
N GLN I 440 -63.17 14.55 18.05
CA GLN I 440 -64.12 13.83 18.88
C GLN I 440 -63.53 13.42 20.22
N ASN I 441 -62.21 13.35 20.32
CA ASN I 441 -61.56 12.84 21.52
C ASN I 441 -60.58 13.81 22.16
N PHE I 442 -60.31 14.97 21.54
CA PHE I 442 -59.29 15.86 22.06
C PHE I 442 -59.62 17.31 21.74
N SER I 443 -59.09 18.19 22.58
CA SER I 443 -59.05 19.63 22.34
C SER I 443 -57.60 20.07 22.44
N PHE I 444 -57.18 20.95 21.53
CA PHE I 444 -55.79 21.37 21.43
C PHE I 444 -55.63 22.80 21.92
N LYS I 445 -54.49 23.07 22.56
CA LYS I 445 -54.21 24.37 23.16
C LYS I 445 -52.75 24.72 22.94
N PRO I 446 -52.44 26.02 22.80
CA PRO I 446 -51.04 26.42 22.76
C PRO I 446 -50.29 25.97 24.00
N CYS I 447 -49.00 25.71 23.83
CA CYS I 447 -48.11 25.42 24.94
C CYS I 447 -46.87 26.30 24.84
N LYS I 448 -45.82 25.97 25.59
CA LYS I 448 -44.67 26.88 25.67
C LYS I 448 -43.92 26.94 24.35
N GLU I 449 -43.64 25.77 23.76
CA GLU I 449 -42.82 25.69 22.56
C GLU I 449 -43.57 26.09 21.30
N THR I 450 -44.84 26.44 21.40
CA THR I 450 -45.61 26.90 20.25
C THR I 450 -45.13 28.29 19.85
N GLN I 451 -44.43 28.39 18.73
CA GLN I 451 -44.03 29.69 18.25
C GLN I 451 -45.39 30.17 17.83
N ILE I 452 -45.92 31.22 18.45
CA ILE I 452 -47.27 31.62 18.09
C ILE I 452 -47.26 32.14 16.68
N PRO I 453 -46.72 33.34 16.47
CA PRO I 453 -46.80 33.80 15.09
C PRO I 453 -45.99 32.82 14.28
N LEU I 454 -46.66 31.93 13.55
CA LEU I 454 -45.99 30.94 12.74
C LEU I 454 -45.17 31.61 11.69
N LYS I 455 -43.99 31.10 11.45
CA LYS I 455 -43.13 31.70 10.45
C LYS I 455 -42.72 30.61 9.48
N LEU I 456 -42.87 30.83 8.18
CA LEU I 456 -42.52 29.83 7.23
C LEU I 456 -41.04 29.90 6.87
N ARG I 457 -40.49 28.77 6.44
CA ARG I 457 -39.10 28.68 6.06
C ARG I 457 -39.05 28.19 4.64
N PHE I 458 -37.98 28.49 3.93
CA PHE I 458 -37.87 28.07 2.56
C PHE I 458 -37.33 26.65 2.53
N GLY I 459 -37.81 25.81 1.61
CA GLY I 459 -37.28 24.48 1.49
C GLY I 459 -38.23 23.30 1.37
N GLY I 460 -39.46 23.49 0.92
CA GLY I 460 -40.36 22.39 0.85
C GLY I 460 -41.75 22.84 1.17
N LEU I 461 -42.64 21.88 1.36
CA LEU I 461 -44.02 22.18 1.65
C LEU I 461 -44.22 22.78 3.00
N LEU I 462 -44.62 24.02 3.00
CA LEU I 462 -44.94 24.71 4.24
C LEU I 462 -44.00 24.42 5.36
N LEU I 463 -42.73 24.58 5.10
CA LEU I 463 -41.78 24.30 6.11
C LEU I 463 -41.91 25.43 7.09
N THR I 464 -41.92 25.13 8.38
CA THR I 464 -42.05 26.16 9.36
C THR I 464 -40.76 26.26 10.11
N GLU I 465 -40.39 27.46 10.46
CA GLU I 465 -39.18 27.65 11.19
C GLU I 465 -39.12 26.70 12.33
N LYS I 466 -40.09 26.72 13.21
CA LYS I 466 -40.02 25.85 14.33
C LYS I 466 -41.20 24.95 14.27
N PRO I 467 -41.03 23.72 14.70
CA PRO I 467 -42.12 22.76 14.64
C PRO I 467 -43.44 23.17 15.23
N ILE I 468 -44.50 22.62 14.68
CA ILE I 468 -45.82 22.87 15.22
C ILE I 468 -46.03 21.84 16.34
N VAL I 469 -45.92 22.28 17.59
CA VAL I 469 -46.20 21.44 18.75
C VAL I 469 -47.29 22.11 19.57
N LEU I 470 -48.29 21.33 19.98
CA LEU I 470 -49.37 21.81 20.81
C LEU I 470 -49.63 20.80 21.92
N LYS I 471 -50.66 21.08 22.71
CA LYS I 471 -51.02 20.20 23.80
C LYS I 471 -52.39 19.62 23.56
N ALA I 472 -52.50 18.31 23.52
CA ALA I 472 -53.75 17.61 23.32
C ALA I 472 -54.31 17.21 24.69
N GLU I 473 -55.50 17.71 25.01
CA GLU I 473 -56.18 17.38 26.27
C GLU I 473 -57.33 16.43 25.95
N SER I 474 -57.26 15.22 26.51
CA SER I 474 -58.35 14.26 26.32
C SER I 474 -59.68 14.87 26.76
N ARG I 475 -60.74 14.52 26.04
CA ARG I 475 -62.10 14.92 26.41
C ARG I 475 -62.70 13.80 27.26
N ASP I 476 -62.70 13.99 28.57
CA ASP I 476 -63.29 13.01 29.48
C ASP I 476 -62.61 11.65 29.36
N THR J 8 -34.89 16.71 -27.85
CA THR J 8 -35.35 17.08 -29.20
C THR J 8 -35.00 16.01 -30.22
N HIS J 9 -34.32 14.95 -29.77
CA HIS J 9 -33.84 13.89 -30.65
C HIS J 9 -34.91 12.88 -31.01
N GLY J 10 -36.14 13.06 -30.56
CA GLY J 10 -37.26 12.31 -31.06
C GLY J 10 -38.14 13.10 -32.01
N LEU J 11 -37.73 14.31 -32.40
CA LEU J 11 -38.62 15.20 -33.11
C LEU J 11 -38.91 14.77 -34.55
N PHE J 12 -37.89 14.52 -35.38
CA PHE J 12 -38.18 14.17 -36.76
C PHE J 12 -38.96 12.85 -36.84
N LYS J 13 -38.56 11.85 -36.05
CA LYS J 13 -39.33 10.62 -36.02
C LYS J 13 -40.75 10.84 -35.52
N LYS J 14 -40.99 11.91 -34.75
CA LYS J 14 -42.35 12.28 -34.38
C LYS J 14 -43.10 12.83 -35.59
N LEU J 15 -42.55 13.86 -36.21
CA LEU J 15 -43.16 14.55 -37.34
C LEU J 15 -43.26 13.70 -38.59
N GLY J 16 -42.91 12.42 -38.51
CA GLY J 16 -42.90 11.60 -39.70
C GLY J 16 -41.80 11.95 -40.68
N ILE J 17 -40.76 12.64 -40.22
CA ILE J 17 -39.62 13.00 -41.06
C ILE J 17 -38.56 11.91 -40.90
N PRO J 18 -38.02 11.37 -41.99
CA PRO J 18 -36.98 10.33 -41.85
C PRO J 18 -35.63 10.93 -41.51
N GLY J 19 -34.58 10.10 -41.46
CA GLY J 19 -33.24 10.58 -41.23
C GLY J 19 -32.32 9.51 -40.67
N PRO J 20 -31.03 9.84 -40.61
CA PRO J 20 -30.08 8.93 -39.98
C PRO J 20 -30.25 8.96 -38.47
N THR J 21 -30.04 7.81 -37.85
CA THR J 21 -30.52 7.57 -36.51
C THR J 21 -29.53 8.24 -35.54
N PRO J 22 -29.92 9.27 -34.80
CA PRO J 22 -28.93 10.09 -34.10
C PRO J 22 -28.26 9.33 -32.96
N LEU J 23 -27.23 9.95 -32.41
CA LEU J 23 -26.59 9.50 -31.19
C LEU J 23 -27.02 10.37 -30.01
N PRO J 24 -26.85 9.90 -28.78
CA PRO J 24 -27.02 10.78 -27.63
C PRO J 24 -26.11 11.99 -27.75
N PHE J 25 -26.70 13.18 -27.59
CA PHE J 25 -25.95 14.43 -27.57
C PHE J 25 -25.40 14.80 -28.95
N LEU J 26 -24.47 14.00 -29.46
CA LEU J 26 -23.76 14.37 -30.69
C LEU J 26 -24.70 14.44 -31.89
N GLY J 27 -25.83 13.74 -31.85
CA GLY J 27 -26.71 13.74 -33.01
C GLY J 27 -26.09 12.96 -34.14
N ASN J 28 -26.05 13.57 -35.32
CA ASN J 28 -25.35 13.02 -36.48
C ASN J 28 -24.07 13.79 -36.79
N ALA J 29 -23.67 14.70 -35.91
CA ALA J 29 -22.60 15.64 -36.21
C ALA J 29 -21.28 14.92 -36.52
N LEU J 30 -21.08 13.72 -35.98
CA LEU J 30 -19.85 12.99 -36.28
C LEU J 30 -19.85 12.47 -37.71
N SER J 31 -21.04 12.24 -38.28
CA SER J 31 -21.13 11.82 -39.68
C SER J 31 -20.80 12.96 -40.63
N PHE J 32 -20.93 14.22 -40.18
CA PHE J 32 -20.55 15.35 -41.01
C PHE J 32 -19.08 15.32 -41.37
N ARG J 33 -18.25 14.82 -40.45
CA ARG J 33 -16.80 14.94 -40.54
C ARG J 33 -16.18 14.11 -41.66
N LYS J 34 -16.99 13.33 -42.38
CA LYS J 34 -16.55 12.76 -43.65
C LYS J 34 -16.75 13.73 -44.81
N GLY J 35 -17.34 14.90 -44.55
CA GLY J 35 -17.65 15.85 -45.59
C GLY J 35 -19.14 16.11 -45.69
N TYR J 36 -19.55 17.38 -45.54
CA TYR J 36 -20.96 17.71 -45.70
C TYR J 36 -21.52 17.14 -47.00
N TRP J 37 -20.76 17.24 -48.09
CA TRP J 37 -21.26 16.82 -49.39
C TRP J 37 -21.60 15.33 -49.39
N THR J 38 -20.67 14.49 -48.93
CA THR J 38 -20.90 13.05 -48.96
C THR J 38 -22.11 12.67 -48.12
N PHE J 39 -22.15 13.13 -46.86
CA PHE J 39 -23.25 12.77 -45.99
C PHE J 39 -24.59 13.23 -46.57
N ASP J 40 -24.70 14.51 -46.91
CA ASP J 40 -25.95 15.04 -47.43
C ASP J 40 -26.42 14.27 -48.65
N MET J 41 -25.49 13.81 -49.49
CA MET J 41 -25.87 13.04 -50.67
C MET J 41 -26.40 11.67 -50.27
N GLU J 42 -25.65 10.96 -49.43
CA GLU J 42 -26.11 9.67 -48.92
C GLU J 42 -27.53 9.76 -48.40
N CYS J 43 -27.80 10.76 -47.55
CA CYS J 43 -29.13 10.89 -46.96
C CYS J 43 -30.18 11.20 -48.01
N TYR J 44 -29.82 11.94 -49.06
CA TYR J 44 -30.78 12.24 -50.12
C TYR J 44 -31.19 10.96 -50.85
N LYS J 45 -30.24 10.05 -51.06
CA LYS J 45 -30.52 8.87 -51.87
C LYS J 45 -31.37 7.85 -51.11
N LYS J 46 -31.08 7.63 -49.83
CA LYS J 46 -31.83 6.62 -49.08
C LYS J 46 -33.12 7.18 -48.47
N TYR J 47 -33.16 8.47 -48.11
CA TYR J 47 -34.33 9.02 -47.44
C TYR J 47 -35.22 9.90 -48.33
N GLY J 48 -34.74 10.35 -49.50
CA GLY J 48 -35.61 11.07 -50.42
C GLY J 48 -35.56 12.59 -50.34
N LYS J 49 -36.66 13.28 -50.69
CA LYS J 49 -36.61 14.75 -50.75
C LYS J 49 -36.35 15.43 -49.43
N VAL J 50 -36.79 14.87 -48.32
CA VAL J 50 -36.66 15.54 -47.03
C VAL J 50 -36.14 14.54 -46.02
N TRP J 51 -35.19 14.99 -45.20
CA TRP J 51 -34.63 14.17 -44.14
C TRP J 51 -34.24 15.09 -42.99
N GLY J 52 -34.01 14.49 -41.83
CA GLY J 52 -33.68 15.24 -40.63
C GLY J 52 -32.41 14.74 -40.01
N ILE J 53 -31.65 15.66 -39.44
CA ILE J 53 -30.38 15.38 -38.80
C ILE J 53 -30.25 16.27 -37.58
N TYR J 54 -29.30 15.92 -36.70
CA TYR J 54 -29.06 16.68 -35.49
C TYR J 54 -27.59 17.06 -35.40
N ASP J 55 -27.31 18.35 -35.43
CA ASP J 55 -25.97 18.88 -35.14
C ASP J 55 -25.90 19.07 -33.63
N GLY J 56 -25.68 17.95 -32.96
CA GLY J 56 -25.64 17.90 -31.53
C GLY J 56 -27.08 18.05 -31.09
N GLN J 57 -27.38 19.12 -30.40
CA GLN J 57 -28.71 19.34 -29.90
C GLN J 57 -29.63 19.89 -30.96
N GLN J 58 -29.14 20.85 -31.72
CA GLN J 58 -29.87 21.50 -32.78
C GLN J 58 -30.32 20.66 -33.93
N PRO J 59 -31.62 20.60 -34.15
CA PRO J 59 -32.14 19.86 -35.31
C PRO J 59 -32.05 20.67 -36.59
N MET J 60 -31.79 19.95 -37.69
CA MET J 60 -31.67 20.55 -39.01
C MET J 60 -32.55 19.79 -39.99
N LEU J 61 -33.37 20.52 -40.76
CA LEU J 61 -34.28 19.92 -41.73
C LEU J 61 -33.75 20.18 -43.13
N ALA J 62 -33.43 19.11 -43.85
CA ALA J 62 -32.89 19.19 -45.20
C ALA J 62 -34.03 19.12 -46.21
N ILE J 63 -34.00 20.01 -47.19
CA ILE J 63 -35.05 20.10 -48.19
C ILE J 63 -34.43 20.21 -49.57
N THR J 64 -34.98 19.45 -50.52
CA THR J 64 -34.52 19.44 -51.90
C THR J 64 -35.55 19.95 -52.90
N ASP J 65 -36.81 20.05 -52.52
CA ASP J 65 -37.84 20.50 -53.46
C ASP J 65 -37.64 21.98 -53.77
N PRO J 66 -37.54 22.36 -55.04
CA PRO J 66 -37.25 23.78 -55.34
C PRO J 66 -38.36 24.74 -54.96
N ASP J 67 -39.64 24.35 -55.07
CA ASP J 67 -40.71 25.26 -54.66
C ASP J 67 -40.68 25.51 -53.16
N MET J 68 -40.22 24.52 -52.39
CA MET J 68 -40.00 24.73 -50.97
C MET J 68 -38.78 25.64 -50.74
N ILE J 69 -37.71 25.41 -51.50
CA ILE J 69 -36.53 26.27 -51.40
C ILE J 69 -36.92 27.72 -51.68
N LYS J 70 -37.78 27.94 -52.68
CA LYS J 70 -38.20 29.30 -53.00
C LYS J 70 -38.98 29.92 -51.85
N THR J 71 -39.91 29.16 -51.25
CA THR J 71 -40.64 29.67 -50.10
C THR J 71 -39.68 30.07 -48.99
N VAL J 72 -38.64 29.26 -48.75
CA VAL J 72 -37.72 29.52 -47.65
C VAL J 72 -36.87 30.75 -47.94
N LEU J 73 -36.22 30.78 -49.10
CA LEU J 73 -35.23 31.81 -49.38
C LEU J 73 -35.83 33.13 -49.81
N VAL J 74 -37.06 33.14 -50.32
CA VAL J 74 -37.62 34.34 -50.90
C VAL J 74 -38.89 34.75 -50.17
N LYS J 75 -39.97 33.99 -50.36
CA LYS J 75 -41.29 34.42 -49.88
C LYS J 75 -41.30 34.62 -48.37
N GLU J 76 -40.90 33.59 -47.66
CA GLU J 76 -40.88 33.65 -46.21
C GLU J 76 -39.54 34.01 -45.62
N CYS J 77 -38.80 34.93 -46.21
CA CYS J 77 -37.50 35.26 -45.70
C CYS J 77 -37.57 36.23 -44.56
N TYR J 78 -38.19 37.37 -44.78
CA TYR J 78 -38.30 38.37 -43.76
C TYR J 78 -39.05 37.89 -42.54
N SER J 79 -40.24 37.36 -42.74
CA SER J 79 -41.07 36.89 -41.64
C SER J 79 -40.67 35.62 -40.90
N VAL J 80 -39.93 34.70 -41.51
CA VAL J 80 -39.61 33.49 -40.80
C VAL J 80 -38.17 33.05 -40.84
N PHE J 81 -37.61 33.00 -42.03
CA PHE J 81 -36.28 32.44 -42.25
C PHE J 81 -35.26 33.52 -42.54
N THR J 82 -35.06 34.43 -41.60
CA THR J 82 -34.23 35.59 -41.87
C THR J 82 -32.74 35.33 -41.66
N ASN J 83 -32.37 34.52 -40.68
CA ASN J 83 -31.04 34.62 -40.10
C ASN J 83 -30.38 33.27 -40.22
N ARG J 84 -29.05 33.23 -40.32
CA ARG J 84 -28.31 32.00 -40.10
C ARG J 84 -28.03 31.85 -38.60
N ARG J 85 -27.43 30.75 -38.19
CA ARG J 85 -27.24 30.51 -36.79
C ARG J 85 -26.24 31.37 -36.09
N PRO J 86 -26.46 31.58 -34.78
CA PRO J 86 -25.45 32.28 -33.98
C PRO J 86 -24.30 31.34 -33.64
N PHE J 87 -23.19 31.94 -33.19
CA PHE J 87 -22.00 31.13 -32.96
C PHE J 87 -21.13 31.62 -31.82
N GLY J 88 -21.66 32.41 -30.90
CA GLY J 88 -20.90 32.84 -29.75
C GLY J 88 -20.85 34.34 -29.62
N PRO J 89 -20.03 34.82 -28.66
CA PRO J 89 -20.00 36.25 -28.36
C PRO J 89 -19.23 37.02 -29.42
N VAL J 90 -19.96 37.78 -30.22
CA VAL J 90 -19.37 38.82 -31.05
C VAL J 90 -19.23 40.03 -30.13
N GLY J 91 -18.92 41.18 -30.69
CA GLY J 91 -18.98 42.40 -29.90
C GLY J 91 -19.79 43.43 -30.64
N PHE J 92 -19.13 44.50 -31.06
CA PHE J 92 -19.73 45.42 -32.00
C PHE J 92 -20.07 44.75 -33.33
N MET J 93 -19.55 43.55 -33.58
CA MET J 93 -19.73 42.89 -34.86
C MET J 93 -21.15 42.37 -35.09
N LYS J 94 -22.03 42.44 -34.09
CA LYS J 94 -23.42 42.12 -34.37
C LYS J 94 -23.99 43.03 -35.44
N ASN J 95 -23.37 44.19 -35.67
CA ASN J 95 -23.82 45.11 -36.71
C ASN J 95 -23.35 44.73 -38.10
N ALA J 96 -22.35 43.84 -38.21
CA ALA J 96 -21.91 43.38 -39.52
C ALA J 96 -23.08 42.76 -40.27
N ILE J 97 -23.16 43.06 -41.57
CA ILE J 97 -24.27 42.59 -42.39
C ILE J 97 -24.62 41.15 -42.07
N SER J 98 -23.61 40.26 -42.14
CA SER J 98 -23.86 38.84 -42.16
C SER J 98 -24.16 38.27 -40.78
N ILE J 99 -24.02 39.07 -39.73
CA ILE J 99 -24.29 38.61 -38.37
C ILE J 99 -25.59 39.22 -37.88
N ALA J 100 -25.91 40.41 -38.36
CA ALA J 100 -27.14 41.08 -37.94
C ALA J 100 -28.36 40.23 -38.26
N GLU J 101 -29.46 40.49 -37.54
CA GLU J 101 -30.67 39.68 -37.63
C GLU J 101 -31.90 40.58 -37.77
N ASP J 102 -32.93 40.03 -38.40
CA ASP J 102 -34.29 40.59 -38.40
C ASP J 102 -34.23 42.02 -38.93
N GLU J 103 -34.74 43.01 -38.19
CA GLU J 103 -34.86 44.37 -38.73
C GLU J 103 -33.54 45.12 -38.75
N GLU J 104 -32.56 44.71 -37.96
CA GLU J 104 -31.27 45.40 -38.04
C GLU J 104 -30.44 44.94 -39.23
N TRP J 105 -30.35 43.63 -39.46
CA TRP J 105 -29.79 43.19 -40.73
C TRP J 105 -30.45 43.91 -41.89
N LYS J 106 -31.77 43.96 -41.83
CA LYS J 106 -32.56 44.62 -42.85
C LYS J 106 -32.10 46.05 -43.10
N ARG J 107 -31.92 46.84 -42.06
CA ARG J 107 -31.50 48.22 -42.24
C ARG J 107 -30.12 48.31 -42.88
N ILE J 108 -29.21 47.43 -42.48
CA ILE J 108 -27.83 47.55 -42.95
C ILE J 108 -27.68 46.97 -44.35
N ARG J 109 -28.45 45.94 -44.71
CA ARG J 109 -28.47 45.53 -46.11
C ARG J 109 -28.95 46.67 -46.99
N SER J 110 -29.96 47.42 -46.52
CA SER J 110 -30.46 48.56 -47.29
C SER J 110 -29.40 49.64 -47.42
N LEU J 111 -28.68 49.93 -46.32
CA LEU J 111 -27.71 51.01 -46.33
C LEU J 111 -26.52 50.73 -47.24
N LEU J 112 -26.26 49.48 -47.60
CA LEU J 112 -25.09 49.16 -48.40
C LEU J 112 -25.38 48.86 -49.86
N SER J 113 -26.61 48.48 -50.19
CA SER J 113 -26.97 48.20 -51.57
C SER J 113 -26.56 49.33 -52.51
N PRO J 114 -26.54 50.59 -52.06
CA PRO J 114 -25.93 51.64 -52.91
C PRO J 114 -24.48 51.37 -53.26
N THR J 115 -23.74 50.69 -52.40
CA THR J 115 -22.32 50.47 -52.62
C THR J 115 -22.06 49.33 -53.59
N PHE J 116 -23.02 48.44 -53.79
CA PHE J 116 -22.85 47.25 -54.62
C PHE J 116 -23.61 47.38 -55.94
N THR J 117 -23.65 48.60 -56.46
CA THR J 117 -24.26 48.86 -57.75
C THR J 117 -23.24 48.56 -58.84
N SER J 118 -23.70 47.91 -59.91
CA SER J 118 -22.89 47.81 -61.13
C SER J 118 -22.27 49.18 -61.39
N GLY J 119 -23.04 50.24 -61.13
CA GLY J 119 -22.54 51.59 -61.23
C GLY J 119 -21.22 51.80 -60.52
N LYS J 120 -21.22 51.63 -59.19
CA LYS J 120 -20.00 51.82 -58.43
C LYS J 120 -18.97 50.73 -58.71
N LEU J 121 -19.40 49.58 -59.23
CA LEU J 121 -18.45 48.51 -59.55
C LEU J 121 -17.62 48.88 -60.77
N LYS J 122 -18.27 49.21 -61.88
CA LYS J 122 -17.61 49.75 -63.06
C LYS J 122 -16.61 50.82 -62.65
N GLU J 123 -16.99 51.65 -61.68
CA GLU J 123 -16.12 52.72 -61.23
C GLU J 123 -14.91 52.21 -60.46
N MET J 124 -15.03 51.06 -59.78
CA MET J 124 -13.97 50.60 -58.90
C MET J 124 -12.89 49.83 -59.64
N VAL J 125 -13.23 49.18 -60.73
CA VAL J 125 -12.31 48.30 -61.46
C VAL J 125 -10.90 48.88 -61.57
N PRO J 126 -10.75 50.17 -61.88
CA PRO J 126 -9.39 50.71 -62.06
C PRO J 126 -8.44 50.42 -60.91
N ILE J 127 -8.88 50.60 -59.66
CA ILE J 127 -8.01 50.33 -58.52
C ILE J 127 -7.71 48.85 -58.40
N ILE J 128 -8.56 47.98 -58.97
CA ILE J 128 -8.43 46.54 -58.78
C ILE J 128 -7.52 45.93 -59.83
N ALA J 129 -7.74 46.26 -61.10
CA ALA J 129 -6.83 45.82 -62.16
C ALA J 129 -5.38 46.07 -61.78
N GLN J 130 -5.13 47.14 -61.03
CA GLN J 130 -3.84 47.35 -60.39
C GLN J 130 -3.22 46.06 -59.87
N TYR J 131 -4.00 45.26 -59.13
CA TYR J 131 -3.44 44.10 -58.46
C TYR J 131 -3.34 42.88 -59.38
N GLY J 132 -4.20 42.80 -60.39
CA GLY J 132 -4.04 41.75 -61.38
C GLY J 132 -2.64 41.74 -61.98
N ASP J 133 -2.01 42.90 -62.09
CA ASP J 133 -0.63 42.96 -62.57
C ASP J 133 0.29 42.27 -61.60
N VAL J 134 0.13 42.54 -60.30
CA VAL J 134 1.08 42.04 -59.32
C VAL J 134 1.01 40.53 -59.34
N LEU J 135 -0.18 40.00 -59.62
CA LEU J 135 -0.39 38.56 -59.73
C LEU J 135 0.43 37.97 -60.86
N VAL J 136 0.32 38.53 -62.07
CA VAL J 136 1.09 38.04 -63.21
C VAL J 136 2.57 37.97 -62.84
N ARG J 137 3.12 39.10 -62.38
CA ARG J 137 4.48 39.13 -61.87
C ARG J 137 4.71 38.00 -60.87
N ASN J 138 3.97 38.03 -59.76
CA ASN J 138 4.06 36.97 -58.76
C ASN J 138 4.07 35.59 -59.42
N LEU J 139 3.10 35.35 -60.29
CA LEU J 139 2.96 34.03 -60.90
C LEU J 139 4.04 33.74 -61.93
N ARG J 140 4.32 34.66 -62.86
CA ARG J 140 5.52 34.56 -63.70
C ARG J 140 6.73 34.14 -62.87
N ARG J 141 7.08 34.94 -61.86
CA ARG J 141 8.24 34.65 -61.03
C ARG J 141 8.26 33.20 -60.58
N GLU J 142 7.14 32.72 -60.02
CA GLU J 142 7.08 31.35 -59.57
C GLU J 142 7.20 30.35 -60.72
N ALA J 143 6.99 30.78 -61.97
CA ALA J 143 6.82 29.84 -63.06
C ALA J 143 7.89 29.92 -64.15
N GLU J 144 8.58 31.05 -64.31
CA GLU J 144 9.63 31.11 -65.31
C GLU J 144 10.74 30.09 -65.01
N THR J 145 10.88 29.68 -63.75
CA THR J 145 11.88 28.69 -63.35
C THR J 145 11.26 27.30 -63.25
N GLY J 146 10.37 26.97 -64.18
CA GLY J 146 9.77 25.65 -64.25
C GLY J 146 9.31 25.08 -62.93
N LYS J 147 8.62 25.90 -62.13
CA LYS J 147 8.13 25.39 -60.85
C LYS J 147 6.65 25.05 -60.94
N PRO J 148 6.21 23.94 -60.35
CA PRO J 148 4.77 23.74 -60.16
C PRO J 148 4.23 24.81 -59.25
N VAL J 149 3.03 25.31 -59.54
CA VAL J 149 2.59 26.56 -58.96
C VAL J 149 1.43 26.20 -58.04
N THR J 150 1.61 26.37 -56.72
CA THR J 150 0.47 26.31 -55.79
C THR J 150 -0.50 27.47 -56.09
N LEU J 151 -1.67 27.13 -56.63
CA LEU J 151 -2.61 28.15 -57.06
C LEU J 151 -3.22 28.90 -55.87
N LYS J 152 -3.73 28.16 -54.88
CA LYS J 152 -4.35 28.80 -53.72
C LYS J 152 -3.41 29.80 -53.04
N HIS J 153 -2.10 29.63 -53.21
CA HIS J 153 -1.14 30.56 -52.63
C HIS J 153 -1.10 31.88 -53.41
N VAL J 154 -0.92 31.81 -54.73
CA VAL J 154 -0.81 33.02 -55.53
C VAL J 154 -2.17 33.69 -55.69
N PHE J 155 -3.23 32.89 -55.81
CA PHE J 155 -4.57 33.48 -55.90
C PHE J 155 -5.08 33.94 -54.53
N GLY J 156 -4.61 33.30 -53.45
CA GLY J 156 -4.91 33.84 -52.14
C GLY J 156 -4.26 35.19 -51.91
N ALA J 157 -3.02 35.36 -52.38
CA ALA J 157 -2.37 36.66 -52.29
C ALA J 157 -3.05 37.68 -53.18
N TYR J 158 -3.61 37.25 -54.32
CA TYR J 158 -4.41 38.17 -55.11
C TYR J 158 -5.69 38.54 -54.37
N SER J 159 -6.42 37.53 -53.89
CA SER J 159 -7.69 37.79 -53.22
C SER J 159 -7.51 38.76 -52.06
N MET J 160 -6.43 38.60 -51.31
CA MET J 160 -6.18 39.48 -50.18
C MET J 160 -5.88 40.90 -50.65
N ASP J 161 -4.96 41.04 -51.61
CA ASP J 161 -4.63 42.34 -52.18
C ASP J 161 -5.90 43.12 -52.49
N VAL J 162 -6.85 42.48 -53.13
CA VAL J 162 -8.04 43.16 -53.53
C VAL J 162 -9.00 43.45 -52.41
N ILE J 163 -9.41 42.45 -51.67
CA ILE J 163 -10.38 42.72 -50.63
C ILE J 163 -9.83 43.56 -49.49
N THR J 164 -8.62 43.30 -49.02
CA THR J 164 -8.08 44.10 -47.97
C THR J 164 -7.93 45.52 -48.41
N SER J 165 -7.31 45.70 -49.56
CA SER J 165 -7.13 47.03 -50.12
C SER J 165 -8.40 47.79 -50.37
N THR J 166 -9.43 47.14 -50.88
CA THR J 166 -10.68 47.84 -51.11
C THR J 166 -11.60 48.04 -49.90
N SER J 167 -11.55 47.18 -48.89
CA SER J 167 -12.35 47.34 -47.68
C SER J 167 -11.71 48.32 -46.73
N PHE J 168 -10.42 48.22 -46.51
CA PHE J 168 -9.75 49.21 -45.70
C PHE J 168 -9.12 50.40 -46.43
N GLY J 169 -9.20 50.53 -47.76
CA GLY J 169 -8.64 51.66 -48.43
C GLY J 169 -7.16 51.75 -48.32
N VAL J 170 -6.43 50.67 -48.60
CA VAL J 170 -4.98 50.72 -48.49
C VAL J 170 -4.26 49.85 -49.50
N SER J 171 -3.36 50.39 -50.30
CA SER J 171 -2.61 49.55 -51.22
C SER J 171 -1.71 48.60 -50.41
N ILE J 172 -1.82 47.30 -50.69
CA ILE J 172 -1.06 46.27 -49.99
C ILE J 172 -0.66 45.19 -50.99
N ASP J 173 0.51 44.60 -50.76
CA ASP J 173 1.09 43.56 -51.60
C ASP J 173 1.41 42.40 -50.69
N SER J 174 0.65 41.33 -50.83
CA SER J 174 0.65 40.22 -49.90
C SER J 174 1.97 39.53 -49.84
N LEU J 175 2.42 39.17 -51.03
CA LEU J 175 3.50 38.21 -51.23
C LEU J 175 4.85 38.91 -51.08
N ASN J 176 4.99 40.09 -51.67
CA ASN J 176 6.23 40.86 -51.64
C ASN J 176 6.24 41.87 -50.50
N ASN J 177 5.14 41.99 -49.74
CA ASN J 177 5.26 42.41 -48.32
C ASN J 177 4.37 41.55 -47.45
N PRO J 178 4.94 40.51 -46.91
CA PRO J 178 4.23 39.81 -45.89
C PRO J 178 4.37 40.53 -44.55
N GLN J 179 5.26 41.49 -44.41
CA GLN J 179 5.46 42.16 -43.14
C GLN J 179 4.66 43.43 -42.90
N ASP J 180 3.80 43.83 -43.80
CA ASP J 180 3.00 44.99 -43.58
C ASP J 180 2.12 44.65 -42.41
N PRO J 181 1.89 45.58 -41.49
CA PRO J 181 1.17 45.02 -40.32
C PRO J 181 -0.26 44.65 -40.64
N PHE J 182 -0.84 45.32 -41.64
CA PHE J 182 -2.11 44.87 -42.20
C PHE J 182 -2.04 43.40 -42.63
N VAL J 183 -1.12 43.08 -43.54
CA VAL J 183 -1.01 41.70 -43.98
C VAL J 183 -0.90 40.77 -42.77
N GLU J 184 -0.02 41.11 -41.83
CA GLU J 184 0.19 40.24 -40.69
C GLU J 184 -1.10 40.11 -39.87
N ASN J 185 -1.78 41.24 -39.62
CA ASN J 185 -3.00 41.27 -38.83
C ASN J 185 -4.15 40.61 -39.57
N THR J 186 -4.36 41.01 -40.82
CA THR J 186 -5.48 40.45 -41.59
C THR J 186 -5.41 38.93 -41.61
N LYS J 187 -4.19 38.37 -41.64
CA LYS J 187 -4.05 36.92 -41.57
C LYS J 187 -4.44 36.41 -40.19
N LYS J 188 -3.99 37.09 -39.13
CA LYS J 188 -4.39 36.72 -37.78
C LYS J 188 -5.92 36.69 -37.66
N LEU J 189 -6.59 37.72 -38.17
CA LEU J 189 -8.04 37.80 -38.06
C LEU J 189 -8.70 36.66 -38.84
N LEU J 190 -8.13 36.30 -39.98
CA LEU J 190 -8.71 35.25 -40.81
C LEU J 190 -8.51 33.85 -40.24
N ARG J 191 -7.75 33.71 -39.21
CA ARG J 191 -7.67 32.45 -38.58
C ARG J 191 -9.04 32.04 -38.05
N PHE J 192 -9.82 32.95 -37.47
CA PHE J 192 -11.10 32.57 -36.97
C PHE J 192 -12.02 31.98 -37.98
N ASN J 193 -12.54 30.81 -37.74
CA ASN J 193 -13.50 30.25 -38.63
C ASN J 193 -14.48 29.42 -37.81
N PRO J 194 -15.42 28.72 -38.46
CA PRO J 194 -16.34 27.93 -37.63
C PRO J 194 -15.85 26.63 -37.08
N LEU J 195 -14.59 26.25 -37.14
CA LEU J 195 -14.21 25.02 -36.54
C LEU J 195 -13.23 25.37 -35.49
N ASP J 196 -13.46 26.51 -34.85
CA ASP J 196 -12.59 27.01 -33.87
C ASP J 196 -13.09 26.49 -32.58
N PRO J 197 -12.21 26.06 -31.73
CA PRO J 197 -12.66 25.46 -30.45
C PRO J 197 -13.67 26.32 -29.70
N PHE J 198 -13.64 27.63 -29.91
CA PHE J 198 -14.53 28.55 -29.19
C PHE J 198 -15.92 28.59 -29.81
N VAL J 199 -16.03 28.32 -31.11
CA VAL J 199 -17.35 28.09 -31.70
C VAL J 199 -17.88 26.72 -31.31
N LEU J 200 -16.99 25.73 -31.24
CA LEU J 200 -17.40 24.40 -30.82
C LEU J 200 -17.83 24.40 -29.36
N SER J 201 -17.16 25.20 -28.53
CA SER J 201 -17.52 25.28 -27.11
C SER J 201 -18.95 25.81 -26.94
N ILE J 202 -19.19 26.89 -27.61
CA ILE J 202 -20.47 27.50 -27.59
C ILE J 202 -21.50 26.55 -28.12
N LYS J 203 -21.11 25.63 -28.99
CA LYS J 203 -22.08 24.70 -29.48
C LYS J 203 -22.44 23.83 -28.30
N VAL J 204 -21.45 23.35 -27.59
CA VAL J 204 -21.71 22.56 -26.44
C VAL J 204 -22.35 23.33 -25.34
N PHE J 205 -22.01 24.55 -25.23
CA PHE J 205 -22.48 25.35 -24.09
C PHE J 205 -23.22 26.60 -24.54
N PRO J 206 -24.42 26.50 -25.10
CA PRO J 206 -25.05 27.69 -25.70
C PRO J 206 -25.11 28.90 -24.80
N PHE J 207 -25.32 28.72 -23.50
CA PHE J 207 -25.52 29.89 -22.66
C PHE J 207 -24.27 30.43 -22.03
N LEU J 208 -23.14 30.16 -22.63
CA LEU J 208 -21.94 30.89 -22.29
C LEU J 208 -21.86 32.20 -23.04
N THR J 209 -22.58 32.33 -24.16
CA THR J 209 -22.46 33.53 -24.99
C THR J 209 -22.79 34.80 -24.22
N PRO J 210 -23.99 34.96 -23.64
CA PRO J 210 -24.30 36.24 -22.99
C PRO J 210 -23.45 36.54 -21.78
N ILE J 211 -22.90 35.52 -21.12
CA ILE J 211 -21.98 35.76 -20.01
C ILE J 211 -20.70 36.41 -20.52
N LEU J 212 -20.22 35.97 -21.68
CA LEU J 212 -18.93 36.44 -22.18
C LEU J 212 -19.03 37.84 -22.77
N GLU J 213 -20.10 38.14 -23.49
CA GLU J 213 -20.26 39.52 -23.97
C GLU J 213 -20.47 40.49 -22.82
N ALA J 214 -21.10 40.04 -21.74
CA ALA J 214 -21.12 40.85 -20.52
C ALA J 214 -19.69 41.22 -20.12
N LEU J 215 -18.75 40.30 -20.29
CA LEU J 215 -17.37 40.49 -19.91
C LEU J 215 -16.50 41.02 -21.06
N ASN J 216 -17.09 41.29 -22.22
CA ASN J 216 -16.35 41.80 -23.37
C ASN J 216 -15.25 40.84 -23.79
N ILE J 217 -15.60 39.56 -23.86
CA ILE J 217 -14.75 38.52 -24.43
C ILE J 217 -15.46 38.00 -25.66
N THR J 218 -14.95 38.37 -26.84
CA THR J 218 -15.54 37.99 -28.11
C THR J 218 -14.74 36.87 -28.75
N VAL J 219 -15.35 36.23 -29.76
CA VAL J 219 -14.61 35.26 -30.55
C VAL J 219 -13.55 35.93 -31.41
N PHE J 220 -13.64 37.23 -31.60
CA PHE J 220 -12.67 37.94 -32.40
C PHE J 220 -11.53 38.47 -31.56
N PRO J 221 -10.30 38.40 -32.07
CA PRO J 221 -9.17 38.85 -31.26
C PRO J 221 -9.18 40.34 -30.91
N ARG J 222 -9.12 40.67 -29.63
CA ARG J 222 -9.13 42.04 -29.18
C ARG J 222 -8.04 42.89 -29.82
N GLU J 223 -6.81 42.43 -29.78
CA GLU J 223 -5.68 43.18 -30.32
C GLU J 223 -5.82 43.46 -31.79
N VAL J 224 -6.09 42.45 -32.58
CA VAL J 224 -6.28 42.63 -34.00
C VAL J 224 -7.31 43.69 -34.33
N ILE J 225 -8.45 43.64 -33.69
CA ILE J 225 -9.46 44.62 -33.94
C ILE J 225 -9.00 45.99 -33.54
N SER J 226 -8.34 46.15 -32.41
CA SER J 226 -7.93 47.49 -32.05
C SER J 226 -7.00 48.04 -33.13
N PHE J 227 -6.03 47.25 -33.58
CA PHE J 227 -5.16 47.67 -34.66
C PHE J 227 -5.97 48.10 -35.87
N LEU J 228 -6.87 47.24 -36.34
CA LEU J 228 -7.67 47.58 -37.49
C LEU J 228 -8.51 48.82 -37.25
N THR J 229 -9.24 48.87 -36.15
CA THR J 229 -10.06 50.05 -35.86
C THR J 229 -9.14 51.26 -35.80
N LYS J 230 -8.01 51.12 -35.14
CA LYS J 230 -7.05 52.23 -35.12
C LYS J 230 -6.67 52.65 -36.53
N SER J 231 -6.32 51.68 -37.37
CA SER J 231 -5.86 51.99 -38.72
C SER J 231 -6.95 52.71 -39.51
N VAL J 232 -8.12 52.06 -39.65
CA VAL J 232 -9.18 52.65 -40.47
C VAL J 232 -9.53 54.05 -39.98
N LYS J 233 -9.64 54.24 -38.66
CA LYS J 233 -9.97 55.56 -38.15
C LYS J 233 -8.95 56.60 -38.62
N GLN J 234 -7.69 56.20 -38.80
CA GLN J 234 -6.68 57.14 -39.27
C GLN J 234 -6.89 57.49 -40.74
N ILE J 235 -6.88 56.48 -41.61
CA ILE J 235 -7.13 56.69 -43.03
C ILE J 235 -8.31 57.63 -43.27
N LYS J 236 -9.37 57.48 -42.48
CA LYS J 236 -10.52 58.37 -42.64
C LYS J 236 -10.10 59.83 -42.54
N GLU J 237 -9.32 60.18 -41.51
CA GLU J 237 -8.94 61.56 -41.29
C GLU J 237 -8.05 62.08 -42.42
N GLY J 238 -6.87 61.48 -42.59
CA GLY J 238 -5.97 61.92 -43.64
C GLY J 238 -6.66 62.06 -44.98
N ARG J 239 -7.76 61.35 -45.18
CA ARG J 239 -8.46 61.42 -46.45
C ARG J 239 -9.11 62.76 -46.63
N LEU J 240 -9.72 63.26 -45.58
CA LEU J 240 -10.36 64.57 -45.62
C LEU J 240 -9.30 65.65 -45.84
N LYS J 241 -8.77 65.76 -47.05
CA LYS J 241 -7.67 66.69 -47.26
C LYS J 241 -7.41 66.92 -48.75
N VAL J 248 -12.14 55.49 -54.51
CA VAL J 248 -13.49 54.99 -54.81
C VAL J 248 -13.63 53.56 -54.31
N ASP J 249 -12.96 53.25 -53.22
CA ASP J 249 -12.98 51.92 -52.61
C ASP J 249 -14.19 51.75 -51.71
N PHE J 250 -14.47 50.53 -51.30
CA PHE J 250 -15.61 50.22 -50.44
C PHE J 250 -15.67 51.17 -49.25
N LEU J 251 -14.51 51.47 -48.65
CA LEU J 251 -14.49 52.37 -47.50
C LEU J 251 -15.13 53.71 -47.84
N GLN J 252 -14.70 54.34 -48.94
CA GLN J 252 -15.20 55.66 -49.31
C GLN J 252 -16.71 55.62 -49.56
N LEU J 253 -17.14 54.72 -50.45
CA LEU J 253 -18.54 54.44 -50.71
C LEU J 253 -19.37 54.37 -49.44
N MET J 254 -18.79 53.88 -48.35
CA MET J 254 -19.50 53.85 -47.08
C MET J 254 -19.42 55.17 -46.32
N ILE J 255 -18.31 55.91 -46.47
CA ILE J 255 -18.25 57.23 -45.85
C ILE J 255 -19.15 58.21 -46.58
N ASP J 256 -19.24 58.10 -47.90
CA ASP J 256 -20.18 58.92 -48.64
C ASP J 256 -21.62 58.59 -48.26
N SER J 257 -21.89 57.31 -47.94
CA SER J 257 -23.24 56.90 -47.56
C SER J 257 -23.66 57.49 -46.21
N GLN J 258 -22.71 57.97 -45.41
CA GLN J 258 -23.06 58.64 -44.17
C GLN J 258 -23.58 60.04 -44.39
N ASN J 259 -23.55 60.55 -45.62
CA ASN J 259 -23.86 61.94 -45.91
C ASN J 259 -24.93 62.04 -46.99
N SER J 260 -25.93 62.88 -46.75
CA SER J 260 -26.96 63.19 -47.74
C SER J 260 -27.75 64.41 -47.30
N HIS J 266 -33.31 56.01 -43.76
CA HIS J 266 -32.69 55.20 -42.70
C HIS J 266 -31.62 55.99 -41.94
N LYS J 267 -31.40 55.60 -40.69
CA LYS J 267 -30.29 56.12 -39.90
C LYS J 267 -28.98 55.72 -40.54
N ALA J 268 -28.15 56.72 -40.88
CA ALA J 268 -26.91 56.45 -41.57
C ALA J 268 -26.01 55.56 -40.73
N LEU J 269 -25.08 54.88 -41.42
CA LEU J 269 -24.11 54.04 -40.73
C LEU J 269 -23.33 54.86 -39.71
N SER J 270 -23.17 54.29 -38.51
CA SER J 270 -22.19 54.82 -37.58
C SER J 270 -20.79 54.39 -38.00
N ASP J 271 -19.79 55.11 -37.48
CA ASP J 271 -18.41 54.71 -37.75
C ASP J 271 -18.15 53.29 -37.26
N LEU J 272 -18.80 52.87 -36.18
CA LEU J 272 -18.64 51.51 -35.68
C LEU J 272 -19.28 50.50 -36.61
N GLU J 273 -20.55 50.74 -36.98
CA GLU J 273 -21.22 49.86 -37.94
C GLU J 273 -20.39 49.71 -39.20
N LEU J 274 -19.93 50.84 -39.75
CA LEU J 274 -19.09 50.81 -40.95
C LEU J 274 -17.85 49.96 -40.72
N MET J 275 -17.22 50.10 -39.56
CA MET J 275 -16.03 49.32 -39.25
C MET J 275 -16.30 47.83 -39.35
N ALA J 276 -17.47 47.40 -38.89
CA ALA J 276 -17.80 45.97 -38.93
C ALA J 276 -18.04 45.50 -40.36
N GLN J 277 -18.55 46.37 -41.23
CA GLN J 277 -18.77 46.00 -42.61
C GLN J 277 -17.45 45.70 -43.32
N SER J 278 -16.44 46.54 -43.09
CA SER J 278 -15.15 46.31 -43.72
C SER J 278 -14.54 45.00 -43.26
N ILE J 279 -14.62 44.72 -41.96
CA ILE J 279 -14.02 43.48 -41.44
C ILE J 279 -14.72 42.26 -42.03
N ILE J 280 -16.04 42.33 -42.17
CA ILE J 280 -16.78 41.15 -42.65
C ILE J 280 -16.67 40.98 -44.15
N PHE J 281 -16.35 42.04 -44.90
CA PHE J 281 -16.09 41.86 -46.33
C PHE J 281 -14.87 40.98 -46.53
N ILE J 282 -13.85 41.11 -45.67
CA ILE J 282 -12.66 40.29 -45.79
C ILE J 282 -13.00 38.82 -45.57
N PHE J 283 -13.64 38.51 -44.44
CA PHE J 283 -14.10 37.15 -44.21
C PHE J 283 -14.87 36.62 -45.41
N ALA J 284 -15.86 37.39 -45.87
CA ALA J 284 -16.79 36.89 -46.87
C ALA J 284 -16.12 36.66 -48.22
N GLY J 285 -15.12 37.47 -48.56
CA GLY J 285 -14.61 37.46 -49.92
C GLY J 285 -13.16 37.10 -50.09
N TYR J 286 -12.45 36.82 -48.99
CA TYR J 286 -11.06 36.43 -49.12
C TYR J 286 -10.94 35.02 -49.69
N GLU J 287 -11.32 34.03 -48.89
CA GLU J 287 -11.01 32.64 -49.18
C GLU J 287 -12.00 32.01 -50.14
N THR J 288 -13.18 32.60 -50.32
CA THR J 288 -14.06 32.20 -51.40
C THR J 288 -13.43 32.50 -52.76
N THR J 289 -13.17 33.78 -53.02
CA THR J 289 -12.54 34.18 -54.28
C THR J 289 -11.28 33.36 -54.52
N SER J 290 -10.41 33.28 -53.52
CA SER J 290 -9.19 32.49 -53.64
C SER J 290 -9.51 31.05 -54.04
N SER J 291 -10.44 30.41 -53.31
CA SER J 291 -10.75 29.01 -53.58
C SER J 291 -11.31 28.84 -54.98
N VAL J 292 -12.30 29.64 -55.36
CA VAL J 292 -12.98 29.45 -56.64
C VAL J 292 -11.99 29.60 -57.79
N LEU J 293 -11.22 30.70 -57.80
CA LEU J 293 -10.18 30.86 -58.80
C LEU J 293 -9.33 29.60 -58.89
N SER J 294 -8.83 29.13 -57.75
CA SER J 294 -8.00 27.94 -57.73
C SER J 294 -8.68 26.76 -58.41
N PHE J 295 -10.01 26.67 -58.31
CA PHE J 295 -10.71 25.53 -58.88
C PHE J 295 -10.98 25.75 -60.37
N ILE J 296 -11.29 26.97 -60.78
CA ILE J 296 -11.46 27.27 -62.20
C ILE J 296 -10.20 26.87 -62.96
N ILE J 297 -9.05 27.34 -62.50
CA ILE J 297 -7.79 27.08 -63.19
C ILE J 297 -7.48 25.59 -63.20
N TYR J 298 -8.04 24.83 -62.27
CA TYR J 298 -7.81 23.40 -62.25
C TYR J 298 -8.66 22.78 -63.32
N GLU J 299 -9.95 23.08 -63.31
CA GLU J 299 -10.83 22.55 -64.34
C GLU J 299 -10.31 22.83 -65.75
N LEU J 300 -9.69 24.00 -65.94
CA LEU J 300 -9.17 24.35 -67.26
C LEU J 300 -7.92 23.53 -67.58
N ALA J 301 -7.07 23.29 -66.58
CA ALA J 301 -5.85 22.52 -66.83
C ALA J 301 -6.16 21.06 -67.14
N THR J 302 -7.27 20.54 -66.62
CA THR J 302 -7.68 19.17 -66.89
C THR J 302 -8.64 19.07 -68.08
N HIS J 303 -9.07 20.20 -68.64
CA HIS J 303 -9.83 20.24 -69.88
C HIS J 303 -9.10 21.24 -70.79
N PRO J 304 -8.00 20.83 -71.37
CA PRO J 304 -7.18 21.71 -72.19
C PRO J 304 -7.95 22.48 -73.22
N ASP J 305 -8.81 21.80 -73.94
CA ASP J 305 -9.70 22.40 -74.90
C ASP J 305 -10.57 23.53 -74.39
N VAL J 306 -11.02 23.49 -73.16
CA VAL J 306 -11.81 24.57 -72.66
C VAL J 306 -10.87 25.67 -72.37
N GLN J 307 -9.67 25.38 -71.92
CA GLN J 307 -8.73 26.47 -71.68
C GLN J 307 -8.55 27.33 -72.93
N GLN J 308 -8.37 26.69 -74.08
CA GLN J 308 -8.08 27.44 -75.30
C GLN J 308 -9.25 28.35 -75.69
N LYS J 309 -10.50 27.86 -75.54
CA LYS J 309 -11.69 28.59 -75.99
C LYS J 309 -11.84 29.85 -75.18
N VAL J 310 -11.44 29.79 -73.92
CA VAL J 310 -11.41 30.98 -73.07
C VAL J 310 -10.32 31.92 -73.55
N GLN J 311 -9.10 31.40 -73.76
CA GLN J 311 -8.01 32.25 -74.24
C GLN J 311 -8.33 32.84 -75.61
N LYS J 312 -8.98 32.06 -76.48
CA LYS J 312 -9.33 32.60 -77.78
C LYS J 312 -10.39 33.68 -77.66
N GLU J 313 -11.39 33.47 -76.80
CA GLU J 313 -12.39 34.51 -76.57
C GLU J 313 -11.79 35.73 -75.90
N ILE J 314 -10.77 35.53 -75.05
CA ILE J 314 -10.09 36.68 -74.44
C ILE J 314 -9.33 37.45 -75.51
N ASP J 315 -8.59 36.75 -76.36
CA ASP J 315 -7.81 37.42 -77.40
C ASP J 315 -8.71 38.19 -78.35
N THR J 316 -9.92 37.69 -78.60
CA THR J 316 -10.84 38.38 -79.49
C THR J 316 -11.38 39.67 -78.87
N VAL J 317 -11.50 39.69 -77.54
CA VAL J 317 -12.14 40.80 -76.84
C VAL J 317 -11.07 41.76 -76.36
N LEU J 318 -9.95 41.19 -76.00
CA LEU J 318 -8.86 41.98 -75.54
C LEU J 318 -7.66 41.55 -76.28
N PRO J 319 -7.58 41.91 -77.56
CA PRO J 319 -6.38 41.49 -78.27
C PRO J 319 -5.18 42.25 -77.82
N ASN J 320 -4.04 41.64 -78.04
CA ASN J 320 -2.80 42.21 -77.65
C ASN J 320 -2.75 42.71 -76.24
N LYS J 321 -3.14 41.85 -75.32
CA LYS J 321 -3.04 42.11 -73.90
C LYS J 321 -3.63 43.41 -73.48
N ALA J 322 -4.83 43.67 -73.91
CA ALA J 322 -5.43 44.90 -73.54
C ALA J 322 -5.80 44.77 -72.12
N PRO J 323 -5.61 45.82 -71.37
CA PRO J 323 -6.02 45.72 -69.96
C PRO J 323 -7.50 45.47 -69.86
N PRO J 324 -7.93 44.52 -69.03
CA PRO J 324 -9.37 44.25 -68.92
C PRO J 324 -10.09 45.41 -68.25
N THR J 325 -11.37 45.55 -68.60
CA THR J 325 -12.21 46.62 -68.09
C THR J 325 -13.57 46.04 -67.73
N TYR J 326 -14.37 46.83 -67.02
CA TYR J 326 -15.71 46.38 -66.68
C TYR J 326 -16.50 46.00 -67.93
N ASP J 327 -16.38 46.79 -68.99
CA ASP J 327 -17.19 46.57 -70.18
C ASP J 327 -16.69 45.40 -71.04
N THR J 328 -15.37 45.18 -71.12
CA THR J 328 -14.84 43.96 -71.75
C THR J 328 -15.03 42.70 -70.91
N VAL J 329 -14.81 42.73 -69.59
CA VAL J 329 -15.01 41.50 -68.81
C VAL J 329 -16.44 41.00 -68.99
N LEU J 330 -17.41 41.92 -68.95
CA LEU J 330 -18.81 41.57 -69.17
C LEU J 330 -19.04 40.87 -70.51
N GLN J 331 -18.08 40.91 -71.42
CA GLN J 331 -18.26 40.34 -72.75
C GLN J 331 -17.77 38.91 -72.86
N LEU J 332 -17.18 38.35 -71.80
CA LEU J 332 -16.58 37.01 -71.85
C LEU J 332 -17.65 35.99 -71.48
N GLU J 333 -18.58 35.80 -72.43
CA GLU J 333 -19.73 34.92 -72.19
C GLU J 333 -19.28 33.49 -71.94
N TYR J 334 -18.23 33.03 -72.64
CA TYR J 334 -17.77 31.67 -72.41
C TYR J 334 -17.00 31.55 -71.10
N LEU J 335 -16.27 32.60 -70.71
CA LEU J 335 -15.70 32.63 -69.36
C LEU J 335 -16.80 32.60 -68.31
N ASP J 336 -17.89 33.35 -68.55
CA ASP J 336 -19.04 33.26 -67.66
C ASP J 336 -19.51 31.82 -67.52
N MET J 337 -19.47 31.06 -68.61
CA MET J 337 -19.96 29.68 -68.57
C MET J 337 -19.01 28.78 -67.79
N VAL J 338 -17.70 28.98 -67.95
CA VAL J 338 -16.75 28.10 -67.28
C VAL J 338 -16.80 28.32 -65.77
N VAL J 339 -16.97 29.58 -65.36
CA VAL J 339 -17.09 29.90 -63.92
C VAL J 339 -18.29 29.17 -63.33
N ASN J 340 -19.48 29.46 -63.87
CA ASN J 340 -20.70 28.88 -63.32
C ASN J 340 -20.59 27.36 -63.18
N GLU J 341 -20.09 26.69 -64.23
CA GLU J 341 -19.94 25.24 -64.16
C GLU J 341 -18.94 24.82 -63.10
N THR J 342 -17.97 25.69 -62.78
CA THR J 342 -17.05 25.36 -61.70
C THR J 342 -17.72 25.52 -60.34
N LEU J 343 -18.70 26.44 -60.23
CA LEU J 343 -19.42 26.62 -58.99
C LEU J 343 -20.60 25.65 -58.85
N ARG J 344 -21.03 25.01 -59.94
CA ARG J 344 -21.93 23.87 -59.78
C ARG J 344 -21.17 22.69 -59.19
N LEU J 345 -20.04 22.32 -59.80
CA LEU J 345 -19.24 21.22 -59.28
C LEU J 345 -18.74 21.52 -57.88
N PHE J 346 -18.28 22.74 -57.63
CA PHE J 346 -17.63 23.11 -56.37
C PHE J 346 -18.26 24.36 -55.79
N PRO J 347 -19.49 24.26 -55.29
CA PRO J 347 -20.08 25.40 -54.57
C PRO J 347 -19.35 25.62 -53.26
N VAL J 348 -19.14 26.88 -52.88
CA VAL J 348 -18.35 27.15 -51.69
C VAL J 348 -19.21 26.85 -50.48
N ALA J 349 -20.45 27.19 -50.69
CA ALA J 349 -21.46 27.09 -49.73
C ALA J 349 -21.81 25.74 -49.29
N MET J 350 -21.87 24.70 -50.11
CA MET J 350 -22.31 23.33 -49.71
C MET J 350 -23.72 23.23 -49.17
N ARG J 351 -24.04 24.05 -48.20
CA ARG J 351 -25.35 24.05 -47.63
C ARG J 351 -25.71 25.42 -47.10
N LEU J 352 -26.85 25.91 -47.56
CA LEU J 352 -27.40 27.16 -47.08
C LEU J 352 -28.34 26.83 -45.93
N GLU J 353 -28.22 27.59 -44.83
CA GLU J 353 -29.00 27.33 -43.62
C GLU J 353 -29.80 28.56 -43.22
N ARG J 354 -30.90 28.32 -42.51
CA ARG J 354 -31.76 29.40 -42.03
C ARG J 354 -32.44 28.96 -40.75
N VAL J 355 -32.52 29.88 -39.78
CA VAL J 355 -33.19 29.61 -38.53
C VAL J 355 -34.68 29.89 -38.69
N CYS J 356 -35.50 28.97 -38.22
CA CYS J 356 -36.96 29.11 -38.28
C CYS J 356 -37.41 29.90 -37.06
N LYS J 357 -37.83 31.14 -37.29
CA LYS J 357 -38.17 32.04 -36.18
C LYS J 357 -39.51 31.72 -35.55
N LYS J 358 -40.41 31.03 -36.25
CA LYS J 358 -41.74 30.77 -35.71
C LYS J 358 -42.32 29.54 -36.38
N ASP J 359 -43.16 28.82 -35.63
CA ASP J 359 -43.89 27.70 -36.20
C ASP J 359 -44.53 28.10 -37.52
N VAL J 360 -44.41 27.22 -38.52
CA VAL J 360 -45.05 27.45 -39.81
C VAL J 360 -45.31 26.13 -40.53
N GLU J 361 -46.03 26.18 -41.64
CA GLU J 361 -46.25 25.04 -42.52
C GLU J 361 -46.08 25.52 -43.96
N ILE J 362 -45.13 24.94 -44.68
CA ILE J 362 -44.89 25.38 -46.02
C ILE J 362 -45.08 24.28 -47.02
N ASN J 363 -45.51 24.65 -48.21
CA ASN J 363 -45.74 23.66 -49.25
C ASN J 363 -46.19 22.32 -48.68
N GLY J 364 -47.10 22.37 -47.70
CA GLY J 364 -47.66 21.17 -47.12
C GLY J 364 -46.74 20.42 -46.18
N MET J 365 -46.19 21.12 -45.19
CA MET J 365 -45.28 20.50 -44.23
C MET J 365 -45.01 21.44 -43.06
N PHE J 366 -45.20 20.98 -41.83
CA PHE J 366 -45.09 21.82 -40.65
C PHE J 366 -43.64 21.89 -40.16
N ILE J 367 -43.25 23.08 -39.68
CA ILE J 367 -41.90 23.32 -39.20
C ILE J 367 -41.99 24.08 -37.87
N PRO J 368 -41.51 23.52 -36.77
CA PRO J 368 -41.59 24.25 -35.49
C PRO J 368 -40.48 25.29 -35.34
N LYS J 369 -40.81 26.31 -34.55
CA LYS J 369 -39.86 27.35 -34.20
C LYS J 369 -38.51 26.76 -33.80
N GLY J 370 -37.44 27.43 -34.23
CA GLY J 370 -36.11 27.13 -33.76
C GLY J 370 -35.35 26.08 -34.56
N VAL J 371 -36.05 25.28 -35.38
CA VAL J 371 -35.35 24.36 -36.26
C VAL J 371 -34.50 25.16 -37.23
N VAL J 372 -33.42 24.55 -37.70
CA VAL J 372 -32.61 25.09 -38.77
C VAL J 372 -33.02 24.40 -40.07
N VAL J 373 -33.42 25.19 -41.06
CA VAL J 373 -33.71 24.67 -42.39
C VAL J 373 -32.42 24.69 -43.20
N MET J 374 -32.09 23.54 -43.80
CA MET J 374 -30.85 23.37 -44.54
C MET J 374 -31.18 23.00 -45.97
N ILE J 375 -30.55 23.70 -46.92
CA ILE J 375 -30.67 23.41 -48.34
C ILE J 375 -29.33 22.84 -48.80
N PRO J 376 -29.26 21.57 -49.19
CA PRO J 376 -27.94 20.99 -49.57
C PRO J 376 -27.54 21.36 -50.99
N SER J 377 -27.09 22.61 -51.14
CA SER J 377 -26.69 23.13 -52.45
C SER J 377 -25.86 22.10 -53.21
N TYR J 378 -24.84 21.54 -52.55
CA TYR J 378 -23.99 20.56 -53.22
C TYR J 378 -24.82 19.43 -53.82
N VAL J 379 -25.76 18.89 -53.04
CA VAL J 379 -26.55 17.77 -53.52
C VAL J 379 -27.33 18.17 -54.78
N LEU J 380 -27.97 19.33 -54.74
CA LEU J 380 -28.74 19.79 -55.88
C LEU J 380 -27.85 20.05 -57.09
N HIS J 381 -26.63 20.53 -56.86
CA HIS J 381 -25.69 20.75 -57.96
C HIS J 381 -25.21 19.46 -58.59
N HIS J 382 -25.36 18.32 -57.90
CA HIS J 382 -24.91 17.03 -58.40
C HIS J 382 -26.06 16.02 -58.55
N ASP J 383 -27.30 16.50 -58.57
CA ASP J 383 -28.45 15.62 -58.69
C ASP J 383 -28.65 15.22 -60.13
N PRO J 384 -28.52 13.93 -60.50
CA PRO J 384 -28.74 13.54 -61.90
C PRO J 384 -30.15 13.82 -62.38
N LYS J 385 -31.09 14.04 -61.46
CA LYS J 385 -32.44 14.42 -61.82
C LYS J 385 -32.51 15.79 -62.49
N TYR J 386 -31.49 16.62 -62.29
CA TYR J 386 -31.43 17.94 -62.90
C TYR J 386 -30.28 18.12 -63.88
N TRP J 387 -29.19 17.36 -63.71
CA TRP J 387 -28.01 17.49 -64.56
C TRP J 387 -27.62 16.11 -65.07
N THR J 388 -27.71 15.90 -66.36
CA THR J 388 -27.29 14.63 -66.90
C THR J 388 -25.79 14.60 -66.70
N GLU J 389 -25.25 13.45 -66.35
CA GLU J 389 -23.81 13.29 -66.12
C GLU J 389 -23.32 14.43 -65.26
N PRO J 390 -23.85 14.52 -64.05
CA PRO J 390 -23.54 15.69 -63.20
C PRO J 390 -22.08 15.78 -62.79
N GLU J 391 -21.34 14.69 -62.81
CA GLU J 391 -19.96 14.71 -62.33
C GLU J 391 -18.99 15.28 -63.34
N LYS J 392 -19.39 15.46 -64.58
CA LYS J 392 -18.47 16.00 -65.56
C LYS J 392 -18.53 17.52 -65.69
N PHE J 393 -17.41 18.08 -66.08
CA PHE J 393 -17.25 19.52 -66.25
C PHE J 393 -17.62 19.90 -67.68
N LEU J 394 -18.82 20.47 -67.85
CA LEU J 394 -19.32 20.85 -69.17
C LEU J 394 -19.84 22.28 -69.12
N PRO J 395 -19.00 23.25 -69.47
CA PRO J 395 -19.47 24.65 -69.46
C PRO J 395 -20.71 24.88 -70.30
N GLU J 396 -20.97 24.03 -71.30
CA GLU J 396 -22.08 24.28 -72.23
C GLU J 396 -23.45 24.13 -71.59
N ARG J 397 -23.54 23.58 -70.38
CA ARG J 397 -24.83 23.61 -69.70
C ARG J 397 -25.34 25.04 -69.55
N PHE J 398 -24.42 26.00 -69.49
CA PHE J 398 -24.74 27.39 -69.20
C PHE J 398 -24.75 28.25 -70.46
N SER J 399 -24.90 27.63 -71.63
CA SER J 399 -25.08 28.37 -72.86
C SER J 399 -26.44 29.05 -72.84
N ALA J 400 -26.49 30.31 -73.26
CA ALA J 400 -27.76 31.01 -73.34
C ALA J 400 -28.82 30.18 -74.03
N ALA J 401 -28.41 29.17 -74.81
CA ALA J 401 -29.36 28.22 -75.39
C ALA J 401 -29.98 27.34 -74.31
N ASN J 402 -29.14 26.65 -73.54
CA ASN J 402 -29.61 25.82 -72.45
C ASN J 402 -29.89 26.60 -71.18
N ALA J 403 -29.54 27.90 -71.15
CA ALA J 403 -29.79 28.71 -69.97
C ALA J 403 -31.22 28.56 -69.49
N ASP J 404 -32.17 28.46 -70.42
CA ASP J 404 -33.59 28.47 -70.08
C ASP J 404 -34.03 27.25 -69.27
N ASN J 405 -33.19 26.22 -69.17
CA ASN J 405 -33.60 25.00 -68.49
C ASN J 405 -33.18 24.95 -67.03
N ILE J 406 -32.55 25.99 -66.50
CA ILE J 406 -31.90 25.94 -65.20
C ILE J 406 -32.72 26.72 -64.18
N ASP J 407 -33.11 26.04 -63.11
CA ASP J 407 -33.86 26.61 -62.01
C ASP J 407 -32.92 27.34 -61.06
N PRO J 408 -33.18 28.61 -60.75
CA PRO J 408 -32.27 29.35 -59.84
C PRO J 408 -32.27 28.84 -58.41
N TYR J 409 -33.11 27.86 -58.08
CA TYR J 409 -33.17 27.30 -56.73
C TYR J 409 -32.56 25.91 -56.63
N ILE J 410 -32.22 25.30 -57.75
CA ILE J 410 -31.34 24.13 -57.75
C ILE J 410 -29.87 24.56 -57.78
N TYR J 411 -29.58 25.62 -58.53
CA TYR J 411 -28.23 26.17 -58.68
C TYR J 411 -28.16 27.45 -57.86
N THR J 412 -27.45 27.38 -56.72
CA THR J 412 -27.43 28.45 -55.74
C THR J 412 -26.02 28.74 -55.26
N PRO J 413 -25.06 28.92 -56.17
CA PRO J 413 -23.67 29.14 -55.71
C PRO J 413 -23.51 30.42 -54.92
N PHE J 414 -24.34 31.43 -55.18
CA PHE J 414 -24.36 32.66 -54.42
C PHE J 414 -25.64 32.79 -53.60
N GLY J 415 -26.27 31.66 -53.28
CA GLY J 415 -27.51 31.72 -52.55
C GLY J 415 -28.64 32.21 -53.44
N SER J 416 -29.55 32.96 -52.86
CA SER J 416 -30.77 33.37 -53.54
C SER J 416 -31.63 34.16 -52.57
N GLY J 417 -32.56 34.94 -53.13
CA GLY J 417 -33.48 35.71 -52.33
C GLY J 417 -32.80 36.89 -51.69
N PRO J 418 -33.55 37.65 -50.90
CA PRO J 418 -33.02 38.92 -50.36
C PRO J 418 -31.73 38.77 -49.57
N ARG J 419 -31.44 37.60 -49.01
CA ARG J 419 -30.21 37.39 -48.24
C ARG J 419 -29.23 36.48 -49.00
N ASN J 420 -29.15 36.66 -50.31
CA ASN J 420 -28.11 36.00 -51.09
C ASN J 420 -26.80 36.76 -50.90
N CYS J 421 -25.76 36.32 -51.62
CA CYS J 421 -24.49 37.02 -51.59
C CYS J 421 -24.66 38.46 -52.04
N ILE J 422 -24.14 39.39 -51.25
CA ILE J 422 -24.20 40.80 -51.63
C ILE J 422 -23.01 41.22 -52.50
N GLY J 423 -21.91 40.45 -52.48
CA GLY J 423 -20.74 40.79 -53.25
C GLY J 423 -20.62 40.00 -54.54
N MET J 424 -21.76 39.55 -55.06
CA MET J 424 -21.77 38.65 -56.21
C MET J 424 -21.22 39.34 -57.47
N ARG J 425 -21.74 40.52 -57.78
CA ARG J 425 -21.26 41.26 -58.94
C ARG J 425 -19.76 41.50 -58.79
N PHE J 426 -19.34 41.94 -57.60
CA PHE J 426 -17.93 42.21 -57.34
C PHE J 426 -17.09 40.94 -57.47
N ALA J 427 -17.56 39.85 -56.88
CA ALA J 427 -16.80 38.60 -56.94
C ALA J 427 -16.62 38.12 -58.37
N LEU J 428 -17.70 38.16 -59.17
CA LEU J 428 -17.60 37.67 -60.54
C LEU J 428 -16.71 38.57 -61.38
N VAL J 429 -16.85 39.89 -61.24
CA VAL J 429 -15.97 40.81 -61.94
C VAL J 429 -14.54 40.63 -61.46
N ASN J 430 -14.34 40.68 -60.13
CA ASN J 430 -12.98 40.59 -59.59
C ASN J 430 -12.29 39.32 -60.04
N MET J 431 -13.03 38.21 -60.14
CA MET J 431 -12.42 36.95 -60.51
C MET J 431 -12.03 36.94 -61.99
N LYS J 432 -12.86 37.54 -62.84
CA LYS J 432 -12.56 37.55 -64.28
C LYS J 432 -11.38 38.46 -64.58
N LEU J 433 -11.32 39.62 -63.93
CA LEU J 433 -10.13 40.45 -64.01
C LEU J 433 -8.87 39.62 -63.80
N ALA J 434 -8.85 38.81 -62.74
CA ALA J 434 -7.67 38.00 -62.44
C ALA J 434 -7.46 36.93 -63.50
N LEU J 435 -8.53 36.26 -63.91
CA LEU J 435 -8.40 35.15 -64.85
C LEU J 435 -7.99 35.64 -66.24
N VAL J 436 -8.61 36.72 -66.72
CA VAL J 436 -8.23 37.32 -67.99
C VAL J 436 -6.72 37.42 -68.08
N ARG J 437 -6.13 38.06 -67.08
CA ARG J 437 -4.71 38.37 -67.10
C ARG J 437 -3.87 37.11 -67.02
N VAL J 438 -4.12 36.30 -65.99
CA VAL J 438 -3.42 35.03 -65.86
C VAL J 438 -3.44 34.28 -67.19
N LEU J 439 -4.59 34.33 -67.88
CA LEU J 439 -4.76 33.56 -69.10
C LEU J 439 -4.33 34.31 -70.35
N GLN J 440 -4.43 35.64 -70.36
CA GLN J 440 -3.76 36.41 -71.41
C GLN J 440 -2.30 36.00 -71.51
N ASN J 441 -1.68 35.75 -70.36
CA ASN J 441 -0.23 35.63 -70.26
C ASN J 441 0.25 34.19 -70.26
N PHE J 442 -0.48 33.26 -69.64
CA PHE J 442 0.04 31.91 -69.49
C PHE J 442 -0.99 30.85 -69.90
N SER J 443 -0.48 29.62 -69.92
CA SER J 443 -1.26 28.39 -70.05
C SER J 443 -0.87 27.48 -68.90
N PHE J 444 -1.82 26.71 -68.40
CA PHE J 444 -1.60 25.88 -67.22
C PHE J 444 -1.69 24.41 -67.60
N LYS J 445 -0.72 23.63 -67.15
CA LYS J 445 -0.66 22.23 -67.49
C LYS J 445 -0.55 21.38 -66.24
N PRO J 446 -1.18 20.20 -66.21
CA PRO J 446 -0.94 19.27 -65.10
C PRO J 446 0.50 18.77 -65.10
N CYS J 447 1.05 18.51 -63.92
CA CYS J 447 2.43 17.99 -63.87
C CYS J 447 2.39 16.59 -63.32
N LYS J 448 3.51 16.16 -62.72
CA LYS J 448 3.53 14.89 -62.02
C LYS J 448 2.90 14.98 -60.62
N GLU J 449 3.05 16.11 -59.94
CA GLU J 449 2.47 16.29 -58.60
C GLU J 449 1.17 17.09 -58.71
N THR J 450 0.23 16.52 -59.43
CA THR J 450 -1.06 17.13 -59.58
C THR J 450 -2.09 16.07 -59.37
N GLN J 451 -2.65 15.99 -58.18
CA GLN J 451 -3.63 14.98 -57.95
C GLN J 451 -4.68 15.23 -59.04
N ILE J 452 -4.96 14.27 -59.94
CA ILE J 452 -5.91 14.52 -61.05
C ILE J 452 -7.41 14.37 -60.85
N PRO J 453 -7.82 13.30 -60.16
CA PRO J 453 -9.25 13.30 -59.77
C PRO J 453 -9.14 13.91 -58.43
N LEU J 454 -9.41 15.19 -58.28
CA LEU J 454 -9.24 15.81 -56.99
C LEU J 454 -10.27 15.37 -56.01
N LYS J 455 -9.84 15.24 -54.77
CA LYS J 455 -10.70 14.76 -53.72
C LYS J 455 -10.80 15.79 -52.65
N LEU J 456 -12.03 16.06 -52.25
CA LEU J 456 -12.27 17.03 -51.20
C LEU J 456 -12.15 16.39 -49.82
N ARG J 457 -12.01 17.25 -48.82
CA ARG J 457 -11.75 16.87 -47.44
C ARG J 457 -12.44 17.89 -46.56
N PHE J 458 -12.83 17.45 -45.37
CA PHE J 458 -13.67 18.26 -44.50
C PHE J 458 -12.87 19.38 -43.84
N GLY J 459 -13.53 20.53 -43.67
CA GLY J 459 -13.05 21.56 -42.76
C GLY J 459 -12.37 22.77 -43.35
N GLY J 460 -13.12 23.59 -44.06
CA GLY J 460 -12.61 24.79 -44.70
C GLY J 460 -13.32 25.03 -46.01
N LEU J 461 -12.97 26.10 -46.69
CA LEU J 461 -13.58 26.33 -47.95
C LEU J 461 -12.99 25.36 -48.93
N LEU J 462 -13.84 24.56 -49.56
CA LEU J 462 -13.39 23.70 -50.65
C LEU J 462 -11.98 23.18 -50.38
N LEU J 463 -11.79 22.52 -49.24
CA LEU J 463 -10.50 21.97 -48.87
C LEU J 463 -10.23 20.74 -49.74
N THR J 464 -8.97 20.49 -50.06
CA THR J 464 -8.65 19.39 -50.94
C THR J 464 -7.63 18.46 -50.31
N GLU J 465 -7.80 17.15 -50.55
CA GLU J 465 -6.87 16.16 -50.04
C GLU J 465 -5.43 16.60 -50.20
N LYS J 466 -5.09 17.10 -51.39
CA LYS J 466 -3.75 17.54 -51.72
C LYS J 466 -3.81 18.88 -52.44
N PRO J 467 -2.77 19.69 -52.32
CA PRO J 467 -2.84 21.05 -52.86
C PRO J 467 -3.00 21.04 -54.37
N ILE J 468 -3.77 22.00 -54.88
CA ILE J 468 -3.93 22.16 -56.32
C ILE J 468 -2.63 22.77 -56.86
N VAL J 469 -1.86 21.99 -57.61
CA VAL J 469 -0.53 22.41 -58.00
C VAL J 469 -0.42 22.12 -59.48
N LEU J 470 -0.06 23.14 -60.27
CA LEU J 470 -0.02 23.00 -61.72
C LEU J 470 1.26 23.65 -62.26
N LYS J 471 1.40 23.64 -63.58
CA LYS J 471 2.48 24.33 -64.26
C LYS J 471 1.94 25.55 -64.99
N ALA J 472 2.76 26.59 -65.09
CA ALA J 472 2.39 27.81 -65.77
C ALA J 472 3.43 28.08 -66.86
N GLU J 473 3.16 27.61 -68.06
CA GLU J 473 3.99 27.95 -69.21
C GLU J 473 3.63 29.35 -69.70
N SER J 474 4.65 30.17 -69.92
CA SER J 474 4.43 31.47 -70.54
C SER J 474 3.96 31.30 -71.97
N ARG J 475 3.20 32.28 -72.45
CA ARG J 475 2.79 32.32 -73.85
C ARG J 475 3.81 33.17 -74.60
N ASP J 476 4.78 32.51 -75.22
CA ASP J 476 5.81 33.17 -76.01
C ASP J 476 6.82 33.89 -75.12
N TYR K 4 5.24 -54.81 63.01
CA TYR K 4 4.91 -54.59 61.61
C TYR K 4 6.16 -54.52 60.74
N GLY K 5 7.17 -53.81 61.24
CA GLY K 5 8.40 -53.66 60.47
C GLY K 5 9.04 -54.98 60.09
N THR K 6 8.76 -56.04 60.85
CA THR K 6 9.36 -57.36 60.63
C THR K 6 8.30 -58.45 60.52
N ARG K 7 7.13 -58.06 60.10
CA ARG K 7 5.99 -58.95 60.08
C ARG K 7 6.06 -60.21 59.25
N THR K 8 6.67 -60.12 58.10
CA THR K 8 6.76 -61.21 57.13
C THR K 8 8.15 -61.83 57.09
N HIS K 9 9.12 -61.21 57.75
CA HIS K 9 10.53 -61.48 57.49
C HIS K 9 10.97 -62.88 57.87
N GLY K 10 10.09 -63.68 58.45
CA GLY K 10 10.36 -65.08 58.66
C GLY K 10 9.73 -65.99 57.65
N LEU K 11 8.94 -65.45 56.73
CA LEU K 11 8.13 -66.28 55.83
C LEU K 11 8.99 -67.25 55.04
N PHE K 12 9.94 -66.73 54.25
CA PHE K 12 10.72 -67.60 53.38
C PHE K 12 11.49 -68.63 54.19
N LYS K 13 12.00 -68.24 55.36
CA LYS K 13 12.58 -69.21 56.27
C LYS K 13 11.59 -70.33 56.59
N LYS K 14 10.33 -69.97 56.80
CA LYS K 14 9.33 -70.95 57.21
C LYS K 14 9.01 -71.94 56.10
N LEU K 15 9.05 -71.50 54.84
CA LEU K 15 8.78 -72.37 53.71
C LEU K 15 10.03 -73.08 53.20
N GLY K 16 11.20 -72.81 53.79
CA GLY K 16 12.42 -73.48 53.40
C GLY K 16 12.99 -72.97 52.08
N ILE K 17 13.12 -71.65 51.98
CA ILE K 17 13.59 -71.00 50.75
C ILE K 17 14.66 -69.99 51.13
N PRO K 18 15.85 -70.05 50.54
CA PRO K 18 16.94 -69.19 51.00
C PRO K 18 16.79 -67.76 50.51
N GLY K 19 17.54 -66.88 51.16
CA GLY K 19 17.52 -65.48 50.81
C GLY K 19 18.45 -64.66 51.67
N PRO K 20 18.66 -63.40 51.29
CA PRO K 20 19.48 -62.51 52.12
C PRO K 20 18.71 -62.08 53.37
N THR K 21 19.46 -61.86 54.45
CA THR K 21 18.85 -61.40 55.69
C THR K 21 18.19 -60.04 55.47
N PRO K 22 16.86 -59.97 55.50
CA PRO K 22 16.20 -58.68 55.28
C PRO K 22 16.29 -57.79 56.51
N LEU K 23 16.19 -56.49 56.26
CA LEU K 23 16.24 -55.51 57.33
C LEU K 23 14.85 -55.03 57.69
N PRO K 24 14.69 -54.40 58.85
CA PRO K 24 13.35 -53.98 59.28
C PRO K 24 12.80 -52.86 58.41
N PHE K 25 11.50 -52.95 58.11
CA PHE K 25 10.78 -51.94 57.33
C PHE K 25 11.15 -51.99 55.85
N LEU K 26 12.45 -51.95 55.54
CA LEU K 26 12.91 -51.83 54.17
C LEU K 26 13.03 -53.17 53.47
N GLY K 27 13.49 -54.21 54.17
CA GLY K 27 13.75 -55.48 53.56
C GLY K 27 15.15 -55.53 52.97
N ASN K 28 15.27 -56.08 51.76
CA ASN K 28 16.53 -56.06 51.02
C ASN K 28 16.61 -54.90 50.04
N ALA K 29 15.76 -53.90 50.25
CA ALA K 29 15.70 -52.74 49.39
C ALA K 29 16.98 -51.99 49.33
N LEU K 30 17.70 -51.83 50.42
CA LEU K 30 18.99 -51.22 50.35
C LEU K 30 19.94 -51.95 49.43
N SER K 31 19.93 -53.28 49.42
CA SER K 31 20.71 -54.08 48.49
C SER K 31 20.35 -53.88 47.02
N PHE K 32 19.15 -53.46 46.67
CA PHE K 32 18.83 -53.14 45.30
C PHE K 32 19.50 -51.90 44.74
N ARG K 33 20.16 -51.03 45.50
CA ARG K 33 20.70 -49.81 44.98
C ARG K 33 21.88 -49.99 44.11
N LYS K 34 22.64 -51.05 44.31
CA LYS K 34 23.78 -51.31 43.44
C LYS K 34 23.35 -51.77 42.05
N GLY K 35 22.05 -51.88 41.80
CA GLY K 35 21.52 -52.33 40.51
C GLY K 35 20.66 -53.55 40.74
N TYR K 36 19.53 -53.59 40.08
CA TYR K 36 18.69 -54.75 40.18
C TYR K 36 19.32 -55.91 39.44
N TRP K 37 20.00 -55.62 38.36
CA TRP K 37 20.62 -56.69 37.58
C TRP K 37 21.73 -57.39 38.35
N THR K 38 22.49 -56.63 39.16
CA THR K 38 23.57 -57.26 39.94
C THR K 38 23.01 -58.00 41.16
N PHE K 39 22.16 -57.34 41.95
CA PHE K 39 21.56 -58.03 43.09
C PHE K 39 20.87 -59.30 42.64
N ASP K 40 20.06 -59.20 41.57
CA ASP K 40 19.39 -60.38 41.04
C ASP K 40 20.39 -61.45 40.64
N MET K 41 21.46 -61.07 39.95
CA MET K 41 22.42 -62.06 39.49
C MET K 41 23.02 -62.81 40.68
N GLU K 42 23.52 -62.06 41.65
CA GLU K 42 24.27 -62.66 42.76
C GLU K 42 23.43 -63.66 43.52
N CYS K 43 22.15 -63.35 43.74
CA CYS K 43 21.27 -64.27 44.46
C CYS K 43 21.23 -65.62 43.77
N TYR K 44 20.97 -65.62 42.46
CA TYR K 44 21.06 -66.85 41.68
C TYR K 44 22.36 -67.57 41.93
N LYS K 45 23.47 -66.82 42.01
CA LYS K 45 24.78 -67.45 42.19
C LYS K 45 24.82 -68.25 43.49
N LYS K 46 24.50 -67.61 44.62
CA LYS K 46 24.75 -68.20 45.92
C LYS K 46 23.53 -68.86 46.55
N TYR K 47 22.34 -68.64 46.00
CA TYR K 47 21.13 -69.24 46.56
C TYR K 47 20.49 -70.28 45.65
N GLY K 48 20.87 -70.34 44.38
CA GLY K 48 20.42 -71.40 43.51
C GLY K 48 19.24 -71.07 42.64
N LYS K 49 18.41 -72.07 42.37
CA LYS K 49 17.35 -71.97 41.36
C LYS K 49 16.14 -71.21 41.86
N VAL K 50 16.05 -70.91 43.15
CA VAL K 50 14.98 -70.08 43.69
C VAL K 50 15.51 -69.33 44.89
N TRP K 51 14.90 -68.18 45.17
CA TRP K 51 15.19 -67.40 46.37
C TRP K 51 14.11 -66.35 46.53
N GLY K 52 13.88 -65.95 47.77
CA GLY K 52 12.91 -64.92 48.09
C GLY K 52 13.61 -63.69 48.65
N ILE K 53 13.02 -62.52 48.39
CA ILE K 53 13.53 -61.25 48.91
C ILE K 53 12.34 -60.45 49.42
N TYR K 54 12.65 -59.39 50.16
CA TYR K 54 11.65 -58.48 50.69
C TYR K 54 11.97 -57.06 50.21
N ASP K 55 11.04 -56.44 49.53
CA ASP K 55 11.16 -55.06 49.12
C ASP K 55 10.16 -54.44 50.04
N GLY K 56 10.66 -53.65 50.96
CA GLY K 56 9.82 -53.18 52.04
C GLY K 56 9.32 -54.35 52.87
N GLN K 57 8.02 -54.65 52.76
CA GLN K 57 7.46 -55.85 53.35
C GLN K 57 7.27 -56.96 52.34
N GLN K 58 7.00 -56.60 51.10
CA GLN K 58 6.48 -57.50 50.09
C GLN K 58 7.42 -58.65 49.82
N PRO K 59 7.04 -59.89 50.18
CA PRO K 59 7.84 -61.04 49.75
C PRO K 59 7.77 -61.19 48.23
N MET K 60 8.93 -61.24 47.60
CA MET K 60 9.04 -61.52 46.17
C MET K 60 9.78 -62.83 46.02
N LEU K 61 9.26 -63.73 45.19
CA LEU K 61 9.90 -65.01 44.94
C LEU K 61 10.47 -65.04 43.53
N ALA K 62 11.75 -65.41 43.43
CA ALA K 62 12.45 -65.51 42.16
C ALA K 62 12.44 -66.96 41.70
N ILE K 63 11.96 -67.20 40.47
CA ILE K 63 11.95 -68.51 39.86
C ILE K 63 12.73 -68.44 38.56
N THR K 64 13.48 -69.49 38.26
CA THR K 64 14.29 -69.55 37.07
C THR K 64 14.00 -70.75 36.17
N ASP K 65 13.22 -71.71 36.65
CA ASP K 65 12.83 -72.86 35.83
C ASP K 65 11.80 -72.43 34.79
N PRO K 66 12.06 -72.66 33.50
CA PRO K 66 11.08 -72.19 32.49
C PRO K 66 9.74 -72.91 32.54
N ASP K 67 9.70 -74.20 32.88
CA ASP K 67 8.40 -74.87 32.98
C ASP K 67 7.52 -74.21 34.04
N MET K 68 8.13 -73.83 35.14
CA MET K 68 7.41 -73.07 36.13
C MET K 68 6.90 -71.78 35.51
N ILE K 69 7.77 -71.04 34.85
CA ILE K 69 7.41 -69.79 34.24
C ILE K 69 6.25 -69.84 33.28
N LYS K 70 6.15 -70.84 32.44
CA LYS K 70 5.03 -70.91 31.52
C LYS K 70 3.74 -70.95 32.28
N THR K 71 3.65 -71.77 33.31
CA THR K 71 2.50 -71.77 34.15
C THR K 71 2.18 -70.42 34.68
N VAL K 72 3.15 -69.69 35.19
CA VAL K 72 2.91 -68.40 35.76
C VAL K 72 2.44 -67.35 34.81
N LEU K 73 3.00 -67.31 33.64
CA LEU K 73 2.71 -66.30 32.65
C LEU K 73 1.62 -66.70 31.66
N VAL K 74 1.26 -67.98 31.60
CA VAL K 74 0.30 -68.44 30.60
C VAL K 74 -0.78 -69.29 31.24
N LYS K 75 -0.38 -70.47 31.71
CA LYS K 75 -1.37 -71.47 32.09
C LYS K 75 -2.32 -70.93 33.14
N GLU K 76 -1.77 -70.53 34.26
CA GLU K 76 -2.58 -69.99 35.33
C GLU K 76 -2.53 -68.46 35.37
N CYS K 77 -2.33 -67.83 34.24
CA CYS K 77 -2.26 -66.38 34.19
C CYS K 77 -3.58 -65.75 34.60
N TYR K 78 -4.69 -66.21 33.99
CA TYR K 78 -5.99 -65.59 34.24
C TYR K 78 -6.52 -65.88 35.63
N SER K 79 -6.00 -66.90 36.30
CA SER K 79 -6.60 -67.41 37.51
C SER K 79 -5.73 -67.27 38.75
N VAL K 80 -4.43 -66.98 38.61
CA VAL K 80 -3.54 -66.99 39.75
C VAL K 80 -2.56 -65.82 39.69
N PHE K 81 -1.89 -65.66 38.56
CA PHE K 81 -0.86 -64.64 38.41
C PHE K 81 -1.31 -63.63 37.35
N THR K 82 -2.44 -63.00 37.60
CA THR K 82 -3.10 -62.17 36.61
C THR K 82 -2.64 -60.72 36.63
N ASN K 83 -2.24 -60.20 37.79
CA ASN K 83 -1.99 -58.77 37.93
C ASN K 83 -0.56 -58.50 38.36
N ARG K 84 -0.21 -57.23 38.37
CA ARG K 84 1.11 -56.79 38.76
C ARG K 84 1.05 -56.07 40.04
N ARG K 85 2.22 -55.88 40.61
CA ARG K 85 2.36 -55.19 41.85
C ARG K 85 1.74 -53.82 41.73
N PRO K 86 0.86 -53.45 42.64
CA PRO K 86 0.34 -52.11 42.56
C PRO K 86 1.39 -51.19 43.08
N PHE K 87 1.44 -49.96 42.62
CA PHE K 87 2.48 -49.11 43.14
C PHE K 87 2.10 -47.84 43.83
N GLY K 88 1.05 -47.88 44.62
CA GLY K 88 0.66 -46.72 45.34
C GLY K 88 -0.71 -46.30 45.02
N PRO K 89 -1.08 -45.12 45.42
CA PRO K 89 -2.40 -44.65 45.12
C PRO K 89 -2.50 -43.94 43.80
N VAL K 90 -3.32 -44.43 42.89
CA VAL K 90 -3.48 -43.78 41.62
C VAL K 90 -4.93 -43.40 41.48
N GLY K 91 -5.22 -42.45 40.62
CA GLY K 91 -6.59 -42.01 40.50
C GLY K 91 -7.22 -42.70 39.36
N PHE K 92 -7.75 -41.95 38.40
CA PHE K 92 -8.36 -42.65 37.28
C PHE K 92 -7.37 -43.56 36.57
N MET K 93 -6.06 -43.34 36.74
CA MET K 93 -5.06 -44.21 36.15
C MET K 93 -5.22 -45.65 36.60
N LYS K 94 -6.11 -45.92 37.55
CA LYS K 94 -6.50 -47.29 37.86
C LYS K 94 -6.87 -48.07 36.61
N ASN K 95 -7.36 -47.38 35.57
CA ASN K 95 -7.88 -48.05 34.39
C ASN K 95 -6.85 -48.19 33.27
N ALA K 96 -5.69 -47.54 33.37
CA ALA K 96 -4.61 -47.81 32.44
C ALA K 96 -4.34 -49.32 32.40
N ILE K 97 -4.04 -49.84 31.22
CA ILE K 97 -4.00 -51.28 31.04
C ILE K 97 -2.96 -51.92 31.95
N SER K 98 -1.80 -51.31 32.08
CA SER K 98 -0.74 -51.89 32.90
C SER K 98 -1.06 -51.80 34.38
N ILE K 99 -1.99 -50.93 34.76
CA ILE K 99 -2.39 -50.79 36.14
C ILE K 99 -3.49 -51.79 36.49
N ALA K 100 -4.49 -51.90 35.62
CA ALA K 100 -5.75 -52.58 35.90
C ALA K 100 -5.58 -54.01 36.41
N GLU K 101 -6.65 -54.58 36.93
CA GLU K 101 -6.60 -55.87 37.60
C GLU K 101 -7.71 -56.79 37.10
N ASP K 102 -7.41 -58.10 37.17
CA ASP K 102 -8.40 -59.16 37.03
C ASP K 102 -9.37 -58.90 35.89
N GLU K 103 -10.67 -59.05 36.13
CA GLU K 103 -11.61 -59.01 35.02
C GLU K 103 -11.55 -57.70 34.27
N GLU K 104 -11.31 -56.58 34.96
CA GLU K 104 -11.34 -55.30 34.26
C GLU K 104 -10.09 -55.11 33.40
N TRP K 105 -8.97 -55.71 33.79
CA TRP K 105 -7.83 -55.75 32.87
C TRP K 105 -8.19 -56.53 31.61
N LYS K 106 -8.80 -57.71 31.78
CA LYS K 106 -9.13 -58.56 30.65
C LYS K 106 -10.00 -57.83 29.63
N ARG K 107 -10.78 -56.85 30.09
CA ARG K 107 -11.62 -56.09 29.16
C ARG K 107 -10.80 -55.06 28.39
N ILE K 108 -10.01 -54.26 29.10
CA ILE K 108 -9.23 -53.21 28.43
C ILE K 108 -8.29 -53.83 27.41
N ARG K 109 -7.58 -54.90 27.79
CA ARG K 109 -6.74 -55.61 26.83
C ARG K 109 -7.57 -56.14 25.67
N SER K 110 -8.83 -56.47 25.91
CA SER K 110 -9.69 -56.90 24.81
C SER K 110 -10.02 -55.75 23.87
N LEU K 111 -10.32 -54.58 24.43
CA LEU K 111 -10.71 -53.43 23.63
C LEU K 111 -9.54 -52.72 22.98
N LEU K 112 -8.30 -53.10 23.32
CA LEU K 112 -7.12 -52.46 22.74
C LEU K 112 -6.42 -53.31 21.69
N SER K 113 -6.70 -54.61 21.64
CA SER K 113 -6.04 -55.46 20.66
C SER K 113 -6.37 -55.10 19.22
N PRO K 114 -7.57 -54.62 18.88
CA PRO K 114 -7.79 -54.13 17.51
C PRO K 114 -6.87 -52.99 17.12
N THR K 115 -6.48 -52.16 18.08
CA THR K 115 -5.65 -51.00 17.84
C THR K 115 -4.18 -51.34 17.64
N PHE K 116 -3.78 -52.58 17.92
CA PHE K 116 -2.38 -52.98 17.81
C PHE K 116 -2.18 -54.13 16.84
N THR K 117 -3.16 -54.40 15.98
CA THR K 117 -2.96 -55.38 14.92
C THR K 117 -1.89 -54.89 13.95
N SER K 118 -1.19 -55.84 13.34
CA SER K 118 -0.18 -55.47 12.35
C SER K 118 -0.80 -54.82 11.10
N GLY K 119 -2.12 -54.85 10.97
CA GLY K 119 -2.80 -54.16 9.89
C GLY K 119 -2.97 -52.68 10.18
N LYS K 120 -3.38 -52.37 11.42
CA LYS K 120 -3.36 -50.99 11.87
C LYS K 120 -1.95 -50.49 12.11
N LEU K 121 -0.99 -51.41 12.25
CA LEU K 121 0.42 -51.01 12.33
C LEU K 121 0.94 -50.58 10.97
N LYS K 122 0.63 -51.36 9.93
CA LYS K 122 0.93 -50.92 8.56
C LYS K 122 0.32 -49.55 8.30
N GLU K 123 -0.96 -49.37 8.67
CA GLU K 123 -1.67 -48.14 8.42
C GLU K 123 -1.10 -46.95 9.18
N MET K 124 -0.11 -47.17 10.05
CA MET K 124 0.44 -46.10 10.88
C MET K 124 1.85 -45.68 10.48
N VAL K 125 2.60 -46.51 9.76
CA VAL K 125 4.00 -46.21 9.50
C VAL K 125 4.16 -44.91 8.72
N PRO K 126 3.29 -44.58 7.75
CA PRO K 126 3.51 -43.33 6.99
C PRO K 126 3.65 -42.09 7.87
N ILE K 127 2.85 -41.95 8.93
CA ILE K 127 3.00 -40.78 9.79
C ILE K 127 4.23 -40.86 10.71
N ILE K 128 4.81 -42.06 10.90
CA ILE K 128 6.00 -42.27 11.71
C ILE K 128 7.30 -42.07 10.94
N ALA K 129 7.25 -41.96 9.62
CA ALA K 129 8.46 -41.65 8.87
C ALA K 129 8.89 -40.21 9.13
N GLN K 130 7.93 -39.30 9.26
CA GLN K 130 8.23 -37.89 9.48
C GLN K 130 9.25 -37.68 10.59
N TYR K 131 8.99 -38.27 11.76
CA TYR K 131 9.88 -38.08 12.90
C TYR K 131 11.24 -38.72 12.67
N GLY K 132 11.34 -39.66 11.73
CA GLY K 132 12.65 -40.11 11.30
C GLY K 132 13.41 -39.05 10.53
N ASP K 133 12.69 -38.22 9.77
CA ASP K 133 13.33 -37.11 9.09
C ASP K 133 13.84 -36.08 10.08
N VAL K 134 13.06 -35.79 11.12
CA VAL K 134 13.54 -34.92 12.19
C VAL K 134 14.82 -35.48 12.79
N LEU K 135 14.91 -36.80 12.88
CA LEU K 135 16.03 -37.44 13.57
C LEU K 135 17.32 -37.29 12.78
N VAL K 136 17.28 -37.53 11.47
CA VAL K 136 18.49 -37.41 10.66
C VAL K 136 18.98 -35.97 10.66
N ARG K 137 18.08 -35.01 10.50
CA ARG K 137 18.47 -33.61 10.54
C ARG K 137 19.06 -33.26 11.90
N ASN K 138 18.42 -33.71 12.98
CA ASN K 138 18.95 -33.47 14.31
C ASN K 138 20.32 -34.14 14.49
N LEU K 139 20.39 -35.42 14.15
CA LEU K 139 21.66 -36.14 14.31
C LEU K 139 22.74 -35.56 13.42
N ARG K 140 22.37 -34.94 12.30
CA ARG K 140 23.39 -34.34 11.45
C ARG K 140 24.02 -33.14 12.13
N ARG K 141 23.20 -32.19 12.57
CA ARG K 141 23.69 -30.99 13.24
C ARG K 141 24.80 -31.32 14.24
N GLU K 142 24.53 -32.22 15.19
CA GLU K 142 25.52 -32.48 16.23
C GLU K 142 26.75 -33.24 15.71
N ALA K 143 26.62 -33.97 14.59
CA ALA K 143 27.77 -34.71 14.09
C ALA K 143 28.73 -33.81 13.33
N GLU K 144 28.13 -32.94 12.53
CA GLU K 144 28.81 -31.98 11.66
C GLU K 144 29.45 -30.80 12.36
N THR K 145 29.71 -30.93 13.65
CA THR K 145 30.46 -29.92 14.38
C THR K 145 31.74 -30.52 14.97
N GLY K 146 32.08 -31.75 14.60
CA GLY K 146 33.27 -32.42 15.09
C GLY K 146 33.13 -33.09 16.43
N LYS K 147 32.20 -32.60 17.23
CA LYS K 147 32.02 -33.10 18.59
C LYS K 147 31.44 -34.51 18.56
N PRO K 148 31.22 -35.11 19.72
CA PRO K 148 30.66 -36.45 19.66
C PRO K 148 29.16 -36.38 19.76
N VAL K 149 28.50 -37.52 19.77
CA VAL K 149 27.04 -37.49 19.85
C VAL K 149 26.63 -38.33 21.06
N THR K 150 25.87 -37.72 21.96
CA THR K 150 25.21 -38.45 23.04
C THR K 150 23.94 -39.05 22.49
N LEU K 151 23.87 -40.38 22.45
CA LEU K 151 22.77 -41.04 21.74
C LEU K 151 21.43 -40.77 22.41
N LYS K 152 21.37 -40.84 23.73
CA LYS K 152 20.13 -40.59 24.46
C LYS K 152 19.38 -39.39 23.89
N HIS K 153 20.12 -38.30 23.67
CA HIS K 153 19.51 -37.00 23.41
C HIS K 153 18.77 -36.98 22.09
N VAL K 154 19.29 -37.66 21.07
CA VAL K 154 18.59 -37.70 19.79
C VAL K 154 17.57 -38.82 19.73
N PHE K 155 17.83 -39.95 20.39
CA PHE K 155 16.91 -41.08 20.36
C PHE K 155 15.73 -40.85 21.31
N GLY K 156 16.01 -40.41 22.53
CA GLY K 156 14.93 -40.01 23.43
C GLY K 156 14.03 -38.97 22.79
N ALA K 157 14.63 -38.01 22.08
CA ALA K 157 13.84 -37.04 21.34
C ALA K 157 13.01 -37.74 20.27
N TYR K 158 13.56 -38.77 19.64
CA TYR K 158 12.79 -39.53 18.66
C TYR K 158 11.66 -40.29 19.33
N SER K 159 12.02 -41.18 20.26
CA SER K 159 11.02 -41.94 21.01
C SER K 159 9.85 -41.06 21.46
N MET K 160 10.16 -40.09 22.31
CA MET K 160 9.15 -39.19 22.79
C MET K 160 8.32 -38.61 21.68
N ASP K 161 8.96 -38.09 20.65
CA ASP K 161 8.27 -37.53 19.51
C ASP K 161 7.24 -38.45 18.94
N VAL K 162 7.59 -39.71 18.72
CA VAL K 162 6.67 -40.66 18.15
C VAL K 162 5.58 -41.08 19.08
N ILE K 163 5.95 -41.57 20.25
CA ILE K 163 4.95 -42.04 21.16
C ILE K 163 3.98 -40.97 21.57
N THR K 164 4.43 -39.78 21.91
CA THR K 164 3.50 -38.75 22.31
C THR K 164 2.54 -38.40 21.19
N SER K 165 3.04 -37.96 20.06
CA SER K 165 2.15 -37.61 18.98
C SER K 165 1.15 -38.68 18.56
N THR K 166 1.59 -39.90 18.60
CA THR K 166 0.71 -40.96 18.25
C THR K 166 -0.30 -41.28 19.36
N SER K 167 0.01 -41.10 20.64
CA SER K 167 -0.95 -41.40 21.67
C SER K 167 -1.86 -40.23 21.96
N PHE K 168 -1.56 -39.07 21.40
CA PHE K 168 -2.38 -37.88 21.57
C PHE K 168 -2.76 -37.19 20.27
N GLY K 169 -2.22 -37.64 19.14
CA GLY K 169 -2.57 -37.03 17.87
C GLY K 169 -2.16 -35.58 17.78
N VAL K 170 -0.88 -35.32 18.02
CA VAL K 170 -0.32 -33.97 17.90
C VAL K 170 1.11 -34.10 17.38
N SER K 171 1.34 -33.64 16.15
CA SER K 171 2.72 -33.53 15.69
C SER K 171 3.50 -32.65 16.67
N ILE K 172 4.65 -33.13 17.11
CA ILE K 172 5.50 -32.38 18.03
C ILE K 172 6.96 -32.59 17.64
N ASP K 173 7.83 -31.91 18.34
CA ASP K 173 9.22 -31.96 18.02
C ASP K 173 9.96 -31.41 19.19
N SER K 174 10.11 -32.25 20.20
CA SER K 174 10.75 -31.89 21.45
C SER K 174 12.05 -31.14 21.31
N LEU K 175 13.05 -31.74 20.67
CA LEU K 175 14.36 -31.11 20.54
C LEU K 175 14.33 -29.69 20.01
N ASN K 176 13.78 -29.49 18.84
CA ASN K 176 13.78 -28.17 18.28
C ASN K 176 12.78 -27.26 18.92
N ASN K 177 11.58 -27.74 19.21
CA ASN K 177 10.58 -26.87 19.77
C ASN K 177 10.18 -27.23 21.19
N PRO K 178 11.11 -27.09 22.15
CA PRO K 178 10.69 -27.38 23.51
C PRO K 178 9.66 -26.39 24.07
N GLN K 179 9.57 -25.14 23.60
CA GLN K 179 8.56 -24.18 24.03
C GLN K 179 7.17 -24.77 24.18
N ASP K 180 6.71 -25.50 23.16
CA ASP K 180 5.43 -26.19 23.13
C ASP K 180 4.91 -26.70 24.44
N PRO K 181 3.67 -26.36 24.76
CA PRO K 181 3.10 -26.82 26.04
C PRO K 181 3.00 -28.34 26.12
N PHE K 182 2.80 -29.01 24.99
CA PHE K 182 2.75 -30.47 25.01
C PHE K 182 4.09 -31.06 25.42
N VAL K 183 5.17 -30.66 24.75
CA VAL K 183 6.48 -31.18 25.09
C VAL K 183 6.77 -30.96 26.57
N GLU K 184 6.71 -29.70 27.01
CA GLU K 184 7.00 -29.39 28.41
C GLU K 184 6.07 -30.17 29.33
N ASN K 185 4.75 -30.15 29.05
CA ASN K 185 3.90 -30.94 29.97
C ASN K 185 4.15 -32.42 29.84
N THR K 186 4.30 -32.94 28.60
CA THR K 186 4.62 -34.36 28.50
C THR K 186 5.89 -34.69 29.28
N LYS K 187 6.98 -33.99 28.98
CA LYS K 187 8.20 -34.19 29.75
C LYS K 187 7.96 -34.00 31.24
N LYS K 188 7.08 -33.07 31.62
CA LYS K 188 6.86 -32.87 33.04
C LYS K 188 6.26 -34.15 33.65
N LEU K 189 5.31 -34.76 32.94
CA LEU K 189 4.73 -36.03 33.34
C LEU K 189 5.79 -37.11 33.42
N LEU K 190 6.70 -37.17 32.46
CA LEU K 190 7.60 -38.30 32.43
C LEU K 190 8.57 -38.35 33.61
N ARG K 191 8.67 -37.29 34.43
CA ARG K 191 9.54 -37.44 35.59
C ARG K 191 9.02 -38.48 36.56
N PHE K 192 7.71 -38.75 36.55
CA PHE K 192 7.20 -39.73 37.50
C PHE K 192 8.07 -40.97 37.42
N ASN K 193 8.65 -41.35 38.54
CA ASN K 193 9.59 -42.45 38.65
C ASN K 193 9.07 -43.42 39.70
N PRO K 194 9.19 -44.73 39.49
CA PRO K 194 8.83 -45.68 40.56
C PRO K 194 9.80 -45.65 41.73
N LEU K 195 10.87 -44.84 41.66
CA LEU K 195 11.82 -44.69 42.76
C LEU K 195 11.82 -43.26 43.31
N ASP K 196 10.78 -42.49 43.03
CA ASP K 196 10.56 -41.25 43.76
C ASP K 196 10.35 -41.59 45.23
N PRO K 197 10.79 -40.72 46.15
CA PRO K 197 10.71 -41.07 47.58
C PRO K 197 9.28 -41.24 48.08
N PHE K 198 8.30 -40.64 47.40
CA PHE K 198 6.91 -40.87 47.79
C PHE K 198 6.51 -42.33 47.60
N VAL K 199 6.78 -42.82 46.41
CA VAL K 199 6.48 -44.19 46.09
C VAL K 199 7.22 -45.11 47.01
N LEU K 200 8.48 -44.85 47.29
CA LEU K 200 9.19 -45.63 48.25
C LEU K 200 8.50 -45.72 49.61
N SER K 201 7.93 -44.64 50.11
CA SER K 201 7.20 -44.69 51.33
C SER K 201 6.03 -45.61 51.21
N ILE K 202 5.28 -45.53 50.14
CA ILE K 202 4.12 -46.42 50.06
C ILE K 202 4.56 -47.87 50.01
N LYS K 203 5.70 -48.15 49.36
CA LYS K 203 6.21 -49.51 49.34
C LYS K 203 6.53 -49.99 50.76
N VAL K 204 7.04 -49.09 51.61
CA VAL K 204 7.33 -49.47 52.98
C VAL K 204 6.05 -49.59 53.80
N PHE K 205 5.10 -48.68 53.59
CA PHE K 205 3.85 -48.65 54.35
C PHE K 205 2.66 -48.64 53.41
N PRO K 206 2.32 -49.79 52.81
CA PRO K 206 1.28 -49.81 51.77
C PRO K 206 -0.14 -49.53 52.30
N PHE K 207 -0.40 -49.78 53.57
CA PHE K 207 -1.76 -49.66 54.11
C PHE K 207 -2.25 -48.21 54.08
N LEU K 208 -1.38 -47.29 53.67
CA LEU K 208 -1.74 -45.89 53.57
C LEU K 208 -2.38 -45.53 52.24
N THR K 209 -2.34 -46.44 51.26
CA THR K 209 -2.89 -46.11 49.95
C THR K 209 -4.39 -45.86 49.97
N PRO K 210 -5.21 -46.71 50.60
CA PRO K 210 -6.67 -46.51 50.51
C PRO K 210 -7.12 -45.17 51.06
N ILE K 211 -6.33 -44.56 51.91
CA ILE K 211 -6.66 -43.28 52.46
C ILE K 211 -6.34 -42.20 51.48
N LEU K 212 -5.12 -42.18 51.05
CA LEU K 212 -4.70 -41.19 50.05
C LEU K 212 -5.61 -41.23 48.83
N GLU K 213 -6.10 -42.41 48.46
CA GLU K 213 -7.03 -42.49 47.35
C GLU K 213 -8.41 -41.97 47.74
N ALA K 214 -8.81 -42.16 48.99
CA ALA K 214 -10.05 -41.53 49.46
C ALA K 214 -9.93 -40.01 49.44
N LEU K 215 -8.71 -39.49 49.62
CA LEU K 215 -8.44 -38.06 49.61
C LEU K 215 -8.00 -37.56 48.24
N ASN K 216 -8.02 -38.42 47.23
CA ASN K 216 -7.66 -38.02 45.87
C ASN K 216 -6.22 -37.53 45.81
N ILE K 217 -5.35 -38.18 46.56
CA ILE K 217 -3.91 -37.92 46.54
C ILE K 217 -3.31 -38.99 45.65
N THR K 218 -3.25 -38.69 44.35
CA THR K 218 -2.66 -39.62 43.39
C THR K 218 -1.14 -39.57 43.46
N VAL K 219 -0.51 -40.65 42.99
CA VAL K 219 0.95 -40.66 42.83
C VAL K 219 1.38 -39.89 41.60
N PHE K 220 0.44 -39.42 40.79
CA PHE K 220 0.69 -38.86 39.48
C PHE K 220 0.50 -37.35 39.48
N PRO K 221 1.13 -36.64 38.54
CA PRO K 221 0.93 -35.19 38.47
C PRO K 221 -0.49 -34.83 38.07
N ARG K 222 -1.35 -34.54 39.06
CA ARG K 222 -2.78 -34.35 38.77
C ARG K 222 -3.02 -33.21 37.78
N GLU K 223 -2.31 -32.11 37.95
CA GLU K 223 -2.47 -30.94 37.08
C GLU K 223 -1.81 -31.11 35.70
N VAL K 224 -0.62 -31.72 35.57
CA VAL K 224 -0.13 -32.08 34.24
C VAL K 224 -1.20 -32.86 33.48
N ILE K 225 -1.75 -33.89 34.14
CA ILE K 225 -2.75 -34.74 33.51
C ILE K 225 -3.96 -33.91 33.11
N SER K 226 -4.41 -33.00 33.98
CA SER K 226 -5.58 -32.20 33.65
C SER K 226 -5.38 -31.47 32.34
N PHE K 227 -4.21 -30.86 32.16
CA PHE K 227 -3.97 -30.21 30.90
C PHE K 227 -4.09 -31.16 29.73
N LEU K 228 -3.40 -32.28 29.80
CA LEU K 228 -3.46 -33.25 28.74
C LEU K 228 -4.89 -33.61 28.44
N THR K 229 -5.62 -34.02 29.46
CA THR K 229 -7.00 -34.42 29.24
C THR K 229 -7.82 -33.26 28.68
N LYS K 230 -7.52 -32.04 29.12
CA LYS K 230 -8.15 -30.86 28.53
C LYS K 230 -7.78 -30.76 27.05
N SER K 231 -6.48 -30.77 26.76
CA SER K 231 -6.02 -30.59 25.37
C SER K 231 -6.57 -31.67 24.44
N VAL K 232 -6.47 -32.94 24.84
CA VAL K 232 -7.16 -33.99 24.08
C VAL K 232 -8.63 -33.67 23.81
N LYS K 233 -9.34 -33.06 24.75
CA LYS K 233 -10.74 -32.73 24.50
C LYS K 233 -10.87 -31.78 23.32
N GLN K 234 -9.99 -30.78 23.24
CA GLN K 234 -9.99 -29.87 22.10
C GLN K 234 -9.49 -30.57 20.84
N ILE K 235 -8.84 -31.73 20.96
CA ILE K 235 -8.40 -32.46 19.79
C ILE K 235 -9.47 -33.43 19.29
N LYS K 236 -10.30 -33.98 20.17
CA LYS K 236 -11.30 -34.95 19.77
C LYS K 236 -12.47 -34.28 19.05
N GLU K 237 -13.05 -33.23 19.67
CA GLU K 237 -14.19 -32.55 19.08
C GLU K 237 -13.79 -31.68 17.91
N GLY K 238 -12.51 -31.33 17.80
CA GLY K 238 -12.00 -30.73 16.57
C GLY K 238 -11.63 -31.73 15.51
N ARG K 239 -11.53 -33.00 15.87
CA ARG K 239 -11.22 -34.07 14.93
C ARG K 239 -12.45 -34.71 14.31
N LEU K 240 -13.66 -34.31 14.74
CA LEU K 240 -14.89 -34.79 14.12
C LEU K 240 -15.44 -33.78 13.12
N LYS K 241 -14.57 -33.18 12.32
CA LYS K 241 -14.99 -32.27 11.26
C LYS K 241 -14.02 -32.35 10.08
N VAL K 248 -4.72 -41.82 11.38
CA VAL K 248 -4.79 -43.17 11.92
C VAL K 248 -3.66 -43.42 12.94
N ASP K 249 -3.47 -42.50 13.88
CA ASP K 249 -2.62 -42.76 15.03
C ASP K 249 -3.43 -43.55 16.06
N PHE K 250 -2.98 -43.55 17.31
CA PHE K 250 -3.65 -44.36 18.33
C PHE K 250 -4.95 -43.71 18.80
N LEU K 251 -4.85 -42.49 19.35
CA LEU K 251 -6.02 -41.68 19.67
C LEU K 251 -7.15 -41.96 18.69
N GLN K 252 -6.89 -41.72 17.41
CA GLN K 252 -7.89 -41.96 16.38
C GLN K 252 -8.46 -43.37 16.47
N LEU K 253 -7.58 -44.38 16.50
CA LEU K 253 -8.04 -45.77 16.44
C LEU K 253 -8.80 -46.16 17.69
N MET K 254 -8.46 -45.59 18.85
CA MET K 254 -9.27 -45.81 20.04
C MET K 254 -10.58 -45.02 19.97
N ILE K 255 -10.55 -43.84 19.36
CA ILE K 255 -11.79 -43.10 19.12
C ILE K 255 -12.69 -43.89 18.19
N ASP K 256 -12.12 -44.50 17.16
CA ASP K 256 -12.90 -45.35 16.27
C ASP K 256 -13.46 -46.57 17.01
N SER K 257 -12.92 -46.89 18.18
CA SER K 257 -13.30 -48.10 18.89
C SER K 257 -14.51 -47.92 19.81
N GLN K 258 -14.92 -46.68 20.08
CA GLN K 258 -16.08 -46.43 20.92
C GLN K 258 -17.35 -46.73 20.13
N ASN K 259 -17.34 -47.83 19.38
CA ASN K 259 -18.36 -48.13 18.38
C ASN K 259 -17.76 -49.14 17.39
N THR K 265 -18.23 -57.53 22.53
CA THR K 265 -18.98 -58.12 23.65
C THR K 265 -18.97 -57.06 24.71
N HIS K 266 -17.76 -56.67 25.09
CA HIS K 266 -17.55 -55.69 26.16
C HIS K 266 -18.18 -54.34 25.79
N LYS K 267 -18.24 -53.44 26.78
CA LYS K 267 -18.71 -52.08 26.54
C LYS K 267 -17.53 -51.15 26.34
N ALA K 268 -17.75 -50.10 25.55
CA ALA K 268 -16.67 -49.33 24.95
C ALA K 268 -15.90 -48.56 26.02
N LEU K 269 -14.85 -47.87 25.55
CA LEU K 269 -13.94 -47.14 26.43
C LEU K 269 -14.60 -45.83 26.82
N SER K 270 -14.83 -45.63 28.10
CA SER K 270 -15.30 -44.33 28.42
C SER K 270 -14.28 -43.38 27.85
N ASP K 271 -14.65 -42.14 27.83
CA ASP K 271 -13.73 -41.15 27.38
C ASP K 271 -12.58 -41.11 28.38
N LEU K 272 -12.83 -41.13 29.67
CA LEU K 272 -11.75 -41.18 30.59
C LEU K 272 -10.78 -42.35 30.41
N GLU K 273 -11.28 -43.55 30.17
CA GLU K 273 -10.39 -44.70 30.06
C GLU K 273 -9.39 -44.54 28.98
N LEU K 274 -9.83 -44.11 27.83
CA LEU K 274 -8.90 -43.77 26.76
C LEU K 274 -7.73 -42.97 27.31
N MET K 275 -8.03 -41.80 27.88
CA MET K 275 -6.99 -40.91 28.39
C MET K 275 -5.98 -41.69 29.23
N ALA K 276 -6.45 -42.64 30.03
CA ALA K 276 -5.53 -43.48 30.79
C ALA K 276 -4.58 -44.22 29.86
N GLN K 277 -5.11 -44.81 28.78
CA GLN K 277 -4.26 -45.59 27.87
C GLN K 277 -3.26 -44.68 27.15
N SER K 278 -3.71 -43.52 26.68
CA SER K 278 -2.79 -42.59 26.03
C SER K 278 -1.70 -42.15 26.99
N ILE K 279 -2.01 -42.08 28.29
CA ILE K 279 -0.98 -41.68 29.26
C ILE K 279 -0.04 -42.83 29.57
N ILE K 280 -0.52 -44.07 29.47
CA ILE K 280 0.31 -45.20 29.84
C ILE K 280 1.16 -45.70 28.68
N PHE K 281 0.69 -45.51 27.44
CA PHE K 281 1.54 -45.83 26.30
C PHE K 281 2.85 -45.04 26.35
N ILE K 282 2.77 -43.80 26.80
CA ILE K 282 3.95 -42.93 26.83
C ILE K 282 4.92 -43.38 27.92
N PHE K 283 4.41 -43.79 29.07
CA PHE K 283 5.29 -44.31 30.11
C PHE K 283 5.94 -45.62 29.68
N ALA K 284 5.22 -46.43 28.89
CA ALA K 284 5.78 -47.70 28.44
C ALA K 284 6.77 -47.49 27.29
N GLY K 285 6.47 -46.57 26.40
CA GLY K 285 7.21 -46.46 25.14
C GLY K 285 8.48 -45.66 25.20
N TYR K 286 8.47 -44.52 25.90
CA TYR K 286 9.54 -43.54 25.77
C TYR K 286 10.90 -44.11 26.11
N GLU K 287 11.20 -44.33 27.40
CA GLU K 287 12.58 -44.64 27.72
C GLU K 287 12.96 -46.09 27.40
N THR K 288 11.99 -46.98 27.26
CA THR K 288 12.31 -48.31 26.73
C THR K 288 12.97 -48.18 25.35
N THR K 289 12.24 -47.58 24.40
CA THR K 289 12.78 -47.42 23.05
C THR K 289 14.09 -46.65 23.07
N SER K 290 14.14 -45.53 23.80
CA SER K 290 15.34 -44.69 23.77
C SER K 290 16.55 -45.42 24.32
N SER K 291 16.36 -46.21 25.38
CA SER K 291 17.48 -46.97 25.93
C SER K 291 17.91 -48.10 25.01
N VAL K 292 16.97 -48.66 24.25
CA VAL K 292 17.30 -49.76 23.35
C VAL K 292 18.06 -49.24 22.14
N LEU K 293 17.53 -48.19 21.51
CA LEU K 293 18.24 -47.58 20.38
C LEU K 293 19.69 -47.28 20.74
N SER K 294 19.92 -46.75 21.94
CA SER K 294 21.29 -46.45 22.36
C SER K 294 22.11 -47.72 22.53
N PHE K 295 21.54 -48.74 23.17
CA PHE K 295 22.26 -50.00 23.32
C PHE K 295 22.51 -50.66 21.97
N ILE K 296 21.51 -50.63 21.08
CA ILE K 296 21.67 -51.21 19.75
C ILE K 296 22.85 -50.56 19.03
N ILE K 297 22.87 -49.22 19.00
CA ILE K 297 23.90 -48.50 18.25
C ILE K 297 25.25 -48.66 18.90
N TYR K 298 25.30 -48.63 20.24
CA TYR K 298 26.53 -48.91 20.95
C TYR K 298 27.10 -50.26 20.54
N GLU K 299 26.24 -51.27 20.45
CA GLU K 299 26.70 -52.60 20.06
C GLU K 299 27.19 -52.62 18.62
N LEU K 300 26.57 -51.85 17.74
CA LEU K 300 27.03 -51.77 16.36
C LEU K 300 28.39 -51.07 16.28
N ALA K 301 28.53 -49.93 16.95
CA ALA K 301 29.80 -49.22 16.95
C ALA K 301 30.94 -50.10 17.47
N THR K 302 30.63 -51.00 18.40
CA THR K 302 31.64 -51.82 19.04
C THR K 302 31.98 -53.08 18.25
N HIS K 303 31.09 -53.53 17.38
CA HIS K 303 31.28 -54.70 16.53
C HIS K 303 31.17 -54.21 15.09
N PRO K 304 32.21 -53.53 14.59
CA PRO K 304 32.05 -52.72 13.36
C PRO K 304 31.61 -53.54 12.16
N ASP K 305 31.93 -54.84 12.13
CA ASP K 305 31.56 -55.66 10.99
C ASP K 305 30.12 -56.15 11.06
N VAL K 306 29.50 -56.11 12.24
CA VAL K 306 28.06 -56.26 12.31
C VAL K 306 27.38 -55.06 11.65
N GLN K 307 27.83 -53.86 12.01
CA GLN K 307 27.25 -52.64 11.43
C GLN K 307 27.30 -52.66 9.91
N GLN K 308 28.46 -53.00 9.34
CA GLN K 308 28.59 -53.01 7.89
C GLN K 308 27.62 -54.02 7.27
N LYS K 309 27.49 -55.21 7.88
CA LYS K 309 26.54 -56.20 7.38
C LYS K 309 25.12 -55.65 7.38
N VAL K 310 24.78 -54.80 8.34
CA VAL K 310 23.44 -54.22 8.40
C VAL K 310 23.29 -53.15 7.32
N GLN K 311 24.25 -52.24 7.22
CA GLN K 311 24.19 -51.21 6.19
C GLN K 311 24.05 -51.82 4.80
N LYS K 312 24.72 -52.96 4.56
CA LYS K 312 24.60 -53.61 3.25
C LYS K 312 23.19 -54.12 3.03
N GLU K 313 22.57 -54.69 4.08
CA GLU K 313 21.21 -55.21 3.93
C GLU K 313 20.22 -54.08 3.67
N ILE K 314 20.38 -52.95 4.36
CA ILE K 314 19.43 -51.86 4.20
C ILE K 314 19.50 -51.30 2.78
N ASP K 315 20.71 -50.95 2.33
CA ASP K 315 20.88 -50.47 0.96
C ASP K 315 20.33 -51.48 -0.04
N THR K 316 20.44 -52.77 0.26
CA THR K 316 19.84 -53.80 -0.60
C THR K 316 18.34 -53.58 -0.68
N VAL K 317 17.64 -53.77 0.45
CA VAL K 317 16.18 -53.68 0.43
C VAL K 317 15.71 -52.26 0.15
N LEU K 318 16.49 -51.25 0.56
CA LEU K 318 16.13 -49.85 0.41
C LEU K 318 17.26 -49.15 -0.34
N PRO K 319 17.31 -49.32 -1.67
CA PRO K 319 18.47 -48.81 -2.41
C PRO K 319 18.44 -47.30 -2.55
N ASN K 320 19.60 -46.68 -2.37
CA ASN K 320 19.77 -45.24 -2.57
C ASN K 320 18.90 -44.45 -1.59
N LYS K 321 19.17 -44.64 -0.30
CA LYS K 321 18.48 -43.95 0.78
C LYS K 321 16.99 -43.87 0.51
N ALA K 322 16.41 -45.04 0.19
CA ALA K 322 14.98 -45.13 -0.02
C ALA K 322 14.24 -44.98 1.30
N PRO K 323 13.00 -44.51 1.27
CA PRO K 323 12.28 -44.25 2.52
C PRO K 323 11.62 -45.51 3.04
N PRO K 324 11.96 -45.93 4.27
CA PRO K 324 11.43 -47.20 4.78
C PRO K 324 9.91 -47.19 4.88
N THR K 325 9.33 -48.37 4.67
CA THR K 325 7.90 -48.60 4.82
C THR K 325 7.69 -49.82 5.71
N TYR K 326 6.44 -50.12 6.01
CA TYR K 326 6.15 -51.33 6.78
C TYR K 326 6.72 -52.56 6.10
N ASP K 327 6.40 -52.75 4.82
CA ASP K 327 6.77 -53.97 4.13
C ASP K 327 8.26 -54.06 3.83
N THR K 328 8.97 -52.93 3.80
CA THR K 328 10.42 -52.98 3.56
C THR K 328 11.17 -53.26 4.85
N VAL K 329 10.77 -52.57 5.89
CA VAL K 329 11.34 -52.81 7.19
C VAL K 329 11.09 -54.27 7.61
N LEU K 330 9.94 -54.88 7.27
CA LEU K 330 9.67 -56.27 7.55
C LEU K 330 10.73 -57.24 7.05
N GLN K 331 11.31 -57.00 5.88
CA GLN K 331 12.36 -57.84 5.39
C GLN K 331 13.78 -57.56 5.91
N LEU K 332 13.99 -56.75 6.96
CA LEU K 332 15.33 -56.50 7.42
C LEU K 332 15.71 -57.45 8.50
N GLU K 333 15.85 -58.66 8.06
CA GLU K 333 16.22 -59.78 8.91
C GLU K 333 17.48 -59.68 9.74
N TYR K 334 18.64 -59.54 9.13
CA TYR K 334 19.85 -59.49 9.93
C TYR K 334 19.67 -58.49 11.06
N LEU K 335 19.04 -57.37 10.73
CA LEU K 335 18.78 -56.29 11.66
C LEU K 335 17.95 -56.81 12.80
N ASP K 336 16.85 -57.49 12.49
CA ASP K 336 16.04 -58.18 13.46
C ASP K 336 16.86 -59.02 14.43
N MET K 337 17.82 -59.79 13.95
CA MET K 337 18.67 -60.52 14.80
C MET K 337 19.50 -59.55 15.61
N VAL K 338 19.88 -58.42 15.10
CA VAL K 338 20.67 -57.47 15.88
C VAL K 338 19.85 -56.97 17.07
N VAL K 339 18.64 -56.46 16.79
CA VAL K 339 17.76 -55.99 17.86
C VAL K 339 17.55 -57.10 18.89
N ASN K 340 17.06 -58.26 18.42
CA ASN K 340 16.73 -59.35 19.33
C ASN K 340 17.92 -59.78 20.19
N GLU K 341 19.14 -59.63 19.67
CA GLU K 341 20.33 -59.98 20.44
C GLU K 341 20.78 -58.84 21.34
N THR K 342 20.49 -57.59 20.97
CA THR K 342 20.76 -56.47 21.87
C THR K 342 19.82 -56.50 23.06
N LEU K 343 18.57 -56.92 22.84
CA LEU K 343 17.62 -57.05 23.94
C LEU K 343 17.96 -58.23 24.84
N ARG K 344 18.71 -59.22 24.34
CA ARG K 344 19.17 -60.29 25.21
C ARG K 344 20.26 -59.78 26.15
N LEU K 345 21.18 -58.97 25.64
CA LEU K 345 22.22 -58.42 26.50
C LEU K 345 21.64 -57.41 27.48
N PHE K 346 20.70 -56.59 27.03
CA PHE K 346 20.14 -55.50 27.84
C PHE K 346 18.61 -55.55 27.77
N PRO K 347 17.99 -56.47 28.52
CA PRO K 347 16.52 -56.43 28.66
C PRO K 347 16.11 -55.28 29.56
N VAL K 348 15.89 -54.10 28.97
CA VAL K 348 15.80 -52.85 29.73
C VAL K 348 14.95 -53.01 30.99
N ALA K 349 13.93 -53.86 30.93
CA ALA K 349 13.03 -54.01 32.06
C ALA K 349 13.69 -54.76 33.22
N MET K 350 14.52 -55.75 32.90
CA MET K 350 15.32 -56.51 33.86
C MET K 350 14.55 -57.63 34.55
N ARG K 351 13.29 -57.38 34.90
CA ARG K 351 12.48 -58.37 35.60
C ARG K 351 11.07 -58.35 35.06
N LEU K 352 10.34 -59.43 35.35
CA LEU K 352 8.88 -59.46 35.23
C LEU K 352 8.30 -59.81 36.59
N GLU K 353 7.04 -59.42 36.79
CA GLU K 353 6.39 -59.57 38.08
C GLU K 353 4.92 -59.89 37.89
N ARG K 354 4.40 -60.81 38.71
CA ARG K 354 2.98 -61.10 38.78
C ARG K 354 2.62 -61.32 40.24
N VAL K 355 1.37 -61.01 40.57
CA VAL K 355 0.87 -61.20 41.94
C VAL K 355 0.17 -62.55 42.01
N CYS K 356 0.48 -63.32 43.05
CA CYS K 356 -0.24 -64.57 43.30
C CYS K 356 -1.58 -64.24 43.96
N LYS K 357 -2.69 -64.51 43.27
CA LYS K 357 -3.98 -64.13 43.83
C LYS K 357 -4.45 -65.03 44.97
N LYS K 358 -3.86 -66.22 45.09
CA LYS K 358 -4.44 -67.26 45.92
C LYS K 358 -3.43 -68.40 45.99
N ASP K 359 -3.42 -69.09 47.14
CA ASP K 359 -2.54 -70.25 47.29
C ASP K 359 -2.61 -71.11 46.04
N VAL K 360 -1.47 -71.62 45.59
CA VAL K 360 -1.46 -72.59 44.49
C VAL K 360 -0.31 -73.53 44.79
N GLU K 361 -0.30 -74.68 44.14
CA GLU K 361 0.94 -75.45 44.04
C GLU K 361 1.24 -75.47 42.57
N ILE K 362 2.50 -75.25 42.17
CA ILE K 362 2.88 -75.31 40.74
C ILE K 362 4.24 -75.99 40.61
N ASN K 363 4.33 -76.94 39.68
CA ASN K 363 5.58 -77.66 39.40
C ASN K 363 6.35 -77.97 40.67
N GLY K 364 5.66 -78.61 41.62
CA GLY K 364 6.30 -79.05 42.83
C GLY K 364 6.53 -77.96 43.85
N MET K 365 5.82 -76.85 43.76
CA MET K 365 6.00 -75.75 44.69
C MET K 365 4.70 -75.08 45.08
N PHE K 366 4.68 -74.57 46.31
CA PHE K 366 3.51 -73.93 46.89
C PHE K 366 3.77 -72.44 47.04
N ILE K 367 2.85 -71.62 46.55
CA ILE K 367 2.96 -70.17 46.63
C ILE K 367 1.85 -69.65 47.52
N PRO K 368 2.15 -68.97 48.62
CA PRO K 368 1.08 -68.43 49.46
C PRO K 368 0.49 -67.17 48.86
N LYS K 369 -0.83 -67.05 48.97
CA LYS K 369 -1.56 -65.85 48.55
C LYS K 369 -0.75 -64.60 48.84
N GLY K 370 -0.63 -63.73 47.83
CA GLY K 370 -0.09 -62.41 48.01
C GLY K 370 1.39 -62.27 47.77
N VAL K 371 2.15 -63.37 47.74
CA VAL K 371 3.55 -63.27 47.34
C VAL K 371 3.62 -62.86 45.88
N VAL K 372 4.53 -61.96 45.57
CA VAL K 372 4.76 -61.52 44.20
C VAL K 372 5.82 -62.44 43.59
N VAL K 373 5.53 -62.94 42.40
CA VAL K 373 6.47 -63.83 41.78
C VAL K 373 7.28 -63.05 40.81
N MET K 374 8.58 -63.07 41.02
CA MET K 374 9.46 -62.25 40.18
C MET K 374 10.28 -63.15 39.27
N ILE K 375 10.45 -62.74 38.02
CA ILE K 375 11.16 -63.58 37.05
C ILE K 375 12.38 -62.81 36.56
N PRO K 376 13.58 -63.22 36.94
CA PRO K 376 14.76 -62.39 36.66
C PRO K 376 15.26 -62.52 35.23
N SER K 377 14.70 -61.71 34.33
CA SER K 377 15.06 -61.79 32.92
C SER K 377 16.56 -61.63 32.72
N TYR K 378 17.14 -60.56 33.26
CA TYR K 378 18.56 -60.32 33.02
C TYR K 378 19.42 -61.50 33.45
N VAL K 379 18.95 -62.29 34.42
CA VAL K 379 19.73 -63.41 34.90
C VAL K 379 19.72 -64.54 33.88
N LEU K 380 18.55 -64.83 33.30
CA LEU K 380 18.45 -65.90 32.31
C LEU K 380 19.03 -65.48 30.98
N HIS K 381 18.86 -64.20 30.62
CA HIS K 381 19.50 -63.66 29.42
C HIS K 381 21.01 -63.74 29.51
N HIS K 382 21.57 -63.90 30.72
CA HIS K 382 23.01 -63.87 30.94
C HIS K 382 23.50 -65.14 31.64
N ASP K 383 22.82 -66.27 31.42
CA ASP K 383 23.13 -67.52 32.09
C ASP K 383 23.84 -68.46 31.13
N PRO K 384 25.04 -68.95 31.46
CA PRO K 384 25.71 -69.87 30.52
C PRO K 384 24.92 -71.14 30.29
N LYS K 385 24.13 -71.56 31.29
CA LYS K 385 23.35 -72.78 31.19
C LYS K 385 22.33 -72.74 30.05
N TYR K 386 22.09 -71.57 29.45
CA TYR K 386 21.17 -71.45 28.34
C TYR K 386 21.79 -70.81 27.10
N TRP K 387 22.91 -70.14 27.27
CA TRP K 387 23.53 -69.50 26.17
C TRP K 387 24.98 -69.87 26.14
N THR K 388 25.59 -69.86 24.98
CA THR K 388 27.00 -70.19 24.91
C THR K 388 27.85 -68.93 25.05
N GLU K 389 28.57 -68.79 26.17
CA GLU K 389 29.42 -67.62 26.45
C GLU K 389 28.60 -66.38 26.24
N PRO K 390 27.53 -66.25 27.02
CA PRO K 390 26.57 -65.16 26.87
C PRO K 390 26.98 -63.75 27.01
N GLU K 391 28.21 -63.44 27.30
CA GLU K 391 28.51 -62.02 27.43
C GLU K 391 28.95 -61.37 26.12
N LYS K 392 28.91 -62.11 25.03
CA LYS K 392 29.27 -61.58 23.72
C LYS K 392 28.01 -61.24 22.92
N PHE K 393 28.18 -60.33 21.96
CA PHE K 393 27.08 -59.91 21.11
C PHE K 393 27.14 -60.65 19.77
N LEU K 394 26.48 -61.80 19.69
CA LEU K 394 26.47 -62.59 18.46
C LEU K 394 25.06 -62.59 17.85
N PRO K 395 24.81 -61.67 16.91
CA PRO K 395 23.48 -61.63 16.29
C PRO K 395 23.02 -62.94 15.66
N GLU K 396 23.94 -63.81 15.28
CA GLU K 396 23.55 -65.06 14.64
C GLU K 396 22.82 -66.01 15.59
N ARG K 397 22.84 -65.74 16.90
CA ARG K 397 22.09 -66.56 17.83
C ARG K 397 20.61 -66.65 17.44
N PHE K 398 20.08 -65.59 16.84
CA PHE K 398 18.66 -65.51 16.49
C PHE K 398 18.42 -65.75 15.00
N SER K 399 19.38 -66.35 14.31
CA SER K 399 19.17 -66.79 12.95
C SER K 399 17.96 -67.71 12.88
N ALA K 400 17.27 -67.69 11.73
CA ALA K 400 16.13 -68.58 11.55
C ALA K 400 16.50 -70.04 11.71
N ALA K 401 17.79 -70.37 11.56
CA ALA K 401 18.23 -71.74 11.80
C ALA K 401 18.09 -72.13 13.26
N ASN K 402 18.66 -71.32 14.16
CA ASN K 402 18.66 -71.61 15.58
C ASN K 402 17.35 -71.18 16.24
N ALA K 403 16.25 -71.24 15.49
CA ALA K 403 14.96 -70.81 16.03
C ALA K 403 14.47 -71.73 17.14
N ASP K 404 14.91 -72.99 17.14
CA ASP K 404 14.47 -73.92 18.17
C ASP K 404 15.21 -73.68 19.48
N ASN K 405 16.51 -73.42 19.42
CA ASN K 405 17.35 -73.32 20.60
C ASN K 405 17.14 -72.03 21.40
N ILE K 406 16.01 -71.34 21.18
CA ILE K 406 15.68 -70.15 21.94
C ILE K 406 14.33 -70.37 22.61
N ASP K 407 14.31 -70.26 23.94
CA ASP K 407 13.15 -70.61 24.74
C ASP K 407 12.34 -69.36 25.05
N PRO K 408 11.07 -69.27 24.64
CA PRO K 408 10.30 -68.04 24.93
C PRO K 408 10.03 -67.79 26.41
N TYR K 409 10.55 -68.63 27.30
CA TYR K 409 10.49 -68.40 28.73
C TYR K 409 11.86 -68.21 29.34
N ILE K 410 12.91 -68.26 28.52
CA ILE K 410 14.24 -67.80 28.91
C ILE K 410 14.54 -66.43 28.29
N TYR K 411 14.14 -66.21 27.04
CA TYR K 411 14.27 -64.93 26.35
C TYR K 411 12.92 -64.24 26.45
N THR K 412 12.81 -63.27 27.35
CA THR K 412 11.55 -62.56 27.62
C THR K 412 11.81 -61.07 27.79
N PRO K 413 12.45 -60.42 26.81
CA PRO K 413 12.65 -58.97 26.92
C PRO K 413 11.35 -58.20 26.85
N PHE K 414 10.29 -58.82 26.34
CA PHE K 414 8.96 -58.23 26.31
C PHE K 414 7.99 -59.00 27.19
N GLY K 415 8.49 -59.90 28.03
CA GLY K 415 7.62 -60.77 28.78
C GLY K 415 7.03 -61.85 27.89
N SER K 416 6.05 -62.55 28.44
CA SER K 416 5.36 -63.60 27.72
C SER K 416 3.96 -63.75 28.29
N GLY K 417 3.13 -64.51 27.58
CA GLY K 417 1.79 -64.81 28.03
C GLY K 417 0.79 -63.73 27.64
N PRO K 418 -0.44 -63.90 28.10
CA PRO K 418 -1.49 -62.93 27.76
C PRO K 418 -1.18 -61.50 28.20
N ARG K 419 -0.33 -61.33 29.22
CA ARG K 419 -0.01 -60.02 29.78
C ARG K 419 1.32 -59.47 29.29
N ASN K 420 1.86 -60.02 28.19
CA ASN K 420 3.13 -59.55 27.68
C ASN K 420 2.97 -58.14 27.10
N CYS K 421 4.08 -57.58 26.63
CA CYS K 421 4.05 -56.23 26.07
C CYS K 421 3.07 -56.17 24.90
N ILE K 422 2.06 -55.32 25.00
CA ILE K 422 1.12 -55.23 23.88
C ILE K 422 1.83 -54.74 22.64
N GLY K 423 2.70 -53.72 22.80
CA GLY K 423 3.11 -52.87 21.70
C GLY K 423 4.50 -53.19 21.23
N MET K 424 4.93 -54.42 21.54
CA MET K 424 6.23 -54.93 21.10
C MET K 424 6.42 -54.75 19.60
N ARG K 425 5.36 -54.91 18.82
CA ARG K 425 5.49 -54.80 17.36
C ARG K 425 5.53 -53.35 16.91
N PHE K 426 4.72 -52.48 17.53
CA PHE K 426 4.92 -51.05 17.33
C PHE K 426 6.32 -50.63 17.77
N ALA K 427 6.80 -51.25 18.81
CA ALA K 427 8.11 -50.93 19.24
C ALA K 427 9.12 -51.45 18.31
N LEU K 428 9.06 -52.70 17.91
CA LEU K 428 10.05 -53.23 17.01
C LEU K 428 10.10 -52.53 15.69
N VAL K 429 8.95 -52.21 15.12
CA VAL K 429 8.93 -51.47 13.88
C VAL K 429 9.42 -50.05 14.09
N ASN K 430 9.01 -49.38 15.16
CA ASN K 430 9.46 -48.04 15.40
C ASN K 430 10.94 -47.96 15.56
N MET K 431 11.54 -48.92 16.20
CA MET K 431 12.98 -48.89 16.33
C MET K 431 13.67 -49.09 14.99
N LYS K 432 13.16 -49.97 14.16
CA LYS K 432 13.79 -50.20 12.88
C LYS K 432 13.74 -48.98 11.99
N LEU K 433 12.58 -48.36 11.90
CA LEU K 433 12.42 -47.19 11.13
C LEU K 433 13.43 -46.16 11.53
N ALA K 434 13.68 -46.03 12.82
CA ALA K 434 14.70 -45.07 13.23
C ALA K 434 16.09 -45.55 12.88
N LEU K 435 16.34 -46.86 13.05
CA LEU K 435 17.66 -47.41 12.77
C LEU K 435 18.00 -47.34 11.29
N VAL K 436 17.00 -47.46 10.42
CA VAL K 436 17.25 -47.37 8.98
C VAL K 436 17.78 -45.99 8.63
N ARG K 437 16.98 -44.95 8.90
CA ARG K 437 17.33 -43.59 8.50
C ARG K 437 18.67 -43.16 9.06
N VAL K 438 19.06 -43.67 10.23
CA VAL K 438 20.32 -43.25 10.82
C VAL K 438 21.49 -44.01 10.22
N LEU K 439 21.32 -45.32 9.98
CA LEU K 439 22.37 -46.09 9.33
C LEU K 439 22.37 -45.91 7.82
N GLN K 440 21.25 -45.44 7.26
CA GLN K 440 21.25 -44.99 5.88
C GLN K 440 22.14 -43.77 5.67
N ASN K 441 22.45 -43.02 6.74
CA ASN K 441 23.10 -41.74 6.61
C ASN K 441 24.41 -41.62 7.39
N PHE K 442 24.64 -42.44 8.41
CA PHE K 442 25.86 -42.32 9.20
C PHE K 442 26.38 -43.70 9.59
N SER K 443 27.67 -43.76 9.83
CA SER K 443 28.32 -44.88 10.52
C SER K 443 28.81 -44.38 11.87
N PHE K 444 28.73 -45.24 12.88
CA PHE K 444 29.11 -44.90 14.24
C PHE K 444 30.38 -45.65 14.61
N LYS K 445 31.30 -44.96 15.27
CA LYS K 445 32.51 -45.55 15.81
C LYS K 445 32.79 -44.99 17.19
N PRO K 446 33.61 -45.67 17.98
CA PRO K 446 33.87 -45.22 19.36
C PRO K 446 34.76 -43.99 19.39
N CYS K 447 34.32 -42.92 20.10
CA CYS K 447 35.23 -41.80 20.25
C CYS K 447 36.04 -42.07 21.51
N LYS K 448 36.50 -41.03 22.19
CA LYS K 448 37.22 -41.23 23.42
C LYS K 448 36.28 -41.34 24.61
N GLU K 449 35.49 -40.32 24.82
CA GLU K 449 34.59 -40.25 25.97
C GLU K 449 33.66 -41.46 26.01
N THR K 450 33.80 -42.35 25.02
CA THR K 450 33.06 -43.61 25.01
C THR K 450 33.61 -44.55 26.10
N GLN K 451 32.72 -44.98 27.00
CA GLN K 451 33.06 -45.90 28.08
C GLN K 451 32.98 -47.31 27.52
N ILE K 452 34.13 -47.83 27.06
CA ILE K 452 34.17 -49.08 26.31
C ILE K 452 33.62 -50.24 27.12
N PRO K 453 34.32 -50.72 28.18
CA PRO K 453 33.65 -51.70 29.06
C PRO K 453 32.41 -51.02 29.59
N LEU K 454 31.23 -51.32 29.05
CA LEU K 454 30.06 -50.55 29.44
C LEU K 454 29.66 -50.96 30.86
N LYS K 455 29.47 -49.96 31.71
CA LYS K 455 29.04 -50.12 33.10
C LYS K 455 27.64 -49.54 33.25
N LEU K 456 26.78 -50.30 33.91
CA LEU K 456 25.40 -49.95 34.15
C LEU K 456 25.17 -49.21 35.44
N ARG K 457 23.95 -48.72 35.62
CA ARG K 457 23.61 -47.92 36.77
C ARG K 457 22.22 -48.27 37.29
N PHE K 458 22.04 -48.24 38.60
CA PHE K 458 20.76 -48.58 39.21
C PHE K 458 19.58 -47.76 38.67
N GLY K 459 18.43 -48.38 38.45
CA GLY K 459 17.28 -47.64 38.03
C GLY K 459 16.14 -48.54 37.67
N GLY K 460 15.01 -47.95 37.36
CA GLY K 460 13.86 -48.71 36.93
C GLY K 460 14.21 -49.53 35.70
N LEU K 461 14.87 -48.93 34.72
CA LEU K 461 15.32 -49.66 33.56
C LEU K 461 16.83 -49.82 33.63
N LEU K 462 17.42 -50.47 32.66
CA LEU K 462 18.85 -50.61 32.62
C LEU K 462 19.36 -49.24 32.28
N LEU K 463 20.33 -48.71 33.01
CA LEU K 463 20.85 -47.42 32.67
C LEU K 463 22.35 -47.51 32.67
N THR K 464 22.99 -46.68 31.90
CA THR K 464 24.44 -46.66 31.81
C THR K 464 25.02 -45.68 32.83
N GLU K 465 26.12 -46.09 33.46
CA GLU K 465 26.77 -45.21 34.43
C GLU K 465 26.94 -43.81 33.86
N LYS K 466 27.64 -43.69 32.73
CA LYS K 466 27.80 -42.45 32.00
C LYS K 466 27.09 -42.55 30.66
N PRO K 467 26.45 -41.48 30.19
CA PRO K 467 25.69 -41.56 28.95
C PRO K 467 26.56 -42.02 27.78
N ILE K 468 25.94 -42.71 26.83
CA ILE K 468 26.66 -43.24 25.69
C ILE K 468 27.03 -42.10 24.75
N VAL K 469 28.31 -42.02 24.39
CA VAL K 469 28.82 -40.97 23.50
C VAL K 469 29.62 -41.64 22.39
N LEU K 470 29.38 -41.26 21.15
CA LEU K 470 30.12 -41.81 20.04
C LEU K 470 30.26 -40.74 18.98
N LYS K 471 30.96 -41.05 17.91
CA LYS K 471 31.13 -40.09 16.84
C LYS K 471 30.38 -40.55 15.60
N ALA K 472 29.62 -39.65 14.97
CA ALA K 472 28.93 -39.99 13.73
C ALA K 472 29.71 -39.35 12.58
N GLU K 473 29.54 -39.86 11.37
CA GLU K 473 30.31 -39.38 10.24
C GLU K 473 29.51 -39.75 9.00
N SER K 474 29.15 -38.76 8.19
CA SER K 474 28.19 -39.01 7.12
C SER K 474 28.74 -40.05 6.14
N ARG K 475 27.82 -40.64 5.37
CA ARG K 475 28.14 -41.69 4.42
C ARG K 475 28.53 -41.04 3.09
N ASP K 476 29.82 -41.05 2.78
CA ASP K 476 30.36 -40.39 1.60
C ASP K 476 30.18 -38.88 1.69
N TYR L 4 44.69 8.70 -36.96
CA TYR L 4 44.67 7.27 -36.65
C TYR L 4 43.40 6.85 -35.92
N GLY L 5 42.95 7.67 -34.98
CA GLY L 5 41.74 7.40 -34.24
C GLY L 5 40.51 7.19 -35.12
N THR L 6 40.65 7.38 -36.44
CA THR L 6 39.57 7.14 -37.39
C THR L 6 40.10 6.45 -38.64
N ARG L 7 41.27 5.81 -38.54
CA ARG L 7 41.93 5.28 -39.73
C ARG L 7 41.04 4.33 -40.52
N THR L 8 40.14 3.62 -39.85
CA THR L 8 39.31 2.62 -40.51
C THR L 8 37.82 2.94 -40.46
N HIS L 9 37.42 4.08 -39.90
CA HIS L 9 36.00 4.35 -39.67
C HIS L 9 35.27 4.81 -40.93
N GLY L 10 35.84 4.60 -42.11
CA GLY L 10 35.12 4.86 -43.35
C GLY L 10 34.88 3.59 -44.14
N LEU L 11 35.31 2.46 -43.60
CA LEU L 11 35.32 1.22 -44.37
C LEU L 11 33.91 0.74 -44.68
N PHE L 12 32.99 0.84 -43.71
CA PHE L 12 31.64 0.35 -43.96
C PHE L 12 30.81 1.36 -44.72
N LYS L 13 31.00 2.65 -44.45
CA LYS L 13 30.29 3.61 -45.27
C LYS L 13 30.61 3.51 -46.73
N LYS L 14 31.84 3.18 -47.06
CA LYS L 14 32.29 3.15 -48.45
C LYS L 14 32.35 1.73 -49.05
N LEU L 15 31.96 0.71 -48.29
CA LEU L 15 31.58 -0.55 -48.88
C LEU L 15 30.06 -0.64 -49.10
N GLY L 16 29.34 0.43 -48.77
CA GLY L 16 27.90 0.43 -48.89
C GLY L 16 27.21 -0.44 -47.85
N ILE L 17 27.81 -0.61 -46.68
CA ILE L 17 27.22 -1.35 -45.57
C ILE L 17 26.80 -0.35 -44.51
N PRO L 18 25.53 -0.32 -44.11
CA PRO L 18 25.12 0.60 -43.05
C PRO L 18 25.57 0.11 -41.69
N GLY L 19 25.61 1.04 -40.74
CA GLY L 19 26.01 0.74 -39.40
C GLY L 19 25.95 1.95 -38.51
N PRO L 20 26.05 1.74 -37.20
CA PRO L 20 26.04 2.89 -36.28
C PRO L 20 27.32 3.69 -36.40
N THR L 21 27.20 4.99 -36.21
CA THR L 21 28.33 5.90 -36.42
C THR L 21 29.36 5.70 -35.30
N PRO L 22 30.63 5.47 -35.63
CA PRO L 22 31.62 5.21 -34.58
C PRO L 22 32.33 6.45 -34.06
N LEU L 23 32.60 6.43 -32.76
CA LEU L 23 33.40 7.45 -32.13
C LEU L 23 34.88 7.25 -32.48
N PRO L 24 35.71 8.28 -32.32
CA PRO L 24 37.15 8.08 -32.50
C PRO L 24 37.71 7.17 -31.42
N PHE L 25 38.78 6.46 -31.78
CA PHE L 25 39.51 5.63 -30.83
C PHE L 25 38.69 4.42 -30.38
N LEU L 26 37.52 4.66 -29.80
CA LEU L 26 36.72 3.60 -29.21
C LEU L 26 35.89 2.84 -30.24
N GLY L 27 35.76 3.35 -31.46
CA GLY L 27 34.83 2.74 -32.39
C GLY L 27 33.42 2.89 -31.88
N ASN L 28 32.71 1.77 -31.76
CA ASN L 28 31.35 1.81 -31.24
C ASN L 28 31.28 1.06 -29.91
N ALA L 29 32.42 0.81 -29.29
CA ALA L 29 32.41 0.05 -28.03
C ALA L 29 31.60 0.74 -26.95
N LEU L 30 31.51 2.07 -26.99
CA LEU L 30 30.73 2.79 -25.99
C LEU L 30 29.30 2.29 -25.91
N SER L 31 28.76 1.81 -27.02
CA SER L 31 27.39 1.30 -27.07
C SER L 31 27.32 -0.20 -26.78
N PHE L 32 28.42 -0.82 -26.38
CA PHE L 32 28.36 -2.18 -25.89
C PHE L 32 27.96 -2.25 -24.43
N ARG L 33 28.03 -1.13 -23.70
CA ARG L 33 27.80 -1.15 -22.26
C ARG L 33 26.43 -1.70 -21.90
N LYS L 34 25.43 -1.44 -22.75
CA LYS L 34 24.06 -1.85 -22.45
C LYS L 34 23.85 -3.35 -22.64
N GLY L 35 24.90 -4.08 -22.98
CA GLY L 35 24.75 -5.49 -23.28
C GLY L 35 24.97 -5.76 -24.74
N TYR L 36 25.84 -6.73 -25.04
CA TYR L 36 26.02 -7.15 -26.43
C TYR L 36 24.67 -7.55 -27.04
N TRP L 37 23.82 -8.22 -26.25
CA TRP L 37 22.59 -8.78 -26.80
C TRP L 37 21.62 -7.70 -27.27
N THR L 38 21.36 -6.69 -26.42
CA THR L 38 20.53 -5.58 -26.85
C THR L 38 21.18 -4.79 -28.00
N PHE L 39 22.48 -4.47 -27.92
CA PHE L 39 23.10 -3.69 -29.00
C PHE L 39 22.90 -4.37 -30.35
N ASP L 40 23.26 -5.66 -30.45
CA ASP L 40 23.08 -6.39 -31.69
C ASP L 40 21.63 -6.30 -32.17
N MET L 41 20.69 -6.39 -31.23
CA MET L 41 19.27 -6.35 -31.59
C MET L 41 18.88 -4.99 -32.14
N GLU L 42 19.31 -3.92 -31.49
CA GLU L 42 19.07 -2.58 -32.01
C GLU L 42 19.57 -2.47 -33.44
N CYS L 43 20.82 -2.88 -33.67
CA CYS L 43 21.44 -2.71 -34.98
C CYS L 43 20.73 -3.56 -36.03
N TYR L 44 20.48 -4.83 -35.73
CA TYR L 44 19.84 -5.70 -36.70
C TYR L 44 18.50 -5.14 -37.14
N LYS L 45 17.68 -4.80 -36.18
CA LYS L 45 16.40 -4.23 -36.46
C LYS L 45 16.43 -2.86 -37.13
N LYS L 46 17.51 -2.08 -37.08
CA LYS L 46 17.49 -0.84 -37.79
C LYS L 46 18.49 -0.77 -38.89
N TYR L 47 19.00 -1.89 -39.38
CA TYR L 47 19.95 -1.77 -40.48
C TYR L 47 19.83 -2.93 -41.48
N GLY L 48 19.13 -3.99 -41.10
CA GLY L 48 18.90 -5.10 -41.99
C GLY L 48 19.70 -6.34 -41.58
N LYS L 49 19.71 -7.30 -42.50
CA LYS L 49 20.41 -8.55 -42.25
C LYS L 49 21.92 -8.36 -42.14
N VAL L 50 22.45 -7.21 -42.55
CA VAL L 50 23.88 -6.94 -42.50
C VAL L 50 24.10 -5.51 -42.04
N TRP L 51 25.10 -5.33 -41.18
CA TRP L 51 25.43 -4.04 -40.58
C TRP L 51 26.84 -4.13 -40.03
N GLY L 52 27.43 -2.97 -39.78
CA GLY L 52 28.84 -2.93 -39.44
C GLY L 52 29.21 -1.97 -38.33
N ILE L 53 30.17 -2.36 -37.52
CA ILE L 53 30.54 -1.67 -36.29
C ILE L 53 32.05 -1.78 -36.11
N TYR L 54 32.60 -0.97 -35.20
CA TYR L 54 34.02 -0.98 -34.94
C TYR L 54 34.28 -1.19 -33.46
N ASP L 55 35.21 -2.09 -33.16
CA ASP L 55 35.65 -2.35 -31.80
C ASP L 55 37.00 -1.67 -31.60
N GLY L 56 36.94 -0.35 -31.47
CA GLY L 56 38.13 0.46 -31.59
C GLY L 56 38.43 0.71 -33.06
N GLN L 57 39.52 0.15 -33.57
CA GLN L 57 39.86 0.24 -34.98
C GLN L 57 39.65 -1.08 -35.71
N GLN L 58 38.92 -1.99 -35.11
CA GLN L 58 38.72 -3.28 -35.72
C GLN L 58 37.38 -3.38 -36.39
N PRO L 59 37.32 -3.32 -37.73
CA PRO L 59 35.99 -3.40 -38.32
C PRO L 59 35.37 -4.75 -38.09
N MET L 60 34.08 -4.78 -37.86
CA MET L 60 33.35 -6.02 -37.60
C MET L 60 32.11 -6.05 -38.48
N LEU L 61 31.91 -7.16 -39.19
CA LEU L 61 30.76 -7.33 -40.05
C LEU L 61 29.79 -8.31 -39.43
N ALA L 62 28.53 -7.90 -39.35
CA ALA L 62 27.49 -8.72 -38.75
C ALA L 62 26.65 -9.39 -39.82
N ILE L 63 26.65 -10.72 -39.89
CA ILE L 63 25.85 -11.40 -40.89
C ILE L 63 24.77 -12.25 -40.25
N THR L 64 23.62 -12.29 -40.88
CA THR L 64 22.50 -13.07 -40.43
C THR L 64 22.06 -14.20 -41.34
N ASP L 65 22.05 -14.00 -42.65
CA ASP L 65 21.63 -15.06 -43.57
C ASP L 65 22.35 -16.38 -43.36
N PRO L 66 21.58 -17.44 -43.12
CA PRO L 66 22.15 -18.75 -42.86
C PRO L 66 23.13 -19.21 -43.92
N ASP L 67 22.77 -19.10 -45.20
CA ASP L 67 23.64 -19.51 -46.31
C ASP L 67 25.05 -18.98 -46.10
N MET L 68 25.14 -17.68 -45.96
CA MET L 68 26.39 -17.04 -45.67
C MET L 68 27.07 -17.64 -44.45
N ILE L 69 26.34 -17.82 -43.35
CA ILE L 69 26.91 -18.34 -42.11
C ILE L 69 27.66 -19.63 -42.33
N LYS L 70 27.00 -20.62 -42.92
CA LYS L 70 27.66 -21.90 -43.20
C LYS L 70 28.94 -21.69 -43.94
N THR L 71 28.91 -20.90 -45.01
CA THR L 71 30.09 -20.54 -45.78
C THR L 71 31.28 -20.11 -44.92
N VAL L 72 31.05 -19.25 -43.93
CA VAL L 72 32.11 -18.86 -43.03
C VAL L 72 32.43 -19.86 -41.92
N LEU L 73 31.43 -20.61 -41.42
CA LEU L 73 31.68 -21.56 -40.35
C LEU L 73 32.46 -22.81 -40.74
N VAL L 74 32.04 -23.46 -41.81
CA VAL L 74 32.75 -24.64 -42.20
C VAL L 74 33.38 -24.54 -43.60
N LYS L 75 32.62 -24.11 -44.60
CA LYS L 75 33.10 -24.00 -45.97
C LYS L 75 34.47 -23.36 -46.17
N GLU L 76 34.60 -22.06 -45.99
CA GLU L 76 35.93 -21.51 -46.18
C GLU L 76 36.45 -21.17 -44.81
N CYS L 77 36.59 -22.18 -43.97
CA CYS L 77 37.03 -21.96 -42.62
C CYS L 77 38.55 -21.94 -42.46
N TYR L 78 39.18 -23.08 -42.71
CA TYR L 78 40.64 -23.21 -42.60
C TYR L 78 41.34 -22.15 -43.41
N SER L 79 40.97 -22.08 -44.67
CA SER L 79 41.51 -21.13 -45.60
C SER L 79 41.37 -19.71 -45.15
N VAL L 80 40.13 -19.25 -45.00
CA VAL L 80 39.93 -17.87 -44.64
C VAL L 80 39.58 -17.58 -43.19
N PHE L 81 38.41 -18.01 -42.74
CA PHE L 81 38.00 -17.69 -41.40
C PHE L 81 38.58 -18.69 -40.45
N THR L 82 39.80 -18.45 -40.00
CA THR L 82 40.42 -19.42 -39.13
C THR L 82 40.51 -19.04 -37.71
N ASN L 83 40.96 -17.84 -37.40
CA ASN L 83 41.09 -17.52 -36.00
C ASN L 83 40.13 -16.50 -35.42
N ARG L 84 40.32 -16.30 -34.15
CA ARG L 84 39.61 -15.30 -33.37
C ARG L 84 40.51 -14.10 -33.18
N ARG L 85 39.93 -12.96 -32.90
CA ARG L 85 40.71 -11.78 -32.66
C ARG L 85 41.68 -12.10 -31.56
N PRO L 86 42.84 -11.50 -31.58
CA PRO L 86 43.79 -11.69 -30.50
C PRO L 86 43.41 -10.72 -29.41
N PHE L 87 43.66 -11.00 -28.15
CA PHE L 87 43.21 -10.07 -27.14
C PHE L 87 44.24 -9.62 -26.17
N GLY L 88 45.32 -9.06 -26.68
CA GLY L 88 46.36 -8.52 -25.84
C GLY L 88 47.62 -9.32 -25.82
N PRO L 89 48.55 -8.91 -24.99
CA PRO L 89 49.83 -9.62 -24.84
C PRO L 89 49.71 -10.77 -23.86
N VAL L 90 49.91 -11.96 -24.38
CA VAL L 90 49.94 -13.14 -23.56
C VAL L 90 51.41 -13.58 -23.53
N GLY L 91 51.75 -14.53 -22.69
CA GLY L 91 53.12 -14.98 -22.68
C GLY L 91 53.01 -16.30 -23.42
N PHE L 92 53.11 -17.41 -22.71
CA PHE L 92 52.95 -18.70 -23.34
C PHE L 92 51.56 -19.05 -23.83
N MET L 93 50.48 -18.29 -23.54
CA MET L 93 49.17 -18.61 -24.13
C MET L 93 48.93 -18.41 -25.57
N LYS L 94 49.91 -17.98 -26.36
CA LYS L 94 49.78 -18.05 -27.77
C LYS L 94 49.54 -19.58 -28.10
N ASN L 95 50.23 -20.55 -27.47
CA ASN L 95 49.91 -21.97 -27.56
C ASN L 95 48.47 -22.44 -27.15
N ALA L 96 47.84 -21.99 -26.05
CA ALA L 96 46.51 -22.51 -25.75
C ALA L 96 45.68 -22.56 -27.03
N ILE L 97 45.00 -23.69 -27.25
CA ILE L 97 44.14 -23.88 -28.40
C ILE L 97 43.34 -22.64 -28.83
N SER L 98 42.48 -22.12 -27.96
CA SER L 98 41.53 -21.10 -28.40
C SER L 98 42.22 -19.78 -28.75
N ILE L 99 43.51 -19.64 -28.46
CA ILE L 99 44.23 -18.40 -28.77
C ILE L 99 45.08 -18.63 -30.01
N ALA L 100 45.51 -19.87 -30.22
CA ALA L 100 46.44 -20.17 -31.31
C ALA L 100 45.77 -19.89 -32.65
N GLU L 101 46.57 -19.48 -33.63
CA GLU L 101 46.03 -19.17 -34.94
C GLU L 101 46.68 -19.99 -36.04
N ASP L 102 46.10 -19.90 -37.22
CA ASP L 102 46.62 -20.55 -38.40
C ASP L 102 47.06 -22.04 -38.20
N GLU L 103 48.35 -22.43 -38.26
CA GLU L 103 48.69 -23.82 -38.14
C GLU L 103 48.80 -24.14 -36.69
N GLU L 104 49.26 -23.16 -35.92
CA GLU L 104 49.43 -23.41 -34.49
C GLU L 104 48.19 -24.09 -33.92
N TRP L 105 47.04 -23.49 -34.22
CA TRP L 105 45.75 -23.96 -33.76
C TRP L 105 45.49 -25.32 -34.33
N LYS L 106 45.53 -25.43 -35.66
CA LYS L 106 45.27 -26.68 -36.39
C LYS L 106 45.93 -27.93 -35.83
N ARG L 107 47.17 -27.85 -35.37
CA ARG L 107 47.79 -28.99 -34.75
C ARG L 107 47.12 -29.24 -33.42
N ILE L 108 47.03 -28.25 -32.55
CA ILE L 108 46.41 -28.48 -31.26
C ILE L 108 45.06 -29.17 -31.43
N ARG L 109 44.21 -28.73 -32.35
CA ARG L 109 42.96 -29.45 -32.56
C ARG L 109 43.21 -30.91 -32.93
N SER L 110 44.18 -31.22 -33.79
CA SER L 110 44.48 -32.62 -34.10
C SER L 110 44.98 -33.30 -32.83
N LEU L 111 46.00 -32.75 -32.18
CA LEU L 111 46.58 -33.34 -30.95
C LEU L 111 45.70 -33.28 -29.71
N LEU L 112 44.58 -32.56 -29.71
CA LEU L 112 43.63 -32.61 -28.61
C LEU L 112 42.42 -33.48 -28.99
N SER L 113 41.95 -33.46 -30.25
CA SER L 113 40.88 -34.32 -30.77
C SER L 113 40.57 -35.63 -30.06
N PRO L 114 41.56 -36.52 -29.94
CA PRO L 114 41.23 -37.77 -29.23
C PRO L 114 40.71 -37.56 -27.82
N THR L 115 41.28 -36.65 -27.03
CA THR L 115 40.78 -36.44 -25.67
C THR L 115 39.29 -36.08 -25.52
N PHE L 116 38.60 -35.52 -26.52
CA PHE L 116 37.19 -35.29 -26.45
C PHE L 116 36.45 -36.35 -27.27
N THR L 117 36.76 -37.62 -27.07
CA THR L 117 36.11 -38.65 -27.82
C THR L 117 34.90 -39.12 -27.06
N SER L 118 33.93 -39.66 -27.76
CA SER L 118 32.75 -40.13 -27.09
C SER L 118 33.36 -41.17 -26.20
N GLY L 119 34.50 -41.67 -26.63
CA GLY L 119 35.13 -42.68 -25.83
C GLY L 119 35.69 -42.26 -24.51
N LYS L 120 36.61 -41.32 -24.43
CA LYS L 120 37.09 -40.97 -23.11
C LYS L 120 36.11 -40.35 -22.11
N LEU L 121 35.17 -39.55 -22.58
CA LEU L 121 34.17 -38.92 -21.75
C LEU L 121 33.50 -39.96 -20.90
N LYS L 122 32.98 -41.01 -21.51
CA LYS L 122 32.33 -42.08 -20.77
C LYS L 122 33.34 -42.71 -19.85
N GLU L 123 34.58 -42.83 -20.29
CA GLU L 123 35.58 -43.43 -19.44
C GLU L 123 35.80 -42.63 -18.19
N MET L 124 35.87 -41.32 -18.22
CA MET L 124 36.09 -40.61 -16.95
C MET L 124 34.84 -40.19 -16.11
N VAL L 125 33.61 -40.51 -16.52
CA VAL L 125 32.43 -40.19 -15.72
C VAL L 125 32.47 -40.59 -14.24
N PRO L 126 32.83 -41.84 -13.89
CA PRO L 126 32.92 -42.25 -12.49
C PRO L 126 33.56 -41.32 -11.51
N ILE L 127 34.66 -40.67 -11.85
CA ILE L 127 35.18 -39.69 -10.94
C ILE L 127 34.32 -38.42 -11.06
N ILE L 128 33.75 -38.05 -12.20
CA ILE L 128 32.93 -36.87 -12.30
C ILE L 128 31.64 -36.93 -11.52
N ALA L 129 30.85 -37.98 -11.75
CA ALA L 129 29.57 -38.12 -11.08
C ALA L 129 29.69 -37.99 -9.59
N GLN L 130 30.79 -38.39 -9.02
CA GLN L 130 30.85 -38.11 -7.62
C GLN L 130 30.94 -36.63 -7.21
N TYR L 131 31.02 -35.65 -8.10
CA TYR L 131 30.99 -34.30 -7.69
C TYR L 131 29.52 -34.05 -7.58
N GLY L 132 28.73 -34.77 -8.36
CA GLY L 132 27.29 -34.67 -8.21
C GLY L 132 26.85 -34.89 -6.76
N ASP L 133 27.56 -35.75 -6.04
CA ASP L 133 27.36 -35.91 -4.60
C ASP L 133 27.48 -34.56 -3.91
N VAL L 134 28.69 -33.99 -3.97
CA VAL L 134 28.96 -32.75 -3.25
C VAL L 134 27.95 -31.69 -3.61
N LEU L 135 27.52 -31.65 -4.87
CA LEU L 135 26.54 -30.66 -5.29
C LEU L 135 25.27 -30.77 -4.47
N VAL L 136 24.75 -31.99 -4.31
CA VAL L 136 23.51 -32.17 -3.55
C VAL L 136 23.76 -31.94 -2.07
N ARG L 137 24.88 -32.44 -1.54
CA ARG L 137 25.23 -32.15 -0.16
C ARG L 137 25.23 -30.63 0.09
N ASN L 138 25.90 -29.88 -0.79
CA ASN L 138 25.90 -28.43 -0.66
C ASN L 138 24.48 -27.88 -0.75
N LEU L 139 23.76 -28.25 -1.81
CA LEU L 139 22.41 -27.75 -1.99
C LEU L 139 21.55 -28.07 -0.78
N ARG L 140 21.77 -29.25 -0.19
CA ARG L 140 20.93 -29.71 0.91
C ARG L 140 21.16 -28.88 2.17
N ARG L 141 22.40 -28.47 2.40
CA ARG L 141 22.69 -27.57 3.52
C ARG L 141 21.90 -26.28 3.39
N GLU L 142 22.05 -25.59 2.26
CA GLU L 142 21.42 -24.29 2.08
C GLU L 142 19.90 -24.36 2.08
N ALA L 143 19.32 -25.54 1.83
CA ALA L 143 17.87 -25.64 1.65
C ALA L 143 17.15 -25.97 2.95
N GLU L 144 17.68 -26.90 3.76
CA GLU L 144 17.00 -27.23 5.00
C GLU L 144 17.13 -26.13 6.05
N THR L 145 17.81 -25.03 5.72
CA THR L 145 17.66 -23.78 6.48
C THR L 145 16.45 -22.98 6.01
N GLY L 146 15.76 -23.43 4.96
CA GLY L 146 14.57 -22.76 4.48
C GLY L 146 14.85 -21.50 3.70
N LYS L 147 15.91 -20.79 4.05
CA LYS L 147 16.27 -19.58 3.34
C LYS L 147 16.64 -19.93 1.89
N PRO L 148 16.22 -19.12 0.92
CA PRO L 148 16.47 -19.47 -0.49
C PRO L 148 17.96 -19.64 -0.78
N VAL L 149 18.24 -20.11 -2.00
CA VAL L 149 19.60 -20.35 -2.47
C VAL L 149 19.86 -19.50 -3.69
N THR L 150 21.12 -19.11 -3.87
CA THR L 150 21.61 -18.56 -5.13
C THR L 150 22.07 -19.68 -6.03
N LEU L 151 21.38 -19.89 -7.15
CA LEU L 151 21.73 -21.03 -7.99
C LEU L 151 23.20 -20.98 -8.38
N LYS L 152 23.70 -19.78 -8.70
CA LYS L 152 25.10 -19.69 -9.11
C LYS L 152 25.99 -20.43 -8.12
N HIS L 153 25.79 -20.17 -6.84
CA HIS L 153 26.78 -20.54 -5.83
C HIS L 153 27.06 -22.04 -5.85
N VAL L 154 26.02 -22.87 -5.87
CA VAL L 154 26.23 -24.31 -5.91
C VAL L 154 26.66 -24.74 -7.31
N PHE L 155 25.96 -24.26 -8.33
CA PHE L 155 26.29 -24.67 -9.70
C PHE L 155 27.62 -24.11 -10.17
N GLY L 156 28.11 -23.05 -9.54
CA GLY L 156 29.44 -22.56 -9.83
C GLY L 156 30.49 -23.43 -9.17
N ALA L 157 30.35 -23.59 -7.85
CA ALA L 157 31.21 -24.53 -7.13
C ALA L 157 31.23 -25.89 -7.82
N TYR L 158 30.17 -26.22 -8.50
CA TYR L 158 30.14 -27.48 -9.15
C TYR L 158 31.00 -27.41 -10.35
N SER L 159 30.60 -26.59 -11.32
CA SER L 159 31.25 -26.45 -12.61
C SER L 159 32.67 -26.27 -12.42
N MET L 160 33.00 -25.50 -11.44
CA MET L 160 34.43 -25.41 -11.12
C MET L 160 34.93 -26.73 -10.56
N ASP L 161 34.21 -27.20 -9.57
CA ASP L 161 34.62 -28.38 -8.92
C ASP L 161 35.00 -29.35 -9.98
N VAL L 162 34.11 -29.70 -10.86
CA VAL L 162 34.47 -30.64 -11.85
C VAL L 162 35.59 -30.14 -12.66
N ILE L 163 35.42 -29.00 -13.29
CA ILE L 163 36.40 -28.51 -14.24
C ILE L 163 37.81 -28.38 -13.73
N THR L 164 38.00 -27.85 -12.56
CA THR L 164 39.33 -27.68 -12.08
C THR L 164 39.90 -29.01 -11.81
N SER L 165 39.11 -29.90 -11.22
CA SER L 165 39.56 -31.22 -10.91
C SER L 165 40.08 -32.01 -12.08
N THR L 166 39.33 -32.07 -13.17
CA THR L 166 39.78 -32.83 -14.31
C THR L 166 40.95 -32.16 -14.98
N SER L 167 40.92 -30.85 -15.00
CA SER L 167 41.98 -30.09 -15.67
C SER L 167 43.32 -30.29 -14.98
N ILE L 172 38.51 -31.72 -5.99
CA ILE L 172 38.41 -30.56 -5.11
C ILE L 172 36.97 -30.36 -4.62
N ASP L 173 36.84 -29.94 -3.38
CA ASP L 173 35.59 -29.41 -2.83
C ASP L 173 35.80 -27.91 -2.64
N SER L 174 35.19 -27.11 -3.49
CA SER L 174 35.38 -25.68 -3.43
C SER L 174 34.52 -24.93 -2.42
N LEU L 175 33.37 -25.48 -2.03
CA LEU L 175 32.52 -24.82 -1.05
C LEU L 175 32.99 -25.09 0.37
N ASN L 176 33.15 -26.35 0.73
CA ASN L 176 33.53 -26.74 2.08
C ASN L 176 35.03 -26.65 2.31
N ASN L 177 35.82 -26.50 1.25
CA ASN L 177 37.25 -26.33 1.44
C ASN L 177 37.89 -25.28 0.55
N PRO L 178 37.39 -24.04 0.60
CA PRO L 178 37.99 -23.06 -0.30
C PRO L 178 39.26 -22.46 0.25
N GLN L 179 40.03 -23.17 1.05
CA GLN L 179 41.26 -22.62 1.58
C GLN L 179 42.49 -23.08 0.79
N ASP L 180 42.49 -24.34 0.32
CA ASP L 180 43.51 -24.89 -0.55
C ASP L 180 43.89 -23.88 -1.59
N PRO L 181 45.13 -23.42 -1.54
CA PRO L 181 45.66 -22.50 -2.52
C PRO L 181 45.11 -22.77 -3.89
N PHE L 182 44.79 -24.00 -4.27
CA PHE L 182 44.20 -24.22 -5.56
C PHE L 182 42.96 -23.38 -5.71
N VAL L 183 42.03 -23.51 -4.79
CA VAL L 183 40.80 -22.74 -4.78
C VAL L 183 41.08 -21.25 -4.93
N GLU L 184 41.81 -20.67 -3.99
CA GLU L 184 42.15 -19.26 -4.02
C GLU L 184 42.79 -18.84 -5.33
N ASN L 185 43.76 -19.58 -5.82
CA ASN L 185 44.42 -19.23 -7.05
C ASN L 185 43.60 -19.39 -8.32
N THR L 186 42.73 -20.38 -8.41
CA THR L 186 41.97 -20.48 -9.64
C THR L 186 41.03 -19.32 -9.62
N LYS L 187 40.39 -19.05 -8.49
CA LYS L 187 39.50 -17.88 -8.49
C LYS L 187 40.22 -16.65 -9.02
N LYS L 188 41.37 -16.35 -8.42
CA LYS L 188 42.19 -15.24 -8.83
C LYS L 188 42.45 -15.27 -10.34
N LEU L 189 42.98 -16.39 -10.81
CA LEU L 189 43.29 -16.59 -12.21
C LEU L 189 42.10 -16.31 -13.05
N LEU L 190 41.02 -17.00 -12.79
CA LEU L 190 39.89 -16.84 -13.63
C LEU L 190 39.25 -15.50 -13.70
N ARG L 191 39.35 -14.64 -12.68
CA ARG L 191 38.71 -13.35 -12.87
C ARG L 191 39.32 -12.55 -14.04
N PHE L 192 39.89 -13.24 -15.04
CA PHE L 192 40.53 -12.56 -16.17
C PHE L 192 39.44 -12.38 -17.21
N ASN L 193 38.74 -11.28 -17.05
CA ASN L 193 37.65 -11.01 -17.89
C ASN L 193 38.12 -10.37 -19.14
N PRO L 194 37.35 -10.49 -20.21
CA PRO L 194 37.74 -9.69 -21.37
C PRO L 194 37.43 -8.18 -21.27
N LEU L 195 36.84 -7.64 -20.21
CA LEU L 195 36.65 -6.24 -20.08
C LEU L 195 37.47 -5.68 -18.91
N ASP L 196 38.37 -6.43 -18.27
CA ASP L 196 39.13 -5.74 -17.21
C ASP L 196 40.04 -4.71 -17.90
N PRO L 197 40.10 -3.49 -17.39
CA PRO L 197 40.52 -2.35 -18.23
C PRO L 197 41.76 -2.56 -19.10
N PHE L 198 42.65 -3.47 -18.72
CA PHE L 198 43.81 -3.73 -19.55
C PHE L 198 43.41 -4.19 -20.94
N VAL L 199 42.69 -5.32 -21.01
CA VAL L 199 42.28 -5.86 -22.31
C VAL L 199 41.59 -4.78 -23.14
N LEU L 200 40.70 -4.02 -22.50
CA LEU L 200 40.02 -2.94 -23.21
C LEU L 200 41.03 -1.97 -23.82
N SER L 201 42.09 -1.64 -23.08
CA SER L 201 43.08 -0.70 -23.59
C SER L 201 43.82 -1.28 -24.79
N ILE L 202 44.01 -2.57 -24.84
CA ILE L 202 44.68 -3.10 -25.98
C ILE L 202 43.77 -3.07 -27.14
N LYS L 203 42.55 -3.49 -26.97
CA LYS L 203 41.62 -3.42 -28.08
C LYS L 203 41.59 -2.05 -28.73
N VAL L 204 41.99 -1.02 -28.01
CA VAL L 204 41.85 0.34 -28.53
C VAL L 204 43.09 0.78 -29.31
N PHE L 205 44.29 0.47 -28.81
CA PHE L 205 45.53 0.65 -29.56
C PHE L 205 46.27 -0.68 -29.58
N PRO L 206 45.97 -1.55 -30.55
CA PRO L 206 46.66 -2.85 -30.58
C PRO L 206 48.16 -2.76 -30.75
N PHE L 207 48.69 -1.63 -31.23
CA PHE L 207 50.10 -1.60 -31.59
C PHE L 207 51.03 -1.65 -30.38
N LEU L 208 50.49 -1.59 -29.17
CA LEU L 208 51.33 -1.64 -27.97
C LEU L 208 51.68 -3.07 -27.58
N THR L 209 50.93 -4.05 -28.05
CA THR L 209 51.13 -5.43 -27.60
C THR L 209 52.55 -5.91 -27.81
N PRO L 210 53.16 -5.78 -28.99
CA PRO L 210 54.49 -6.38 -29.20
C PRO L 210 55.54 -5.85 -28.23
N ILE L 211 55.37 -4.63 -27.73
CA ILE L 211 56.36 -4.03 -26.86
C ILE L 211 56.25 -4.60 -25.46
N LEU L 212 55.03 -4.99 -25.06
CA LEU L 212 54.85 -5.64 -23.77
C LEU L 212 55.38 -7.07 -23.80
N GLU L 213 55.12 -7.79 -24.89
CA GLU L 213 55.68 -9.13 -25.05
C GLU L 213 57.16 -9.12 -25.36
N ALA L 214 57.77 -7.93 -25.31
CA ALA L 214 59.22 -7.79 -25.28
C ALA L 214 59.74 -7.47 -23.88
N LEU L 215 58.92 -6.82 -23.07
CA LEU L 215 59.22 -6.60 -21.65
C LEU L 215 58.65 -7.71 -20.78
N ASN L 216 58.04 -8.73 -21.38
CA ASN L 216 57.48 -9.87 -20.67
C ASN L 216 56.41 -9.41 -19.67
N ILE L 217 55.31 -8.95 -20.26
CA ILE L 217 54.15 -8.45 -19.51
C ILE L 217 52.96 -9.23 -20.05
N THR L 218 52.72 -10.41 -19.47
CA THR L 218 51.60 -11.25 -19.86
C THR L 218 50.30 -10.65 -19.29
N VAL L 219 49.21 -10.81 -20.05
CA VAL L 219 47.95 -10.25 -19.58
C VAL L 219 47.37 -11.11 -18.46
N PHE L 220 47.80 -12.35 -18.41
CA PHE L 220 47.40 -13.24 -17.34
C PHE L 220 48.36 -12.95 -16.21
N PRO L 221 47.88 -12.97 -14.96
CA PRO L 221 48.69 -12.66 -13.78
C PRO L 221 49.85 -13.61 -13.52
N ARG L 222 51.07 -13.19 -13.79
CA ARG L 222 52.26 -14.02 -13.60
C ARG L 222 52.32 -14.80 -12.29
N GLU L 223 52.19 -14.11 -11.16
CA GLU L 223 52.26 -14.71 -9.85
C GLU L 223 51.39 -15.94 -9.69
N VAL L 224 50.14 -15.84 -10.12
CA VAL L 224 49.26 -16.99 -10.09
C VAL L 224 49.56 -18.04 -11.18
N ILE L 225 50.13 -17.68 -12.33
CA ILE L 225 50.47 -18.70 -13.28
C ILE L 225 51.55 -19.49 -12.61
N SER L 226 52.61 -18.80 -12.21
CA SER L 226 53.74 -19.47 -11.59
C SER L 226 53.33 -20.51 -10.56
N PHE L 227 52.52 -20.09 -9.61
CA PHE L 227 52.08 -21.00 -8.58
C PHE L 227 51.43 -22.21 -9.21
N LEU L 228 50.27 -21.99 -9.81
CA LEU L 228 49.53 -23.09 -10.41
C LEU L 228 50.41 -23.93 -11.36
N THR L 229 51.23 -23.28 -12.19
CA THR L 229 52.14 -24.00 -13.07
C THR L 229 52.98 -24.94 -12.24
N LYS L 230 53.65 -24.42 -11.22
CA LYS L 230 54.46 -25.29 -10.38
C LYS L 230 53.67 -26.47 -9.81
N SER L 231 52.43 -26.26 -9.38
CA SER L 231 51.59 -27.36 -8.90
C SER L 231 51.37 -28.41 -10.01
N VAL L 232 51.22 -28.01 -11.29
CA VAL L 232 51.13 -29.00 -12.35
C VAL L 232 52.39 -29.87 -12.35
N LYS L 233 53.56 -29.27 -12.23
CA LYS L 233 54.78 -30.01 -12.16
C LYS L 233 54.83 -30.93 -10.94
N GLN L 234 54.39 -30.45 -9.79
CA GLN L 234 54.45 -31.26 -8.56
C GLN L 234 53.59 -32.50 -8.62
N ILE L 235 52.37 -32.38 -9.12
CA ILE L 235 51.48 -33.51 -9.23
C ILE L 235 51.94 -34.60 -10.21
N LYS L 236 52.44 -34.23 -11.38
CA LYS L 236 52.86 -35.23 -12.34
C LYS L 236 54.17 -35.83 -11.91
N HIS L 266 52.10 -35.32 -36.26
CA HIS L 266 52.00 -34.24 -35.28
C HIS L 266 52.75 -34.59 -33.99
N LYS L 267 53.73 -33.76 -33.60
CA LYS L 267 54.52 -33.99 -32.41
C LYS L 267 53.62 -33.75 -31.23
N ALA L 268 53.82 -34.47 -30.13
CA ALA L 268 52.95 -34.34 -28.97
C ALA L 268 53.02 -32.98 -28.30
N LEU L 269 52.10 -32.85 -27.36
CA LEU L 269 51.99 -31.69 -26.54
C LEU L 269 53.23 -31.63 -25.69
N SER L 270 53.94 -30.53 -25.71
CA SER L 270 55.11 -30.37 -24.89
C SER L 270 54.69 -29.84 -23.53
N ASP L 271 55.65 -29.77 -22.61
CA ASP L 271 55.42 -29.32 -21.24
C ASP L 271 54.57 -28.05 -21.14
N LEU L 272 54.90 -27.03 -21.93
CA LEU L 272 54.14 -25.77 -21.88
C LEU L 272 52.74 -25.82 -22.48
N GLU L 273 52.57 -26.59 -23.55
CA GLU L 273 51.27 -26.70 -24.18
C GLU L 273 50.25 -27.13 -23.16
N LEU L 274 50.53 -28.25 -22.50
CA LEU L 274 49.58 -28.86 -21.58
C LEU L 274 48.81 -27.94 -20.66
N MET L 275 49.49 -27.25 -19.77
CA MET L 275 48.88 -26.31 -18.85
C MET L 275 47.88 -25.53 -19.70
N ALA L 276 48.35 -24.77 -20.69
CA ALA L 276 47.52 -23.88 -21.50
C ALA L 276 46.14 -24.47 -21.81
N GLN L 277 46.13 -25.71 -22.30
CA GLN L 277 44.86 -26.39 -22.60
C GLN L 277 44.02 -26.44 -21.33
N SER L 278 44.57 -27.02 -20.27
CA SER L 278 43.87 -27.11 -18.99
C SER L 278 43.42 -25.73 -18.51
N ILE L 279 44.36 -24.80 -18.43
CA ILE L 279 44.09 -23.42 -18.01
C ILE L 279 42.95 -22.87 -18.85
N ILE L 280 42.94 -23.18 -20.14
CA ILE L 280 41.88 -22.72 -20.98
C ILE L 280 40.61 -23.52 -20.78
N PHE L 281 40.70 -24.81 -20.54
CA PHE L 281 39.44 -25.52 -20.36
C PHE L 281 38.75 -24.86 -19.22
N ILE L 282 39.48 -24.72 -18.16
CA ILE L 282 38.98 -23.96 -17.02
C ILE L 282 38.28 -22.70 -17.54
N PHE L 283 39.01 -21.90 -18.33
CA PHE L 283 38.43 -20.69 -18.91
C PHE L 283 37.19 -21.01 -19.73
N ALA L 284 37.23 -22.09 -20.50
CA ALA L 284 36.19 -22.35 -21.49
C ALA L 284 34.93 -22.92 -20.86
N GLY L 285 35.07 -23.84 -19.91
CA GLY L 285 33.93 -24.58 -19.43
C GLY L 285 33.21 -23.99 -18.23
N TYR L 286 33.98 -23.47 -17.27
CA TYR L 286 33.47 -23.15 -15.94
C TYR L 286 32.25 -22.25 -15.96
N GLU L 287 32.41 -21.00 -16.40
CA GLU L 287 31.39 -19.98 -16.25
C GLU L 287 30.38 -19.98 -17.38
N THR L 288 30.52 -20.89 -18.36
CA THR L 288 29.41 -21.20 -19.25
C THR L 288 28.43 -22.15 -18.58
N THR L 289 28.90 -23.36 -18.27
CA THR L 289 28.01 -24.40 -17.74
C THR L 289 27.33 -23.95 -16.46
N SER L 290 28.07 -23.29 -15.57
CA SER L 290 27.48 -22.74 -14.36
C SER L 290 26.29 -21.83 -14.68
N SER L 291 26.45 -20.98 -15.67
CA SER L 291 25.46 -20.01 -16.07
C SER L 291 24.38 -20.58 -17.03
N VAL L 292 24.59 -21.74 -17.59
CA VAL L 292 23.46 -22.28 -18.29
C VAL L 292 22.57 -23.04 -17.32
N LEU L 293 23.13 -23.89 -16.47
CA LEU L 293 22.37 -24.61 -15.46
C LEU L 293 21.51 -23.68 -14.69
N SER L 294 22.10 -22.64 -14.16
CA SER L 294 21.29 -21.67 -13.41
C SER L 294 20.12 -21.16 -14.25
N PHE L 295 20.35 -20.95 -15.55
CA PHE L 295 19.27 -20.47 -16.41
C PHE L 295 18.19 -21.54 -16.57
N ILE L 296 18.59 -22.80 -16.70
CA ILE L 296 17.62 -23.88 -16.90
C ILE L 296 16.78 -24.06 -15.64
N ILE L 297 17.44 -24.20 -14.48
CA ILE L 297 16.70 -24.27 -13.23
C ILE L 297 15.73 -23.10 -13.13
N TYR L 298 16.23 -21.92 -13.39
CA TYR L 298 15.38 -20.77 -13.37
C TYR L 298 14.16 -20.98 -14.19
N GLU L 299 14.32 -21.42 -15.42
CA GLU L 299 13.23 -21.62 -16.30
C GLU L 299 12.30 -22.65 -15.77
N LEU L 300 12.84 -23.67 -15.15
CA LEU L 300 11.96 -24.71 -14.61
C LEU L 300 11.08 -24.17 -13.49
N ALA L 301 11.64 -23.35 -12.60
CA ALA L 301 10.87 -22.86 -11.47
C ALA L 301 9.73 -21.96 -11.91
N THR L 302 9.95 -21.16 -12.96
CA THR L 302 8.89 -20.32 -13.52
C THR L 302 7.93 -21.10 -14.40
N HIS L 303 8.15 -22.41 -14.57
CA HIS L 303 7.51 -23.22 -15.60
C HIS L 303 7.31 -24.61 -15.01
N PRO L 304 6.47 -24.74 -13.98
CA PRO L 304 6.58 -25.91 -13.09
C PRO L 304 6.11 -27.21 -13.72
N ASP L 305 5.18 -27.16 -14.67
CA ASP L 305 4.75 -28.39 -15.32
C ASP L 305 5.83 -28.93 -16.23
N VAL L 306 6.65 -28.06 -16.82
CA VAL L 306 7.91 -28.53 -17.38
C VAL L 306 8.73 -29.20 -16.30
N GLN L 307 8.87 -28.55 -15.14
CA GLN L 307 9.66 -29.13 -14.06
C GLN L 307 9.13 -30.51 -13.68
N GLN L 308 7.82 -30.64 -13.48
CA GLN L 308 7.23 -31.95 -13.21
C GLN L 308 7.59 -32.93 -14.32
N LYS L 309 7.44 -32.50 -15.57
CA LYS L 309 7.63 -33.41 -16.70
C LYS L 309 9.03 -33.97 -16.72
N VAL L 310 10.01 -33.23 -16.23
CA VAL L 310 11.38 -33.69 -16.39
C VAL L 310 11.70 -34.66 -15.28
N GLN L 311 11.25 -34.34 -14.06
CA GLN L 311 11.35 -35.24 -12.93
C GLN L 311 10.63 -36.55 -13.20
N LYS L 312 9.65 -36.53 -14.10
CA LYS L 312 8.93 -37.76 -14.42
C LYS L 312 9.82 -38.71 -15.21
N GLU L 313 10.46 -38.19 -16.23
CA GLU L 313 11.37 -38.96 -17.04
C GLU L 313 12.50 -39.50 -16.20
N ILE L 314 13.16 -38.62 -15.43
CA ILE L 314 14.27 -39.00 -14.58
C ILE L 314 13.94 -40.21 -13.73
N ASP L 315 12.84 -40.12 -12.99
CA ASP L 315 12.40 -41.22 -12.16
C ASP L 315 12.21 -42.47 -13.01
N THR L 316 11.49 -42.33 -14.13
CA THR L 316 11.29 -43.44 -15.04
C THR L 316 12.60 -44.10 -15.40
N VAL L 317 13.50 -43.34 -15.97
CA VAL L 317 14.75 -43.91 -16.41
C VAL L 317 15.64 -44.34 -15.26
N LEU L 318 15.67 -43.57 -14.18
CA LEU L 318 16.53 -43.97 -13.07
C LEU L 318 15.67 -44.06 -11.82
N PRO L 319 14.67 -44.98 -11.79
CA PRO L 319 13.76 -44.96 -10.66
C PRO L 319 14.32 -45.08 -9.29
N ASN L 320 13.69 -44.37 -8.36
CA ASN L 320 14.16 -44.47 -7.01
C ASN L 320 15.63 -44.14 -6.96
N LYS L 321 15.91 -42.89 -7.26
CA LYS L 321 17.22 -42.29 -7.21
C LYS L 321 18.37 -43.09 -7.76
N ALA L 322 18.22 -43.78 -8.87
CA ALA L 322 19.35 -44.56 -9.33
C ALA L 322 20.41 -43.63 -9.80
N PRO L 323 21.66 -43.88 -9.43
CA PRO L 323 22.71 -42.97 -9.83
C PRO L 323 22.81 -42.72 -11.33
N PRO L 324 23.07 -41.48 -11.79
CA PRO L 324 23.14 -41.38 -13.22
C PRO L 324 24.49 -41.73 -13.69
N THR L 325 24.54 -42.14 -14.96
CA THR L 325 25.78 -42.52 -15.63
C THR L 325 25.56 -42.39 -17.14
N TYR L 326 26.65 -42.15 -17.88
CA TYR L 326 26.68 -41.94 -19.35
C TYR L 326 25.56 -42.56 -20.17
N ASP L 327 25.52 -43.88 -20.27
CA ASP L 327 24.46 -44.52 -21.02
C ASP L 327 23.08 -44.15 -20.46
N THR L 328 22.92 -44.15 -19.14
CA THR L 328 21.65 -43.77 -18.57
C THR L 328 21.34 -42.32 -18.93
N VAL L 329 22.29 -41.41 -18.66
CA VAL L 329 22.09 -40.01 -18.96
C VAL L 329 21.63 -39.73 -20.38
N LEU L 330 22.33 -40.29 -21.37
CA LEU L 330 21.92 -40.08 -22.74
C LEU L 330 20.47 -40.26 -23.16
N GLN L 331 19.66 -40.89 -22.32
CA GLN L 331 18.30 -41.16 -22.72
C GLN L 331 17.23 -40.22 -22.21
N LEU L 332 17.51 -38.93 -22.03
CA LEU L 332 16.41 -38.11 -21.58
C LEU L 332 15.97 -37.09 -22.60
N GLU L 333 15.11 -37.52 -23.51
CA GLU L 333 14.64 -36.66 -24.56
C GLU L 333 14.18 -35.34 -24.00
N TYR L 334 13.22 -35.34 -23.08
CA TYR L 334 12.72 -34.08 -22.56
C TYR L 334 13.80 -33.20 -21.95
N LEU L 335 14.65 -33.79 -21.11
CA LEU L 335 15.75 -33.08 -20.48
C LEU L 335 16.54 -32.41 -21.56
N ASP L 336 16.99 -33.18 -22.54
CA ASP L 336 17.70 -32.60 -23.65
C ASP L 336 16.84 -31.56 -24.37
N MET L 337 15.55 -31.80 -24.58
CA MET L 337 14.72 -30.78 -25.21
C MET L 337 14.75 -29.55 -24.36
N VAL L 338 14.50 -29.70 -23.07
CA VAL L 338 14.52 -28.56 -22.19
C VAL L 338 15.86 -27.85 -22.19
N VAL L 339 16.98 -28.56 -22.21
CA VAL L 339 18.23 -27.87 -22.30
C VAL L 339 18.31 -27.07 -23.57
N ASN L 340 18.03 -27.66 -24.71
CA ASN L 340 18.12 -26.96 -25.97
C ASN L 340 17.33 -25.68 -26.01
N GLU L 341 16.12 -25.66 -25.51
CA GLU L 341 15.39 -24.42 -25.50
C GLU L 341 15.96 -23.41 -24.55
N THR L 342 16.69 -23.73 -23.49
CA THR L 342 17.22 -22.66 -22.66
C THR L 342 18.39 -22.06 -23.38
N LEU L 343 19.36 -22.89 -23.73
CA LEU L 343 20.47 -22.39 -24.52
C LEU L 343 19.99 -21.56 -25.70
N ARG L 344 18.71 -21.68 -26.09
CA ARG L 344 18.18 -20.84 -27.15
C ARG L 344 17.90 -19.43 -26.65
N LEU L 345 17.07 -19.32 -25.61
CA LEU L 345 16.91 -18.04 -24.93
C LEU L 345 18.24 -17.41 -24.54
N PHE L 346 19.10 -18.19 -23.90
CA PHE L 346 20.31 -17.67 -23.29
C PHE L 346 21.56 -18.27 -23.93
N PRO L 347 21.87 -17.89 -25.18
CA PRO L 347 23.19 -18.23 -25.75
C PRO L 347 24.27 -17.42 -25.07
N VAL L 348 25.03 -18.05 -24.17
CA VAL L 348 25.94 -17.31 -23.29
C VAL L 348 27.25 -16.93 -23.97
N ALA L 349 27.40 -17.22 -25.25
CA ALA L 349 28.46 -16.60 -26.05
C ALA L 349 27.96 -15.40 -26.82
N MET L 350 26.68 -15.40 -27.20
CA MET L 350 26.00 -14.25 -27.80
C MET L 350 26.44 -13.97 -29.23
N ARG L 351 27.72 -14.18 -29.53
CA ARG L 351 28.26 -13.91 -30.86
C ARG L 351 29.22 -15.01 -31.24
N LEU L 352 29.33 -15.25 -32.55
CA LEU L 352 30.36 -16.11 -33.11
C LEU L 352 31.31 -15.21 -33.90
N GLU L 353 32.60 -15.29 -33.60
CA GLU L 353 33.60 -14.40 -34.19
C GLU L 353 34.50 -15.17 -35.14
N ARG L 354 34.72 -14.59 -36.32
CA ARG L 354 35.65 -15.16 -37.29
C ARG L 354 36.43 -14.03 -37.94
N VAL L 355 37.74 -13.98 -37.67
CA VAL L 355 38.62 -13.08 -38.41
C VAL L 355 38.68 -13.51 -39.87
N CYS L 356 39.00 -12.56 -40.74
CA CYS L 356 39.10 -12.82 -42.16
C CYS L 356 40.53 -12.53 -42.62
N LYS L 357 41.26 -13.58 -43.08
CA LYS L 357 42.69 -13.38 -43.41
C LYS L 357 42.94 -12.87 -44.82
N LYS L 358 41.95 -12.86 -45.70
CA LYS L 358 42.20 -12.41 -47.04
C LYS L 358 40.92 -11.99 -47.69
N ASP L 359 41.01 -11.13 -48.69
CA ASP L 359 39.82 -10.63 -49.38
C ASP L 359 38.97 -11.78 -49.85
N VAL L 360 37.66 -11.73 -49.65
CA VAL L 360 36.79 -12.80 -50.13
C VAL L 360 35.55 -12.20 -50.71
N GLU L 361 34.88 -12.94 -51.56
CA GLU L 361 33.63 -12.51 -52.14
C GLU L 361 32.66 -13.66 -51.96
N ILE L 362 31.74 -13.56 -51.00
CA ILE L 362 30.80 -14.64 -50.77
C ILE L 362 29.36 -14.20 -50.94
N ASN L 363 28.49 -15.12 -51.35
CA ASN L 363 27.04 -14.91 -51.53
C ASN L 363 26.58 -13.52 -51.89
N GLY L 364 27.16 -12.97 -52.95
CA GLY L 364 26.86 -11.61 -53.37
C GLY L 364 27.44 -10.51 -52.48
N MET L 365 28.59 -10.73 -51.82
CA MET L 365 29.12 -9.70 -50.93
C MET L 365 30.63 -9.79 -50.81
N PHE L 366 31.29 -8.67 -50.60
CA PHE L 366 32.73 -8.64 -50.52
C PHE L 366 33.24 -8.30 -49.13
N ILE L 367 34.24 -9.02 -48.67
CA ILE L 367 34.80 -8.80 -47.35
C ILE L 367 36.30 -8.64 -47.41
N PRO L 368 36.79 -7.46 -47.06
CA PRO L 368 38.22 -7.18 -47.09
C PRO L 368 38.96 -7.92 -45.98
N LYS L 369 40.24 -8.17 -46.24
CA LYS L 369 41.12 -8.75 -45.25
C LYS L 369 40.98 -8.01 -43.92
N GLY L 370 41.23 -8.74 -42.84
CA GLY L 370 41.28 -8.16 -41.51
C GLY L 370 39.94 -7.93 -40.85
N VAL L 371 38.83 -8.07 -41.57
CA VAL L 371 37.53 -7.79 -40.99
C VAL L 371 37.07 -9.00 -40.20
N VAL L 372 36.88 -8.82 -38.88
CA VAL L 372 36.09 -9.75 -38.10
C VAL L 372 34.68 -9.95 -38.67
N VAL L 373 34.36 -11.21 -38.92
CA VAL L 373 33.02 -11.64 -39.30
C VAL L 373 32.33 -12.16 -38.04
N MET L 374 31.14 -11.63 -37.76
CA MET L 374 30.50 -11.78 -36.46
C MET L 374 29.08 -12.25 -36.69
N ILE L 375 28.80 -13.48 -36.28
CA ILE L 375 27.44 -14.01 -36.31
C ILE L 375 26.79 -13.75 -34.96
N PRO L 376 25.69 -13.00 -34.89
CA PRO L 376 25.07 -12.75 -33.58
C PRO L 376 24.09 -13.83 -33.16
N SER L 377 24.59 -14.85 -32.46
CA SER L 377 23.74 -15.94 -32.00
C SER L 377 22.49 -15.41 -31.30
N TYR L 378 22.66 -14.54 -30.30
CA TYR L 378 21.52 -14.09 -29.52
C TYR L 378 20.43 -13.51 -30.39
N VAL L 379 20.79 -12.85 -31.49
CA VAL L 379 19.79 -12.28 -32.38
C VAL L 379 19.07 -13.39 -33.14
N LEU L 380 19.84 -14.30 -33.74
CA LEU L 380 19.25 -15.43 -34.44
C LEU L 380 18.28 -16.19 -33.54
N HIS L 381 18.65 -16.38 -32.28
CA HIS L 381 17.83 -17.16 -31.36
C HIS L 381 16.55 -16.44 -30.94
N HIS L 382 16.51 -15.12 -31.08
CA HIS L 382 15.34 -14.33 -30.69
C HIS L 382 14.67 -13.67 -31.89
N ASP L 383 14.79 -14.28 -33.07
CA ASP L 383 14.26 -13.69 -34.29
C ASP L 383 12.84 -14.20 -34.53
N PRO L 384 11.83 -13.33 -34.56
CA PRO L 384 10.49 -13.79 -35.01
C PRO L 384 10.53 -14.41 -36.39
N LYS L 385 11.34 -13.86 -37.29
CA LYS L 385 11.51 -14.43 -38.63
C LYS L 385 11.65 -15.95 -38.58
N TYR L 386 12.53 -16.45 -37.71
CA TYR L 386 12.83 -17.88 -37.67
C TYR L 386 12.08 -18.61 -36.57
N TRP L 387 11.63 -17.91 -35.53
CA TRP L 387 10.92 -18.50 -34.41
C TRP L 387 9.62 -17.71 -34.23
N THR L 388 8.61 -18.32 -33.63
CA THR L 388 7.39 -17.62 -33.28
C THR L 388 7.27 -17.54 -31.77
N GLU L 389 6.75 -16.43 -31.20
CA GLU L 389 6.66 -16.30 -29.76
C GLU L 389 8.05 -16.62 -29.17
N PRO L 390 9.12 -16.03 -29.72
CA PRO L 390 10.48 -16.48 -29.39
C PRO L 390 10.89 -16.15 -27.97
N GLU L 391 10.07 -15.37 -27.26
CA GLU L 391 10.35 -14.95 -25.90
C GLU L 391 9.73 -15.90 -24.88
N LYS L 392 9.29 -17.07 -25.32
CA LYS L 392 8.69 -18.06 -24.44
C LYS L 392 9.59 -19.29 -24.36
N PHE L 393 9.46 -20.00 -23.24
CA PHE L 393 10.26 -21.19 -22.99
C PHE L 393 9.45 -22.43 -23.32
N LEU L 394 9.39 -22.76 -24.61
CA LEU L 394 8.67 -23.94 -25.06
C LEU L 394 9.68 -24.97 -25.54
N PRO L 395 10.11 -25.87 -24.64
CA PRO L 395 11.11 -26.88 -25.03
C PRO L 395 10.49 -28.02 -25.82
N GLU L 396 9.41 -27.76 -26.55
CA GLU L 396 8.78 -28.77 -27.33
C GLU L 396 9.26 -28.52 -28.72
N ARG L 397 9.85 -27.35 -28.87
CA ARG L 397 10.39 -26.97 -30.17
C ARG L 397 11.43 -27.97 -30.64
N PHE L 398 12.24 -28.49 -29.72
CA PHE L 398 13.33 -29.39 -30.07
C PHE L 398 12.93 -30.85 -30.01
N SER L 399 11.67 -31.14 -30.33
CA SER L 399 11.18 -32.50 -30.37
C SER L 399 11.70 -33.21 -31.60
N ALA L 400 11.60 -34.54 -31.59
CA ALA L 400 11.81 -35.32 -32.81
C ALA L 400 10.80 -34.98 -33.89
N ALA L 401 9.82 -34.12 -33.59
CA ALA L 401 8.80 -33.70 -34.54
C ALA L 401 9.06 -32.32 -35.12
N ASN L 402 10.05 -31.58 -34.61
CA ASN L 402 10.35 -30.25 -35.11
C ASN L 402 11.85 -29.99 -35.29
N ALA L 403 12.71 -30.94 -34.94
CA ALA L 403 14.16 -30.77 -35.14
C ALA L 403 14.51 -30.76 -36.63
N ASP L 404 13.52 -30.96 -37.50
CA ASP L 404 13.75 -30.73 -38.92
C ASP L 404 13.83 -29.24 -39.22
N ASN L 405 12.99 -28.44 -38.57
CA ASN L 405 12.84 -27.03 -38.88
C ASN L 405 13.84 -26.13 -38.16
N ILE L 406 14.76 -26.69 -37.39
CA ILE L 406 15.78 -25.91 -36.70
C ILE L 406 17.03 -25.88 -37.58
N ASP L 407 17.36 -24.70 -38.09
CA ASP L 407 18.56 -24.51 -38.88
C ASP L 407 19.78 -24.60 -37.98
N PRO L 408 20.73 -25.52 -38.23
CA PRO L 408 21.93 -25.57 -37.37
C PRO L 408 22.79 -24.31 -37.45
N TYR L 409 22.40 -23.35 -38.29
CA TYR L 409 23.14 -22.11 -38.49
C TYR L 409 22.40 -20.90 -37.94
N ILE L 410 21.16 -21.07 -37.50
CA ILE L 410 20.49 -20.06 -36.69
C ILE L 410 20.54 -20.43 -35.22
N TYR L 411 20.16 -21.67 -34.90
CA TYR L 411 20.41 -22.20 -33.57
C TYR L 411 21.88 -22.56 -33.50
N THR L 412 22.67 -21.68 -32.87
CA THR L 412 24.12 -21.80 -32.90
C THR L 412 24.70 -21.58 -31.51
N PRO L 413 24.10 -22.17 -30.47
CA PRO L 413 24.60 -21.90 -29.12
C PRO L 413 25.98 -22.47 -28.86
N PHE L 414 26.41 -23.42 -29.69
CA PHE L 414 27.75 -24.01 -29.58
C PHE L 414 28.62 -23.70 -30.78
N GLY L 415 28.21 -22.77 -31.63
CA GLY L 415 28.96 -22.53 -32.82
C GLY L 415 28.76 -23.67 -33.82
N SER L 416 29.69 -23.79 -34.75
CA SER L 416 29.60 -24.82 -35.76
C SER L 416 30.89 -24.90 -36.52
N GLY L 417 31.16 -26.03 -37.14
CA GLY L 417 32.39 -26.18 -37.89
C GLY L 417 33.65 -26.50 -37.11
N PRO L 418 34.71 -26.96 -37.80
CA PRO L 418 36.01 -27.36 -37.24
C PRO L 418 36.52 -26.70 -35.92
N ARG L 419 36.36 -25.39 -35.73
CA ARG L 419 36.87 -24.72 -34.53
C ARG L 419 35.72 -24.25 -33.66
N ASN L 420 34.73 -25.10 -33.40
CA ASN L 420 33.58 -24.69 -32.62
C ASN L 420 33.67 -25.17 -31.23
N CYS L 421 32.55 -25.31 -30.53
CA CYS L 421 32.77 -25.79 -29.18
C CYS L 421 33.28 -27.22 -29.19
N ILE L 422 34.54 -27.40 -28.86
CA ILE L 422 35.04 -28.73 -28.85
C ILE L 422 34.33 -29.52 -27.79
N GLY L 423 34.13 -28.93 -26.62
CA GLY L 423 33.59 -29.62 -25.47
C GLY L 423 32.09 -29.57 -25.46
N MET L 424 31.49 -29.65 -26.64
CA MET L 424 30.06 -29.55 -26.74
C MET L 424 29.35 -30.57 -25.87
N ARG L 425 29.40 -31.84 -26.20
CA ARG L 425 28.68 -32.80 -25.38
C ARG L 425 29.19 -32.85 -23.96
N PHE L 426 30.50 -32.89 -23.78
CA PHE L 426 31.01 -32.94 -22.45
C PHE L 426 30.27 -31.97 -21.61
N ALA L 427 30.03 -30.80 -22.12
CA ALA L 427 29.29 -29.83 -21.36
C ALA L 427 27.91 -30.39 -21.08
N LEU L 428 27.22 -30.81 -22.13
CA LEU L 428 25.88 -31.36 -21.97
C LEU L 428 25.83 -32.56 -21.03
N VAL L 429 26.84 -33.40 -21.06
CA VAL L 429 26.82 -34.55 -20.22
C VAL L 429 26.90 -34.04 -18.82
N ASN L 430 27.86 -33.19 -18.50
CA ASN L 430 27.88 -32.65 -17.18
C ASN L 430 26.67 -31.82 -16.75
N MET L 431 25.93 -31.20 -17.66
CA MET L 431 24.73 -30.51 -17.27
C MET L 431 23.55 -31.44 -16.98
N LYS L 432 23.45 -32.52 -17.74
CA LYS L 432 22.41 -33.51 -17.55
C LYS L 432 22.74 -34.15 -16.24
N LEU L 433 23.95 -34.70 -16.15
CA LEU L 433 24.43 -35.31 -14.94
C LEU L 433 24.08 -34.56 -13.66
N ALA L 434 24.29 -33.26 -13.60
CA ALA L 434 23.98 -32.53 -12.40
C ALA L 434 22.53 -32.14 -12.34
N LEU L 435 21.92 -31.81 -13.46
CA LEU L 435 20.49 -31.54 -13.45
C LEU L 435 19.64 -32.70 -12.92
N VAL L 436 19.95 -33.91 -13.29
CA VAL L 436 19.20 -35.04 -12.83
C VAL L 436 19.36 -35.17 -11.34
N ARG L 437 20.59 -35.35 -10.85
CA ARG L 437 20.85 -35.50 -9.43
C ARG L 437 20.19 -34.44 -8.61
N VAL L 438 20.30 -33.19 -8.99
CA VAL L 438 19.59 -32.17 -8.28
C VAL L 438 18.10 -32.41 -8.40
N LEU L 439 17.58 -32.61 -9.59
CA LEU L 439 16.14 -32.85 -9.69
C LEU L 439 15.61 -34.14 -9.02
N GLN L 440 16.44 -35.16 -8.86
CA GLN L 440 16.03 -36.31 -8.15
C GLN L 440 15.58 -35.92 -6.77
N ASN L 441 16.35 -35.13 -6.02
CA ASN L 441 15.97 -34.80 -4.65
C ASN L 441 15.32 -33.48 -4.31
N PHE L 442 15.20 -32.57 -5.25
CA PHE L 442 14.63 -31.28 -4.93
C PHE L 442 13.74 -30.78 -6.07
N SER L 443 12.93 -29.78 -5.72
CA SER L 443 12.13 -29.02 -6.67
C SER L 443 12.38 -27.54 -6.40
N PHE L 444 12.34 -26.74 -7.46
CA PHE L 444 12.71 -25.32 -7.40
C PHE L 444 11.49 -24.45 -7.72
N LYS L 445 11.20 -23.50 -6.85
CA LYS L 445 10.08 -22.61 -7.06
C LYS L 445 10.54 -21.18 -6.77
N PRO L 446 9.86 -20.17 -7.32
CA PRO L 446 10.34 -18.82 -7.01
C PRO L 446 9.92 -18.27 -5.67
N CYS L 447 10.87 -17.68 -4.94
CA CYS L 447 10.59 -17.12 -3.64
C CYS L 447 10.26 -15.64 -3.80
N LYS L 448 10.20 -14.89 -2.69
CA LYS L 448 9.92 -13.46 -2.71
C LYS L 448 11.10 -12.62 -3.22
N GLU L 449 12.36 -13.10 -3.19
CA GLU L 449 13.46 -12.30 -3.72
C GLU L 449 13.94 -12.74 -5.09
N THR L 450 13.25 -13.69 -5.69
CA THR L 450 13.57 -14.17 -7.01
C THR L 450 13.02 -13.18 -8.04
N GLN L 451 13.89 -12.30 -8.55
CA GLN L 451 13.47 -11.34 -9.57
C GLN L 451 12.86 -12.15 -10.70
N ILE L 452 11.59 -12.01 -10.93
CA ILE L 452 11.03 -12.80 -11.96
C ILE L 452 11.41 -12.29 -13.32
N PRO L 453 10.64 -11.36 -13.82
CA PRO L 453 11.00 -11.03 -15.20
C PRO L 453 12.49 -10.79 -15.10
N LEU L 454 13.29 -11.70 -15.65
CA LEU L 454 14.73 -11.62 -15.42
C LEU L 454 15.37 -10.52 -16.24
N LYS L 455 16.20 -9.71 -15.59
CA LYS L 455 16.93 -8.64 -16.24
C LYS L 455 18.40 -9.05 -16.38
N LEU L 456 18.91 -9.00 -17.60
CA LEU L 456 20.28 -9.40 -17.89
C LEU L 456 21.24 -8.24 -17.66
N ARG L 457 22.53 -8.52 -17.79
CA ARG L 457 23.56 -7.54 -17.47
C ARG L 457 24.74 -7.72 -18.43
N PHE L 458 25.60 -6.71 -18.46
CA PHE L 458 26.70 -6.67 -19.42
C PHE L 458 27.86 -7.55 -18.97
N GLY L 459 28.39 -8.33 -19.90
CA GLY L 459 29.58 -9.13 -19.64
C GLY L 459 30.04 -9.83 -20.90
N GLY L 460 31.14 -10.57 -20.76
CA GLY L 460 31.61 -11.41 -21.83
C GLY L 460 30.74 -12.62 -22.09
N LEU L 461 30.00 -13.05 -21.07
CA LEU L 461 28.91 -14.00 -21.21
C LEU L 461 27.60 -13.28 -20.88
N LEU L 462 26.50 -14.03 -20.98
CA LEU L 462 25.17 -13.46 -20.78
C LEU L 462 24.83 -13.54 -19.30
N LEU L 463 24.88 -12.40 -18.62
CA LEU L 463 24.66 -12.36 -17.17
C LEU L 463 23.32 -11.78 -16.72
N THR L 464 23.13 -11.76 -15.41
CA THR L 464 21.90 -11.27 -14.80
C THR L 464 22.17 -10.01 -13.97
N GLU L 465 21.22 -9.06 -14.01
CA GLU L 465 21.38 -7.87 -13.18
C GLU L 465 21.59 -8.27 -11.72
N LYS L 466 20.82 -9.25 -11.25
CA LYS L 466 20.81 -9.65 -9.86
C LYS L 466 20.85 -11.17 -9.82
N PRO L 467 21.64 -11.77 -8.91
CA PRO L 467 21.76 -13.23 -8.89
C PRO L 467 20.39 -13.91 -8.90
N ILE L 468 20.32 -15.14 -9.38
CA ILE L 468 19.08 -15.90 -9.39
C ILE L 468 18.96 -16.64 -8.06
N VAL L 469 18.03 -16.20 -7.21
CA VAL L 469 17.72 -16.88 -5.96
C VAL L 469 16.45 -17.70 -6.14
N LEU L 470 16.40 -18.88 -5.54
CA LEU L 470 15.26 -19.77 -5.69
C LEU L 470 15.07 -20.59 -4.44
N LYS L 471 13.92 -21.18 -4.29
CA LYS L 471 13.73 -22.01 -3.16
C LYS L 471 13.72 -23.42 -3.63
N ALA L 472 14.57 -24.22 -3.01
CA ALA L 472 14.70 -25.65 -3.25
C ALA L 472 14.03 -26.39 -2.09
N GLU L 473 12.95 -27.10 -2.38
CA GLU L 473 12.30 -27.97 -1.41
C GLU L 473 12.71 -29.41 -1.67
N SER L 474 13.06 -30.12 -0.59
CA SER L 474 13.40 -31.52 -0.75
C SER L 474 12.16 -32.33 -1.13
N ARG L 475 12.39 -33.41 -1.86
CA ARG L 475 11.34 -34.36 -2.21
C ARG L 475 11.39 -35.52 -1.23
N ASP L 476 10.23 -35.88 -0.67
CA ASP L 476 10.15 -37.01 0.23
C ASP L 476 10.76 -36.68 1.59
CHA HEM M . 11.12 26.98 -21.05
CHB HEM M . 13.14 31.18 -22.46
CHC HEM M . 14.49 29.14 -26.67
CHD HEM M . 12.61 24.92 -25.19
C1A HEM M . 11.57 28.29 -21.05
C2A HEM M . 11.44 29.24 -19.96
C3A HEM M . 11.99 30.39 -20.36
C4A HEM M . 12.50 30.22 -21.70
CMA HEM M . 12.08 31.69 -19.51
CAA HEM M . 10.77 28.98 -18.59
CBA HEM M . 11.72 28.31 -17.60
CGA HEM M . 11.11 28.34 -16.21
O1A HEM M . 11.88 28.17 -15.24
O2A HEM M . 9.88 28.55 -16.09
C1B HEM M . 13.69 30.99 -23.72
C2B HEM M . 14.40 31.99 -24.49
C3B HEM M . 14.77 31.43 -25.65
C4B HEM M . 14.31 30.06 -25.65
CMB HEM M . 14.66 33.43 -23.98
CAB HEM M . 15.57 32.06 -26.83
CBB HEM M . 16.22 33.22 -26.71
C1C HEM M . 14.13 27.81 -26.64
C2C HEM M . 14.41 26.78 -27.64
C3C HEM M . 13.87 25.63 -27.23
C4C HEM M . 13.26 25.87 -25.95
CMC HEM M . 15.17 27.02 -28.96
CAC HEM M . 13.88 24.22 -27.87
CBC HEM M . 14.84 23.83 -28.73
C1D HEM M . 12.01 25.13 -23.98
C2D HEM M . 11.23 24.15 -23.26
C3D HEM M . 10.81 24.71 -22.12
C4D HEM M . 11.32 26.07 -22.06
CMD HEM M . 10.94 22.73 -23.77
CAD HEM M . 9.94 24.02 -21.04
CBD HEM M . 10.82 23.35 -20.01
CGD HEM M . 10.01 22.44 -19.11
O1D HEM M . 10.55 21.39 -18.69
O2D HEM M . 8.83 22.76 -18.82
NA HEM M . 12.22 28.92 -22.09
NB HEM M . 13.65 29.83 -24.46
NC HEM M . 13.42 27.20 -25.61
ND HEM M . 12.05 26.29 -23.22
FE HEM M . 12.76 28.07 -23.85
HHB HEM M . 13.22 32.07 -22.08
HHC HEM M . 14.91 29.46 -27.50
HHD HEM M . 12.57 24.02 -25.56
HMA HEM M . 11.19 31.97 -19.26
HMAA HEM M . 12.51 32.39 -20.05
HMAB HEM M . 12.62 31.52 -18.71
HAA HEM M . 10.00 28.42 -18.72
HAAA HEM M . 10.48 29.83 -18.22
HBA HEM M . 12.57 28.79 -17.60
HBAA HEM M . 11.86 27.39 -17.87
HMB HEM M . 13.91 33.72 -23.43
HMBA HEM M . 14.74 34.03 -24.74
HMBB HEM M . 15.48 33.46 -23.46
HAB HEM M . 15.60 31.59 -27.66
HBB HEM M . 16.71 33.58 -27.46
HBBA HEM M . 16.20 33.70 -25.87
HMC HEM M . 14.81 27.79 -29.42
HMCA HEM M . 15.09 26.23 -29.53
HMCB HEM M . 16.11 27.17 -28.77
HAC HEM M . 13.18 23.60 -27.66
HBC HEM M . 14.81 22.95 -29.12
HBCA HEM M . 15.56 24.45 -28.96
HMD HEM M . 10.67 22.16 -23.01
HMDA HEM M . 11.74 22.35 -24.18
HMDB HEM M . 10.21 22.75 -24.42
HAD HEM M . 9.37 23.36 -21.46
HADA HEM M . 9.37 24.69 -20.61
HBD HEM M . 11.25 24.03 -19.46
HBDA HEM M . 11.50 22.83 -20.46
HHA HEM M . 10.63 26.68 -20.27
C01 ZWY N . -21.28 27.57 -18.96
C02 ZWY N . -22.67 27.53 -18.39
C03 ZWY N . -23.29 28.89 -18.38
C04 ZWY N . -22.41 29.79 -17.49
C05 ZWY N . -22.28 29.25 -16.07
C06 ZWY N . -21.69 27.83 -16.15
C07 ZWY N . -22.68 27.03 -16.94
C08 ZWY N . -22.26 25.59 -17.18
C09 ZWY N . -23.24 25.19 -18.31
C10 ZWY N . -23.40 26.47 -19.10
C12 ZWY N . -21.54 27.23 -14.80
C13 ZWY N . -21.12 28.31 -13.86
C14 ZWY N . -21.05 29.57 -13.99
C15 ZWY N . -21.49 30.20 -15.23
C16 ZWY N . -22.17 31.48 -15.00
C17 ZWY N . -21.35 32.34 -14.01
C18 ZWY N . -21.37 31.68 -12.63
C19 ZWY N . -20.55 30.37 -12.78
C25 ZWY N . -20.12 30.14 -15.57
O11 ZWY N . -24.01 26.59 -20.14
O20 ZWY N . -20.64 32.53 -11.75
O22 ZWY N . -20.65 33.82 -9.76
O23 ZWY N . -22.70 33.33 -11.04
O24 ZWY N . -21.65 31.71 -9.68
S21 ZWY N . -21.43 32.95 -10.55
H1 ZWY N . -21.26 27.06 -19.91
H2 ZWY N . -20.97 28.60 -19.09
H3 ZWY N . -20.60 27.08 -18.28
H4 ZWY N . -24.29 28.84 -17.96
H5 ZWY N . -23.33 29.29 -19.38
H6 ZWY N . -22.85 30.78 -17.44
H7 ZWY N . -21.42 29.85 -17.93
H8 ZWY N . -23.23 29.19 -15.57
H9 ZWY N . -20.71 27.87 -16.61
H10 ZWY N . -23.68 27.12 -16.52
H11 ZWY N . -22.40 24.97 -16.30
H12 ZWY N . -21.23 25.53 -17.53
H13 ZWY N . -24.19 24.88 -17.90
H14 ZWY N . -22.82 24.41 -18.94
H15 ZWY N . -20.70 26.54 -14.87
H16 ZWY N . -22.53 26.92 -14.50
H17 ZWY N . -20.12 28.02 -14.16
H18 ZWY N . -22.25 32.02 -15.93
H19 ZWY N . -23.15 31.30 -14.58
H20 ZWY N . -21.79 33.33 -13.94
H21 ZWY N . -20.34 32.42 -14.36
H22 ZWY N . -22.38 31.51 -12.28
H23 ZWY N . -19.50 30.61 -12.92
H24 ZWY N . -20.67 29.77 -11.88
H25 ZWY N . -19.79 29.11 -15.51
H26 ZWY N . -19.55 30.74 -14.88
H27 ZWY N . -19.98 30.50 -16.58
C01 ZWY O . -19.35 20.39 -30.53
C02 ZWY O . -20.17 19.13 -30.40
C03 ZWY O . -19.57 18.27 -29.33
C04 ZWY O . -18.13 17.95 -29.76
C05 ZWY O . -18.11 17.21 -31.09
C06 ZWY O . -18.77 18.12 -32.14
C07 ZWY O . -20.18 18.30 -31.68
C08 ZWY O . -20.98 19.23 -32.58
C09 ZWY O . -22.17 19.53 -31.64
C10 ZWY O . -21.60 19.46 -30.25
C12 ZWY O . -18.85 17.51 -33.45
C13 ZWY O . -17.47 16.96 -33.68
C14 ZWY O . -16.53 16.67 -32.87
C15 ZWY O . -16.71 16.78 -31.42
C16 ZWY O . -16.32 15.54 -30.75
C17 ZWY O . -14.88 15.19 -31.18
C18 ZWY O . -14.90 14.84 -32.65
C19 ZWY O . -15.23 16.14 -33.46
C25 ZWY O . -15.88 17.91 -31.58
O11 ZWY O . -22.21 19.64 -29.23
O20 ZWY O . -13.58 14.52 -33.02
O22 ZWY O . -12.16 12.93 -33.96
O23 ZWY O . -14.09 12.24 -32.48
O24 ZWY O . -14.39 12.98 -34.76
S21 ZWY O . -13.52 13.07 -33.48
H1 ZWY O . -19.98 21.25 -30.31
H2 ZWY O . -18.52 20.37 -29.84
H3 ZWY O . -18.97 20.47 -31.54
H4 ZWY O . -20.13 17.37 -29.22
H5 ZWY O . -19.55 18.82 -28.38
H6 ZWY O . -17.66 17.33 -29.01
H7 ZWY O . -17.57 18.87 -29.86
H8 ZWY O . -18.67 16.28 -31.06
H9 ZWY O . -18.17 19.02 -32.20
H10 ZWY O . -20.66 17.35 -31.50
H11 ZWY O . -21.29 18.74 -33.48
H12 ZWY O . -20.42 20.14 -32.79
H13 ZWY O . -22.94 18.78 -31.78
H14 ZWY O . -22.57 20.52 -31.85
H15 ZWY O . -18.99 18.31 -34.16
H16 ZWY O . -19.51 16.66 -33.36
H17 ZWY O . -17.23 17.99 -33.91
H18 ZWY O . -16.36 15.68 -29.68
H19 ZWY O . -16.99 14.74 -31.04
H20 ZWY O . -14.53 14.35 -30.60
H21 ZWY O . -14.25 16.06 -31.02
H22 ZWY O . -15.62 14.04 -32.83
H23 ZWY O . -14.43 16.86 -33.34
H24 ZWY O . -15.35 15.91 -34.51
H25 ZWY O . -16.14 18.43 -32.49
H26 ZWY O . -14.85 17.59 -31.63
H27 ZWY O . -16.02 18.57 -30.73
CHA HEM P . -12.91 2.81 6.83
CHB HEM P . -15.14 -1.30 8.14
CHC HEM P . -17.18 0.97 11.93
CHD HEM P . -14.61 4.91 10.85
C1A HEM P . -13.34 1.50 6.84
C2A HEM P . -13.00 0.49 5.86
C3A HEM P . -13.61 -0.64 6.21
C4A HEM P . -14.36 -0.39 7.43
CMA HEM P . -13.54 -1.98 5.45
CAA HEM P . -12.09 0.70 4.62
CBA HEM P . -10.64 0.50 5.02
CGA HEM P . -9.74 0.41 3.81
O1A HEM P . -8.68 -0.26 3.92
O2A HEM P . -10.08 0.99 2.75
C1B HEM P . -15.89 -1.05 9.26
C2B HEM P . -16.74 -2.00 9.96
C3B HEM P . -17.32 -1.37 11.00
C4B HEM P . -16.84 0.00 11.01
CMB HEM P . -16.93 -3.46 9.51
CAB HEM P . -18.30 -1.91 12.07
CBB HEM P . -18.50 -3.22 12.24
C1C HEM P . -16.61 2.23 12.02
C2C HEM P . -16.76 3.18 13.11
C3C HEM P . -16.03 4.28 12.79
C4C HEM P . -15.43 4.03 11.51
CMC HEM P . -17.59 2.93 14.38
CAC HEM P . -15.80 5.62 13.56
CBC HEM P . -16.35 5.87 14.74
C1D HEM P . -13.97 4.69 9.67
C2D HEM P . -13.19 5.68 8.95
C3D HEM P . -12.73 5.12 7.83
C4D HEM P . -13.18 3.73 7.81
CMD HEM P . -12.98 7.13 9.42
CAD HEM P . -11.83 5.80 6.77
CBD HEM P . -10.45 6.04 7.38
CGD HEM P . -9.53 6.66 6.36
O1D HEM P . -8.35 6.95 6.72
O2D HEM P . -9.97 6.87 5.20
NA HEM P . -14.16 0.93 7.78
NB HEM P . -15.97 0.15 9.94
NC HEM P . -15.80 2.78 11.06
ND HEM P . -13.94 3.52 8.95
FE HEM P . -15.02 1.85 9.43
HHB HEM P . -15.15 -2.22 7.79
HHC HEM P . -17.89 0.75 12.57
HHD HEM P . -14.48 5.79 11.26
HMA HEM P . -13.91 -1.87 4.54
HMAA HEM P . -14.05 -2.66 5.93
HMAB HEM P . -12.60 -2.27 5.38
HAA HEM P . -12.22 1.59 4.27
HAAA HEM P . -12.33 0.05 3.93
HBA HEM P . -10.56 -0.31 5.54
HBAA HEM P . -10.36 1.25 5.57
HMB HEM P . -16.86 -3.52 8.55
HMBA HEM P . -17.81 -3.78 9.78
HMBB HEM P . -16.26 -4.02 9.93
HAB HEM P . -18.77 -1.29 12.62
HBB HEM P . -19.12 -3.53 12.92
HBBA HEM P . -18.03 -3.87 11.68
HMC HEM P . -18.20 2.18 14.24
HMCA HEM P . -18.12 3.72 14.59
HMCB HEM P . -17.01 2.74 15.13
HAC HEM P . -15.23 6.28 13.16
HBC HEM P . -16.18 6.72 15.18
HBCA HEM P . -16.93 5.22 15.17
HMD HEM P . -13.83 7.63 9.35
HMDA HEM P . -12.30 7.57 8.86
HMDB HEM P . -12.68 7.13 10.36
HAD HEM P . -12.23 6.65 6.51
HADA HEM P . -11.75 5.23 6.00
HBD HEM P . -10.07 5.19 7.67
HBDA HEM P . -10.54 6.63 8.14
HHA HEM P . -12.37 3.10 6.07
C01 ZWY Q . -29.46 25.43 -10.06
C02 ZWY Q . -29.11 26.85 -10.43
C03 ZWY Q . -27.63 27.07 -10.22
C04 ZWY Q . -27.34 26.79 -8.74
C05 ZWY Q . -28.12 27.72 -7.84
C06 ZWY Q . -29.60 27.49 -8.10
C07 ZWY Q . -29.82 27.88 -9.53
C08 ZWY Q . -31.26 27.64 -10.00
C09 ZWY Q . -31.05 27.73 -11.52
C10 ZWY Q . -29.65 27.20 -11.75
C12 ZWY Q . -30.47 28.35 -7.31
C13 ZWY Q . -29.93 28.24 -5.92
C14 ZWY Q . -28.78 27.88 -5.49
C15 ZWY Q . -27.70 27.53 -6.42
C16 ZWY Q . -26.47 28.25 -6.07
C17 ZWY Q . -26.15 27.99 -4.60
C18 ZWY Q . -27.22 28.64 -3.75
C19 ZWY Q . -28.57 27.87 -3.97
C25 ZWY Q . -28.00 26.22 -5.99
O11 ZWY Q . -29.10 27.08 -12.82
O20 ZWY Q . -26.90 28.40 -2.39
O22 ZWY Q . -26.51 29.32 -0.31
O23 ZWY Q . -25.69 30.46 -2.42
O24 ZWY Q . -28.01 30.50 -1.71
S21 ZWY Q . -26.66 29.73 -1.68
H1 ZWY Q . -29.88 24.93 -10.92
H2 ZWY Q . -28.57 24.91 -9.74
H3 ZWY Q . -30.19 25.43 -9.26
H4 ZWY Q . -27.37 28.08 -10.47
H5 ZWY Q . -27.08 26.37 -10.86
H6 ZWY Q . -26.28 26.93 -8.56
H7 ZWY Q . -27.60 25.76 -8.51
H8 ZWY Q . -27.91 28.77 -8.03
H9 ZWY Q . -29.81 26.46 -7.85
H10 ZWY Q . -29.44 28.88 -9.72
H11 ZWY Q . -31.92 28.43 -9.64
H12 ZWY Q . -31.61 26.66 -9.70
H13 ZWY Q . -31.12 28.76 -11.85
H14 ZWY Q . -31.78 27.12 -12.04
H15 ZWY Q . -31.45 27.90 -7.31
H16 ZWY Q . -30.29 29.37 -7.64
H17 ZWY Q . -30.46 27.31 -5.92
H18 ZWY Q . -25.66 27.90 -6.69
H19 ZWY Q . -26.63 29.32 -6.22
H20 ZWY Q . -25.18 28.41 -4.35
H21 ZWY Q . -26.14 26.92 -4.41
H22 ZWY Q . -27.29 29.70 -4.00
H23 ZWY Q . -28.49 26.85 -3.61
H24 ZWY Q . -29.39 28.38 -3.48
H25 ZWY Q . -29.08 26.10 -5.90
H26 ZWY Q . -27.54 26.03 -5.04
H27 ZWY Q . -27.62 25.50 -6.72
C01 ZWY R . -24.54 17.72 -19.73
C02 ZWY R . -24.56 18.18 -21.16
C03 ZWY R . -25.40 17.27 -22.01
C04 ZWY R . -24.77 15.87 -21.93
C05 ZWY R . -23.33 15.86 -22.42
C06 ZWY R . -22.53 16.85 -21.57
C07 ZWY R . -23.15 18.18 -21.80
C08 ZWY R . -22.54 19.32 -20.97
C09 ZWY R . -23.64 20.40 -21.13
C10 ZWY R . -24.93 19.61 -21.16
C12 ZWY R . -21.11 16.92 -21.98
C13 ZWY R . -20.67 15.52 -22.38
C14 ZWY R . -21.34 14.45 -22.55
C15 ZWY R . -22.79 14.46 -22.42
C16 ZWY R . -23.44 13.57 -23.41
C17 ZWY R . -22.74 12.20 -23.44
C18 ZWY R . -21.34 12.38 -23.99
C19 ZWY R . -20.54 13.20 -22.94
C25 ZWY R . -22.53 14.04 -21.09
O11 ZWY R . -26.04 20.07 -21.16
O20 ZWY R . -20.75 11.10 -24.01
O22 ZWY R . -19.69 9.39 -25.37
O23 ZWY R . -21.27 11.08 -26.32
O24 ZWY R . -19.08 11.58 -25.75
S21 ZWY R . -20.21 10.73 -25.45
H1 ZWY R . -25.06 18.42 -19.11
H2 ZWY R . -25.01 16.75 -19.66
H3 ZWY R . -23.50 17.64 -19.39
H4 ZWY R . -25.40 17.61 -23.04
H5 ZWY R . -26.41 17.23 -21.63
H6 ZWY R . -25.35 15.19 -22.56
H7 ZWY R . -24.80 15.53 -20.91
H8 ZWY R . -23.26 16.17 -23.45
H9 ZWY R . -22.56 16.54 -20.54
H10 ZWY R . -23.21 18.40 -22.85
H11 ZWY R . -21.61 19.65 -21.39
H12 ZWY R . -22.42 19.03 -19.93
H13 ZWY R . -23.51 20.95 -22.05
H14 ZWY R . -23.63 21.08 -20.28
H15 ZWY R . -20.54 17.17 -21.09
H16 ZWY R . -21.08 17.51 -22.89
H17 ZWY R . -20.41 15.44 -21.33
H18 ZWY R . -24.48 13.44 -23.14
H19 ZWY R . -23.37 14.03 -24.39
H20 ZWY R . -23.30 11.53 -24.08
H21 ZWY R . -22.70 11.81 -22.43
H22 ZWY R . -21.34 12.85 -24.96
H23 ZWY R . -20.36 12.59 -22.06
H24 ZWY R . -19.59 13.51 -23.36
H25 ZWY R . -21.89 14.77 -20.60
H26 ZWY R . -22.03 13.08 -21.11
H27 ZWY R . -23.46 13.96 -20.56
CHA HEM S . 13.28 -15.92 51.45
CHB HEM S . 11.38 -13.39 47.76
CHC HEM S . 15.33 -14.44 45.16
CHD HEM S . 17.33 -16.79 48.90
C1A HEM S . 12.42 -15.17 50.68
C2A HEM S . 11.13 -14.69 51.10
C3A HEM S . 10.58 -14.00 50.09
C4A HEM S . 11.53 -14.00 48.99
CMA HEM S . 9.21 -13.29 50.08
CAA HEM S . 10.51 -14.98 52.48
CBA HEM S . 10.38 -13.75 53.36
CGA HEM S . 9.62 -14.16 54.60
O1A HEM S . 9.41 -13.28 55.47
O2A HEM S . 9.23 -15.35 54.71
C1B HEM S . 12.27 -13.47 46.72
C2B HEM S . 12.12 -12.90 45.40
C3B HEM S . 13.21 -13.19 44.68
C4B HEM S . 14.10 -13.95 45.54
CMB HEM S . 10.87 -12.10 44.94
CAB HEM S . 13.57 -12.83 43.22
CBB HEM S . 12.82 -12.00 42.49
C1C HEM S . 16.22 -15.12 45.94
C2C HEM S . 17.56 -15.52 45.54
C3C HEM S . 18.13 -16.15 46.57
C4C HEM S . 17.16 -16.21 47.66
CMC HEM S . 18.23 -15.22 44.18
CAC HEM S . 19.57 -16.73 46.51
CBC HEM S . 20.43 -16.50 47.52
C1D HEM S . 16.38 -16.81 49.91
C2D HEM S . 16.47 -17.51 51.18
C3D HEM S . 15.35 -17.27 51.87
C4D HEM S . 14.51 -16.40 51.07
CMD HEM S . 17.64 -18.39 51.65
CAD HEM S . 15.00 -17.79 53.28
CBD HEM S . 15.81 -16.98 54.30
CGD HEM S . 15.59 -17.51 55.69
O1D HEM S . 16.33 -17.09 56.61
O2D HEM S . 14.68 -18.36 55.87
NA HEM S . 12.64 -14.74 49.38
NB HEM S . 13.50 -14.10 46.77
NC HEM S . 16.01 -15.56 47.23
ND HEM S . 15.18 -16.14 49.88
FE HEM S . 14.30 -15.19 48.31
HHB HEM S . 10.56 -12.88 47.62
HHC HEM S . 15.60 -14.27 44.23
HHD HEM S . 18.19 -17.24 49.08
HMA HEM S . 8.52 -13.93 50.37
HMAA HEM S . 9.01 -12.97 49.18
HMAB HEM S . 9.23 -12.54 50.71
HAA HEM S . 11.06 -15.63 52.94
HAAA HEM S . 9.62 -15.36 52.35
HBA HEM S . 9.90 -13.05 52.89
HBAA HEM S . 11.26 -13.42 53.60
HMB HEM S . 10.13 -12.29 45.54
HMBA HEM S . 10.63 -12.36 44.04
HMBB HEM S . 11.07 -11.15 44.96
HAB HEM S . 14.36 -13.21 42.82
HBB HEM S . 13.09 -11.79 41.57
HBBA HEM S . 12.04 -11.59 42.87
HMC HEM S . 19.14 -15.57 44.19
HMCA HEM S . 18.25 -14.26 44.03
HMCB HEM S . 17.72 -15.65 43.47
HAC HEM S . 19.84 -17.25 45.76
HBC HEM S . 21.32 -16.86 47.48
HBCA HEM S . 20.15 -15.97 48.28
HMD HEM S . 17.50 -18.66 52.60
HMDA HEM S . 18.48 -17.89 51.59
HMDB HEM S . 17.70 -19.19 51.10
HAD HEM S . 15.23 -18.73 53.34
HADA HEM S . 14.06 -17.68 53.45
HBD HEM S . 15.53 -16.06 54.26
HBDA HEM S . 16.75 -17.05 54.08
HHA HEM S . 12.98 -16.15 52.36
C01 ZWY T . 12.06 -25.07 52.11
C02 ZWY T . 11.49 -24.64 50.77
C03 ZWY T . 10.71 -23.35 50.91
C04 ZWY T . 9.60 -23.59 51.95
C05 ZWY T . 8.63 -24.66 51.49
C06 ZWY T . 9.45 -25.95 51.32
C07 ZWY T . 10.48 -25.68 50.26
C08 ZWY T . 11.47 -26.84 50.04
C09 ZWY T . 12.62 -26.12 49.29
C10 ZWY T . 12.57 -24.70 49.78
C12 ZWY T . 8.62 -27.09 50.86
C13 ZWY T . 7.29 -26.99 51.56
C14 ZWY T . 6.77 -26.06 52.25
C15 ZWY T . 7.46 -24.76 52.39
C16 ZWY T . 6.51 -23.64 52.32
C17 ZWY T . 5.32 -23.92 53.24
C18 ZWY T . 4.49 -25.07 52.69
C19 ZWY T . 5.38 -26.34 52.82
C25 ZWY T . 7.84 -25.32 53.66
O11 ZWY T . 13.31 -23.81 49.42
O20 ZWY T . 3.43 -25.30 53.57
O22 ZWY T . 1.11 -25.69 53.97
O23 ZWY T . 1.94 -24.26 52.08
O24 ZWY T . 1.99 -26.61 52.01
S21 ZWY T . 2.02 -25.37 52.93
H1 ZWY T . 13.14 -25.08 52.05
H2 ZWY T . 11.74 -24.37 52.87
H3 ZWY T . 11.69 -26.06 52.35
H4 ZWY T . 10.28 -23.08 49.96
H5 ZWY T . 11.37 -22.56 51.25
H6 ZWY T . 9.05 -22.67 52.10
H7 ZWY T . 10.05 -23.91 52.89
H8 ZWY T . 8.17 -24.43 50.54
H9 ZWY T . 9.87 -26.21 52.28
H10 ZWY T . 10.01 -25.33 49.35
H11 ZWY T . 11.02 -27.62 49.43
H12 ZWY T . 11.81 -27.23 50.99
H13 ZWY T . 12.45 -26.16 48.22
H14 ZWY T . 13.56 -26.58 49.53
H15 ZWY T . 9.09 -27.99 51.23
H16 ZWY T . 8.42 -26.92 49.81
H17 ZWY T . 7.81 -27.55 52.33
H18 ZWY T . 7.01 -22.73 52.64
H19 ZWY T . 6.16 -23.52 51.30
H20 ZWY T . 4.70 -23.03 53.31
H21 ZWY T . 5.68 -24.18 54.22
H22 ZWY T . 4.17 -24.85 51.68
H23 ZWY T . 5.47 -26.60 53.88
H24 ZWY T . 4.92 -27.16 52.28
H25 ZWY T . 8.28 -26.29 53.50
H26 ZWY T . 6.96 -25.41 54.28
H27 ZWY T . 8.56 -24.66 54.13
C01 ZWY U . -3.86 -32.64 52.02
C02 ZWY U . -5.21 -32.33 52.60
C03 ZWY U . -6.15 -33.48 52.30
C04 ZWY U . -6.22 -33.60 50.76
C05 ZWY U . -6.74 -32.33 50.14
C06 ZWY U . -5.79 -31.20 50.50
C07 ZWY U . -5.85 -31.08 51.99
C08 ZWY U . -4.89 -30.04 52.55
C09 ZWY U . -4.90 -30.44 54.04
C10 ZWY U . -5.10 -31.94 54.01
C12 ZWY U . -6.20 -29.91 49.98
C13 ZWY U . -6.52 -30.18 48.55
C14 ZWY U . -6.82 -31.27 47.94
C15 ZWY U . -6.94 -32.53 48.67
C16 ZWY U . -8.21 -33.18 48.34
C17 ZWY U . -8.30 -33.33 46.81
C18 ZWY U . -8.44 -31.94 46.23
C19 ZWY U . -7.09 -31.18 46.43
C25 ZWY U . -5.71 -32.81 48.04
O11 ZWY U . -5.16 -32.66 54.98
O20 ZWY U . -8.54 -32.09 44.82
O22 ZWY U . -9.76 -31.64 42.91
O23 ZWY U . -10.92 -32.17 45.10
O24 ZWY U . -9.89 -30.04 44.66
S21 ZWY U . -9.89 -31.51 44.33
H1 ZWY U . -3.13 -32.67 52.82
H2 ZWY U . -3.88 -33.60 51.52
H3 ZWY U . -3.59 -31.86 51.32
H4 ZWY U . -7.13 -33.27 52.70
H5 ZWY U . -5.75 -34.39 52.72
H6 ZWY U . -6.88 -34.42 50.51
H7 ZWY U . -5.23 -33.81 50.37
H8 ZWY U . -7.74 -32.08 50.51
H9 ZWY U . -4.82 -31.45 50.09
H10 ZWY U . -6.87 -30.97 52.34
H11 ZWY U . -5.28 -29.04 52.42
H12 ZWY U . -3.91 -30.13 52.12
H13 ZWY U . -5.71 -29.97 54.56
H14 ZWY U . -3.95 -30.19 54.50
H15 ZWY U . -5.32 -29.27 49.99
H16 ZWY U . -7.12 -29.65 50.47
H17 ZWY U . -5.45 -30.17 48.44
H18 ZWY U . -8.24 -34.16 48.80
H19 ZWY U . -9.04 -32.58 48.69
H20 ZWY U . -9.17 -33.92 46.54
H21 ZWY U . -7.41 -33.80 46.43
H22 ZWY U . -9.28 -31.43 46.68
H23 ZWY U . -6.29 -31.66 45.87
H24 ZWY U . -7.18 -30.15 46.12
H25 ZWY U . -5.09 -31.92 48.04
H26 ZWY U . -5.88 -33.13 47.03
H27 ZWY U . -5.20 -33.60 48.59
C01 ZWY V . -8.72 -40.31 60.28
C02 ZWY V . -8.06 -39.01 59.86
C03 ZWY V . -8.94 -37.85 60.17
C04 ZWY V . -10.25 -38.03 59.37
C05 ZWY V . -10.00 -38.14 57.87
C06 ZWY V . -9.05 -39.31 57.62
C07 ZWY V . -7.79 -38.98 58.35
C08 ZWY V . -6.73 -40.09 58.28
C09 ZWY V . -5.78 -39.61 59.41
C10 ZWY V . -6.70 -39.01 60.44
C12 ZWY V . -8.76 -39.50 56.19
C13 ZWY V . -10.01 -39.19 55.41
C14 ZWY V . -11.12 -38.67 55.77
C15 ZWY V . -11.31 -38.22 57.14
C16 ZWY V . -12.11 -36.99 57.22
C17 ZWY V . -13.36 -37.11 56.34
C18 ZWY V . -12.94 -37.17 54.88
C19 ZWY V . -12.19 -38.52 54.68
C25 ZWY V . -11.89 -39.51 57.33
O11 ZWY V . -6.39 -38.62 61.53
O20 ZWY V . -14.13 -37.25 54.10
O22 ZWY V . -15.46 -36.28 52.37
O23 ZWY V . -13.88 -34.96 53.75
O24 ZWY V . -13.17 -36.37 52.03
S21 ZWY V . -14.23 -36.14 53.07
H1 ZWY V . -8.18 -40.73 61.12
H2 ZWY V . -9.75 -40.11 60.57
H3 ZWY V . -8.72 -41.00 59.45
H4 ZWY V . -8.45 -36.93 59.86
H5 ZWY V . -9.15 -37.81 61.23
H6 ZWY V . -10.89 -37.17 59.56
H7 ZWY V . -10.74 -38.93 59.72
H8 ZWY V . -9.52 -37.26 57.46
H9 ZWY V . -9.52 -40.23 57.98
H10 ZWY V . -7.43 -38.00 58.05
H11 ZWY V . -6.22 -40.08 57.32
H12 ZWY V . -7.14 -41.05 58.51
H13 ZWY V . -5.08 -38.86 59.05
H14 ZWY V . -5.24 -40.45 59.84
H15 ZWY V . -8.58 -40.55 56.05
H16 ZWY V . -8.04 -38.73 55.93
H17 ZWY V . -10.22 -40.24 55.56
H18 ZWY V . -12.42 -36.83 58.24
H19 ZWY V . -11.52 -36.16 56.88
H20 ZWY V . -14.00 -36.25 56.50
H21 ZWY V . -13.90 -38.02 56.59
H22 ZWY V . -12.33 -36.32 54.60
H23 ZWY V . -12.89 -39.33 54.75
H24 ZWY V . -11.70 -38.53 53.71
H25 ZWY V . -11.17 -40.26 57.05
H26 ZWY V . -12.77 -39.60 56.72
H27 ZWY V . -12.16 -39.63 58.37
C01 ZWY W . 10.05 -17.55 48.82
C02 ZWY W . 10.45 -19.00 48.92
C03 ZWY W . 10.52 -19.60 47.54
C04 ZWY W . 9.11 -19.50 46.94
C05 ZWY W . 8.11 -20.25 47.82
C06 ZWY W . 8.08 -19.60 49.20
C07 ZWY W . 9.46 -19.83 49.74
C08 ZWY W . 9.74 -19.25 51.13
C09 ZWY W . 11.28 -19.41 51.13
C10 ZWY W . 11.70 -19.07 49.71
C12 ZWY W . 7.08 -20.20 50.10
C13 ZWY W . 5.88 -20.57 49.27
C14 ZWY W . 5.70 -20.60 48.00
C15 ZWY W . 6.81 -20.30 47.10
C16 ZWY W . 6.85 -21.21 45.93
C17 ZWY W . 5.46 -21.25 45.30
C18 ZWY W . 4.50 -21.93 46.26
C19 ZWY W . 4.31 -21.02 47.51
C25 ZWY W . 6.25 -19.00 47.06
O11 ZWY W . 12.81 -18.88 49.29
O20 ZWY W . 3.25 -21.94 45.58
O22 ZWY W . 1.18 -22.98 45.55
O23 ZWY W . 3.28 -24.18 44.82
O24 ZWY W . 2.74 -23.79 47.12
S21 ZWY W . 2.57 -23.29 45.68
H1 ZWY W . 10.82 -16.93 49.25
H2 ZWY W . 9.91 -17.28 47.77
H3 ZWY W . 9.12 -17.39 49.36
H4 ZWY W . 10.81 -20.65 47.60
H5 ZWY W . 11.22 -19.06 46.92
H6 ZWY W . 9.10 -19.94 45.94
H7 ZWY W . 8.82 -18.46 46.87
H8 ZWY W . 8.38 -21.28 47.99
H9 ZWY W . 7.82 -18.56 49.10
H10 ZWY W . 9.70 -20.89 49.69
H11 ZWY W . 9.28 -19.84 51.92
H12 ZWY W . 9.44 -18.21 51.20
H13 ZWY W . 11.56 -20.43 51.37
H14 ZWY W . 11.74 -18.72 51.83
H15 ZWY W . 6.77 -19.42 50.77
H16 ZWY W . 7.51 -21.14 50.45
H17 ZWY W . 5.59 -19.54 49.49
H18 ZWY W . 7.56 -20.83 45.21
H19 ZWY W . 7.14 -22.20 46.25
H20 ZWY W . 5.51 -21.81 44.37
H21 ZWY W . 5.13 -20.24 45.09
H22 ZWY W . 4.85 -22.91 46.56
H23 ZWY W . 3.74 -20.14 47.24
H24 ZWY W . 3.79 -21.58 48.29
H25 ZWY W . 6.18 -18.62 48.07
H26 ZWY W . 5.26 -19.05 46.63
H27 ZWY W . 6.89 -18.36 46.47
CHA HEM X . -40.47 -38.24 -14.98
CHB HEM X . -38.77 -38.96 -10.51
CHC HEM X . -41.78 -42.74 -9.91
CHD HEM X . -43.66 -41.82 -14.28
C1A HEM X . -39.71 -38.11 -13.84
C2A HEM X . -38.62 -37.18 -13.61
C3A HEM X . -38.15 -37.39 -12.38
C4A HEM X . -38.94 -38.45 -11.77
CMA HEM X . -37.00 -36.63 -11.70
CAA HEM X . -38.07 -36.13 -14.60
CBA HEM X . -39.05 -35.01 -14.87
CGA HEM X . -38.42 -34.02 -15.82
O1A HEM X . -38.82 -32.83 -15.80
O2A HEM X . -37.50 -34.42 -16.59
C1B HEM X . -39.44 -40.04 -9.97
C2B HEM X . -39.22 -40.56 -8.63
C3B HEM X . -40.05 -41.62 -8.47
C4B HEM X . -40.82 -41.77 -9.68
CMB HEM X . -38.20 -39.97 -7.64
CAB HEM X . -40.23 -42.52 -7.22
CBB HEM X . -39.63 -42.26 -6.07
C1C HEM X . -42.60 -42.81 -11.03
C2C HEM X . -43.71 -43.71 -11.25
C3C HEM X . -44.22 -43.45 -12.47
C4C HEM X . -43.45 -42.38 -13.05
CMC HEM X . -44.20 -44.77 -10.24
CAC HEM X . -45.43 -44.09 -13.20
CBC HEM X . -46.34 -44.82 -12.54
C1D HEM X . -42.93 -40.83 -14.87
C2D HEM X . -43.06 -40.36 -16.22
C3D HEM X . -42.18 -39.38 -16.42
C4D HEM X . -41.46 -39.17 -15.18
CMD HEM X . -44.06 -40.93 -17.27
CAD HEM X . -41.99 -38.59 -17.74
CBD HEM X . -43.19 -37.67 -17.95
CGD HEM X . -43.07 -36.96 -19.26
O1D HEM X . -44.03 -36.26 -19.67
O2D HEM X . -41.99 -37.09 -19.91
NA HEM X . -39.88 -38.87 -12.69
NB HEM X . -40.42 -40.80 -10.58
NC HEM X . -42.46 -42.02 -12.15
ND HEM X . -41.94 -40.07 -14.25
FE HEM X . -41.18 -40.46 -12.41
HHB HEM X . -38.11 -38.51 -9.93
HHC HEM X . -41.89 -43.43 -9.24
HHD HEM X . -44.41 -42.19 -14.81
HMA HEM X . -36.21 -36.63 -12.28
HMAA HEM X . -36.77 -37.07 -10.85
HMAB HEM X . -37.27 -35.70 -11.51
HAA HEM X . -37.86 -36.58 -15.44
HAAA HEM X . -37.26 -35.75 -14.24
HBA HEM X . -39.29 -34.57 -14.04
HBAA HEM X . -39.86 -35.38 -15.27
HMB HEM X . -37.57 -39.41 -8.12
HMBA HEM X . -37.72 -40.70 -7.21
HMBB HEM X . -38.67 -39.44 -6.97
HAB HEM X . -40.79 -43.31 -7.30
HBB HEM X . -39.77 -42.85 -5.30
HBBA HEM X . -39.07 -41.48 -5.98
HMC HEM X . -43.45 -45.06 -9.69
HMCA HEM X . -44.56 -45.53 -10.71
HMCB HEM X . -44.89 -44.38 -9.67
HAC HEM X . -45.52 -43.96 -14.14
HBC HEM X . -47.08 -45.21 -13.03
HBCA HEM X . -46.25 -44.96 -11.59
HMD HEM X . -44.06 -40.37 -18.06
HMDA HEM X . -44.96 -40.95 -16.88
HMDB HEM X . -43.79 -41.84 -17.51
HAD HEM X . -41.92 -39.21 -18.48
HADA HEM X . -41.18 -38.05 -17.67
HBD HEM X . -43.24 -37.02 -17.23
HBDA HEM X . -44.00 -38.21 -17.95
HHA HEM X . -40.29 -37.61 -15.70
C01 ZWY Y . -37.20 -43.12 -22.13
C02 ZWY Y . -36.52 -43.66 -20.89
C03 ZWY Y . -36.13 -42.54 -19.97
C04 ZWY Y . -35.20 -41.59 -20.75
C05 ZWY Y . -33.92 -42.31 -21.19
C06 ZWY Y . -34.34 -43.47 -22.09
C07 ZWY Y . -35.21 -44.38 -21.26
C08 ZWY Y . -35.81 -45.54 -22.04
C09 ZWY Y . -36.95 -46.01 -21.09
C10 ZWY Y . -37.36 -44.75 -20.34
C12 ZWY Y . -33.19 -44.24 -22.56
C13 ZWY Y . -32.08 -43.28 -22.86
C14 ZWY Y . -31.94 -42.03 -22.58
C15 ZWY Y . -32.95 -41.34 -21.77
C16 ZWY Y . -32.32 -40.42 -20.81
C17 ZWY Y . -31.29 -39.55 -21.55
C18 ZWY Y . -30.12 -40.42 -21.98
C19 ZWY Y . -30.66 -41.36 -23.09
C25 ZWY Y . -33.41 -40.88 -23.04
O11 ZWY Y . -38.20 -44.69 -19.50
O20 ZWY Y . -29.20 -39.60 -22.67
O22 ZWY Y . -26.97 -38.85 -23.07
O23 ZWY Y . -27.77 -39.59 -20.80
O24 ZWY Y . -27.22 -41.10 -22.52
S21 ZWY Y . -27.72 -39.70 -22.22
H1 ZWY Y . -38.21 -43.51 -22.17
H2 ZWY Y . -37.21 -42.05 -22.10
H3 ZWY Y . -36.65 -43.45 -23.00
H4 ZWY Y . -35.59 -42.94 -19.11
H5 ZWY Y . -37.01 -42.00 -19.64
H6 ZWY Y . -34.94 -40.75 -20.12
H7 ZWY Y . -35.73 -41.23 -21.63
H8 ZWY Y . -33.37 -42.71 -20.36
H9 ZWY Y . -34.86 -43.05 -22.94
H10 ZWY Y . -34.67 -44.67 -20.35
H11 ZWY Y . -35.08 -46.34 -22.19
H12 ZWY Y . -36.21 -45.21 -22.99
H13 ZWY Y . -36.58 -46.76 -20.40
H14 ZWY Y . -37.78 -46.40 -21.66
H15 ZWY Y . -33.48 -44.67 -23.51
H16 ZWY Y . -32.86 -44.84 -21.73
H17 ZWY Y . -32.57 -43.21 -23.83
H18 ZWY Y . -33.08 -39.78 -20.38
H19 ZWY Y . -31.83 -40.98 -20.03
H20 ZWY Y . -30.93 -38.77 -20.89
H21 ZWY Y . -31.74 -39.12 -22.43
H22 ZWY Y . -29.68 -40.92 -21.13
H23 ZWY Y . -30.88 -40.79 -23.98
H24 ZWY Y . -29.92 -42.13 -23.31
H25 ZWY Y . -33.55 -41.73 -23.70
H26 ZWY Y . -32.67 -40.22 -23.46
H27 ZWY Y . -34.34 -40.36 -22.91
C01 ZWY Z . -20.27 -43.15 -26.27
C02 ZWY Z . -19.02 -42.35 -26.57
C03 ZWY Z . -17.94 -43.22 -27.12
C04 ZWY Z . -17.55 -44.25 -26.04
C05 ZWY Z . -17.14 -43.60 -24.72
C06 ZWY Z . -18.28 -42.69 -24.26
C07 ZWY Z . -18.43 -41.66 -25.34
C08 ZWY Z . -19.54 -40.64 -25.07
C09 ZWY Z . -19.64 -40.02 -26.47
C10 ZWY Z . -19.42 -41.20 -27.41
C12 ZWY Z . -17.99 -42.01 -23.03
C13 ZWY Z . -17.50 -43.05 -22.11
C14 ZWY Z . -17.00 -44.18 -22.34
C15 ZWY Z . -16.73 -44.64 -23.71
C16 ZWY Z . -15.36 -45.12 -23.82
C17 ZWY Z . -15.07 -46.12 -22.69
C18 ZWY Z . -15.13 -45.39 -21.37
C19 ZWY Z . -16.63 -45.02 -21.11
C25 ZWY Z . -17.83 -45.50 -23.45
O11 ZWY Z . -19.55 -41.21 -28.60
O20 ZWY Z . -14.85 -46.30 -20.31
O22 ZWY Z . -13.15 -47.63 -19.38
O23 ZWY Z . -12.55 -45.92 -21.16
O24 ZWY Z . -13.14 -45.27 -18.90
S21 ZWY Z . -13.32 -46.34 -20.03
H1 ZWY Z . -21.10 -42.75 -26.85
H2 ZWY Z . -20.11 -44.18 -26.52
H3 ZWY Z . -20.50 -43.06 -25.21
H4 ZWY Z . -17.07 -42.62 -27.37
H5 ZWY Z . -18.29 -43.74 -28.00
H6 ZWY Z . -16.73 -44.84 -26.40
H7 ZWY Z . -18.41 -44.88 -25.85
H8 ZWY Z . -16.24 -43.01 -24.84
H9 ZWY Z . -19.15 -43.32 -24.11
H10 ZWY Z . -17.48 -41.19 -25.55
H11 ZWY Z . -19.25 -39.91 -24.32
H12 ZWY Z . -20.47 -41.14 -24.80
H13 ZWY Z . -18.85 -39.29 -26.61
H14 ZWY Z . -20.61 -39.58 -26.64
H15 ZWY Z . -18.94 -41.65 -22.64
H16 ZWY Z . -17.15 -41.34 -23.23
H17 ZWY Z . -18.56 -43.31 -22.05
H18 ZWY Z . -15.23 -45.62 -24.78
H19 ZWY Z . -14.67 -44.28 -23.74
H20 ZWY Z . -14.09 -46.55 -22.83
H21 ZWY Z . -15.82 -46.91 -22.71
H22 ZWY Z . -14.46 -44.55 -21.40
H23 ZWY Z . -17.26 -45.91 -21.04
H24 ZWY Z . -16.74 -44.44 -20.20
H25 ZWY Z . -18.59 -44.96 -22.89
H26 ZWY Z . -17.50 -46.36 -22.88
H27 ZWY Z . -18.25 -45.84 -24.39
C01 ZWY AA . -14.78 -40.85 -37.10
C02 ZWY AA . -15.65 -40.47 -35.94
C03 ZWY AA . -15.19 -39.19 -35.29
C04 ZWY AA . -13.77 -39.44 -34.79
C05 ZWY AA . -13.70 -40.58 -33.81
C06 ZWY AA . -14.24 -41.85 -34.48
C07 ZWY AA . -15.67 -41.54 -34.82
C08 ZWY AA . -16.39 -42.67 -35.57
C09 ZWY AA . -17.53 -41.91 -36.30
C10 ZWY AA . -17.04 -40.49 -36.41
C12 ZWY AA . -14.23 -43.01 -33.58
C13 ZWY AA . -12.88 -42.98 -32.93
C14 ZWY AA . -12.02 -42.05 -32.81
C15 ZWY AA . -12.29 -40.70 -33.29
C16 ZWY AA . -11.96 -39.67 -32.32
C17 ZWY AA . -10.57 -39.99 -31.75
C18 ZWY AA . -10.65 -41.30 -30.99
C19 ZWY AA . -10.73 -42.39 -32.11
C25 ZWY AA . -11.42 -41.08 -34.34
O11 ZWY AA . -17.65 -39.54 -36.83
O20 ZWY AA . -9.41 -41.53 -30.36
O22 ZWY AA . -8.28 -41.89 -28.34
O23 ZWY AA . -10.13 -40.29 -28.49
O24 ZWY AA . -10.52 -42.62 -28.53
S21 ZWY AA . -9.55 -41.52 -28.85
H1 ZWY AA . -15.33 -40.73 -38.02
H2 ZWY AA . -13.90 -40.22 -37.12
H3 ZWY AA . -14.47 -41.89 -36.99
H4 ZWY AA . -15.84 -38.94 -34.46
H5 ZWY AA . -15.19 -38.40 -36.02
H6 ZWY AA . -13.40 -38.55 -34.30
H7 ZWY AA . -13.13 -39.67 -35.63
H8 ZWY AA . -14.30 -40.42 -32.93
H9 ZWY AA . -13.62 -42.07 -35.34
H10 ZWY AA . -16.23 -41.19 -33.97
H11 ZWY AA . -16.79 -43.39 -34.88
H12 ZWY AA . -15.73 -43.15 -36.29
H13 ZWY AA . -18.44 -41.94 -35.71
H14 ZWY AA . -17.70 -42.33 -37.27
H15 ZWY AA . -14.25 -43.89 -34.21
H16 ZWY AA . -14.95 -42.82 -32.80
H17 ZWY AA . -12.56 -43.44 -33.85
H18 ZWY AA . -11.95 -38.70 -32.79
H19 ZWY AA . -12.70 -39.67 -31.51
H20 ZWY AA . -10.26 -39.20 -31.09
H21 ZWY AA . -9.86 -40.09 -32.56
H22 ZWY AA . -11.47 -41.31 -30.27
H23 ZWY AA . -9.88 -42.31 -32.78
H24 ZWY AA . -10.78 -43.38 -31.68
H25 ZWY AA . -11.61 -42.10 -34.62
H26 ZWY AA . -10.39 -40.97 -34.01
H27 ZWY AA . -11.59 -40.43 -35.20
C01 ZWY BA . -36.54 -40.28 -14.21
C02 ZWY BA . -36.67 -41.33 -15.32
C03 ZWY BA . -36.27 -42.67 -14.78
C04 ZWY BA . -34.83 -42.57 -14.27
C05 ZWY BA . -33.92 -42.19 -15.42
C06 ZWY BA . -34.34 -40.83 -15.97
C07 ZWY BA . -35.73 -41.00 -16.49
C08 ZWY BA . -36.41 -39.70 -16.97
C09 ZWY BA . -37.87 -40.19 -17.06
C10 ZWY BA . -37.99 -41.25 -15.97
C12 ZWY BA . -33.51 -40.44 -17.10
C13 ZWY BA . -32.09 -40.72 -16.69
C14 ZWY BA . -31.62 -41.44 -15.75
C15 ZWY BA . -32.51 -42.24 -14.93
C16 ZWY BA . -32.04 -43.60 -14.70
C17 ZWY BA . -30.57 -43.56 -14.30
C18 ZWY BA . -29.74 -43.01 -15.46
C19 ZWY BA . -30.10 -41.50 -15.60
C25 ZWY BA . -32.32 -41.18 -14.00
O11 ZWY BA . -38.96 -41.88 -15.71
O20 ZWY BA . -28.41 -43.04 -15.03
O22 ZWY BA . -26.29 -43.88 -15.10
O23 ZWY BA . -28.13 -44.99 -16.43
O24 ZWY BA . -27.13 -42.90 -17.11
S21 ZWY BA . -27.46 -43.83 -15.92
H1 ZWY BA . -37.50 -39.81 -14.07
H2 ZWY BA . -36.23 -40.76 -13.30
H3 ZWY BA . -35.81 -39.54 -14.51
H4 ZWY BA . -36.33 -43.41 -15.58
H5 ZWY BA . -36.92 -42.95 -13.97
H6 ZWY BA . -34.52 -43.53 -13.87
H7 ZWY BA . -34.77 -41.82 -13.50
H8 ZWY BA . -33.98 -42.88 -16.26
H9 ZWY BA . -34.26 -40.10 -15.17
H10 ZWY BA . -35.76 -41.78 -17.24
H11 ZWY BA . -36.03 -39.39 -17.94
H12 ZWY BA . -36.29 -38.91 -16.23
H13 ZWY BA . -38.07 -40.61 -18.03
H14 ZWY BA . -38.56 -39.36 -16.86
H15 ZWY BA . -33.59 -39.37 -17.19
H16 ZWY BA . -33.74 -41.12 -17.91
H17 ZWY BA . -32.18 -39.77 -16.18
H18 ZWY BA . -32.61 -44.06 -13.90
H19 ZWY BA . -32.15 -44.19 -15.60
H20 ZWY BA . -30.22 -44.56 -14.07
H21 ZWY BA . -30.44 -42.91 -13.44
H22 ZWY BA . -29.91 -43.56 -16.38
H23 ZWY BA . -29.79 -40.96 -14.72
H24 ZWY BA . -29.62 -41.08 -16.47
H25 ZWY BA . -32.44 -40.23 -14.50
H26 ZWY BA . -31.31 -41.24 -13.59
H27 ZWY BA . -33.03 -41.26 -13.20
C01 ZWY CA . -23.60 -45.33 -39.82
C02 ZWY CA . -23.73 -44.17 -40.77
C03 ZWY CA . -25.15 -43.95 -41.23
C04 ZWY CA . -25.58 -45.27 -41.87
C05 ZWY CA . -24.71 -45.59 -43.06
C06 ZWY CA . -23.26 -45.73 -42.60
C07 ZWY CA . -22.88 -44.40 -42.03
C08 ZWY CA . -21.48 -44.41 -41.38
C09 ZWY CA . -21.58 -43.28 -40.31
C10 ZWY CA . -23.07 -43.01 -40.16
C12 ZWY CA . -22.35 -46.00 -43.72
C13 ZWY CA . -23.03 -47.01 -44.58
C14 ZWY CA . -24.24 -47.41 -44.62
C15 ZWY CA . -25.26 -46.78 -43.76
C16 ZWY CA . -26.51 -46.48 -44.47
C17 ZWY CA . -26.89 -47.67 -45.36
C18 ZWY CA . -25.80 -47.87 -46.41
C19 ZWY CA . -24.58 -48.47 -45.64
C25 ZWY CA . -25.08 -47.94 -42.98
O11 ZWY CA . -23.58 -42.06 -39.63
O20 ZWY CA . -26.28 -48.92 -47.23
O22 ZWY CA . -26.50 -49.83 -49.27
O23 ZWY CA . -27.36 -47.53 -48.86
O24 ZWY CA . -25.05 -48.04 -49.17
S21 ZWY CA . -26.39 -48.55 -48.68
H1 ZWY CA . -23.27 -44.96 -38.86
H2 ZWY CA . -24.56 -45.81 -39.71
H3 ZWY CA . -22.88 -46.04 -40.21
H4 ZWY CA . -25.19 -43.15 -41.96
H5 ZWY CA . -25.78 -43.71 -40.38
H6 ZWY CA . -26.62 -45.19 -42.20
H7 ZWY CA . -25.51 -46.08 -41.14
H8 ZWY CA . -24.72 -44.80 -43.80
H9 ZWY CA . -23.21 -46.55 -41.90
H10 ZWY CA . -23.02 -43.59 -42.73
H11 ZWY CA . -20.72 -44.18 -42.12
H12 ZWY CA . -21.29 -45.36 -40.91
H13 ZWY CA . -21.08 -42.39 -40.67
H14 ZWY CA . -21.15 -43.61 -39.38
H15 ZWY CA . -21.48 -46.49 -43.29
H16 ZWY CA . -22.28 -45.09 -44.29
H17 ZWY CA . -22.61 -47.72 -43.88
H18 ZWY CA . -27.30 -46.30 -43.75
H19 ZWY CA . -26.37 -45.59 -45.09
H20 ZWY CA . -27.83 -47.48 -45.84
H21 ZWY CA . -26.96 -48.56 -44.75
H22 ZWY CA . -25.56 -46.97 -46.96
H23 ZWY CA . -24.85 -49.40 -45.15
H24 ZWY CA . -23.74 -48.64 -46.31
H25 ZWY CA . -24.03 -48.12 -42.83
H26 ZWY CA . -25.53 -48.79 -43.49
H27 ZWY CA . -25.57 -47.80 -42.02
CHA HEM DA . 47.87 5.68 4.64
CHB HEM DA . 49.41 1.91 7.30
CHC HEM DA . 44.80 0.61 8.04
CHD HEM DA . 43.27 4.44 5.46
C1A HEM DA . 48.68 4.74 5.26
C2A HEM DA . 50.11 4.69 5.14
C3A HEM DA . 50.55 3.65 5.87
C4A HEM DA . 49.40 3.01 6.48
CMA HEM DA . 52.02 3.21 6.03
CAA HEM DA . 50.95 5.67 4.29
CBA HEM DA . 51.76 6.65 5.14
CGA HEM DA . 52.51 7.58 4.22
O1A HEM DA . 53.17 8.53 4.73
O2A HEM DA . 52.46 7.38 2.98
C1B HEM DA . 48.30 1.20 7.72
C2B HEM DA . 48.29 -0.04 8.46
C3B HEM DA . 47.00 -0.40 8.66
C4B HEM DA . 46.17 0.61 8.06
CMB HEM DA . 49.56 -0.80 8.92
CAB HEM DA . 46.41 -1.62 9.41
CBB HEM DA . 47.15 -2.40 10.19
C1C HEM DA . 43.98 1.56 7.45
C2C HEM DA . 42.54 1.66 7.57
C3C HEM DA . 42.13 2.70 6.83
C4C HEM DA . 43.29 3.33 6.26
CMC HEM DA . 41.65 0.70 8.38
CAC HEM DA . 40.69 3.24 6.66
CBC HEM DA . 39.83 3.24 7.68
C1D HEM DA . 44.38 5.08 4.97
C2D HEM DA . 44.39 6.21 4.06
C3D HEM DA . 45.66 6.54 3.83
C4D HEM DA . 46.50 5.65 4.61
CMD HEM DA . 43.16 6.90 3.44
CAD HEM DA . 46.14 7.69 2.93
CBD HEM DA . 46.21 8.96 3.79
CGD HEM DA . 46.16 10.18 2.91
O1D HEM DA . 45.58 11.21 3.35
O2D HEM DA . 46.67 10.11 1.77
NA HEM DA . 48.27 3.71 6.08
NB HEM DA . 46.99 1.56 7.48
NC HEM DA . 44.40 2.60 6.64
ND HEM DA . 45.69 4.77 5.29
FE HEM DA . 46.32 3.11 6.39
HHB HEM DA . 50.29 1.60 7.62
HHC HEM DA . 44.35 -0.13 8.49
HHD HEM DA . 42.40 4.80 5.21
HMA HEM DA . 52.42 3.06 5.15
HMAA HEM DA . 52.06 2.39 6.56
HMAB HEM DA . 52.52 3.92 6.50
HAA HEM DA . 50.36 6.17 3.71
HAAA HEM DA . 51.57 5.16 3.74
HBA HEM DA . 52.38 6.17 5.70
HBAA HEM DA . 51.15 7.16 5.70
HMB HEM DA . 50.29 -0.62 8.32
HMBA HEM DA . 49.39 -1.75 8.93
HMBB HEM DA . 49.80 -0.51 9.82
HAB HEM DA . 45.48 -1.84 9.28
HBB HEM DA . 46.74 -3.16 10.65
HBBA HEM DA . 48.09 -2.21 10.33
HMC HEM DA . 41.83 -0.22 8.10
HMCA HEM DA . 40.71 0.91 8.22
HMCB HEM DA . 41.84 0.78 9.33
HAC HEM DA . 40.41 3.59 5.81
HBC HEM DA . 38.95 3.58 7.56
HBCA HEM DA . 40.11 2.89 8.54
HMD HEM DA . 43.41 7.80 3.12
HMDA HEM DA . 42.45 6.99 4.12
HMDB HEM DA . 42.82 6.37 2.69
HAD HEM DA . 45.51 7.82 2.20
HADA HEM DA . 47.02 7.49 2.57
HBD HEM DA . 47.04 8.96 4.29
HBDA HEM DA . 45.46 8.97 4.40
HHA HEM DA . 48.32 6.42 4.20
C01 ZWY EA . 45.80 4.39 -4.31
C02 ZWY EA . 46.25 3.04 -3.78
C03 ZWY EA . 47.39 3.22 -2.82
C04 ZWY EA . 48.60 3.76 -3.60
C05 ZWY EA . 48.97 2.82 -4.73
C06 ZWY EA . 47.80 2.75 -5.71
C07 ZWY EA . 46.69 2.10 -4.92
C08 ZWY EA . 45.34 2.02 -5.66
C09 ZWY EA . 44.37 1.76 -4.46
C10 ZWY EA . 45.08 2.33 -3.26
C12 ZWY EA . 48.10 1.93 -6.88
C13 ZWY EA . 49.51 2.21 -7.30
C14 ZWY EA . 50.46 2.78 -6.69
C15 ZWY EA . 50.28 3.24 -5.31
C16 ZWY EA . 51.42 2.89 -4.46
C17 ZWY EA . 52.70 3.40 -5.14
C18 ZWY EA . 52.92 2.56 -6.38
C19 ZWY EA . 51.80 2.93 -7.42
C25 ZWY EA . 50.14 4.52 -5.92
O11 ZWY EA . 44.76 2.23 -2.09
O20 ZWY EA . 54.13 3.00 -6.91
O22 ZWY EA . 55.19 2.63 -8.94
O23 ZWY EA . 55.76 1.24 -6.90
O24 ZWY EA . 53.82 0.86 -8.19
S21 ZWY EA . 54.84 1.97 -7.77
H1 ZWY EA . 44.77 4.58 -4.01
H2 ZWY EA . 46.43 5.17 -3.91
H3 ZWY EA . 45.86 4.39 -5.39
H4 ZWY EA . 47.65 2.27 -2.37
H5 ZWY EA . 47.12 3.94 -2.04
H6 ZWY EA . 49.45 3.85 -2.93
H7 ZWY EA . 48.36 4.73 -4.01
H8 ZWY EA . 49.15 1.80 -4.41
H9 ZWY EA . 47.55 3.74 -6.06
H10 ZWY EA . 47.03 1.15 -4.53
H11 ZWY EA . 45.33 1.18 -6.35
H12 ZWY EA . 45.13 2.95 -6.16
H13 ZWY EA . 44.19 0.71 -4.34
H14 ZWY EA . 43.43 2.29 -4.63
H15 ZWY EA . 47.46 2.30 -7.68
H16 ZWY EA . 48.08 0.90 -6.55
H17 ZWY EA . 49.06 3.05 -7.82
H18 ZWY EA . 51.31 3.35 -3.49
H19 ZWY EA . 51.48 1.81 -4.34
H20 ZWY EA . 53.53 3.30 -4.47
H21 ZWY EA . 52.57 4.44 -5.42
H22 ZWY EA . 52.89 1.49 -6.16
H23 ZWY EA . 51.94 3.96 -7.74
H24 ZWY EA . 51.84 2.27 -8.27
H25 ZWY EA . 49.47 4.44 -6.77
H26 ZWY EA . 51.11 4.86 -6.25
H27 ZWY EA . 49.73 5.22 -5.21
C01 ZWY FA . 57.46 -2.22 -15.93
C02 ZWY FA . 58.89 -2.01 -16.36
C03 ZWY FA . 59.22 -2.86 -17.55
C04 ZWY FA . 58.94 -4.32 -17.13
C05 ZWY FA . 59.78 -4.74 -15.96
C06 ZWY FA . 59.55 -3.78 -14.78
C07 ZWY FA . 59.93 -2.42 -15.28
C08 ZWY FA . 59.73 -1.28 -14.27
C09 ZWY FA . 59.87 -0.10 -15.27
C10 ZWY FA . 59.13 -0.57 -16.51
C12 ZWY FA . 60.41 -4.08 -13.63
C13 ZWY FA . 60.43 -5.58 -13.50
C14 ZWY FA . 60.03 -6.49 -14.30
C15 ZWY FA . 59.52 -6.17 -15.63
C16 ZWY FA . 59.95 -7.12 -16.65
C17 ZWY FA . 59.67 -8.53 -16.15
C18 ZWY FA . 60.60 -8.84 -14.99
C19 ZWY FA . 60.21 -7.93 -13.80
C25 ZWY FA . 58.27 -6.29 -14.99
O11 ZWY FA . 58.78 0.10 -17.45
O20 ZWY FA . 60.27 -10.14 -14.51
O22 ZWY FA . 60.82 -12.40 -14.22
O23 ZWY FA . 62.46 -10.78 -15.31
O24 ZWY FA . 62.09 -10.86 -12.93
S21 ZWY FA . 61.46 -11.11 -14.32
H1 ZWY FA . 56.93 -1.28 -15.98
H2 ZWY FA . 56.99 -2.94 -16.58
H3 ZWY FA . 57.43 -2.58 -14.91
H4 ZWY FA . 60.27 -2.75 -17.80
H5 ZWY FA . 58.59 -2.59 -18.39
H6 ZWY FA . 59.15 -4.97 -17.98
H7 ZWY FA . 57.88 -4.41 -16.87
H8 ZWY FA . 60.84 -4.69 -16.19
H9 ZWY FA . 58.52 -3.88 -14.47
H10 ZWY FA . 60.93 -2.43 -15.69
H11 ZWY FA . 60.52 -1.27 -13.53
H12 ZWY FA . 58.75 -1.31 -13.81
H13 ZWY FA . 60.91 0.09 -15.49
H14 ZWY FA . 59.41 0.80 -14.86
H15 ZWY FA . 59.90 -3.70 -12.75
H16 ZWY FA . 61.41 -3.77 -13.90
H17 ZWY FA . 59.54 -5.42 -12.92
H18 ZWY FA . 59.39 -6.94 -17.57
H19 ZWY FA . 61.01 -7.00 -16.85
H20 ZWY FA . 59.85 -9.24 -16.95
H21 ZWY FA . 58.65 -8.59 -15.82
H22 ZWY FA . 61.64 -8.73 -15.30
H23 ZWY FA . 59.28 -8.27 -13.38
H24 ZWY FA . 60.99 -7.95 -13.05
H25 ZWY FA . 58.23 -5.66 -14.11
H26 ZWY FA . 58.12 -7.32 -14.68
H27 ZWY FA . 57.48 -6.01 -15.67
C01 ZWY GA . 61.38 2.79 -26.40
C02 ZWY GA . 61.14 2.73 -24.90
C03 ZWY GA . 62.44 2.91 -24.16
C04 ZWY GA . 63.36 1.76 -24.63
C05 ZWY GA . 62.72 0.43 -24.28
C06 ZWY GA . 61.37 0.29 -24.99
C07 ZWY GA . 60.51 1.40 -24.48
C08 ZWY GA . 59.18 1.55 -25.20
C09 ZWY GA . 58.77 2.98 -24.76
C10 ZWY GA . 60.08 3.68 -24.56
C12 ZWY GA . 60.71 -1.00 -24.68
C13 ZWY GA . 61.77 -2.05 -24.55
C14 ZWY GA . 63.04 -1.97 -24.52
C15 ZWY GA . 63.69 -0.67 -24.55
C16 ZWY GA . 64.89 -0.61 -23.68
C17 ZWY GA . 65.74 -1.85 -23.94
C18 ZWY GA . 65.00 -3.06 -23.41
C19 ZWY GA . 63.81 -3.28 -24.40
C25 ZWY GA . 63.78 -0.89 -25.95
O11 ZWY GA . 60.25 4.82 -24.21
O20 ZWY GA . 65.88 -4.17 -23.57
O22 ZWY GA . 66.85 -6.13 -22.69
O23 ZWY GA . 66.39 -4.16 -21.22
O24 ZWY GA . 64.61 -5.56 -22.04
S21 ZWY GA . 66.02 -5.03 -22.30
H1 ZWY GA . 60.84 3.63 -26.82
H2 ZWY GA . 62.44 2.92 -26.59
H3 ZWY GA . 61.05 1.87 -26.85
H4 ZWY GA . 62.27 2.83 -23.09
H5 ZWY GA . 62.89 3.86 -24.40
H6 ZWY GA . 64.31 1.84 -24.13
H7 ZWY GA . 63.49 1.82 -25.70
H8 ZWY GA . 62.49 0.35 -23.22
H9 ZWY GA . 61.54 0.32 -26.06
H10 ZWY GA . 60.41 1.34 -23.40
H11 ZWY GA . 58.46 0.81 -24.86
H12 ZWY GA . 59.30 1.49 -26.28
H13 ZWY GA . 58.21 2.94 -23.83
H14 ZWY GA . 58.18 3.47 -25.53
H15 ZWY GA . 60.12 -1.26 -25.56
H16 ZWY GA . 60.26 -0.88 -23.69
H17 ZWY GA . 61.59 -2.18 -25.61
H18 ZWY GA . 65.46 0.28 -23.91
H19 ZWY GA . 64.58 -0.59 -22.65
H20 ZWY GA . 66.70 -1.75 -23.42
H21 ZWY GA . 65.92 -1.96 -25.00
H22 ZWY GA . 64.67 -2.95 -22.38
H23 ZWY GA . 64.20 -3.58 -25.36
H24 ZWY GA . 63.16 -4.05 -24.01
H25 ZWY GA . 62.79 -1.07 -26.35
H26 ZWY GA . 64.40 -1.76 -26.13
H27 ZWY GA . 64.22 -0.03 -26.42
C01 ZWY HA . 49.45 1.88 2.74
C02 ZWY HA . 48.54 1.88 1.52
C03 ZWY HA . 47.90 0.53 1.35
C04 ZWY HA . 49.05 -0.47 1.15
C05 ZWY HA . 49.89 -0.11 -0.08
C06 ZWY HA . 50.48 1.27 0.13
C07 ZWY HA . 49.30 2.18 0.22
C08 ZWY HA . 49.66 3.67 0.41
C09 ZWY HA . 48.54 4.24 1.29
C10 ZWY HA . 47.65 3.05 1.57
C12 ZWY HA . 51.31 1.69 -0.99
C13 ZWY HA . 52.15 0.50 -1.39
C14 ZWY HA . 52.01 -0.73 -1.14
C15 ZWY HA . 50.86 -1.22 -0.38
C16 ZWY HA . 50.22 -2.38 -1.01
C17 ZWY HA . 51.31 -3.42 -1.29
C18 ZWY HA . 52.29 -2.90 -2.32
C19 ZWY HA . 53.06 -1.69 -1.70
C25 ZWY HA . 51.81 -1.32 0.67
O11 ZWY HA . 46.47 3.07 1.78
O20 ZWY HA . 53.25 -3.92 -2.48
O22 ZWY HA . 54.60 -5.17 -3.87
O23 ZWY HA . 52.11 -4.99 -4.31
O24 ZWY HA . 53.69 -3.22 -4.84
S21 ZWY HA . 53.36 -4.41 -3.93
H1 ZWY HA . 49.10 2.62 3.45
H2 ZWY HA . 49.42 0.90 3.21
H3 ZWY HA . 50.46 2.11 2.44
H4 ZWY HA . 47.26 0.54 0.48
H5 ZWY HA . 47.33 0.28 2.24
H6 ZWY HA . 48.64 -1.46 1.02
H7 ZWY HA . 49.68 -0.46 2.03
H8 ZWY HA . 49.28 -0.05 -0.98
H9 ZWY HA . 51.11 1.26 1.01
H10 ZWY HA . 48.62 2.04 -0.61
H11 ZWY HA . 49.68 4.17 -0.56
H12 ZWY HA . 50.61 3.75 0.91
H13 ZWY HA . 47.98 5.00 0.76
H14 ZWY HA . 48.93 4.64 2.22
H15 ZWY HA . 52.00 2.44 -0.60
H16 ZWY HA . 50.64 1.90 -1.81
H17 ZWY HA . 52.77 0.82 -0.57
H18 ZWY HA . 49.49 -2.79 -0.33
H19 ZWY HA . 49.75 -2.09 -1.93
H20 ZWY HA . 50.83 -4.33 -1.68
H21 ZWY HA . 51.84 -3.65 -0.38
H22 ZWY HA . 51.79 -2.62 -3.24
H23 ZWY HA . 53.71 -2.03 -0.90
H24 ZWY HA . 53.64 -1.19 -2.47
H25 ZWY HA . 52.45 -0.45 0.66
H26 ZWY HA . 52.39 -2.21 0.54
H27 ZWY HA . 51.29 -1.37 1.62
CHA HEM IA . -0.25 22.93 56.27
CHB HEM IA . -4.84 22.90 57.85
CHC HEM IA . -3.38 20.98 62.02
CHD HEM IA . 1.20 20.97 60.43
C1A HEM IA . -1.61 23.10 56.34
C2A HEM IA . -2.44 23.68 55.31
C3A HEM IA . -3.70 23.68 55.74
C4A HEM IA . -3.72 23.09 57.06
CMA HEM IA . -4.92 24.21 54.95
CAA HEM IA . -1.95 24.21 53.95
CBA HEM IA . -1.87 23.03 52.99
CGA HEM IA . -1.69 23.50 51.57
O1A HEM IA . -1.91 22.69 50.64
O2A HEM IA . -1.33 24.70 51.37
C1B HEM IA . -4.85 22.36 59.11
C2B HEM IA . -6.03 22.11 59.91
C3B HEM IA . -5.63 21.58 61.08
C4B HEM IA . -4.18 21.48 61.02
CMB HEM IA . -7.46 22.44 59.45
CAB HEM IA . -6.49 21.12 62.28
CBB HEM IA . -7.81 20.95 62.17
C1C HEM IA . -2.02 20.76 61.92
C2C HEM IA . -1.22 20.07 62.90
C3C HEM IA . 0.06 20.07 62.46
C4C HEM IA . 0.08 20.76 61.20
CMC HEM IA . -1.80 19.48 64.20
CAC HEM IA . 1.33 19.47 63.12
CBC HEM IA . 1.29 18.91 64.34
C1D HEM IA . 1.22 21.54 59.19
C2D HEM IA . 2.40 21.88 58.41
C3D HEM IA . 1.99 22.42 57.26
C4D HEM IA . 0.55 22.45 57.27
CMD HEM IA . 3.86 21.64 58.84
CAD HEM IA . 2.88 22.93 56.11
CBD HEM IA . 3.44 21.73 55.34
CGD HEM IA . 4.34 22.21 54.23
O1D HEM IA . 5.21 21.41 53.80
O2D HEM IA . 4.22 23.38 53.80
NA HEM IA . -2.42 22.75 57.39
NB HEM IA . -3.74 21.96 59.82
NC HEM IA . -1.19 21.18 60.90
ND HEM IA . 0.10 21.90 58.46
FE HEM IA . -1.79 22.07 59.19
HHB HEM IA . -5.70 23.19 57.46
HHC HEM IA . -3.80 20.75 62.87
HHD HEM IA . 2.06 20.68 60.80
HMA HEM IA . -4.80 25.15 54.75
HMAA HEM IA . -5.72 24.09 55.50
HMAB HEM IA . -5.02 23.70 54.12
HAA HEM IA . -1.07 24.61 54.05
HAAA HEM IA . -2.56 24.87 53.60
HBA HEM IA . -2.70 22.52 53.05
HBAA HEM IA . -1.13 22.46 53.23
HMB HEM IA . -7.45 23.14 58.78
HMBA HEM IA . -7.99 22.73 60.21
HMBB HEM IA . -7.87 21.64 59.06
HAB HEM IA . -6.06 20.95 63.12
HBB HEM IA . -8.32 20.66 62.94
HBBA HEM IA . -8.25 21.12 61.33
HMC HEM IA . -1.46 18.58 64.32
HMCA HEM IA . -2.77 19.44 64.13
HMCB HEM IA . -1.55 20.03 64.96
HAC HEM IA . 2.15 19.49 62.64
HBC HEM IA . 2.10 18.55 64.73
HBCA HEM IA . 0.46 18.88 64.83
HMD HEM IA . 4.47 21.87 58.10
HMDA HEM IA . 3.98 20.70 59.08
HMDB HEM IA . 4.07 22.20 59.61
HAD HEM IA . 3.61 23.45 56.47
HADA HEM IA . 2.36 23.48 55.51
HBD HEM IA . 2.70 21.23 54.96
HBDA HEM IA . 3.93 21.16 55.95
HHA HEM IA . 0.19 23.18 55.42
CHA HEM JA . 29.21 36.27 26.00
CHB HEM JA . 33.75 37.16 24.55
CHC HEM JA . 32.05 39.60 20.73
CHD HEM JA . 27.52 38.74 22.20
C1A HEM JA . 30.58 36.28 25.91
C2A HEM JA . 31.47 35.57 26.80
C3A HEM JA . 32.72 35.81 26.41
C4A HEM JA . 32.67 36.67 25.25
CMA HEM JA . 34.01 35.26 27.08
CAA HEM JA . 31.05 34.70 28.00
CBA HEM JA . 30.66 33.31 27.48
CGA HEM JA . 30.41 32.43 28.68
O1A HEM JA . 30.40 31.18 28.52
O2A HEM JA . 30.23 32.98 29.80
C1B HEM JA . 33.69 37.87 23.37
C2B HEM JA . 34.82 38.27 22.56
C3B HEM JA . 34.36 38.95 21.51
C4B HEM JA . 32.91 38.99 21.62
CMB HEM JA . 36.30 37.95 22.91
CAB HEM JA . 35.13 39.59 20.33
CBB HEM JA . 36.40 39.25 20.06
C1C HEM JA . 30.68 39.57 20.79
C2C HEM JA . 29.78 40.16 19.83
C3C HEM JA . 28.52 39.93 20.24
C4C HEM JA . 28.60 39.18 21.47
CMC HEM JA . 30.25 40.92 18.57
CAC HEM JA . 27.16 40.32 19.60
CBC HEM JA . 27.10 41.00 18.45
C1D HEM JA . 27.59 38.06 23.39
C2D HEM JA . 26.47 37.76 24.26
C3D HEM JA . 26.93 37.08 25.31
C4D HEM JA . 28.36 36.92 25.14
CMD HEM JA . 25.00 38.16 24.01
CAD HEM JA . 26.10 36.54 26.49
CBD HEM JA . 25.35 35.30 26.02
CGD HEM JA . 24.49 34.74 27.11
O1D HEM JA . 23.63 33.88 26.81
O2D HEM JA . 24.65 35.17 28.29
NA HEM JA . 31.35 36.94 24.98
NB HEM JA . 32.54 38.33 22.76
NC HEM JA . 29.92 38.97 21.78
ND HEM JA . 28.73 37.53 23.95
FE HEM JA . 30.64 38.13 23.50
HHB HEM JA . 34.64 36.98 24.92
HHC HEM JA . 32.46 40.09 19.98
HHD HEM JA . 26.62 38.94 21.85
HMA HEM JA . 34.02 35.51 28.02
HMAA HEM JA . 34.79 35.64 26.63
HMAB HEM JA . 34.02 34.28 27.00
HAA HEM JA . 30.28 35.10 28.43
HAAA HEM JA . 31.78 34.62 28.63
HBA HEM JA . 31.39 32.95 26.96
HBAA HEM JA . 29.86 33.38 26.94
HMB HEM JA . 36.38 37.86 23.87
HMBA HEM JA . 36.86 38.67 22.59
HMBB HEM JA . 36.56 37.11 22.47
HAB HEM JA . 34.69 40.23 19.77
HBB HEM JA . 36.86 39.66 19.31
HBBA HEM JA . 36.86 38.60 20.62
HMC HEM JA . 30.00 40.43 17.77
HMCA HEM JA . 31.22 41.00 18.59
HMCB HEM JA . 29.85 41.81 18.55
HAC HEM JA . 26.35 40.08 20.05
HBC HEM JA . 26.23 41.24 18.08
HBCA HEM JA . 27.91 41.25 17.99
HMD HEM JA . 24.41 37.58 24.53
HMDA HEM JA . 24.79 38.06 23.05
HMDB HEM JA . 24.87 39.09 24.28
HAD HEM JA . 25.47 37.22 26.78
HADA HEM JA . 26.69 36.31 27.23
HBD HEM JA . 25.98 34.63 25.75
HBDA HEM JA . 24.79 35.54 25.26
HHA HEM JA . 28.80 35.78 26.74
CHA HEM KA . -16.24 -16.68 -56.26
CHB HEM KA . -17.15 -17.23 -60.98
CHC HEM KA . -12.53 -16.13 -61.94
CHD HEM KA . -11.73 -15.19 -57.27
C1A HEM KA . -16.87 -16.97 -57.44
C2A HEM KA . -18.21 -17.48 -57.57
C3A HEM KA . -18.47 -17.65 -58.88
C4A HEM KA . -17.30 -17.23 -59.62
CMA HEM KA . -19.79 -18.18 -59.48
CAA HEM KA . -19.14 -17.80 -56.40
CBA HEM KA . -20.39 -16.93 -56.44
CGA HEM KA . -21.15 -17.23 -55.17
O1A HEM KA . -22.01 -16.39 -54.79
O2A HEM KA . -20.89 -18.29 -54.54
C1B HEM KA . -15.97 -16.98 -61.66
C2B HEM KA . -15.77 -17.04 -63.10
C3B HEM KA . -14.49 -16.73 -63.35
C4B HEM KA . -13.84 -16.47 -62.09
CMB HEM KA . -16.89 -17.40 -64.11
CAB HEM KA . -13.70 -16.64 -64.68
CBB HEM KA . -14.26 -16.91 -65.87
C1C HEM KA . -11.92 -15.74 -60.78
C2C HEM KA . -10.58 -15.19 -60.66
C3C HEM KA . -10.37 -14.91 -59.38
C4C HEM KA . -11.54 -15.29 -58.62
CMC HEM KA . -9.60 -14.94 -61.83
CAC HEM KA . -9.04 -14.31 -58.85
CBC HEM KA . -9.06 -13.40 -57.88
C1D HEM KA . -12.87 -15.56 -56.58
C2D HEM KA . -13.04 -15.58 -55.14
C3D HEM KA . -14.28 -15.99 -54.87
C4D HEM KA . -14.95 -16.24 -56.12
CMD HEM KA . -11.96 -15.20 -54.11
CAD HEM KA . -14.91 -16.17 -53.46
CBD HEM KA . -15.20 -14.79 -52.87
CGD HEM KA . -15.81 -14.93 -51.49
O1D HEM KA . -15.87 -13.91 -50.75
O2D HEM KA . -16.26 -16.05 -51.13
NA HEM KA . -16.34 -16.82 -58.71
NB HEM KA . -14.78 -16.63 -61.08
NC HEM KA . -12.47 -15.79 -59.51
ND HEM KA . -14.07 -15.97 -57.14
FE HEM KA . -14.40 -16.38 -59.10
HHB HEM KA . -17.95 -17.42 -61.52
HHC HEM KA . -11.97 -16.17 -62.74
HHD HEM KA . -10.99 -14.82 -56.74
HMA HEM KA . -20.06 -18.99 -59.01
HMAA HEM KA . -19.65 -18.37 -60.44
HMAB HEM KA . -20.49 -17.50 -59.38
HAA HEM KA . -18.67 -17.65 -55.56
HAAA HEM KA . -19.41 -18.74 -56.46
HBA HEM KA . -20.93 -17.14 -57.22
HBAA HEM KA . -20.14 -15.99 -56.47
HMB HEM KA . -16.80 -16.86 -64.90
HMBA HEM KA . -17.76 -17.24 -63.70
HMBB HEM KA . -16.82 -18.34 -64.34
HAB HEM KA . -12.78 -16.37 -64.66
HBB HEM KA . -13.73 -16.84 -66.67
HBBA HEM KA . -15.19 -17.17 -65.91
HMC HEM KA . -9.52 -15.74 -62.35
HMCA HEM KA . -8.74 -14.69 -61.47
HMCB HEM KA . -9.94 -14.22 -62.39
HAC HEM KA . -8.20 -14.60 -59.23
HBC HEM KA . -8.23 -13.02 -57.55
HBCA HEM KA . -9.91 -13.11 -57.50
HMD HEM KA . -12.35 -15.17 -53.21
HMDA HEM KA . -11.59 -14.32 -54.33
HMDB HEM KA . -11.23 -15.86 -54.13
HAD HEM KA . -14.29 -16.65 -52.89
HADA HEM KA . -15.74 -16.66 -53.54
HBD HEM KA . -15.80 -14.31 -53.45
HBDA HEM KA . -14.36 -14.29 -52.79
HHA HEM KA . -16.76 -16.79 -55.43
C01 ZWY LA . -12.91 -23.46 -51.16
C02 ZWY LA . -12.88 -24.00 -52.59
C03 ZWY LA . -14.15 -23.62 -53.29
C04 ZWY LA . -15.31 -24.27 -52.51
C05 ZWY LA . -15.19 -25.78 -52.48
C06 ZWY LA . -13.87 -26.16 -51.78
C07 ZWY LA . -12.79 -25.55 -52.65
C08 ZWY LA . -11.37 -25.72 -52.12
C09 ZWY LA . -10.62 -24.66 -52.99
C10 ZWY LA . -11.65 -23.57 -53.22
C12 ZWY LA . -13.71 -27.60 -51.73
C13 ZWY LA . -15.05 -28.19 -51.34
C14 ZWY LA . -16.23 -27.70 -51.36
C15 ZWY LA . -16.44 -26.36 -51.89
C16 ZWY LA . -17.58 -26.31 -52.82
C17 ZWY LA . -18.80 -26.98 -52.19
C18 ZWY LA . -18.52 -28.46 -51.96
C19 ZWY LA . -17.39 -28.57 -50.87
C25 ZWY LA . -16.54 -26.01 -50.53
O11 ZWY LA . -11.48 -22.55 -53.83
O20 ZWY LA . -19.72 -28.94 -51.38
O22 ZWY LA . -21.29 -30.68 -51.12
O23 ZWY LA . -19.67 -30.61 -53.06
O24 ZWY LA . -19.02 -31.28 -50.85
S21 ZWY LA . -20.00 -30.42 -51.69
H1 ZWY LA . -12.11 -22.75 -51.03
H2 ZWY LA . -13.86 -22.99 -50.98
H3 ZWY LA . -12.78 -24.29 -50.47
H4 ZWY LA . -14.13 -23.99 -54.31
H5 ZWY LA . -14.27 -22.55 -53.30
H6 ZWY LA . -16.25 -24.00 -52.97
H7 ZWY LA . -15.28 -23.90 -51.48
H8 ZWY LA . -15.14 -26.23 -53.46
H9 ZWY LA . -13.87 -25.78 -50.77
H10 ZWY LA . -12.91 -25.90 -53.66
H11 ZWY LA . -10.99 -26.71 -52.32
H12 ZWY LA . -11.31 -25.47 -51.07
H13 ZWY LA . -10.30 -25.10 -53.92
H14 ZWY LA . -9.77 -24.27 -52.44
H15 ZWY LA . -13.04 -27.81 -50.90
H16 ZWY LA . -13.51 -27.93 -52.74
H17 ZWY LA . -14.73 -27.93 -50.34
H18 ZWY LA . -17.80 -25.28 -53.05
H19 ZWY LA . -17.31 -26.83 -53.74
H20 ZWY LA . -19.64 -26.88 -52.86
H21 ZWY LA . -19.01 -26.50 -51.25
H22 ZWY LA . -18.22 -28.99 -52.84
H23 ZWY LA . -17.75 -28.21 -49.91
H24 ZWY LA . -17.06 -29.61 -50.77
H25 ZWY LA . -15.77 -26.52 -49.96
H26 ZWY LA . -17.51 -26.31 -50.15
H27 ZWY LA . -16.42 -24.95 -50.41
C01 ZWY MA . -20.01 -39.37 -50.01
C02 ZWY MA . -21.37 -40.01 -49.79
C03 ZWY MA . -21.25 -41.50 -49.63
C04 ZWY MA . -20.52 -42.04 -50.87
C05 ZWY MA . -21.31 -41.74 -52.13
C06 ZWY MA . -21.54 -40.23 -52.23
C07 ZWY MA . -22.29 -39.80 -51.00
C08 ZWY MA . -22.52 -38.29 -50.92
C09 ZWY MA . -22.79 -38.11 -49.40
C10 ZWY MA . -22.08 -39.27 -48.72
C12 ZWY MA . -22.38 -39.89 -53.38
C13 ZWY MA . -21.73 -40.61 -54.52
C14 ZWY MA . -20.93 -41.61 -54.54
C15 ZWY MA . -20.58 -42.30 -53.31
C16 ZWY MA . -20.73 -43.74 -53.47
C17 ZWY MA . -20.06 -44.19 -54.77
C18 ZWY MA . -20.81 -43.60 -55.94
C19 ZWY MA . -20.45 -42.08 -55.91
C25 ZWY MA . -19.34 -41.62 -53.48
O11 ZWY MA . -22.10 -39.53 -47.54
O20 ZWY MA . -20.23 -44.12 -57.12
O22 ZWY MA . -20.43 -45.65 -58.87
O23 ZWY MA . -22.08 -45.67 -57.01
O24 ZWY MA . -22.10 -43.99 -58.68
S21 ZWY MA . -21.22 -45.01 -57.90
H1 ZWY MA . -19.81 -38.67 -49.21
H2 ZWY MA . -19.25 -40.13 -50.03
H3 ZWY MA . -20.02 -38.84 -50.96
H4 ZWY MA . -22.23 -41.94 -49.55
H5 ZWY MA . -20.67 -41.73 -48.74
H6 ZWY MA . -20.41 -43.11 -50.77
H7 ZWY MA . -19.54 -41.58 -50.94
H8 ZWY MA . -22.27 -42.22 -52.12
H9 ZWY MA . -20.57 -39.77 -52.32
H10 ZWY MA . -23.21 -40.36 -50.89
H11 ZWY MA . -23.37 -37.98 -51.51
H12 ZWY MA . -21.63 -37.74 -51.21
H13 ZWY MA . -23.87 -38.16 -49.21
H14 ZWY MA . -22.40 -37.17 -49.05
H15 ZWY MA . -22.25 -38.84 -53.56
H16 ZWY MA . -23.34 -40.36 -53.23
H17 ZWY MA . -21.03 -39.79 -54.49
H18 ZWY MA . -20.26 -44.24 -52.63
H19 ZWY MA . -21.78 -43.98 -53.51
H20 ZWY MA . -20.08 -45.27 -54.82
H21 ZWY MA . -19.03 -43.84 -54.78
H22 ZWY MA . -21.87 -43.80 -55.90
H23 ZWY MA . -19.37 -41.94 -56.00
H24 ZWY MA . -20.96 -41.55 -56.70
H25 ZWY MA . -19.54 -40.61 -53.82
H26 ZWY MA . -18.75 -42.14 -54.22
H27 ZWY MA . -18.82 -41.60 -52.54
C01 ZWY NA . -16.33 -20.69 -58.06
C02 ZWY NA . -15.32 -21.42 -57.20
C03 ZWY NA . -14.39 -22.23 -58.05
C04 ZWY NA . -15.25 -23.28 -58.80
C05 ZWY NA . -15.98 -24.19 -57.80
C06 ZWY NA . -16.93 -23.30 -57.00
C07 ZWY NA . -16.03 -22.38 -56.22
C08 ZWY NA . -16.77 -21.37 -55.35
C09 ZWY NA . -15.59 -20.44 -55.02
C10 ZWY NA . -14.71 -20.45 -56.27
C12 ZWY NA . -17.77 -24.07 -56.05
C13 ZWY NA . -18.11 -25.40 -56.66
C14 ZWY NA . -17.67 -25.99 -57.68
C15 ZWY NA . -16.61 -25.38 -58.47
C16 ZWY NA . -15.64 -26.40 -58.94
C17 ZWY NA . -16.40 -27.51 -59.68
C18 ZWY NA . -17.17 -28.30 -58.64
C19 ZWY NA . -18.25 -27.38 -58.00
C25 ZWY NA . -17.68 -24.90 -59.27
O11 ZWY NA . -13.71 -19.80 -56.45
O20 ZWY NA . -17.91 -29.27 -59.34
O22 ZWY NA . -18.07 -31.49 -60.09
O23 ZWY NA . -16.18 -30.77 -58.57
O24 ZWY NA . -18.38 -31.10 -57.74
S21 ZWY NA . -17.55 -30.71 -58.98
H1 ZWY NA . -16.26 -19.63 -57.89
H2 ZWY NA . -16.12 -20.90 -59.11
H3 ZWY NA . -17.33 -21.03 -57.83
H4 ZWY NA . -13.66 -22.73 -57.43
H5 ZWY NA . -13.89 -21.59 -58.77
H6 ZWY NA . -14.61 -23.88 -59.43
H7 ZWY NA . -15.98 -22.77 -59.41
H8 ZWY NA . -15.30 -24.67 -57.12
H9 ZWY NA . -17.60 -22.79 -57.68
H10 ZWY NA . -15.29 -22.96 -55.68
H11 ZWY NA . -17.17 -21.83 -54.45
H12 ZWY NA . -17.54 -20.86 -55.90
H13 ZWY NA . -15.03 -20.82 -54.17
H14 ZWY NA . -15.93 -19.43 -54.83
H15 ZWY NA . -18.71 -23.52 -55.98
H16 ZWY NA . -17.15 -24.27 -55.19
H17 ZWY NA . -18.95 -24.87 -57.08
H18 ZWY NA . -14.92 -25.94 -59.62
H19 ZWY NA . -15.12 -26.82 -58.09
H20 ZWY NA . -15.69 -28.16 -60.18
H21 ZWY NA . -17.08 -27.08 -60.40
H22 ZWY NA . -16.50 -28.70 -57.89
H23 ZWY NA . -19.07 -27.26 -58.70
H24 ZWY NA . -18.60 -27.82 -57.08
H25 ZWY NA . -18.35 -24.31 -58.65
H26 ZWY NA . -18.22 -25.75 -59.67
H27 ZWY NA . -17.30 -24.29 -60.08
CHA HEM OA . -52.33 18.40 -8.48
CHB HEM OA . -52.98 20.42 -4.12
CHC HEM OA . -53.81 16.06 -2.16
CHD HEM OA . -53.24 14.05 -6.54
C1A HEM OA . -52.40 19.33 -7.46
C2A HEM OA . -52.12 20.74 -7.59
C3A HEM OA . -52.29 21.30 -6.38
C4A HEM OA . -52.69 20.26 -5.46
CMA HEM OA . -52.10 22.79 -6.03
CAA HEM OA . -51.67 21.45 -8.87
CBA HEM OA . -52.81 22.27 -9.47
CGA HEM OA . -52.35 22.90 -10.76
O1A HEM OA . -53.16 23.59 -11.42
O2A HEM OA . -51.15 22.72 -11.13
C1B HEM OA . -53.26 19.42 -3.21
C2B HEM OA . -53.53 19.62 -1.80
C3B HEM OA . -53.75 18.41 -1.25
C4B HEM OA . -53.65 17.41 -2.30
CMB HEM OA . -53.51 21.00 -1.13
CAB HEM OA . -54.09 18.05 0.22
CBB HEM OA . -54.39 19.00 1.11
C1C HEM OA . -53.76 15.13 -3.18
C2C HEM OA . -54.05 13.70 -3.08
C3C HEM OA . -53.87 13.17 -4.29
C4C HEM OA . -53.49 14.22 -5.20
CMC HEM OA . -54.46 12.95 -1.79
CAC HEM OA . -54.07 11.70 -4.74
CBC HEM OA . -55.01 10.94 -4.18
C1D HEM OA . -52.86 15.04 -7.44
C2D HEM OA . -52.38 14.84 -8.78
C3D HEM OA . -52.13 16.04 -9.31
C4D HEM OA . -52.45 17.04 -8.32
CMD HEM OA . -52.19 13.47 -9.47
CAD HEM OA . -51.60 16.33 -10.72
CBD HEM OA . -52.76 16.27 -11.72
CGD HEM OA . -52.24 16.48 -13.11
O1D HEM OA . -52.88 15.98 -14.07
O2D HEM OA . -51.18 17.13 -13.26
NA HEM OA . -52.75 19.07 -6.16
NB HEM OA . -53.34 18.07 -3.48
NC HEM OA . -53.43 15.39 -4.49
ND HEM OA . -52.90 16.39 -7.18
FE HEM OA . -52.98 17.22 -5.29
HHB HEM OA . -52.98 21.34 -3.78
HHC HEM OA . -53.99 15.71 -1.25
HHD HEM OA . -53.32 13.14 -6.91
HMA HEM OA . -51.25 23.10 -6.39
HMAA HEM OA . -52.10 22.90 -5.06
HMAB HEM OA . -52.83 23.32 -6.42
HAA HEM OA . -51.39 20.78 -9.53
HAAA HEM OA . -50.93 22.04 -8.68
HBA HEM OA . -53.08 22.96 -8.85
HBAA HEM OA . -53.57 21.68 -9.65
HMB HEM OA . -53.10 21.65 -1.72
HMBA HEM OA . -53.01 20.95 -0.30
HMBB HEM OA . -54.43 21.27 -0.93
HAB HEM OA . -54.08 17.13 0.49
HBB HEM OA . -54.60 18.75 2.03
HBBA HEM OA . -54.41 19.93 0.85
HMC HEM OA . -53.87 13.22 -1.07
HMCA HEM OA . -54.40 12.00 -1.94
HMCB HEM OA . -55.37 13.18 -1.56
HAC HEM OA . -53.51 11.33 -5.42
HBC HEM OA . -55.13 10.02 -4.46
HBCA HEM OA . -55.59 11.31 -3.48
HMD HEM OA . -51.57 12.92 -8.94
HMDA HEM OA . -51.81 13.61 -10.37
HMDB HEM OA . -53.05 13.02 -9.55
HAD HEM OA . -50.93 15.67 -10.97
HADA HEM OA . -51.19 17.22 -10.76
HBD HEM OA . -53.41 16.97 -11.50
HBDA HEM OA . -53.19 15.41 -11.65
HHA HEM OA . -52.18 18.74 -9.39
C01 ZWY PA . -43.83 15.24 -10.59
C02 ZWY PA . -43.79 15.69 -9.15
C03 ZWY PA . -44.54 16.98 -8.96
C04 ZWY PA . -43.89 18.03 -9.89
C05 ZWY PA . -42.43 18.27 -9.52
C06 ZWY PA . -41.70 16.94 -9.68
C07 ZWY PA . -42.34 15.97 -8.70
C08 ZWY PA . -41.80 14.54 -8.81
C09 ZWY PA . -42.90 13.74 -8.08
C10 ZWY PA . -44.17 14.55 -8.30
C12 ZWY PA . -40.27 17.03 -9.33
C13 ZWY PA . -39.78 18.36 -9.85
C14 ZWY PA . -40.40 19.39 -10.30
C15 ZWY PA . -41.86 19.42 -10.29
C16 ZWY PA . -42.36 20.74 -9.91
C17 ZWY PA . -41.63 21.81 -10.73
C18 ZWY PA . -40.18 21.89 -10.28
C19 ZWY PA . -39.53 20.55 -10.76
C25 ZWY PA . -41.70 19.07 -11.67
O11 ZWY PA . -45.27 14.27 -7.88
O20 ZWY PA . -39.52 22.86 -11.09
O22 ZWY PA . -38.10 24.76 -11.28
O23 ZWY PA . -39.56 24.37 -9.27
O24 ZWY PA . -37.55 23.19 -9.62
S21 ZWY PA . -38.72 23.93 -10.31
H1 ZWY PA . -44.35 14.30 -10.65
H2 ZWY PA . -44.35 15.98 -11.18
H3 ZWY PA . -42.82 15.13 -10.95
H4 ZWY PA . -44.45 17.31 -7.93
H5 ZWY PA . -45.57 16.85 -9.22
H6 ZWY PA . -44.43 18.96 -9.81
H7 ZWY PA . -43.94 17.68 -10.91
H8 ZWY PA . -42.31 18.61 -8.50
H9 ZWY PA . -41.77 16.63 -10.71
H10 ZWY PA . -42.32 16.39 -7.71
H11 ZWY PA . -40.84 14.44 -8.30
H12 ZWY PA . -41.72 14.23 -9.85
H13 ZWY PA . -42.68 13.67 -7.02
H14 ZWY PA . -43.00 12.75 -8.50
H15 ZWY PA . -39.76 16.28 -9.91
H16 ZWY PA . -40.21 17.09 -8.25
H17 ZWY PA . -39.61 17.81 -10.77
H18 ZWY PA . -43.42 20.80 -10.12
H19 ZWY PA . -42.19 20.91 -8.86
H20 ZWY PA . -42.11 22.77 -10.57
H21 ZWY PA . -41.68 21.56 -11.77
H22 ZWY PA . -40.11 22.09 -9.23
H23 ZWY PA . -39.46 20.54 -11.84
H24 ZWY PA . -38.54 20.46 -10.33
H25 ZWY PA . -41.06 18.19 -11.74
H26 ZWY PA . -41.25 19.90 -12.20
H27 ZWY PA . -42.67 18.84 -12.10
C01 ZWY QA . -49.01 19.89 -5.80
C02 ZWY QA . -47.97 18.88 -6.21
C03 ZWY QA . -47.34 18.28 -4.96
C04 ZWY QA . -46.67 19.44 -4.20
C05 ZWY QA . -45.63 20.12 -5.10
C06 ZWY QA . -46.32 20.70 -6.32
C07 ZWY QA . -46.84 19.50 -7.05
C08 ZWY QA . -47.62 19.79 -8.33
C09 ZWY QA . -48.24 18.38 -8.53
C10 ZWY QA . -48.60 17.91 -7.13
C12 ZWY QA . -45.39 21.45 -7.19
C13 ZWY QA . -44.41 22.16 -6.31
C14 ZWY QA . -44.16 22.06 -5.06
C15 ZWY QA . -44.86 21.09 -4.26
C16 ZWY QA . -43.98 20.41 -3.27
C17 ZWY QA . -43.21 21.47 -2.50
C18 ZWY QA . -42.24 22.16 -3.45
C19 ZWY QA . -43.06 22.99 -4.49
C25 ZWY QA . -45.70 22.17 -3.93
O11 ZWY QA . -49.25 16.97 -6.83
O20 ZWY QA . -41.54 23.10 -2.65
O22 ZWY QA . -39.63 24.40 -2.59
O23 ZWY QA . -39.55 21.89 -2.31
O24 ZWY QA . -39.85 22.97 -4.43
S21 ZWY QA . -40.06 23.08 -2.91
H1 ZWY QA . -49.98 19.61 -6.20
H2 ZWY QA . -49.08 19.95 -4.72
H3 ZWY QA . -48.74 20.87 -6.20
H4 ZWY QA . -46.58 17.55 -5.25
H5 ZWY QA . -48.09 17.82 -4.35
H6 ZWY QA . -46.19 19.06 -3.31
H7 ZWY QA . -47.43 20.17 -3.91
H8 ZWY QA . -44.89 19.43 -5.47
H9 ZWY QA . -47.08 21.41 -6.00
H10 ZWY QA . -46.03 18.80 -7.22
H11 ZWY QA . -46.97 20.06 -9.16
H12 ZWY QA . -48.39 20.54 -8.18
H13 ZWY QA . -47.52 17.70 -8.98
H14 ZWY QA . -49.13 18.43 -9.13
H15 ZWY QA . -45.98 22.22 -7.68
H16 ZWY QA . -44.83 20.71 -7.75
H17 ZWY QA . -45.16 22.95 -6.31
H18 ZWY QA . -44.59 19.83 -2.58
H19 ZWY QA . -43.30 19.75 -3.78
H20 ZWY QA . -42.64 21.00 -1.70
H21 ZWY QA . -43.89 22.19 -2.09
H22 ZWY QA . -41.60 21.45 -3.96
H23 ZWY QA . -43.51 23.84 -4.01
H24 ZWY QA . -42.41 23.31 -5.30
H25 ZWY QA . -46.11 22.61 -4.84
H26 ZWY QA . -45.15 22.92 -3.39
H27 ZWY QA . -46.52 21.83 -3.30
CHA HEM RA . -23.12 35.64 -48.54
CHB HEM RA . -21.09 33.04 -52.09
CHC HEM RA . -17.70 36.47 -52.64
CHD HEM RA . -19.97 39.22 -49.37
C1A HEM RA . -22.85 34.62 -49.42
C2A HEM RA . -23.57 33.37 -49.53
C3A HEM RA . -23.01 32.65 -50.49
C4A HEM RA . -21.93 33.42 -51.06
CMA HEM RA . -23.45 31.23 -50.95
CAA HEM RA . -24.76 32.98 -48.61
CBA HEM RA . -26.07 33.00 -49.37
CGA HEM RA . -27.18 32.63 -48.41
O1A HEM RA . -28.35 32.55 -48.85
O2A HEM RA . -26.88 32.40 -47.21
C1B HEM RA . -19.97 33.71 -52.52
C2B HEM RA . -18.98 33.23 -53.47
C3B HEM RA . -18.04 34.17 -53.61
C4B HEM RA . -18.41 35.29 -52.77
CMB HEM RA . -19.06 31.84 -54.15
CAB HEM RA . -16.77 34.19 -54.50
CBB HEM RA . -16.52 33.23 -55.40
C1C HEM RA . -18.03 37.52 -51.83
C2C HEM RA . -17.33 38.80 -51.75
C3C HEM RA . -17.95 39.55 -50.83
C4C HEM RA . -19.08 38.79 -50.32
CMC HEM RA . -16.08 39.19 -52.55
CAC HEM RA . -17.62 40.98 -50.38
CBC HEM RA . -17.68 41.99 -51.25
C1D HEM RA . -20.98 38.47 -48.83
C2D HEM RA . -21.81 38.86 -47.71
C3D HEM RA . -22.68 37.87 -47.48
C4D HEM RA . -22.44 36.83 -48.45
CMD HEM RA . -21.71 40.18 -46.91
CAD HEM RA . -23.76 37.85 -46.39
CBD HEM RA . -24.93 38.71 -46.88
CGD HEM RA . -26.02 38.72 -45.85
O1D HEM RA . -26.89 39.64 -45.90
O2D HEM RA . -26.03 37.81 -44.97
NA HEM RA . -21.86 34.62 -50.38
NB HEM RA . -19.59 34.97 -52.12
NC HEM RA . -19.09 37.56 -50.95
ND HEM RA . -21.39 37.23 -49.26
FE HEM RA . -20.40 36.02 -50.56
HHB HEM RA . -21.32 32.21 -52.57
HHC HEM RA . -16.88 36.55 -53.18
HHD HEM RA . -19.87 40.15 -49.06
HMA HEM RA . -23.52 30.65 -50.16
HMAA HEM RA . -22.79 30.87 -51.57
HMAB HEM RA . -24.32 31.29 -51.39
HAA HEM RA . -24.81 33.59 -47.87
HAAA HEM RA . -24.61 32.07 -48.28
HBA HEM RA . -26.04 32.37 -50.10
HBAA HEM RA . -26.23 33.89 -49.72
HMB HEM RA . -19.64 31.26 -53.64
HMBA HEM RA . -18.18 31.45 -54.19
HMBB HEM RA . -19.42 31.94 -55.05
HAB HEM RA . -16.14 34.90 -54.40
HBB HEM RA . -15.72 33.27 -55.94
HBBA HEM RA . -17.15 32.50 -55.51
HMC HEM RA . -15.42 38.48 -52.49
HMCA HEM RA . -15.70 40.01 -52.19
HMCB HEM RA . -16.32 39.34 -53.48
HAC HEM RA . -17.37 41.15 -49.46
HBC HEM RA . -17.47 42.90 -50.96
HBCA HEM RA . -17.93 41.81 -52.17
HMD HEM RA . -22.53 40.31 -46.40
HMDA HEM RA . -21.60 40.92 -47.54
HMDB HEM RA . -20.95 40.14 -46.31
HAD HEM RA . -23.41 38.21 -45.56
HADA HEM RA . -24.06 36.95 -46.23
HBD HEM RA . -25.27 38.33 -47.70
HBDA HEM RA . -24.61 39.61 -47.02
HHA HEM RA . -23.87 35.51 -47.92
C01 ZWY SA . -20.38 35.36 -39.80
C02 ZWY SA . -19.39 34.54 -40.60
C03 ZWY SA . -20.11 33.68 -41.61
C04 ZWY SA . -21.12 32.78 -40.84
C05 ZWY SA . -20.39 31.86 -39.88
C06 ZWY SA . -19.62 32.73 -38.88
C07 ZWY SA . -18.63 33.55 -39.68
C08 ZWY SA . -17.87 34.59 -38.84
C09 ZWY SA . -17.31 35.52 -39.95
C10 ZWY SA . -18.33 35.44 -41.07
C12 ZWY SA . -18.88 31.95 -37.90
C13 ZWY SA . -19.72 30.75 -37.53
C14 ZWY SA . -20.78 30.27 -38.06
C15 ZWY SA . -21.33 30.87 -39.28
C16 ZWY SA . -21.81 29.82 -40.21
C17 ZWY SA . -22.70 28.84 -39.43
C18 ZWY SA . -21.85 28.03 -38.46
C19 ZWY SA . -21.36 29.05 -37.38
C25 ZWY SA . -22.21 31.51 -38.37
O11 ZWY SA . -18.26 36.01 -42.13
O20 ZWY SA . -22.69 27.16 -37.76
O22 ZWY SA . -23.20 24.99 -36.91
O23 ZWY SA . -21.92 25.35 -39.05
O24 ZWY SA . -20.95 25.60 -36.93
S21 ZWY SA . -22.26 25.70 -37.71
H1 ZWY SA . -20.19 36.42 -39.95
H2 ZWY SA . -21.38 35.13 -40.10
H3 ZWY SA . -20.26 35.13 -38.74
H4 ZWY SA . -19.39 33.07 -42.14
H5 ZWY SA . -20.65 34.32 -42.31
H6 ZWY SA . -21.68 32.19 -41.55
H7 ZWY SA . -21.80 33.42 -40.28
H8 ZWY SA . -19.68 31.23 -40.39
H9 ZWY SA . -20.35 33.34 -38.35
H10 ZWY SA . -18.01 32.88 -40.26
H11 ZWY SA . -17.06 34.13 -38.29
H12 ZWY SA . -18.54 35.12 -38.18
H13 ZWY SA . -16.35 35.17 -40.28
H14 ZWY SA . -17.25 36.54 -39.57
H15 ZWY SA . -18.80 32.56 -37.01
H16 ZWY SA . -18.01 31.57 -38.42
H17 ZWY SA . -20.15 31.44 -36.80
H18 ZWY SA . -22.39 30.28 -41.00
H19 ZWY SA . -20.97 29.30 -40.64
H20 ZWY SA . -23.19 28.17 -40.13
H21 ZWY SA . -23.44 29.39 -38.87
H22 ZWY SA . -21.05 27.51 -39.00
H23 ZWY SA . -22.21 29.34 -36.77
H24 ZWY SA . -20.61 28.57 -36.77
H25 ZWY SA . -21.64 32.00 -37.60
H26 ZWY SA . -22.87 30.77 -37.93
H27 ZWY SA . -22.81 32.24 -38.91
C01 ZWY TA . -20.53 32.16 -47.60
C02 ZWY TA . -20.01 32.70 -46.30
C03 ZWY TA . -18.50 32.58 -46.26
C04 ZWY TA . -18.18 31.08 -46.38
C05 ZWY TA . -18.82 30.32 -45.22
C06 ZWY TA . -20.33 30.48 -45.29
C07 ZWY TA . -20.56 31.95 -45.07
C08 ZWY TA . -22.02 32.41 -45.15
C09 ZWY TA . -21.76 33.94 -45.22
C10 ZWY TA . -20.55 34.07 -46.12
C12 ZWY TA . -21.05 29.71 -44.27
C13 ZWY TA . -20.29 28.42 -44.07
C14 ZWY TA . -19.16 28.03 -44.47
C15 ZWY TA . -18.30 28.93 -45.24
C16 ZWY TA . -16.88 28.84 -44.85
C17 ZWY TA . -16.45 27.37 -44.84
C18 ZWY TA . -17.19 26.66 -43.73
C19 ZWY TA . -18.71 26.61 -44.06
C25 ZWY TA . -18.84 28.25 -46.36
O11 ZWY TA . -20.11 35.08 -46.61
O20 ZWY TA . -16.71 25.33 -43.79
O22 ZWY TA . -16.56 23.36 -42.52
O23 ZWY TA . -15.14 25.42 -42.01
O24 ZWY TA . -17.49 25.24 -41.43
S21 ZWY TA . -16.38 24.77 -42.39
H1 ZWY TA . -21.07 32.94 -48.13
H2 ZWY TA . -19.71 31.82 -48.22
H3 ZWY TA . -21.20 31.33 -47.41
H4 ZWY TA . -18.12 32.98 -45.33
H5 ZWY TA . -18.07 33.12 -47.10
H6 ZWY TA . -17.10 30.95 -46.35
H7 ZWY TA . -18.56 30.71 -47.32
H8 ZWY TA . -18.53 30.71 -44.24
H9 ZWY TA . -20.69 30.11 -46.24
H10 ZWY TA . -20.09 32.26 -44.16
H11 ZWY TA . -22.57 32.14 -44.25
H12 ZWY TA . -22.52 32.04 -46.04
H13 ZWY TA . -21.56 34.33 -44.24
H14 ZWY TA . -22.61 34.44 -45.66
H15 ZWY TA . -22.01 29.43 -44.69
H16 ZWY TA . -20.95 30.26 -43.33
H17 ZWY TA . -20.93 28.07 -44.87
H18 ZWY TA . -16.28 29.39 -45.57
H19 ZWY TA . -16.75 29.27 -43.86
H20 ZWY TA . -15.39 27.31 -44.68
H21 ZWY TA . -16.71 26.92 -45.79
H22 ZWY TA . -17.04 27.15 -42.76
H23 ZWY TA . -18.89 25.92 -44.88
H24 ZWY TA . -19.27 26.29 -43.19
H25 ZWY TA . -19.93 28.32 -46.34
H26 ZWY TA . -18.55 27.21 -46.33
H27 ZWY TA . -18.47 28.71 -47.27
CHA HEM UA . 4.54 -54.32 29.17
CHB HEM UA . 9.06 -54.12 27.42
CHC HEM UA . 7.77 -50.69 24.21
CHD HEM UA . 3.23 -50.99 25.92
C1A HEM UA . 5.88 -54.57 28.97
C2A HEM UA . 6.69 -55.52 29.69
C3A HEM UA . 7.93 -55.47 29.20
C4A HEM UA . 7.96 -54.48 28.16
CMA HEM UA . 9.13 -56.32 29.69
CAA HEM UA . 6.18 -56.45 30.82
CBA HEM UA . 5.52 -57.66 30.18
CGA HEM UA . 5.17 -58.68 31.24
O1A HEM UA . 4.97 -59.87 30.89
O2A HEM UA . 5.10 -58.29 32.44
C1B HEM UA . 9.11 -53.18 26.41
C2B HEM UA . 10.29 -52.80 25.68
C3B HEM UA . 9.95 -51.85 24.78
C4B HEM UA . 8.53 -51.59 24.93
CMB HEM UA . 11.67 -53.44 25.93
CAB HEM UA . 10.85 -51.12 23.74
CBB HEM UA . 12.11 -51.48 23.54
C1C HEM UA . 6.41 -50.47 24.38
C2C HEM UA . 5.56 -49.55 23.63
C3C HEM UA . 4.30 -49.65 24.12
C4C HEM UA . 4.33 -50.62 25.18
CMC HEM UA . 6.05 -48.63 22.49
CAC HEM UA . 2.99 -48.93 23.73
CBC HEM UA . 2.89 -48.08 22.70
C1D HEM UA . 3.19 -51.88 26.96
C2D HEM UA . 2.04 -52.15 27.81
C3D HEM UA . 2.40 -53.07 28.71
C4D HEM UA . 3.79 -53.41 28.46
CMD HEM UA . 0.65 -51.50 27.68
CAD HEM UA . 1.50 -53.68 29.81
CBD HEM UA . 0.29 -54.35 29.18
CGD HEM UA . -0.59 -54.99 30.22
O1D HEM UA . -1.64 -55.59 29.84
O2D HEM UA . -0.26 -54.91 31.43
NA HEM UA . 6.69 -53.94 28.04
NB HEM UA . 8.06 -52.41 25.94
NC HEM UA . 5.62 -51.09 25.32
ND HEM UA . 4.25 -52.67 27.39
FE HEM UA . 6.18 -52.48 26.68
HHB HEM UA . 9.89 -54.59 27.62
HHC HEM UA . 8.23 -50.16 23.54
HHD HEM UA . 2.38 -50.57 25.68
HMA HEM UA . 9.30 -56.14 30.64
HMAA HEM UA . 9.93 -56.09 29.16
HMAB HEM UA . 8.92 -57.27 29.58
HAA HEM UA . 5.54 -55.98 31.36
HAAA HEM UA . 6.93 -56.73 31.37
HBA HEM UA . 6.14 -58.07 29.54
HBAA HEM UA . 4.71 -57.39 29.72
HMB HEM UA . 11.68 -53.86 26.81
HMBA HEM UA . 12.36 -52.76 25.89
HMBB HEM UA . 11.85 -54.11 25.25
HAB HEM UA . 10.48 -50.39 23.25
HBB HEM UA . 12.64 -51.01 22.88
HBBA HEM UA . 12.50 -52.22 24.03
HMC HEM UA . 6.99 -48.43 22.61
HMCA HEM UA . 5.53 -47.81 22.48
HMCB HEM UA . 5.92 -49.09 21.64
HAC HEM UA . 2.20 -49.10 24.25
HBC HEM UA . 2.04 -47.66 22.50
HBCA HEM UA . 3.67 -47.89 22.16
HMD HEM UA . 0.76 -50.57 27.34
HMDA HEM UA . 0.22 -51.47 28.56
HMDB HEM UA . 0.11 -52.01 27.07
HAD HEM UA . 1.19 -52.96 30.41
HADA HEM UA . 2.00 -54.33 30.32
HBD HEM UA . 0.60 -55.03 28.55
HBDA HEM UA . -0.23 -53.68 28.68
HHA HEM UA . 4.09 -54.84 29.87
CHA HEM VA . 34.55 -23.01 -28.18
CHB HEM VA . 30.17 -22.65 -26.09
CHC HEM VA . 31.69 -25.43 -22.41
CHD HEM VA . 36.08 -25.75 -24.50
C1A HEM VA . 33.25 -22.64 -27.91
C2A HEM VA . 32.46 -21.71 -28.67
C3A HEM VA . 31.26 -21.60 -28.10
C4A HEM VA . 31.24 -22.47 -26.94
CMA HEM VA . 30.08 -20.72 -28.58
CAA HEM VA . 32.96 -20.97 -29.93
CBA HEM VA . 32.17 -21.49 -31.13
CGA HEM VA . 32.83 -21.04 -32.41
O1A HEM VA . 32.28 -21.38 -33.49
O2A HEM VA . 33.85 -20.32 -32.35
C1B HEM VA . 30.18 -23.41 -24.95
C2B HEM VA . 29.03 -23.71 -24.12
C3B HEM VA . 29.43 -24.48 -23.09
C4B HEM VA . 30.86 -24.69 -23.24
CMB HEM VA . 27.60 -23.18 -24.45
CAB HEM VA . 28.58 -25.07 -21.94
CBB HEM VA . 27.26 -24.89 -21.85
C1C HEM VA . 32.99 -25.82 -22.68
C2C HEM VA . 33.79 -26.81 -21.97
C3C HEM VA . 35.00 -26.90 -22.55
C4C HEM VA . 35.01 -25.96 -23.65
CMC HEM VA . 33.29 -27.61 -20.74
CAC HEM VA . 36.24 -27.76 -22.21
CBC HEM VA . 36.29 -28.53 -21.11
C1D HEM VA . 36.07 -24.96 -25.62
C2D HEM VA . 37.24 -24.52 -26.36
C3D HEM VA . 36.82 -23.77 -27.38
C4D HEM VA . 35.37 -23.70 -27.31
CMD HEM VA . 38.70 -24.88 -26.02
CAD HEM VA . 37.72 -23.08 -28.43
CBD HEM VA . 37.98 -24.05 -29.59
CGD HEM VA . 39.09 -23.53 -30.46
O1D HEM VA . 39.72 -24.33 -31.19
O2D HEM VA . 39.35 -22.29 -30.42
NA HEM VA . 32.47 -23.09 -26.85
NB HEM VA . 31.28 -24.02 -24.38
NC HEM VA . 33.78 -25.33 -23.70
ND HEM VA . 34.95 -24.44 -26.23
FE HEM VA . 33.14 -24.21 -25.27
HHB HEM VA . 29.34 -22.19 -26.31
HHC HEM VA . 31.31 -25.70 -21.54
HHD HEM VA . 36.91 -26.21 -24.28
HMA HEM VA . 30.38 -19.78 -28.64
HMAA HEM VA . 29.35 -20.78 -27.93
HMAB HEM VA . 29.78 -21.02 -29.46
HAA HEM VA . 33.91 -21.14 -30.06
HAAA HEM VA . 32.81 -20.01 -29.84
HBA HEM VA . 31.27 -21.16 -31.09
HBAA HEM VA . 32.16 -22.46 -31.11
HMB HEM VA . 27.65 -22.51 -25.14
HMBA HEM VA . 27.22 -22.79 -23.64
HMBB HEM VA . 27.05 -23.92 -24.74
HAB HEM VA . 29.02 -25.57 -21.24
HBB HEM VA . 26.76 -25.27 -21.12
HBBA HEM VA . 26.79 -24.38 -22.55
HMC HEM VA . 33.50 -28.54 -20.86
HMCA HEM VA . 32.32 -27.51 -20.66
HMCB HEM VA . 33.72 -27.27 -19.93
HAC HEM VA . 36.98 -27.76 -22.80
HBC HEM VA . 37.07 -29.05 -20.94
HBCA HEM VA . 35.53 -28.55 -20.51
HMD HEM VA . 39.30 -24.50 -26.71
HMDA HEM VA . 38.81 -25.85 -26.01
HMDB HEM VA . 38.94 -24.50 -25.15
HAD HEM VA . 38.56 -22.84 -28.03
HADA HEM VA . 37.28 -22.29 -28.78
HBD HEM VA . 37.17 -24.15 -30.13
HBDA HEM VA . 38.24 -24.92 -29.23
HHA HEM VA . 34.91 -22.77 -29.05
#